data_2PX9
#
_entry.id   2PX9
#
loop_
_entity.id
_entity.type
_entity.pdbx_description
1 polymer 'SUMO-activating enzyme subunit 2'
2 polymer 'SUMO-conjugating enzyme UBC9'
#
loop_
_entity_poly.entity_id
_entity_poly.type
_entity_poly.pdbx_seq_one_letter_code
_entity_poly.pdbx_strand_id
1 'polypeptide(L)'
;TQRTFPGCTIRNTPSEPIHCIVWAKYLFNQLFGEEDADQEVSPDRADPEAAWEPTEAEARARASNEDGDIKRISTKEWAK
STGYDPVKLFTKLFKDDIRYLLTMDKLWRKRKPPVPLDWAEVQSQGEETNASDQQNEPQLGLKDQQVLDVKSYARLFSKS
IETLRVHLAEKGDGAELIWDKDDPSAMDFVTSAANLRMHIFSMNMKSRFDIKSMAGN
;
A
2 'polypeptide(L)'
;MSGIALSRLAQERKAWRKDHPFGFVAVPTKNPDGTMNLMNWECAIPGKKGTPWEGGLFKLRMLFKDDYPSSPPKCKFEPP
LFHPNVYPSGTVCLSILEEDKDWRPAITIKQILLGIQELLNEPNIQDPAQAEAYTIYCQNRVEYEKRVRAQAKKFAPS
;
B
#
# COMPACT_ATOMS: atom_id res chain seq x y z
N THR A 1 -16.37 8.71 -3.13
CA THR A 1 -14.91 8.90 -3.14
C THR A 1 -14.22 7.73 -3.83
N GLN A 2 -12.94 7.91 -4.15
CA GLN A 2 -12.17 6.87 -4.82
C GLN A 2 -12.02 5.65 -3.92
N ARG A 3 -11.85 4.48 -4.53
CA ARG A 3 -11.69 3.26 -3.78
C ARG A 3 -10.22 3.02 -3.46
N THR A 4 -9.95 2.65 -2.21
CA THR A 4 -8.59 2.40 -1.77
C THR A 4 -8.05 1.11 -2.39
N PHE A 5 -6.75 1.08 -2.65
CA PHE A 5 -6.11 -0.09 -3.24
C PHE A 5 -5.20 -0.75 -2.21
N PRO A 6 -5.66 -1.86 -1.62
CA PRO A 6 -4.89 -2.60 -0.62
C PRO A 6 -3.58 -3.15 -1.19
N GLY A 7 -2.51 -3.04 -0.40
CA GLY A 7 -1.21 -3.51 -0.84
C GLY A 7 -1.18 -5.00 -1.13
N CYS A 8 -2.04 -5.74 -0.44
CA CYS A 8 -2.12 -7.19 -0.61
C CYS A 8 -2.46 -7.56 -2.06
N THR A 9 -3.63 -7.14 -2.53
CA THR A 9 -4.07 -7.44 -3.88
C THR A 9 -3.19 -6.76 -4.93
N ILE A 10 -2.47 -5.72 -4.52
CA ILE A 10 -1.58 -4.99 -5.44
C ILE A 10 -0.28 -5.78 -5.65
N ARG A 11 0.30 -6.26 -4.56
CA ARG A 11 1.54 -7.01 -4.63
C ARG A 11 1.30 -8.48 -5.01
N ASN A 12 0.19 -9.04 -4.55
CA ASN A 12 -0.14 -10.45 -4.81
C ASN A 12 -0.88 -10.64 -6.13
N THR A 13 -2.19 -10.81 -6.06
CA THR A 13 -3.01 -11.07 -7.24
C THR A 13 -3.90 -9.88 -7.62
N PRO A 14 -3.58 -9.20 -8.73
CA PRO A 14 -4.37 -8.09 -9.24
C PRO A 14 -5.35 -8.57 -10.31
N SER A 15 -6.58 -8.85 -9.91
CA SER A 15 -7.60 -9.35 -10.82
C SER A 15 -8.17 -8.25 -11.71
N GLU A 16 -7.85 -7.01 -11.41
CA GLU A 16 -8.34 -5.87 -12.19
C GLU A 16 -7.19 -5.15 -12.87
N PRO A 17 -7.33 -4.81 -14.15
CA PRO A 17 -6.29 -4.10 -14.92
C PRO A 17 -5.80 -2.83 -14.23
N ILE A 18 -6.72 -2.09 -13.64
CA ILE A 18 -6.39 -0.87 -12.92
C ILE A 18 -5.42 -1.14 -11.77
N HIS A 19 -5.46 -2.36 -11.24
CA HIS A 19 -4.58 -2.73 -10.13
C HIS A 19 -3.15 -2.88 -10.61
N CYS A 20 -3.00 -3.40 -11.82
CA CYS A 20 -1.67 -3.59 -12.41
C CYS A 20 -1.03 -2.24 -12.69
N ILE A 21 -1.86 -1.26 -12.99
CA ILE A 21 -1.40 0.09 -13.26
C ILE A 21 -0.99 0.78 -11.96
N VAL A 22 -1.78 0.57 -10.91
CA VAL A 22 -1.47 1.15 -9.61
C VAL A 22 -0.16 0.58 -9.09
N TRP A 23 0.05 -0.72 -9.36
CA TRP A 23 1.27 -1.40 -8.96
C TRP A 23 2.46 -0.74 -9.64
N ALA A 24 2.30 -0.40 -10.91
CA ALA A 24 3.34 0.25 -11.69
C ALA A 24 3.61 1.65 -11.16
N LYS A 25 2.57 2.31 -10.66
CA LYS A 25 2.71 3.65 -10.12
C LYS A 25 3.60 3.61 -8.87
N TYR A 26 3.39 2.59 -8.05
CA TYR A 26 4.18 2.42 -6.83
C TYR A 26 5.59 2.01 -7.21
N LEU A 27 5.69 1.21 -8.28
CA LEU A 27 6.98 0.74 -8.78
C LEU A 27 7.89 1.92 -9.12
N PHE A 28 7.33 2.92 -9.80
CA PHE A 28 8.08 4.11 -10.18
C PHE A 28 8.57 4.84 -8.94
N ASN A 29 7.66 5.06 -8.00
CA ASN A 29 7.97 5.76 -6.77
C ASN A 29 9.04 5.03 -5.96
N GLN A 30 8.94 3.71 -5.91
CA GLN A 30 9.89 2.90 -5.15
C GLN A 30 11.21 2.69 -5.88
N LEU A 31 11.39 3.35 -7.02
CA LEU A 31 12.61 3.23 -7.78
C LEU A 31 13.29 4.59 -7.97
N PHE A 32 12.50 5.63 -8.22
CA PHE A 32 13.06 6.95 -8.44
C PHE A 32 12.45 8.02 -7.53
N GLY A 33 11.45 7.64 -6.73
CA GLY A 33 10.80 8.62 -5.88
C GLY A 33 10.88 8.31 -4.40
N GLU A 34 9.72 8.35 -3.75
CA GLU A 34 9.62 8.11 -2.31
C GLU A 34 9.56 6.62 -2.00
N GLU A 35 10.36 6.22 -1.03
CA GLU A 35 10.41 4.82 -0.62
C GLU A 35 9.54 4.62 0.62
N ASP A 36 8.52 3.79 0.50
CA ASP A 36 7.61 3.52 1.60
C ASP A 36 7.82 2.10 2.12
N ALA A 37 7.25 1.79 3.27
CA ALA A 37 7.38 0.47 3.87
C ALA A 37 6.27 -0.46 3.41
N ASP A 38 5.03 -0.03 3.55
CA ASP A 38 3.88 -0.85 3.17
C ASP A 38 3.65 -0.80 1.66
N GLN A 39 3.88 0.37 1.07
CA GLN A 39 3.69 0.54 -0.35
C GLN A 39 4.93 0.13 -1.15
N GLU A 40 5.47 -1.03 -0.81
CA GLU A 40 6.63 -1.56 -1.51
C GLU A 40 6.18 -2.35 -2.73
N VAL A 41 7.12 -2.72 -3.58
CA VAL A 41 6.82 -3.45 -4.79
C VAL A 41 7.34 -4.88 -4.71
N SER A 42 8.31 -5.09 -3.82
CA SER A 42 8.92 -6.41 -3.64
C SER A 42 7.97 -7.35 -2.88
N PRO A 43 8.12 -8.67 -3.09
CA PRO A 43 7.30 -9.67 -2.41
C PRO A 43 7.56 -9.67 -0.91
N ASP A 44 6.49 -9.73 -0.13
CA ASP A 44 6.61 -9.72 1.32
C ASP A 44 7.21 -11.01 1.85
N ARG A 45 8.13 -10.87 2.80
CA ARG A 45 8.77 -12.03 3.40
C ARG A 45 8.02 -12.45 4.64
N ALA A 46 7.12 -11.58 5.10
CA ALA A 46 6.33 -11.85 6.29
C ALA A 46 4.94 -12.33 5.90
N ASP A 47 4.85 -12.93 4.71
CA ASP A 47 3.59 -13.46 4.19
C ASP A 47 2.99 -14.46 5.18
N PRO A 48 1.67 -14.42 5.40
CA PRO A 48 0.97 -15.33 6.33
C PRO A 48 1.28 -16.81 6.08
N GLU A 49 1.60 -17.16 4.84
CA GLU A 49 1.90 -18.54 4.48
C GLU A 49 3.41 -18.76 4.41
N ALA A 50 4.18 -17.74 4.72
CA ALA A 50 5.63 -17.83 4.66
C ALA A 50 6.24 -17.78 6.06
N ALA A 51 5.93 -16.72 6.80
CA ALA A 51 6.47 -16.57 8.14
C ALA A 51 5.37 -16.48 9.19
N TRP A 52 5.05 -15.26 9.61
CA TRP A 52 4.01 -15.04 10.61
C TRP A 52 2.71 -14.66 9.93
N GLU A 53 1.78 -14.09 10.69
CA GLU A 53 0.49 -13.68 10.16
C GLU A 53 0.63 -12.41 9.31
N PRO A 54 1.24 -11.31 9.84
CA PRO A 54 1.77 -11.20 11.19
C PRO A 54 0.85 -10.45 12.17
N THR A 55 0.36 -11.17 13.16
CA THR A 55 -0.55 -10.60 14.15
C THR A 55 0.21 -9.68 15.11
N GLU A 56 -0.53 -8.87 15.88
CA GLU A 56 0.06 -7.95 16.86
C GLU A 56 1.04 -8.70 17.75
N ALA A 57 2.21 -8.09 17.96
CA ALA A 57 3.26 -8.67 18.79
C ALA A 57 3.91 -9.86 18.07
N GLU A 58 5.15 -9.66 17.64
CA GLU A 58 5.91 -10.68 16.92
C GLU A 58 6.06 -11.97 17.74
N ALA A 59 6.51 -13.02 17.07
CA ALA A 59 6.71 -14.31 17.69
C ALA A 59 8.06 -14.89 17.31
N ARG A 60 9.13 -14.31 17.85
CA ARG A 60 10.48 -14.77 17.57
C ARG A 60 11.38 -14.59 18.80
N ALA A 61 12.56 -15.19 18.76
CA ALA A 61 13.50 -15.11 19.86
C ALA A 61 14.51 -13.99 19.65
N ARG A 62 14.04 -12.84 19.22
CA ARG A 62 14.91 -11.68 18.99
C ARG A 62 14.28 -10.42 19.55
N ALA A 63 15.06 -9.35 19.60
CA ALA A 63 14.59 -8.07 20.13
C ALA A 63 13.56 -7.46 19.19
N SER A 64 12.37 -7.21 19.72
CA SER A 64 11.29 -6.62 18.94
C SER A 64 11.58 -5.16 18.65
N ASN A 65 12.32 -4.52 19.54
CA ASN A 65 12.69 -3.12 19.39
C ASN A 65 13.93 -2.97 18.52
N GLU A 66 14.42 -4.09 18.01
CA GLU A 66 15.60 -4.10 17.16
C GLU A 66 15.42 -5.13 16.05
N ASP A 67 14.45 -4.87 15.17
CA ASP A 67 14.17 -5.78 14.06
C ASP A 67 15.33 -5.81 13.08
N GLY A 68 15.62 -6.99 12.55
CA GLY A 68 16.70 -7.13 11.60
C GLY A 68 16.37 -6.47 10.29
N ASP A 69 15.41 -7.03 9.56
CA ASP A 69 14.99 -6.49 8.27
C ASP A 69 13.82 -7.30 7.70
N ILE A 70 12.86 -7.64 8.56
CA ILE A 70 11.72 -8.45 8.11
C ILE A 70 10.65 -7.59 7.45
N LYS A 71 10.61 -6.30 7.78
CA LYS A 71 9.60 -5.41 7.22
C LYS A 71 10.21 -4.08 6.78
N ARG A 72 11.45 -4.10 6.34
CA ARG A 72 12.11 -2.88 5.89
C ARG A 72 12.81 -3.09 4.56
N ILE A 73 12.27 -3.99 3.74
CA ILE A 73 12.83 -4.28 2.44
C ILE A 73 12.80 -3.03 1.56
N SER A 74 13.90 -2.74 0.90
CA SER A 74 13.99 -1.57 0.04
C SER A 74 14.45 -1.94 -1.36
N THR A 75 13.51 -2.01 -2.29
CA THR A 75 13.82 -2.33 -3.68
C THR A 75 14.69 -1.26 -4.32
N LYS A 76 14.56 -0.03 -3.81
CA LYS A 76 15.33 1.10 -4.32
C LYS A 76 16.83 0.84 -4.16
N GLU A 77 17.19 0.16 -3.07
CA GLU A 77 18.59 -0.16 -2.80
C GLU A 77 19.16 -1.05 -3.89
N TRP A 78 18.44 -2.10 -4.22
CA TRP A 78 18.87 -3.03 -5.25
C TRP A 78 18.95 -2.34 -6.61
N ALA A 79 17.95 -1.54 -6.91
CA ALA A 79 17.90 -0.80 -8.17
C ALA A 79 19.08 0.16 -8.30
N LYS A 80 19.37 0.86 -7.21
CA LYS A 80 20.48 1.81 -7.20
C LYS A 80 21.81 1.08 -7.34
N SER A 81 21.91 -0.09 -6.72
CA SER A 81 23.12 -0.90 -6.75
C SER A 81 23.40 -1.44 -8.15
N THR A 82 22.34 -1.79 -8.88
CA THR A 82 22.47 -2.32 -10.22
C THR A 82 22.61 -1.20 -11.24
N GLY A 83 22.50 0.03 -10.77
CA GLY A 83 22.60 1.18 -11.65
C GLY A 83 21.39 1.30 -12.54
N TYR A 84 20.26 0.78 -12.07
CA TYR A 84 19.00 0.79 -12.80
C TYR A 84 19.16 0.09 -14.15
N ASP A 85 19.47 -1.20 -14.10
CA ASP A 85 19.63 -1.98 -15.30
C ASP A 85 18.29 -2.58 -15.73
N PRO A 86 17.84 -2.25 -16.95
CA PRO A 86 16.57 -2.74 -17.49
C PRO A 86 16.41 -4.25 -17.41
N VAL A 87 17.44 -4.97 -17.83
CA VAL A 87 17.40 -6.43 -17.84
C VAL A 87 17.27 -7.00 -16.43
N LYS A 88 18.12 -6.53 -15.52
CA LYS A 88 18.09 -7.00 -14.14
C LYS A 88 16.74 -6.72 -13.49
N LEU A 89 16.22 -5.52 -13.70
CA LEU A 89 14.93 -5.14 -13.11
C LEU A 89 13.80 -5.95 -13.75
N PHE A 90 13.85 -6.12 -15.06
CA PHE A 90 12.83 -6.87 -15.79
C PHE A 90 12.79 -8.32 -15.33
N THR A 91 13.96 -8.95 -15.30
CA THR A 91 14.06 -10.35 -14.90
C THR A 91 13.81 -10.53 -13.41
N LYS A 92 13.72 -9.43 -12.68
CA LYS A 92 13.47 -9.50 -11.26
C LYS A 92 11.97 -9.52 -10.99
N LEU A 93 11.30 -8.43 -11.34
CA LEU A 93 9.88 -8.29 -11.10
C LEU A 93 9.01 -9.16 -12.01
N PHE A 94 9.42 -9.33 -13.26
CA PHE A 94 8.63 -10.09 -14.22
C PHE A 94 9.15 -11.51 -14.45
N LYS A 95 10.15 -11.95 -13.70
CA LYS A 95 10.67 -13.30 -13.89
C LYS A 95 10.97 -14.01 -12.56
N ASP A 96 11.56 -13.30 -11.62
CA ASP A 96 11.93 -13.91 -10.34
C ASP A 96 10.87 -13.70 -9.26
N ASP A 97 10.34 -12.50 -9.17
CA ASP A 97 9.35 -12.16 -8.13
C ASP A 97 8.09 -13.02 -8.23
N ILE A 98 7.47 -13.09 -9.41
CA ILE A 98 6.26 -13.89 -9.56
C ILE A 98 6.57 -15.38 -9.40
N ARG A 99 7.83 -15.76 -9.64
CA ARG A 99 8.25 -17.14 -9.48
C ARG A 99 8.24 -17.47 -8.00
N TYR A 100 8.67 -16.52 -7.19
CA TYR A 100 8.69 -16.69 -5.75
C TYR A 100 7.26 -16.62 -5.22
N LEU A 101 6.45 -15.82 -5.89
CA LEU A 101 5.05 -15.67 -5.52
C LEU A 101 4.28 -16.96 -5.80
N LEU A 102 4.78 -17.72 -6.78
CA LEU A 102 4.16 -18.99 -7.15
C LEU A 102 4.29 -20.01 -6.04
N THR A 103 5.21 -19.76 -5.11
CA THR A 103 5.43 -20.64 -3.98
C THR A 103 4.19 -20.68 -3.10
N MET A 104 3.43 -19.59 -3.11
CA MET A 104 2.21 -19.50 -2.34
C MET A 104 1.08 -20.14 -3.14
N ASP A 105 1.04 -21.47 -3.12
CA ASP A 105 0.04 -22.24 -3.85
C ASP A 105 -1.37 -21.95 -3.35
N LYS A 106 -1.46 -21.44 -2.13
CA LYS A 106 -2.75 -21.12 -1.53
C LYS A 106 -3.42 -19.95 -2.27
N LEU A 107 -2.65 -19.28 -3.12
CA LEU A 107 -3.17 -18.15 -3.88
C LEU A 107 -3.73 -18.62 -5.22
N TRP A 108 -3.28 -19.79 -5.68
CA TRP A 108 -3.73 -20.33 -6.96
C TRP A 108 -4.50 -21.63 -6.77
N ARG A 109 -5.78 -21.51 -6.45
CA ARG A 109 -6.63 -22.67 -6.26
C ARG A 109 -7.88 -22.56 -7.13
N LYS A 110 -7.97 -21.47 -7.85
CA LYS A 110 -9.10 -21.20 -8.74
C LYS A 110 -8.68 -20.26 -9.86
N ARG A 111 -7.90 -19.26 -9.51
CA ARG A 111 -7.41 -18.29 -10.47
C ARG A 111 -6.14 -18.82 -11.15
N LYS A 112 -6.05 -18.63 -12.46
CA LYS A 112 -4.88 -19.06 -13.22
C LYS A 112 -3.63 -18.37 -12.71
N PRO A 113 -2.61 -19.15 -12.31
CA PRO A 113 -1.36 -18.61 -11.79
C PRO A 113 -0.57 -17.85 -12.85
N PRO A 114 0.25 -16.88 -12.43
CA PRO A 114 1.06 -16.07 -13.35
C PRO A 114 2.19 -16.86 -14.00
N VAL A 115 2.58 -16.44 -15.19
CA VAL A 115 3.65 -17.09 -15.93
C VAL A 115 4.87 -16.17 -16.04
N PRO A 116 6.02 -16.57 -15.48
CA PRO A 116 7.24 -15.77 -15.51
C PRO A 116 7.73 -15.53 -16.94
N LEU A 117 8.22 -14.33 -17.20
CA LEU A 117 8.71 -13.97 -18.52
C LEU A 117 10.18 -13.55 -18.44
N ASP A 118 11.03 -14.19 -19.22
CA ASP A 118 12.44 -13.84 -19.23
C ASP A 118 12.73 -12.84 -20.34
N TRP A 119 13.71 -11.98 -20.10
CA TRP A 119 14.11 -10.94 -21.05
C TRP A 119 14.52 -11.56 -22.39
N ALA A 120 15.15 -12.72 -22.34
CA ALA A 120 15.60 -13.38 -23.56
C ALA A 120 14.45 -14.01 -24.32
N GLU A 121 13.48 -14.53 -23.58
CA GLU A 121 12.31 -15.17 -24.17
C GLU A 121 11.40 -14.16 -24.83
N VAL A 122 11.31 -12.97 -24.26
CA VAL A 122 10.47 -11.92 -24.80
C VAL A 122 11.12 -11.31 -26.06
N GLN A 123 12.44 -11.27 -26.06
CA GLN A 123 13.17 -10.75 -27.22
C GLN A 123 13.07 -11.75 -28.36
N SER A 124 13.12 -13.03 -28.02
CA SER A 124 13.01 -14.09 -29.00
C SER A 124 11.59 -14.66 -28.96
N GLN A 125 10.64 -13.80 -29.30
CA GLN A 125 9.23 -14.13 -29.30
C GLN A 125 8.94 -15.43 -30.04
N GLY A 126 8.41 -16.40 -29.30
CA GLY A 126 8.08 -17.69 -29.88
C GLY A 126 6.59 -17.89 -29.97
N GLU A 127 5.84 -17.16 -29.14
CA GLU A 127 4.38 -17.27 -29.13
C GLU A 127 3.80 -16.76 -30.45
N GLU A 128 4.42 -15.72 -30.99
CA GLU A 128 3.99 -15.13 -32.23
C GLU A 128 5.16 -15.03 -33.20
N THR A 129 4.92 -14.51 -34.38
CA THR A 129 5.96 -14.35 -35.38
C THR A 129 6.95 -13.26 -34.97
N ASN A 130 8.21 -13.64 -34.81
CA ASN A 130 9.25 -12.68 -34.43
C ASN A 130 9.67 -11.85 -35.63
N ALA A 131 8.77 -10.98 -36.07
CA ALA A 131 9.01 -10.13 -37.23
C ALA A 131 9.66 -8.81 -36.82
N SER A 132 9.56 -7.81 -37.70
CA SER A 132 10.13 -6.50 -37.47
C SER A 132 9.63 -5.88 -36.16
N ASP A 133 10.56 -5.50 -35.30
CA ASP A 133 10.23 -4.88 -34.02
C ASP A 133 9.68 -3.48 -34.23
N GLN A 134 10.11 -2.86 -35.31
CA GLN A 134 9.68 -1.51 -35.67
C GLN A 134 8.15 -1.45 -35.76
N GLN A 135 7.59 -2.27 -36.64
CA GLN A 135 6.14 -2.32 -36.82
C GLN A 135 5.76 -3.60 -37.55
N ASN A 136 4.94 -4.41 -36.90
CA ASN A 136 4.49 -5.67 -37.47
C ASN A 136 2.97 -5.72 -37.58
N GLU A 137 2.28 -5.15 -36.61
CA GLU A 137 0.82 -5.15 -36.60
C GLU A 137 0.25 -3.86 -37.19
N PRO A 138 -0.28 -3.93 -38.42
CA PRO A 138 -0.85 -2.76 -39.09
C PRO A 138 -2.22 -2.38 -38.52
N GLN A 139 -2.31 -1.19 -37.97
CA GLN A 139 -3.56 -0.70 -37.38
C GLN A 139 -3.82 0.73 -37.82
N LEU A 140 -5.04 1.20 -37.61
CA LEU A 140 -5.42 2.55 -37.98
C LEU A 140 -6.05 3.27 -36.79
N GLY A 141 -5.93 4.59 -36.79
CA GLY A 141 -6.49 5.37 -35.70
C GLY A 141 -5.41 6.05 -34.89
N LEU A 142 -5.70 6.34 -33.63
CA LEU A 142 -4.74 6.99 -32.75
C LEU A 142 -3.55 6.06 -32.50
N LYS A 143 -2.34 6.57 -32.70
CA LYS A 143 -1.14 5.78 -32.51
C LYS A 143 -0.95 5.42 -31.04
N ASP A 144 -1.42 6.29 -30.16
CA ASP A 144 -1.30 6.05 -28.71
C ASP A 144 -2.39 5.10 -28.23
N GLN A 145 -3.35 4.83 -29.08
CA GLN A 145 -4.45 3.93 -28.74
C GLN A 145 -4.20 2.55 -29.32
N GLN A 146 -3.04 2.37 -29.94
CA GLN A 146 -2.71 1.09 -30.53
C GLN A 146 -2.00 0.21 -29.51
N VAL A 147 -2.64 -0.88 -29.14
CA VAL A 147 -2.09 -1.81 -28.18
C VAL A 147 -0.90 -2.54 -28.77
N LEU A 148 0.26 -2.34 -28.17
CA LEU A 148 1.48 -2.95 -28.65
C LEU A 148 1.59 -4.39 -28.14
N ASP A 149 2.62 -5.09 -28.59
CA ASP A 149 2.85 -6.48 -28.18
C ASP A 149 3.73 -6.53 -26.95
N VAL A 150 3.96 -7.75 -26.45
CA VAL A 150 4.78 -7.95 -25.26
C VAL A 150 6.22 -7.49 -25.49
N LYS A 151 6.73 -7.64 -26.72
CA LYS A 151 8.09 -7.22 -27.04
C LYS A 151 8.21 -5.71 -26.92
N SER A 152 7.22 -5.03 -27.46
CA SER A 152 7.17 -3.58 -27.46
C SER A 152 7.21 -3.02 -26.04
N TYR A 153 6.32 -3.51 -25.19
CA TYR A 153 6.26 -3.03 -23.82
C TYR A 153 7.51 -3.42 -23.05
N ALA A 154 8.14 -4.52 -23.43
CA ALA A 154 9.36 -4.96 -22.77
C ALA A 154 10.51 -4.00 -23.06
N ARG A 155 10.72 -3.70 -24.34
CA ARG A 155 11.78 -2.79 -24.75
C ARG A 155 11.45 -1.36 -24.32
N LEU A 156 10.15 -1.04 -24.32
CA LEU A 156 9.70 0.29 -23.93
C LEU A 156 9.99 0.50 -22.45
N PHE A 157 9.76 -0.55 -21.66
CA PHE A 157 10.02 -0.52 -20.23
C PHE A 157 11.51 -0.32 -19.97
N SER A 158 12.31 -0.92 -20.83
CA SER A 158 13.76 -0.82 -20.72
C SER A 158 14.22 0.59 -21.06
N LYS A 159 13.62 1.17 -22.11
CA LYS A 159 13.98 2.51 -22.55
C LYS A 159 13.58 3.57 -21.53
N SER A 160 12.43 3.40 -20.90
CA SER A 160 11.96 4.35 -19.91
C SER A 160 12.89 4.37 -18.70
N ILE A 161 13.41 3.21 -18.32
CA ILE A 161 14.35 3.11 -17.21
C ILE A 161 15.60 3.93 -17.49
N GLU A 162 16.05 3.89 -18.75
CA GLU A 162 17.23 4.62 -19.18
C GLU A 162 17.07 6.12 -18.96
N THR A 163 16.02 6.68 -19.56
CA THR A 163 15.75 8.12 -19.46
C THR A 163 15.46 8.54 -18.01
N LEU A 164 14.82 7.67 -17.24
CA LEU A 164 14.50 7.98 -15.85
C LEU A 164 15.75 7.98 -14.99
N ARG A 165 16.65 7.02 -15.23
CA ARG A 165 17.88 6.92 -14.47
C ARG A 165 18.72 8.18 -14.63
N VAL A 166 18.96 8.56 -15.88
CA VAL A 166 19.76 9.75 -16.16
C VAL A 166 19.05 11.01 -15.67
N HIS A 167 17.72 10.97 -15.61
CA HIS A 167 16.94 12.11 -15.13
C HIS A 167 17.18 12.30 -13.64
N LEU A 168 17.21 11.19 -12.90
CA LEU A 168 17.45 11.22 -11.47
C LEU A 168 18.90 11.65 -11.21
N ALA A 169 19.81 11.13 -12.02
CA ALA A 169 21.22 11.45 -11.90
C ALA A 169 21.45 12.94 -12.11
N GLU A 170 20.68 13.53 -13.02
CA GLU A 170 20.78 14.96 -13.31
C GLU A 170 20.38 15.79 -12.09
N LYS A 171 19.54 15.21 -11.25
CA LYS A 171 19.07 15.88 -10.05
C LYS A 171 20.08 15.72 -8.92
N GLY A 172 20.88 14.67 -9.00
CA GLY A 172 21.89 14.43 -7.98
C GLY A 172 21.55 13.22 -7.13
N ASP A 173 22.29 13.06 -6.04
CA ASP A 173 22.08 11.95 -5.12
C ASP A 173 21.10 12.35 -4.02
N GLY A 174 20.34 11.39 -3.54
CA GLY A 174 19.37 11.66 -2.49
C GLY A 174 18.15 12.40 -3.00
N ALA A 175 18.01 12.45 -4.32
CA ALA A 175 16.89 13.12 -4.94
C ALA A 175 15.75 12.14 -5.17
N GLU A 176 14.53 12.68 -5.23
CA GLU A 176 13.35 11.85 -5.45
C GLU A 176 12.47 12.48 -6.52
N LEU A 177 12.22 11.75 -7.60
CA LEU A 177 11.40 12.22 -8.69
C LEU A 177 9.96 11.75 -8.51
N ILE A 178 9.03 12.69 -8.55
CA ILE A 178 7.62 12.38 -8.38
C ILE A 178 7.02 11.98 -9.74
N TRP A 179 6.21 10.94 -9.73
CA TRP A 179 5.58 10.46 -10.96
C TRP A 179 4.58 11.49 -11.49
N ASP A 180 4.52 11.62 -12.80
CA ASP A 180 3.60 12.55 -13.44
C ASP A 180 2.92 11.88 -14.62
N LYS A 181 1.85 12.47 -15.11
CA LYS A 181 1.10 11.91 -16.21
C LYS A 181 1.39 12.67 -17.50
N ASP A 182 2.18 13.72 -17.41
CA ASP A 182 2.51 14.51 -18.60
C ASP A 182 3.93 14.25 -19.07
N ASP A 183 4.67 13.45 -18.32
CA ASP A 183 6.05 13.13 -18.68
C ASP A 183 6.08 11.84 -19.50
N PRO A 184 6.55 11.92 -20.75
CA PRO A 184 6.63 10.77 -21.65
C PRO A 184 7.35 9.57 -21.05
N SER A 185 8.46 9.83 -20.37
CA SER A 185 9.25 8.76 -19.76
C SER A 185 8.48 8.09 -18.62
N ALA A 186 7.98 8.91 -17.69
CA ALA A 186 7.22 8.40 -16.55
C ALA A 186 5.98 7.64 -17.01
N MET A 187 5.31 8.17 -18.03
CA MET A 187 4.11 7.54 -18.55
C MET A 187 4.44 6.23 -19.26
N ASP A 188 5.51 6.23 -20.05
CA ASP A 188 5.93 5.03 -20.77
C ASP A 188 6.26 3.93 -19.77
N PHE A 189 6.90 4.31 -18.69
CA PHE A 189 7.30 3.38 -17.64
C PHE A 189 6.08 2.68 -17.03
N VAL A 190 5.14 3.48 -16.52
CA VAL A 190 3.94 2.93 -15.89
C VAL A 190 3.10 2.13 -16.89
N THR A 191 3.06 2.57 -18.14
CA THR A 191 2.30 1.88 -19.18
C THR A 191 2.89 0.50 -19.47
N SER A 192 4.20 0.46 -19.66
CA SER A 192 4.88 -0.79 -19.96
C SER A 192 4.84 -1.75 -18.78
N ALA A 193 5.13 -1.24 -17.57
CA ALA A 193 5.13 -2.06 -16.37
C ALA A 193 3.77 -2.70 -16.12
N ALA A 194 2.71 -1.90 -16.25
CA ALA A 194 1.36 -2.39 -16.04
C ALA A 194 1.00 -3.46 -17.05
N ASN A 195 1.29 -3.19 -18.32
CA ASN A 195 0.98 -4.13 -19.40
C ASN A 195 1.71 -5.45 -19.20
N LEU A 196 2.94 -5.37 -18.75
CA LEU A 196 3.74 -6.56 -18.52
C LEU A 196 3.16 -7.37 -17.36
N ARG A 197 2.81 -6.68 -16.28
CA ARG A 197 2.24 -7.32 -15.09
C ARG A 197 0.93 -8.02 -15.42
N MET A 198 0.07 -7.33 -16.17
CA MET A 198 -1.24 -7.90 -16.54
C MET A 198 -1.07 -9.05 -17.53
N HIS A 199 -0.08 -8.95 -18.41
CA HIS A 199 0.17 -9.99 -19.41
C HIS A 199 0.58 -11.30 -18.73
N ILE A 200 1.29 -11.17 -17.62
CA ILE A 200 1.76 -12.33 -16.85
C ILE A 200 0.58 -13.08 -16.23
N PHE A 201 -0.48 -12.36 -15.91
CA PHE A 201 -1.67 -12.96 -15.31
C PHE A 201 -2.72 -13.30 -16.37
N SER A 202 -2.28 -13.34 -17.63
CA SER A 202 -3.18 -13.68 -18.75
C SER A 202 -4.32 -12.67 -18.87
N MET A 203 -4.01 -11.40 -18.61
CA MET A 203 -5.00 -10.34 -18.70
C MET A 203 -4.80 -9.54 -19.98
N ASN A 204 -5.89 -9.11 -20.60
CA ASN A 204 -5.82 -8.34 -21.83
C ASN A 204 -4.98 -7.07 -21.65
N MET A 205 -4.11 -6.81 -22.61
CA MET A 205 -3.24 -5.65 -22.57
C MET A 205 -4.02 -4.37 -22.88
N LYS A 206 -3.45 -3.23 -22.54
CA LYS A 206 -4.10 -1.94 -22.78
C LYS A 206 -3.18 -0.98 -23.51
N SER A 207 -3.77 -0.01 -24.19
CA SER A 207 -3.01 0.98 -24.93
C SER A 207 -2.45 2.05 -23.99
N ARG A 208 -1.45 2.78 -24.46
CA ARG A 208 -0.83 3.83 -23.65
C ARG A 208 -1.82 4.92 -23.31
N PHE A 209 -2.59 5.35 -24.30
CA PHE A 209 -3.59 6.40 -24.10
C PHE A 209 -4.64 5.98 -23.09
N ASP A 210 -5.05 4.72 -23.17
CA ASP A 210 -6.05 4.19 -22.26
C ASP A 210 -5.54 4.19 -20.83
N ILE A 211 -4.30 3.73 -20.65
CA ILE A 211 -3.68 3.69 -19.34
C ILE A 211 -3.36 5.09 -18.84
N LYS A 212 -2.89 5.95 -19.73
CA LYS A 212 -2.54 7.33 -19.38
C LYS A 212 -3.72 8.05 -18.72
N SER A 213 -4.91 7.79 -19.23
CA SER A 213 -6.11 8.42 -18.71
C SER A 213 -6.47 7.92 -17.31
N MET A 214 -6.22 6.64 -17.03
CA MET A 214 -6.55 6.08 -15.72
C MET A 214 -5.39 6.16 -14.73
N ALA A 215 -4.15 6.14 -15.24
CA ALA A 215 -2.98 6.23 -14.38
C ALA A 215 -2.97 7.58 -13.66
N GLY A 216 -3.31 8.62 -14.40
CA GLY A 216 -3.35 9.95 -13.84
C GLY A 216 -4.68 10.25 -13.17
N ASN A 217 -5.75 9.69 -13.74
CA ASN A 217 -7.13 9.86 -13.24
C ASN A 217 -7.40 11.29 -12.77
N MET B 1 13.18 10.22 23.71
CA MET B 1 13.10 10.76 25.09
C MET B 1 12.21 11.99 25.14
N SER B 2 11.97 12.50 26.34
CA SER B 2 11.14 13.67 26.54
C SER B 2 11.70 14.87 25.78
N GLY B 3 10.87 15.88 25.55
CA GLY B 3 11.29 17.06 24.83
C GLY B 3 11.20 16.84 23.32
N ILE B 4 11.94 15.85 22.84
CA ILE B 4 11.94 15.52 21.41
C ILE B 4 10.53 15.17 20.95
N ALA B 5 9.90 14.26 21.69
CA ALA B 5 8.54 13.83 21.39
C ALA B 5 7.58 15.01 21.40
N LEU B 6 7.72 15.86 22.41
CA LEU B 6 6.86 17.03 22.56
C LEU B 6 7.01 18.01 21.40
N SER B 7 8.21 18.07 20.86
CA SER B 7 8.48 18.96 19.73
C SER B 7 7.71 18.48 18.51
N ARG B 8 7.70 17.18 18.30
CA ARG B 8 6.98 16.59 17.18
C ARG B 8 5.48 16.62 17.42
N LEU B 9 5.07 16.40 18.67
CA LEU B 9 3.67 16.42 19.05
C LEU B 9 3.06 17.78 18.73
N ALA B 10 3.79 18.84 19.03
CA ALA B 10 3.34 20.19 18.76
C ALA B 10 3.25 20.42 17.25
N GLN B 11 4.17 19.79 16.52
CA GLN B 11 4.22 19.89 15.07
C GLN B 11 2.98 19.24 14.46
N GLU B 12 2.60 18.08 15.01
CA GLU B 12 1.43 17.35 14.53
C GLU B 12 0.18 18.19 14.68
N ARG B 13 0.00 18.79 15.85
CA ARG B 13 -1.16 19.63 16.11
C ARG B 13 -1.20 20.81 15.16
N LYS B 14 -0.04 21.40 14.88
CA LYS B 14 0.06 22.54 13.99
C LYS B 14 -0.37 22.15 12.58
N ALA B 15 0.09 21.01 12.12
CA ALA B 15 -0.24 20.52 10.80
C ALA B 15 -1.71 20.13 10.72
N TRP B 16 -2.18 19.40 11.72
CA TRP B 16 -3.57 18.95 11.77
C TRP B 16 -4.52 20.15 11.86
N ARG B 17 -4.15 21.14 12.65
CA ARG B 17 -4.97 22.33 12.82
C ARG B 17 -5.12 23.08 11.50
N LYS B 18 -4.08 23.03 10.68
CA LYS B 18 -4.09 23.69 9.39
C LYS B 18 -4.96 22.92 8.40
N ASP B 19 -4.65 21.65 8.19
CA ASP B 19 -5.40 20.84 7.25
C ASP B 19 -5.66 19.44 7.82
N HIS B 20 -6.90 19.00 7.70
CA HIS B 20 -7.31 17.69 8.19
C HIS B 20 -8.57 17.25 7.47
N PRO B 21 -8.78 15.93 7.30
CA PRO B 21 -9.97 15.39 6.64
C PRO B 21 -11.25 15.83 7.33
N PHE B 22 -12.22 16.25 6.54
CA PHE B 22 -13.50 16.72 7.06
C PHE B 22 -14.23 15.61 7.82
N GLY B 23 -14.55 15.88 9.07
CA GLY B 23 -15.25 14.90 9.89
C GLY B 23 -14.37 14.34 10.97
N PHE B 24 -13.07 14.37 10.74
CA PHE B 24 -12.10 13.85 11.70
C PHE B 24 -11.82 14.85 12.80
N VAL B 25 -11.77 14.37 14.04
CA VAL B 25 -11.50 15.21 15.19
C VAL B 25 -10.27 14.71 15.92
N ALA B 26 -9.38 15.63 16.30
CA ALA B 26 -8.17 15.28 17.03
C ALA B 26 -7.65 16.48 17.81
N VAL B 27 -7.50 16.31 19.12
CA VAL B 27 -7.01 17.37 19.98
C VAL B 27 -6.46 16.77 21.29
N PRO B 28 -5.30 17.26 21.76
CA PRO B 28 -4.70 16.77 23.01
C PRO B 28 -5.56 17.07 24.22
N THR B 29 -5.35 16.33 25.30
CA THR B 29 -6.11 16.51 26.52
C THR B 29 -5.76 17.83 27.20
N LYS B 30 -6.78 18.52 27.70
CA LYS B 30 -6.58 19.78 28.37
C LYS B 30 -6.24 19.55 29.84
N ASN B 31 -4.94 19.48 30.10
CA ASN B 31 -4.45 19.27 31.46
C ASN B 31 -4.80 20.46 32.33
N PRO B 32 -5.26 20.21 33.57
CA PRO B 32 -5.64 21.27 34.52
C PRO B 32 -4.62 22.41 34.61
N ASP B 33 -5.11 23.57 35.03
CA ASP B 33 -4.28 24.78 35.19
C ASP B 33 -3.99 25.43 33.84
N GLY B 34 -4.88 25.18 32.88
CA GLY B 34 -4.73 25.78 31.56
C GLY B 34 -3.60 25.21 30.75
N THR B 35 -3.16 24.00 31.07
CA THR B 35 -2.07 23.37 30.34
C THR B 35 -2.62 22.33 29.37
N MET B 36 -1.74 21.67 28.65
CA MET B 36 -2.17 20.66 27.70
C MET B 36 -1.20 19.48 27.68
N ASN B 37 -1.75 18.28 27.64
CA ASN B 37 -0.93 17.07 27.59
C ASN B 37 -0.87 16.57 26.16
N LEU B 38 0.27 16.81 25.52
CA LEU B 38 0.48 16.43 24.13
C LEU B 38 0.72 14.92 23.99
N MET B 39 0.86 14.22 25.11
CA MET B 39 1.10 12.78 25.07
C MET B 39 -0.20 11.99 25.23
N ASN B 40 -1.32 12.70 25.18
CA ASN B 40 -2.62 12.06 25.32
C ASN B 40 -3.67 12.85 24.53
N TRP B 41 -4.11 12.29 23.41
CA TRP B 41 -5.07 12.96 22.54
C TRP B 41 -6.42 12.27 22.56
N GLU B 42 -7.47 13.06 22.40
CA GLU B 42 -8.82 12.56 22.34
C GLU B 42 -9.35 12.76 20.92
N CYS B 43 -9.11 11.77 20.08
CA CYS B 43 -9.51 11.85 18.68
C CYS B 43 -10.83 11.13 18.42
N ALA B 44 -11.46 11.46 17.31
CA ALA B 44 -12.73 10.86 16.93
C ALA B 44 -12.77 10.64 15.42
N ILE B 45 -13.18 9.46 15.00
CA ILE B 45 -13.26 9.11 13.60
C ILE B 45 -14.68 8.71 13.22
N PRO B 46 -15.25 9.39 12.21
CA PRO B 46 -16.59 9.08 11.73
C PRO B 46 -16.58 7.93 10.73
N GLY B 47 -17.70 7.22 10.62
CA GLY B 47 -17.79 6.11 9.69
C GLY B 47 -17.54 6.55 8.26
N LYS B 48 -16.82 5.74 7.50
CA LYS B 48 -16.52 6.07 6.11
C LYS B 48 -17.77 5.97 5.25
N LYS B 49 -17.88 6.88 4.29
CA LYS B 49 -19.02 6.93 3.38
C LYS B 49 -19.13 5.62 2.59
N GLY B 50 -20.33 5.06 2.53
CA GLY B 50 -20.55 3.83 1.79
C GLY B 50 -20.46 2.60 2.65
N THR B 51 -20.06 2.77 3.91
CA THR B 51 -19.93 1.65 4.82
C THR B 51 -21.03 1.71 5.88
N PRO B 52 -21.37 0.57 6.51
CA PRO B 52 -22.40 0.53 7.56
C PRO B 52 -22.01 1.32 8.81
N TRP B 53 -20.76 1.77 8.85
CA TRP B 53 -20.25 2.54 9.97
C TRP B 53 -20.60 4.03 9.80
N GLU B 54 -21.00 4.37 8.58
CA GLU B 54 -21.36 5.74 8.23
C GLU B 54 -22.43 6.30 9.17
N GLY B 55 -22.16 7.48 9.71
CA GLY B 55 -23.10 8.12 10.60
C GLY B 55 -22.65 8.10 12.05
N GLY B 56 -21.81 7.13 12.39
CA GLY B 56 -21.33 7.03 13.75
C GLY B 56 -20.00 7.71 13.98
N LEU B 57 -19.88 8.42 15.09
CA LEU B 57 -18.65 9.10 15.45
C LEU B 57 -17.97 8.32 16.57
N PHE B 58 -16.92 7.59 16.22
CA PHE B 58 -16.22 6.77 17.18
C PHE B 58 -15.03 7.51 17.76
N LYS B 59 -15.00 7.63 19.08
CA LYS B 59 -13.92 8.32 19.77
C LYS B 59 -12.88 7.33 20.30
N LEU B 60 -11.63 7.73 20.26
CA LEU B 60 -10.54 6.88 20.75
C LEU B 60 -9.49 7.74 21.46
N ARG B 61 -8.68 7.09 22.27
CA ARG B 61 -7.64 7.80 23.00
C ARG B 61 -6.27 7.44 22.44
N MET B 62 -5.53 8.46 22.04
CA MET B 62 -4.21 8.27 21.48
C MET B 62 -3.15 8.44 22.56
N LEU B 63 -2.48 7.36 22.91
CA LEU B 63 -1.46 7.40 23.94
C LEU B 63 -0.07 7.49 23.31
N PHE B 64 0.72 8.46 23.76
CA PHE B 64 2.06 8.64 23.23
C PHE B 64 3.10 8.25 24.28
N LYS B 65 4.33 8.01 23.82
CA LYS B 65 5.43 7.62 24.69
C LYS B 65 6.57 8.62 24.57
N ASP B 66 7.60 8.43 25.39
CA ASP B 66 8.77 9.31 25.36
C ASP B 66 9.68 8.93 24.21
N ASP B 67 9.53 7.71 23.72
CA ASP B 67 10.33 7.20 22.61
C ASP B 67 9.84 7.77 21.28
N TYR B 68 8.72 8.49 21.34
CA TYR B 68 8.12 9.10 20.14
C TYR B 68 9.11 10.10 19.52
N PRO B 69 9.11 10.25 18.17
CA PRO B 69 8.23 9.51 17.26
C PRO B 69 8.79 8.16 16.82
N SER B 70 9.87 7.72 17.46
CA SER B 70 10.45 6.43 17.12
C SER B 70 9.48 5.32 17.50
N SER B 71 8.73 5.54 18.56
CA SER B 71 7.74 4.58 19.03
C SER B 71 6.35 4.98 18.53
N PRO B 72 5.54 3.98 18.13
CA PRO B 72 4.18 4.23 17.63
C PRO B 72 3.20 4.58 18.75
N PRO B 73 2.30 5.55 18.49
CA PRO B 73 1.30 5.97 19.47
C PRO B 73 0.11 5.01 19.51
N LYS B 74 0.11 4.14 20.50
CA LYS B 74 -0.96 3.17 20.68
C LYS B 74 -2.29 3.86 20.91
N CYS B 75 -3.28 3.53 20.09
CA CYS B 75 -4.59 4.12 20.20
C CYS B 75 -5.60 3.10 20.72
N LYS B 76 -6.39 3.51 21.70
CA LYS B 76 -7.40 2.65 22.28
C LYS B 76 -8.78 3.29 22.13
N PHE B 77 -9.72 2.54 21.58
CA PHE B 77 -11.07 3.04 21.38
C PHE B 77 -11.75 3.30 22.71
N GLU B 78 -12.49 4.40 22.78
CA GLU B 78 -13.21 4.77 24.00
C GLU B 78 -14.68 5.04 23.69
N PRO B 79 -15.56 4.06 23.86
CA PRO B 79 -15.22 2.70 24.31
C PRO B 79 -14.86 1.78 23.13
N PRO B 80 -14.36 0.56 23.42
CA PRO B 80 -14.00 -0.41 22.39
C PRO B 80 -15.20 -0.71 21.47
N LEU B 81 -14.92 -1.04 20.22
CA LEU B 81 -15.98 -1.31 19.26
C LEU B 81 -15.96 -2.75 18.77
N PHE B 82 -17.07 -3.16 18.16
CA PHE B 82 -17.22 -4.48 17.61
C PHE B 82 -16.46 -4.55 16.29
N HIS B 83 -15.21 -4.99 16.37
CA HIS B 83 -14.35 -5.09 15.20
C HIS B 83 -13.27 -6.13 15.48
N PRO B 84 -13.06 -7.09 14.56
CA PRO B 84 -12.06 -8.16 14.73
C PRO B 84 -10.62 -7.67 14.93
N ASN B 85 -10.38 -6.40 14.64
CA ASN B 85 -9.05 -5.84 14.79
C ASN B 85 -8.96 -4.92 16.01
N VAL B 86 -9.95 -5.01 16.88
CA VAL B 86 -9.98 -4.20 18.08
C VAL B 86 -10.17 -5.10 19.29
N TYR B 87 -9.18 -5.10 20.18
CA TYR B 87 -9.23 -5.90 21.38
C TYR B 87 -10.32 -5.40 22.31
N PRO B 88 -10.88 -6.27 23.18
CA PRO B 88 -11.92 -5.88 24.13
C PRO B 88 -11.45 -4.79 25.09
N SER B 89 -10.14 -4.58 25.14
CA SER B 89 -9.54 -3.56 25.98
C SER B 89 -9.62 -2.20 25.28
N GLY B 90 -9.75 -2.23 23.96
CA GLY B 90 -9.82 -1.01 23.18
C GLY B 90 -8.64 -0.86 22.25
N THR B 91 -7.61 -1.66 22.49
CA THR B 91 -6.39 -1.63 21.68
C THR B 91 -6.66 -1.96 20.21
N VAL B 92 -6.37 -0.99 19.35
CA VAL B 92 -6.55 -1.18 17.92
C VAL B 92 -5.29 -1.80 17.33
N CYS B 93 -5.45 -2.68 16.36
CA CYS B 93 -4.30 -3.33 15.75
C CYS B 93 -4.12 -2.84 14.31
N LEU B 94 -2.89 -2.51 13.96
CA LEU B 94 -2.56 -2.03 12.62
C LEU B 94 -1.06 -2.17 12.38
N SER B 95 -0.70 -2.52 11.15
CA SER B 95 0.69 -2.72 10.76
C SER B 95 1.57 -1.51 11.07
N ILE B 96 1.05 -0.31 10.79
CA ILE B 96 1.81 0.90 11.02
C ILE B 96 1.72 1.37 12.47
N LEU B 97 1.14 0.53 13.33
CA LEU B 97 1.02 0.88 14.74
C LEU B 97 2.05 0.12 15.56
N GLU B 98 2.95 -0.56 14.84
CA GLU B 98 4.02 -1.32 15.47
C GLU B 98 5.34 -0.95 14.79
N GLU B 99 6.31 -0.49 15.60
CA GLU B 99 7.61 -0.05 15.11
C GLU B 99 8.33 -1.13 14.31
N ASP B 100 8.35 -2.34 14.85
CA ASP B 100 9.00 -3.47 14.22
C ASP B 100 8.30 -3.91 12.94
N LYS B 101 7.12 -3.35 12.68
CA LYS B 101 6.37 -3.70 11.49
C LYS B 101 6.46 -2.63 10.41
N ASP B 102 5.39 -1.87 10.20
CA ASP B 102 5.37 -0.86 9.15
C ASP B 102 5.33 0.58 9.68
N TRP B 103 5.57 0.75 10.98
CA TRP B 103 5.55 2.10 11.55
C TRP B 103 6.85 2.84 11.22
N ARG B 104 6.69 4.06 10.74
CA ARG B 104 7.83 4.91 10.40
C ARG B 104 7.70 6.20 11.19
N PRO B 105 8.80 6.71 11.76
CA PRO B 105 8.78 7.96 12.53
C PRO B 105 8.25 9.15 11.76
N ALA B 106 8.31 9.07 10.43
CA ALA B 106 7.84 10.15 9.57
C ALA B 106 6.33 10.07 9.30
N ILE B 107 5.65 9.11 9.90
CA ILE B 107 4.22 8.98 9.69
C ILE B 107 3.45 10.04 10.49
N THR B 108 2.62 10.80 9.78
CA THR B 108 1.82 11.84 10.39
C THR B 108 0.57 11.22 11.04
N ILE B 109 0.08 11.85 12.10
CA ILE B 109 -1.11 11.38 12.80
C ILE B 109 -2.28 11.24 11.83
N LYS B 110 -2.30 12.11 10.82
CA LYS B 110 -3.34 12.10 9.81
C LYS B 110 -3.42 10.75 9.10
N GLN B 111 -2.25 10.18 8.81
CA GLN B 111 -2.17 8.89 8.12
C GLN B 111 -2.70 7.77 9.01
N ILE B 112 -2.42 7.88 10.31
CA ILE B 112 -2.85 6.89 11.27
C ILE B 112 -4.37 6.88 11.41
N LEU B 113 -4.94 8.07 11.60
CA LEU B 113 -6.39 8.20 11.75
C LEU B 113 -7.12 7.70 10.51
N LEU B 114 -6.60 8.02 9.33
CA LEU B 114 -7.21 7.58 8.08
C LEU B 114 -7.14 6.06 7.97
N GLY B 115 -6.02 5.50 8.42
CA GLY B 115 -5.85 4.06 8.38
C GLY B 115 -6.85 3.33 9.26
N ILE B 116 -7.17 3.93 10.41
CA ILE B 116 -8.13 3.34 11.33
C ILE B 116 -9.52 3.32 10.71
N GLN B 117 -9.87 4.40 10.00
CA GLN B 117 -11.17 4.50 9.35
C GLN B 117 -11.27 3.45 8.24
N GLU B 118 -10.14 3.22 7.59
CA GLU B 118 -10.06 2.25 6.50
C GLU B 118 -10.25 0.84 7.04
N LEU B 119 -9.65 0.58 8.20
CA LEU B 119 -9.73 -0.72 8.86
C LEU B 119 -11.17 -1.08 9.19
N LEU B 120 -12.00 -0.08 9.45
CA LEU B 120 -13.40 -0.31 9.77
C LEU B 120 -14.11 -0.97 8.59
N ASN B 121 -13.74 -0.56 7.38
CA ASN B 121 -14.32 -1.09 6.17
C ASN B 121 -13.69 -2.44 5.81
N GLU B 122 -12.37 -2.46 5.76
CA GLU B 122 -11.64 -3.66 5.42
C GLU B 122 -10.91 -4.22 6.63
N PRO B 123 -11.50 -5.20 7.32
CA PRO B 123 -10.92 -5.81 8.50
C PRO B 123 -9.80 -6.79 8.14
N ASN B 124 -8.72 -6.73 8.91
CA ASN B 124 -7.58 -7.60 8.70
C ASN B 124 -7.90 -8.99 9.25
N ILE B 125 -8.01 -9.96 8.36
CA ILE B 125 -8.34 -11.33 8.74
C ILE B 125 -7.14 -12.05 9.37
N GLN B 126 -5.96 -11.46 9.25
CA GLN B 126 -4.75 -12.05 9.80
C GLN B 126 -4.65 -11.77 11.30
N ASP B 127 -5.29 -10.70 11.74
CA ASP B 127 -5.25 -10.30 13.14
C ASP B 127 -6.59 -10.51 13.83
N PRO B 128 -6.75 -11.64 14.54
CA PRO B 128 -7.96 -11.96 15.26
C PRO B 128 -7.96 -11.38 16.68
N ALA B 129 -7.97 -10.06 16.77
CA ALA B 129 -7.96 -9.36 18.06
C ALA B 129 -9.24 -9.63 18.82
N GLN B 130 -10.36 -9.60 18.11
CA GLN B 130 -11.66 -9.85 18.71
C GLN B 130 -12.21 -11.17 18.20
N ALA B 131 -12.11 -12.21 19.03
CA ALA B 131 -12.57 -13.54 18.67
C ALA B 131 -14.04 -13.57 18.27
N GLU B 132 -14.87 -12.91 19.06
CA GLU B 132 -16.31 -12.86 18.79
C GLU B 132 -16.59 -12.30 17.40
N ALA B 133 -16.06 -11.10 17.14
CA ALA B 133 -16.25 -10.43 15.86
C ALA B 133 -15.66 -11.24 14.72
N TYR B 134 -14.47 -11.80 14.95
CA TYR B 134 -13.78 -12.60 13.93
C TYR B 134 -14.63 -13.78 13.50
N THR B 135 -15.15 -14.50 14.48
CA THR B 135 -15.98 -15.67 14.21
C THR B 135 -17.26 -15.28 13.47
N ILE B 136 -17.97 -14.30 13.99
CA ILE B 136 -19.22 -13.84 13.38
C ILE B 136 -18.99 -13.35 11.95
N TYR B 137 -17.97 -12.52 11.77
CA TYR B 137 -17.63 -11.97 10.46
C TYR B 137 -17.28 -13.06 9.45
N CYS B 138 -16.61 -14.09 9.93
CA CYS B 138 -16.18 -15.19 9.05
C CYS B 138 -17.29 -16.18 8.70
N GLN B 139 -18.24 -16.39 9.59
CA GLN B 139 -19.29 -17.38 9.30
C GLN B 139 -20.66 -16.74 9.02
N ASN B 140 -20.85 -15.50 9.40
CA ASN B 140 -22.14 -14.85 9.17
C ASN B 140 -21.97 -13.35 8.94
N ARG B 141 -21.77 -12.98 7.68
CA ARG B 141 -21.60 -11.59 7.31
C ARG B 141 -22.87 -10.80 7.62
N VAL B 142 -24.01 -11.46 7.47
CA VAL B 142 -25.31 -10.84 7.72
C VAL B 142 -25.43 -10.41 9.18
N GLU B 143 -25.14 -11.33 10.10
CA GLU B 143 -25.22 -11.03 11.53
C GLU B 143 -24.21 -9.95 11.91
N TYR B 144 -23.10 -9.92 11.20
CA TYR B 144 -22.05 -8.93 11.42
C TYR B 144 -22.56 -7.54 11.05
N GLU B 145 -23.19 -7.45 9.87
CA GLU B 145 -23.74 -6.18 9.37
C GLU B 145 -24.71 -5.58 10.37
N LYS B 146 -25.61 -6.42 10.90
CA LYS B 146 -26.61 -5.98 11.86
C LYS B 146 -25.97 -5.29 13.06
N ARG B 147 -24.97 -5.94 13.64
CA ARG B 147 -24.28 -5.40 14.81
C ARG B 147 -23.54 -4.10 14.47
N VAL B 148 -22.94 -4.07 13.28
CA VAL B 148 -22.21 -2.88 12.86
C VAL B 148 -23.16 -1.71 12.59
N ARG B 149 -24.28 -2.00 11.94
CA ARG B 149 -25.28 -0.98 11.63
C ARG B 149 -25.81 -0.35 12.91
N ALA B 150 -26.15 -1.20 13.88
CA ALA B 150 -26.67 -0.75 15.16
C ALA B 150 -25.61 0.04 15.92
N GLN B 151 -24.35 -0.32 15.70
CA GLN B 151 -23.23 0.35 16.35
C GLN B 151 -23.08 1.78 15.86
N ALA B 152 -23.19 1.95 14.55
CA ALA B 152 -23.07 3.27 13.95
C ALA B 152 -24.18 4.18 14.47
N LYS B 153 -25.40 3.67 14.50
CA LYS B 153 -26.55 4.43 14.98
C LYS B 153 -26.42 4.72 16.48
N LYS B 154 -25.74 3.81 17.18
CA LYS B 154 -25.54 3.95 18.62
C LYS B 154 -24.57 5.09 18.93
N PHE B 155 -23.53 5.22 18.11
CA PHE B 155 -22.53 6.26 18.33
C PHE B 155 -22.74 7.44 17.38
N ALA B 156 -23.94 7.55 16.84
CA ALA B 156 -24.27 8.64 15.94
C ALA B 156 -24.56 9.92 16.72
N PRO B 157 -23.87 11.01 16.38
CA PRO B 157 -24.05 12.31 17.06
C PRO B 157 -25.50 12.77 17.05
N SER B 158 -26.11 12.76 18.22
CA SER B 158 -27.49 13.18 18.37
C SER B 158 -27.59 14.37 19.33
N THR A 1 -15.39 9.65 -3.50
CA THR A 1 -14.11 9.28 -2.89
C THR A 1 -13.41 8.18 -3.71
N GLN A 2 -12.10 8.30 -3.87
CA GLN A 2 -11.33 7.31 -4.62
C GLN A 2 -11.14 6.06 -3.79
N ARG A 3 -10.96 4.92 -4.45
CA ARG A 3 -10.78 3.66 -3.76
C ARG A 3 -9.30 3.37 -3.55
N THR A 4 -8.97 2.92 -2.35
CA THR A 4 -7.59 2.61 -2.01
C THR A 4 -7.26 1.16 -2.37
N PHE A 5 -5.98 0.91 -2.64
CA PHE A 5 -5.54 -0.42 -3.00
C PHE A 5 -4.46 -0.91 -2.04
N PRO A 6 -4.81 -1.83 -1.13
CA PRO A 6 -3.85 -2.40 -0.17
C PRO A 6 -2.70 -3.12 -0.88
N GLY A 7 -1.54 -3.14 -0.24
CA GLY A 7 -0.38 -3.79 -0.82
C GLY A 7 -0.59 -5.25 -1.12
N CYS A 8 -1.44 -5.90 -0.32
CA CYS A 8 -1.74 -7.31 -0.50
C CYS A 8 -2.35 -7.59 -1.88
N THR A 9 -3.20 -6.70 -2.35
CA THR A 9 -3.83 -6.87 -3.65
C THR A 9 -3.05 -6.12 -4.73
N ILE A 10 -1.95 -5.51 -4.34
CA ILE A 10 -1.10 -4.79 -5.29
C ILE A 10 0.12 -5.64 -5.64
N ARG A 11 0.78 -6.15 -4.62
CA ARG A 11 1.98 -6.96 -4.80
C ARG A 11 1.64 -8.42 -5.06
N ASN A 12 0.66 -8.96 -4.34
CA ASN A 12 0.28 -10.36 -4.48
C ASN A 12 -0.76 -10.59 -5.56
N THR A 13 -2.02 -10.24 -5.28
CA THR A 13 -3.10 -10.47 -6.23
C THR A 13 -3.65 -9.17 -6.84
N PRO A 14 -3.05 -8.70 -7.95
CA PRO A 14 -3.49 -7.50 -8.64
C PRO A 14 -4.44 -7.84 -9.80
N SER A 15 -5.52 -8.54 -9.47
CA SER A 15 -6.50 -8.96 -10.45
C SER A 15 -7.35 -7.82 -10.98
N GLU A 16 -6.73 -6.91 -11.72
CA GLU A 16 -7.41 -5.76 -12.32
C GLU A 16 -6.39 -4.92 -13.08
N PRO A 17 -6.73 -4.47 -14.31
CA PRO A 17 -5.84 -3.64 -15.13
C PRO A 17 -5.32 -2.41 -14.37
N ILE A 18 -6.22 -1.69 -13.71
CA ILE A 18 -5.83 -0.50 -12.95
C ILE A 18 -4.94 -0.86 -11.77
N HIS A 19 -5.12 -2.08 -11.25
CA HIS A 19 -4.34 -2.56 -10.12
C HIS A 19 -2.87 -2.68 -10.50
N CYS A 20 -2.63 -2.99 -11.78
CA CYS A 20 -1.27 -3.13 -12.30
C CYS A 20 -0.65 -1.77 -12.54
N ILE A 21 -1.48 -0.81 -12.93
CA ILE A 21 -1.02 0.55 -13.19
C ILE A 21 -0.53 1.19 -11.89
N VAL A 22 -1.31 1.00 -10.83
CA VAL A 22 -0.96 1.53 -9.52
C VAL A 22 0.34 0.91 -9.04
N TRP A 23 0.50 -0.39 -9.30
CA TRP A 23 1.69 -1.13 -8.92
C TRP A 23 2.93 -0.54 -9.62
N ALA A 24 2.78 -0.24 -10.90
CA ALA A 24 3.88 0.33 -11.69
C ALA A 24 4.27 1.72 -11.18
N LYS A 25 3.27 2.47 -10.71
CA LYS A 25 3.53 3.81 -10.18
C LYS A 25 4.38 3.72 -8.91
N TYR A 26 4.17 2.65 -8.14
CA TYR A 26 4.92 2.44 -6.91
C TYR A 26 6.33 1.98 -7.26
N LEU A 27 6.42 1.16 -8.31
CA LEU A 27 7.71 0.65 -8.78
C LEU A 27 8.65 1.79 -9.10
N PHE A 28 8.15 2.79 -9.80
CA PHE A 28 8.94 3.95 -10.19
C PHE A 28 9.45 4.68 -8.94
N ASN A 29 8.58 4.78 -7.95
CA ASN A 29 8.92 5.47 -6.69
C ASN A 29 9.95 4.68 -5.90
N GLN A 30 9.89 3.36 -5.99
CA GLN A 30 10.81 2.50 -5.26
C GLN A 30 12.12 2.32 -6.01
N LEU A 31 12.26 3.02 -7.13
CA LEU A 31 13.46 2.95 -7.92
C LEU A 31 14.12 4.32 -8.02
N PHE A 32 13.35 5.33 -8.40
CA PHE A 32 13.88 6.68 -8.55
C PHE A 32 13.15 7.70 -7.68
N GLY A 33 11.91 7.39 -7.28
CA GLY A 33 11.13 8.34 -6.48
C GLY A 33 11.27 8.13 -4.98
N GLU A 34 10.14 8.24 -4.28
CA GLU A 34 10.12 8.09 -2.83
C GLU A 34 9.72 6.67 -2.43
N GLU A 35 10.53 6.06 -1.57
CA GLU A 35 10.30 4.70 -1.12
C GLU A 35 9.21 4.64 -0.05
N ASP A 36 8.57 3.50 0.07
CA ASP A 36 7.51 3.30 1.06
C ASP A 36 7.60 1.88 1.64
N ALA A 37 6.68 1.53 2.52
CA ALA A 37 6.68 0.23 3.17
C ALA A 37 5.89 -0.81 2.36
N ASP A 38 4.61 -0.96 2.65
CA ASP A 38 3.74 -1.93 1.96
C ASP A 38 3.67 -1.63 0.46
N GLN A 39 3.95 -0.40 0.08
CA GLN A 39 3.92 0.00 -1.32
C GLN A 39 5.26 -0.31 -2.00
N GLU A 40 5.79 -1.49 -1.71
CA GLU A 40 7.05 -1.92 -2.30
C GLU A 40 6.77 -2.72 -3.56
N VAL A 41 7.81 -3.27 -4.16
CA VAL A 41 7.68 -4.06 -5.38
C VAL A 41 8.24 -5.47 -5.17
N SER A 42 9.13 -5.61 -4.20
CA SER A 42 9.75 -6.89 -3.91
C SER A 42 8.79 -7.85 -3.21
N PRO A 43 8.96 -9.17 -3.43
CA PRO A 43 8.14 -10.19 -2.80
C PRO A 43 8.34 -10.19 -1.29
N ASP A 44 7.31 -9.79 -0.57
CA ASP A 44 7.38 -9.71 0.89
C ASP A 44 7.43 -11.10 1.52
N ARG A 45 7.99 -11.15 2.72
CA ARG A 45 8.09 -12.40 3.47
C ARG A 45 7.02 -12.44 4.56
N ALA A 46 6.25 -11.36 4.65
CA ALA A 46 5.18 -11.25 5.63
C ALA A 46 3.90 -11.91 5.12
N ASP A 47 4.00 -12.58 3.98
CA ASP A 47 2.86 -13.27 3.38
C ASP A 47 2.34 -14.32 4.37
N PRO A 48 1.01 -14.44 4.51
CA PRO A 48 0.39 -15.41 5.43
C PRO A 48 0.92 -16.83 5.26
N GLU A 49 1.37 -17.17 4.05
CA GLU A 49 1.90 -18.49 3.77
C GLU A 49 3.38 -18.61 4.13
N ALA A 50 3.96 -17.50 4.57
CA ALA A 50 5.37 -17.49 4.97
C ALA A 50 5.55 -16.68 6.25
N ALA A 51 4.47 -16.55 7.02
CA ALA A 51 4.51 -15.79 8.26
C ALA A 51 3.60 -16.42 9.31
N TRP A 52 3.30 -15.66 10.36
CA TRP A 52 2.44 -16.13 11.43
C TRP A 52 0.98 -15.77 11.15
N GLU A 53 0.22 -15.50 12.20
CA GLU A 53 -1.18 -15.14 12.04
C GLU A 53 -1.38 -13.79 11.35
N PRO A 54 -0.75 -12.68 11.85
CA PRO A 54 0.11 -12.65 13.02
C PRO A 54 -0.60 -12.06 14.26
N THR A 55 0.16 -11.37 15.10
CA THR A 55 -0.39 -10.75 16.30
C THR A 55 0.05 -9.29 16.42
N GLU A 56 -0.22 -8.69 17.57
CA GLU A 56 0.14 -7.31 17.85
C GLU A 56 1.62 -7.21 18.30
N ALA A 57 2.35 -8.29 18.07
CA ALA A 57 3.77 -8.37 18.43
C ALA A 57 4.00 -8.16 19.92
N GLU A 58 3.08 -8.67 20.73
CA GLU A 58 3.18 -8.55 22.18
C GLU A 58 3.63 -9.87 22.79
N ALA A 59 3.66 -9.91 24.11
CA ALA A 59 4.05 -11.10 24.83
C ALA A 59 3.07 -11.37 25.97
N ARG A 60 3.41 -12.31 26.84
CA ARG A 60 2.55 -12.65 27.96
C ARG A 60 2.96 -11.88 29.20
N ALA A 61 4.25 -11.77 29.43
CA ALA A 61 4.77 -11.05 30.59
C ALA A 61 4.92 -9.58 30.28
N ARG A 62 5.82 -9.28 29.34
CA ARG A 62 6.07 -7.91 28.95
C ARG A 62 5.38 -7.57 27.63
N ALA A 63 5.68 -6.39 27.11
CA ALA A 63 5.12 -5.94 25.85
C ALA A 63 6.17 -6.03 24.76
N SER A 64 7.37 -5.54 25.07
CA SER A 64 8.48 -5.57 24.13
C SER A 64 9.14 -6.94 24.14
N ASN A 65 9.29 -7.52 22.96
CA ASN A 65 9.91 -8.84 22.82
C ASN A 65 10.88 -8.85 21.63
N GLU A 66 10.42 -9.35 20.48
CA GLU A 66 11.26 -9.41 19.30
C GLU A 66 10.86 -8.29 18.32
N ASP A 67 10.01 -7.39 18.80
CA ASP A 67 9.53 -6.27 18.01
C ASP A 67 10.65 -5.30 17.67
N GLY A 68 10.35 -4.37 16.78
CA GLY A 68 11.32 -3.39 16.37
C GLY A 68 11.56 -3.42 14.88
N ASP A 69 12.79 -3.69 14.48
CA ASP A 69 13.13 -3.75 13.08
C ASP A 69 12.93 -5.16 12.54
N ILE A 70 11.71 -5.47 12.13
CA ILE A 70 11.40 -6.78 11.59
C ILE A 70 11.05 -6.71 10.11
N LYS A 71 9.87 -6.19 9.81
CA LYS A 71 9.41 -6.09 8.42
C LYS A 71 10.07 -4.91 7.72
N ARG A 72 11.20 -5.20 7.07
CA ARG A 72 11.94 -4.18 6.32
C ARG A 72 12.44 -4.75 5.00
N ILE A 73 12.38 -3.95 3.95
CA ILE A 73 12.83 -4.38 2.63
C ILE A 73 13.11 -3.15 1.75
N SER A 74 14.06 -3.26 0.82
CA SER A 74 14.39 -2.13 -0.05
C SER A 74 14.95 -2.61 -1.38
N THR A 75 14.11 -2.65 -2.41
CA THR A 75 14.54 -3.07 -3.74
C THR A 75 15.43 -2.03 -4.39
N LYS A 76 15.23 -0.76 -4.01
CA LYS A 76 16.01 0.35 -4.55
C LYS A 76 17.50 0.12 -4.36
N GLU A 77 17.85 -0.53 -3.25
CA GLU A 77 19.23 -0.81 -2.93
C GLU A 77 19.85 -1.74 -3.98
N TRP A 78 19.19 -2.86 -4.25
CA TRP A 78 19.68 -3.82 -5.23
C TRP A 78 19.72 -3.19 -6.62
N ALA A 79 18.66 -2.46 -6.96
CA ALA A 79 18.56 -1.81 -8.25
C ALA A 79 19.70 -0.83 -8.50
N LYS A 80 19.98 0.02 -7.52
CA LYS A 80 21.05 1.00 -7.66
C LYS A 80 22.42 0.31 -7.72
N SER A 81 22.54 -0.81 -7.03
CA SER A 81 23.79 -1.56 -7.01
C SER A 81 24.07 -2.24 -8.35
N THR A 82 23.02 -2.53 -9.11
CA THR A 82 23.17 -3.17 -10.40
C THR A 82 23.19 -2.12 -11.51
N GLY A 83 23.07 -0.87 -11.12
CA GLY A 83 23.07 0.22 -12.07
C GLY A 83 21.75 0.34 -12.79
N TYR A 84 20.69 -0.13 -12.14
CA TYR A 84 19.33 -0.10 -12.71
C TYR A 84 19.31 -0.73 -14.10
N ASP A 85 19.91 -1.91 -14.20
CA ASP A 85 19.98 -2.64 -15.45
C ASP A 85 18.60 -3.16 -15.86
N PRO A 86 18.12 -2.76 -17.05
CA PRO A 86 16.81 -3.17 -17.56
C PRO A 86 16.60 -4.67 -17.57
N VAL A 87 17.61 -5.41 -18.05
CA VAL A 87 17.52 -6.86 -18.11
C VAL A 87 17.40 -7.49 -16.72
N LYS A 88 18.27 -7.06 -15.81
CA LYS A 88 18.26 -7.57 -14.43
C LYS A 88 16.91 -7.31 -13.78
N LEU A 89 16.40 -6.10 -13.95
CA LEU A 89 15.11 -5.72 -13.38
C LEU A 89 13.99 -6.52 -14.02
N PHE A 90 14.06 -6.68 -15.33
CA PHE A 90 13.04 -7.41 -16.09
C PHE A 90 13.01 -8.88 -15.67
N THR A 91 14.19 -9.50 -15.58
CA THR A 91 14.29 -10.90 -15.21
C THR A 91 14.01 -11.14 -13.72
N LYS A 92 13.71 -10.06 -13.01
CA LYS A 92 13.40 -10.17 -11.59
C LYS A 92 11.92 -9.90 -11.36
N LEU A 93 11.53 -8.65 -11.55
CA LEU A 93 10.15 -8.21 -11.32
C LEU A 93 9.15 -8.96 -12.20
N PHE A 94 9.55 -9.34 -13.40
CA PHE A 94 8.64 -10.04 -14.31
C PHE A 94 9.01 -11.50 -14.50
N LYS A 95 9.93 -12.01 -13.70
CA LYS A 95 10.35 -13.39 -13.84
C LYS A 95 10.56 -14.08 -12.49
N ASP A 96 11.69 -13.82 -11.85
CA ASP A 96 12.01 -14.45 -10.56
C ASP A 96 11.01 -14.12 -9.46
N ASP A 97 10.58 -12.86 -9.41
CA ASP A 97 9.63 -12.44 -8.40
C ASP A 97 8.28 -13.11 -8.63
N ILE A 98 7.93 -13.29 -9.89
CA ILE A 98 6.68 -13.94 -10.25
C ILE A 98 6.75 -15.42 -9.89
N ARG A 99 7.92 -16.00 -10.10
CA ARG A 99 8.17 -17.40 -9.78
C ARG A 99 8.07 -17.63 -8.27
N TYR A 100 8.59 -16.68 -7.50
CA TYR A 100 8.55 -16.77 -6.05
C TYR A 100 7.13 -16.57 -5.55
N LEU A 101 6.32 -15.89 -6.34
CA LEU A 101 4.93 -15.64 -5.99
C LEU A 101 4.10 -16.92 -6.15
N LEU A 102 4.67 -17.89 -6.84
CA LEU A 102 4.01 -19.17 -7.07
C LEU A 102 4.25 -20.13 -5.89
N THR A 103 5.00 -19.67 -4.90
CA THR A 103 5.31 -20.47 -3.73
C THR A 103 4.07 -20.57 -2.83
N MET A 104 3.13 -19.65 -3.03
CA MET A 104 1.90 -19.62 -2.26
C MET A 104 0.80 -20.37 -3.01
N ASP A 105 0.61 -21.63 -2.65
CA ASP A 105 -0.39 -22.48 -3.31
C ASP A 105 -1.80 -22.03 -2.99
N LYS A 106 -2.01 -21.58 -1.76
CA LYS A 106 -3.33 -21.13 -1.32
C LYS A 106 -3.74 -19.81 -1.98
N LEU A 107 -2.79 -19.17 -2.65
CA LEU A 107 -3.05 -17.90 -3.32
C LEU A 107 -3.57 -18.12 -4.73
N TRP A 108 -3.11 -19.18 -5.37
CA TRP A 108 -3.52 -19.49 -6.74
C TRP A 108 -4.22 -20.84 -6.82
N ARG A 109 -5.53 -20.83 -6.67
CA ARG A 109 -6.32 -22.06 -6.75
C ARG A 109 -7.52 -21.84 -7.66
N LYS A 110 -8.20 -20.72 -7.48
CA LYS A 110 -9.36 -20.38 -8.28
C LYS A 110 -8.91 -19.55 -9.48
N ARG A 111 -7.89 -18.74 -9.27
CA ARG A 111 -7.36 -17.88 -10.32
C ARG A 111 -6.14 -18.54 -10.97
N LYS A 112 -6.02 -18.39 -12.27
CA LYS A 112 -4.89 -18.95 -13.02
C LYS A 112 -3.59 -18.32 -12.54
N PRO A 113 -2.60 -19.16 -12.20
CA PRO A 113 -1.29 -18.69 -11.73
C PRO A 113 -0.56 -17.85 -12.77
N PRO A 114 0.10 -16.77 -12.34
CA PRO A 114 0.84 -15.86 -13.24
C PRO A 114 1.98 -16.57 -13.96
N VAL A 115 2.24 -16.16 -15.20
CA VAL A 115 3.30 -16.76 -15.99
C VAL A 115 4.51 -15.84 -16.11
N PRO A 116 5.64 -16.22 -15.49
CA PRO A 116 6.88 -15.43 -15.53
C PRO A 116 7.40 -15.32 -16.95
N LEU A 117 7.83 -14.12 -17.33
CA LEU A 117 8.35 -13.89 -18.66
C LEU A 117 9.82 -13.51 -18.60
N ASP A 118 10.64 -14.24 -19.34
CA ASP A 118 12.07 -13.98 -19.37
C ASP A 118 12.43 -13.06 -20.52
N TRP A 119 13.48 -12.29 -20.33
CA TRP A 119 13.95 -11.34 -21.34
C TRP A 119 14.29 -12.06 -22.65
N ALA A 120 14.86 -13.24 -22.54
CA ALA A 120 15.23 -14.01 -23.72
C ALA A 120 14.00 -14.50 -24.48
N GLU A 121 13.03 -15.01 -23.74
CA GLU A 121 11.80 -15.54 -24.32
C GLU A 121 11.00 -14.45 -25.03
N VAL A 122 10.97 -13.26 -24.45
CA VAL A 122 10.21 -12.17 -25.03
C VAL A 122 10.89 -11.60 -26.29
N GLN A 123 12.21 -11.59 -26.30
CA GLN A 123 12.94 -11.09 -27.47
C GLN A 123 12.96 -12.13 -28.57
N SER A 124 12.59 -13.35 -28.22
CA SER A 124 12.54 -14.45 -29.16
C SER A 124 11.12 -15.02 -29.20
N GLN A 125 10.15 -14.14 -29.02
CA GLN A 125 8.74 -14.51 -29.02
C GLN A 125 8.34 -15.12 -30.35
N GLY A 126 8.08 -16.42 -30.33
CA GLY A 126 7.68 -17.13 -31.53
C GLY A 126 6.29 -16.72 -31.97
N GLU A 127 5.35 -16.80 -31.03
CA GLU A 127 3.97 -16.42 -31.31
C GLU A 127 3.82 -14.91 -31.16
N GLU A 128 4.64 -14.19 -31.91
CA GLU A 128 4.62 -12.73 -31.87
C GLU A 128 3.56 -12.18 -32.82
N THR A 129 3.92 -12.06 -34.09
CA THR A 129 3.01 -11.53 -35.08
C THR A 129 2.90 -12.47 -36.28
N ASN A 130 2.27 -11.99 -37.34
CA ASN A 130 2.11 -12.78 -38.56
C ASN A 130 3.24 -12.46 -39.51
N ALA A 131 4.03 -11.44 -39.18
CA ALA A 131 5.15 -11.01 -39.98
C ALA A 131 6.18 -10.27 -39.14
N SER A 132 5.81 -9.08 -38.67
CA SER A 132 6.69 -8.26 -37.85
C SER A 132 5.88 -7.36 -36.92
N ASP A 133 6.51 -6.84 -35.86
CA ASP A 133 5.81 -5.98 -34.92
C ASP A 133 5.55 -4.60 -35.52
N GLN A 134 6.42 -4.16 -36.42
CA GLN A 134 6.27 -2.86 -37.06
C GLN A 134 5.45 -2.99 -38.34
N GLN A 135 5.12 -4.23 -38.70
CA GLN A 135 4.35 -4.52 -39.90
C GLN A 135 3.58 -5.82 -39.73
N ASN A 136 2.50 -5.77 -38.96
CA ASN A 136 1.70 -6.96 -38.72
C ASN A 136 0.39 -6.90 -39.50
N GLU A 137 -0.54 -6.08 -39.02
CA GLU A 137 -1.84 -5.95 -39.64
C GLU A 137 -2.21 -4.48 -39.76
N PRO A 138 -3.00 -4.11 -40.79
CA PRO A 138 -3.43 -2.73 -41.01
C PRO A 138 -4.25 -2.21 -39.84
N GLN A 139 -3.66 -1.32 -39.05
CA GLN A 139 -4.33 -0.76 -37.89
C GLN A 139 -4.43 0.76 -38.04
N LEU A 140 -5.64 1.29 -37.89
CA LEU A 140 -5.85 2.72 -38.01
C LEU A 140 -6.28 3.30 -36.67
N GLY A 141 -6.18 4.62 -36.53
CA GLY A 141 -6.55 5.27 -35.30
C GLY A 141 -5.38 5.98 -34.66
N LEU A 142 -5.60 6.59 -33.51
CA LEU A 142 -4.53 7.28 -32.81
C LEU A 142 -3.47 6.28 -32.36
N LYS A 143 -2.22 6.57 -32.67
CA LYS A 143 -1.10 5.68 -32.34
C LYS A 143 -0.96 5.50 -30.84
N ASP A 144 -1.30 6.52 -30.08
CA ASP A 144 -1.21 6.45 -28.63
C ASP A 144 -2.31 5.58 -28.06
N GLN A 145 -3.36 5.36 -28.86
CA GLN A 145 -4.49 4.55 -28.43
C GLN A 145 -4.37 3.11 -28.91
N GLN A 146 -3.27 2.79 -29.57
CA GLN A 146 -3.06 1.44 -30.07
C GLN A 146 -2.41 0.57 -29.00
N VAL A 147 -2.78 -0.70 -28.99
CA VAL A 147 -2.22 -1.65 -28.03
C VAL A 147 -1.05 -2.39 -28.64
N LEU A 148 0.13 -2.22 -28.04
CA LEU A 148 1.32 -2.88 -28.54
C LEU A 148 1.43 -4.29 -27.96
N ASP A 149 2.34 -5.09 -28.52
CA ASP A 149 2.54 -6.45 -28.04
C ASP A 149 3.46 -6.47 -26.83
N VAL A 150 3.57 -7.63 -26.20
CA VAL A 150 4.39 -7.79 -25.01
C VAL A 150 5.88 -7.53 -25.28
N LYS A 151 6.33 -7.82 -26.50
CA LYS A 151 7.72 -7.62 -26.87
C LYS A 151 8.02 -6.13 -27.00
N SER A 152 7.11 -5.40 -27.62
CA SER A 152 7.25 -3.97 -27.81
C SER A 152 7.31 -3.26 -26.46
N TYR A 153 6.46 -3.68 -25.53
CA TYR A 153 6.43 -3.06 -24.21
C TYR A 153 7.68 -3.44 -23.41
N ALA A 154 8.21 -4.64 -23.66
CA ALA A 154 9.40 -5.09 -22.96
C ALA A 154 10.60 -4.22 -23.32
N ARG A 155 10.77 -3.95 -24.62
CA ARG A 155 11.87 -3.13 -25.08
C ARG A 155 11.64 -1.67 -24.70
N LEU A 156 10.38 -1.26 -24.66
CA LEU A 156 10.02 0.11 -24.30
C LEU A 156 10.32 0.32 -22.82
N PHE A 157 10.00 -0.68 -22.01
CA PHE A 157 10.26 -0.66 -20.58
C PHE A 157 11.74 -0.40 -20.33
N SER A 158 12.57 -1.14 -21.06
CA SER A 158 14.00 -1.02 -20.96
C SER A 158 14.48 0.36 -21.42
N LYS A 159 13.93 0.83 -22.54
CA LYS A 159 14.31 2.13 -23.07
C LYS A 159 13.94 3.24 -22.10
N SER A 160 12.79 3.10 -21.45
CA SER A 160 12.33 4.07 -20.48
C SER A 160 13.32 4.14 -19.32
N ILE A 161 13.80 2.98 -18.88
CA ILE A 161 14.76 2.92 -17.79
C ILE A 161 16.04 3.62 -18.19
N GLU A 162 16.45 3.44 -19.44
CA GLU A 162 17.67 4.05 -19.97
C GLU A 162 17.68 5.56 -19.75
N THR A 163 16.63 6.23 -20.22
CA THR A 163 16.54 7.68 -20.09
C THR A 163 16.28 8.09 -18.63
N LEU A 164 15.61 7.25 -17.87
CA LEU A 164 15.33 7.56 -16.47
C LEU A 164 16.61 7.49 -15.64
N ARG A 165 17.51 6.59 -16.01
CA ARG A 165 18.77 6.43 -15.31
C ARG A 165 19.58 7.71 -15.39
N VAL A 166 19.78 8.21 -16.60
CA VAL A 166 20.55 9.43 -16.79
C VAL A 166 19.83 10.64 -16.21
N HIS A 167 18.50 10.63 -16.25
CA HIS A 167 17.71 11.72 -15.72
C HIS A 167 17.93 11.88 -14.22
N LEU A 168 18.09 10.75 -13.53
CA LEU A 168 18.35 10.77 -12.09
C LEU A 168 19.79 11.17 -11.82
N ALA A 169 20.71 10.56 -12.58
CA ALA A 169 22.14 10.84 -12.44
C ALA A 169 22.44 12.32 -12.67
N GLU A 170 21.72 12.93 -13.61
CA GLU A 170 21.89 14.34 -13.92
C GLU A 170 21.51 15.22 -12.75
N LYS A 171 20.56 14.76 -11.93
CA LYS A 171 20.12 15.52 -10.77
C LYS A 171 21.18 15.46 -9.68
N GLY A 172 21.73 14.28 -9.48
CA GLY A 172 22.76 14.10 -8.48
C GLY A 172 22.43 12.98 -7.53
N ASP A 173 23.42 12.54 -6.78
CA ASP A 173 23.24 11.47 -5.82
C ASP A 173 22.33 11.91 -4.68
N GLY A 174 21.40 11.05 -4.30
CA GLY A 174 20.48 11.36 -3.22
C GLY A 174 19.22 12.06 -3.71
N ALA A 175 19.14 12.33 -5.01
CA ALA A 175 17.99 13.00 -5.58
C ALA A 175 16.86 12.00 -5.85
N GLU A 176 15.64 12.51 -5.94
CA GLU A 176 14.47 11.67 -6.19
C GLU A 176 13.70 12.20 -7.39
N LEU A 177 13.31 11.30 -8.28
CA LEU A 177 12.55 11.69 -9.46
C LEU A 177 11.06 11.57 -9.20
N ILE A 178 10.38 12.70 -9.23
CA ILE A 178 8.93 12.71 -9.01
C ILE A 178 8.20 12.28 -10.27
N TRP A 179 7.39 11.24 -10.13
CA TRP A 179 6.63 10.72 -11.27
C TRP A 179 5.58 11.72 -11.71
N ASP A 180 5.52 11.95 -13.02
CA ASP A 180 4.55 12.86 -13.59
C ASP A 180 3.98 12.28 -14.87
N LYS A 181 2.72 12.61 -15.15
CA LYS A 181 2.02 12.12 -16.32
C LYS A 181 2.34 13.00 -17.53
N ASP A 182 3.10 14.05 -17.28
CA ASP A 182 3.51 14.98 -18.32
C ASP A 182 4.77 14.49 -19.02
N ASP A 183 5.67 13.92 -18.23
CA ASP A 183 6.93 13.40 -18.75
C ASP A 183 6.73 12.07 -19.46
N PRO A 184 7.00 12.01 -20.77
CA PRO A 184 6.85 10.80 -21.56
C PRO A 184 7.73 9.65 -21.07
N SER A 185 8.90 9.99 -20.51
CA SER A 185 9.83 8.98 -20.01
C SER A 185 9.19 8.17 -18.88
N ALA A 186 8.68 8.86 -17.88
CA ALA A 186 8.05 8.20 -16.74
C ALA A 186 6.70 7.60 -17.15
N MET A 187 6.07 8.20 -18.15
CA MET A 187 4.77 7.73 -18.63
C MET A 187 4.91 6.42 -19.38
N ASP A 188 5.88 6.35 -20.29
CA ASP A 188 6.12 5.14 -21.06
C ASP A 188 6.53 4.01 -20.12
N PHE A 189 7.27 4.37 -19.09
CA PHE A 189 7.75 3.41 -18.09
C PHE A 189 6.58 2.74 -17.38
N VAL A 190 5.71 3.55 -16.79
CA VAL A 190 4.56 3.03 -16.05
C VAL A 190 3.64 2.21 -16.96
N THR A 191 3.52 2.63 -18.22
CA THR A 191 2.67 1.95 -19.18
C THR A 191 3.22 0.56 -19.51
N SER A 192 4.53 0.51 -19.78
CA SER A 192 5.18 -0.74 -20.13
C SER A 192 5.18 -1.71 -18.93
N ALA A 193 5.52 -1.20 -17.75
CA ALA A 193 5.57 -2.02 -16.55
C ALA A 193 4.21 -2.64 -16.24
N ALA A 194 3.16 -1.82 -16.33
CA ALA A 194 1.80 -2.28 -16.06
C ALA A 194 1.35 -3.28 -17.12
N ASN A 195 1.68 -2.99 -18.37
CA ASN A 195 1.30 -3.87 -19.49
C ASN A 195 1.92 -5.25 -19.34
N LEU A 196 3.19 -5.29 -18.94
CA LEU A 196 3.88 -6.56 -18.75
C LEU A 196 3.26 -7.30 -17.58
N ARG A 197 3.00 -6.58 -16.50
CA ARG A 197 2.41 -7.15 -15.29
C ARG A 197 1.03 -7.75 -15.59
N MET A 198 0.20 -7.00 -16.31
CA MET A 198 -1.15 -7.45 -16.63
C MET A 198 -1.11 -8.64 -17.60
N HIS A 199 -0.08 -8.70 -18.45
CA HIS A 199 0.06 -9.79 -19.39
C HIS A 199 0.43 -11.07 -18.66
N ILE A 200 1.22 -10.93 -17.60
CA ILE A 200 1.66 -12.06 -16.78
C ILE A 200 0.46 -12.73 -16.11
N PHE A 201 -0.55 -11.92 -15.77
CA PHE A 201 -1.74 -12.43 -15.10
C PHE A 201 -2.85 -12.75 -16.11
N SER A 202 -2.46 -12.81 -17.39
CA SER A 202 -3.38 -13.13 -18.48
C SER A 202 -4.56 -12.15 -18.56
N MET A 203 -4.27 -10.87 -18.39
CA MET A 203 -5.30 -9.85 -18.46
C MET A 203 -5.12 -9.04 -19.74
N ASN A 204 -6.18 -8.36 -20.16
CA ASN A 204 -6.13 -7.56 -21.38
C ASN A 204 -5.11 -6.43 -21.24
N MET A 205 -4.36 -6.18 -22.30
CA MET A 205 -3.34 -5.14 -22.30
C MET A 205 -3.94 -3.82 -22.74
N LYS A 206 -3.62 -2.75 -22.01
CA LYS A 206 -4.15 -1.43 -22.32
C LYS A 206 -3.16 -0.59 -23.12
N SER A 207 -3.71 0.31 -23.93
CA SER A 207 -2.90 1.20 -24.76
C SER A 207 -2.17 2.23 -23.87
N ARG A 208 -1.20 2.92 -24.45
CA ARG A 208 -0.44 3.92 -23.72
C ARG A 208 -1.32 5.08 -23.27
N PHE A 209 -2.14 5.61 -24.19
CA PHE A 209 -3.04 6.71 -23.86
C PHE A 209 -4.11 6.25 -22.88
N ASP A 210 -4.50 4.99 -23.00
CA ASP A 210 -5.52 4.42 -22.13
C ASP A 210 -5.01 4.36 -20.70
N ILE A 211 -3.76 3.92 -20.54
CA ILE A 211 -3.16 3.83 -19.22
C ILE A 211 -2.85 5.23 -18.68
N LYS A 212 -2.43 6.12 -19.58
CA LYS A 212 -2.10 7.50 -19.20
C LYS A 212 -3.26 8.16 -18.46
N SER A 213 -4.47 7.96 -18.96
CA SER A 213 -5.66 8.54 -18.37
C SER A 213 -5.95 7.95 -16.98
N MET A 214 -5.42 6.77 -16.69
CA MET A 214 -5.63 6.12 -15.40
C MET A 214 -4.46 6.38 -14.46
N ALA A 215 -3.26 6.36 -15.02
CA ALA A 215 -2.05 6.58 -14.24
C ALA A 215 -2.01 8.01 -13.70
N GLY A 216 -2.32 8.97 -14.56
CA GLY A 216 -2.32 10.36 -14.13
C GLY A 216 -3.60 10.74 -13.41
N ASN A 217 -4.73 10.31 -13.97
CA ASN A 217 -6.07 10.59 -13.44
C ASN A 217 -6.21 12.04 -12.93
N MET B 1 13.04 10.84 23.18
CA MET B 1 13.10 11.45 24.53
C MET B 1 12.17 12.65 24.61
N SER B 2 12.02 13.19 25.82
CA SER B 2 11.16 14.35 26.04
C SER B 2 11.60 15.54 25.20
N GLY B 3 10.72 16.52 25.04
CA GLY B 3 11.03 17.68 24.24
C GLY B 3 10.84 17.41 22.76
N ILE B 4 11.64 16.50 22.22
CA ILE B 4 11.58 16.14 20.81
C ILE B 4 10.18 15.66 20.43
N ALA B 5 9.60 14.83 21.30
CA ALA B 5 8.27 14.31 21.08
C ALA B 5 7.24 15.43 21.12
N LEU B 6 7.42 16.34 22.07
CA LEU B 6 6.50 17.46 22.25
C LEU B 6 6.53 18.40 21.05
N SER B 7 7.72 18.60 20.49
CA SER B 7 7.87 19.47 19.33
C SER B 7 7.09 18.93 18.15
N ARG B 8 7.12 17.60 17.98
CA ARG B 8 6.42 16.96 16.90
C ARG B 8 4.91 16.98 17.16
N LEU B 9 4.53 16.74 18.40
CA LEU B 9 3.12 16.75 18.80
C LEU B 9 2.51 18.13 18.56
N ALA B 10 3.29 19.16 18.82
CA ALA B 10 2.83 20.53 18.62
C ALA B 10 2.56 20.79 17.15
N GLN B 11 3.38 20.19 16.29
CA GLN B 11 3.24 20.34 14.85
C GLN B 11 1.96 19.67 14.37
N GLU B 12 1.69 18.47 14.87
CA GLU B 12 0.50 17.72 14.49
C GLU B 12 -0.78 18.49 14.78
N ARG B 13 -0.86 19.07 15.98
CA ARG B 13 -2.05 19.83 16.37
C ARG B 13 -2.22 21.09 15.52
N LYS B 14 -1.11 21.62 15.01
CA LYS B 14 -1.16 22.80 14.17
C LYS B 14 -1.61 22.41 12.77
N ALA B 15 -1.10 21.28 12.30
CA ALA B 15 -1.46 20.77 10.98
C ALA B 15 -2.92 20.37 10.94
N TRP B 16 -3.36 19.70 11.99
CA TRP B 16 -4.74 19.26 12.11
C TRP B 16 -5.68 20.46 12.13
N ARG B 17 -5.25 21.53 12.78
CA ARG B 17 -6.04 22.75 12.87
C ARG B 17 -6.14 23.43 11.51
N LYS B 18 -5.11 23.25 10.68
CA LYS B 18 -5.08 23.84 9.36
C LYS B 18 -5.88 23.01 8.36
N ASP B 19 -5.64 21.71 8.34
CA ASP B 19 -6.35 20.82 7.43
C ASP B 19 -6.64 19.47 8.08
N HIS B 20 -7.92 19.13 8.14
CA HIS B 20 -8.35 17.87 8.72
C HIS B 20 -9.64 17.41 8.04
N PRO B 21 -9.86 16.09 7.94
CA PRO B 21 -11.07 15.55 7.31
C PRO B 21 -12.31 15.95 8.09
N PHE B 22 -13.38 16.27 7.39
CA PHE B 22 -14.63 16.68 8.02
C PHE B 22 -15.23 15.56 8.83
N GLY B 23 -15.57 15.85 10.08
CA GLY B 23 -16.17 14.86 10.95
C GLY B 23 -15.17 14.29 11.93
N PHE B 24 -13.89 14.43 11.60
CA PHE B 24 -12.83 13.91 12.45
C PHE B 24 -12.42 14.94 13.48
N VAL B 25 -12.31 14.51 14.72
CA VAL B 25 -11.92 15.39 15.80
C VAL B 25 -10.66 14.85 16.48
N ALA B 26 -9.75 15.74 16.83
CA ALA B 26 -8.51 15.36 17.49
C ALA B 26 -7.98 16.52 18.31
N VAL B 27 -8.06 16.39 19.63
CA VAL B 27 -7.60 17.44 20.52
C VAL B 27 -6.92 16.83 21.75
N PRO B 28 -5.72 17.33 22.11
CA PRO B 28 -4.98 16.87 23.28
C PRO B 28 -5.79 17.03 24.56
N THR B 29 -5.61 16.11 25.49
CA THR B 29 -6.33 16.14 26.75
C THR B 29 -5.99 17.38 27.56
N LYS B 30 -7.00 18.12 27.96
CA LYS B 30 -6.83 19.32 28.76
C LYS B 30 -6.41 18.93 30.16
N ASN B 31 -5.66 19.79 30.81
CA ASN B 31 -5.20 19.52 32.16
C ASN B 31 -5.45 20.72 33.06
N PRO B 32 -5.57 20.49 34.39
CA PRO B 32 -5.78 21.58 35.35
C PRO B 32 -4.62 22.56 35.34
N ASP B 33 -4.76 23.67 36.08
CA ASP B 33 -3.72 24.71 36.16
C ASP B 33 -3.71 25.57 34.89
N GLY B 34 -4.11 24.98 33.78
CA GLY B 34 -4.15 25.69 32.52
C GLY B 34 -3.26 25.03 31.49
N THR B 35 -2.65 23.92 31.86
CA THR B 35 -1.77 23.19 30.96
C THR B 35 -2.55 22.22 30.09
N MET B 36 -1.85 21.59 29.16
CA MET B 36 -2.47 20.63 28.25
C MET B 36 -1.49 19.49 27.98
N ASN B 37 -1.97 18.26 28.04
CA ASN B 37 -1.13 17.11 27.81
C ASN B 37 -1.14 16.71 26.34
N LEU B 38 -0.03 16.96 25.66
CA LEU B 38 0.11 16.65 24.26
C LEU B 38 0.39 15.17 24.04
N MET B 39 0.69 14.46 25.12
CA MET B 39 1.01 13.03 25.04
C MET B 39 -0.25 12.17 25.12
N ASN B 40 -1.41 12.82 25.05
CA ASN B 40 -2.68 12.10 25.11
C ASN B 40 -3.74 12.91 24.38
N TRP B 41 -4.31 12.33 23.34
CA TRP B 41 -5.33 13.02 22.54
C TRP B 41 -6.67 12.30 22.60
N GLU B 42 -7.74 13.08 22.58
CA GLU B 42 -9.09 12.55 22.57
C GLU B 42 -9.64 12.69 21.16
N CYS B 43 -9.37 11.69 20.33
CA CYS B 43 -9.80 11.74 18.93
C CYS B 43 -11.14 11.04 18.71
N ALA B 44 -11.89 11.54 17.74
CA ALA B 44 -13.18 10.98 17.39
C ALA B 44 -13.22 10.67 15.89
N ILE B 45 -13.74 9.50 15.54
CA ILE B 45 -13.82 9.08 14.17
C ILE B 45 -15.27 8.75 13.78
N PRO B 46 -15.81 9.45 12.78
CA PRO B 46 -17.17 9.22 12.31
C PRO B 46 -17.24 8.06 11.33
N GLY B 47 -18.36 7.37 11.32
CA GLY B 47 -18.53 6.25 10.42
C GLY B 47 -18.43 6.67 8.96
N LYS B 48 -17.73 5.88 8.16
CA LYS B 48 -17.55 6.20 6.75
C LYS B 48 -18.89 6.20 6.03
N LYS B 49 -19.00 7.05 5.02
CA LYS B 49 -20.23 7.18 4.25
C LYS B 49 -20.46 5.93 3.39
N GLY B 50 -21.69 5.45 3.40
CA GLY B 50 -22.05 4.29 2.61
C GLY B 50 -21.62 2.99 3.26
N THR B 51 -21.36 3.04 4.55
CA THR B 51 -20.94 1.86 5.29
C THR B 51 -21.86 1.64 6.48
N PRO B 52 -21.92 0.41 7.05
CA PRO B 52 -22.76 0.12 8.21
C PRO B 52 -22.32 0.87 9.46
N TRP B 53 -21.19 1.57 9.37
CA TRP B 53 -20.66 2.34 10.47
C TRP B 53 -21.12 3.80 10.38
N GLU B 54 -21.70 4.15 9.24
CA GLU B 54 -22.19 5.50 8.99
C GLU B 54 -23.23 5.92 10.02
N GLY B 55 -23.12 7.15 10.49
CA GLY B 55 -24.05 7.66 11.47
C GLY B 55 -23.50 7.59 12.88
N GLY B 56 -22.53 6.71 13.09
CA GLY B 56 -21.95 6.56 14.41
C GLY B 56 -20.71 7.39 14.60
N LEU B 57 -20.56 7.94 15.80
CA LEU B 57 -19.41 8.74 16.15
C LEU B 57 -18.57 7.98 17.17
N PHE B 58 -17.46 7.43 16.73
CA PHE B 58 -16.59 6.65 17.59
C PHE B 58 -15.51 7.52 18.20
N LYS B 59 -14.96 7.08 19.32
CA LYS B 59 -13.92 7.85 20.00
C LYS B 59 -12.80 6.94 20.48
N LEU B 60 -11.57 7.37 20.27
CA LEU B 60 -10.41 6.61 20.69
C LEU B 60 -9.40 7.51 21.37
N ARG B 61 -8.69 6.94 22.34
CA ARG B 61 -7.69 7.67 23.09
C ARG B 61 -6.31 7.40 22.51
N MET B 62 -5.61 8.46 22.15
CA MET B 62 -4.28 8.33 21.56
C MET B 62 -3.22 8.53 22.64
N LEU B 63 -2.45 7.49 22.89
CA LEU B 63 -1.39 7.54 23.90
C LEU B 63 -0.03 7.69 23.24
N PHE B 64 0.71 8.71 23.66
CA PHE B 64 2.04 8.97 23.10
C PHE B 64 3.11 8.77 24.18
N LYS B 65 4.34 8.55 23.75
CA LYS B 65 5.45 8.34 24.67
C LYS B 65 6.59 9.29 24.37
N ASP B 66 7.65 9.24 25.16
CA ASP B 66 8.81 10.10 24.96
C ASP B 66 9.58 9.65 23.71
N ASP B 67 9.32 8.43 23.28
CA ASP B 67 9.99 7.88 22.10
C ASP B 67 9.36 8.41 20.81
N TYR B 68 8.25 9.13 20.93
CA TYR B 68 7.57 9.69 19.77
C TYR B 68 8.46 10.73 19.10
N PRO B 69 8.44 10.84 17.76
CA PRO B 69 7.60 10.04 16.88
C PRO B 69 8.27 8.76 16.37
N SER B 70 9.34 8.34 17.03
CA SER B 70 10.03 7.12 16.64
C SER B 70 9.14 5.91 16.92
N SER B 71 8.40 6.00 18.03
CA SER B 71 7.48 4.94 18.44
C SER B 71 6.06 5.31 18.03
N PRO B 72 5.26 4.31 17.63
CA PRO B 72 3.88 4.54 17.21
C PRO B 72 2.94 4.83 18.39
N PRO B 73 1.97 5.74 18.19
CA PRO B 73 1.00 6.10 19.23
C PRO B 73 -0.05 5.01 19.44
N LYS B 74 -0.14 4.51 20.67
CA LYS B 74 -1.09 3.47 21.00
C LYS B 74 -2.51 4.04 21.02
N CYS B 75 -3.35 3.53 20.15
CA CYS B 75 -4.74 3.98 20.05
C CYS B 75 -5.68 2.98 20.70
N LYS B 76 -6.43 3.44 21.69
CA LYS B 76 -7.38 2.59 22.38
C LYS B 76 -8.77 3.18 22.30
N PHE B 77 -9.72 2.41 21.78
CA PHE B 77 -11.10 2.88 21.66
C PHE B 77 -11.74 3.01 23.03
N GLU B 78 -12.40 4.14 23.25
CA GLU B 78 -13.07 4.41 24.52
C GLU B 78 -14.51 4.86 24.27
N PRO B 79 -15.49 3.96 24.45
CA PRO B 79 -15.28 2.58 24.88
C PRO B 79 -14.89 1.68 23.71
N PRO B 80 -14.40 0.45 24.01
CA PRO B 80 -14.00 -0.51 22.98
C PRO B 80 -15.14 -0.80 22.00
N LEU B 81 -14.79 -1.08 20.75
CA LEU B 81 -15.80 -1.34 19.74
C LEU B 81 -15.76 -2.78 19.25
N PHE B 82 -16.88 -3.23 18.71
CA PHE B 82 -17.01 -4.56 18.16
C PHE B 82 -16.33 -4.61 16.80
N HIS B 83 -15.10 -5.10 16.77
CA HIS B 83 -14.33 -5.16 15.54
C HIS B 83 -13.23 -6.21 15.69
N PRO B 84 -13.12 -7.14 14.72
CA PRO B 84 -12.13 -8.23 14.77
C PRO B 84 -10.67 -7.76 14.84
N ASN B 85 -10.43 -6.48 14.54
CA ASN B 85 -9.07 -5.94 14.56
C ASN B 85 -8.86 -5.08 15.80
N VAL B 86 -9.79 -5.16 16.74
CA VAL B 86 -9.71 -4.41 17.97
C VAL B 86 -9.80 -5.36 19.16
N TYR B 87 -8.85 -5.27 20.07
CA TYR B 87 -8.85 -6.13 21.25
C TYR B 87 -10.00 -5.76 22.17
N PRO B 88 -10.48 -6.71 23.00
CA PRO B 88 -11.58 -6.46 23.94
C PRO B 88 -11.27 -5.32 24.92
N SER B 89 -9.98 -5.01 25.05
CA SER B 89 -9.53 -3.95 25.93
C SER B 89 -9.64 -2.58 25.25
N GLY B 90 -9.87 -2.59 23.95
CA GLY B 90 -9.99 -1.35 23.20
C GLY B 90 -8.78 -1.07 22.33
N THR B 91 -7.72 -1.85 22.52
CA THR B 91 -6.49 -1.68 21.75
C THR B 91 -6.72 -1.93 20.26
N VAL B 92 -6.44 -0.92 19.45
CA VAL B 92 -6.59 -1.02 18.00
C VAL B 92 -5.28 -1.44 17.35
N CYS B 93 -5.29 -2.54 16.64
CA CYS B 93 -4.10 -3.03 15.97
C CYS B 93 -4.13 -2.68 14.48
N LEU B 94 -3.11 -1.99 14.02
CA LEU B 94 -3.00 -1.58 12.63
C LEU B 94 -1.55 -1.71 12.17
N SER B 95 -1.35 -2.12 10.92
CA SER B 95 -0.02 -2.32 10.36
C SER B 95 0.85 -1.06 10.47
N ILE B 96 0.31 0.08 10.06
CA ILE B 96 1.05 1.34 10.11
C ILE B 96 1.12 1.91 11.52
N LEU B 97 0.67 1.13 12.49
CA LEU B 97 0.68 1.56 13.88
C LEU B 97 1.58 0.63 14.70
N GLU B 98 2.42 -0.12 13.99
CA GLU B 98 3.33 -1.07 14.61
C GLU B 98 4.75 -0.83 14.13
N GLU B 99 5.65 -0.57 15.07
CA GLU B 99 7.05 -0.28 14.76
C GLU B 99 7.67 -1.40 13.92
N ASP B 100 7.29 -2.63 14.21
CA ASP B 100 7.82 -3.80 13.51
C ASP B 100 7.21 -3.98 12.13
N LYS B 101 6.13 -3.26 11.84
CA LYS B 101 5.46 -3.40 10.56
C LYS B 101 5.61 -2.15 9.67
N ASP B 102 4.48 -1.59 9.25
CA ASP B 102 4.48 -0.44 8.33
C ASP B 102 4.51 0.91 9.02
N TRP B 103 4.89 0.96 10.29
CA TRP B 103 4.95 2.24 10.99
C TRP B 103 6.12 3.08 10.49
N ARG B 104 5.81 4.28 10.04
CA ARG B 104 6.82 5.21 9.57
C ARG B 104 6.72 6.50 10.37
N PRO B 105 7.81 6.92 11.02
CA PRO B 105 7.83 8.16 11.83
C PRO B 105 7.44 9.41 11.04
N ALA B 106 7.51 9.32 9.72
CA ALA B 106 7.17 10.44 8.85
C ALA B 106 5.66 10.55 8.63
N ILE B 107 4.91 9.62 9.20
CA ILE B 107 3.46 9.62 9.06
C ILE B 107 2.82 10.57 10.07
N THR B 108 1.87 11.36 9.62
CA THR B 108 1.17 12.31 10.47
C THR B 108 -0.06 11.68 11.10
N ILE B 109 -0.54 12.28 12.19
CA ILE B 109 -1.72 11.78 12.89
C ILE B 109 -2.93 11.72 11.96
N LYS B 110 -2.99 12.65 11.01
CA LYS B 110 -4.10 12.72 10.06
C LYS B 110 -4.24 11.41 9.28
N GLN B 111 -3.11 10.83 8.88
CA GLN B 111 -3.13 9.57 8.12
C GLN B 111 -3.52 8.40 9.01
N ILE B 112 -3.12 8.46 10.27
CA ILE B 112 -3.41 7.38 11.22
C ILE B 112 -4.92 7.27 11.45
N LEU B 113 -5.56 8.41 11.72
CA LEU B 113 -6.99 8.44 11.97
C LEU B 113 -7.78 7.92 10.77
N LEU B 114 -7.36 8.31 9.57
CA LEU B 114 -8.01 7.86 8.34
C LEU B 114 -7.88 6.36 8.17
N GLY B 115 -6.69 5.83 8.51
CA GLY B 115 -6.44 4.41 8.40
C GLY B 115 -7.33 3.61 9.31
N ILE B 116 -7.54 4.11 10.52
CA ILE B 116 -8.39 3.43 11.50
C ILE B 116 -9.84 3.40 11.02
N GLN B 117 -10.29 4.50 10.41
CA GLN B 117 -11.65 4.58 9.90
C GLN B 117 -11.85 3.58 8.78
N GLU B 118 -10.85 3.45 7.92
CA GLU B 118 -10.92 2.52 6.81
C GLU B 118 -10.97 1.09 7.32
N LEU B 119 -10.22 0.82 8.37
CA LEU B 119 -10.17 -0.50 8.99
C LEU B 119 -11.55 -0.95 9.45
N LEU B 120 -12.41 0.00 9.77
CA LEU B 120 -13.74 -0.29 10.25
C LEU B 120 -14.55 -1.07 9.21
N ASN B 121 -14.69 -0.50 8.01
CA ASN B 121 -15.45 -1.14 6.96
C ASN B 121 -14.62 -2.19 6.21
N GLU B 122 -13.30 -2.14 6.41
CA GLU B 122 -12.40 -3.08 5.78
C GLU B 122 -11.68 -3.91 6.85
N PRO B 123 -12.39 -4.90 7.43
CA PRO B 123 -11.83 -5.75 8.49
C PRO B 123 -10.78 -6.73 7.96
N ASN B 124 -9.63 -6.73 8.61
CA ASN B 124 -8.54 -7.61 8.24
C ASN B 124 -8.76 -8.98 8.86
N ILE B 125 -8.88 -10.01 8.02
CA ILE B 125 -9.11 -11.37 8.48
C ILE B 125 -7.78 -12.02 8.88
N GLN B 126 -6.69 -11.35 8.56
CA GLN B 126 -5.36 -11.84 8.88
C GLN B 126 -5.05 -11.66 10.37
N ASP B 127 -5.26 -10.43 10.86
CA ASP B 127 -4.99 -10.12 12.27
C ASP B 127 -6.26 -10.23 13.11
N PRO B 128 -6.39 -11.31 13.89
CA PRO B 128 -7.54 -11.55 14.75
C PRO B 128 -7.33 -11.07 16.19
N ALA B 129 -7.80 -9.86 16.48
CA ALA B 129 -7.68 -9.28 17.80
C ALA B 129 -8.91 -9.58 18.65
N GLN B 130 -10.06 -9.62 18.01
CA GLN B 130 -11.32 -9.91 18.70
C GLN B 130 -11.87 -11.25 18.21
N ALA B 131 -11.67 -12.29 19.01
CA ALA B 131 -12.11 -13.64 18.66
C ALA B 131 -13.60 -13.70 18.32
N GLU B 132 -14.43 -13.07 19.14
CA GLU B 132 -15.87 -13.08 18.93
C GLU B 132 -16.24 -12.53 17.56
N ALA B 133 -15.84 -11.28 17.31
CA ALA B 133 -16.13 -10.63 16.04
C ALA B 133 -15.50 -11.38 14.87
N TYR B 134 -14.30 -11.90 15.10
CA TYR B 134 -13.57 -12.65 14.08
C TYR B 134 -14.36 -13.88 13.65
N THR B 135 -14.87 -14.63 14.63
CA THR B 135 -15.61 -15.83 14.36
C THR B 135 -16.92 -15.52 13.63
N ILE B 136 -17.67 -14.57 14.16
CA ILE B 136 -18.95 -14.17 13.56
C ILE B 136 -18.77 -13.66 12.13
N TYR B 137 -17.73 -12.86 11.93
CA TYR B 137 -17.44 -12.27 10.61
C TYR B 137 -17.16 -13.34 9.56
N CYS B 138 -16.66 -14.49 10.00
CA CYS B 138 -16.32 -15.57 9.06
C CYS B 138 -17.45 -16.60 8.91
N GLN B 139 -18.29 -16.73 9.92
CA GLN B 139 -19.37 -17.72 9.84
C GLN B 139 -20.68 -17.11 9.33
N ASN B 140 -20.97 -15.87 9.72
CA ASN B 140 -22.21 -15.23 9.30
C ASN B 140 -22.03 -13.73 9.15
N ARG B 141 -21.87 -13.30 7.91
CA ARG B 141 -21.68 -11.88 7.62
C ARG B 141 -22.92 -11.07 7.98
N VAL B 142 -24.08 -11.69 7.84
CA VAL B 142 -25.35 -11.03 8.15
C VAL B 142 -25.43 -10.70 9.64
N GLU B 143 -25.04 -11.65 10.48
CA GLU B 143 -25.07 -11.48 11.92
C GLU B 143 -24.09 -10.38 12.34
N TYR B 144 -23.02 -10.24 11.57
CA TYR B 144 -22.01 -9.23 11.84
C TYR B 144 -22.57 -7.85 11.51
N GLU B 145 -23.26 -7.75 10.38
CA GLU B 145 -23.86 -6.50 9.93
C GLU B 145 -24.83 -5.95 10.97
N LYS B 146 -25.69 -6.81 11.49
CA LYS B 146 -26.68 -6.41 12.48
C LYS B 146 -26.03 -5.74 13.69
N ARG B 147 -24.94 -6.35 14.17
CA ARG B 147 -24.22 -5.83 15.33
C ARG B 147 -23.57 -4.48 15.03
N VAL B 148 -22.93 -4.38 13.86
CA VAL B 148 -22.28 -3.15 13.45
C VAL B 148 -23.29 -2.01 13.34
N ARG B 149 -24.42 -2.30 12.72
CA ARG B 149 -25.47 -1.30 12.53
C ARG B 149 -26.00 -0.81 13.88
N ALA B 150 -26.21 -1.74 14.80
CA ALA B 150 -26.70 -1.39 16.13
C ALA B 150 -25.69 -0.52 16.85
N GLN B 151 -24.41 -0.85 16.68
CA GLN B 151 -23.32 -0.12 17.30
C GLN B 151 -23.26 1.32 16.77
N ALA B 152 -23.38 1.47 15.46
CA ALA B 152 -23.36 2.77 14.83
C ALA B 152 -24.53 3.63 15.31
N LYS B 153 -25.71 3.01 15.42
CA LYS B 153 -26.90 3.72 15.89
C LYS B 153 -26.77 4.11 17.35
N LYS B 154 -26.02 3.31 18.10
CA LYS B 154 -25.81 3.54 19.52
C LYS B 154 -24.83 4.70 19.73
N PHE B 155 -23.88 4.84 18.82
CA PHE B 155 -22.88 5.89 18.90
C PHE B 155 -23.27 7.10 18.06
N ALA B 156 -24.51 7.09 17.56
CA ALA B 156 -25.00 8.18 16.73
C ALA B 156 -25.16 9.45 17.57
N PRO B 157 -24.63 10.59 17.08
CA PRO B 157 -24.71 11.87 17.78
C PRO B 157 -26.16 12.26 18.09
N SER B 158 -26.50 12.21 19.36
CA SER B 158 -27.84 12.55 19.80
C SER B 158 -27.79 13.76 20.73
N THR A 1 -15.45 10.10 -3.90
CA THR A 1 -14.01 10.07 -3.57
C THR A 1 -13.32 8.93 -4.32
N GLN A 2 -12.08 9.14 -4.71
CA GLN A 2 -11.33 8.11 -5.43
C GLN A 2 -11.18 6.87 -4.54
N ARG A 3 -11.41 5.70 -5.12
CA ARG A 3 -11.31 4.47 -4.36
C ARG A 3 -9.85 4.05 -4.18
N THR A 4 -9.43 4.02 -2.93
CA THR A 4 -8.07 3.63 -2.59
C THR A 4 -7.85 2.15 -2.87
N PHE A 5 -6.83 1.84 -3.68
CA PHE A 5 -6.52 0.47 -4.01
C PHE A 5 -5.56 -0.12 -2.99
N PRO A 6 -6.01 -1.12 -2.22
CA PRO A 6 -5.18 -1.78 -1.19
C PRO A 6 -3.88 -2.32 -1.78
N GLY A 7 -2.77 -2.05 -1.09
CA GLY A 7 -1.46 -2.49 -1.54
C GLY A 7 -1.37 -4.00 -1.70
N CYS A 8 -2.17 -4.72 -0.90
CA CYS A 8 -2.18 -6.18 -0.97
C CYS A 8 -2.62 -6.67 -2.34
N THR A 9 -3.76 -6.17 -2.81
CA THR A 9 -4.29 -6.57 -4.10
C THR A 9 -3.44 -5.99 -5.23
N ILE A 10 -2.62 -5.00 -4.91
CA ILE A 10 -1.75 -4.39 -5.89
C ILE A 10 -0.53 -5.28 -6.11
N ARG A 11 0.05 -5.75 -5.02
CA ARG A 11 1.24 -6.61 -5.08
C ARG A 11 0.87 -8.05 -5.40
N ASN A 12 -0.28 -8.49 -4.91
CA ASN A 12 -0.72 -9.87 -5.14
C ASN A 12 -1.54 -10.01 -6.42
N THR A 13 -2.86 -10.12 -6.27
CA THR A 13 -3.75 -10.30 -7.42
C THR A 13 -4.42 -9.01 -7.87
N PRO A 14 -3.97 -8.43 -8.99
CA PRO A 14 -4.56 -7.22 -9.55
C PRO A 14 -5.66 -7.57 -10.56
N SER A 15 -6.90 -7.34 -10.16
CA SER A 15 -8.04 -7.65 -11.01
C SER A 15 -8.09 -6.74 -12.25
N GLU A 16 -8.61 -5.54 -12.07
CA GLU A 16 -8.73 -4.57 -13.14
C GLU A 16 -7.36 -4.06 -13.58
N PRO A 17 -7.17 -3.87 -14.89
CA PRO A 17 -5.91 -3.38 -15.47
C PRO A 17 -5.35 -2.16 -14.74
N ILE A 18 -6.24 -1.31 -14.23
CA ILE A 18 -5.84 -0.11 -13.50
C ILE A 18 -4.96 -0.45 -12.29
N HIS A 19 -5.15 -1.64 -11.73
CA HIS A 19 -4.37 -2.07 -10.58
C HIS A 19 -2.92 -2.31 -10.98
N CYS A 20 -2.73 -2.72 -12.22
CA CYS A 20 -1.38 -2.97 -12.74
C CYS A 20 -0.69 -1.64 -13.00
N ILE A 21 -1.47 -0.65 -13.40
CA ILE A 21 -0.95 0.68 -13.68
C ILE A 21 -0.50 1.35 -12.38
N VAL A 22 -1.30 1.19 -11.34
CA VAL A 22 -0.98 1.75 -10.03
C VAL A 22 0.30 1.10 -9.50
N TRP A 23 0.42 -0.20 -9.76
CA TRP A 23 1.60 -0.95 -9.35
C TRP A 23 2.84 -0.37 -10.01
N ALA A 24 2.72 -0.07 -11.30
CA ALA A 24 3.82 0.50 -12.06
C ALA A 24 4.20 1.87 -11.52
N LYS A 25 3.20 2.63 -11.09
CA LYS A 25 3.43 3.96 -10.53
C LYS A 25 4.23 3.83 -9.23
N TYR A 26 3.89 2.83 -8.42
CA TYR A 26 4.60 2.59 -7.18
C TYR A 26 6.02 2.12 -7.49
N LEU A 27 6.13 1.28 -8.51
CA LEU A 27 7.42 0.75 -8.95
C LEU A 27 8.39 1.89 -9.24
N PHE A 28 7.91 2.89 -9.98
CA PHE A 28 8.71 4.05 -10.33
C PHE A 28 9.15 4.79 -9.06
N ASN A 29 8.22 4.96 -8.14
CA ASN A 29 8.49 5.66 -6.89
C ASN A 29 9.47 4.89 -6.00
N GLN A 30 9.39 3.58 -6.05
CA GLN A 30 10.26 2.73 -5.22
C GLN A 30 11.62 2.52 -5.87
N LEU A 31 11.83 3.11 -7.05
CA LEU A 31 13.11 2.96 -7.74
C LEU A 31 13.78 4.32 -7.92
N PHE A 32 12.99 5.34 -8.23
CA PHE A 32 13.53 6.67 -8.45
C PHE A 32 12.92 7.71 -7.50
N GLY A 33 11.68 7.49 -7.10
CA GLY A 33 10.99 8.43 -6.22
C GLY A 33 11.23 8.15 -4.75
N GLU A 34 10.21 8.38 -3.94
CA GLU A 34 10.31 8.17 -2.50
C GLU A 34 9.93 6.74 -2.13
N GLU A 35 10.72 6.16 -1.23
CA GLU A 35 10.50 4.78 -0.80
C GLU A 35 9.43 4.70 0.28
N ASP A 36 8.68 3.62 0.28
CA ASP A 36 7.61 3.41 1.24
C ASP A 36 7.45 1.92 1.52
N ALA A 37 7.34 1.55 2.79
CA ALA A 37 7.22 0.15 3.18
C ALA A 37 5.85 -0.42 2.83
N ASP A 38 4.83 0.41 2.83
CA ASP A 38 3.48 -0.04 2.51
C ASP A 38 3.26 -0.05 1.00
N GLN A 39 3.73 1.00 0.33
CA GLN A 39 3.59 1.12 -1.12
C GLN A 39 4.75 0.41 -1.83
N GLU A 40 5.32 -0.61 -1.17
CA GLU A 40 6.42 -1.38 -1.74
C GLU A 40 5.95 -2.10 -3.01
N VAL A 41 6.89 -2.32 -3.92
CA VAL A 41 6.56 -2.97 -5.19
C VAL A 41 6.94 -4.45 -5.20
N SER A 42 7.98 -4.82 -4.45
CA SER A 42 8.43 -6.20 -4.41
C SER A 42 7.50 -7.06 -3.56
N PRO A 43 7.32 -8.34 -3.93
CA PRO A 43 6.48 -9.28 -3.19
C PRO A 43 6.92 -9.36 -1.74
N ASP A 44 5.97 -9.15 -0.83
CA ASP A 44 6.27 -9.17 0.60
C ASP A 44 6.55 -10.58 1.10
N ARG A 45 7.22 -10.66 2.23
CA ARG A 45 7.55 -11.93 2.84
C ARG A 45 6.48 -12.28 3.87
N ALA A 46 5.77 -11.26 4.32
CA ALA A 46 4.70 -11.43 5.29
C ALA A 46 3.35 -11.42 4.58
N ASP A 47 3.29 -12.15 3.46
CA ASP A 47 2.08 -12.25 2.65
C ASP A 47 0.89 -12.72 3.49
N PRO A 48 -0.27 -12.04 3.36
CA PRO A 48 -1.49 -12.37 4.11
C PRO A 48 -2.03 -13.78 3.86
N GLU A 49 -1.59 -14.42 2.77
CA GLU A 49 -2.06 -15.77 2.45
C GLU A 49 -1.16 -16.83 3.08
N ALA A 50 -0.24 -16.40 3.93
CA ALA A 50 0.66 -17.32 4.61
C ALA A 50 0.04 -17.78 5.93
N ALA A 51 0.89 -18.14 6.88
CA ALA A 51 0.41 -18.61 8.17
C ALA A 51 0.91 -17.74 9.32
N TRP A 52 0.14 -16.73 9.66
CA TRP A 52 0.49 -15.82 10.74
C TRP A 52 -0.59 -15.83 11.81
N GLU A 53 -0.18 -15.72 13.07
CA GLU A 53 -1.12 -15.72 14.17
C GLU A 53 -1.98 -14.45 14.18
N PRO A 54 -1.38 -13.23 14.18
CA PRO A 54 0.06 -13.00 14.23
C PRO A 54 0.54 -12.58 15.63
N THR A 55 0.65 -11.28 15.87
CA THR A 55 1.09 -10.78 17.16
C THR A 55 -0.10 -10.52 18.07
N GLU A 56 -0.45 -11.51 18.87
CA GLU A 56 -1.56 -11.39 19.79
C GLU A 56 -1.09 -10.77 21.09
N ALA A 57 -1.90 -9.84 21.60
CA ALA A 57 -1.62 -9.12 22.85
C ALA A 57 -0.60 -8.00 22.63
N GLU A 58 -1.09 -6.77 22.69
CA GLU A 58 -0.26 -5.58 22.48
C GLU A 58 0.81 -5.47 23.57
N ALA A 59 0.46 -5.91 24.77
CA ALA A 59 1.39 -5.86 25.90
C ALA A 59 2.42 -6.98 25.83
N ARG A 60 2.46 -7.66 24.69
CA ARG A 60 3.41 -8.76 24.48
C ARG A 60 4.41 -8.39 23.39
N ALA A 61 4.51 -7.10 23.10
CA ALA A 61 5.44 -6.60 22.09
C ALA A 61 6.88 -6.95 22.47
N ARG A 62 7.55 -7.68 21.59
CA ARG A 62 8.93 -8.08 21.84
C ARG A 62 9.89 -6.91 21.62
N ALA A 63 10.39 -6.36 22.71
CA ALA A 63 11.34 -5.26 22.64
C ALA A 63 12.71 -5.81 22.24
N SER A 64 13.27 -5.26 21.18
CA SER A 64 14.56 -5.73 20.70
C SER A 64 15.54 -4.57 20.55
N ASN A 65 16.75 -4.89 20.06
CA ASN A 65 17.78 -3.87 19.86
C ASN A 65 17.45 -3.05 18.62
N GLU A 66 16.58 -3.59 17.79
CA GLU A 66 16.15 -2.94 16.56
C GLU A 66 15.06 -1.90 16.86
N ASP A 67 14.61 -1.87 18.10
CA ASP A 67 13.55 -0.95 18.55
C ASP A 67 13.91 0.49 18.19
N GLY A 68 13.11 1.08 17.33
CA GLY A 68 13.32 2.43 16.88
C GLY A 68 13.12 2.54 15.39
N ASP A 69 13.47 1.45 14.70
CA ASP A 69 13.35 1.33 13.26
C ASP A 69 13.95 0.01 12.80
N ILE A 70 13.16 -1.05 12.86
CA ILE A 70 13.62 -2.38 12.46
C ILE A 70 13.93 -2.43 10.96
N LYS A 71 14.49 -3.54 10.50
CA LYS A 71 14.84 -3.71 9.10
C LYS A 71 13.59 -3.74 8.22
N ARG A 72 13.40 -2.67 7.47
CA ARG A 72 12.26 -2.56 6.57
C ARG A 72 12.67 -2.97 5.16
N ILE A 73 11.69 -3.32 4.33
CA ILE A 73 11.96 -3.72 2.95
C ILE A 73 12.49 -2.53 2.15
N SER A 74 13.44 -2.77 1.27
CA SER A 74 14.01 -1.72 0.44
C SER A 74 14.49 -2.27 -0.90
N THR A 75 13.65 -2.16 -1.93
CA THR A 75 13.97 -2.64 -3.25
C THR A 75 14.85 -1.62 -4.00
N LYS A 76 14.72 -0.36 -3.60
CA LYS A 76 15.50 0.73 -4.20
C LYS A 76 16.99 0.45 -4.10
N GLU A 77 17.40 -0.14 -2.99
CA GLU A 77 18.79 -0.47 -2.75
C GLU A 77 19.32 -1.45 -3.81
N TRP A 78 18.54 -2.49 -4.07
CA TRP A 78 18.92 -3.49 -5.05
C TRP A 78 19.02 -2.88 -6.44
N ALA A 79 18.04 -2.07 -6.80
CA ALA A 79 18.00 -1.43 -8.11
C ALA A 79 19.21 -0.52 -8.33
N LYS A 80 19.59 0.22 -7.30
CA LYS A 80 20.73 1.12 -7.39
C LYS A 80 22.03 0.33 -7.44
N SER A 81 22.11 -0.74 -6.67
CA SER A 81 23.31 -1.58 -6.64
C SER A 81 23.56 -2.26 -7.98
N THR A 82 22.47 -2.61 -8.67
CA THR A 82 22.59 -3.27 -9.97
C THR A 82 22.82 -2.24 -11.07
N GLY A 83 22.69 -0.97 -10.72
CA GLY A 83 22.88 0.10 -11.68
C GLY A 83 21.68 0.29 -12.58
N TYR A 84 20.51 -0.08 -12.06
CA TYR A 84 19.25 0.04 -12.79
C TYR A 84 19.33 -0.71 -14.12
N ASP A 85 19.75 -1.95 -14.06
CA ASP A 85 19.88 -2.77 -15.27
C ASP A 85 18.52 -3.30 -15.70
N PRO A 86 18.09 -2.96 -16.93
CA PRO A 86 16.80 -3.38 -17.48
C PRO A 86 16.59 -4.89 -17.42
N VAL A 87 17.59 -5.65 -17.85
CA VAL A 87 17.51 -7.11 -17.87
C VAL A 87 17.31 -7.67 -16.47
N LYS A 88 18.12 -7.20 -15.53
CA LYS A 88 18.03 -7.64 -14.14
C LYS A 88 16.66 -7.33 -13.55
N LEU A 89 16.22 -6.09 -13.72
CA LEU A 89 14.93 -5.66 -13.20
C LEU A 89 13.78 -6.45 -13.85
N PHE A 90 13.88 -6.66 -15.16
CA PHE A 90 12.87 -7.38 -15.91
C PHE A 90 12.77 -8.84 -15.46
N THR A 91 13.91 -9.54 -15.44
CA THR A 91 13.93 -10.94 -15.05
C THR A 91 13.56 -11.14 -13.57
N LYS A 92 13.61 -10.06 -12.82
CA LYS A 92 13.28 -10.12 -11.40
C LYS A 92 11.78 -9.93 -11.18
N LEU A 93 11.30 -8.73 -11.43
CA LEU A 93 9.89 -8.38 -11.20
C LEU A 93 8.92 -9.15 -12.11
N PHE A 94 9.31 -9.37 -13.36
CA PHE A 94 8.42 -10.03 -14.30
C PHE A 94 8.71 -11.53 -14.44
N LYS A 95 9.45 -12.09 -13.51
CA LYS A 95 9.75 -13.52 -13.58
C LYS A 95 10.01 -14.13 -12.21
N ASP A 96 11.16 -13.81 -11.62
CA ASP A 96 11.55 -14.35 -10.32
C ASP A 96 10.56 -13.98 -9.21
N ASP A 97 10.06 -12.75 -9.27
CA ASP A 97 9.13 -12.28 -8.25
C ASP A 97 7.78 -12.97 -8.36
N ILE A 98 7.25 -13.10 -9.57
CA ILE A 98 5.96 -13.77 -9.75
C ILE A 98 6.12 -15.26 -9.49
N ARG A 99 7.32 -15.78 -9.73
CA ARG A 99 7.63 -17.18 -9.47
C ARG A 99 7.48 -17.45 -7.97
N TYR A 100 7.96 -16.51 -7.18
CA TYR A 100 7.88 -16.59 -5.72
C TYR A 100 6.41 -16.43 -5.30
N LEU A 101 5.67 -15.64 -6.06
CA LEU A 101 4.26 -15.41 -5.77
C LEU A 101 3.45 -16.66 -6.11
N LEU A 102 4.01 -17.51 -6.96
CA LEU A 102 3.36 -18.74 -7.37
C LEU A 102 3.40 -19.77 -6.25
N THR A 103 4.25 -19.53 -5.26
CA THR A 103 4.39 -20.42 -4.11
C THR A 103 3.11 -20.38 -3.26
N MET A 104 2.31 -19.34 -3.43
CA MET A 104 1.07 -19.20 -2.69
C MET A 104 -0.03 -20.03 -3.34
N ASP A 105 -0.07 -21.30 -2.95
CA ASP A 105 -1.05 -22.25 -3.48
C ASP A 105 -2.47 -21.82 -3.14
N LYS A 106 -2.64 -21.17 -1.99
CA LYS A 106 -3.93 -20.71 -1.55
C LYS A 106 -4.37 -19.44 -2.27
N LEU A 107 -3.49 -18.90 -3.09
CA LEU A 107 -3.80 -17.68 -3.83
C LEU A 107 -4.18 -18.00 -5.27
N TRP A 108 -3.64 -19.10 -5.80
CA TRP A 108 -3.92 -19.49 -7.17
C TRP A 108 -4.74 -20.77 -7.21
N ARG A 109 -6.05 -20.62 -7.12
CA ARG A 109 -6.97 -21.75 -7.15
C ARG A 109 -8.19 -21.41 -8.00
N LYS A 110 -8.78 -20.25 -7.72
CA LYS A 110 -9.96 -19.79 -8.45
C LYS A 110 -9.53 -18.95 -9.65
N ARG A 111 -8.44 -18.24 -9.50
CA ARG A 111 -7.91 -17.39 -10.56
C ARG A 111 -6.70 -18.06 -11.19
N LYS A 112 -6.59 -17.95 -12.51
CA LYS A 112 -5.48 -18.54 -13.25
C LYS A 112 -4.16 -17.91 -12.81
N PRO A 113 -3.16 -18.74 -12.47
CA PRO A 113 -1.84 -18.29 -12.05
C PRO A 113 -1.10 -17.55 -13.17
N PRO A 114 -0.24 -16.59 -12.81
CA PRO A 114 0.53 -15.80 -13.77
C PRO A 114 1.67 -16.60 -14.41
N VAL A 115 2.10 -16.15 -15.58
CA VAL A 115 3.18 -16.81 -16.30
C VAL A 115 4.46 -15.97 -16.24
N PRO A 116 5.60 -16.61 -15.94
CA PRO A 116 6.89 -15.91 -15.86
C PRO A 116 7.37 -15.43 -17.23
N LEU A 117 7.80 -14.19 -17.29
CA LEU A 117 8.29 -13.61 -18.53
C LEU A 117 9.80 -13.42 -18.48
N ASP A 118 10.52 -14.21 -19.24
CA ASP A 118 11.97 -14.12 -19.28
C ASP A 118 12.38 -13.15 -20.37
N TRP A 119 13.39 -12.33 -20.08
CA TRP A 119 13.89 -11.34 -21.04
C TRP A 119 14.34 -11.99 -22.34
N ALA A 120 14.93 -13.16 -22.25
CA ALA A 120 15.42 -13.85 -23.43
C ALA A 120 14.28 -14.47 -24.22
N GLU A 121 13.33 -15.07 -23.50
CA GLU A 121 12.18 -15.70 -24.12
C GLU A 121 11.28 -14.68 -24.80
N VAL A 122 11.14 -13.51 -24.19
CA VAL A 122 10.30 -12.47 -24.76
C VAL A 122 10.95 -11.87 -26.01
N GLN A 123 12.28 -11.79 -26.03
CA GLN A 123 12.99 -11.24 -27.18
C GLN A 123 12.97 -12.23 -28.33
N SER A 124 12.61 -13.47 -28.02
CA SER A 124 12.54 -14.52 -29.02
C SER A 124 11.11 -15.05 -29.15
N GLN A 125 10.15 -14.17 -28.91
CA GLN A 125 8.74 -14.52 -29.00
C GLN A 125 8.31 -14.71 -30.45
N GLY A 126 7.88 -15.92 -30.78
CA GLY A 126 7.44 -16.20 -32.13
C GLY A 126 5.94 -16.17 -32.27
N GLU A 127 5.25 -16.57 -31.22
CA GLU A 127 3.80 -16.58 -31.22
C GLU A 127 3.25 -15.16 -31.11
N GLU A 128 2.48 -14.75 -32.12
CA GLU A 128 1.89 -13.41 -32.14
C GLU A 128 0.69 -13.40 -33.08
N THR A 129 0.96 -13.47 -34.38
CA THR A 129 -0.09 -13.47 -35.37
C THR A 129 -0.22 -14.86 -36.01
N ASN A 130 0.46 -15.05 -37.13
CA ASN A 130 0.44 -16.33 -37.83
C ASN A 130 1.87 -16.84 -38.01
N ALA A 131 2.70 -16.03 -38.66
CA ALA A 131 4.08 -16.41 -38.89
C ALA A 131 4.90 -16.21 -37.62
N SER A 132 5.06 -14.96 -37.22
CA SER A 132 5.81 -14.62 -36.02
C SER A 132 5.52 -13.20 -35.60
N ASP A 133 6.32 -12.66 -34.68
CA ASP A 133 6.14 -11.30 -34.18
C ASP A 133 6.46 -10.27 -35.27
N GLN A 134 7.09 -10.72 -36.35
CA GLN A 134 7.44 -9.83 -37.45
C GLN A 134 6.22 -9.54 -38.31
N GLN A 135 5.11 -10.20 -38.00
CA GLN A 135 3.88 -10.03 -38.73
C GLN A 135 2.82 -9.43 -37.83
N ASN A 136 2.14 -8.39 -38.31
CA ASN A 136 1.10 -7.74 -37.54
C ASN A 136 0.15 -7.01 -38.47
N GLU A 137 -1.14 -7.00 -38.13
CA GLU A 137 -2.14 -6.33 -38.95
C GLU A 137 -2.03 -4.82 -38.76
N PRO A 138 -1.74 -4.07 -39.84
CA PRO A 138 -1.60 -2.62 -39.81
C PRO A 138 -2.84 -1.93 -39.24
N GLN A 139 -2.71 -1.42 -38.02
CA GLN A 139 -3.80 -0.73 -37.36
C GLN A 139 -3.76 0.76 -37.71
N LEU A 140 -4.87 1.29 -38.21
CA LEU A 140 -4.94 2.69 -38.58
C LEU A 140 -5.56 3.49 -37.45
N GLY A 141 -4.93 4.61 -37.12
CA GLY A 141 -5.42 5.47 -36.06
C GLY A 141 -4.29 6.20 -35.37
N LEU A 142 -4.59 6.79 -34.22
CA LEU A 142 -3.57 7.51 -33.47
C LEU A 142 -2.54 6.53 -32.92
N LYS A 143 -1.29 6.76 -33.26
CA LYS A 143 -0.19 5.89 -32.86
C LYS A 143 -0.12 5.68 -31.34
N ASP A 144 -0.35 6.76 -30.59
CA ASP A 144 -0.29 6.69 -29.14
C ASP A 144 -1.47 5.90 -28.56
N GLN A 145 -2.52 5.73 -29.36
CA GLN A 145 -3.70 5.00 -28.93
C GLN A 145 -3.71 3.59 -29.48
N GLN A 146 -2.59 3.17 -30.07
CA GLN A 146 -2.49 1.83 -30.62
C GLN A 146 -1.82 0.89 -29.63
N VAL A 147 -2.37 -0.30 -29.48
CA VAL A 147 -1.82 -1.29 -28.57
C VAL A 147 -0.70 -2.06 -29.24
N LEU A 148 0.43 -2.18 -28.54
CA LEU A 148 1.58 -2.88 -29.08
C LEU A 148 1.60 -4.33 -28.61
N ASP A 149 2.79 -4.94 -28.55
CA ASP A 149 2.92 -6.33 -28.13
C ASP A 149 3.86 -6.42 -26.92
N VAL A 150 4.03 -7.62 -26.40
CA VAL A 150 4.88 -7.85 -25.23
C VAL A 150 6.35 -7.49 -25.50
N LYS A 151 6.82 -7.70 -26.72
CA LYS A 151 8.21 -7.39 -27.07
C LYS A 151 8.46 -5.90 -27.08
N SER A 152 7.55 -5.16 -27.70
CA SER A 152 7.68 -3.72 -27.81
C SER A 152 7.65 -3.04 -26.44
N TYR A 153 6.73 -3.47 -25.59
CA TYR A 153 6.63 -2.90 -24.25
C TYR A 153 7.84 -3.28 -23.42
N ALA A 154 8.40 -4.46 -23.69
CA ALA A 154 9.57 -4.93 -22.96
C ALA A 154 10.80 -4.08 -23.31
N ARG A 155 11.00 -3.84 -24.60
CA ARG A 155 12.13 -3.02 -25.03
C ARG A 155 11.91 -1.56 -24.67
N LEU A 156 10.65 -1.15 -24.59
CA LEU A 156 10.32 0.21 -24.21
C LEU A 156 10.62 0.42 -22.74
N PHE A 157 10.26 -0.58 -21.94
CA PHE A 157 10.51 -0.55 -20.50
C PHE A 157 11.99 -0.38 -20.24
N SER A 158 12.79 -1.16 -20.96
CA SER A 158 14.23 -1.13 -20.83
C SER A 158 14.79 0.25 -21.21
N LYS A 159 14.31 0.79 -22.32
CA LYS A 159 14.78 2.10 -22.79
C LYS A 159 14.39 3.19 -21.81
N SER A 160 13.20 3.04 -21.21
CA SER A 160 12.70 4.00 -20.24
C SER A 160 13.62 4.05 -19.02
N ILE A 161 14.14 2.90 -18.62
CA ILE A 161 15.04 2.84 -17.48
C ILE A 161 16.35 3.55 -17.80
N GLU A 162 16.81 3.38 -19.04
CA GLU A 162 18.06 4.00 -19.48
C GLU A 162 17.99 5.52 -19.37
N THR A 163 16.92 6.12 -19.88
CA THR A 163 16.76 7.57 -19.82
C THR A 163 16.48 8.04 -18.39
N LEU A 164 15.80 7.21 -17.61
CA LEU A 164 15.50 7.58 -16.22
C LEU A 164 16.74 7.52 -15.35
N ARG A 165 17.60 6.54 -15.62
CA ARG A 165 18.85 6.37 -14.87
C ARG A 165 19.67 7.65 -14.89
N VAL A 166 19.98 8.12 -16.10
CA VAL A 166 20.77 9.34 -16.24
C VAL A 166 20.01 10.55 -15.70
N HIS A 167 18.70 10.54 -15.83
CA HIS A 167 17.87 11.64 -15.35
C HIS A 167 17.98 11.77 -13.83
N LEU A 168 18.19 10.64 -13.16
CA LEU A 168 18.34 10.62 -11.71
C LEU A 168 19.77 10.97 -11.34
N ALA A 169 20.72 10.44 -12.11
CA ALA A 169 22.14 10.67 -11.89
C ALA A 169 22.50 12.15 -12.05
N GLU A 170 21.84 12.81 -13.01
CA GLU A 170 22.09 14.23 -13.27
C GLU A 170 21.58 15.09 -12.12
N LYS A 171 20.65 14.55 -11.32
CA LYS A 171 20.11 15.26 -10.19
C LYS A 171 21.09 15.23 -9.03
N GLY A 172 21.80 14.12 -8.90
CA GLY A 172 22.77 13.98 -7.84
C GLY A 172 22.39 12.88 -6.88
N ASP A 173 23.30 12.56 -5.95
CA ASP A 173 23.04 11.53 -4.97
C ASP A 173 22.09 12.05 -3.90
N GLY A 174 21.20 11.18 -3.43
CA GLY A 174 20.24 11.59 -2.42
C GLY A 174 19.01 12.24 -3.00
N ALA A 175 19.00 12.40 -4.32
CA ALA A 175 17.88 13.02 -5.02
C ALA A 175 16.87 11.97 -5.45
N GLU A 176 15.62 12.38 -5.58
CA GLU A 176 14.55 11.48 -5.98
C GLU A 176 13.76 12.09 -7.13
N LEU A 177 13.39 11.25 -8.09
CA LEU A 177 12.64 11.71 -9.25
C LEU A 177 11.15 11.69 -8.98
N ILE A 178 10.49 12.79 -9.29
CA ILE A 178 9.05 12.90 -9.09
C ILE A 178 8.34 12.42 -10.35
N TRP A 179 7.31 11.59 -10.19
CA TRP A 179 6.58 11.07 -11.33
C TRP A 179 5.59 12.10 -11.87
N ASP A 180 5.38 12.07 -13.18
CA ASP A 180 4.45 12.96 -13.82
C ASP A 180 3.85 12.27 -15.05
N LYS A 181 2.85 12.89 -15.63
CA LYS A 181 2.19 12.32 -16.80
C LYS A 181 2.55 13.12 -18.05
N ASP A 182 3.35 14.15 -17.89
CA ASP A 182 3.77 14.99 -19.01
C ASP A 182 5.14 14.57 -19.53
N ASP A 183 5.91 13.90 -18.68
CA ASP A 183 7.24 13.44 -19.06
C ASP A 183 7.18 12.12 -19.81
N PRO A 184 7.73 12.08 -21.03
CA PRO A 184 7.73 10.87 -21.87
C PRO A 184 8.39 9.67 -21.20
N SER A 185 9.55 9.88 -20.59
CA SER A 185 10.29 8.81 -19.94
C SER A 185 9.49 8.21 -18.77
N ALA A 186 8.96 9.06 -17.91
CA ALA A 186 8.17 8.61 -16.76
C ALA A 186 6.87 7.95 -17.21
N MET A 187 6.31 8.45 -18.31
CA MET A 187 5.06 7.92 -18.85
C MET A 187 5.26 6.57 -19.53
N ASP A 188 6.34 6.46 -20.29
CA ASP A 188 6.64 5.22 -21.00
C ASP A 188 6.91 4.11 -20.01
N PHE A 189 7.59 4.46 -18.92
CA PHE A 189 7.93 3.51 -17.88
C PHE A 189 6.69 2.87 -17.28
N VAL A 190 5.76 3.70 -16.81
CA VAL A 190 4.53 3.19 -16.18
C VAL A 190 3.68 2.38 -17.17
N THR A 191 3.67 2.80 -18.43
CA THR A 191 2.89 2.11 -19.45
C THR A 191 3.45 0.71 -19.73
N SER A 192 4.76 0.64 -19.93
CA SER A 192 5.42 -0.63 -20.22
C SER A 192 5.34 -1.59 -19.05
N ALA A 193 5.65 -1.11 -17.85
CA ALA A 193 5.62 -1.94 -16.64
C ALA A 193 4.23 -2.51 -16.41
N ALA A 194 3.21 -1.68 -16.55
CA ALA A 194 1.84 -2.10 -16.36
C ALA A 194 1.43 -3.11 -17.43
N ASN A 195 1.78 -2.81 -18.67
CA ASN A 195 1.45 -3.67 -19.80
C ASN A 195 2.06 -5.05 -19.67
N LEU A 196 3.32 -5.10 -19.24
CA LEU A 196 4.02 -6.36 -19.07
C LEU A 196 3.36 -7.21 -18.00
N ARG A 197 3.12 -6.61 -16.83
CA ARG A 197 2.51 -7.32 -15.72
C ARG A 197 1.07 -7.72 -16.04
N MET A 198 0.33 -6.84 -16.70
CA MET A 198 -1.07 -7.11 -17.03
C MET A 198 -1.17 -8.30 -17.99
N HIS A 199 -0.16 -8.47 -18.84
CA HIS A 199 -0.16 -9.56 -19.79
C HIS A 199 0.19 -10.87 -19.07
N ILE A 200 0.98 -10.74 -18.01
CA ILE A 200 1.40 -11.88 -17.22
C ILE A 200 0.20 -12.57 -16.55
N PHE A 201 -0.83 -11.78 -16.24
CA PHE A 201 -2.03 -12.30 -15.60
C PHE A 201 -3.10 -12.63 -16.64
N SER A 202 -2.70 -12.66 -17.90
CA SER A 202 -3.61 -12.97 -19.01
C SER A 202 -4.78 -11.99 -19.10
N MET A 203 -4.48 -10.70 -19.14
CA MET A 203 -5.52 -9.69 -19.27
C MET A 203 -5.21 -8.79 -20.46
N ASN A 204 -6.23 -8.12 -20.98
CA ASN A 204 -6.06 -7.23 -22.13
C ASN A 204 -5.06 -6.12 -21.82
N MET A 205 -4.28 -5.75 -22.83
CA MET A 205 -3.28 -4.71 -22.69
C MET A 205 -3.84 -3.36 -23.14
N LYS A 206 -3.37 -2.30 -22.53
CA LYS A 206 -3.85 -0.96 -22.87
C LYS A 206 -2.79 -0.17 -23.62
N SER A 207 -3.25 0.77 -24.44
CA SER A 207 -2.38 1.63 -25.22
C SER A 207 -1.70 2.66 -24.33
N ARG A 208 -0.67 3.31 -24.87
CA ARG A 208 0.08 4.31 -24.11
C ARG A 208 -0.80 5.50 -23.75
N PHE A 209 -1.62 5.97 -24.70
CA PHE A 209 -2.48 7.12 -24.46
C PHE A 209 -3.57 6.77 -23.45
N ASP A 210 -4.04 5.54 -23.48
CA ASP A 210 -5.08 5.09 -22.56
C ASP A 210 -4.54 5.09 -21.13
N ILE A 211 -3.36 4.51 -20.95
CA ILE A 211 -2.73 4.47 -19.65
C ILE A 211 -2.36 5.88 -19.20
N LYS A 212 -1.99 6.72 -20.16
CA LYS A 212 -1.63 8.12 -19.89
C LYS A 212 -2.80 8.85 -19.22
N SER A 213 -4.01 8.45 -19.58
CA SER A 213 -5.21 9.05 -19.05
C SER A 213 -5.54 8.51 -17.65
N MET A 214 -5.32 7.21 -17.46
CA MET A 214 -5.62 6.55 -16.20
C MET A 214 -4.55 6.80 -15.14
N ALA A 215 -3.29 6.71 -15.53
CA ALA A 215 -2.17 6.91 -14.62
C ALA A 215 -2.12 8.34 -14.10
N GLY A 216 -2.46 9.28 -14.98
CA GLY A 216 -2.45 10.68 -14.61
C GLY A 216 -3.69 11.07 -13.83
N ASN A 217 -4.86 10.60 -14.31
CA ASN A 217 -6.16 10.88 -13.71
C ASN A 217 -6.28 12.33 -13.24
N MET B 1 12.72 10.71 22.67
CA MET B 1 13.27 11.55 23.78
C MET B 1 12.35 12.72 24.05
N SER B 2 12.46 13.28 25.25
CA SER B 2 11.65 14.42 25.65
C SER B 2 11.98 15.63 24.79
N GLY B 3 11.03 16.55 24.68
CA GLY B 3 11.25 17.74 23.89
C GLY B 3 10.94 17.51 22.42
N ILE B 4 11.76 16.69 21.77
CA ILE B 4 11.59 16.37 20.36
C ILE B 4 10.20 15.77 20.11
N ALA B 5 9.77 14.91 21.01
CA ALA B 5 8.47 14.26 20.90
C ALA B 5 7.35 15.31 20.94
N LEU B 6 7.48 16.26 21.85
CA LEU B 6 6.49 17.32 22.01
C LEU B 6 6.50 18.25 20.81
N SER B 7 7.68 18.58 20.30
CA SER B 7 7.81 19.46 19.14
C SER B 7 7.09 18.85 17.94
N ARG B 8 7.17 17.53 17.82
CA ARG B 8 6.52 16.82 16.73
C ARG B 8 5.00 16.78 16.97
N LEU B 9 4.62 16.51 18.22
CA LEU B 9 3.20 16.44 18.58
C LEU B 9 2.52 17.79 18.35
N ALA B 10 3.25 18.86 18.62
CA ALA B 10 2.73 20.21 18.42
C ALA B 10 2.51 20.49 16.93
N GLN B 11 3.36 19.87 16.11
CA GLN B 11 3.28 20.02 14.67
C GLN B 11 2.02 19.36 14.13
N GLU B 12 1.71 18.19 14.68
CA GLU B 12 0.53 17.44 14.28
C GLU B 12 -0.73 18.28 14.46
N ARG B 13 -0.82 18.97 15.59
CA ARG B 13 -1.97 19.82 15.88
C ARG B 13 -2.08 20.94 14.84
N LYS B 14 -0.94 21.50 14.46
CA LYS B 14 -0.91 22.58 13.48
C LYS B 14 -1.33 22.07 12.10
N ALA B 15 -0.85 20.90 11.74
CA ALA B 15 -1.17 20.29 10.44
C ALA B 15 -2.64 19.86 10.39
N TRP B 16 -3.10 19.24 11.47
CA TRP B 16 -4.46 18.76 11.56
C TRP B 16 -5.45 19.93 11.47
N ARG B 17 -5.13 21.00 12.16
CA ARG B 17 -5.97 22.19 12.17
C ARG B 17 -6.12 22.76 10.76
N LYS B 18 -5.03 22.72 10.00
CA LYS B 18 -5.03 23.24 8.65
C LYS B 18 -5.85 22.33 7.72
N ASP B 19 -5.48 21.06 7.64
CA ASP B 19 -6.18 20.12 6.79
C ASP B 19 -6.48 18.82 7.52
N HIS B 20 -7.71 18.36 7.39
CA HIS B 20 -8.14 17.12 8.03
C HIS B 20 -9.43 16.62 7.38
N PRO B 21 -9.66 15.30 7.39
CA PRO B 21 -10.86 14.71 6.81
C PRO B 21 -12.12 15.21 7.50
N PHE B 22 -13.19 15.34 6.73
CA PHE B 22 -14.46 15.83 7.25
C PHE B 22 -15.10 14.81 8.19
N GLY B 23 -15.42 15.26 9.39
CA GLY B 23 -16.05 14.39 10.37
C GLY B 23 -15.07 13.84 11.38
N PHE B 24 -13.78 13.95 11.08
CA PHE B 24 -12.75 13.43 11.97
C PHE B 24 -12.38 14.47 13.01
N VAL B 25 -12.29 14.05 14.26
CA VAL B 25 -11.93 14.94 15.35
C VAL B 25 -10.64 14.46 16.01
N ALA B 26 -9.77 15.41 16.38
CA ALA B 26 -8.50 15.09 17.04
C ALA B 26 -8.04 16.28 17.85
N VAL B 27 -8.17 16.18 19.17
CA VAL B 27 -7.75 17.26 20.06
C VAL B 27 -6.99 16.71 21.26
N PRO B 28 -5.83 17.31 21.60
CA PRO B 28 -5.03 16.89 22.75
C PRO B 28 -5.80 17.04 24.06
N THR B 29 -5.45 16.26 25.06
CA THR B 29 -6.10 16.31 26.36
C THR B 29 -5.86 17.63 27.07
N LYS B 30 -6.95 18.32 27.41
CA LYS B 30 -6.86 19.58 28.12
C LYS B 30 -6.39 19.32 29.55
N ASN B 31 -5.45 20.12 30.02
CA ASN B 31 -4.90 19.94 31.36
C ASN B 31 -5.20 21.17 32.21
N PRO B 32 -5.50 20.96 33.51
CA PRO B 32 -5.79 22.06 34.46
C PRO B 32 -4.81 23.23 34.38
N ASP B 33 -5.31 24.40 34.77
CA ASP B 33 -4.54 25.65 34.77
C ASP B 33 -4.43 26.23 33.36
N GLY B 34 -5.17 25.65 32.43
CA GLY B 34 -5.17 26.13 31.07
C GLY B 34 -4.00 25.59 30.26
N THR B 35 -3.56 24.38 30.59
CA THR B 35 -2.46 23.77 29.87
C THR B 35 -2.98 22.73 28.89
N MET B 36 -2.08 22.07 28.17
CA MET B 36 -2.47 21.07 27.20
C MET B 36 -1.47 19.92 27.14
N ASN B 37 -1.94 18.73 27.44
CA ASN B 37 -1.09 17.55 27.40
C ASN B 37 -1.08 16.97 25.99
N LEU B 38 0.04 17.13 25.31
CA LEU B 38 0.19 16.65 23.94
C LEU B 38 0.55 15.17 23.89
N MET B 39 0.81 14.59 25.05
CA MET B 39 1.18 13.17 25.12
C MET B 39 -0.05 12.28 25.03
N ASN B 40 -1.22 12.89 25.11
CA ASN B 40 -2.48 12.16 25.04
C ASN B 40 -3.49 12.93 24.21
N TRP B 41 -4.02 12.28 23.18
CA TRP B 41 -4.99 12.91 22.30
C TRP B 41 -6.33 12.19 22.34
N GLU B 42 -7.38 12.96 22.16
CA GLU B 42 -8.73 12.43 22.14
C GLU B 42 -9.29 12.59 20.73
N CYS B 43 -9.28 11.51 19.97
CA CYS B 43 -9.74 11.55 18.60
C CYS B 43 -11.10 10.86 18.45
N ALA B 44 -11.79 11.19 17.37
CA ALA B 44 -13.09 10.63 17.08
C ALA B 44 -13.18 10.30 15.59
N ILE B 45 -13.50 9.05 15.29
CA ILE B 45 -13.60 8.59 13.92
C ILE B 45 -15.03 8.15 13.59
N PRO B 46 -15.64 8.76 12.57
CA PRO B 46 -16.98 8.41 12.13
C PRO B 46 -16.95 7.26 11.12
N GLY B 47 -18.02 6.49 11.08
CA GLY B 47 -18.09 5.38 10.15
C GLY B 47 -17.95 5.82 8.71
N LYS B 48 -17.35 4.98 7.88
CA LYS B 48 -17.16 5.32 6.47
C LYS B 48 -18.47 5.22 5.70
N LYS B 49 -18.58 6.01 4.64
CA LYS B 49 -19.78 6.04 3.81
C LYS B 49 -19.96 4.71 3.09
N GLY B 50 -21.17 4.18 3.15
CA GLY B 50 -21.47 2.92 2.50
C GLY B 50 -21.17 1.71 3.35
N THR B 51 -20.80 1.95 4.60
CA THR B 51 -20.48 0.86 5.51
C THR B 51 -21.48 0.81 6.66
N PRO B 52 -21.63 -0.34 7.34
CA PRO B 52 -22.55 -0.48 8.46
C PRO B 52 -22.15 0.37 9.67
N TRP B 53 -20.95 0.95 9.60
CA TRP B 53 -20.43 1.80 10.67
C TRP B 53 -20.84 3.26 10.44
N GLU B 54 -21.31 3.51 9.22
CA GLU B 54 -21.73 4.86 8.80
C GLU B 54 -22.76 5.45 9.75
N GLY B 55 -22.55 6.71 10.12
CA GLY B 55 -23.47 7.39 11.00
C GLY B 55 -23.00 7.43 12.44
N GLY B 56 -22.24 6.42 12.84
CA GLY B 56 -21.76 6.35 14.20
C GLY B 56 -20.44 7.09 14.38
N LEU B 57 -20.25 7.65 15.58
CA LEU B 57 -19.03 8.36 15.91
C LEU B 57 -18.32 7.62 17.04
N PHE B 58 -17.10 7.19 16.80
CA PHE B 58 -16.35 6.45 17.80
C PHE B 58 -15.17 7.27 18.32
N LYS B 59 -15.06 7.35 19.63
CA LYS B 59 -13.98 8.09 20.25
C LYS B 59 -12.87 7.16 20.72
N LEU B 60 -11.65 7.49 20.38
CA LEU B 60 -10.50 6.69 20.78
C LEU B 60 -9.40 7.59 21.34
N ARG B 61 -8.72 7.09 22.35
CA ARG B 61 -7.65 7.83 22.98
C ARG B 61 -6.31 7.42 22.42
N MET B 62 -5.53 8.41 22.01
CA MET B 62 -4.21 8.18 21.45
C MET B 62 -3.14 8.50 22.47
N LEU B 63 -2.40 7.49 22.89
CA LEU B 63 -1.33 7.67 23.86
C LEU B 63 0.02 7.65 23.17
N PHE B 64 0.81 8.69 23.41
CA PHE B 64 2.12 8.80 22.80
C PHE B 64 3.21 8.60 23.86
N LYS B 65 4.22 7.82 23.52
CA LYS B 65 5.33 7.57 24.42
C LYS B 65 6.37 8.67 24.29
N ASP B 66 7.30 8.70 25.23
CA ASP B 66 8.37 9.71 25.23
C ASP B 66 9.39 9.45 24.14
N ASP B 67 9.18 8.39 23.38
CA ASP B 67 10.09 8.00 22.30
C ASP B 67 9.57 8.49 20.96
N TYR B 68 8.45 9.20 20.97
CA TYR B 68 7.86 9.73 19.73
C TYR B 68 8.87 10.62 18.99
N PRO B 69 8.91 10.56 17.65
CA PRO B 69 8.05 9.72 16.84
C PRO B 69 8.68 8.37 16.49
N SER B 70 9.70 7.97 17.24
CA SER B 70 10.38 6.70 17.01
C SER B 70 9.54 5.55 17.56
N SER B 71 8.40 5.89 18.14
CA SER B 71 7.48 4.91 18.70
C SER B 71 6.07 5.24 18.23
N PRO B 72 5.33 4.24 17.75
CA PRO B 72 3.95 4.43 17.26
C PRO B 72 2.98 4.78 18.37
N PRO B 73 1.91 5.51 18.04
CA PRO B 73 0.88 5.92 19.00
C PRO B 73 -0.10 4.79 19.33
N LYS B 74 -0.39 4.62 20.60
CA LYS B 74 -1.32 3.59 21.05
C LYS B 74 -2.75 4.11 20.99
N CYS B 75 -3.53 3.53 20.09
CA CYS B 75 -4.92 3.92 19.93
C CYS B 75 -5.84 2.99 20.70
N LYS B 76 -6.58 3.55 21.65
CA LYS B 76 -7.50 2.76 22.45
C LYS B 76 -8.91 3.36 22.42
N PHE B 77 -9.86 2.59 21.91
CA PHE B 77 -11.25 3.04 21.82
C PHE B 77 -11.87 3.16 23.21
N GLU B 78 -12.60 4.24 23.43
CA GLU B 78 -13.25 4.47 24.71
C GLU B 78 -14.72 4.81 24.50
N PRO B 79 -15.63 3.87 24.76
CA PRO B 79 -15.33 2.51 25.23
C PRO B 79 -14.94 1.57 24.08
N PRO B 80 -14.43 0.36 24.41
CA PRO B 80 -14.03 -0.65 23.42
C PRO B 80 -15.16 -0.98 22.45
N LEU B 81 -14.81 -1.26 21.19
CA LEU B 81 -15.81 -1.57 20.18
C LEU B 81 -15.79 -3.03 19.79
N PHE B 82 -16.85 -3.45 19.11
CA PHE B 82 -16.99 -4.82 18.62
C PHE B 82 -16.30 -4.94 17.27
N HIS B 83 -15.04 -5.35 17.29
CA HIS B 83 -14.25 -5.48 16.07
C HIS B 83 -13.13 -6.48 16.33
N PRO B 84 -12.95 -7.47 15.42
CA PRO B 84 -11.91 -8.51 15.56
C PRO B 84 -10.50 -7.97 15.78
N ASN B 85 -10.22 -6.78 15.23
CA ASN B 85 -8.90 -6.18 15.36
C ASN B 85 -8.83 -5.19 16.53
N VAL B 86 -9.78 -5.29 17.44
CA VAL B 86 -9.83 -4.41 18.61
C VAL B 86 -9.86 -5.24 19.88
N TYR B 87 -8.88 -5.02 20.75
CA TYR B 87 -8.78 -5.75 22.01
C TYR B 87 -9.90 -5.34 22.96
N PRO B 88 -10.26 -6.23 23.91
CA PRO B 88 -11.32 -5.96 24.90
C PRO B 88 -11.01 -4.73 25.76
N SER B 89 -9.74 -4.34 25.78
CA SER B 89 -9.30 -3.18 26.55
C SER B 89 -9.49 -1.90 25.75
N GLY B 90 -9.81 -2.05 24.47
CA GLY B 90 -10.01 -0.90 23.61
C GLY B 90 -8.84 -0.69 22.67
N THR B 91 -7.71 -1.30 22.99
CA THR B 91 -6.50 -1.18 22.19
C THR B 91 -6.69 -1.75 20.79
N VAL B 92 -6.35 -0.96 19.79
CA VAL B 92 -6.46 -1.36 18.40
C VAL B 92 -5.09 -1.76 17.87
N CYS B 93 -5.05 -2.76 17.00
CA CYS B 93 -3.80 -3.21 16.42
C CYS B 93 -3.77 -2.93 14.93
N LEU B 94 -2.59 -2.59 14.42
CA LEU B 94 -2.40 -2.29 13.02
C LEU B 94 -0.91 -2.29 12.70
N SER B 95 -0.57 -2.42 11.43
CA SER B 95 0.83 -2.44 11.01
C SER B 95 1.55 -1.15 11.36
N ILE B 96 0.84 -0.03 11.26
CA ILE B 96 1.42 1.28 11.57
C ILE B 96 1.23 1.65 13.04
N LEU B 97 0.69 0.72 13.83
CA LEU B 97 0.47 0.96 15.25
C LEU B 97 1.54 0.25 16.08
N GLU B 98 2.39 -0.51 15.40
CA GLU B 98 3.47 -1.23 16.04
C GLU B 98 4.74 -1.07 15.22
N GLU B 99 5.84 -0.75 15.88
CA GLU B 99 7.11 -0.49 15.21
C GLU B 99 7.71 -1.77 14.61
N ASP B 100 7.44 -2.90 15.24
CA ASP B 100 7.96 -4.19 14.78
C ASP B 100 7.33 -4.62 13.45
N LYS B 101 6.48 -3.77 12.91
CA LYS B 101 5.82 -4.07 11.65
C LYS B 101 6.12 -3.01 10.59
N ASP B 102 5.25 -2.02 10.48
CA ASP B 102 5.43 -0.97 9.48
C ASP B 102 5.15 0.41 10.06
N TRP B 103 6.07 0.90 10.88
CA TRP B 103 5.93 2.22 11.46
C TRP B 103 6.99 3.15 10.91
N ARG B 104 6.54 4.24 10.32
CA ARG B 104 7.43 5.22 9.75
C ARG B 104 7.09 6.59 10.32
N PRO B 105 8.05 7.23 11.01
CA PRO B 105 7.85 8.55 11.64
C PRO B 105 7.30 9.61 10.68
N ALA B 106 7.50 9.41 9.38
CA ALA B 106 7.02 10.34 8.36
C ALA B 106 5.49 10.36 8.33
N ILE B 107 4.86 9.35 8.89
CA ILE B 107 3.42 9.24 8.92
C ILE B 107 2.82 10.28 9.88
N THR B 108 1.88 11.06 9.38
CA THR B 108 1.20 12.07 10.17
C THR B 108 -0.05 11.46 10.82
N ILE B 109 -0.47 12.01 11.96
CA ILE B 109 -1.66 11.51 12.66
C ILE B 109 -2.87 11.42 11.73
N LYS B 110 -2.94 12.35 10.78
CA LYS B 110 -4.04 12.39 9.80
C LYS B 110 -4.14 11.08 9.02
N GLN B 111 -2.98 10.49 8.72
CA GLN B 111 -2.94 9.22 7.97
C GLN B 111 -3.36 8.06 8.85
N ILE B 112 -2.95 8.10 10.11
CA ILE B 112 -3.25 7.03 11.06
C ILE B 112 -4.75 6.91 11.29
N LEU B 113 -5.41 8.06 11.47
CA LEU B 113 -6.85 8.08 11.70
C LEU B 113 -7.61 7.46 10.53
N LEU B 114 -7.15 7.73 9.32
CA LEU B 114 -7.78 7.21 8.12
C LEU B 114 -7.61 5.69 8.05
N GLY B 115 -6.43 5.22 8.45
CA GLY B 115 -6.15 3.80 8.42
C GLY B 115 -7.05 3.02 9.37
N ILE B 116 -7.32 3.60 10.53
CA ILE B 116 -8.16 2.96 11.53
C ILE B 116 -9.62 2.89 11.03
N GLN B 117 -10.04 3.93 10.33
CA GLN B 117 -11.41 3.97 9.79
C GLN B 117 -11.59 2.88 8.75
N GLU B 118 -10.59 2.71 7.90
CA GLU B 118 -10.64 1.69 6.86
C GLU B 118 -10.65 0.29 7.47
N LEU B 119 -9.89 0.13 8.55
CA LEU B 119 -9.80 -1.15 9.26
C LEU B 119 -11.17 -1.57 9.78
N LEU B 120 -11.99 -0.58 10.14
CA LEU B 120 -13.32 -0.85 10.66
C LEU B 120 -14.17 -1.53 9.59
N ASN B 121 -14.11 -1.00 8.38
CA ASN B 121 -14.88 -1.55 7.26
C ASN B 121 -14.33 -2.90 6.81
N GLU B 122 -13.03 -2.96 6.61
CA GLU B 122 -12.40 -4.20 6.19
C GLU B 122 -11.47 -4.73 7.27
N PRO B 123 -12.00 -5.63 8.12
CA PRO B 123 -11.26 -6.22 9.23
C PRO B 123 -10.32 -7.32 8.76
N ASN B 124 -9.08 -7.25 9.21
CA ASN B 124 -8.09 -8.26 8.85
C ASN B 124 -8.37 -9.53 9.65
N ILE B 125 -8.78 -10.57 8.94
CA ILE B 125 -9.09 -11.86 9.57
C ILE B 125 -7.84 -12.58 10.05
N GLN B 126 -6.69 -11.92 9.91
CA GLN B 126 -5.44 -12.50 10.34
C GLN B 126 -5.19 -12.18 11.81
N ASP B 127 -5.62 -11.01 12.25
CA ASP B 127 -5.40 -10.58 13.63
C ASP B 127 -6.64 -10.84 14.50
N PRO B 128 -6.56 -11.84 15.40
CA PRO B 128 -7.66 -12.19 16.29
C PRO B 128 -7.56 -11.49 17.65
N ALA B 129 -7.62 -10.16 17.63
CA ALA B 129 -7.55 -9.39 18.85
C ALA B 129 -8.78 -9.62 19.72
N GLN B 130 -9.94 -9.60 19.09
CA GLN B 130 -11.20 -9.84 19.79
C GLN B 130 -11.77 -11.19 19.36
N ALA B 131 -11.49 -12.23 20.16
CA ALA B 131 -11.93 -13.59 19.88
C ALA B 131 -13.42 -13.69 19.57
N GLU B 132 -14.25 -12.99 20.34
CA GLU B 132 -15.69 -13.02 20.14
C GLU B 132 -16.06 -12.58 18.72
N ALA B 133 -15.68 -11.36 18.38
CA ALA B 133 -15.97 -10.80 17.07
C ALA B 133 -15.28 -11.61 15.97
N TYR B 134 -14.08 -12.09 16.27
CA TYR B 134 -13.29 -12.88 15.32
C TYR B 134 -14.04 -14.14 14.90
N THR B 135 -14.53 -14.88 15.88
CA THR B 135 -15.25 -16.11 15.62
C THR B 135 -16.61 -15.83 14.98
N ILE B 136 -17.36 -14.89 15.54
CA ILE B 136 -18.68 -14.54 15.03
C ILE B 136 -18.61 -14.12 13.56
N TYR B 137 -17.66 -13.25 13.24
CA TYR B 137 -17.48 -12.75 11.87
C TYR B 137 -17.16 -13.88 10.90
N CYS B 138 -16.46 -14.89 11.38
CA CYS B 138 -16.05 -16.01 10.55
C CYS B 138 -17.19 -16.99 10.26
N GLN B 139 -17.96 -17.35 11.27
CA GLN B 139 -19.04 -18.32 11.09
C GLN B 139 -20.38 -17.68 10.76
N ASN B 140 -20.62 -16.46 11.21
CA ASN B 140 -21.89 -15.81 10.95
C ASN B 140 -21.72 -14.35 10.57
N ARG B 141 -21.72 -14.10 9.27
CA ARG B 141 -21.58 -12.75 8.74
C ARG B 141 -22.80 -11.90 9.08
N VAL B 142 -23.97 -12.51 8.97
CA VAL B 142 -25.23 -11.82 9.23
C VAL B 142 -25.30 -11.30 10.67
N GLU B 143 -24.95 -12.16 11.63
CA GLU B 143 -24.97 -11.78 13.05
C GLU B 143 -23.95 -10.68 13.34
N TYR B 144 -22.85 -10.69 12.59
CA TYR B 144 -21.81 -9.68 12.76
C TYR B 144 -22.33 -8.31 12.35
N GLU B 145 -22.96 -8.26 11.18
CA GLU B 145 -23.52 -7.01 10.65
C GLU B 145 -24.54 -6.43 11.61
N LYS B 146 -25.32 -7.31 12.24
CA LYS B 146 -26.35 -6.89 13.19
C LYS B 146 -25.74 -6.13 14.36
N ARG B 147 -24.64 -6.65 14.89
CA ARG B 147 -23.96 -6.03 16.01
C ARG B 147 -23.28 -4.73 15.61
N VAL B 148 -22.81 -4.68 14.38
CA VAL B 148 -22.13 -3.50 13.86
C VAL B 148 -23.14 -2.38 13.60
N ARG B 149 -24.28 -2.73 13.00
CA ARG B 149 -25.31 -1.76 12.69
C ARG B 149 -25.84 -1.13 13.98
N ALA B 150 -26.15 -1.97 14.96
CA ALA B 150 -26.65 -1.52 16.24
C ALA B 150 -25.61 -0.66 16.94
N GLN B 151 -24.34 -1.03 16.77
CA GLN B 151 -23.23 -0.31 17.37
C GLN B 151 -23.17 1.11 16.84
N ALA B 152 -23.29 1.24 15.52
CA ALA B 152 -23.27 2.55 14.86
C ALA B 152 -24.44 3.40 15.33
N LYS B 153 -25.59 2.77 15.49
CA LYS B 153 -26.79 3.47 15.95
C LYS B 153 -26.64 3.90 17.40
N LYS B 154 -25.91 3.10 18.18
CA LYS B 154 -25.68 3.42 19.58
C LYS B 154 -24.74 4.61 19.72
N PHE B 155 -23.71 4.63 18.90
CA PHE B 155 -22.72 5.70 18.94
C PHE B 155 -23.09 6.84 17.98
N ALA B 156 -24.35 6.86 17.55
CA ALA B 156 -24.82 7.90 16.65
C ALA B 156 -24.92 9.23 17.38
N PRO B 157 -24.36 10.30 16.79
CA PRO B 157 -24.38 11.64 17.39
C PRO B 157 -25.80 12.15 17.61
N SER B 158 -26.04 12.72 18.78
CA SER B 158 -27.35 13.23 19.13
C SER B 158 -27.21 14.37 20.13
N THR A 1 -14.96 10.98 -3.51
CA THR A 1 -13.69 10.59 -2.85
C THR A 1 -12.99 9.49 -3.63
N GLN A 2 -11.67 9.60 -3.78
CA GLN A 2 -10.91 8.58 -4.49
C GLN A 2 -10.79 7.33 -3.63
N ARG A 3 -10.97 6.17 -4.27
CA ARG A 3 -10.90 4.91 -3.57
C ARG A 3 -9.45 4.51 -3.28
N THR A 4 -9.25 3.83 -2.16
CA THR A 4 -7.93 3.39 -1.74
C THR A 4 -7.59 2.03 -2.34
N PHE A 5 -6.32 1.78 -2.56
CA PHE A 5 -5.87 0.51 -3.11
C PHE A 5 -4.95 -0.19 -2.13
N PRO A 6 -5.45 -1.23 -1.44
CA PRO A 6 -4.67 -2.00 -0.46
C PRO A 6 -3.41 -2.62 -1.07
N GLY A 7 -2.33 -2.60 -0.31
CA GLY A 7 -1.06 -3.13 -0.78
C GLY A 7 -1.11 -4.61 -1.12
N CYS A 8 -2.01 -5.35 -0.49
CA CYS A 8 -2.14 -6.78 -0.73
C CYS A 8 -2.53 -7.07 -2.18
N THR A 9 -3.65 -6.51 -2.61
CA THR A 9 -4.13 -6.70 -3.97
C THR A 9 -3.24 -5.96 -4.99
N ILE A 10 -2.34 -5.13 -4.49
CA ILE A 10 -1.43 -4.41 -5.38
C ILE A 10 -0.21 -5.27 -5.69
N ARG A 11 0.34 -5.92 -4.68
CA ARG A 11 1.53 -6.75 -4.85
C ARG A 11 1.17 -8.17 -5.27
N ASN A 12 0.17 -8.73 -4.62
CA ASN A 12 -0.24 -10.11 -4.89
C ASN A 12 -1.19 -10.21 -6.08
N THR A 13 -2.49 -10.32 -5.82
CA THR A 13 -3.48 -10.47 -6.87
C THR A 13 -4.13 -9.15 -7.28
N PRO A 14 -3.79 -8.63 -8.47
CA PRO A 14 -4.36 -7.40 -8.99
C PRO A 14 -5.61 -7.69 -9.82
N SER A 15 -6.74 -7.12 -9.41
CA SER A 15 -8.00 -7.34 -10.10
C SER A 15 -8.11 -6.45 -11.34
N GLU A 16 -8.57 -5.22 -11.14
CA GLU A 16 -8.74 -4.27 -12.22
C GLU A 16 -7.39 -3.81 -12.77
N PRO A 17 -7.33 -3.46 -14.08
CA PRO A 17 -6.09 -3.00 -14.72
C PRO A 17 -5.46 -1.81 -14.02
N ILE A 18 -6.29 -0.99 -13.37
CA ILE A 18 -5.80 0.18 -12.65
C ILE A 18 -4.85 -0.24 -11.52
N HIS A 19 -4.99 -1.48 -11.05
CA HIS A 19 -4.13 -1.99 -9.99
C HIS A 19 -2.70 -2.12 -10.50
N CYS A 20 -2.57 -2.52 -11.76
CA CYS A 20 -1.27 -2.70 -12.39
C CYS A 20 -0.62 -1.33 -12.63
N ILE A 21 -1.46 -0.34 -12.92
CA ILE A 21 -0.99 1.01 -13.16
C ILE A 21 -0.47 1.61 -11.86
N VAL A 22 -1.22 1.42 -10.78
CA VAL A 22 -0.82 1.92 -9.47
C VAL A 22 0.46 1.23 -9.01
N TRP A 23 0.55 -0.07 -9.28
CA TRP A 23 1.72 -0.85 -8.92
C TRP A 23 2.94 -0.29 -9.64
N ALA A 24 2.78 0.01 -10.92
CA ALA A 24 3.86 0.56 -11.73
C ALA A 24 4.29 1.92 -11.20
N LYS A 25 3.33 2.69 -10.69
CA LYS A 25 3.61 4.00 -10.14
C LYS A 25 4.49 3.86 -8.90
N TYR A 26 4.15 2.88 -8.06
CA TYR A 26 4.91 2.63 -6.84
C TYR A 26 6.27 2.05 -7.19
N LEU A 27 6.31 1.29 -8.29
CA LEU A 27 7.56 0.70 -8.77
C LEU A 27 8.59 1.79 -9.05
N PHE A 28 8.12 2.87 -9.66
CA PHE A 28 8.98 4.00 -9.99
C PHE A 28 9.54 4.63 -8.71
N ASN A 29 8.67 4.81 -7.72
CA ASN A 29 9.04 5.38 -6.44
C ASN A 29 10.08 4.52 -5.73
N GLN A 30 9.87 3.22 -5.79
CA GLN A 30 10.75 2.26 -5.15
C GLN A 30 12.00 1.96 -5.97
N LEU A 31 12.24 2.78 -7.00
CA LEU A 31 13.41 2.59 -7.84
C LEU A 31 14.18 3.89 -8.01
N PHE A 32 13.47 4.96 -8.39
CA PHE A 32 14.11 6.25 -8.61
C PHE A 32 13.56 7.33 -7.69
N GLY A 33 12.49 7.03 -6.96
CA GLY A 33 11.91 8.02 -6.08
C GLY A 33 12.04 7.67 -4.60
N GLU A 34 11.04 8.07 -3.83
CA GLU A 34 11.02 7.81 -2.40
C GLU A 34 10.43 6.44 -2.12
N GLU A 35 11.04 5.72 -1.18
CA GLU A 35 10.58 4.38 -0.83
C GLU A 35 9.56 4.43 0.29
N ASP A 36 8.83 3.35 0.46
CA ASP A 36 7.81 3.26 1.49
C ASP A 36 7.72 1.83 2.03
N ALA A 37 7.12 1.69 3.20
CA ALA A 37 6.98 0.38 3.82
C ALA A 37 5.74 -0.34 3.30
N ASP A 38 4.60 0.32 3.42
CA ASP A 38 3.33 -0.26 2.97
C ASP A 38 3.29 -0.38 1.45
N GLN A 39 3.75 0.67 0.75
CA GLN A 39 3.76 0.67 -0.71
C GLN A 39 5.01 -0.03 -1.25
N GLU A 40 5.32 -1.18 -0.68
CA GLU A 40 6.47 -1.97 -1.11
C GLU A 40 6.17 -2.62 -2.45
N VAL A 41 7.19 -2.77 -3.28
CA VAL A 41 7.02 -3.36 -4.59
C VAL A 41 7.50 -4.81 -4.58
N SER A 42 8.37 -5.13 -3.64
CA SER A 42 8.92 -6.47 -3.50
C SER A 42 7.90 -7.40 -2.85
N PRO A 43 7.90 -8.69 -3.23
CA PRO A 43 6.99 -9.68 -2.65
C PRO A 43 7.20 -9.80 -1.15
N ASP A 44 6.12 -9.62 -0.39
CA ASP A 44 6.20 -9.69 1.07
C ASP A 44 6.63 -11.07 1.53
N ARG A 45 7.70 -11.10 2.32
CA ARG A 45 8.24 -12.34 2.85
C ARG A 45 7.46 -12.76 4.09
N ALA A 46 6.67 -11.84 4.61
CA ALA A 46 5.87 -12.11 5.79
C ALA A 46 4.42 -12.32 5.38
N ASP A 47 4.21 -12.71 4.12
CA ASP A 47 2.88 -12.97 3.60
C ASP A 47 2.20 -14.06 4.43
N PRO A 48 0.89 -13.91 4.74
CA PRO A 48 0.12 -14.86 5.54
C PRO A 48 0.35 -16.33 5.15
N GLU A 49 0.75 -16.59 3.91
CA GLU A 49 1.00 -17.95 3.46
C GLU A 49 2.45 -18.36 3.76
N ALA A 50 3.38 -17.47 3.46
CA ALA A 50 4.79 -17.74 3.68
C ALA A 50 5.12 -17.75 5.17
N ALA A 51 4.45 -16.89 5.92
CA ALA A 51 4.64 -16.79 7.35
C ALA A 51 3.57 -17.60 8.07
N TRP A 52 3.46 -17.41 9.37
CA TRP A 52 2.47 -18.11 10.18
C TRP A 52 1.09 -17.51 9.96
N GLU A 53 0.82 -16.40 10.65
CA GLU A 53 -0.46 -15.71 10.50
C GLU A 53 -0.35 -14.45 9.65
N PRO A 54 0.59 -13.50 9.94
CA PRO A 54 1.54 -13.56 11.06
C PRO A 54 0.96 -13.00 12.36
N THR A 55 1.71 -13.17 13.45
CA THR A 55 1.28 -12.71 14.76
C THR A 55 1.40 -11.19 14.91
N GLU A 56 0.77 -10.67 15.96
CA GLU A 56 0.79 -9.25 16.24
C GLU A 56 2.13 -8.84 16.86
N ALA A 57 2.68 -9.74 17.67
CA ALA A 57 3.95 -9.52 18.36
C ALA A 57 3.81 -8.44 19.44
N GLU A 58 2.57 -8.14 19.80
CA GLU A 58 2.29 -7.15 20.82
C GLU A 58 2.36 -7.82 22.19
N ALA A 59 1.59 -8.89 22.33
CA ALA A 59 1.57 -9.64 23.58
C ALA A 59 2.53 -10.80 23.52
N ARG A 60 2.69 -11.34 22.31
CA ARG A 60 3.59 -12.47 22.10
C ARG A 60 4.94 -11.97 21.58
N ALA A 61 5.94 -12.00 22.47
CA ALA A 61 7.30 -11.55 22.15
C ALA A 61 7.81 -12.14 20.84
N ARG A 62 8.30 -11.28 19.97
CA ARG A 62 8.79 -11.70 18.66
C ARG A 62 9.96 -10.81 18.22
N ALA A 63 10.98 -10.72 19.06
CA ALA A 63 12.15 -9.90 18.76
C ALA A 63 13.35 -10.77 18.39
N SER A 64 13.37 -11.23 17.15
CA SER A 64 14.48 -12.05 16.68
C SER A 64 15.55 -11.17 16.04
N ASN A 65 16.80 -11.55 16.21
CA ASN A 65 17.93 -10.79 15.68
C ASN A 65 17.91 -10.74 14.15
N GLU A 66 17.43 -11.81 13.53
CA GLU A 66 17.37 -11.89 12.08
C GLU A 66 16.05 -11.37 11.53
N ASP A 67 15.22 -10.81 12.39
CA ASP A 67 13.93 -10.28 11.96
C ASP A 67 14.06 -8.84 11.53
N GLY A 68 12.93 -8.24 11.16
CA GLY A 68 12.94 -6.86 10.71
C GLY A 68 13.37 -6.73 9.27
N ASP A 69 14.62 -7.11 8.99
CA ASP A 69 15.17 -7.03 7.64
C ASP A 69 14.40 -7.94 6.69
N ILE A 70 13.89 -9.06 7.21
CA ILE A 70 13.13 -10.01 6.41
C ILE A 70 11.79 -9.41 6.00
N LYS A 71 11.38 -8.36 6.70
CA LYS A 71 10.11 -7.69 6.40
C LYS A 71 10.39 -6.38 5.66
N ARG A 72 11.43 -5.69 6.10
CA ARG A 72 11.82 -4.42 5.49
C ARG A 72 12.71 -4.65 4.28
N ILE A 73 12.19 -5.38 3.30
CA ILE A 73 12.92 -5.66 2.08
C ILE A 73 12.95 -4.42 1.19
N SER A 74 14.05 -4.19 0.50
CA SER A 74 14.18 -3.03 -0.36
C SER A 74 14.82 -3.38 -1.69
N THR A 75 14.03 -3.29 -2.77
CA THR A 75 14.52 -3.60 -4.10
C THR A 75 15.33 -2.42 -4.66
N LYS A 76 15.06 -1.22 -4.15
CA LYS A 76 15.77 -0.02 -4.58
C LYS A 76 17.28 -0.24 -4.43
N GLU A 77 17.65 -0.86 -3.32
CA GLU A 77 19.05 -1.15 -3.04
C GLU A 77 19.65 -2.05 -4.12
N TRP A 78 18.95 -3.14 -4.43
CA TRP A 78 19.41 -4.09 -5.44
C TRP A 78 19.48 -3.42 -6.81
N ALA A 79 18.48 -2.60 -7.11
CA ALA A 79 18.41 -1.90 -8.38
C ALA A 79 19.59 -0.96 -8.54
N LYS A 80 19.93 -0.26 -7.46
CA LYS A 80 21.05 0.67 -7.48
C LYS A 80 22.35 -0.10 -7.65
N SER A 81 22.44 -1.24 -7.00
CA SER A 81 23.63 -2.08 -7.05
C SER A 81 23.88 -2.64 -8.45
N THR A 82 22.80 -2.96 -9.16
CA THR A 82 22.91 -3.52 -10.51
C THR A 82 23.00 -2.41 -11.55
N GLY A 83 23.02 -1.16 -11.09
CA GLY A 83 23.11 -0.04 -11.99
C GLY A 83 21.84 0.11 -12.82
N TYR A 84 20.73 -0.32 -12.25
CA TYR A 84 19.42 -0.26 -12.91
C TYR A 84 19.47 -0.98 -14.25
N ASP A 85 19.84 -2.26 -14.21
CA ASP A 85 19.92 -3.08 -15.40
C ASP A 85 18.54 -3.53 -15.83
N PRO A 86 18.13 -3.16 -17.07
CA PRO A 86 16.81 -3.50 -17.60
C PRO A 86 16.53 -5.01 -17.59
N VAL A 87 17.50 -5.80 -18.01
CA VAL A 87 17.34 -7.24 -18.06
C VAL A 87 17.15 -7.82 -16.66
N LYS A 88 18.01 -7.42 -15.73
CA LYS A 88 17.92 -7.90 -14.36
C LYS A 88 16.59 -7.50 -13.71
N LEU A 89 16.21 -6.25 -13.89
CA LEU A 89 14.95 -5.75 -13.32
C LEU A 89 13.76 -6.46 -13.95
N PHE A 90 13.80 -6.62 -15.26
CA PHE A 90 12.72 -7.27 -15.99
C PHE A 90 12.57 -8.73 -15.55
N THR A 91 13.69 -9.44 -15.50
CA THR A 91 13.66 -10.86 -15.12
C THR A 91 13.38 -11.05 -13.63
N LYS A 92 13.29 -9.95 -12.89
CA LYS A 92 13.01 -10.02 -11.47
C LYS A 92 11.52 -9.82 -11.22
N LEU A 93 11.04 -8.63 -11.55
CA LEU A 93 9.65 -8.26 -11.33
C LEU A 93 8.69 -9.03 -12.23
N PHE A 94 9.14 -9.38 -13.43
CA PHE A 94 8.26 -10.07 -14.38
C PHE A 94 8.65 -11.53 -14.58
N LYS A 95 9.42 -12.09 -13.65
CA LYS A 95 9.83 -13.50 -13.77
C LYS A 95 10.04 -14.13 -12.40
N ASP A 96 11.12 -13.74 -11.73
CA ASP A 96 11.46 -14.28 -10.41
C ASP A 96 10.36 -14.05 -9.37
N ASP A 97 9.95 -12.79 -9.26
CA ASP A 97 8.94 -12.39 -8.28
C ASP A 97 7.62 -13.16 -8.43
N ILE A 98 7.08 -13.22 -9.65
CA ILE A 98 5.83 -13.93 -9.87
C ILE A 98 5.99 -15.43 -9.65
N ARG A 99 7.16 -15.96 -9.99
CA ARG A 99 7.44 -17.37 -9.77
C ARG A 99 7.37 -17.68 -8.28
N TYR A 100 7.91 -16.78 -7.47
CA TYR A 100 7.90 -16.93 -6.02
C TYR A 100 6.46 -16.76 -5.50
N LEU A 101 5.74 -15.82 -6.10
CA LEU A 101 4.36 -15.56 -5.73
C LEU A 101 3.47 -16.76 -6.08
N LEU A 102 3.94 -17.56 -7.04
CA LEU A 102 3.21 -18.74 -7.49
C LEU A 102 3.24 -19.84 -6.43
N THR A 103 4.11 -19.70 -5.44
CA THR A 103 4.23 -20.68 -4.37
C THR A 103 2.97 -20.67 -3.50
N MET A 104 2.29 -19.52 -3.46
CA MET A 104 1.07 -19.38 -2.68
C MET A 104 -0.09 -20.01 -3.43
N ASP A 105 -0.22 -21.33 -3.32
CA ASP A 105 -1.27 -22.07 -4.02
C ASP A 105 -2.66 -21.63 -3.56
N LYS A 106 -2.74 -21.12 -2.33
CA LYS A 106 -4.00 -20.66 -1.76
C LYS A 106 -4.50 -19.41 -2.49
N LEU A 107 -3.60 -18.75 -3.20
CA LEU A 107 -3.93 -17.53 -3.93
C LEU A 107 -4.28 -17.84 -5.39
N TRP A 108 -3.94 -19.04 -5.85
CA TRP A 108 -4.20 -19.41 -7.23
C TRP A 108 -5.11 -20.64 -7.29
N ARG A 109 -6.37 -20.45 -6.95
CA ARG A 109 -7.35 -21.54 -6.98
C ARG A 109 -8.58 -21.12 -7.78
N LYS A 110 -9.09 -19.94 -7.47
CA LYS A 110 -10.27 -19.42 -8.14
C LYS A 110 -9.89 -18.62 -9.38
N ARG A 111 -8.69 -18.08 -9.38
CA ARG A 111 -8.21 -17.28 -10.50
C ARG A 111 -6.99 -17.92 -11.14
N LYS A 112 -6.87 -17.76 -12.46
CA LYS A 112 -5.74 -18.30 -13.21
C LYS A 112 -4.43 -17.64 -12.78
N PRO A 113 -3.44 -18.43 -12.36
CA PRO A 113 -2.13 -17.92 -11.94
C PRO A 113 -1.36 -17.25 -13.09
N PRO A 114 -0.50 -16.27 -12.75
CA PRO A 114 0.30 -15.54 -13.75
C PRO A 114 1.37 -16.41 -14.38
N VAL A 115 1.89 -15.94 -15.51
CA VAL A 115 2.94 -16.65 -16.23
C VAL A 115 4.20 -15.79 -16.36
N PRO A 116 5.34 -16.27 -15.84
CA PRO A 116 6.61 -15.54 -15.89
C PRO A 116 7.07 -15.26 -17.31
N LEU A 117 7.39 -14.00 -17.58
CA LEU A 117 7.86 -13.59 -18.89
C LEU A 117 9.36 -13.35 -18.87
N ASP A 118 10.08 -14.12 -19.65
CA ASP A 118 11.53 -13.98 -19.70
C ASP A 118 11.92 -12.99 -20.78
N TRP A 119 13.01 -12.25 -20.55
CA TRP A 119 13.51 -11.26 -21.49
C TRP A 119 13.79 -11.87 -22.86
N ALA A 120 14.31 -13.07 -22.88
CA ALA A 120 14.64 -13.74 -24.14
C ALA A 120 13.40 -14.31 -24.79
N GLU A 121 12.48 -14.82 -23.97
CA GLU A 121 11.24 -15.40 -24.48
C GLU A 121 10.38 -14.32 -25.13
N VAL A 122 10.47 -13.10 -24.62
CA VAL A 122 9.69 -12.00 -25.14
C VAL A 122 10.36 -11.38 -26.37
N GLN A 123 11.70 -11.40 -26.42
CA GLN A 123 12.41 -10.85 -27.56
C GLN A 123 12.28 -11.77 -28.77
N SER A 124 12.11 -13.06 -28.49
CA SER A 124 11.96 -14.06 -29.54
C SER A 124 10.56 -14.68 -29.46
N GLN A 125 9.58 -13.98 -30.01
CA GLN A 125 8.20 -14.45 -29.99
C GLN A 125 7.99 -15.56 -31.00
N GLY A 126 7.82 -16.78 -30.51
CA GLY A 126 7.60 -17.91 -31.38
C GLY A 126 6.22 -17.89 -32.00
N GLU A 127 5.39 -16.97 -31.52
CA GLU A 127 4.02 -16.82 -32.00
C GLU A 127 3.96 -15.86 -33.19
N GLU A 128 5.13 -15.39 -33.62
CA GLU A 128 5.22 -14.49 -34.76
C GLU A 128 6.43 -14.81 -35.61
N THR A 129 6.65 -14.01 -36.63
CA THR A 129 7.78 -14.17 -37.52
C THR A 129 8.93 -13.28 -37.08
N ASN A 130 10.11 -13.87 -36.91
CA ASN A 130 11.29 -13.11 -36.46
C ASN A 130 11.69 -12.03 -37.46
N ALA A 131 11.10 -12.06 -38.65
CA ALA A 131 11.39 -11.07 -39.67
C ALA A 131 10.44 -9.90 -39.61
N SER A 132 9.33 -10.06 -38.88
CA SER A 132 8.33 -8.99 -38.78
C SER A 132 7.78 -8.87 -37.37
N ASP A 133 8.52 -9.35 -36.39
CA ASP A 133 8.09 -9.29 -35.00
C ASP A 133 8.68 -8.07 -34.30
N GLN A 134 9.32 -7.20 -35.07
CA GLN A 134 9.91 -5.99 -34.53
C GLN A 134 8.96 -4.82 -34.72
N GLN A 135 7.97 -5.02 -35.57
CA GLN A 135 6.98 -4.00 -35.87
C GLN A 135 5.70 -4.28 -35.09
N ASN A 136 4.79 -3.32 -35.07
CA ASN A 136 3.53 -3.47 -34.37
C ASN A 136 2.38 -3.44 -35.35
N GLU A 137 1.17 -3.63 -34.84
CA GLU A 137 -0.02 -3.63 -35.68
C GLU A 137 -0.24 -2.26 -36.34
N PRO A 138 -0.33 -2.25 -37.67
CA PRO A 138 -0.52 -1.01 -38.44
C PRO A 138 -1.95 -0.47 -38.35
N GLN A 139 -2.39 -0.21 -37.12
CA GLN A 139 -3.73 0.31 -36.88
C GLN A 139 -3.80 1.81 -37.14
N LEU A 140 -5.01 2.33 -37.25
CA LEU A 140 -5.22 3.75 -37.52
C LEU A 140 -5.74 4.45 -36.28
N GLY A 141 -5.44 5.75 -36.16
CA GLY A 141 -5.88 6.53 -35.02
C GLY A 141 -4.72 7.16 -34.29
N LEU A 142 -5.00 7.72 -33.11
CA LEU A 142 -3.96 8.35 -32.30
C LEU A 142 -2.86 7.34 -31.98
N LYS A 143 -1.62 7.76 -32.12
CA LYS A 143 -0.47 6.88 -31.88
C LYS A 143 -0.39 6.49 -30.41
N ASP A 144 -0.73 7.42 -29.54
CA ASP A 144 -0.71 7.18 -28.10
C ASP A 144 -1.87 6.29 -27.67
N GLN A 145 -2.84 6.14 -28.57
CA GLN A 145 -4.02 5.33 -28.30
C GLN A 145 -3.87 3.94 -28.90
N GLN A 146 -2.74 3.69 -29.56
CA GLN A 146 -2.51 2.39 -30.18
C GLN A 146 -1.97 1.42 -29.14
N VAL A 147 -2.69 0.31 -28.97
CA VAL A 147 -2.28 -0.72 -28.02
C VAL A 147 -1.13 -1.51 -28.63
N LEU A 148 0.05 -1.37 -28.05
CA LEU A 148 1.23 -2.06 -28.53
C LEU A 148 1.21 -3.52 -28.10
N ASP A 149 2.33 -4.20 -28.25
CA ASP A 149 2.42 -5.61 -27.89
C ASP A 149 3.40 -5.79 -26.73
N VAL A 150 3.51 -7.02 -26.25
CA VAL A 150 4.39 -7.33 -25.13
C VAL A 150 5.86 -7.01 -25.44
N LYS A 151 6.26 -7.15 -26.70
CA LYS A 151 7.64 -6.88 -27.09
C LYS A 151 7.93 -5.38 -27.07
N SER A 152 7.03 -4.60 -27.66
CA SER A 152 7.20 -3.16 -27.71
C SER A 152 7.23 -2.56 -26.31
N TYR A 153 6.34 -3.03 -25.45
CA TYR A 153 6.29 -2.53 -24.08
C TYR A 153 7.52 -2.98 -23.30
N ALA A 154 8.07 -4.14 -23.66
CA ALA A 154 9.25 -4.66 -23.00
C ALA A 154 10.47 -3.79 -23.29
N ARG A 155 10.67 -3.47 -24.57
CA ARG A 155 11.81 -2.63 -24.96
C ARG A 155 11.58 -1.21 -24.50
N LEU A 156 10.31 -0.79 -24.47
CA LEU A 156 9.96 0.55 -24.01
C LEU A 156 10.31 0.68 -22.53
N PHE A 157 10.00 -0.35 -21.77
CA PHE A 157 10.28 -0.39 -20.33
C PHE A 157 11.78 -0.26 -20.12
N SER A 158 12.55 -1.00 -20.91
CA SER A 158 14.00 -0.98 -20.81
C SER A 158 14.55 0.41 -21.13
N LYS A 159 14.06 1.02 -22.21
CA LYS A 159 14.51 2.35 -22.60
C LYS A 159 14.16 3.37 -21.54
N SER A 160 13.00 3.18 -20.92
CA SER A 160 12.55 4.08 -19.87
C SER A 160 13.52 4.04 -18.70
N ILE A 161 14.00 2.84 -18.38
CA ILE A 161 14.96 2.66 -17.29
C ILE A 161 16.27 3.37 -17.63
N GLU A 162 16.63 3.33 -18.91
CA GLU A 162 17.86 3.96 -19.37
C GLU A 162 17.82 5.48 -19.18
N THR A 163 16.76 6.10 -19.68
CA THR A 163 16.61 7.55 -19.58
C THR A 163 16.38 8.00 -18.14
N LEU A 164 15.68 7.19 -17.34
CA LEU A 164 15.43 7.54 -15.96
C LEU A 164 16.70 7.39 -15.12
N ARG A 165 17.54 6.43 -15.52
CA ARG A 165 18.80 6.16 -14.82
C ARG A 165 19.70 7.39 -14.88
N VAL A 166 19.94 7.90 -16.09
CA VAL A 166 20.80 9.07 -16.26
C VAL A 166 20.17 10.31 -15.64
N HIS A 167 18.85 10.39 -15.69
CA HIS A 167 18.12 11.53 -15.12
C HIS A 167 18.31 11.59 -13.61
N LEU A 168 18.50 10.42 -13.01
CA LEU A 168 18.71 10.32 -11.58
C LEU A 168 20.17 10.61 -11.22
N ALA A 169 21.07 10.08 -12.03
CA ALA A 169 22.51 10.28 -11.82
C ALA A 169 22.89 11.75 -11.84
N GLU A 170 22.27 12.51 -12.74
CA GLU A 170 22.55 13.94 -12.88
C GLU A 170 22.09 14.70 -11.63
N LYS A 171 21.13 14.12 -10.91
CA LYS A 171 20.62 14.74 -9.70
C LYS A 171 21.58 14.54 -8.54
N GLY A 172 22.43 13.53 -8.68
CA GLY A 172 23.41 13.24 -7.64
C GLY A 172 23.00 12.04 -6.79
N ASP A 173 23.86 11.66 -5.87
CA ASP A 173 23.57 10.54 -4.98
C ASP A 173 22.65 10.99 -3.86
N GLY A 174 21.72 10.13 -3.49
CA GLY A 174 20.78 10.45 -2.44
C GLY A 174 19.61 11.28 -2.95
N ALA A 175 19.59 11.48 -4.27
CA ALA A 175 18.53 12.25 -4.90
C ALA A 175 17.42 11.34 -5.38
N GLU A 176 16.21 11.86 -5.43
CA GLU A 176 15.06 11.07 -5.86
C GLU A 176 14.23 11.84 -6.88
N LEU A 177 13.59 11.10 -7.79
CA LEU A 177 12.77 11.70 -8.82
C LEU A 177 11.29 11.53 -8.49
N ILE A 178 10.53 12.61 -8.59
CA ILE A 178 9.11 12.56 -8.31
C ILE A 178 8.36 12.20 -9.60
N TRP A 179 7.50 11.20 -9.53
CA TRP A 179 6.76 10.77 -10.71
C TRP A 179 5.78 11.84 -11.17
N ASP A 180 5.84 12.17 -12.45
CA ASP A 180 4.97 13.16 -13.05
C ASP A 180 4.47 12.64 -14.40
N LYS A 181 3.20 12.88 -14.66
CA LYS A 181 2.57 12.45 -15.91
C LYS A 181 3.06 13.31 -17.08
N ASP A 182 3.73 14.41 -16.72
CA ASP A 182 4.28 15.34 -17.71
C ASP A 182 5.52 14.77 -18.38
N ASP A 183 6.37 14.15 -17.59
CA ASP A 183 7.62 13.57 -18.09
C ASP A 183 7.36 12.31 -18.89
N PRO A 184 7.73 12.34 -20.20
CA PRO A 184 7.54 11.18 -21.10
C PRO A 184 8.32 9.96 -20.62
N SER A 185 9.44 10.21 -19.96
CA SER A 185 10.28 9.13 -19.45
C SER A 185 9.55 8.35 -18.37
N ALA A 186 9.06 9.07 -17.36
CA ALA A 186 8.32 8.45 -16.27
C ALA A 186 7.01 7.85 -16.76
N MET A 187 6.41 8.50 -17.75
CA MET A 187 5.14 8.04 -18.32
C MET A 187 5.33 6.74 -19.09
N ASP A 188 6.39 6.66 -19.89
CA ASP A 188 6.66 5.46 -20.67
C ASP A 188 6.94 4.30 -19.73
N PHE A 189 7.61 4.61 -18.62
CA PHE A 189 7.96 3.62 -17.61
C PHE A 189 6.69 2.96 -17.03
N VAL A 190 5.79 3.79 -16.52
CA VAL A 190 4.54 3.30 -15.92
C VAL A 190 3.68 2.57 -16.95
N THR A 191 3.68 3.05 -18.19
CA THR A 191 2.90 2.44 -19.25
C THR A 191 3.36 1.03 -19.55
N SER A 192 4.66 0.87 -19.74
CA SER A 192 5.24 -0.42 -20.05
C SER A 192 5.10 -1.40 -18.87
N ALA A 193 5.44 -0.94 -17.67
CA ALA A 193 5.38 -1.77 -16.48
C ALA A 193 3.96 -2.30 -16.23
N ALA A 194 2.97 -1.42 -16.35
CA ALA A 194 1.59 -1.81 -16.12
C ALA A 194 1.14 -2.84 -17.16
N ASN A 195 1.46 -2.58 -18.42
CA ASN A 195 1.09 -3.47 -19.52
C ASN A 195 1.74 -4.84 -19.36
N LEU A 196 3.01 -4.85 -18.98
CA LEU A 196 3.74 -6.10 -18.80
C LEU A 196 3.11 -6.94 -17.70
N ARG A 197 2.86 -6.34 -16.55
CA ARG A 197 2.27 -7.05 -15.42
C ARG A 197 0.85 -7.51 -15.74
N MET A 198 0.07 -6.65 -16.37
CA MET A 198 -1.30 -7.00 -16.72
C MET A 198 -1.35 -8.16 -17.72
N HIS A 199 -0.39 -8.18 -18.63
CA HIS A 199 -0.30 -9.24 -19.64
C HIS A 199 0.04 -10.56 -18.98
N ILE A 200 0.84 -10.50 -17.94
CA ILE A 200 1.26 -11.67 -17.19
C ILE A 200 0.07 -12.33 -16.48
N PHE A 201 -0.91 -11.51 -16.10
CA PHE A 201 -2.09 -12.00 -15.41
C PHE A 201 -3.25 -12.20 -16.39
N SER A 202 -2.94 -12.28 -17.68
CA SER A 202 -3.94 -12.47 -18.73
C SER A 202 -5.00 -11.36 -18.68
N MET A 203 -4.53 -10.13 -18.59
CA MET A 203 -5.39 -8.97 -18.54
C MET A 203 -5.23 -8.15 -19.83
N ASN A 204 -6.33 -7.57 -20.30
CA ASN A 204 -6.29 -6.77 -21.53
C ASN A 204 -5.27 -5.65 -21.43
N MET A 205 -4.57 -5.41 -22.52
CA MET A 205 -3.55 -4.37 -22.57
C MET A 205 -4.18 -3.01 -22.82
N LYS A 206 -3.47 -1.97 -22.43
CA LYS A 206 -3.95 -0.59 -22.59
C LYS A 206 -2.91 0.28 -23.27
N SER A 207 -3.38 1.30 -23.96
CA SER A 207 -2.50 2.24 -24.64
C SER A 207 -1.92 3.25 -23.65
N ARG A 208 -0.87 3.94 -24.08
CA ARG A 208 -0.23 4.94 -23.24
C ARG A 208 -1.19 6.07 -22.90
N PHE A 209 -2.01 6.45 -23.87
CA PHE A 209 -2.99 7.52 -23.68
C PHE A 209 -3.97 7.19 -22.56
N ASP A 210 -4.44 5.95 -22.55
CA ASP A 210 -5.40 5.52 -21.54
C ASP A 210 -4.72 5.44 -20.18
N ILE A 211 -3.53 4.86 -20.16
CA ILE A 211 -2.79 4.72 -18.91
C ILE A 211 -2.44 6.09 -18.35
N LYS A 212 -2.05 7.02 -19.22
CA LYS A 212 -1.72 8.37 -18.79
C LYS A 212 -2.91 9.04 -18.11
N SER A 213 -4.09 8.78 -18.67
CA SER A 213 -5.32 9.35 -18.14
C SER A 213 -5.66 8.78 -16.77
N MET A 214 -5.23 7.55 -16.50
CA MET A 214 -5.50 6.91 -15.22
C MET A 214 -4.36 7.13 -14.23
N ALA A 215 -3.12 7.01 -14.71
CA ALA A 215 -1.96 7.20 -13.85
C ALA A 215 -1.82 8.65 -13.43
N GLY A 216 -2.22 9.56 -14.32
CA GLY A 216 -2.13 10.97 -14.02
C GLY A 216 -3.32 11.47 -13.22
N ASN A 217 -4.51 10.93 -13.54
CA ASN A 217 -5.78 11.28 -12.89
C ASN A 217 -5.86 12.77 -12.56
N MET B 1 12.88 11.34 22.74
CA MET B 1 13.11 12.14 23.96
C MET B 1 12.09 13.27 24.06
N SER B 2 11.86 13.76 25.28
CA SER B 2 10.92 14.84 25.53
C SER B 2 11.32 16.08 24.74
N GLY B 3 10.36 16.93 24.44
CA GLY B 3 10.64 18.13 23.67
C GLY B 3 10.56 17.85 22.18
N ILE B 4 11.37 16.91 21.72
CA ILE B 4 11.39 16.52 20.32
C ILE B 4 10.02 16.01 19.90
N ALA B 5 9.48 15.10 20.70
CA ALA B 5 8.17 14.52 20.44
C ALA B 5 7.09 15.61 20.42
N LEU B 6 7.20 16.55 21.34
CA LEU B 6 6.24 17.64 21.45
C LEU B 6 6.29 18.54 20.21
N SER B 7 7.48 18.68 19.64
CA SER B 7 7.67 19.49 18.46
C SER B 7 6.92 18.86 17.28
N ARG B 8 6.99 17.54 17.21
CA ARG B 8 6.31 16.79 16.15
C ARG B 8 4.80 16.82 16.37
N LEU B 9 4.39 16.66 17.62
CA LEU B 9 2.97 16.68 17.96
C LEU B 9 2.31 18.01 17.62
N ALA B 10 3.04 19.10 17.86
CA ALA B 10 2.54 20.42 17.55
C ALA B 10 2.35 20.58 16.04
N GLN B 11 3.23 19.94 15.29
CA GLN B 11 3.17 19.98 13.83
C GLN B 11 1.90 19.30 13.34
N GLU B 12 1.58 18.15 13.93
CA GLU B 12 0.40 17.39 13.56
C GLU B 12 -0.86 18.23 13.71
N ARG B 13 -0.96 18.94 14.83
CA ARG B 13 -2.12 19.78 15.09
C ARG B 13 -2.26 20.88 14.04
N LYS B 14 -1.13 21.47 13.67
CA LYS B 14 -1.12 22.53 12.67
C LYS B 14 -1.57 22.01 11.31
N ALA B 15 -1.03 20.86 10.92
CA ALA B 15 -1.36 20.24 9.64
C ALA B 15 -2.82 19.78 9.60
N TRP B 16 -3.26 19.16 10.70
CA TRP B 16 -4.63 18.67 10.80
C TRP B 16 -5.63 19.83 10.76
N ARG B 17 -5.28 20.92 11.42
CA ARG B 17 -6.14 22.10 11.46
C ARG B 17 -6.29 22.70 10.07
N LYS B 18 -5.30 22.48 9.22
CA LYS B 18 -5.33 23.01 7.86
C LYS B 18 -6.17 22.10 6.96
N ASP B 19 -5.79 20.83 6.88
CA ASP B 19 -6.50 19.87 6.03
C ASP B 19 -6.71 18.55 6.75
N HIS B 20 -7.95 18.08 6.73
CA HIS B 20 -8.29 16.81 7.36
C HIS B 20 -9.59 16.26 6.77
N PRO B 21 -9.80 14.94 6.82
CA PRO B 21 -11.02 14.31 6.29
C PRO B 21 -12.26 14.79 7.04
N PHE B 22 -13.32 15.07 6.29
CA PHE B 22 -14.57 15.55 6.86
C PHE B 22 -15.19 14.48 7.76
N GLY B 23 -15.54 14.89 8.97
CA GLY B 23 -16.14 13.98 9.92
C GLY B 23 -15.15 13.50 10.95
N PHE B 24 -13.88 13.53 10.59
CA PHE B 24 -12.81 13.10 11.47
C PHE B 24 -12.42 14.21 12.43
N VAL B 25 -12.23 13.85 13.68
CA VAL B 25 -11.86 14.81 14.71
C VAL B 25 -10.58 14.36 15.41
N ALA B 26 -9.66 15.29 15.64
CA ALA B 26 -8.40 15.00 16.31
C ALA B 26 -7.97 16.22 17.11
N VAL B 27 -8.25 16.19 18.40
CA VAL B 27 -7.91 17.31 19.27
C VAL B 27 -7.22 16.81 20.54
N PRO B 28 -6.09 17.44 20.92
CA PRO B 28 -5.35 17.07 22.12
C PRO B 28 -6.17 17.33 23.38
N THR B 29 -5.91 16.52 24.41
CA THR B 29 -6.63 16.64 25.68
C THR B 29 -6.39 18.01 26.33
N LYS B 30 -7.48 18.64 26.75
CA LYS B 30 -7.40 19.94 27.40
C LYS B 30 -6.84 19.77 28.81
N ASN B 31 -5.75 20.43 29.08
CA ASN B 31 -5.11 20.37 30.38
C ASN B 31 -5.53 21.58 31.21
N PRO B 32 -5.73 21.41 32.53
CA PRO B 32 -6.14 22.50 33.43
C PRO B 32 -5.22 23.72 33.36
N ASP B 33 -5.63 24.78 34.08
CA ASP B 33 -4.90 26.05 34.17
C ASP B 33 -4.80 26.79 32.84
N GLY B 34 -5.20 26.15 31.76
CA GLY B 34 -5.16 26.79 30.46
C GLY B 34 -4.18 26.14 29.51
N THR B 35 -3.46 25.13 29.99
CA THR B 35 -2.49 24.46 29.15
C THR B 35 -3.14 23.33 28.34
N MET B 36 -2.33 22.47 27.73
CA MET B 36 -2.84 21.36 26.95
C MET B 36 -1.79 20.25 26.83
N ASN B 37 -2.22 19.01 26.96
CA ASN B 37 -1.31 17.89 26.85
C ASN B 37 -1.33 17.35 25.43
N LEU B 38 -0.24 17.54 24.71
CA LEU B 38 -0.13 17.10 23.33
C LEU B 38 0.19 15.61 23.23
N MET B 39 0.45 14.97 24.36
CA MET B 39 0.79 13.56 24.38
C MET B 39 -0.44 12.68 24.51
N ASN B 40 -1.61 13.30 24.51
CA ASN B 40 -2.86 12.57 24.61
C ASN B 40 -3.92 13.29 23.80
N TRP B 41 -4.46 12.63 22.79
CA TRP B 41 -5.47 13.23 21.93
C TRP B 41 -6.78 12.45 22.03
N GLU B 42 -7.88 13.18 21.87
CA GLU B 42 -9.21 12.59 21.89
C GLU B 42 -9.79 12.71 20.48
N CYS B 43 -9.51 11.72 19.67
CA CYS B 43 -9.95 11.72 18.28
C CYS B 43 -11.30 11.02 18.11
N ALA B 44 -11.93 11.27 16.98
CA ALA B 44 -13.21 10.69 16.64
C ALA B 44 -13.22 10.25 15.18
N ILE B 45 -13.70 9.05 14.93
CA ILE B 45 -13.75 8.51 13.58
C ILE B 45 -15.17 8.13 13.18
N PRO B 46 -15.68 8.74 12.10
CA PRO B 46 -17.02 8.45 11.59
C PRO B 46 -17.03 7.21 10.71
N GLY B 47 -18.11 6.44 10.81
CA GLY B 47 -18.23 5.24 10.01
C GLY B 47 -18.14 5.52 8.52
N LYS B 48 -17.39 4.68 7.82
CA LYS B 48 -17.20 4.83 6.39
C LYS B 48 -18.53 4.72 5.64
N LYS B 49 -18.76 5.64 4.71
CA LYS B 49 -19.99 5.65 3.92
C LYS B 49 -20.09 4.38 3.07
N GLY B 50 -21.27 3.80 3.02
CA GLY B 50 -21.48 2.59 2.24
C GLY B 50 -21.19 1.33 3.02
N THR B 51 -20.96 1.48 4.32
CA THR B 51 -20.65 0.36 5.19
C THR B 51 -21.61 0.35 6.38
N PRO B 52 -21.71 -0.77 7.13
CA PRO B 52 -22.59 -0.86 8.31
C PRO B 52 -22.13 0.03 9.46
N TRP B 53 -20.98 0.68 9.28
CA TRP B 53 -20.43 1.56 10.30
C TRP B 53 -20.91 2.99 10.04
N GLU B 54 -21.42 3.21 8.84
CA GLU B 54 -21.91 4.51 8.42
C GLU B 54 -23.03 5.01 9.32
N GLY B 55 -22.95 6.27 9.72
CA GLY B 55 -23.97 6.84 10.57
C GLY B 55 -23.52 6.99 12.00
N GLY B 56 -22.45 6.29 12.36
CA GLY B 56 -21.96 6.36 13.72
C GLY B 56 -20.63 7.08 13.84
N LEU B 57 -20.43 7.74 14.97
CA LEU B 57 -19.19 8.46 15.24
C LEU B 57 -18.51 7.84 16.45
N PHE B 58 -17.41 7.15 16.21
CA PHE B 58 -16.70 6.48 17.29
C PHE B 58 -15.57 7.36 17.83
N LYS B 59 -15.26 7.19 19.11
CA LYS B 59 -14.22 7.99 19.74
C LYS B 59 -13.07 7.11 20.21
N LEU B 60 -11.86 7.55 19.93
CA LEU B 60 -10.66 6.80 20.33
C LEU B 60 -9.62 7.76 20.90
N ARG B 61 -8.90 7.29 21.89
CA ARG B 61 -7.87 8.09 22.54
C ARG B 61 -6.49 7.70 22.03
N MET B 62 -5.66 8.69 21.78
CA MET B 62 -4.30 8.44 21.30
C MET B 62 -3.28 8.87 22.35
N LEU B 63 -2.47 7.92 22.79
CA LEU B 63 -1.42 8.19 23.76
C LEU B 63 -0.06 8.13 23.07
N PHE B 64 0.77 9.13 23.32
CA PHE B 64 2.07 9.19 22.67
C PHE B 64 3.20 9.04 23.69
N LYS B 65 4.26 8.36 23.26
CA LYS B 65 5.43 8.14 24.10
C LYS B 65 6.41 9.30 23.93
N ASP B 66 7.44 9.33 24.77
CA ASP B 66 8.44 10.38 24.69
C ASP B 66 9.43 10.05 23.58
N ASP B 67 9.29 8.85 23.02
CA ASP B 67 10.14 8.38 21.94
C ASP B 67 9.56 8.77 20.59
N TYR B 68 8.41 9.44 20.61
CA TYR B 68 7.73 9.86 19.40
C TYR B 68 8.64 10.79 18.57
N PRO B 69 8.62 10.67 17.22
CA PRO B 69 7.78 9.72 16.50
C PRO B 69 8.48 8.39 16.18
N SER B 70 9.55 8.08 16.90
CA SER B 70 10.28 6.84 16.67
C SER B 70 9.46 5.65 17.16
N SER B 71 8.58 5.93 18.13
CA SER B 71 7.70 4.92 18.68
C SER B 71 6.27 5.17 18.21
N PRO B 72 5.53 4.11 17.87
CA PRO B 72 4.15 4.24 17.40
C PRO B 72 3.19 4.67 18.51
N PRO B 73 2.15 5.44 18.15
CA PRO B 73 1.17 5.94 19.12
C PRO B 73 0.18 4.86 19.56
N LYS B 74 -0.24 4.93 20.80
CA LYS B 74 -1.19 3.97 21.34
C LYS B 74 -2.62 4.47 21.16
N CYS B 75 -3.37 3.79 20.32
CA CYS B 75 -4.75 4.17 20.04
C CYS B 75 -5.71 3.19 20.69
N LYS B 76 -6.59 3.72 21.53
CA LYS B 76 -7.58 2.89 22.22
C LYS B 76 -8.98 3.44 22.03
N PHE B 77 -9.91 2.57 21.67
CA PHE B 77 -11.29 2.98 21.49
C PHE B 77 -11.97 3.13 22.84
N GLU B 78 -12.64 4.26 23.04
CA GLU B 78 -13.32 4.52 24.30
C GLU B 78 -14.81 4.76 24.06
N PRO B 79 -15.67 3.77 24.36
CA PRO B 79 -15.27 2.47 24.91
C PRO B 79 -14.89 1.47 23.81
N PRO B 80 -14.35 0.29 24.19
CA PRO B 80 -13.95 -0.75 23.23
C PRO B 80 -15.09 -1.14 22.30
N LEU B 81 -14.79 -1.23 21.01
CA LEU B 81 -15.78 -1.57 20.01
C LEU B 81 -15.70 -3.02 19.56
N PHE B 82 -16.79 -3.50 18.98
CA PHE B 82 -16.88 -4.85 18.46
C PHE B 82 -16.14 -4.94 17.13
N HIS B 83 -14.90 -5.40 17.19
CA HIS B 83 -14.06 -5.53 16.00
C HIS B 83 -12.92 -6.51 16.27
N PRO B 84 -12.72 -7.52 15.41
CA PRO B 84 -11.67 -8.54 15.60
C PRO B 84 -10.26 -7.97 15.70
N ASN B 85 -10.07 -6.73 15.27
CA ASN B 85 -8.75 -6.11 15.32
C ASN B 85 -8.64 -5.12 16.48
N VAL B 86 -9.63 -5.14 17.36
CA VAL B 86 -9.63 -4.26 18.51
C VAL B 86 -9.74 -5.10 19.78
N TYR B 87 -8.75 -4.95 20.66
CA TYR B 87 -8.74 -5.68 21.91
C TYR B 87 -9.92 -5.28 22.78
N PRO B 88 -10.39 -6.19 23.65
CA PRO B 88 -11.51 -5.91 24.56
C PRO B 88 -11.19 -4.77 25.53
N SER B 89 -9.93 -4.39 25.59
CA SER B 89 -9.48 -3.32 26.45
C SER B 89 -9.50 -1.97 25.71
N GLY B 90 -9.71 -2.03 24.39
CA GLY B 90 -9.76 -0.82 23.58
C GLY B 90 -8.58 -0.69 22.63
N THR B 91 -7.50 -1.39 22.94
CA THR B 91 -6.28 -1.36 22.14
C THR B 91 -6.53 -1.79 20.69
N VAL B 92 -6.18 -0.91 19.75
CA VAL B 92 -6.35 -1.20 18.33
C VAL B 92 -5.04 -1.67 17.73
N CYS B 93 -5.10 -2.75 16.96
CA CYS B 93 -3.91 -3.30 16.32
C CYS B 93 -3.91 -3.00 14.83
N LEU B 94 -2.77 -2.57 14.31
CA LEU B 94 -2.64 -2.22 12.89
C LEU B 94 -1.16 -2.28 12.49
N SER B 95 -0.90 -2.68 11.25
CA SER B 95 0.46 -2.80 10.73
C SER B 95 1.29 -1.51 10.91
N ILE B 96 0.68 -0.36 10.66
CA ILE B 96 1.38 0.91 10.79
C ILE B 96 1.23 1.48 12.19
N LEU B 97 0.74 0.68 13.13
CA LEU B 97 0.57 1.11 14.50
C LEU B 97 1.49 0.31 15.40
N GLU B 98 2.28 -0.57 14.77
CA GLU B 98 3.22 -1.40 15.47
C GLU B 98 4.62 -1.20 14.89
N GLU B 99 5.58 -0.96 15.76
CA GLU B 99 6.96 -0.68 15.38
C GLU B 99 7.59 -1.77 14.52
N ASP B 100 7.62 -2.99 15.04
CA ASP B 100 8.26 -4.12 14.34
C ASP B 100 7.40 -4.68 13.20
N LYS B 101 6.54 -3.87 12.61
CA LYS B 101 5.73 -4.31 11.50
C LYS B 101 5.95 -3.43 10.27
N ASP B 102 5.17 -2.36 10.13
CA ASP B 102 5.31 -1.46 8.97
C ASP B 102 5.12 -0.01 9.39
N TRP B 103 5.52 0.32 10.60
CA TRP B 103 5.39 1.69 11.11
C TRP B 103 6.57 2.56 10.67
N ARG B 104 6.26 3.75 10.16
CA ARG B 104 7.27 4.70 9.74
C ARG B 104 7.08 6.00 10.52
N PRO B 105 8.16 6.52 11.11
CA PRO B 105 8.10 7.77 11.90
C PRO B 105 7.55 8.95 11.11
N ALA B 106 7.72 8.93 9.79
CA ALA B 106 7.25 10.01 8.93
C ALA B 106 5.75 9.97 8.69
N ILE B 107 5.06 8.95 9.22
CA ILE B 107 3.63 8.83 9.05
C ILE B 107 2.89 9.87 9.89
N THR B 108 2.03 10.63 9.23
CA THR B 108 1.24 11.66 9.88
C THR B 108 0.01 11.06 10.55
N ILE B 109 -0.43 11.67 11.66
CA ILE B 109 -1.61 11.19 12.39
C ILE B 109 -2.83 11.08 11.47
N LYS B 110 -2.91 11.97 10.49
CA LYS B 110 -4.00 11.98 9.53
C LYS B 110 -4.13 10.64 8.82
N GLN B 111 -2.99 10.00 8.55
CA GLN B 111 -2.98 8.72 7.86
C GLN B 111 -3.41 7.60 8.80
N ILE B 112 -2.96 7.69 10.06
CA ILE B 112 -3.27 6.69 11.06
C ILE B 112 -4.78 6.66 11.33
N LEU B 113 -5.38 7.83 11.47
CA LEU B 113 -6.81 7.95 11.72
C LEU B 113 -7.61 7.31 10.58
N LEU B 114 -7.19 7.58 9.35
CA LEU B 114 -7.86 7.03 8.18
C LEU B 114 -7.69 5.52 8.12
N GLY B 115 -6.50 5.07 8.51
CA GLY B 115 -6.20 3.65 8.51
C GLY B 115 -7.12 2.88 9.43
N ILE B 116 -7.42 3.46 10.58
CA ILE B 116 -8.32 2.82 11.54
C ILE B 116 -9.73 2.72 10.98
N GLN B 117 -10.15 3.75 10.26
CA GLN B 117 -11.48 3.76 9.65
C GLN B 117 -11.58 2.68 8.59
N GLU B 118 -10.56 2.58 7.76
CA GLU B 118 -10.52 1.58 6.70
C GLU B 118 -10.52 0.18 7.31
N LEU B 119 -9.81 0.04 8.43
CA LEU B 119 -9.72 -1.23 9.14
C LEU B 119 -11.09 -1.67 9.64
N LEU B 120 -11.93 -0.69 9.97
CA LEU B 120 -13.27 -0.98 10.47
C LEU B 120 -14.08 -1.72 9.40
N ASN B 121 -13.99 -1.23 8.16
CA ASN B 121 -14.72 -1.84 7.06
C ASN B 121 -14.02 -3.12 6.59
N GLU B 122 -12.70 -3.08 6.49
CA GLU B 122 -11.93 -4.24 6.07
C GLU B 122 -11.16 -4.83 7.25
N PRO B 123 -11.79 -5.78 7.97
CA PRO B 123 -11.16 -6.42 9.13
C PRO B 123 -10.04 -7.37 8.74
N ASN B 124 -8.92 -7.24 9.42
CA ASN B 124 -7.77 -8.09 9.15
C ASN B 124 -7.96 -9.43 9.85
N ILE B 125 -7.82 -10.50 9.10
CA ILE B 125 -7.99 -11.85 9.64
C ILE B 125 -6.66 -12.39 10.18
N GLN B 126 -5.59 -11.68 9.90
CA GLN B 126 -4.27 -12.10 10.35
C GLN B 126 -4.03 -11.70 11.82
N ASP B 127 -4.57 -10.56 12.23
CA ASP B 127 -4.38 -10.07 13.60
C ASP B 127 -5.67 -10.16 14.42
N PRO B 128 -5.81 -11.24 15.22
CA PRO B 128 -6.97 -11.47 16.06
C PRO B 128 -6.82 -10.87 17.46
N ALA B 129 -7.26 -9.64 17.62
CA ALA B 129 -7.19 -8.95 18.90
C ALA B 129 -8.40 -9.28 19.75
N GLN B 130 -9.56 -9.40 19.11
CA GLN B 130 -10.81 -9.72 19.79
C GLN B 130 -11.30 -11.09 19.33
N ALA B 131 -11.07 -12.10 20.17
CA ALA B 131 -11.47 -13.47 19.86
C ALA B 131 -12.96 -13.59 19.56
N GLU B 132 -13.78 -12.98 20.40
CA GLU B 132 -15.24 -13.02 20.24
C GLU B 132 -15.65 -12.60 18.83
N ALA B 133 -15.20 -11.42 18.41
CA ALA B 133 -15.52 -10.90 17.10
C ALA B 133 -14.88 -11.73 15.99
N TYR B 134 -13.67 -12.21 16.24
CA TYR B 134 -12.93 -13.02 15.27
C TYR B 134 -13.69 -14.30 14.93
N THR B 135 -14.22 -14.96 15.96
CA THR B 135 -14.98 -16.17 15.76
C THR B 135 -16.32 -15.89 15.07
N ILE B 136 -17.05 -14.90 15.58
CA ILE B 136 -18.36 -14.54 15.01
C ILE B 136 -18.22 -14.14 13.54
N TYR B 137 -17.23 -13.32 13.23
CA TYR B 137 -16.99 -12.84 11.86
C TYR B 137 -16.83 -13.99 10.87
N CYS B 138 -16.33 -15.13 11.35
CA CYS B 138 -16.11 -16.27 10.47
C CYS B 138 -17.25 -17.29 10.53
N GLN B 139 -17.79 -17.55 11.71
CA GLN B 139 -18.84 -18.56 11.84
C GLN B 139 -20.23 -18.00 11.52
N ASN B 140 -20.42 -16.69 11.66
CA ASN B 140 -21.72 -16.10 11.40
C ASN B 140 -21.61 -14.66 10.92
N ARG B 141 -21.57 -14.48 9.62
CA ARG B 141 -21.46 -13.15 9.03
C ARG B 141 -22.73 -12.35 9.28
N VAL B 142 -23.87 -13.03 9.26
CA VAL B 142 -25.17 -12.40 9.49
C VAL B 142 -25.21 -11.76 10.87
N GLU B 143 -24.82 -12.53 11.88
CA GLU B 143 -24.82 -12.03 13.25
C GLU B 143 -23.82 -10.90 13.41
N TYR B 144 -22.71 -11.00 12.68
CA TYR B 144 -21.66 -9.99 12.74
C TYR B 144 -22.21 -8.64 12.25
N GLU B 145 -22.89 -8.66 11.11
CA GLU B 145 -23.46 -7.45 10.53
C GLU B 145 -24.44 -6.78 11.50
N LYS B 146 -25.30 -7.59 12.11
CA LYS B 146 -26.30 -7.10 13.05
C LYS B 146 -25.65 -6.36 14.22
N ARG B 147 -24.70 -7.02 14.86
CA ARG B 147 -24.00 -6.44 16.01
C ARG B 147 -23.26 -5.17 15.62
N VAL B 148 -22.68 -5.15 14.43
CA VAL B 148 -21.95 -3.98 13.95
C VAL B 148 -22.93 -2.83 13.67
N ARG B 149 -24.06 -3.17 13.07
CA ARG B 149 -25.09 -2.18 12.73
C ARG B 149 -25.64 -1.54 14.00
N ALA B 150 -25.94 -2.36 15.00
CA ALA B 150 -26.47 -1.87 16.27
C ALA B 150 -25.46 -0.97 16.97
N GLN B 151 -24.19 -1.29 16.80
CA GLN B 151 -23.11 -0.52 17.39
C GLN B 151 -23.04 0.86 16.76
N ALA B 152 -23.20 0.93 15.45
CA ALA B 152 -23.17 2.20 14.73
C ALA B 152 -24.34 3.08 15.17
N LYS B 153 -25.49 2.46 15.40
CA LYS B 153 -26.68 3.18 15.83
C LYS B 153 -26.51 3.68 17.27
N LYS B 154 -25.65 3.02 18.00
CA LYS B 154 -25.38 3.38 19.39
C LYS B 154 -24.50 4.62 19.46
N PHE B 155 -23.55 4.73 18.54
CA PHE B 155 -22.63 5.85 18.51
C PHE B 155 -23.06 6.88 17.47
N ALA B 156 -24.32 6.81 17.07
CA ALA B 156 -24.85 7.75 16.08
C ALA B 156 -25.05 9.13 16.71
N PRO B 157 -24.48 10.18 16.08
CA PRO B 157 -24.59 11.56 16.58
C PRO B 157 -26.04 11.99 16.75
N SER B 158 -26.42 12.23 18.00
CA SER B 158 -27.78 12.63 18.31
C SER B 158 -27.75 13.67 19.42
N THR A 1 -15.98 10.15 -6.20
CA THR A 1 -14.73 9.99 -5.43
C THR A 1 -13.91 8.84 -6.00
N GLN A 2 -12.59 9.03 -6.05
CA GLN A 2 -11.69 8.00 -6.58
C GLN A 2 -11.71 6.78 -5.67
N ARG A 3 -11.55 5.61 -6.26
CA ARG A 3 -11.56 4.37 -5.50
C ARG A 3 -10.13 3.94 -5.16
N THR A 4 -9.89 3.70 -3.88
CA THR A 4 -8.58 3.27 -3.43
C THR A 4 -8.36 1.80 -3.76
N PHE A 5 -7.09 1.38 -3.83
CA PHE A 5 -6.79 0.00 -4.15
C PHE A 5 -5.95 -0.64 -3.06
N PRO A 6 -6.49 -1.67 -2.38
CA PRO A 6 -5.79 -2.40 -1.31
C PRO A 6 -4.42 -2.93 -1.77
N GLY A 7 -3.49 -3.03 -0.82
CA GLY A 7 -2.15 -3.51 -1.14
C GLY A 7 -2.13 -4.92 -1.69
N CYS A 8 -2.97 -5.78 -1.13
CA CYS A 8 -3.02 -7.18 -1.55
C CYS A 8 -3.49 -7.33 -3.00
N THR A 9 -4.38 -6.45 -3.44
CA THR A 9 -4.90 -6.52 -4.79
C THR A 9 -3.96 -5.83 -5.79
N ILE A 10 -2.89 -5.24 -5.28
CA ILE A 10 -1.92 -4.58 -6.13
C ILE A 10 -0.66 -5.42 -6.23
N ARG A 11 -0.16 -5.85 -5.08
CA ARG A 11 1.06 -6.65 -5.01
C ARG A 11 0.82 -8.10 -5.45
N ASN A 12 -0.29 -8.68 -4.98
CA ASN A 12 -0.58 -10.07 -5.30
C ASN A 12 -1.45 -10.23 -6.55
N THR A 13 -2.76 -10.09 -6.41
CA THR A 13 -3.66 -10.27 -7.55
C THR A 13 -4.32 -8.98 -8.03
N PRO A 14 -3.79 -8.39 -9.12
CA PRO A 14 -4.32 -7.18 -9.71
C PRO A 14 -5.24 -7.48 -10.90
N SER A 15 -6.36 -8.12 -10.63
CA SER A 15 -7.31 -8.51 -11.67
C SER A 15 -8.09 -7.31 -12.22
N GLU A 16 -7.38 -6.42 -12.92
CA GLU A 16 -7.99 -5.24 -13.52
C GLU A 16 -6.90 -4.43 -14.25
N PRO A 17 -7.21 -3.91 -15.45
CA PRO A 17 -6.26 -3.12 -16.25
C PRO A 17 -5.61 -1.98 -15.46
N ILE A 18 -6.43 -1.12 -14.86
CA ILE A 18 -5.91 0.01 -14.09
C ILE A 18 -5.14 -0.47 -12.86
N HIS A 19 -5.45 -1.67 -12.38
CA HIS A 19 -4.77 -2.24 -11.21
C HIS A 19 -3.29 -2.42 -11.52
N CYS A 20 -2.99 -2.87 -12.72
CA CYS A 20 -1.61 -3.09 -13.14
C CYS A 20 -0.91 -1.76 -13.35
N ILE A 21 -1.67 -0.77 -13.79
CA ILE A 21 -1.14 0.57 -14.02
C ILE A 21 -0.76 1.23 -12.70
N VAL A 22 -1.62 1.06 -11.70
CA VAL A 22 -1.36 1.60 -10.37
C VAL A 22 -0.09 0.98 -9.80
N TRP A 23 0.07 -0.32 -10.05
CA TRP A 23 1.24 -1.04 -9.60
C TRP A 23 2.50 -0.45 -10.23
N ALA A 24 2.40 -0.12 -11.51
CA ALA A 24 3.51 0.47 -12.25
C ALA A 24 3.86 1.86 -11.70
N LYS A 25 2.82 2.59 -11.29
CA LYS A 25 3.01 3.92 -10.73
C LYS A 25 3.81 3.82 -9.43
N TYR A 26 3.49 2.81 -8.64
CA TYR A 26 4.19 2.58 -7.38
C TYR A 26 5.62 2.13 -7.67
N LEU A 27 5.76 1.30 -8.70
CA LEU A 27 7.07 0.79 -9.12
C LEU A 27 8.02 1.94 -9.43
N PHE A 28 7.50 2.96 -10.11
CA PHE A 28 8.30 4.12 -10.47
C PHE A 28 8.82 4.84 -9.23
N ASN A 29 7.94 5.12 -8.29
CA ASN A 29 8.31 5.83 -7.07
C ASN A 29 9.22 4.98 -6.20
N GLN A 30 8.99 3.68 -6.18
CA GLN A 30 9.78 2.77 -5.38
C GLN A 30 11.15 2.51 -6.00
N LEU A 31 11.45 3.17 -7.11
CA LEU A 31 12.74 2.99 -7.78
C LEU A 31 13.44 4.33 -8.02
N PHE A 32 12.69 5.33 -8.44
CA PHE A 32 13.27 6.64 -8.74
C PHE A 32 12.70 7.75 -7.86
N GLY A 33 11.77 7.41 -6.98
CA GLY A 33 11.16 8.43 -6.15
C GLY A 33 11.22 8.12 -4.67
N GLU A 34 10.11 8.38 -3.99
CA GLU A 34 10.00 8.16 -2.55
C GLU A 34 9.53 6.74 -2.27
N GLU A 35 10.13 6.11 -1.27
CA GLU A 35 9.78 4.75 -0.90
C GLU A 35 8.85 4.73 0.29
N ASP A 36 7.86 3.86 0.24
CA ASP A 36 6.91 3.70 1.32
C ASP A 36 6.65 2.23 1.56
N ALA A 37 6.74 1.81 2.81
CA ALA A 37 6.54 0.41 3.17
C ALA A 37 5.14 -0.06 2.79
N ASP A 38 4.16 0.80 3.06
CA ASP A 38 2.76 0.51 2.75
C ASP A 38 2.56 0.24 1.26
N GLN A 39 3.21 1.05 0.43
CA GLN A 39 3.08 0.91 -1.01
C GLN A 39 4.24 0.14 -1.63
N GLU A 40 4.61 -0.98 -1.01
CA GLU A 40 5.69 -1.81 -1.54
C GLU A 40 5.28 -2.38 -2.90
N VAL A 41 6.27 -2.58 -3.76
CA VAL A 41 6.01 -3.09 -5.09
C VAL A 41 6.40 -4.56 -5.20
N SER A 42 7.24 -5.02 -4.28
CA SER A 42 7.69 -6.39 -4.28
C SER A 42 6.74 -7.28 -3.48
N PRO A 43 6.72 -8.59 -3.77
CA PRO A 43 5.86 -9.54 -3.06
C PRO A 43 6.20 -9.57 -1.57
N ASP A 44 5.19 -9.43 -0.73
CA ASP A 44 5.39 -9.42 0.70
C ASP A 44 5.83 -10.79 1.21
N ARG A 45 6.77 -10.80 2.13
CA ARG A 45 7.28 -12.04 2.70
C ARG A 45 6.42 -12.48 3.85
N ALA A 46 5.54 -11.58 4.30
CA ALA A 46 4.65 -11.88 5.41
C ALA A 46 3.27 -12.28 4.90
N ASP A 47 3.23 -12.91 3.72
CA ASP A 47 1.97 -13.35 3.13
C ASP A 47 1.29 -14.36 4.05
N PRO A 48 -0.03 -14.19 4.29
CA PRO A 48 -0.82 -15.08 5.16
C PRO A 48 -0.68 -16.57 4.85
N GLU A 49 -0.26 -16.92 3.64
CA GLU A 49 -0.11 -18.32 3.27
C GLU A 49 1.32 -18.81 3.43
N ALA A 50 2.25 -17.88 3.63
CA ALA A 50 3.65 -18.25 3.78
C ALA A 50 4.43 -17.21 4.59
N ALA A 51 4.27 -17.26 5.91
CA ALA A 51 4.97 -16.34 6.79
C ALA A 51 5.05 -16.88 8.21
N TRP A 52 3.93 -16.82 8.92
CA TRP A 52 3.86 -17.30 10.29
C TRP A 52 2.41 -17.28 10.77
N GLU A 53 1.90 -16.07 10.99
CA GLU A 53 0.53 -15.87 11.44
C GLU A 53 0.08 -14.45 11.07
N PRO A 54 0.78 -13.39 11.53
CA PRO A 54 1.94 -13.45 12.42
C PRO A 54 1.61 -12.96 13.82
N THR A 55 2.62 -12.57 14.58
CA THR A 55 2.40 -12.06 15.92
C THR A 55 1.96 -10.59 15.84
N GLU A 56 0.68 -10.39 15.59
CA GLU A 56 0.12 -9.05 15.47
C GLU A 56 -0.19 -8.47 16.85
N ALA A 57 -0.35 -7.15 16.91
CA ALA A 57 -0.64 -6.46 18.16
C ALA A 57 0.40 -6.81 19.22
N GLU A 58 1.64 -6.50 18.91
CA GLU A 58 2.75 -6.81 19.81
C GLU A 58 2.68 -6.02 21.10
N ALA A 59 2.80 -6.75 22.19
CA ALA A 59 2.78 -6.20 23.53
C ALA A 59 3.50 -7.15 24.46
N ARG A 60 4.35 -7.98 23.87
CA ARG A 60 5.10 -8.98 24.60
C ARG A 60 6.56 -8.59 24.68
N ALA A 61 7.28 -9.22 25.58
CA ALA A 61 8.71 -8.95 25.75
C ALA A 61 9.51 -9.77 24.75
N ARG A 62 10.30 -9.10 23.94
CA ARG A 62 11.14 -9.77 22.95
C ARG A 62 12.45 -9.04 22.80
N ALA A 63 13.46 -9.74 22.28
CA ALA A 63 14.77 -9.16 22.08
C ALA A 63 14.77 -8.25 20.86
N SER A 64 14.48 -6.98 21.09
CA SER A 64 14.45 -6.01 20.01
C SER A 64 15.87 -5.60 19.59
N ASN A 65 16.49 -6.43 18.77
CA ASN A 65 17.84 -6.16 18.30
C ASN A 65 17.81 -5.08 17.22
N GLU A 66 16.82 -5.17 16.36
CA GLU A 66 16.66 -4.21 15.27
C GLU A 66 15.83 -3.02 15.76
N ASP A 67 16.27 -1.82 15.43
CA ASP A 67 15.57 -0.62 15.84
C ASP A 67 15.06 0.15 14.63
N GLY A 68 13.81 0.56 14.69
CA GLY A 68 13.22 1.31 13.60
C GLY A 68 12.71 0.41 12.49
N ASP A 69 13.60 0.01 11.59
CA ASP A 69 13.25 -0.84 10.48
C ASP A 69 13.60 -2.29 10.79
N ILE A 70 12.71 -2.95 11.51
CA ILE A 70 12.91 -4.34 11.90
C ILE A 70 12.67 -5.30 10.74
N LYS A 71 11.43 -5.41 10.28
CA LYS A 71 11.11 -6.31 9.19
C LYS A 71 10.47 -5.56 8.03
N ARG A 72 11.27 -5.28 7.01
CA ARG A 72 10.81 -4.58 5.82
C ARG A 72 11.69 -4.96 4.64
N ILE A 73 11.46 -4.31 3.50
CA ILE A 73 12.25 -4.58 2.30
C ILE A 73 12.56 -3.27 1.58
N SER A 74 13.80 -3.13 1.12
CA SER A 74 14.21 -1.94 0.41
C SER A 74 14.45 -2.24 -1.07
N THR A 75 13.37 -2.26 -1.84
CA THR A 75 13.43 -2.53 -3.26
C THR A 75 14.23 -1.45 -3.99
N LYS A 76 14.07 -0.21 -3.56
CA LYS A 76 14.78 0.92 -4.15
C LYS A 76 16.29 0.73 -4.03
N GLU A 77 16.74 0.29 -2.86
CA GLU A 77 18.15 0.09 -2.62
C GLU A 77 18.72 -1.00 -3.51
N TRP A 78 17.93 -2.03 -3.78
CA TRP A 78 18.36 -3.12 -4.64
C TRP A 78 18.63 -2.61 -6.05
N ALA A 79 17.70 -1.81 -6.56
CA ALA A 79 17.83 -1.23 -7.89
C ALA A 79 18.98 -0.24 -7.94
N LYS A 80 19.21 0.44 -6.82
CA LYS A 80 20.29 1.42 -6.73
C LYS A 80 21.64 0.71 -6.73
N SER A 81 21.69 -0.45 -6.09
CA SER A 81 22.92 -1.23 -6.00
C SER A 81 23.26 -1.89 -7.33
N THR A 82 22.25 -2.13 -8.15
CA THR A 82 22.45 -2.77 -9.45
C THR A 82 22.68 -1.74 -10.54
N GLY A 83 22.63 -0.47 -10.16
CA GLY A 83 22.83 0.61 -11.13
C GLY A 83 21.67 0.73 -12.09
N TYR A 84 20.48 0.35 -11.63
CA TYR A 84 19.27 0.40 -12.44
C TYR A 84 19.45 -0.39 -13.72
N ASP A 85 19.75 -1.68 -13.57
CA ASP A 85 19.94 -2.55 -14.71
C ASP A 85 18.61 -3.09 -15.21
N PRO A 86 18.23 -2.77 -16.45
CA PRO A 86 16.97 -3.21 -17.05
C PRO A 86 16.79 -4.72 -17.02
N VAL A 87 17.88 -5.44 -17.27
CA VAL A 87 17.86 -6.90 -17.28
C VAL A 87 17.52 -7.46 -15.91
N LYS A 88 18.25 -7.01 -14.89
CA LYS A 88 18.03 -7.47 -13.52
C LYS A 88 16.64 -7.11 -13.04
N LEU A 89 16.22 -5.88 -13.31
CA LEU A 89 14.90 -5.42 -12.88
C LEU A 89 13.80 -6.22 -13.58
N PHE A 90 13.99 -6.48 -14.87
CA PHE A 90 13.01 -7.23 -15.65
C PHE A 90 12.90 -8.67 -15.15
N THR A 91 14.03 -9.33 -14.99
CA THR A 91 14.07 -10.72 -14.53
C THR A 91 13.60 -10.84 -13.08
N LYS A 92 13.61 -9.74 -12.37
CA LYS A 92 13.19 -9.74 -10.98
C LYS A 92 11.69 -9.55 -10.86
N LEU A 93 11.22 -8.36 -11.23
CA LEU A 93 9.80 -8.01 -11.11
C LEU A 93 8.88 -8.79 -12.05
N PHE A 94 9.38 -9.22 -13.21
CA PHE A 94 8.51 -9.92 -14.15
C PHE A 94 8.84 -11.41 -14.27
N LYS A 95 9.76 -11.90 -13.46
CA LYS A 95 10.11 -13.32 -13.53
C LYS A 95 10.24 -13.95 -12.14
N ASP A 96 11.29 -13.56 -11.42
CA ASP A 96 11.55 -14.13 -10.09
C ASP A 96 10.44 -13.79 -9.10
N ASP A 97 10.03 -12.52 -9.06
CA ASP A 97 8.99 -12.07 -8.16
C ASP A 97 7.68 -12.79 -8.45
N ILE A 98 7.42 -13.03 -9.73
CA ILE A 98 6.21 -13.74 -10.14
C ILE A 98 6.29 -15.18 -9.68
N ARG A 99 7.47 -15.78 -9.84
CA ARG A 99 7.71 -17.15 -9.42
C ARG A 99 7.57 -17.26 -7.90
N TYR A 100 7.99 -16.22 -7.20
CA TYR A 100 7.89 -16.18 -5.75
C TYR A 100 6.43 -16.05 -5.33
N LEU A 101 5.64 -15.42 -6.17
CA LEU A 101 4.22 -15.24 -5.90
C LEU A 101 3.46 -16.55 -6.14
N LEU A 102 4.11 -17.47 -6.84
CA LEU A 102 3.51 -18.78 -7.14
C LEU A 102 3.64 -19.72 -5.96
N THR A 103 4.42 -19.30 -4.96
CA THR A 103 4.62 -20.11 -3.76
C THR A 103 3.31 -20.21 -2.97
N MET A 104 2.46 -19.20 -3.13
CA MET A 104 1.18 -19.17 -2.45
C MET A 104 0.14 -19.85 -3.33
N ASP A 105 0.12 -21.18 -3.31
CA ASP A 105 -0.80 -21.95 -4.13
C ASP A 105 -2.25 -21.66 -3.78
N LYS A 106 -2.50 -21.30 -2.52
CA LYS A 106 -3.85 -21.00 -2.06
C LYS A 106 -4.42 -19.76 -2.75
N LEU A 107 -3.56 -18.98 -3.37
CA LEU A 107 -3.98 -17.79 -4.08
C LEU A 107 -4.41 -18.13 -5.51
N TRP A 108 -3.74 -19.11 -6.09
CA TRP A 108 -4.03 -19.53 -7.45
C TRP A 108 -4.78 -20.84 -7.47
N ARG A 109 -6.08 -20.76 -7.28
CA ARG A 109 -6.94 -21.94 -7.28
C ARG A 109 -7.96 -21.82 -8.40
N LYS A 110 -8.81 -20.81 -8.30
CA LYS A 110 -9.83 -20.57 -9.31
C LYS A 110 -9.25 -19.74 -10.45
N ARG A 111 -8.48 -18.73 -10.09
CA ARG A 111 -7.85 -17.86 -11.06
C ARG A 111 -6.57 -18.49 -11.58
N LYS A 112 -6.38 -18.41 -12.90
CA LYS A 112 -5.18 -18.96 -13.54
C LYS A 112 -3.93 -18.27 -13.02
N PRO A 113 -2.92 -19.05 -12.62
CA PRO A 113 -1.66 -18.50 -12.11
C PRO A 113 -0.92 -17.68 -13.16
N PRO A 114 -0.20 -16.64 -12.72
CA PRO A 114 0.56 -15.76 -13.63
C PRO A 114 1.75 -16.47 -14.27
N VAL A 115 2.11 -16.02 -15.47
CA VAL A 115 3.23 -16.59 -16.20
C VAL A 115 4.42 -15.63 -16.21
N PRO A 116 5.58 -16.06 -15.67
CA PRO A 116 6.79 -15.24 -15.63
C PRO A 116 7.33 -14.96 -17.02
N LEU A 117 7.89 -13.77 -17.20
CA LEU A 117 8.46 -13.39 -18.48
C LEU A 117 9.98 -13.33 -18.38
N ASP A 118 10.65 -14.14 -19.18
CA ASP A 118 12.11 -14.17 -19.17
C ASP A 118 12.65 -13.15 -20.17
N TRP A 119 13.67 -12.42 -19.73
CA TRP A 119 14.30 -11.37 -20.55
C TRP A 119 14.80 -11.90 -21.90
N ALA A 120 15.30 -13.12 -21.91
CA ALA A 120 15.82 -13.71 -23.14
C ALA A 120 14.70 -14.27 -24.00
N GLU A 121 13.79 -15.02 -23.39
CA GLU A 121 12.68 -15.62 -24.11
C GLU A 121 11.75 -14.59 -24.72
N VAL A 122 11.65 -13.42 -24.09
CA VAL A 122 10.78 -12.36 -24.60
C VAL A 122 11.42 -11.68 -25.82
N GLN A 123 12.75 -11.60 -25.83
CA GLN A 123 13.44 -10.98 -26.93
C GLN A 123 13.50 -11.94 -28.12
N SER A 124 13.57 -13.22 -27.81
CA SER A 124 13.60 -14.25 -28.83
C SER A 124 12.25 -14.98 -28.86
N GLN A 125 11.17 -14.20 -28.82
CA GLN A 125 9.83 -14.76 -28.82
C GLN A 125 9.55 -15.44 -30.15
N GLY A 126 9.01 -16.66 -30.10
CA GLY A 126 8.70 -17.39 -31.30
C GLY A 126 7.48 -16.84 -32.00
N GLU A 127 6.43 -16.55 -31.23
CA GLU A 127 5.20 -15.99 -31.77
C GLU A 127 5.39 -14.51 -32.09
N GLU A 128 6.16 -14.25 -33.12
CA GLU A 128 6.45 -12.89 -33.54
C GLU A 128 6.11 -12.69 -35.01
N THR A 129 5.61 -11.52 -35.35
CA THR A 129 5.25 -11.20 -36.72
C THR A 129 6.51 -11.01 -37.57
N ASN A 130 6.59 -11.74 -38.68
CA ASN A 130 7.74 -11.64 -39.58
C ASN A 130 7.74 -10.32 -40.32
N ALA A 131 6.56 -9.70 -40.40
CA ALA A 131 6.41 -8.42 -41.06
C ALA A 131 7.10 -7.32 -40.25
N SER A 132 6.90 -7.35 -38.93
CA SER A 132 7.51 -6.37 -38.03
C SER A 132 7.60 -6.95 -36.63
N ASP A 133 8.77 -6.84 -36.01
CA ASP A 133 8.98 -7.36 -34.66
C ASP A 133 8.52 -6.37 -33.60
N GLN A 134 8.15 -5.17 -34.04
CA GLN A 134 7.69 -4.14 -33.13
C GLN A 134 6.25 -3.73 -33.46
N GLN A 135 5.56 -4.60 -34.20
CA GLN A 135 4.19 -4.33 -34.60
C GLN A 135 3.57 -5.59 -35.20
N ASN A 136 2.61 -6.16 -34.50
CA ASN A 136 1.93 -7.35 -34.97
C ASN A 136 0.77 -6.94 -35.84
N GLU A 137 -0.10 -6.11 -35.28
CA GLU A 137 -1.27 -5.63 -35.98
C GLU A 137 -1.00 -4.25 -36.58
N PRO A 138 -0.94 -4.17 -37.92
CA PRO A 138 -0.70 -2.91 -38.62
C PRO A 138 -1.97 -2.06 -38.73
N GLN A 139 -2.55 -1.74 -37.59
CA GLN A 139 -3.78 -0.95 -37.54
C GLN A 139 -3.49 0.50 -37.94
N LEU A 140 -4.43 1.09 -38.68
CA LEU A 140 -4.27 2.47 -39.12
C LEU A 140 -4.96 3.41 -38.15
N GLY A 141 -4.19 4.33 -37.60
CA GLY A 141 -4.72 5.30 -36.66
C GLY A 141 -3.61 5.94 -35.86
N LEU A 142 -3.96 6.54 -34.72
CA LEU A 142 -2.97 7.18 -33.87
C LEU A 142 -1.89 6.17 -33.45
N LYS A 143 -0.63 6.57 -33.58
CA LYS A 143 0.49 5.70 -33.24
C LYS A 143 0.51 5.39 -31.75
N ASP A 144 0.10 6.35 -30.95
CA ASP A 144 0.07 6.18 -29.50
C ASP A 144 -1.10 5.29 -29.07
N GLN A 145 -2.03 5.07 -29.99
CA GLN A 145 -3.19 4.24 -29.72
C GLN A 145 -2.96 2.81 -30.20
N GLN A 146 -1.77 2.57 -30.73
CA GLN A 146 -1.42 1.25 -31.23
C GLN A 146 -0.92 0.36 -30.10
N VAL A 147 -1.48 -0.83 -29.99
CA VAL A 147 -1.07 -1.78 -28.97
C VAL A 147 0.05 -2.64 -29.52
N LEU A 148 1.26 -2.37 -29.07
CA LEU A 148 2.43 -3.12 -29.53
C LEU A 148 2.50 -4.48 -28.85
N ASP A 149 3.50 -5.26 -29.22
CA ASP A 149 3.70 -6.59 -28.66
C ASP A 149 4.45 -6.53 -27.34
N VAL A 150 4.61 -7.69 -26.71
CA VAL A 150 5.30 -7.79 -25.44
C VAL A 150 6.78 -7.42 -25.57
N LYS A 151 7.37 -7.70 -26.74
CA LYS A 151 8.76 -7.39 -26.99
C LYS A 151 8.98 -5.89 -26.97
N SER A 152 8.11 -5.19 -27.68
CA SER A 152 8.18 -3.74 -27.79
C SER A 152 8.08 -3.06 -26.42
N TYR A 153 7.21 -3.55 -25.57
CA TYR A 153 7.05 -2.96 -24.25
C TYR A 153 8.19 -3.39 -23.32
N ALA A 154 8.81 -4.52 -23.64
CA ALA A 154 9.94 -5.01 -22.85
C ALA A 154 11.16 -4.14 -23.11
N ARG A 155 11.41 -3.83 -24.37
CA ARG A 155 12.55 -2.99 -24.73
C ARG A 155 12.26 -1.54 -24.36
N LEU A 156 10.99 -1.15 -24.41
CA LEU A 156 10.58 0.20 -24.06
C LEU A 156 10.80 0.43 -22.57
N PHE A 157 10.47 -0.60 -21.79
CA PHE A 157 10.66 -0.56 -20.34
C PHE A 157 12.13 -0.34 -20.01
N SER A 158 12.98 -1.06 -20.72
CA SER A 158 14.41 -0.96 -20.54
C SER A 158 14.92 0.41 -20.96
N LYS A 159 14.42 0.89 -22.10
CA LYS A 159 14.82 2.20 -22.63
C LYS A 159 14.40 3.29 -21.65
N SER A 160 13.23 3.11 -21.04
CA SER A 160 12.73 4.06 -20.06
C SER A 160 13.67 4.15 -18.87
N ILE A 161 14.13 3.00 -18.40
CA ILE A 161 15.05 2.95 -17.27
C ILE A 161 16.35 3.67 -17.61
N GLU A 162 16.81 3.49 -18.85
CA GLU A 162 18.03 4.12 -19.32
C GLU A 162 17.97 5.63 -19.18
N THR A 163 16.93 6.24 -19.76
CA THR A 163 16.76 7.67 -19.73
C THR A 163 16.39 8.17 -18.33
N LEU A 164 15.68 7.36 -17.56
CA LEU A 164 15.29 7.74 -16.21
C LEU A 164 16.50 7.73 -15.27
N ARG A 165 17.43 6.81 -15.52
CA ARG A 165 18.64 6.69 -14.71
C ARG A 165 19.41 8.00 -14.70
N VAL A 166 19.71 8.51 -15.89
CA VAL A 166 20.46 9.76 -16.01
C VAL A 166 19.62 10.94 -15.53
N HIS A 167 18.30 10.84 -15.70
CA HIS A 167 17.39 11.89 -15.28
C HIS A 167 17.46 12.08 -13.77
N LEU A 168 17.71 11.00 -13.06
CA LEU A 168 17.80 11.04 -11.61
C LEU A 168 19.22 11.40 -11.19
N ALA A 169 20.21 10.82 -11.86
CA ALA A 169 21.62 11.06 -11.56
C ALA A 169 21.97 12.54 -11.73
N GLU A 170 21.37 13.18 -12.72
CA GLU A 170 21.62 14.59 -12.99
C GLU A 170 21.00 15.49 -11.92
N LYS A 171 20.14 14.92 -11.09
CA LYS A 171 19.51 15.68 -10.03
C LYS A 171 20.39 15.70 -8.79
N GLY A 172 21.29 14.72 -8.70
CA GLY A 172 22.18 14.62 -7.57
C GLY A 172 21.96 13.35 -6.78
N ASP A 173 22.58 13.25 -5.62
CA ASP A 173 22.44 12.09 -4.77
C ASP A 173 21.32 12.28 -3.77
N GLY A 174 20.56 11.22 -3.52
CA GLY A 174 19.46 11.29 -2.59
C GLY A 174 18.27 12.06 -3.14
N ALA A 175 18.18 12.12 -4.46
CA ALA A 175 17.09 12.83 -5.11
C ALA A 175 15.92 11.90 -5.38
N GLU A 176 14.73 12.48 -5.48
CA GLU A 176 13.51 11.73 -5.73
C GLU A 176 12.75 12.35 -6.89
N LEU A 177 12.43 11.54 -7.89
CA LEU A 177 11.69 12.03 -9.04
C LEU A 177 10.20 11.80 -8.87
N ILE A 178 9.43 12.85 -9.05
CA ILE A 178 7.98 12.76 -8.91
C ILE A 178 7.38 12.34 -10.24
N TRP A 179 6.57 11.29 -10.23
CA TRP A 179 5.96 10.79 -11.46
C TRP A 179 5.05 11.87 -12.07
N ASP A 180 5.18 12.05 -13.37
CA ASP A 180 4.39 13.03 -14.09
C ASP A 180 3.80 12.43 -15.35
N LYS A 181 2.59 12.84 -15.70
CA LYS A 181 1.92 12.33 -16.89
C LYS A 181 2.41 13.09 -18.12
N ASP A 182 3.11 14.19 -17.87
CA ASP A 182 3.64 15.01 -18.95
C ASP A 182 4.99 14.47 -19.41
N ASP A 183 5.71 13.85 -18.50
CA ASP A 183 7.03 13.30 -18.80
C ASP A 183 6.91 12.07 -19.71
N PRO A 184 7.51 12.12 -20.91
CA PRO A 184 7.46 11.01 -21.87
C PRO A 184 8.14 9.76 -21.33
N SER A 185 9.29 9.94 -20.67
CA SER A 185 10.05 8.83 -20.13
C SER A 185 9.27 8.15 -19.00
N ALA A 186 8.74 8.95 -18.08
CA ALA A 186 7.97 8.43 -16.96
C ALA A 186 6.73 7.71 -17.45
N MET A 187 6.11 8.25 -18.49
CA MET A 187 4.92 7.66 -19.08
C MET A 187 5.25 6.34 -19.75
N ASP A 188 6.40 6.30 -20.42
CA ASP A 188 6.84 5.08 -21.10
C ASP A 188 7.05 3.96 -20.07
N PHE A 189 7.56 4.35 -18.92
CA PHE A 189 7.81 3.41 -17.83
C PHE A 189 6.52 2.76 -17.34
N VAL A 190 5.55 3.59 -16.95
CA VAL A 190 4.28 3.09 -16.45
C VAL A 190 3.54 2.27 -17.52
N THR A 191 3.67 2.69 -18.77
CA THR A 191 3.01 2.00 -19.87
C THR A 191 3.57 0.60 -20.05
N SER A 192 4.89 0.52 -20.19
CA SER A 192 5.56 -0.76 -20.39
C SER A 192 5.38 -1.69 -19.18
N ALA A 193 5.61 -1.15 -17.99
CA ALA A 193 5.48 -1.95 -16.77
C ALA A 193 4.08 -2.52 -16.60
N ALA A 194 3.08 -1.68 -16.80
CA ALA A 194 1.69 -2.10 -16.65
C ALA A 194 1.32 -3.16 -17.69
N ASN A 195 1.69 -2.90 -18.94
CA ASN A 195 1.41 -3.81 -20.04
C ASN A 195 2.05 -5.18 -19.81
N LEU A 196 3.29 -5.18 -19.36
CA LEU A 196 3.99 -6.43 -19.08
C LEU A 196 3.33 -7.17 -17.92
N ARG A 197 3.02 -6.43 -16.87
CA ARG A 197 2.38 -6.99 -15.68
C ARG A 197 1.02 -7.59 -16.00
N MET A 198 0.22 -6.90 -16.79
CA MET A 198 -1.11 -7.38 -17.14
C MET A 198 -1.04 -8.61 -18.06
N HIS A 199 -0.08 -8.65 -18.97
CA HIS A 199 0.06 -9.79 -19.88
C HIS A 199 0.43 -11.04 -19.08
N ILE A 200 1.17 -10.83 -18.00
CA ILE A 200 1.60 -11.93 -17.13
C ILE A 200 0.39 -12.66 -16.54
N PHE A 201 -0.69 -11.93 -16.32
CA PHE A 201 -1.91 -12.50 -15.76
C PHE A 201 -2.90 -12.84 -16.87
N SER A 202 -2.37 -12.98 -18.10
CA SER A 202 -3.17 -13.32 -19.27
C SER A 202 -4.22 -12.26 -19.58
N MET A 203 -3.91 -11.01 -19.24
CA MET A 203 -4.80 -9.89 -19.47
C MET A 203 -4.40 -9.18 -20.76
N ASN A 204 -5.36 -8.64 -21.47
CA ASN A 204 -5.07 -7.94 -22.72
C ASN A 204 -4.38 -6.60 -22.44
N MET A 205 -3.37 -6.30 -23.25
CA MET A 205 -2.59 -5.07 -23.10
C MET A 205 -3.37 -3.85 -23.55
N LYS A 206 -2.82 -2.67 -23.27
CA LYS A 206 -3.46 -1.42 -23.64
C LYS A 206 -2.46 -0.51 -24.35
N SER A 207 -2.98 0.46 -25.08
CA SER A 207 -2.16 1.41 -25.80
C SER A 207 -1.57 2.44 -24.84
N ARG A 208 -0.50 3.11 -25.25
CA ARG A 208 0.14 4.11 -24.42
C ARG A 208 -0.82 5.27 -24.15
N PHE A 209 -1.57 5.66 -25.17
CA PHE A 209 -2.52 6.75 -25.04
C PHE A 209 -3.67 6.38 -24.10
N ASP A 210 -4.06 5.11 -24.13
CA ASP A 210 -5.14 4.65 -23.26
C ASP A 210 -4.67 4.66 -21.82
N ILE A 211 -3.48 4.09 -21.59
CA ILE A 211 -2.90 4.04 -20.25
C ILE A 211 -2.66 5.45 -19.73
N LYS A 212 -2.21 6.34 -20.60
CA LYS A 212 -1.94 7.72 -20.24
C LYS A 212 -3.17 8.38 -19.62
N SER A 213 -4.33 8.11 -20.22
CA SER A 213 -5.59 8.69 -19.77
C SER A 213 -5.98 8.22 -18.36
N MET A 214 -5.51 7.04 -17.96
CA MET A 214 -5.86 6.52 -16.64
C MET A 214 -4.70 6.64 -15.65
N ALA A 215 -3.47 6.55 -16.14
CA ALA A 215 -2.30 6.66 -15.29
C ALA A 215 -2.19 8.08 -14.74
N GLY A 216 -2.44 9.06 -15.58
CA GLY A 216 -2.39 10.44 -15.17
C GLY A 216 -3.72 10.91 -14.60
N ASN A 217 -4.80 10.30 -15.10
CA ASN A 217 -6.17 10.62 -14.69
C ASN A 217 -6.39 12.12 -14.49
N MET B 1 13.19 10.70 23.16
CA MET B 1 13.26 11.39 24.47
C MET B 1 12.36 12.62 24.48
N SER B 2 12.10 13.16 25.66
CA SER B 2 11.25 14.34 25.81
C SER B 2 11.80 15.51 24.99
N GLY B 3 10.93 16.45 24.65
CA GLY B 3 11.35 17.58 23.86
C GLY B 3 11.21 17.32 22.37
N ILE B 4 11.93 16.31 21.90
CA ILE B 4 11.88 15.92 20.50
C ILE B 4 10.47 15.47 20.15
N ALA B 5 9.90 14.64 21.02
CA ALA B 5 8.56 14.14 20.83
C ALA B 5 7.55 15.27 20.82
N LEU B 6 7.72 16.21 21.75
CA LEU B 6 6.83 17.36 21.87
C LEU B 6 6.89 18.23 20.61
N SER B 7 8.08 18.41 20.07
CA SER B 7 8.27 19.22 18.87
C SER B 7 7.49 18.62 17.70
N ARG B 8 7.40 17.30 17.68
CA ARG B 8 6.66 16.61 16.64
C ARG B 8 5.16 16.70 16.91
N LEU B 9 4.78 16.51 18.17
CA LEU B 9 3.38 16.59 18.57
C LEU B 9 2.80 17.96 18.26
N ALA B 10 3.61 18.99 18.45
CA ALA B 10 3.21 20.35 18.17
C ALA B 10 2.94 20.53 16.67
N GLN B 11 3.79 19.90 15.86
CA GLN B 11 3.65 19.98 14.41
C GLN B 11 2.37 19.30 13.95
N GLU B 12 2.10 18.13 14.51
CA GLU B 12 0.91 17.35 14.16
C GLU B 12 -0.36 18.17 14.36
N ARG B 13 -0.46 18.85 15.49
CA ARG B 13 -1.64 19.67 15.80
C ARG B 13 -1.75 20.83 14.82
N LYS B 14 -0.62 21.43 14.47
CA LYS B 14 -0.61 22.55 13.53
C LYS B 14 -1.08 22.07 12.16
N ALA B 15 -0.67 20.86 11.80
CA ALA B 15 -1.05 20.26 10.53
C ALA B 15 -2.53 19.89 10.53
N TRP B 16 -2.98 19.30 11.63
CA TRP B 16 -4.38 18.90 11.78
C TRP B 16 -5.31 20.11 11.67
N ARG B 17 -4.90 21.20 12.31
CA ARG B 17 -5.67 22.44 12.30
C ARG B 17 -5.80 23.00 10.88
N LYS B 18 -4.78 22.75 10.07
CA LYS B 18 -4.75 23.23 8.70
C LYS B 18 -5.50 22.28 7.76
N ASP B 19 -5.28 20.99 7.94
CA ASP B 19 -5.91 19.99 7.09
C ASP B 19 -6.25 18.73 7.87
N HIS B 20 -7.45 18.20 7.64
CA HIS B 20 -7.92 16.99 8.29
C HIS B 20 -9.21 16.51 7.65
N PRO B 21 -9.52 15.21 7.75
CA PRO B 21 -10.74 14.65 7.17
C PRO B 21 -11.99 15.15 7.90
N PHE B 22 -13.10 15.23 7.16
CA PHE B 22 -14.35 15.71 7.71
C PHE B 22 -14.92 14.71 8.71
N GLY B 23 -15.31 15.20 9.88
CA GLY B 23 -15.88 14.35 10.90
C GLY B 23 -14.84 13.81 11.85
N PHE B 24 -13.59 13.84 11.41
CA PHE B 24 -12.49 13.34 12.23
C PHE B 24 -12.02 14.42 13.20
N VAL B 25 -12.08 14.11 14.48
CA VAL B 25 -11.66 15.04 15.51
C VAL B 25 -10.44 14.52 16.23
N ALA B 26 -9.51 15.40 16.53
CA ALA B 26 -8.29 15.04 17.24
C ALA B 26 -7.81 16.21 18.06
N VAL B 27 -8.07 16.17 19.35
CA VAL B 27 -7.68 17.25 20.25
C VAL B 27 -6.91 16.71 21.45
N PRO B 28 -5.76 17.32 21.76
CA PRO B 28 -4.95 16.91 22.91
C PRO B 28 -5.68 17.19 24.23
N THR B 29 -5.34 16.44 25.25
CA THR B 29 -5.96 16.60 26.54
C THR B 29 -5.53 17.90 27.21
N LYS B 30 -6.49 18.63 27.75
CA LYS B 30 -6.19 19.89 28.42
C LYS B 30 -5.83 19.63 29.87
N ASN B 31 -4.78 20.29 30.32
CA ASN B 31 -4.31 20.15 31.69
C ASN B 31 -4.79 21.33 32.51
N PRO B 32 -5.15 21.11 33.79
CA PRO B 32 -5.61 22.18 34.69
C PRO B 32 -4.68 23.39 34.67
N ASP B 33 -5.19 24.53 35.16
CA ASP B 33 -4.43 25.79 35.21
C ASP B 33 -4.40 26.46 33.83
N GLY B 34 -4.38 25.66 32.78
CA GLY B 34 -4.37 26.20 31.45
C GLY B 34 -3.34 25.52 30.57
N THR B 35 -2.61 24.57 31.13
CA THR B 35 -1.60 23.86 30.38
C THR B 35 -2.24 22.82 29.46
N MET B 36 -1.44 22.12 28.70
CA MET B 36 -1.96 21.11 27.77
C MET B 36 -1.04 19.90 27.71
N ASN B 37 -1.61 18.73 27.51
CA ASN B 37 -0.83 17.50 27.42
C ASN B 37 -0.89 16.97 26.00
N LEU B 38 0.19 17.20 25.26
CA LEU B 38 0.27 16.78 23.86
C LEU B 38 0.61 15.30 23.75
N MET B 39 0.92 14.66 24.87
CA MET B 39 1.28 13.25 24.86
C MET B 39 0.05 12.36 25.06
N ASN B 40 -1.12 12.98 25.11
CA ASN B 40 -2.38 12.26 25.27
C ASN B 40 -3.47 12.98 24.51
N TRP B 41 -3.96 12.37 23.44
CA TRP B 41 -4.99 13.00 22.62
C TRP B 41 -6.31 12.25 22.68
N GLU B 42 -7.38 13.00 22.44
CA GLU B 42 -8.73 12.45 22.41
C GLU B 42 -9.25 12.59 20.99
N CYS B 43 -9.23 11.51 20.25
CA CYS B 43 -9.67 11.53 18.87
C CYS B 43 -11.05 10.92 18.69
N ALA B 44 -11.75 11.38 17.67
CA ALA B 44 -13.07 10.89 17.34
C ALA B 44 -13.12 10.49 15.88
N ILE B 45 -13.51 9.25 15.62
CA ILE B 45 -13.57 8.73 14.26
C ILE B 45 -15.00 8.35 13.90
N PRO B 46 -15.55 8.97 12.84
CA PRO B 46 -16.90 8.69 12.37
C PRO B 46 -16.93 7.49 11.43
N GLY B 47 -17.99 6.69 11.53
CA GLY B 47 -18.13 5.52 10.68
C GLY B 47 -18.07 5.88 9.21
N LYS B 48 -17.37 5.05 8.44
CA LYS B 48 -17.22 5.26 7.01
C LYS B 48 -18.57 5.20 6.29
N LYS B 49 -18.71 6.05 5.27
CA LYS B 49 -19.93 6.11 4.49
C LYS B 49 -20.15 4.82 3.71
N GLY B 50 -21.39 4.33 3.72
CA GLY B 50 -21.71 3.11 3.01
C GLY B 50 -21.38 1.86 3.78
N THR B 51 -21.07 2.02 5.06
CA THR B 51 -20.72 0.89 5.91
C THR B 51 -21.63 0.87 7.14
N PRO B 52 -21.76 -0.29 7.82
CA PRO B 52 -22.60 -0.42 9.02
C PRO B 52 -22.10 0.44 10.19
N TRP B 53 -20.98 1.13 9.99
CA TRP B 53 -20.41 1.99 11.01
C TRP B 53 -20.85 3.43 10.79
N GLU B 54 -21.31 3.70 9.57
CA GLU B 54 -21.75 5.03 9.17
C GLU B 54 -22.79 5.61 10.14
N GLY B 55 -22.55 6.84 10.56
CA GLY B 55 -23.46 7.51 11.48
C GLY B 55 -22.93 7.57 12.89
N GLY B 56 -22.12 6.59 13.25
CA GLY B 56 -21.58 6.56 14.59
C GLY B 56 -20.25 7.28 14.72
N LEU B 57 -20.06 7.98 15.82
CA LEU B 57 -18.84 8.71 16.09
C LEU B 57 -18.16 8.09 17.30
N PHE B 58 -17.14 7.29 17.04
CA PHE B 58 -16.41 6.60 18.09
C PHE B 58 -15.24 7.43 18.59
N LYS B 59 -14.95 7.34 19.88
CA LYS B 59 -13.86 8.08 20.48
C LYS B 59 -12.75 7.15 20.95
N LEU B 60 -11.51 7.51 20.64
CA LEU B 60 -10.38 6.71 21.06
C LEU B 60 -9.30 7.61 21.66
N ARG B 61 -8.53 7.05 22.58
CA ARG B 61 -7.48 7.79 23.23
C ARG B 61 -6.15 7.46 22.58
N MET B 62 -5.40 8.50 22.23
CA MET B 62 -4.11 8.33 21.59
C MET B 62 -2.98 8.62 22.58
N LEU B 63 -2.21 7.59 22.90
CA LEU B 63 -1.11 7.72 23.84
C LEU B 63 0.23 7.85 23.11
N PHE B 64 0.98 8.89 23.44
CA PHE B 64 2.27 9.12 22.82
C PHE B 64 3.39 8.91 23.83
N LYS B 65 4.34 8.06 23.46
CA LYS B 65 5.48 7.77 24.32
C LYS B 65 6.54 8.85 24.17
N ASP B 66 7.53 8.83 25.06
CA ASP B 66 8.62 9.82 25.02
C ASP B 66 9.57 9.50 23.89
N ASP B 67 9.38 8.35 23.26
CA ASP B 67 10.23 7.91 22.15
C ASP B 67 9.66 8.39 20.82
N TYR B 68 8.57 9.14 20.87
CA TYR B 68 7.94 9.66 19.66
C TYR B 68 8.90 10.58 18.92
N PRO B 69 8.92 10.57 17.57
CA PRO B 69 8.05 9.72 16.76
C PRO B 69 8.68 8.38 16.36
N SER B 70 9.66 7.92 17.11
CA SER B 70 10.30 6.64 16.82
C SER B 70 9.36 5.50 17.22
N SER B 71 8.65 5.70 18.33
CA SER B 71 7.70 4.71 18.82
C SER B 71 6.29 5.04 18.35
N PRO B 72 5.51 4.03 17.95
CA PRO B 72 4.13 4.23 17.48
C PRO B 72 3.19 4.63 18.62
N PRO B 73 2.23 5.52 18.34
CA PRO B 73 1.26 5.97 19.33
C PRO B 73 0.15 4.95 19.56
N LYS B 74 0.05 4.46 20.79
CA LYS B 74 -0.95 3.48 21.15
C LYS B 74 -2.34 4.09 21.10
N CYS B 75 -3.20 3.50 20.28
CA CYS B 75 -4.56 3.97 20.13
C CYS B 75 -5.52 2.99 20.79
N LYS B 76 -6.28 3.47 21.76
CA LYS B 76 -7.23 2.64 22.48
C LYS B 76 -8.63 3.24 22.41
N PHE B 77 -9.59 2.47 21.92
CA PHE B 77 -10.96 2.94 21.83
C PHE B 77 -11.59 2.98 23.22
N GLU B 78 -12.33 4.05 23.49
CA GLU B 78 -12.97 4.21 24.79
C GLU B 78 -14.46 4.48 24.61
N PRO B 79 -15.33 3.49 24.86
CA PRO B 79 -14.94 2.14 25.29
C PRO B 79 -14.58 1.23 24.11
N PRO B 80 -14.06 0.02 24.39
CA PRO B 80 -13.69 -0.96 23.36
C PRO B 80 -14.86 -1.26 22.43
N LEU B 81 -14.61 -1.19 21.13
CA LEU B 81 -15.63 -1.45 20.13
C LEU B 81 -15.68 -2.92 19.74
N PHE B 82 -16.80 -3.32 19.16
CA PHE B 82 -16.98 -4.68 18.70
C PHE B 82 -16.29 -4.81 17.34
N HIS B 83 -15.02 -5.16 17.38
CA HIS B 83 -14.22 -5.31 16.17
C HIS B 83 -13.15 -6.36 16.40
N PRO B 84 -12.98 -7.30 15.47
CA PRO B 84 -12.00 -8.40 15.59
C PRO B 84 -10.57 -7.92 15.84
N ASN B 85 -10.28 -6.67 15.49
CA ASN B 85 -8.93 -6.12 15.68
C ASN B 85 -8.89 -5.14 16.85
N VAL B 86 -9.81 -5.31 17.78
CA VAL B 86 -9.87 -4.45 18.96
C VAL B 86 -9.97 -5.32 20.20
N TYR B 87 -8.98 -5.19 21.07
CA TYR B 87 -8.96 -5.96 22.32
C TYR B 87 -10.02 -5.45 23.27
N PRO B 88 -10.46 -6.29 24.22
CA PRO B 88 -11.48 -5.92 25.22
C PRO B 88 -11.00 -4.79 26.12
N SER B 89 -9.73 -4.44 25.99
CA SER B 89 -9.11 -3.38 26.76
C SER B 89 -9.20 -2.06 25.99
N GLY B 90 -9.57 -2.16 24.71
CA GLY B 90 -9.68 -0.98 23.88
C GLY B 90 -8.54 -0.85 22.88
N THR B 91 -7.46 -1.59 23.12
CA THR B 91 -6.29 -1.57 22.26
C THR B 91 -6.65 -1.96 20.82
N VAL B 92 -6.36 -1.06 19.88
CA VAL B 92 -6.64 -1.31 18.47
C VAL B 92 -5.39 -1.82 17.78
N CYS B 93 -5.55 -2.85 16.96
CA CYS B 93 -4.42 -3.41 16.23
C CYS B 93 -4.34 -2.79 14.85
N LEU B 94 -3.13 -2.44 14.44
CA LEU B 94 -2.89 -1.84 13.13
C LEU B 94 -1.45 -2.05 12.70
N SER B 95 -1.25 -2.50 11.47
CA SER B 95 0.08 -2.79 10.93
C SER B 95 1.01 -1.59 11.00
N ILE B 96 0.52 -0.42 10.60
CA ILE B 96 1.34 0.80 10.61
C ILE B 96 1.43 1.39 12.01
N LEU B 97 0.82 0.72 12.98
CA LEU B 97 0.85 1.18 14.36
C LEU B 97 1.73 0.23 15.16
N GLU B 98 2.45 -0.62 14.45
CA GLU B 98 3.34 -1.59 15.05
C GLU B 98 4.77 -1.34 14.58
N GLU B 99 5.65 -1.08 15.53
CA GLU B 99 7.05 -0.76 15.27
C GLU B 99 7.73 -1.76 14.33
N ASP B 100 7.70 -3.04 14.67
CA ASP B 100 8.36 -4.06 13.86
C ASP B 100 7.54 -4.51 12.67
N LYS B 101 6.51 -3.75 12.30
CA LYS B 101 5.68 -4.10 11.16
C LYS B 101 5.79 -3.06 10.05
N ASP B 102 4.79 -2.18 9.93
CA ASP B 102 4.79 -1.18 8.87
C ASP B 102 4.87 0.25 9.44
N TRP B 103 5.22 0.37 10.71
CA TRP B 103 5.32 1.68 11.33
C TRP B 103 6.59 2.41 10.89
N ARG B 104 6.40 3.66 10.49
CA ARG B 104 7.48 4.52 10.06
C ARG B 104 7.31 5.89 10.71
N PRO B 105 8.38 6.49 11.23
CA PRO B 105 8.34 7.81 11.90
C PRO B 105 7.73 8.90 11.02
N ALA B 106 7.76 8.71 9.70
CA ALA B 106 7.23 9.71 8.77
C ALA B 106 5.70 9.72 8.76
N ILE B 107 5.08 8.69 9.33
CA ILE B 107 3.62 8.60 9.37
C ILE B 107 3.02 9.71 10.22
N THR B 108 2.05 10.41 9.66
CA THR B 108 1.37 11.50 10.34
C THR B 108 0.14 10.98 11.07
N ILE B 109 -0.25 11.65 12.16
CA ILE B 109 -1.43 11.27 12.93
C ILE B 109 -2.66 11.14 12.03
N LYS B 110 -2.75 12.03 11.05
CA LYS B 110 -3.86 12.04 10.10
C LYS B 110 -3.99 10.71 9.38
N GLN B 111 -2.85 10.13 9.00
CA GLN B 111 -2.83 8.85 8.29
C GLN B 111 -3.32 7.73 9.21
N ILE B 112 -2.87 7.76 10.46
CA ILE B 112 -3.24 6.76 11.44
C ILE B 112 -4.76 6.74 11.67
N LEU B 113 -5.32 7.92 11.90
CA LEU B 113 -6.76 8.05 12.12
C LEU B 113 -7.56 7.53 10.94
N LEU B 114 -7.13 7.88 9.73
CA LEU B 114 -7.79 7.44 8.52
C LEU B 114 -7.70 5.92 8.37
N GLY B 115 -6.55 5.37 8.72
CA GLY B 115 -6.35 3.93 8.63
C GLY B 115 -7.25 3.16 9.55
N ILE B 116 -7.43 3.68 10.77
CA ILE B 116 -8.29 3.03 11.76
C ILE B 116 -9.75 2.99 11.27
N GLN B 117 -10.19 4.08 10.64
CA GLN B 117 -11.55 4.16 10.12
C GLN B 117 -11.75 3.14 9.00
N GLU B 118 -10.72 2.97 8.19
CA GLU B 118 -10.75 2.03 7.08
C GLU B 118 -10.87 0.60 7.61
N LEU B 119 -10.15 0.33 8.70
CA LEU B 119 -10.13 -0.98 9.32
C LEU B 119 -11.50 -1.36 9.90
N LEU B 120 -12.33 -0.36 10.17
CA LEU B 120 -13.64 -0.60 10.73
C LEU B 120 -14.47 -1.51 9.82
N ASN B 121 -14.64 -1.10 8.57
CA ASN B 121 -15.41 -1.88 7.62
C ASN B 121 -14.60 -3.08 7.11
N GLU B 122 -13.34 -2.84 6.80
CA GLU B 122 -12.46 -3.89 6.32
C GLU B 122 -11.45 -4.25 7.39
N PRO B 123 -11.76 -5.26 8.22
CA PRO B 123 -10.89 -5.70 9.30
C PRO B 123 -9.76 -6.59 8.81
N ASN B 124 -8.80 -6.82 9.69
CA ASN B 124 -7.66 -7.66 9.39
C ASN B 124 -7.91 -9.06 9.91
N ILE B 125 -8.29 -9.97 9.01
CA ILE B 125 -8.58 -11.36 9.39
C ILE B 125 -7.31 -12.07 9.87
N GLN B 126 -6.17 -11.42 9.64
CA GLN B 126 -4.88 -11.93 10.04
C GLN B 126 -4.66 -11.73 11.54
N ASP B 127 -5.42 -10.82 12.13
CA ASP B 127 -5.30 -10.51 13.55
C ASP B 127 -6.60 -10.85 14.30
N PRO B 128 -6.55 -11.86 15.18
CA PRO B 128 -7.69 -12.26 15.99
C PRO B 128 -7.64 -11.67 17.39
N ALA B 129 -7.61 -10.34 17.48
CA ALA B 129 -7.56 -9.65 18.76
C ALA B 129 -8.81 -9.94 19.60
N GLN B 130 -9.96 -9.88 18.96
CA GLN B 130 -11.23 -10.14 19.65
C GLN B 130 -11.82 -11.45 19.13
N ALA B 131 -11.59 -12.52 19.89
CA ALA B 131 -12.07 -13.86 19.54
C ALA B 131 -13.55 -13.90 19.22
N GLU B 132 -14.36 -13.27 20.05
CA GLU B 132 -15.81 -13.24 19.85
C GLU B 132 -16.16 -12.66 18.48
N ALA B 133 -15.71 -11.45 18.23
CA ALA B 133 -15.99 -10.78 16.97
C ALA B 133 -15.38 -11.52 15.78
N TYR B 134 -14.18 -12.04 15.97
CA TYR B 134 -13.49 -12.78 14.91
C TYR B 134 -14.31 -14.00 14.48
N THR B 135 -14.78 -14.76 15.46
CA THR B 135 -15.57 -15.94 15.19
C THR B 135 -16.91 -15.58 14.52
N ILE B 136 -17.63 -14.64 15.13
CA ILE B 136 -18.92 -14.21 14.61
C ILE B 136 -18.81 -13.71 13.17
N TYR B 137 -17.77 -12.92 12.92
CA TYR B 137 -17.53 -12.36 11.59
C TYR B 137 -17.40 -13.44 10.52
N CYS B 138 -16.80 -14.56 10.87
CA CYS B 138 -16.60 -15.63 9.90
C CYS B 138 -17.79 -16.60 9.85
N GLN B 139 -18.40 -16.89 10.99
CA GLN B 139 -19.51 -17.82 11.03
C GLN B 139 -20.81 -17.22 10.51
N ASN B 140 -21.05 -15.95 10.79
CA ASN B 140 -22.27 -15.30 10.36
C ASN B 140 -22.08 -13.81 10.13
N ARG B 141 -21.95 -13.43 8.87
CA ARG B 141 -21.77 -12.03 8.50
C ARG B 141 -23.03 -11.22 8.81
N VAL B 142 -24.18 -11.87 8.72
CA VAL B 142 -25.45 -11.21 9.00
C VAL B 142 -25.54 -10.81 10.46
N GLU B 143 -25.18 -11.73 11.35
CA GLU B 143 -25.20 -11.48 12.78
C GLU B 143 -24.17 -10.42 13.14
N TYR B 144 -23.09 -10.38 12.38
CA TYR B 144 -22.03 -9.41 12.60
C TYR B 144 -22.53 -8.00 12.27
N GLU B 145 -23.20 -7.86 11.12
CA GLU B 145 -23.73 -6.58 10.68
C GLU B 145 -24.69 -5.99 11.71
N LYS B 146 -25.57 -6.84 12.24
CA LYS B 146 -26.55 -6.40 13.25
C LYS B 146 -25.86 -5.78 14.45
N ARG B 147 -24.85 -6.48 14.98
CA ARG B 147 -24.11 -6.01 16.14
C ARG B 147 -23.39 -4.71 15.85
N VAL B 148 -22.87 -4.57 14.63
CA VAL B 148 -22.17 -3.35 14.25
C VAL B 148 -23.15 -2.20 14.09
N ARG B 149 -24.31 -2.50 13.50
CA ARG B 149 -25.34 -1.48 13.29
C ARG B 149 -25.84 -0.93 14.61
N ALA B 150 -26.20 -1.83 15.53
CA ALA B 150 -26.68 -1.43 16.85
C ALA B 150 -25.61 -0.66 17.61
N GLN B 151 -24.36 -1.01 17.35
CA GLN B 151 -23.23 -0.36 18.00
C GLN B 151 -23.09 1.08 17.52
N ALA B 152 -23.08 1.24 16.19
CA ALA B 152 -22.94 2.56 15.58
C ALA B 152 -24.07 3.50 16.01
N LYS B 153 -25.28 2.95 16.13
CA LYS B 153 -26.44 3.72 16.54
C LYS B 153 -26.29 4.25 17.97
N LYS B 154 -25.46 3.58 18.76
CA LYS B 154 -25.23 3.97 20.14
C LYS B 154 -24.20 5.10 20.22
N PHE B 155 -23.35 5.20 19.21
CA PHE B 155 -22.32 6.23 19.18
C PHE B 155 -22.73 7.40 18.28
N ALA B 156 -23.98 7.39 17.85
CA ALA B 156 -24.51 8.44 17.01
C ALA B 156 -24.64 9.74 17.81
N PRO B 157 -24.25 10.88 17.21
CA PRO B 157 -24.33 12.19 17.88
C PRO B 157 -25.74 12.52 18.32
N SER B 158 -25.92 12.63 19.63
CA SER B 158 -27.23 12.95 20.19
C SER B 158 -27.04 13.80 21.43
N THR A 1 -14.30 10.72 -5.72
CA THR A 1 -12.99 10.66 -5.03
C THR A 1 -12.19 9.46 -5.52
N GLN A 2 -10.88 9.63 -5.66
CA GLN A 2 -10.01 8.56 -6.13
C GLN A 2 -10.13 7.31 -5.25
N ARG A 3 -10.18 6.15 -5.89
CA ARG A 3 -10.29 4.90 -5.15
C ARG A 3 -8.90 4.34 -4.88
N THR A 4 -8.62 4.05 -3.62
CA THR A 4 -7.33 3.53 -3.22
C THR A 4 -7.18 2.06 -3.58
N PHE A 5 -5.95 1.65 -3.89
CA PHE A 5 -5.67 0.28 -4.25
C PHE A 5 -4.65 -0.31 -3.28
N PRO A 6 -5.08 -1.24 -2.40
CA PRO A 6 -4.20 -1.87 -1.41
C PRO A 6 -3.00 -2.56 -2.06
N GLY A 7 -1.84 -2.39 -1.44
CA GLY A 7 -0.61 -2.97 -1.96
C GLY A 7 -0.70 -4.48 -2.17
N CYS A 8 -1.50 -5.15 -1.36
CA CYS A 8 -1.67 -6.60 -1.47
C CYS A 8 -2.27 -6.98 -2.82
N THR A 9 -3.21 -6.17 -3.30
CA THR A 9 -3.87 -6.43 -4.57
C THR A 9 -3.08 -5.78 -5.72
N ILE A 10 -1.97 -5.16 -5.37
CA ILE A 10 -1.11 -4.52 -6.36
C ILE A 10 0.11 -5.40 -6.62
N ARG A 11 0.68 -5.92 -5.54
CA ARG A 11 1.88 -6.75 -5.64
C ARG A 11 1.52 -8.20 -5.91
N ASN A 12 0.39 -8.66 -5.37
CA ASN A 12 -0.01 -10.06 -5.55
C ASN A 12 -1.02 -10.22 -6.69
N THR A 13 -2.30 -10.06 -6.39
CA THR A 13 -3.36 -10.25 -7.37
C THR A 13 -3.91 -8.93 -7.94
N PRO A 14 -3.44 -8.51 -9.12
CA PRO A 14 -3.91 -7.31 -9.79
C PRO A 14 -4.99 -7.63 -10.83
N SER A 15 -6.23 -7.25 -10.54
CA SER A 15 -7.34 -7.53 -11.45
C SER A 15 -7.41 -6.53 -12.60
N GLU A 16 -7.98 -5.36 -12.34
CA GLU A 16 -8.12 -4.32 -13.38
C GLU A 16 -6.77 -3.83 -13.86
N PRO A 17 -6.66 -3.53 -15.17
CA PRO A 17 -5.42 -3.02 -15.80
C PRO A 17 -4.76 -1.88 -15.03
N ILE A 18 -5.58 -1.02 -14.43
CA ILE A 18 -5.08 0.12 -13.67
C ILE A 18 -4.17 -0.32 -12.52
N HIS A 19 -4.36 -1.55 -12.05
CA HIS A 19 -3.55 -2.07 -10.95
C HIS A 19 -2.13 -2.33 -11.43
N CYS A 20 -2.01 -2.78 -12.67
CA CYS A 20 -0.71 -3.07 -13.25
C CYS A 20 0.04 -1.76 -13.50
N ILE A 21 -0.72 -0.72 -13.79
CA ILE A 21 -0.16 0.61 -14.03
C ILE A 21 0.34 1.21 -12.73
N VAL A 22 -0.46 1.09 -11.68
CA VAL A 22 -0.08 1.61 -10.37
C VAL A 22 1.17 0.87 -9.89
N TRP A 23 1.20 -0.43 -10.18
CA TRP A 23 2.33 -1.28 -9.83
C TRP A 23 3.60 -0.76 -10.52
N ALA A 24 3.45 -0.38 -11.78
CA ALA A 24 4.56 0.14 -12.56
C ALA A 24 5.01 1.48 -12.01
N LYS A 25 4.06 2.30 -11.58
CA LYS A 25 4.37 3.60 -11.00
C LYS A 25 5.17 3.41 -9.72
N TYR A 26 4.80 2.39 -8.96
CA TYR A 26 5.51 2.06 -7.73
C TYR A 26 6.92 1.62 -8.06
N LEU A 27 7.03 0.71 -9.02
CA LEU A 27 8.31 0.17 -9.48
C LEU A 27 9.27 1.30 -9.85
N PHE A 28 8.79 2.27 -10.62
CA PHE A 28 9.60 3.40 -11.04
C PHE A 28 10.14 4.16 -9.82
N ASN A 29 9.25 4.44 -8.89
CA ASN A 29 9.61 5.18 -7.68
C ASN A 29 10.53 4.35 -6.79
N GLN A 30 10.36 3.03 -6.81
CA GLN A 30 11.17 2.15 -5.98
C GLN A 30 12.53 1.89 -6.61
N LEU A 31 12.76 2.45 -7.79
CA LEU A 31 14.04 2.27 -8.47
C LEU A 31 14.77 3.59 -8.64
N PHE A 32 14.05 4.65 -8.96
CA PHE A 32 14.67 5.96 -9.16
C PHE A 32 14.08 7.04 -8.26
N GLY A 33 12.90 6.80 -7.70
CA GLY A 33 12.26 7.80 -6.85
C GLY A 33 12.49 7.56 -5.36
N GLU A 34 11.42 7.62 -4.59
CA GLU A 34 11.48 7.41 -3.15
C GLU A 34 11.02 6.00 -2.79
N GLU A 35 11.58 5.44 -1.72
CA GLU A 35 11.23 4.08 -1.30
C GLU A 35 10.15 4.09 -0.22
N ASP A 36 9.42 2.99 -0.13
CA ASP A 36 8.35 2.84 0.86
C ASP A 36 8.33 1.41 1.38
N ALA A 37 7.19 0.99 1.94
CA ALA A 37 7.05 -0.35 2.49
C ALA A 37 6.04 -1.15 1.67
N ASP A 38 4.77 -0.78 1.78
CA ASP A 38 3.71 -1.45 1.06
C ASP A 38 3.71 -1.07 -0.42
N GLN A 39 4.29 0.08 -0.73
CA GLN A 39 4.36 0.56 -2.10
C GLN A 39 5.58 -0.02 -2.82
N GLU A 40 6.11 -1.12 -2.30
CA GLU A 40 7.25 -1.77 -2.91
C GLU A 40 6.80 -2.56 -4.14
N VAL A 41 7.75 -3.11 -4.87
CA VAL A 41 7.43 -3.87 -6.06
C VAL A 41 7.75 -5.35 -5.85
N SER A 42 8.64 -5.63 -4.92
CA SER A 42 9.03 -7.00 -4.63
C SER A 42 7.95 -7.71 -3.83
N PRO A 43 7.83 -9.04 -4.00
CA PRO A 43 6.85 -9.85 -3.28
C PRO A 43 7.10 -9.79 -1.77
N ASP A 44 6.02 -9.69 -1.01
CA ASP A 44 6.14 -9.61 0.44
C ASP A 44 6.63 -10.91 1.04
N ARG A 45 7.45 -10.80 2.07
CA ARG A 45 7.98 -11.97 2.73
C ARG A 45 7.11 -12.33 3.93
N ALA A 46 6.24 -11.38 4.30
CA ALA A 46 5.32 -11.59 5.41
C ALA A 46 3.94 -11.93 4.88
N ASP A 47 3.91 -12.47 3.67
CA ASP A 47 2.67 -12.88 3.02
C ASP A 47 1.92 -13.87 3.89
N PRO A 48 0.60 -13.72 4.01
CA PRO A 48 -0.25 -14.61 4.83
C PRO A 48 -0.07 -16.11 4.51
N GLU A 49 0.44 -16.42 3.33
CA GLU A 49 0.64 -17.81 2.93
C GLU A 49 2.10 -18.21 3.07
N ALA A 50 2.93 -17.28 3.53
CA ALA A 50 4.35 -17.57 3.69
C ALA A 50 4.78 -17.42 5.15
N ALA A 51 4.23 -16.43 5.83
CA ALA A 51 4.57 -16.18 7.23
C ALA A 51 3.36 -15.67 8.01
N TRP A 52 3.62 -14.97 9.10
CA TRP A 52 2.56 -14.42 9.94
C TRP A 52 2.22 -13.00 9.49
N GLU A 53 1.38 -12.31 10.26
CA GLU A 53 0.96 -10.96 9.94
C GLU A 53 2.17 -10.00 9.92
N PRO A 54 2.81 -9.70 11.08
CA PRO A 54 2.45 -10.20 12.41
C PRO A 54 1.63 -9.15 13.18
N THR A 55 0.62 -9.60 13.92
CA THR A 55 -0.22 -8.70 14.69
C THR A 55 0.50 -8.24 15.97
N GLU A 56 -0.10 -7.29 16.67
CA GLU A 56 0.48 -6.76 17.91
C GLU A 56 0.64 -7.87 18.94
N ALA A 57 -0.49 -8.38 19.44
CA ALA A 57 -0.51 -9.44 20.44
C ALA A 57 0.42 -9.13 21.61
N GLU A 58 1.45 -9.96 21.79
CA GLU A 58 2.40 -9.77 22.87
C GLU A 58 3.73 -10.43 22.52
N ALA A 59 4.81 -9.71 22.72
CA ALA A 59 6.14 -10.23 22.42
C ALA A 59 6.61 -11.14 23.54
N ARG A 60 6.70 -12.43 23.25
CA ARG A 60 7.14 -13.41 24.24
C ARG A 60 8.66 -13.57 24.20
N ALA A 61 9.26 -13.10 23.11
CA ALA A 61 10.70 -13.18 22.94
C ALA A 61 11.36 -11.99 23.63
N ARG A 62 11.82 -12.21 24.85
CA ARG A 62 12.47 -11.15 25.63
C ARG A 62 13.68 -10.62 24.89
N ALA A 63 14.45 -11.53 24.30
CA ALA A 63 15.63 -11.15 23.54
C ALA A 63 15.25 -10.85 22.10
N SER A 64 14.45 -9.82 21.92
CA SER A 64 13.99 -9.41 20.60
C SER A 64 15.13 -8.76 19.82
N ASN A 65 15.89 -9.57 19.11
CA ASN A 65 17.02 -9.09 18.33
C ASN A 65 16.54 -8.25 17.15
N GLU A 66 15.40 -8.65 16.59
CA GLU A 66 14.83 -7.95 15.46
C GLU A 66 13.97 -6.78 15.94
N ASP A 67 14.64 -5.71 16.36
CA ASP A 67 13.94 -4.53 16.82
C ASP A 67 13.61 -3.65 15.62
N GLY A 68 12.49 -3.94 14.99
CA GLY A 68 12.07 -3.19 13.82
C GLY A 68 11.34 -4.07 12.83
N ASP A 69 11.57 -3.80 11.54
CA ASP A 69 10.92 -4.56 10.48
C ASP A 69 11.73 -5.81 10.13
N ILE A 70 11.03 -6.90 9.84
CA ILE A 70 11.67 -8.17 9.49
C ILE A 70 11.29 -8.59 8.07
N LYS A 71 10.46 -7.79 7.42
CA LYS A 71 10.01 -8.10 6.06
C LYS A 71 10.26 -6.93 5.10
N ARG A 72 10.94 -5.91 5.60
CA ARG A 72 11.25 -4.73 4.80
C ARG A 72 12.40 -5.00 3.83
N ILE A 73 12.16 -4.74 2.55
CA ILE A 73 13.17 -4.92 1.53
C ILE A 73 13.16 -3.73 0.59
N SER A 74 14.32 -3.36 0.06
CA SER A 74 14.43 -2.24 -0.85
C SER A 74 15.01 -2.70 -2.19
N THR A 75 14.14 -2.87 -3.18
CA THR A 75 14.55 -3.32 -4.51
C THR A 75 15.55 -2.35 -5.14
N LYS A 76 15.45 -1.06 -4.77
CA LYS A 76 16.35 -0.05 -5.30
C LYS A 76 17.80 -0.40 -5.05
N GLU A 77 18.07 -1.02 -3.89
CA GLU A 77 19.42 -1.42 -3.53
C GLU A 77 19.97 -2.42 -4.53
N TRP A 78 19.23 -3.51 -4.74
CA TRP A 78 19.67 -4.54 -5.67
C TRP A 78 19.83 -3.98 -7.08
N ALA A 79 18.85 -3.19 -7.52
CA ALA A 79 18.88 -2.59 -8.84
C ALA A 79 20.08 -1.67 -9.01
N LYS A 80 20.35 -0.86 -7.99
CA LYS A 80 21.48 0.06 -8.04
C LYS A 80 22.80 -0.71 -8.00
N SER A 81 22.80 -1.83 -7.29
CA SER A 81 24.00 -2.67 -7.18
C SER A 81 24.30 -3.40 -8.49
N THR A 82 23.29 -3.57 -9.33
CA THR A 82 23.46 -4.25 -10.60
C THR A 82 23.65 -3.25 -11.73
N GLY A 83 23.74 -1.97 -11.38
CA GLY A 83 23.92 -0.92 -12.37
C GLY A 83 22.68 -0.71 -13.21
N TYR A 84 21.53 -1.11 -12.66
CA TYR A 84 20.24 -0.99 -13.35
C TYR A 84 20.27 -1.69 -14.70
N ASP A 85 20.58 -2.98 -14.67
CA ASP A 85 20.63 -3.79 -15.89
C ASP A 85 19.23 -4.26 -16.26
N PRO A 86 18.74 -3.87 -17.45
CA PRO A 86 17.41 -4.26 -17.94
C PRO A 86 17.17 -5.76 -17.94
N VAL A 87 18.20 -6.51 -18.32
CA VAL A 87 18.10 -7.97 -18.37
C VAL A 87 17.80 -8.54 -16.99
N LYS A 88 18.58 -8.11 -15.99
CA LYS A 88 18.39 -8.57 -14.63
C LYS A 88 17.04 -8.16 -14.08
N LEU A 89 16.69 -6.89 -14.27
CA LEU A 89 15.42 -6.36 -13.80
C LEU A 89 14.24 -7.07 -14.45
N PHE A 90 14.31 -7.26 -15.75
CA PHE A 90 13.24 -7.92 -16.51
C PHE A 90 13.01 -9.34 -16.00
N THR A 91 14.07 -10.13 -15.96
CA THR A 91 13.97 -11.51 -15.51
C THR A 91 13.61 -11.62 -14.04
N LYS A 92 13.82 -10.55 -13.29
CA LYS A 92 13.50 -10.55 -11.88
C LYS A 92 12.02 -10.26 -11.66
N LEU A 93 11.57 -9.11 -12.15
CA LEU A 93 10.19 -8.68 -11.96
C LEU A 93 9.18 -9.41 -12.85
N PHE A 94 9.62 -9.92 -13.99
CA PHE A 94 8.68 -10.58 -14.89
C PHE A 94 8.91 -12.09 -14.98
N LYS A 95 9.82 -12.62 -14.16
CA LYS A 95 10.06 -14.06 -14.18
C LYS A 95 10.28 -14.60 -12.77
N ASP A 96 11.35 -14.16 -12.12
CA ASP A 96 11.68 -14.62 -10.76
C ASP A 96 10.54 -14.32 -9.78
N ASP A 97 10.13 -13.06 -9.75
CA ASP A 97 9.05 -12.62 -8.86
C ASP A 97 7.77 -13.36 -9.16
N ILE A 98 7.47 -13.53 -10.45
CA ILE A 98 6.26 -14.24 -10.87
C ILE A 98 6.33 -15.69 -10.42
N ARG A 99 7.51 -16.28 -10.54
CA ARG A 99 7.73 -17.66 -10.13
C ARG A 99 7.56 -17.76 -8.62
N TYR A 100 8.05 -16.76 -7.90
CA TYR A 100 7.94 -16.72 -6.46
C TYR A 100 6.47 -16.59 -6.05
N LEU A 101 5.72 -15.82 -6.83
CA LEU A 101 4.30 -15.61 -6.57
C LEU A 101 3.49 -16.89 -6.83
N LEU A 102 4.04 -17.77 -7.65
CA LEU A 102 3.38 -19.02 -7.98
C LEU A 102 3.35 -19.95 -6.77
N THR A 103 4.25 -19.70 -5.83
CA THR A 103 4.34 -20.49 -4.60
C THR A 103 3.06 -20.33 -3.79
N MET A 104 2.44 -19.15 -3.89
CA MET A 104 1.21 -18.87 -3.17
C MET A 104 0.04 -19.51 -3.90
N ASP A 105 0.00 -20.84 -3.84
CA ASP A 105 -1.02 -21.63 -4.51
C ASP A 105 -2.43 -21.27 -4.03
N LYS A 106 -2.51 -20.70 -2.83
CA LYS A 106 -3.78 -20.29 -2.25
C LYS A 106 -4.36 -19.08 -2.98
N LEU A 107 -3.49 -18.33 -3.65
CA LEU A 107 -3.91 -17.14 -4.37
C LEU A 107 -4.43 -17.49 -5.76
N TRP A 108 -3.95 -18.58 -6.31
CA TRP A 108 -4.35 -19.02 -7.64
C TRP A 108 -5.21 -20.27 -7.57
N ARG A 109 -6.51 -20.09 -7.42
CA ARG A 109 -7.45 -21.20 -7.33
C ARG A 109 -8.61 -20.98 -8.28
N LYS A 110 -9.06 -19.74 -8.38
CA LYS A 110 -10.16 -19.38 -9.25
C LYS A 110 -9.65 -18.73 -10.53
N ARG A 111 -8.74 -17.79 -10.37
CA ARG A 111 -8.17 -17.09 -11.50
C ARG A 111 -6.95 -17.84 -12.05
N LYS A 112 -6.68 -17.65 -13.32
CA LYS A 112 -5.54 -18.31 -13.97
C LYS A 112 -4.23 -17.75 -13.44
N PRO A 113 -3.29 -18.64 -13.07
CA PRO A 113 -1.98 -18.23 -12.55
C PRO A 113 -1.15 -17.48 -13.59
N PRO A 114 -0.26 -16.58 -13.14
CA PRO A 114 0.59 -15.80 -14.03
C PRO A 114 1.70 -16.62 -14.67
N VAL A 115 2.07 -16.26 -15.88
CA VAL A 115 3.12 -16.96 -16.61
C VAL A 115 4.40 -16.14 -16.66
N PRO A 116 5.48 -16.64 -16.01
CA PRO A 116 6.77 -15.96 -16.02
C PRO A 116 7.34 -15.84 -17.43
N LEU A 117 7.86 -14.66 -17.75
CA LEU A 117 8.41 -14.43 -19.08
C LEU A 117 9.92 -14.25 -18.99
N ASP A 118 10.64 -14.95 -19.87
CA ASP A 118 12.09 -14.85 -19.90
C ASP A 118 12.52 -13.85 -20.96
N TRP A 119 13.59 -13.12 -20.68
CA TRP A 119 14.11 -12.12 -21.59
C TRP A 119 14.49 -12.72 -22.94
N ALA A 120 15.03 -13.92 -22.91
CA ALA A 120 15.45 -14.58 -24.14
C ALA A 120 14.26 -15.15 -24.90
N GLU A 121 13.29 -15.67 -24.15
CA GLU A 121 12.10 -16.27 -24.73
C GLU A 121 11.26 -15.23 -25.47
N VAL A 122 11.15 -14.04 -24.90
CA VAL A 122 10.36 -12.97 -25.50
C VAL A 122 11.05 -12.40 -26.73
N GLN A 123 12.38 -12.37 -26.72
CA GLN A 123 13.14 -11.85 -27.83
C GLN A 123 13.02 -12.77 -29.05
N SER A 124 12.82 -14.04 -28.78
CA SER A 124 12.69 -15.03 -29.84
C SER A 124 11.29 -15.66 -29.80
N GLN A 125 10.29 -14.82 -29.53
CA GLN A 125 8.91 -15.29 -29.47
C GLN A 125 8.43 -15.72 -30.85
N GLY A 126 8.16 -17.01 -31.00
CA GLY A 126 7.72 -17.55 -32.28
C GLY A 126 6.32 -17.09 -32.64
N GLU A 127 5.52 -16.77 -31.63
CA GLU A 127 4.15 -16.31 -31.84
C GLU A 127 4.16 -14.93 -32.50
N GLU A 128 5.25 -14.22 -32.33
CA GLU A 128 5.40 -12.88 -32.89
C GLU A 128 6.39 -12.91 -34.04
N THR A 129 6.83 -11.74 -34.47
CA THR A 129 7.79 -11.64 -35.55
C THR A 129 9.14 -11.21 -35.00
N ASN A 130 10.22 -11.79 -35.52
CA ASN A 130 11.56 -11.47 -35.05
C ASN A 130 12.17 -10.33 -35.86
N ALA A 131 11.73 -10.18 -37.10
CA ALA A 131 12.24 -9.13 -37.97
C ALA A 131 11.82 -7.75 -37.50
N SER A 132 10.69 -7.67 -36.81
CA SER A 132 10.18 -6.40 -36.31
C SER A 132 11.02 -5.89 -35.14
N ASP A 133 11.98 -5.04 -35.45
CA ASP A 133 12.85 -4.46 -34.43
C ASP A 133 12.44 -3.02 -34.14
N GLN A 134 11.75 -2.41 -35.11
CA GLN A 134 11.27 -1.04 -34.95
C GLN A 134 9.95 -0.84 -35.71
N GLN A 135 9.74 -1.64 -36.74
CA GLN A 135 8.52 -1.58 -37.52
C GLN A 135 7.66 -2.81 -37.23
N ASN A 136 6.52 -2.59 -36.62
CA ASN A 136 5.62 -3.68 -36.27
C ASN A 136 4.44 -3.74 -37.22
N GLU A 137 3.30 -4.23 -36.73
CA GLU A 137 2.08 -4.34 -37.51
C GLU A 137 1.67 -2.98 -38.08
N PRO A 138 1.51 -2.90 -39.41
CA PRO A 138 1.13 -1.66 -40.07
C PRO A 138 -0.35 -1.33 -39.86
N GLN A 139 -0.65 -0.59 -38.81
CA GLN A 139 -2.01 -0.20 -38.50
C GLN A 139 -2.16 1.31 -38.58
N LEU A 140 -3.28 1.77 -39.13
CA LEU A 140 -3.53 3.20 -39.26
C LEU A 140 -4.11 3.78 -37.98
N GLY A 141 -3.97 5.08 -37.80
CA GLY A 141 -4.50 5.73 -36.61
C GLY A 141 -3.42 6.44 -35.83
N LEU A 142 -3.73 6.81 -34.59
CA LEU A 142 -2.79 7.48 -33.72
C LEU A 142 -1.64 6.56 -33.37
N LYS A 143 -0.41 7.01 -33.61
CA LYS A 143 0.78 6.22 -33.34
C LYS A 143 0.94 5.91 -31.87
N ASP A 144 0.52 6.84 -31.02
CA ASP A 144 0.63 6.67 -29.57
C ASP A 144 -0.49 5.76 -29.06
N GLN A 145 -1.52 5.58 -29.87
CA GLN A 145 -2.65 4.75 -29.49
C GLN A 145 -2.57 3.38 -30.15
N GLN A 146 -1.40 3.05 -30.68
CA GLN A 146 -1.20 1.78 -31.33
C GLN A 146 -0.76 0.74 -30.30
N VAL A 147 -1.32 -0.46 -30.38
CA VAL A 147 -0.97 -1.52 -29.46
C VAL A 147 0.11 -2.38 -30.07
N LEU A 148 1.28 -2.40 -29.45
CA LEU A 148 2.39 -3.18 -29.95
C LEU A 148 2.37 -4.59 -29.34
N ASP A 149 3.34 -5.41 -29.71
CA ASP A 149 3.41 -6.77 -29.18
C ASP A 149 4.20 -6.81 -27.87
N VAL A 150 4.32 -8.00 -27.31
CA VAL A 150 5.03 -8.19 -26.05
C VAL A 150 6.52 -7.88 -26.18
N LYS A 151 7.08 -8.12 -27.36
CA LYS A 151 8.50 -7.87 -27.60
C LYS A 151 8.78 -6.38 -27.60
N SER A 152 7.89 -5.63 -28.23
CA SER A 152 8.00 -4.19 -28.34
C SER A 152 8.05 -3.54 -26.97
N TYR A 153 7.16 -3.97 -26.08
CA TYR A 153 7.12 -3.42 -24.74
C TYR A 153 8.30 -3.90 -23.92
N ALA A 154 8.79 -5.10 -24.25
CA ALA A 154 9.94 -5.67 -23.55
C ALA A 154 11.19 -4.85 -23.86
N ARG A 155 11.41 -4.57 -25.14
CA ARG A 155 12.57 -3.80 -25.56
C ARG A 155 12.43 -2.33 -25.14
N LEU A 156 11.20 -1.82 -25.16
CA LEU A 156 10.93 -0.45 -24.77
C LEU A 156 11.23 -0.27 -23.29
N PHE A 157 10.88 -1.27 -22.50
CA PHE A 157 11.12 -1.25 -21.06
C PHE A 157 12.61 -1.14 -20.80
N SER A 158 13.39 -1.89 -21.55
CA SER A 158 14.84 -1.89 -21.42
C SER A 158 15.43 -0.55 -21.84
N LYS A 159 14.98 -0.03 -22.97
CA LYS A 159 15.48 1.26 -23.46
C LYS A 159 15.10 2.39 -22.52
N SER A 160 13.96 2.23 -21.85
CA SER A 160 13.51 3.22 -20.89
C SER A 160 14.48 3.29 -19.72
N ILE A 161 14.84 2.12 -19.19
CA ILE A 161 15.78 2.04 -18.09
C ILE A 161 17.11 2.66 -18.47
N GLU A 162 17.52 2.43 -19.72
CA GLU A 162 18.77 2.94 -20.24
C GLU A 162 18.88 4.46 -20.07
N THR A 163 17.89 5.17 -20.58
CA THR A 163 17.88 6.63 -20.49
C THR A 163 17.62 7.11 -19.06
N LEU A 164 16.96 6.28 -18.26
CA LEU A 164 16.68 6.64 -16.88
C LEU A 164 17.94 6.56 -16.03
N ARG A 165 18.82 5.63 -16.37
CA ARG A 165 20.07 5.43 -15.65
C ARG A 165 20.90 6.71 -15.68
N VAL A 166 21.18 7.20 -16.88
CA VAL A 166 21.96 8.42 -17.03
C VAL A 166 21.23 9.62 -16.46
N HIS A 167 19.90 9.62 -16.60
CA HIS A 167 19.09 10.73 -16.10
C HIS A 167 19.22 10.85 -14.59
N LEU A 168 19.38 9.72 -13.92
CA LEU A 168 19.54 9.70 -12.48
C LEU A 168 20.98 10.03 -12.10
N ALA A 169 21.92 9.43 -12.83
CA ALA A 169 23.34 9.63 -12.59
C ALA A 169 23.76 11.09 -12.80
N GLU A 170 23.18 11.73 -13.81
CA GLU A 170 23.49 13.13 -14.11
C GLU A 170 23.04 14.06 -13.00
N LYS A 171 22.11 13.60 -12.17
CA LYS A 171 21.61 14.40 -11.07
C LYS A 171 22.57 14.36 -9.89
N GLY A 172 23.15 13.19 -9.65
CA GLY A 172 24.09 13.04 -8.56
C GLY A 172 23.72 11.89 -7.65
N ASP A 173 24.29 11.87 -6.46
CA ASP A 173 24.02 10.81 -5.50
C ASP A 173 22.83 11.20 -4.61
N GLY A 174 22.11 10.21 -4.12
CA GLY A 174 20.96 10.47 -3.27
C GLY A 174 19.89 11.26 -3.98
N ALA A 175 19.80 11.09 -5.29
CA ALA A 175 18.83 11.78 -6.11
C ALA A 175 17.61 10.91 -6.35
N GLU A 176 16.44 11.53 -6.36
CA GLU A 176 15.20 10.82 -6.57
C GLU A 176 14.44 11.41 -7.75
N LEU A 177 14.19 10.60 -8.76
CA LEU A 177 13.49 11.04 -9.96
C LEU A 177 11.99 10.87 -9.78
N ILE A 178 11.27 11.97 -9.77
CA ILE A 178 9.83 11.95 -9.63
C ILE A 178 9.19 11.63 -10.98
N TRP A 179 8.35 10.60 -11.01
CA TRP A 179 7.68 10.19 -12.23
C TRP A 179 6.77 11.30 -12.74
N ASP A 180 6.82 11.55 -14.04
CA ASP A 180 5.99 12.56 -14.65
C ASP A 180 5.40 12.06 -15.95
N LYS A 181 4.14 12.39 -16.18
CA LYS A 181 3.43 11.97 -17.38
C LYS A 181 3.87 12.81 -18.57
N ASP A 182 4.53 13.92 -18.27
CA ASP A 182 5.02 14.83 -19.30
C ASP A 182 6.36 14.36 -19.87
N ASP A 183 7.02 13.48 -19.14
CA ASP A 183 8.33 12.96 -19.57
C ASP A 183 8.15 11.66 -20.35
N PRO A 184 8.65 11.63 -21.60
CA PRO A 184 8.55 10.44 -22.45
C PRO A 184 9.21 9.21 -21.84
N SER A 185 10.43 9.39 -21.33
CA SER A 185 11.19 8.30 -20.73
C SER A 185 10.41 7.63 -19.60
N ALA A 186 9.95 8.44 -18.64
CA ALA A 186 9.19 7.93 -17.52
C ALA A 186 7.88 7.30 -17.98
N MET A 187 7.27 7.88 -19.01
CA MET A 187 6.03 7.37 -19.55
C MET A 187 6.23 6.01 -20.22
N ASP A 188 7.31 5.88 -20.97
CA ASP A 188 7.62 4.63 -21.66
C ASP A 188 7.84 3.51 -20.65
N PHE A 189 8.41 3.87 -19.51
CA PHE A 189 8.68 2.91 -18.44
C PHE A 189 7.38 2.32 -17.91
N VAL A 190 6.50 3.18 -17.42
CA VAL A 190 5.23 2.73 -16.85
C VAL A 190 4.39 1.98 -17.88
N THR A 191 4.45 2.41 -19.14
CA THR A 191 3.71 1.77 -20.21
C THR A 191 4.17 0.34 -20.42
N SER A 192 5.47 0.18 -20.64
CA SER A 192 6.04 -1.13 -20.89
C SER A 192 5.90 -2.05 -19.67
N ALA A 193 6.22 -1.52 -18.49
CA ALA A 193 6.14 -2.31 -17.26
C ALA A 193 4.73 -2.82 -17.00
N ALA A 194 3.74 -1.93 -17.11
CA ALA A 194 2.36 -2.30 -16.88
C ALA A 194 1.86 -3.29 -17.93
N ASN A 195 2.21 -3.01 -19.18
CA ASN A 195 1.81 -3.86 -20.30
C ASN A 195 2.35 -5.27 -20.15
N LEU A 196 3.61 -5.38 -19.76
CA LEU A 196 4.24 -6.68 -19.56
C LEU A 196 3.58 -7.40 -18.39
N ARG A 197 3.38 -6.67 -17.29
CA ARG A 197 2.77 -7.23 -16.10
C ARG A 197 1.36 -7.77 -16.40
N MET A 198 0.57 -7.00 -17.13
CA MET A 198 -0.80 -7.41 -17.47
C MET A 198 -0.80 -8.61 -18.41
N HIS A 199 0.14 -8.65 -19.34
CA HIS A 199 0.23 -9.76 -20.30
C HIS A 199 0.55 -11.06 -19.56
N ILE A 200 1.30 -10.95 -18.48
CA ILE A 200 1.67 -12.11 -17.67
C ILE A 200 0.42 -12.76 -17.07
N PHE A 201 -0.59 -11.96 -16.82
CA PHE A 201 -1.84 -12.44 -16.24
C PHE A 201 -2.88 -12.70 -17.34
N SER A 202 -2.39 -12.87 -18.56
CA SER A 202 -3.24 -13.14 -19.73
C SER A 202 -4.21 -11.99 -19.99
N MET A 203 -3.85 -10.79 -19.57
CA MET A 203 -4.67 -9.63 -19.76
C MET A 203 -4.24 -8.92 -21.04
N ASN A 204 -5.21 -8.49 -21.84
CA ASN A 204 -4.93 -7.79 -23.09
C ASN A 204 -4.15 -6.51 -22.83
N MET A 205 -3.08 -6.32 -23.60
CA MET A 205 -2.23 -5.16 -23.46
C MET A 205 -2.93 -3.89 -23.96
N LYS A 206 -2.46 -2.75 -23.48
CA LYS A 206 -3.04 -1.47 -23.86
C LYS A 206 -2.04 -0.62 -24.64
N SER A 207 -2.54 0.49 -25.18
CA SER A 207 -1.70 1.40 -25.94
C SER A 207 -1.05 2.41 -25.00
N ARG A 208 0.02 3.05 -25.45
CA ARG A 208 0.75 4.03 -24.64
C ARG A 208 -0.15 5.20 -24.27
N PHE A 209 -0.89 5.71 -25.25
CA PHE A 209 -1.80 6.84 -25.05
C PHE A 209 -2.85 6.50 -24.00
N ASP A 210 -3.36 5.28 -24.05
CA ASP A 210 -4.37 4.83 -23.11
C ASP A 210 -3.83 4.80 -21.69
N ILE A 211 -2.66 4.18 -21.54
CA ILE A 211 -2.01 4.08 -20.24
C ILE A 211 -1.65 5.46 -19.70
N LYS A 212 -1.10 6.31 -20.56
CA LYS A 212 -0.71 7.66 -20.16
C LYS A 212 -1.88 8.42 -19.53
N SER A 213 -3.04 8.27 -20.13
CA SER A 213 -4.25 8.94 -19.67
C SER A 213 -4.57 8.62 -18.21
N MET A 214 -4.43 7.37 -17.82
CA MET A 214 -4.76 6.96 -16.45
C MET A 214 -3.52 6.98 -15.53
N ALA A 215 -2.35 6.75 -16.11
CA ALA A 215 -1.10 6.74 -15.34
C ALA A 215 -0.84 8.13 -14.75
N GLY A 216 -1.02 9.14 -15.58
CA GLY A 216 -0.81 10.49 -15.14
C GLY A 216 -2.02 11.07 -14.45
N ASN A 217 -3.20 10.69 -14.96
CA ASN A 217 -4.49 11.14 -14.45
C ASN A 217 -4.47 12.63 -14.10
N MET B 1 12.57 12.02 21.90
CA MET B 1 12.88 12.72 23.16
C MET B 1 11.80 13.75 23.48
N SER B 2 11.69 14.11 24.75
CA SER B 2 10.72 15.08 25.21
C SER B 2 10.99 16.44 24.55
N GLY B 3 9.99 17.30 24.53
CA GLY B 3 10.17 18.61 23.92
C GLY B 3 9.95 18.56 22.42
N ILE B 4 10.78 17.78 21.74
CA ILE B 4 10.68 17.64 20.29
C ILE B 4 9.34 17.03 19.92
N ALA B 5 8.94 16.01 20.68
CA ALA B 5 7.67 15.35 20.48
C ALA B 5 6.52 16.33 20.69
N LEU B 6 6.63 17.13 21.75
CA LEU B 6 5.61 18.12 22.08
C LEU B 6 5.51 19.18 20.99
N SER B 7 6.64 19.50 20.36
CA SER B 7 6.67 20.48 19.29
C SER B 7 5.82 20.03 18.11
N ARG B 8 5.89 18.73 17.81
CA ARG B 8 5.10 18.17 16.72
C ARG B 8 3.63 18.08 17.14
N LEU B 9 3.40 17.68 18.39
CA LEU B 9 2.05 17.55 18.91
C LEU B 9 1.33 18.90 18.89
N ALA B 10 2.07 19.97 19.18
CA ALA B 10 1.52 21.32 19.17
C ALA B 10 1.05 21.67 17.77
N GLN B 11 1.82 21.24 16.77
CA GLN B 11 1.50 21.49 15.37
C GLN B 11 0.23 20.73 14.98
N GLU B 12 0.15 19.47 15.41
CA GLU B 12 -1.01 18.63 15.12
C GLU B 12 -2.29 19.28 15.61
N ARG B 13 -2.24 19.84 16.81
CA ARG B 13 -3.40 20.51 17.40
C ARG B 13 -3.85 21.67 16.51
N LYS B 14 -2.88 22.47 16.08
CA LYS B 14 -3.17 23.62 15.24
C LYS B 14 -3.68 23.18 13.87
N ALA B 15 -3.05 22.16 13.32
CA ALA B 15 -3.43 21.62 12.03
C ALA B 15 -4.85 21.06 12.07
N TRP B 16 -5.16 20.36 13.17
CA TRP B 16 -6.49 19.78 13.36
C TRP B 16 -7.54 20.87 13.45
N ARG B 17 -7.24 21.92 14.20
CA ARG B 17 -8.16 23.03 14.36
C ARG B 17 -8.40 23.71 13.02
N LYS B 18 -7.36 23.78 12.21
CA LYS B 18 -7.44 24.41 10.90
C LYS B 18 -8.28 23.58 9.94
N ASP B 19 -8.04 22.27 9.92
CA ASP B 19 -8.80 21.39 9.03
C ASP B 19 -8.91 19.98 9.60
N HIS B 20 -10.13 19.47 9.65
CA HIS B 20 -10.39 18.13 10.14
C HIS B 20 -11.72 17.62 9.58
N PRO B 21 -11.88 16.29 9.43
CA PRO B 21 -13.10 15.68 8.90
C PRO B 21 -14.31 16.02 9.77
N PHE B 22 -15.46 16.20 9.12
CA PHE B 22 -16.69 16.52 9.81
C PHE B 22 -17.16 15.36 10.67
N GLY B 23 -17.43 15.65 11.94
CA GLY B 23 -17.87 14.63 12.86
C GLY B 23 -16.74 14.12 13.73
N PHE B 24 -15.52 14.33 13.27
CA PHE B 24 -14.35 13.89 14.00
C PHE B 24 -13.93 14.92 15.04
N VAL B 25 -13.63 14.45 16.24
CA VAL B 25 -13.22 15.33 17.33
C VAL B 25 -11.93 14.81 17.96
N ALA B 26 -10.99 15.72 18.19
CA ALA B 26 -9.71 15.37 18.81
C ALA B 26 -9.18 16.56 19.61
N VAL B 27 -8.89 16.32 20.87
CA VAL B 27 -8.39 17.37 21.75
C VAL B 27 -7.62 16.76 22.92
N PRO B 28 -6.44 17.32 23.26
CA PRO B 28 -5.62 16.84 24.37
C PRO B 28 -6.38 16.90 25.70
N THR B 29 -5.94 16.10 26.65
CA THR B 29 -6.58 16.05 27.96
C THR B 29 -6.32 17.34 28.73
N LYS B 30 -7.37 17.86 29.36
CA LYS B 30 -7.25 19.08 30.14
C LYS B 30 -6.51 18.81 31.44
N ASN B 31 -5.38 19.47 31.61
CA ASN B 31 -4.56 19.28 32.80
C ASN B 31 -4.78 20.43 33.77
N PRO B 32 -4.89 20.12 35.07
CA PRO B 32 -5.11 21.12 36.13
C PRO B 32 -4.10 22.27 36.10
N ASP B 33 -4.44 23.34 36.81
CA ASP B 33 -3.61 24.56 36.91
C ASP B 33 -3.59 25.32 35.58
N GLY B 34 -4.48 24.96 34.68
CA GLY B 34 -4.55 25.63 33.39
C GLY B 34 -3.52 25.14 32.40
N THR B 35 -3.11 23.89 32.52
CA THR B 35 -2.13 23.34 31.61
C THR B 35 -2.81 22.36 30.64
N MET B 36 -2.02 21.72 29.78
CA MET B 36 -2.58 20.78 28.82
C MET B 36 -1.62 19.62 28.57
N ASN B 37 -2.14 18.41 28.62
CA ASN B 37 -1.33 17.23 28.38
C ASN B 37 -1.41 16.82 26.91
N LEU B 38 -0.36 17.10 26.17
CA LEU B 38 -0.31 16.81 24.74
C LEU B 38 0.06 15.35 24.47
N MET B 39 0.35 14.60 25.52
CA MET B 39 0.74 13.20 25.35
C MET B 39 -0.46 12.27 25.49
N ASN B 40 -1.63 12.83 25.73
CA ASN B 40 -2.85 12.04 25.86
C ASN B 40 -4.03 12.83 25.31
N TRP B 41 -4.58 12.38 24.20
CA TRP B 41 -5.69 13.06 23.56
C TRP B 41 -6.99 12.28 23.68
N GLU B 42 -8.10 13.01 23.74
CA GLU B 42 -9.42 12.41 23.81
C GLU B 42 -10.09 12.58 22.45
N CYS B 43 -10.01 11.55 21.63
CA CYS B 43 -10.57 11.60 20.29
C CYS B 43 -11.92 10.89 20.21
N ALA B 44 -12.73 11.32 19.26
CA ALA B 44 -14.04 10.74 19.03
C ALA B 44 -14.23 10.48 17.54
N ILE B 45 -14.61 9.27 17.19
CA ILE B 45 -14.79 8.90 15.80
C ILE B 45 -16.20 8.38 15.56
N PRO B 46 -16.95 9.05 14.67
CA PRO B 46 -18.31 8.65 14.32
C PRO B 46 -18.33 7.58 13.24
N GLY B 47 -19.34 6.73 13.27
CA GLY B 47 -19.45 5.68 12.28
C GLY B 47 -19.56 6.24 10.87
N LYS B 48 -18.86 5.61 9.93
CA LYS B 48 -18.87 6.05 8.55
C LYS B 48 -20.26 5.94 7.95
N LYS B 49 -20.63 6.92 7.15
CA LYS B 49 -21.94 6.94 6.50
C LYS B 49 -22.08 5.76 5.55
N GLY B 50 -23.21 5.07 5.62
CA GLY B 50 -23.44 3.93 4.77
C GLY B 50 -22.91 2.63 5.37
N THR B 51 -22.59 2.67 6.65
CA THR B 51 -22.07 1.49 7.33
C THR B 51 -22.89 1.23 8.60
N PRO B 52 -22.84 0.01 9.15
CA PRO B 52 -23.60 -0.33 10.36
C PRO B 52 -23.12 0.43 11.60
N TRP B 53 -22.05 1.22 11.44
CA TRP B 53 -21.51 2.00 12.53
C TRP B 53 -22.05 3.43 12.47
N GLU B 54 -22.66 3.75 11.34
CA GLU B 54 -23.23 5.07 11.07
C GLU B 54 -24.21 5.51 12.17
N GLY B 55 -23.95 6.68 12.73
CA GLY B 55 -24.82 7.21 13.76
C GLY B 55 -24.22 7.14 15.15
N GLY B 56 -23.25 6.26 15.33
CA GLY B 56 -22.62 6.12 16.63
C GLY B 56 -21.34 6.92 16.75
N LEU B 57 -21.13 7.51 17.91
CA LEU B 57 -19.93 8.29 18.18
C LEU B 57 -19.09 7.57 19.23
N PHE B 58 -17.98 7.01 18.80
CA PHE B 58 -17.11 6.25 19.68
C PHE B 58 -15.93 7.09 20.14
N LYS B 59 -15.48 6.84 21.36
CA LYS B 59 -14.36 7.58 21.93
C LYS B 59 -13.17 6.66 22.16
N LEU B 60 -11.99 7.17 21.89
CA LEU B 60 -10.76 6.42 22.08
C LEU B 60 -9.68 7.34 22.66
N ARG B 61 -8.78 6.76 23.43
CA ARG B 61 -7.71 7.53 24.04
C ARG B 61 -6.43 7.35 23.24
N MET B 62 -5.82 8.45 22.88
CA MET B 62 -4.58 8.43 22.11
C MET B 62 -3.40 8.72 23.02
N LEU B 63 -2.50 7.75 23.14
CA LEU B 63 -1.33 7.90 23.98
C LEU B 63 -0.08 8.10 23.13
N PHE B 64 0.69 9.12 23.47
CA PHE B 64 1.92 9.42 22.74
C PHE B 64 3.13 9.19 23.62
N LYS B 65 4.20 8.66 23.03
CA LYS B 65 5.42 8.40 23.77
C LYS B 65 6.43 9.52 23.56
N ASP B 66 7.51 9.48 24.32
CA ASP B 66 8.55 10.49 24.21
C ASP B 66 9.35 10.31 22.93
N ASP B 67 9.19 9.14 22.30
CA ASP B 67 9.87 8.83 21.06
C ASP B 67 9.12 9.40 19.87
N TYR B 68 7.97 10.01 20.13
CA TYR B 68 7.16 10.62 19.09
C TYR B 68 7.95 11.73 18.39
N PRO B 69 7.77 11.92 17.07
CA PRO B 69 6.86 11.15 16.23
C PRO B 69 7.49 9.93 15.58
N SER B 70 8.60 9.47 16.12
CA SER B 70 9.27 8.30 15.57
C SER B 70 8.48 7.04 15.94
N SER B 71 7.90 7.06 17.13
CA SER B 71 7.10 5.94 17.61
C SER B 71 5.62 6.18 17.32
N PRO B 72 4.91 5.17 16.81
CA PRO B 72 3.49 5.27 16.49
C PRO B 72 2.63 5.42 17.75
N PRO B 73 1.64 6.35 17.71
CA PRO B 73 0.75 6.58 18.85
C PRO B 73 -0.14 5.38 19.17
N LYS B 74 -0.34 5.13 20.45
CA LYS B 74 -1.16 4.01 20.88
C LYS B 74 -2.61 4.46 21.06
N CYS B 75 -3.49 3.93 20.23
CA CYS B 75 -4.91 4.28 20.30
C CYS B 75 -5.70 3.15 20.95
N LYS B 76 -6.37 3.46 22.06
CA LYS B 76 -7.18 2.48 22.77
C LYS B 76 -8.60 3.01 22.95
N PHE B 77 -9.57 2.24 22.47
CA PHE B 77 -10.97 2.63 22.57
C PHE B 77 -11.44 2.61 24.02
N GLU B 78 -12.29 3.59 24.36
CA GLU B 78 -12.83 3.70 25.70
C GLU B 78 -14.33 3.97 25.64
N PRO B 79 -15.17 2.94 25.85
CA PRO B 79 -14.73 1.58 26.14
C PRO B 79 -14.39 0.78 24.88
N PRO B 80 -13.75 -0.39 25.04
CA PRO B 80 -13.38 -1.27 23.92
C PRO B 80 -14.59 -1.61 23.04
N LEU B 81 -14.42 -1.50 21.74
CA LEU B 81 -15.50 -1.77 20.80
C LEU B 81 -15.47 -3.20 20.29
N PHE B 82 -16.64 -3.69 19.94
CA PHE B 82 -16.77 -5.03 19.38
C PHE B 82 -16.30 -5.01 17.94
N HIS B 83 -15.01 -5.28 17.76
CA HIS B 83 -14.40 -5.29 16.44
C HIS B 83 -13.23 -6.26 16.43
N PRO B 84 -13.15 -7.13 15.42
CA PRO B 84 -12.08 -8.14 15.29
C PRO B 84 -10.67 -7.57 15.33
N ASN B 85 -10.52 -6.29 15.03
CA ASN B 85 -9.19 -5.67 15.02
C ASN B 85 -8.98 -4.80 16.25
N VAL B 86 -9.83 -4.97 17.24
CA VAL B 86 -9.73 -4.21 18.48
C VAL B 86 -9.61 -5.17 19.65
N TYR B 87 -8.50 -5.07 20.37
CA TYR B 87 -8.27 -5.93 21.52
C TYR B 87 -9.24 -5.60 22.63
N PRO B 88 -9.54 -6.56 23.52
CA PRO B 88 -10.47 -6.37 24.65
C PRO B 88 -10.04 -5.22 25.56
N SER B 89 -8.76 -4.85 25.48
CA SER B 89 -8.21 -3.77 26.27
C SER B 89 -8.48 -2.42 25.60
N GLY B 90 -9.00 -2.46 24.38
CA GLY B 90 -9.29 -1.26 23.64
C GLY B 90 -8.26 -0.95 22.58
N THR B 91 -7.09 -1.58 22.71
CA THR B 91 -6.00 -1.37 21.78
C THR B 91 -6.38 -1.76 20.36
N VAL B 92 -6.20 -0.81 19.44
CA VAL B 92 -6.51 -1.04 18.04
C VAL B 92 -5.25 -1.45 17.29
N CYS B 93 -5.39 -2.36 16.34
CA CYS B 93 -4.25 -2.82 15.55
C CYS B 93 -4.40 -2.36 14.11
N LEU B 94 -3.44 -1.56 13.64
CA LEU B 94 -3.45 -1.06 12.28
C LEU B 94 -2.03 -0.87 11.79
N SER B 95 -1.84 -0.92 10.47
CA SER B 95 -0.54 -0.77 9.86
C SER B 95 0.16 0.52 10.28
N ILE B 96 -0.60 1.61 10.37
CA ILE B 96 -0.04 2.90 10.74
C ILE B 96 0.09 3.05 12.26
N LEU B 97 -0.25 1.99 12.99
CA LEU B 97 -0.15 2.02 14.45
C LEU B 97 1.04 1.18 14.91
N GLU B 98 1.73 0.58 13.94
CA GLU B 98 2.88 -0.25 14.23
C GLU B 98 4.08 0.25 13.44
N GLU B 99 5.17 0.50 14.15
CA GLU B 99 6.41 1.02 13.56
C GLU B 99 6.95 0.14 12.43
N ASP B 100 6.82 -1.17 12.58
CA ASP B 100 7.34 -2.10 11.58
C ASP B 100 6.39 -2.29 10.41
N LYS B 101 5.10 -2.09 10.62
CA LYS B 101 4.12 -2.29 9.56
C LYS B 101 4.20 -1.22 8.47
N ASP B 102 3.45 -0.13 8.63
CA ASP B 102 3.44 0.94 7.62
C ASP B 102 3.41 2.31 8.28
N TRP B 103 4.02 2.41 9.46
CA TRP B 103 4.05 3.67 10.19
C TRP B 103 5.08 4.62 9.59
N ARG B 104 4.68 5.88 9.46
CA ARG B 104 5.55 6.91 8.94
C ARG B 104 5.40 8.15 9.80
N PRO B 105 6.52 8.73 10.26
CA PRO B 105 6.49 9.94 11.10
C PRO B 105 5.80 11.12 10.40
N ALA B 106 5.69 11.04 9.08
CA ALA B 106 5.05 12.08 8.29
C ALA B 106 3.53 12.00 8.37
N ILE B 107 3.02 10.91 8.92
CA ILE B 107 1.58 10.73 9.04
C ILE B 107 1.02 11.67 10.11
N THR B 108 -0.04 12.39 9.75
CA THR B 108 -0.69 13.33 10.64
C THR B 108 -1.74 12.60 11.47
N ILE B 109 -1.96 13.06 12.70
CA ILE B 109 -2.95 12.47 13.60
C ILE B 109 -4.32 12.37 12.91
N LYS B 110 -4.63 13.39 12.11
CA LYS B 110 -5.88 13.46 11.37
C LYS B 110 -6.06 12.24 10.46
N GLN B 111 -4.98 11.78 9.85
CA GLN B 111 -5.04 10.63 8.94
C GLN B 111 -5.22 9.34 9.73
N ILE B 112 -4.61 9.29 10.91
CA ILE B 112 -4.70 8.10 11.77
C ILE B 112 -6.14 7.86 12.20
N LEU B 113 -6.81 8.93 12.61
CA LEU B 113 -8.20 8.85 13.05
C LEU B 113 -9.09 8.38 11.90
N LEU B 114 -8.80 8.85 10.70
CA LEU B 114 -9.56 8.47 9.52
C LEU B 114 -9.40 6.99 9.22
N GLY B 115 -8.18 6.48 9.44
CA GLY B 115 -7.91 5.07 9.20
C GLY B 115 -8.68 4.17 10.13
N ILE B 116 -8.85 4.62 11.37
CA ILE B 116 -9.58 3.85 12.37
C ILE B 116 -11.06 3.72 11.99
N GLN B 117 -11.62 4.80 11.45
CA GLN B 117 -13.01 4.80 11.01
C GLN B 117 -13.20 3.82 9.86
N GLU B 118 -12.22 3.82 8.96
CA GLU B 118 -12.22 2.95 7.80
C GLU B 118 -12.11 1.49 8.25
N LEU B 119 -11.28 1.26 9.25
CA LEU B 119 -11.06 -0.06 9.81
C LEU B 119 -12.36 -0.65 10.35
N LEU B 120 -13.19 0.21 10.93
CA LEU B 120 -14.46 -0.23 11.50
C LEU B 120 -15.32 -0.89 10.42
N ASN B 121 -15.44 -0.23 9.29
CA ASN B 121 -16.25 -0.73 8.18
C ASN B 121 -15.58 -1.94 7.52
N GLU B 122 -14.29 -1.80 7.19
CA GLU B 122 -13.55 -2.88 6.55
C GLU B 122 -12.51 -3.45 7.50
N PRO B 123 -12.87 -4.51 8.24
CA PRO B 123 -11.97 -5.16 9.20
C PRO B 123 -10.92 -6.02 8.51
N ASN B 124 -9.71 -5.97 9.04
CA ASN B 124 -8.59 -6.75 8.51
C ASN B 124 -8.71 -8.20 8.99
N ILE B 125 -8.78 -9.14 8.06
CA ILE B 125 -8.92 -10.55 8.41
C ILE B 125 -7.55 -11.18 8.71
N GLN B 126 -6.49 -10.42 8.45
CA GLN B 126 -5.14 -10.90 8.69
C GLN B 126 -4.78 -10.78 10.17
N ASP B 127 -4.98 -9.60 10.74
CA ASP B 127 -4.65 -9.34 12.14
C ASP B 127 -5.86 -9.53 13.04
N PRO B 128 -5.91 -10.65 13.79
CA PRO B 128 -7.00 -10.96 14.69
C PRO B 128 -6.72 -10.48 16.13
N ALA B 129 -7.46 -9.48 16.58
CA ALA B 129 -7.29 -8.95 17.92
C ALA B 129 -8.38 -9.46 18.84
N GLN B 130 -9.62 -9.34 18.42
CA GLN B 130 -10.76 -9.80 19.20
C GLN B 130 -11.27 -11.13 18.65
N ALA B 131 -10.89 -12.21 19.32
CA ALA B 131 -11.26 -13.56 18.90
C ALA B 131 -12.78 -13.74 18.81
N GLU B 132 -13.50 -13.21 19.78
CA GLU B 132 -14.95 -13.31 19.80
C GLU B 132 -15.56 -12.73 18.53
N ALA B 133 -15.21 -11.48 18.24
CA ALA B 133 -15.71 -10.80 17.05
C ALA B 133 -15.21 -11.49 15.79
N TYR B 134 -13.96 -11.93 15.81
CA TYR B 134 -13.35 -12.59 14.67
C TYR B 134 -14.11 -13.87 14.32
N THR B 135 -14.45 -14.65 15.34
CA THR B 135 -15.18 -15.90 15.14
C THR B 135 -16.55 -15.64 14.51
N ILE B 136 -17.31 -14.72 15.10
CA ILE B 136 -18.64 -14.38 14.62
C ILE B 136 -18.59 -13.80 13.20
N TYR B 137 -17.68 -12.86 12.98
CA TYR B 137 -17.53 -12.21 11.68
C TYR B 137 -17.10 -13.20 10.59
N CYS B 138 -16.50 -14.30 11.00
CA CYS B 138 -16.02 -15.30 10.05
C CYS B 138 -17.04 -16.41 9.79
N GLN B 139 -18.09 -16.51 10.61
CA GLN B 139 -19.06 -17.58 10.44
C GLN B 139 -20.49 -17.06 10.32
N ASN B 140 -20.78 -15.89 10.86
CA ASN B 140 -22.13 -15.35 10.80
C ASN B 140 -22.12 -13.83 10.63
N ARG B 141 -22.24 -13.39 9.39
CA ARG B 141 -22.24 -11.97 9.08
C ARG B 141 -23.51 -11.30 9.61
N VAL B 142 -24.61 -12.05 9.61
CA VAL B 142 -25.90 -11.53 10.09
C VAL B 142 -25.77 -11.14 11.56
N GLU B 143 -25.29 -12.06 12.36
CA GLU B 143 -25.11 -11.84 13.80
C GLU B 143 -24.08 -10.76 14.06
N TYR B 144 -23.10 -10.64 13.16
CA TYR B 144 -22.06 -9.63 13.29
C TYR B 144 -22.66 -8.23 13.11
N GLU B 145 -23.38 -8.03 12.01
CA GLU B 145 -24.00 -6.74 11.72
C GLU B 145 -24.98 -6.35 12.83
N LYS B 146 -25.68 -7.33 13.37
CA LYS B 146 -26.64 -7.10 14.44
C LYS B 146 -25.98 -6.47 15.65
N ARG B 147 -24.89 -7.08 16.11
CA ARG B 147 -24.14 -6.59 17.26
C ARG B 147 -23.56 -5.21 17.00
N VAL B 148 -23.10 -4.99 15.78
CA VAL B 148 -22.54 -3.70 15.41
C VAL B 148 -23.61 -2.63 15.45
N ARG B 149 -24.80 -2.96 14.94
CA ARG B 149 -25.92 -2.04 14.92
C ARG B 149 -26.31 -1.64 16.34
N ALA B 150 -26.42 -2.63 17.21
CA ALA B 150 -26.78 -2.39 18.61
C ALA B 150 -25.71 -1.54 19.30
N GLN B 151 -24.46 -1.73 18.89
CA GLN B 151 -23.36 -0.97 19.47
C GLN B 151 -23.47 0.51 19.09
N ALA B 152 -23.81 0.75 17.83
CA ALA B 152 -23.97 2.12 17.34
C ALA B 152 -25.13 2.81 18.04
N LYS B 153 -26.15 2.02 18.40
CA LYS B 153 -27.32 2.54 19.09
C LYS B 153 -26.96 2.88 20.54
N LYS B 154 -25.97 2.17 21.07
CA LYS B 154 -25.51 2.38 22.44
C LYS B 154 -24.75 3.70 22.53
N PHE B 155 -23.95 3.98 21.52
CA PHE B 155 -23.15 5.21 21.47
C PHE B 155 -23.82 6.24 20.57
N ALA B 156 -25.14 6.22 20.53
CA ALA B 156 -25.89 7.15 19.71
C ALA B 156 -26.10 8.47 20.45
N PRO B 157 -25.62 9.57 19.88
CA PRO B 157 -25.77 10.91 20.50
C PRO B 157 -27.23 11.25 20.73
N SER B 158 -27.56 11.57 21.98
CA SER B 158 -28.92 11.91 22.35
C SER B 158 -28.90 13.06 23.37
N THR A 1 -13.67 10.90 -5.59
CA THR A 1 -12.27 10.57 -5.26
C THR A 1 -11.83 9.32 -6.03
N GLN A 2 -10.54 9.18 -6.26
CA GLN A 2 -10.01 8.03 -6.97
C GLN A 2 -9.98 6.82 -6.05
N ARG A 3 -10.32 5.65 -6.58
CA ARG A 3 -10.32 4.43 -5.80
C ARG A 3 -8.90 3.96 -5.53
N THR A 4 -8.53 3.93 -4.26
CA THR A 4 -7.20 3.50 -3.85
C THR A 4 -6.99 2.01 -4.10
N PHE A 5 -5.81 1.67 -4.62
CA PHE A 5 -5.48 0.29 -4.92
C PHE A 5 -4.48 -0.24 -3.89
N PRO A 6 -4.89 -1.21 -3.05
CA PRO A 6 -4.01 -1.81 -2.04
C PRO A 6 -2.82 -2.51 -2.67
N GLY A 7 -1.65 -2.38 -2.03
CA GLY A 7 -0.44 -2.99 -2.54
C GLY A 7 -0.56 -4.50 -2.73
N CYS A 8 -1.40 -5.14 -1.93
CA CYS A 8 -1.61 -6.58 -2.03
C CYS A 8 -2.09 -6.99 -3.42
N THR A 9 -3.18 -6.40 -3.88
CA THR A 9 -3.74 -6.71 -5.19
C THR A 9 -2.92 -6.09 -6.31
N ILE A 10 -1.91 -5.31 -5.95
CA ILE A 10 -1.04 -4.70 -6.94
C ILE A 10 0.18 -5.57 -7.18
N ARG A 11 0.75 -6.07 -6.09
CA ARG A 11 1.95 -6.90 -6.18
C ARG A 11 1.62 -8.38 -6.34
N ASN A 12 0.51 -8.83 -5.76
CA ASN A 12 0.14 -10.24 -5.83
C ASN A 12 -0.87 -10.55 -6.93
N THR A 13 -2.14 -10.21 -6.72
CA THR A 13 -3.18 -10.51 -7.71
C THR A 13 -3.76 -9.28 -8.40
N PRO A 14 -3.17 -8.83 -9.52
CA PRO A 14 -3.65 -7.70 -10.30
C PRO A 14 -4.57 -8.15 -11.42
N SER A 15 -5.86 -8.27 -11.12
CA SER A 15 -6.85 -8.72 -12.10
C SER A 15 -7.24 -7.63 -13.10
N GLU A 16 -7.25 -6.38 -12.65
CA GLU A 16 -7.60 -5.26 -13.52
C GLU A 16 -6.39 -4.71 -14.25
N PRO A 17 -6.56 -4.32 -15.53
CA PRO A 17 -5.48 -3.76 -16.34
C PRO A 17 -4.82 -2.56 -15.67
N ILE A 18 -5.64 -1.70 -15.07
CA ILE A 18 -5.15 -0.51 -14.37
C ILE A 18 -4.22 -0.88 -13.21
N HIS A 19 -4.38 -2.09 -12.69
CA HIS A 19 -3.55 -2.55 -11.58
C HIS A 19 -2.12 -2.78 -12.05
N CYS A 20 -1.98 -3.18 -13.31
CA CYS A 20 -0.66 -3.42 -13.89
C CYS A 20 0.06 -2.10 -14.11
N ILE A 21 -0.71 -1.07 -14.41
CA ILE A 21 -0.17 0.26 -14.63
C ILE A 21 0.35 0.83 -13.32
N VAL A 22 -0.42 0.66 -12.25
CA VAL A 22 -0.04 1.14 -10.94
C VAL A 22 1.25 0.44 -10.49
N TRP A 23 1.33 -0.85 -10.77
CA TRP A 23 2.51 -1.64 -10.42
C TRP A 23 3.74 -1.07 -11.12
N ALA A 24 3.58 -0.72 -12.39
CA ALA A 24 4.68 -0.15 -13.16
C ALA A 24 5.08 1.22 -12.62
N LYS A 25 4.09 2.00 -12.21
CA LYS A 25 4.34 3.33 -11.64
C LYS A 25 5.11 3.18 -10.34
N TYR A 26 4.72 2.17 -9.55
CA TYR A 26 5.39 1.89 -8.29
C TYR A 26 6.82 1.44 -8.55
N LEU A 27 6.99 0.65 -9.61
CA LEU A 27 8.29 0.14 -10.01
C LEU A 27 9.26 1.30 -10.29
N PHE A 28 8.77 2.30 -11.03
CA PHE A 28 9.58 3.47 -11.35
C PHE A 28 9.93 4.24 -10.08
N ASN A 29 8.93 4.39 -9.22
CA ASN A 29 9.11 5.12 -7.97
C ASN A 29 9.90 4.31 -6.94
N GLN A 30 10.25 3.08 -7.30
CA GLN A 30 10.99 2.22 -6.41
C GLN A 30 12.47 2.19 -6.79
N LEU A 31 12.73 1.90 -8.06
CA LEU A 31 14.09 1.80 -8.56
C LEU A 31 14.72 3.17 -8.80
N PHE A 32 13.92 4.15 -9.20
CA PHE A 32 14.44 5.48 -9.49
C PHE A 32 13.86 6.55 -8.57
N GLY A 33 12.61 6.38 -8.19
CA GLY A 33 11.96 7.37 -7.33
C GLY A 33 12.22 7.14 -5.85
N GLU A 34 11.21 7.45 -5.06
CA GLU A 34 11.30 7.30 -3.60
C GLU A 34 10.43 6.14 -3.16
N GLU A 35 11.07 5.11 -2.61
CA GLU A 35 10.37 3.92 -2.15
C GLU A 35 9.44 4.23 -0.98
N ASP A 36 8.29 3.56 -0.98
CA ASP A 36 7.30 3.75 0.07
C ASP A 36 7.21 2.49 0.92
N ALA A 37 6.17 2.37 1.73
CA ALA A 37 5.98 1.22 2.58
C ALA A 37 5.11 0.18 1.89
N ASP A 38 3.85 0.52 1.67
CA ASP A 38 2.92 -0.40 1.00
C ASP A 38 3.15 -0.38 -0.50
N GLN A 39 3.62 0.75 -1.00
CA GLN A 39 3.87 0.91 -2.43
C GLN A 39 5.21 0.29 -2.82
N GLU A 40 5.29 -1.03 -2.72
CA GLU A 40 6.49 -1.76 -3.07
C GLU A 40 6.29 -2.43 -4.43
N VAL A 41 7.36 -2.97 -4.98
CA VAL A 41 7.28 -3.63 -6.27
C VAL A 41 7.70 -5.09 -6.14
N SER A 42 8.43 -5.38 -5.06
CA SER A 42 8.91 -6.72 -4.80
C SER A 42 7.78 -7.61 -4.30
N PRO A 43 7.90 -8.94 -4.50
CA PRO A 43 6.90 -9.90 -4.04
C PRO A 43 6.77 -9.86 -2.52
N ASP A 44 5.54 -9.83 -2.04
CA ASP A 44 5.30 -9.77 -0.61
C ASP A 44 5.81 -11.02 0.09
N ARG A 45 6.71 -10.84 1.04
CA ARG A 45 7.28 -11.95 1.78
C ARG A 45 6.59 -12.08 3.14
N ALA A 46 5.57 -11.25 3.35
CA ALA A 46 4.83 -11.27 4.61
C ALA A 46 3.48 -11.96 4.43
N ASP A 47 3.28 -12.62 3.29
CA ASP A 47 2.04 -13.32 3.03
C ASP A 47 1.88 -14.46 4.03
N PRO A 48 0.69 -14.61 4.63
CA PRO A 48 0.40 -15.66 5.62
C PRO A 48 0.80 -17.07 5.17
N GLU A 49 0.94 -17.27 3.87
CA GLU A 49 1.32 -18.56 3.33
C GLU A 49 2.79 -18.88 3.62
N ALA A 50 3.59 -17.84 3.84
CA ALA A 50 5.01 -18.02 4.11
C ALA A 50 5.48 -17.12 5.25
N ALA A 51 4.54 -16.64 6.05
CA ALA A 51 4.86 -15.76 7.16
C ALA A 51 3.86 -15.91 8.31
N TRP A 52 3.49 -14.79 8.93
CA TRP A 52 2.57 -14.79 10.05
C TRP A 52 1.19 -14.26 9.63
N GLU A 53 0.37 -13.94 10.62
CA GLU A 53 -0.99 -13.44 10.36
C GLU A 53 -0.98 -12.09 9.63
N PRO A 54 -0.31 -11.04 10.16
CA PRO A 54 0.44 -11.05 11.41
C PRO A 54 -0.33 -10.44 12.59
N THR A 55 0.40 -10.05 13.63
CA THR A 55 -0.21 -9.45 14.81
C THR A 55 0.15 -7.96 14.92
N GLU A 56 -0.14 -7.38 16.07
CA GLU A 56 0.14 -5.97 16.33
C GLU A 56 1.61 -5.76 16.66
N ALA A 57 2.32 -5.07 15.77
CA ALA A 57 3.73 -4.75 15.94
C ALA A 57 4.58 -6.00 16.16
N GLU A 58 5.22 -6.47 15.10
CA GLU A 58 6.07 -7.65 15.19
C GLU A 58 7.09 -7.67 14.06
N ALA A 59 8.35 -7.67 14.44
CA ALA A 59 9.44 -7.71 13.48
C ALA A 59 10.64 -8.42 14.07
N ARG A 60 11.41 -9.10 13.23
CA ARG A 60 12.58 -9.84 13.69
C ARG A 60 13.58 -8.91 14.36
N ALA A 61 13.71 -7.70 13.83
CA ALA A 61 14.62 -6.71 14.39
C ALA A 61 13.90 -5.37 14.49
N ARG A 62 13.99 -4.75 15.66
CA ARG A 62 13.33 -3.46 15.88
C ARG A 62 14.24 -2.50 16.63
N ALA A 63 15.52 -2.85 16.72
CA ALA A 63 16.48 -2.01 17.43
C ALA A 63 17.90 -2.33 17.00
N SER A 64 18.18 -2.13 15.72
CA SER A 64 19.50 -2.38 15.17
C SER A 64 19.99 -1.15 14.43
N ASN A 65 19.16 -0.68 13.51
CA ASN A 65 19.46 0.50 12.71
C ASN A 65 18.19 0.98 12.04
N GLU A 66 17.07 0.67 12.69
CA GLU A 66 15.76 1.02 12.19
C GLU A 66 15.40 2.46 12.55
N ASP A 67 14.57 3.09 11.73
CA ASP A 67 14.16 4.47 11.97
C ASP A 67 12.65 4.62 11.75
N GLY A 68 12.25 5.33 10.68
CA GLY A 68 10.84 5.49 10.40
C GLY A 68 10.25 4.18 9.95
N ASP A 69 11.01 3.48 9.13
CA ASP A 69 10.63 2.16 8.65
C ASP A 69 11.44 1.14 9.42
N ILE A 70 10.82 0.04 9.81
CA ILE A 70 11.52 -0.97 10.58
C ILE A 70 12.02 -2.10 9.69
N LYS A 71 11.12 -2.96 9.22
CA LYS A 71 11.54 -4.08 8.39
C LYS A 71 10.85 -4.07 7.04
N ARG A 72 11.63 -4.22 5.97
CA ARG A 72 11.11 -4.24 4.62
C ARG A 72 12.21 -4.63 3.65
N ILE A 73 11.83 -4.95 2.42
CA ILE A 73 12.79 -5.32 1.39
C ILE A 73 13.24 -4.08 0.63
N SER A 74 14.33 -4.18 -0.12
CA SER A 74 14.84 -3.04 -0.87
C SER A 74 15.44 -3.48 -2.20
N THR A 75 14.58 -3.67 -3.20
CA THR A 75 15.02 -4.10 -4.53
C THR A 75 15.87 -3.02 -5.21
N LYS A 76 15.63 -1.76 -4.86
CA LYS A 76 16.38 -0.65 -5.43
C LYS A 76 17.88 -0.84 -5.23
N GLU A 77 18.25 -1.41 -4.08
CA GLU A 77 19.64 -1.66 -3.76
C GLU A 77 20.26 -2.60 -4.78
N TRP A 78 19.58 -3.71 -5.05
CA TRP A 78 20.06 -4.69 -6.02
C TRP A 78 20.10 -4.08 -7.42
N ALA A 79 19.06 -3.32 -7.76
CA ALA A 79 18.97 -2.69 -9.06
C ALA A 79 20.15 -1.76 -9.31
N LYS A 80 20.49 -0.97 -8.31
CA LYS A 80 21.62 -0.05 -8.43
C LYS A 80 22.94 -0.81 -8.44
N SER A 81 23.01 -1.89 -7.67
CA SER A 81 24.23 -2.71 -7.59
C SER A 81 24.56 -3.35 -8.94
N THR A 82 23.51 -3.72 -9.68
CA THR A 82 23.70 -4.35 -10.98
C THR A 82 23.87 -3.30 -12.07
N GLY A 83 23.84 -2.03 -11.66
CA GLY A 83 23.99 -0.93 -12.60
C GLY A 83 22.75 -0.78 -13.47
N TYR A 84 21.61 -1.19 -12.91
CA TYR A 84 20.34 -1.14 -13.61
C TYR A 84 20.42 -1.90 -14.92
N ASP A 85 20.73 -3.18 -14.84
CA ASP A 85 20.84 -4.01 -16.03
C ASP A 85 19.45 -4.41 -16.51
N PRO A 86 19.07 -4.00 -17.72
CA PRO A 86 17.75 -4.27 -18.30
C PRO A 86 17.40 -5.76 -18.35
N VAL A 87 18.40 -6.60 -18.56
CA VAL A 87 18.18 -8.03 -18.66
C VAL A 87 17.95 -8.65 -17.29
N LYS A 88 18.84 -8.32 -16.34
CA LYS A 88 18.74 -8.86 -14.98
C LYS A 88 17.43 -8.44 -14.34
N LEU A 89 17.02 -7.20 -14.59
CA LEU A 89 15.77 -6.69 -14.04
C LEU A 89 14.58 -7.39 -14.67
N PHE A 90 14.65 -7.61 -15.98
CA PHE A 90 13.57 -8.28 -16.71
C PHE A 90 13.43 -9.72 -16.24
N THR A 91 14.55 -10.42 -16.16
CA THR A 91 14.54 -11.83 -15.74
C THR A 91 14.26 -11.96 -14.25
N LYS A 92 14.07 -10.84 -13.59
CA LYS A 92 13.78 -10.84 -12.17
C LYS A 92 12.30 -10.58 -11.94
N LEU A 93 11.86 -9.39 -12.31
CA LEU A 93 10.47 -8.97 -12.10
C LEU A 93 9.48 -9.73 -12.97
N PHE A 94 9.90 -10.17 -14.14
CA PHE A 94 9.01 -10.87 -15.04
C PHE A 94 9.31 -12.36 -15.13
N LYS A 95 10.24 -12.84 -14.31
CA LYS A 95 10.59 -14.25 -14.36
C LYS A 95 10.68 -14.87 -12.96
N ASP A 96 11.76 -14.59 -12.25
CA ASP A 96 11.98 -15.14 -10.91
C ASP A 96 10.88 -14.72 -9.93
N ASP A 97 10.50 -13.45 -9.95
CA ASP A 97 9.47 -12.95 -9.04
C ASP A 97 8.12 -13.61 -9.33
N ILE A 98 7.83 -13.81 -10.61
CA ILE A 98 6.59 -14.45 -11.02
C ILE A 98 6.61 -15.91 -10.59
N ARG A 99 7.78 -16.52 -10.72
CA ARG A 99 7.97 -17.92 -10.34
C ARG A 99 7.78 -18.08 -8.83
N TYR A 100 8.25 -17.11 -8.06
CA TYR A 100 8.10 -17.14 -6.60
C TYR A 100 6.65 -16.90 -6.21
N LEU A 101 5.96 -16.09 -6.99
CA LEU A 101 4.56 -15.79 -6.72
C LEU A 101 3.70 -17.04 -6.90
N LEU A 102 4.20 -17.98 -7.69
CA LEU A 102 3.49 -19.23 -7.95
C LEU A 102 3.52 -20.16 -6.76
N THR A 103 4.37 -19.85 -5.78
CA THR A 103 4.48 -20.66 -4.57
C THR A 103 3.19 -20.56 -3.74
N MET A 104 2.46 -19.48 -3.95
CA MET A 104 1.22 -19.27 -3.23
C MET A 104 0.06 -19.93 -3.98
N ASP A 105 0.00 -21.25 -3.89
CA ASP A 105 -1.05 -22.03 -4.56
C ASP A 105 -2.44 -21.59 -4.09
N LYS A 106 -2.48 -21.05 -2.88
CA LYS A 106 -3.72 -20.58 -2.28
C LYS A 106 -4.33 -19.42 -3.08
N LEU A 107 -3.49 -18.74 -3.86
CA LEU A 107 -3.95 -17.60 -4.66
C LEU A 107 -4.25 -17.99 -6.10
N TRP A 108 -3.77 -19.17 -6.52
CA TRP A 108 -3.98 -19.62 -7.89
C TRP A 108 -4.83 -20.88 -7.94
N ARG A 109 -6.14 -20.71 -7.82
CA ARG A 109 -7.06 -21.84 -7.86
C ARG A 109 -8.22 -21.55 -8.81
N LYS A 110 -8.74 -20.33 -8.73
CA LYS A 110 -9.85 -19.93 -9.58
C LYS A 110 -9.34 -19.24 -10.85
N ARG A 111 -8.51 -18.22 -10.65
CA ARG A 111 -7.94 -17.48 -11.76
C ARG A 111 -6.69 -18.18 -12.29
N LYS A 112 -6.56 -18.18 -13.61
CA LYS A 112 -5.40 -18.80 -14.27
C LYS A 112 -4.11 -18.15 -13.76
N PRO A 113 -3.15 -18.96 -13.27
CA PRO A 113 -1.88 -18.46 -12.75
C PRO A 113 -1.05 -17.75 -13.81
N PRO A 114 -0.21 -16.79 -13.39
CA PRO A 114 0.66 -16.03 -14.30
C PRO A 114 1.78 -16.90 -14.88
N VAL A 115 2.22 -16.54 -16.07
CA VAL A 115 3.29 -17.28 -16.74
C VAL A 115 4.54 -16.40 -16.86
N PRO A 116 5.64 -16.80 -16.21
CA PRO A 116 6.91 -16.05 -16.25
C PRO A 116 7.42 -15.88 -17.68
N LEU A 117 7.98 -14.71 -17.95
CA LEU A 117 8.53 -14.40 -19.26
C LEU A 117 10.04 -14.34 -19.20
N ASP A 118 10.69 -15.15 -20.02
CA ASP A 118 12.14 -15.19 -20.07
C ASP A 118 12.65 -14.27 -21.17
N TRP A 119 13.70 -13.52 -20.86
CA TRP A 119 14.30 -12.58 -21.79
C TRP A 119 14.69 -13.25 -23.11
N ALA A 120 15.44 -14.34 -23.01
CA ALA A 120 15.90 -15.05 -24.19
C ALA A 120 14.73 -15.66 -24.98
N GLU A 121 13.71 -16.11 -24.25
CA GLU A 121 12.54 -16.71 -24.88
C GLU A 121 11.74 -15.67 -25.65
N VAL A 122 11.66 -14.45 -25.12
CA VAL A 122 10.90 -13.40 -25.78
C VAL A 122 11.68 -12.80 -26.97
N GLN A 123 13.00 -12.78 -26.87
CA GLN A 123 13.82 -12.26 -27.95
C GLN A 123 13.68 -13.13 -29.19
N SER A 124 13.42 -14.41 -28.96
CA SER A 124 13.25 -15.36 -30.04
C SER A 124 11.94 -16.13 -29.83
N GLN A 125 10.86 -15.37 -29.64
CA GLN A 125 9.54 -15.95 -29.41
C GLN A 125 9.12 -16.84 -30.57
N GLY A 126 8.54 -17.99 -30.24
CA GLY A 126 8.11 -18.92 -31.27
C GLY A 126 6.77 -18.56 -31.86
N GLU A 127 6.03 -17.69 -31.20
CA GLU A 127 4.73 -17.27 -31.67
C GLU A 127 4.85 -16.14 -32.69
N GLU A 128 5.89 -16.19 -33.51
CA GLU A 128 6.11 -15.17 -34.54
C GLU A 128 5.45 -15.59 -35.85
N THR A 129 4.62 -16.62 -35.79
CA THR A 129 3.93 -17.12 -36.97
C THR A 129 2.64 -16.34 -37.20
N ASN A 130 1.95 -16.05 -36.11
CA ASN A 130 0.70 -15.31 -36.16
C ASN A 130 0.83 -13.97 -35.42
N ALA A 131 1.67 -13.98 -34.39
CA ALA A 131 1.90 -12.77 -33.61
C ALA A 131 3.34 -12.31 -33.78
N SER A 132 3.73 -12.14 -35.04
CA SER A 132 5.09 -11.74 -35.37
C SER A 132 5.33 -10.27 -35.02
N ASP A 133 6.57 -9.99 -34.68
CA ASP A 133 6.99 -8.64 -34.34
C ASP A 133 7.74 -8.05 -35.51
N GLN A 134 8.67 -8.84 -36.05
CA GLN A 134 9.48 -8.41 -37.18
C GLN A 134 8.63 -8.32 -38.44
N GLN A 135 7.63 -9.19 -38.54
CA GLN A 135 6.74 -9.21 -39.69
C GLN A 135 5.34 -8.82 -39.26
N ASN A 136 5.24 -7.90 -38.30
CA ASN A 136 3.94 -7.45 -37.82
C ASN A 136 3.17 -6.79 -38.95
N GLU A 137 1.84 -6.85 -38.87
CA GLU A 137 0.99 -6.27 -39.90
C GLU A 137 0.83 -4.77 -39.70
N PRO A 138 1.07 -3.99 -40.76
CA PRO A 138 0.92 -2.53 -40.71
C PRO A 138 -0.52 -2.12 -40.46
N GLN A 139 -0.76 -1.42 -39.36
CA GLN A 139 -2.10 -0.97 -39.02
C GLN A 139 -2.20 0.54 -39.08
N LEU A 140 -3.39 1.03 -39.39
CA LEU A 140 -3.64 2.46 -39.49
C LEU A 140 -4.03 3.03 -38.12
N GLY A 141 -3.96 4.34 -37.99
CA GLY A 141 -4.29 4.98 -36.73
C GLY A 141 -3.08 5.64 -36.12
N LEU A 142 -3.28 6.33 -35.00
CA LEU A 142 -2.17 7.00 -34.32
C LEU A 142 -1.13 5.96 -33.91
N LYS A 143 0.13 6.24 -34.19
CA LYS A 143 1.22 5.32 -33.87
C LYS A 143 1.27 5.04 -32.38
N ASP A 144 0.91 6.04 -31.60
CA ASP A 144 0.91 5.93 -30.14
C ASP A 144 -0.25 5.05 -29.67
N GLN A 145 -1.28 4.92 -30.51
CA GLN A 145 -2.45 4.13 -30.18
C GLN A 145 -2.32 2.70 -30.72
N GLN A 146 -1.18 2.39 -31.30
CA GLN A 146 -0.96 1.05 -31.85
C GLN A 146 -0.45 0.11 -30.78
N VAL A 147 -1.13 -1.02 -30.63
CA VAL A 147 -0.73 -2.03 -29.66
C VAL A 147 0.37 -2.89 -30.26
N LEU A 148 1.57 -2.77 -29.71
CA LEU A 148 2.70 -3.53 -30.18
C LEU A 148 2.72 -4.92 -29.57
N ASP A 149 3.70 -5.73 -29.95
CA ASP A 149 3.81 -7.09 -29.44
C ASP A 149 4.66 -7.13 -28.17
N VAL A 150 4.72 -8.31 -27.54
CA VAL A 150 5.48 -8.50 -26.31
C VAL A 150 6.98 -8.25 -26.51
N LYS A 151 7.51 -8.63 -27.66
CA LYS A 151 8.93 -8.43 -27.95
C LYS A 151 9.25 -6.95 -28.03
N SER A 152 8.36 -6.22 -28.68
CA SER A 152 8.50 -4.77 -28.83
C SER A 152 8.60 -4.08 -27.49
N TYR A 153 7.70 -4.42 -26.58
CA TYR A 153 7.69 -3.80 -25.26
C TYR A 153 8.82 -4.34 -24.39
N ALA A 154 9.31 -5.53 -24.72
CA ALA A 154 10.42 -6.13 -23.98
C ALA A 154 11.70 -5.34 -24.23
N ARG A 155 11.95 -5.01 -25.50
CA ARG A 155 13.14 -4.25 -25.86
C ARG A 155 12.93 -2.77 -25.55
N LEU A 156 11.68 -2.34 -25.53
CA LEU A 156 11.35 -0.96 -25.22
C LEU A 156 11.59 -0.71 -23.74
N PHE A 157 11.24 -1.70 -22.93
CA PHE A 157 11.42 -1.63 -21.48
C PHE A 157 12.91 -1.50 -21.13
N SER A 158 13.73 -2.23 -21.85
CA SER A 158 15.16 -2.20 -21.62
C SER A 158 15.73 -0.87 -22.06
N LYS A 159 15.23 -0.36 -23.18
CA LYS A 159 15.68 0.92 -23.71
C LYS A 159 15.35 2.06 -22.76
N SER A 160 14.17 2.01 -22.15
CA SER A 160 13.75 3.03 -21.21
C SER A 160 14.63 2.99 -19.97
N ILE A 161 15.01 1.79 -19.55
CA ILE A 161 15.88 1.63 -18.38
C ILE A 161 17.22 2.30 -18.65
N GLU A 162 17.78 2.04 -19.83
CA GLU A 162 19.07 2.60 -20.22
C GLU A 162 19.08 4.13 -20.14
N THR A 163 18.09 4.77 -20.74
CA THR A 163 18.02 6.22 -20.72
C THR A 163 17.75 6.76 -19.31
N LEU A 164 17.07 5.96 -18.49
CA LEU A 164 16.77 6.38 -17.13
C LEU A 164 18.04 6.32 -16.28
N ARG A 165 18.94 5.40 -16.63
CA ARG A 165 20.21 5.24 -15.90
C ARG A 165 21.02 6.52 -15.98
N VAL A 166 21.23 7.01 -17.20
CA VAL A 166 22.00 8.23 -17.40
C VAL A 166 21.25 9.44 -16.86
N HIS A 167 19.93 9.40 -16.94
CA HIS A 167 19.10 10.50 -16.44
C HIS A 167 19.25 10.65 -14.94
N LEU A 168 19.43 9.53 -14.25
CA LEU A 168 19.61 9.54 -12.80
C LEU A 168 21.06 9.88 -12.47
N ALA A 169 21.98 9.33 -13.24
CA ALA A 169 23.41 9.56 -13.04
C ALA A 169 23.76 11.03 -13.14
N GLU A 170 23.12 11.74 -14.07
CA GLU A 170 23.37 13.16 -14.26
C GLU A 170 22.87 13.98 -13.07
N LYS A 171 21.92 13.41 -12.33
CA LYS A 171 21.37 14.10 -11.16
C LYS A 171 22.36 14.09 -10.01
N GLY A 172 23.16 13.03 -9.94
CA GLY A 172 24.14 12.93 -8.88
C GLY A 172 23.89 11.73 -7.98
N ASP A 173 24.64 11.64 -6.90
CA ASP A 173 24.49 10.53 -5.96
C ASP A 173 23.37 10.82 -4.97
N GLY A 174 22.63 9.79 -4.60
CA GLY A 174 21.54 9.94 -3.68
C GLY A 174 20.41 10.75 -4.27
N ALA A 175 20.18 10.56 -5.57
CA ALA A 175 19.13 11.28 -6.26
C ALA A 175 17.93 10.38 -6.54
N GLU A 176 16.77 11.01 -6.69
CA GLU A 176 15.54 10.28 -6.97
C GLU A 176 14.82 10.92 -8.16
N LEU A 177 14.31 10.09 -9.05
CA LEU A 177 13.62 10.58 -10.24
C LEU A 177 12.11 10.55 -10.04
N ILE A 178 11.45 11.63 -10.41
CA ILE A 178 10.01 11.73 -10.30
C ILE A 178 9.38 11.40 -11.65
N TRP A 179 8.33 10.58 -11.64
CA TRP A 179 7.67 10.18 -12.87
C TRP A 179 6.74 11.28 -13.37
N ASP A 180 6.78 11.54 -14.67
CA ASP A 180 5.92 12.55 -15.27
C ASP A 180 5.30 11.99 -16.55
N LYS A 181 4.19 12.59 -16.96
CA LYS A 181 3.46 12.16 -18.15
C LYS A 181 4.03 12.80 -19.41
N ASP A 182 4.85 13.82 -19.26
CA ASP A 182 5.44 14.50 -20.42
C ASP A 182 6.78 13.88 -20.78
N ASP A 183 7.33 13.09 -19.87
CA ASP A 183 8.62 12.45 -20.09
C ASP A 183 8.46 11.19 -20.95
N PRO A 184 9.04 11.20 -22.16
CA PRO A 184 8.95 10.06 -23.09
C PRO A 184 9.58 8.79 -22.52
N SER A 185 10.75 8.94 -21.92
CA SER A 185 11.47 7.80 -21.36
C SER A 185 10.68 7.19 -20.20
N ALA A 186 10.20 8.04 -19.31
CA ALA A 186 9.43 7.59 -18.16
C ALA A 186 8.12 6.93 -18.60
N MET A 187 7.53 7.49 -19.66
CA MET A 187 6.28 6.95 -20.20
C MET A 187 6.51 5.59 -20.85
N ASP A 188 7.58 5.48 -21.63
CA ASP A 188 7.91 4.23 -22.30
C ASP A 188 8.15 3.13 -21.28
N PHE A 189 8.78 3.52 -20.17
CA PHE A 189 9.08 2.59 -19.08
C PHE A 189 7.81 2.00 -18.49
N VAL A 190 6.92 2.87 -18.01
CA VAL A 190 5.68 2.44 -17.39
C VAL A 190 4.80 1.65 -18.36
N THR A 191 4.80 2.05 -19.62
CA THR A 191 4.00 1.38 -20.63
C THR A 191 4.48 -0.05 -20.86
N SER A 192 5.77 -0.21 -21.11
CA SER A 192 6.35 -1.51 -21.37
C SER A 192 6.20 -2.43 -20.15
N ALA A 193 6.48 -1.89 -18.96
CA ALA A 193 6.39 -2.67 -17.74
C ALA A 193 4.95 -3.15 -17.50
N ALA A 194 3.99 -2.24 -17.65
CA ALA A 194 2.58 -2.57 -17.45
C ALA A 194 2.12 -3.60 -18.46
N ASN A 195 2.50 -3.39 -19.72
CA ASN A 195 2.13 -4.28 -20.81
C ASN A 195 2.68 -5.68 -20.58
N LEU A 196 3.93 -5.75 -20.13
CA LEU A 196 4.56 -7.04 -19.86
C LEU A 196 3.86 -7.73 -18.70
N ARG A 197 3.54 -6.95 -17.68
CA ARG A 197 2.86 -7.46 -16.49
C ARG A 197 1.49 -8.05 -16.84
N MET A 198 0.71 -7.32 -17.63
CA MET A 198 -0.62 -7.79 -18.02
C MET A 198 -0.52 -9.00 -18.96
N HIS A 199 0.51 -9.02 -19.81
CA HIS A 199 0.71 -10.14 -20.73
C HIS A 199 0.97 -11.42 -19.95
N ILE A 200 1.66 -11.28 -18.82
CA ILE A 200 2.00 -12.42 -17.97
C ILE A 200 0.75 -13.04 -17.34
N PHE A 201 -0.20 -12.20 -16.96
CA PHE A 201 -1.43 -12.66 -16.33
C PHE A 201 -2.50 -12.99 -17.37
N SER A 202 -2.08 -13.19 -18.62
CA SER A 202 -3.00 -13.51 -19.71
C SER A 202 -4.04 -12.41 -19.88
N MET A 203 -3.57 -11.20 -20.04
CA MET A 203 -4.42 -10.04 -20.24
C MET A 203 -4.00 -9.30 -21.49
N ASN A 204 -4.97 -8.87 -22.29
CA ASN A 204 -4.70 -8.15 -23.53
C ASN A 204 -3.86 -6.90 -23.28
N MET A 205 -2.84 -6.70 -24.11
CA MET A 205 -1.96 -5.54 -23.98
C MET A 205 -2.67 -4.27 -24.41
N LYS A 206 -2.22 -3.14 -23.91
CA LYS A 206 -2.82 -1.86 -24.24
C LYS A 206 -1.83 -0.96 -24.96
N SER A 207 -2.36 -0.04 -25.74
CA SER A 207 -1.55 0.90 -26.50
C SER A 207 -0.85 1.88 -25.57
N ARG A 208 0.26 2.46 -26.02
CA ARG A 208 1.01 3.42 -25.21
C ARG A 208 0.16 4.64 -24.89
N PHE A 209 -0.56 5.15 -25.90
CA PHE A 209 -1.42 6.32 -25.71
C PHE A 209 -2.53 6.01 -24.71
N ASP A 210 -3.01 4.78 -24.76
CA ASP A 210 -4.07 4.33 -23.87
C ASP A 210 -3.58 4.33 -22.43
N ILE A 211 -2.43 3.68 -22.22
CA ILE A 211 -1.84 3.61 -20.89
C ILE A 211 -1.39 5.00 -20.42
N LYS A 212 -0.93 5.82 -21.36
CA LYS A 212 -0.48 7.17 -21.05
C LYS A 212 -1.59 7.97 -20.38
N SER A 213 -2.78 7.90 -20.93
CA SER A 213 -3.93 8.62 -20.41
C SER A 213 -4.34 8.07 -19.04
N MET A 214 -4.16 6.77 -18.85
CA MET A 214 -4.53 6.12 -17.59
C MET A 214 -3.47 6.36 -16.52
N ALA A 215 -2.20 6.29 -16.90
CA ALA A 215 -1.09 6.48 -15.98
C ALA A 215 -0.95 7.95 -15.59
N GLY A 216 -1.09 8.84 -16.57
CA GLY A 216 -0.97 10.26 -16.31
C GLY A 216 -2.12 10.79 -15.49
N ASN A 217 -3.30 10.19 -15.69
CA ASN A 217 -4.54 10.57 -14.98
C ASN A 217 -4.72 12.09 -14.93
N MET B 1 12.48 12.25 22.26
CA MET B 1 12.88 12.91 23.53
C MET B 1 11.88 13.99 23.90
N SER B 2 11.79 14.28 25.20
CA SER B 2 10.88 15.29 25.70
C SER B 2 11.18 16.64 25.05
N GLY B 3 10.16 17.46 24.89
CA GLY B 3 10.36 18.76 24.27
C GLY B 3 10.01 18.72 22.80
N ILE B 4 10.69 17.86 22.05
CA ILE B 4 10.45 17.71 20.63
C ILE B 4 9.01 17.27 20.39
N ALA B 5 8.61 16.23 21.12
CA ALA B 5 7.26 15.70 21.03
C ALA B 5 6.23 16.78 21.33
N LEU B 6 6.46 17.54 22.39
CA LEU B 6 5.55 18.61 22.80
C LEU B 6 5.41 19.67 21.72
N SER B 7 6.53 19.99 21.06
CA SER B 7 6.54 20.99 20.00
C SER B 7 5.61 20.59 18.85
N ARG B 8 5.49 19.28 18.64
CA ARG B 8 4.63 18.76 17.59
C ARG B 8 3.21 18.54 18.11
N LEU B 9 3.10 18.06 19.34
CA LEU B 9 1.80 17.81 19.97
C LEU B 9 0.98 19.09 20.05
N ALA B 10 1.61 20.17 20.47
CA ALA B 10 0.93 21.46 20.58
C ALA B 10 0.52 21.95 19.20
N GLN B 11 1.31 21.60 18.19
CA GLN B 11 1.03 21.99 16.82
C GLN B 11 -0.21 21.26 16.30
N GLU B 12 -0.33 19.99 16.68
CA GLU B 12 -1.48 19.19 16.28
C GLU B 12 -2.76 19.81 16.80
N ARG B 13 -2.69 20.34 18.02
CA ARG B 13 -3.84 20.98 18.63
C ARG B 13 -4.24 22.22 17.84
N LYS B 14 -3.23 22.96 17.38
CA LYS B 14 -3.47 24.16 16.59
C LYS B 14 -4.15 23.79 15.27
N ALA B 15 -3.60 22.78 14.61
CA ALA B 15 -4.12 22.30 13.34
C ALA B 15 -5.53 21.73 13.50
N TRP B 16 -5.76 21.00 14.58
CA TRP B 16 -7.06 20.41 14.85
C TRP B 16 -8.11 21.48 15.11
N ARG B 17 -7.75 22.48 15.93
CA ARG B 17 -8.64 23.57 16.25
C ARG B 17 -9.00 24.35 14.98
N LYS B 18 -8.03 24.45 14.08
CA LYS B 18 -8.23 25.15 12.82
C LYS B 18 -9.08 24.34 11.85
N ASP B 19 -8.73 23.07 11.65
CA ASP B 19 -9.46 22.20 10.74
C ASP B 19 -9.69 20.82 11.33
N HIS B 20 -10.95 20.48 11.55
CA HIS B 20 -11.32 19.18 12.09
C HIS B 20 -12.63 18.72 11.47
N PRO B 21 -12.76 17.41 11.19
CA PRO B 21 -13.97 16.85 10.58
C PRO B 21 -15.21 17.02 11.45
N PHE B 22 -16.36 17.13 10.81
CA PHE B 22 -17.63 17.31 11.51
C PHE B 22 -17.98 16.10 12.35
N GLY B 23 -18.21 16.34 13.64
CA GLY B 23 -18.57 15.27 14.55
C GLY B 23 -17.38 14.65 15.24
N PHE B 24 -16.18 14.97 14.77
CA PHE B 24 -14.97 14.42 15.35
C PHE B 24 -14.48 15.26 16.52
N VAL B 25 -14.18 14.59 17.63
CA VAL B 25 -13.71 15.26 18.83
C VAL B 25 -12.32 14.76 19.19
N ALA B 26 -11.47 15.67 19.67
CA ALA B 26 -10.11 15.34 20.08
C ALA B 26 -9.57 16.45 20.98
N VAL B 27 -9.44 16.17 22.26
CA VAL B 27 -8.95 17.17 23.20
C VAL B 27 -7.99 16.53 24.22
N PRO B 28 -6.85 17.20 24.49
CA PRO B 28 -5.89 16.70 25.47
C PRO B 28 -6.50 16.64 26.87
N THR B 29 -5.89 15.85 27.74
CA THR B 29 -6.39 15.68 29.10
C THR B 29 -6.04 16.87 29.99
N LYS B 30 -7.05 17.37 30.69
CA LYS B 30 -6.85 18.49 31.61
C LYS B 30 -6.15 17.99 32.87
N ASN B 31 -5.02 18.60 33.18
CA ASN B 31 -4.24 18.23 34.36
C ASN B 31 -4.57 19.17 35.52
N PRO B 32 -4.59 18.64 36.76
CA PRO B 32 -4.88 19.46 37.95
C PRO B 32 -4.07 20.75 38.00
N ASP B 33 -4.58 21.74 38.75
CA ASP B 33 -3.95 23.06 38.88
C ASP B 33 -4.29 23.96 37.70
N GLY B 34 -4.41 23.38 36.52
CA GLY B 34 -4.73 24.14 35.34
C GLY B 34 -3.86 23.78 34.15
N THR B 35 -2.99 22.80 34.33
CA THR B 35 -2.12 22.37 33.25
C THR B 35 -2.84 21.40 32.33
N MET B 36 -2.16 20.92 31.30
CA MET B 36 -2.77 20.00 30.36
C MET B 36 -1.73 19.02 29.83
N ASN B 37 -2.09 17.74 29.83
CA ASN B 37 -1.19 16.70 29.35
C ASN B 37 -1.37 16.53 27.84
N LEU B 38 -0.34 16.86 27.09
CA LEU B 38 -0.39 16.75 25.63
C LEU B 38 -0.01 15.34 25.16
N MET B 39 0.42 14.51 26.09
CA MET B 39 0.81 13.14 25.76
C MET B 39 -0.35 12.18 25.95
N ASN B 40 -1.51 12.72 26.29
CA ASN B 40 -2.69 11.91 26.48
C ASN B 40 -3.93 12.69 26.05
N TRP B 41 -4.54 12.24 24.96
CA TRP B 41 -5.72 12.90 24.42
C TRP B 41 -6.96 12.03 24.54
N GLU B 42 -8.10 12.69 24.66
CA GLU B 42 -9.39 12.01 24.74
C GLU B 42 -10.18 12.40 23.50
N CYS B 43 -10.34 11.46 22.58
CA CYS B 43 -11.03 11.74 21.34
C CYS B 43 -12.31 10.93 21.20
N ALA B 44 -13.15 11.34 20.26
CA ALA B 44 -14.40 10.67 19.97
C ALA B 44 -14.65 10.64 18.48
N ILE B 45 -14.93 9.47 17.96
CA ILE B 45 -15.17 9.30 16.54
C ILE B 45 -16.60 8.83 16.28
N PRO B 46 -17.35 9.58 15.44
CA PRO B 46 -18.71 9.22 15.09
C PRO B 46 -18.74 8.18 13.97
N GLY B 47 -19.68 7.25 14.05
CA GLY B 47 -19.80 6.22 13.04
C GLY B 47 -20.06 6.81 11.66
N LYS B 48 -19.43 6.23 10.65
CA LYS B 48 -19.59 6.70 9.28
C LYS B 48 -21.06 6.64 8.84
N LYS B 49 -21.54 7.73 8.25
CA LYS B 49 -22.92 7.81 7.80
C LYS B 49 -23.24 6.72 6.79
N GLY B 50 -24.44 6.16 6.91
CA GLY B 50 -24.87 5.11 6.00
C GLY B 50 -24.50 3.72 6.50
N THR B 51 -23.38 3.63 7.21
CA THR B 51 -22.91 2.36 7.74
C THR B 51 -23.63 2.03 9.05
N PRO B 52 -23.61 0.76 9.49
CA PRO B 52 -24.26 0.36 10.75
C PRO B 52 -23.60 0.97 12.00
N TRP B 53 -22.55 1.75 11.79
CA TRP B 53 -21.84 2.40 12.89
C TRP B 53 -22.38 3.81 13.11
N GLU B 54 -23.15 4.29 12.12
CA GLU B 54 -23.72 5.62 12.17
C GLU B 54 -24.71 5.78 13.32
N GLY B 55 -24.64 6.94 13.98
CA GLY B 55 -25.56 7.20 15.08
C GLY B 55 -24.91 7.05 16.44
N GLY B 56 -23.63 6.70 16.46
CA GLY B 56 -22.96 6.54 17.73
C GLY B 56 -21.62 7.27 17.81
N LEU B 57 -21.29 7.71 19.01
CA LEU B 57 -20.03 8.41 19.25
C LEU B 57 -19.10 7.50 20.05
N PHE B 58 -18.02 7.06 19.41
CA PHE B 58 -17.08 6.16 20.06
C PHE B 58 -15.87 6.92 20.60
N LYS B 59 -15.70 6.88 21.91
CA LYS B 59 -14.61 7.57 22.56
C LYS B 59 -13.37 6.69 22.65
N LEU B 60 -12.21 7.27 22.38
CA LEU B 60 -10.96 6.55 22.46
C LEU B 60 -9.89 7.40 23.13
N ARG B 61 -8.91 6.74 23.71
CA ARG B 61 -7.83 7.43 24.39
C ARG B 61 -6.55 7.33 23.57
N MET B 62 -5.95 8.47 23.32
CA MET B 62 -4.72 8.53 22.56
C MET B 62 -3.52 8.68 23.48
N LEU B 63 -2.67 7.66 23.50
CA LEU B 63 -1.47 7.67 24.33
C LEU B 63 -0.24 7.96 23.47
N PHE B 64 0.56 8.91 23.89
CA PHE B 64 1.76 9.28 23.15
C PHE B 64 3.02 8.87 23.89
N LYS B 65 4.15 9.00 23.21
CA LYS B 65 5.44 8.66 23.78
C LYS B 65 6.38 9.84 23.71
N ASP B 66 7.55 9.70 24.32
CA ASP B 66 8.55 10.77 24.31
C ASP B 66 9.29 10.75 22.99
N ASP B 67 9.23 9.62 22.31
CA ASP B 67 9.90 9.45 21.02
C ASP B 67 9.11 10.11 19.89
N TYR B 68 7.94 10.63 20.23
CA TYR B 68 7.08 11.30 19.26
C TYR B 68 7.84 12.45 18.59
N PRO B 69 7.59 12.70 17.28
CA PRO B 69 6.63 11.95 16.46
C PRO B 69 7.25 10.75 15.74
N SER B 70 8.43 10.32 16.17
CA SER B 70 9.09 9.18 15.56
C SER B 70 8.32 7.89 15.88
N SER B 71 7.74 7.85 17.07
CA SER B 71 6.96 6.70 17.50
C SER B 71 5.47 6.95 17.30
N PRO B 72 4.73 5.94 16.82
CA PRO B 72 3.29 6.06 16.58
C PRO B 72 2.48 6.10 17.89
N PRO B 73 1.43 6.93 17.93
CA PRO B 73 0.58 7.06 19.11
C PRO B 73 -0.36 5.86 19.29
N LYS B 74 -0.37 5.30 20.49
CA LYS B 74 -1.21 4.15 20.77
C LYS B 74 -2.63 4.59 21.09
N CYS B 75 -3.54 4.32 20.16
CA CYS B 75 -4.94 4.68 20.34
C CYS B 75 -5.73 3.50 20.87
N LYS B 76 -6.38 3.68 22.02
CA LYS B 76 -7.16 2.62 22.63
C LYS B 76 -8.59 3.09 22.87
N PHE B 77 -9.56 2.31 22.41
CA PHE B 77 -10.96 2.67 22.60
C PHE B 77 -11.34 2.52 24.07
N GLU B 78 -12.11 3.47 24.58
CA GLU B 78 -12.55 3.44 25.97
C GLU B 78 -14.07 3.62 26.05
N PRO B 79 -14.82 2.53 26.29
CA PRO B 79 -14.29 1.18 26.47
C PRO B 79 -14.04 0.46 25.13
N PRO B 80 -13.32 -0.68 25.16
CA PRO B 80 -13.04 -1.48 23.97
C PRO B 80 -14.32 -1.86 23.23
N LEU B 81 -14.33 -1.69 21.92
CA LEU B 81 -15.51 -1.98 21.13
C LEU B 81 -15.39 -3.34 20.46
N PHE B 82 -16.55 -3.88 20.08
CA PHE B 82 -16.61 -5.15 19.39
C PHE B 82 -16.19 -4.94 17.94
N HIS B 83 -14.92 -5.23 17.66
CA HIS B 83 -14.37 -5.04 16.33
C HIS B 83 -13.11 -5.89 16.17
N PRO B 84 -13.00 -6.65 15.06
CA PRO B 84 -11.85 -7.53 14.81
C PRO B 84 -10.49 -6.81 14.82
N ASN B 85 -10.51 -5.49 14.67
CA ASN B 85 -9.27 -4.71 14.66
C ASN B 85 -8.99 -4.07 16.02
N VAL B 86 -9.79 -4.41 17.01
CA VAL B 86 -9.61 -3.85 18.35
C VAL B 86 -9.34 -4.96 19.35
N TYR B 87 -8.24 -4.81 20.08
CA TYR B 87 -7.85 -5.79 21.10
C TYR B 87 -8.71 -5.62 22.36
N PRO B 88 -8.79 -6.66 23.20
CA PRO B 88 -9.57 -6.62 24.45
C PRO B 88 -9.14 -5.46 25.36
N SER B 89 -7.91 -5.01 25.19
CA SER B 89 -7.37 -3.92 25.98
C SER B 89 -7.83 -2.56 25.40
N GLY B 90 -8.36 -2.60 24.19
CA GLY B 90 -8.83 -1.39 23.54
C GLY B 90 -7.90 -0.94 22.44
N THR B 91 -6.71 -1.52 22.40
CA THR B 91 -5.71 -1.16 21.40
C THR B 91 -6.19 -1.45 19.98
N VAL B 92 -6.09 -0.45 19.13
CA VAL B 92 -6.52 -0.59 17.74
C VAL B 92 -5.32 -0.94 16.85
N CYS B 93 -5.47 -1.99 16.06
CA CYS B 93 -4.41 -2.43 15.17
C CYS B 93 -4.60 -1.82 13.78
N LEU B 94 -3.58 -1.10 13.32
CA LEU B 94 -3.62 -0.45 12.02
C LEU B 94 -2.20 -0.17 11.54
N SER B 95 -1.99 -0.28 10.23
CA SER B 95 -0.68 -0.06 9.62
C SER B 95 -0.06 1.27 10.02
N ILE B 96 -0.84 2.35 9.97
CA ILE B 96 -0.34 3.68 10.30
C ILE B 96 -0.12 3.86 11.81
N LEU B 97 -0.47 2.84 12.58
CA LEU B 97 -0.30 2.91 14.03
C LEU B 97 0.83 1.99 14.46
N GLU B 98 1.44 1.34 13.49
CA GLU B 98 2.54 0.43 13.75
C GLU B 98 3.76 0.81 12.92
N GLU B 99 4.85 1.11 13.63
CA GLU B 99 6.11 1.53 13.04
C GLU B 99 6.63 0.53 12.00
N ASP B 100 6.51 -0.76 12.31
CA ASP B 100 6.98 -1.82 11.44
C ASP B 100 5.99 -2.13 10.31
N LYS B 101 4.94 -1.33 10.18
CA LYS B 101 3.96 -1.56 9.13
C LYS B 101 3.92 -0.39 8.15
N ASP B 102 3.37 0.75 8.56
CA ASP B 102 3.28 1.91 7.68
C ASP B 102 3.04 3.19 8.48
N TRP B 103 4.03 3.58 9.27
CA TRP B 103 3.93 4.79 10.08
C TRP B 103 4.90 5.84 9.60
N ARG B 104 4.42 7.06 9.45
CA ARG B 104 5.23 8.17 9.01
C ARG B 104 5.09 9.32 10.01
N PRO B 105 6.21 9.86 10.52
CA PRO B 105 6.19 10.96 11.50
C PRO B 105 5.45 12.20 10.99
N ALA B 106 5.19 12.25 9.70
CA ALA B 106 4.50 13.39 9.10
C ALA B 106 2.98 13.25 9.14
N ILE B 107 2.49 12.12 9.63
CA ILE B 107 1.05 11.89 9.71
C ILE B 107 0.44 12.73 10.82
N THR B 108 -0.59 13.48 10.46
CA THR B 108 -1.30 14.34 11.41
C THR B 108 -2.37 13.54 12.16
N ILE B 109 -2.63 13.92 13.41
CA ILE B 109 -3.64 13.26 14.24
C ILE B 109 -4.98 13.17 13.51
N LYS B 110 -5.32 14.24 12.78
CA LYS B 110 -6.57 14.28 12.02
C LYS B 110 -6.67 13.11 11.04
N GLN B 111 -5.56 12.81 10.37
CA GLN B 111 -5.52 11.72 9.41
C GLN B 111 -5.70 10.38 10.10
N ILE B 112 -5.10 10.25 11.28
CA ILE B 112 -5.18 9.02 12.06
C ILE B 112 -6.63 8.73 12.47
N LEU B 113 -7.29 9.74 13.03
CA LEU B 113 -8.68 9.60 13.47
C LEU B 113 -9.59 9.21 12.32
N LEU B 114 -9.39 9.82 11.16
CA LEU B 114 -10.19 9.51 9.97
C LEU B 114 -9.95 8.07 9.52
N GLY B 115 -8.71 7.62 9.65
CA GLY B 115 -8.36 6.27 9.24
C GLY B 115 -9.01 5.24 10.13
N ILE B 116 -9.11 5.54 11.42
CA ILE B 116 -9.74 4.63 12.37
C ILE B 116 -11.23 4.52 12.09
N GLN B 117 -11.85 5.63 11.72
CA GLN B 117 -13.28 5.63 11.40
C GLN B 117 -13.56 4.72 10.22
N GLU B 118 -12.69 4.79 9.22
CA GLU B 118 -12.82 3.96 8.03
C GLU B 118 -12.58 2.50 8.39
N LEU B 119 -11.65 2.28 9.32
CA LEU B 119 -11.31 0.94 9.78
C LEU B 119 -12.51 0.30 10.46
N LEU B 120 -13.32 1.11 11.13
CA LEU B 120 -14.51 0.62 11.82
C LEU B 120 -15.45 -0.06 10.84
N ASN B 121 -15.71 0.60 9.72
CA ASN B 121 -16.60 0.07 8.70
C ASN B 121 -15.92 -1.05 7.90
N GLU B 122 -14.70 -0.78 7.43
CA GLU B 122 -13.96 -1.77 6.67
C GLU B 122 -12.78 -2.29 7.49
N PRO B 123 -12.93 -3.47 8.11
CA PRO B 123 -11.90 -4.07 8.93
C PRO B 123 -10.85 -4.82 8.12
N ASN B 124 -9.81 -5.28 8.80
CA ASN B 124 -8.74 -6.02 8.15
C ASN B 124 -8.80 -7.49 8.55
N ILE B 125 -9.00 -8.36 7.56
CA ILE B 125 -9.08 -9.79 7.81
C ILE B 125 -7.69 -10.38 8.04
N GLN B 126 -6.67 -9.60 7.71
CA GLN B 126 -5.30 -10.05 7.87
C GLN B 126 -4.86 -9.98 9.33
N ASP B 127 -5.23 -8.91 10.01
CA ASP B 127 -4.86 -8.71 11.40
C ASP B 127 -6.03 -9.01 12.33
N PRO B 128 -6.03 -10.21 12.96
CA PRO B 128 -7.09 -10.62 13.86
C PRO B 128 -6.81 -10.23 15.32
N ALA B 129 -7.31 -9.07 15.73
CA ALA B 129 -7.09 -8.59 17.08
C ALA B 129 -8.10 -9.19 18.05
N GLN B 130 -9.39 -9.02 17.75
CA GLN B 130 -10.45 -9.55 18.59
C GLN B 130 -10.96 -10.87 18.03
N ALA B 131 -10.63 -11.96 18.73
CA ALA B 131 -10.99 -13.30 18.30
C ALA B 131 -12.50 -13.48 18.11
N GLU B 132 -13.30 -13.08 19.10
CA GLU B 132 -14.74 -13.22 19.02
C GLU B 132 -15.29 -12.53 17.78
N ALA B 133 -14.94 -11.27 17.61
CA ALA B 133 -15.39 -10.49 16.47
C ALA B 133 -14.89 -11.08 15.16
N TYR B 134 -13.64 -11.53 15.14
CA TYR B 134 -13.03 -12.13 13.96
C TYR B 134 -13.80 -13.39 13.55
N THR B 135 -14.20 -14.16 14.54
CA THR B 135 -14.93 -15.40 14.30
C THR B 135 -16.34 -15.11 13.80
N ILE B 136 -17.08 -14.30 14.55
CA ILE B 136 -18.45 -13.94 14.19
C ILE B 136 -18.54 -13.27 12.83
N TYR B 137 -17.69 -12.28 12.59
CA TYR B 137 -17.68 -11.54 11.34
C TYR B 137 -17.49 -12.46 10.13
N CYS B 138 -16.71 -13.51 10.31
CA CYS B 138 -16.42 -14.43 9.22
C CYS B 138 -17.49 -15.52 9.04
N GLN B 139 -17.94 -16.13 10.14
CA GLN B 139 -18.90 -17.22 10.03
C GLN B 139 -20.35 -16.74 9.98
N ASN B 140 -20.63 -15.56 10.52
CA ASN B 140 -22.00 -15.06 10.52
C ASN B 140 -22.03 -13.54 10.45
N ARG B 141 -22.03 -13.01 9.23
CA ARG B 141 -22.06 -11.57 9.03
C ARG B 141 -23.36 -10.97 9.57
N VAL B 142 -24.41 -11.76 9.56
CA VAL B 142 -25.72 -11.32 10.04
C VAL B 142 -25.65 -11.06 11.55
N GLU B 143 -25.04 -11.98 12.28
CA GLU B 143 -24.90 -11.84 13.72
C GLU B 143 -23.98 -10.67 14.04
N TYR B 144 -23.04 -10.41 13.13
CA TYR B 144 -22.10 -9.31 13.29
C TYR B 144 -22.83 -7.98 13.16
N GLU B 145 -23.71 -7.89 12.16
CA GLU B 145 -24.50 -6.68 11.90
C GLU B 145 -25.30 -6.27 13.13
N LYS B 146 -25.98 -7.24 13.73
CA LYS B 146 -26.80 -7.00 14.91
C LYS B 146 -25.98 -6.40 16.04
N ARG B 147 -24.80 -6.95 16.26
CA ARG B 147 -23.91 -6.48 17.32
C ARG B 147 -23.43 -5.06 17.04
N VAL B 148 -23.12 -4.78 15.78
CA VAL B 148 -22.66 -3.46 15.38
C VAL B 148 -23.77 -2.43 15.59
N ARG B 149 -24.98 -2.80 15.19
CA ARG B 149 -26.14 -1.93 15.34
C ARG B 149 -26.40 -1.65 16.82
N ALA B 150 -26.44 -2.71 17.61
CA ALA B 150 -26.67 -2.58 19.05
C ALA B 150 -25.62 -1.70 19.71
N GLN B 151 -24.39 -1.80 19.20
CA GLN B 151 -23.28 -1.03 19.73
C GLN B 151 -23.45 0.45 19.39
N ALA B 152 -23.80 0.73 18.15
CA ALA B 152 -24.00 2.10 17.70
C ALA B 152 -25.15 2.75 18.47
N LYS B 153 -26.20 1.98 18.71
CA LYS B 153 -27.36 2.48 19.44
C LYS B 153 -26.99 2.73 20.90
N LYS B 154 -26.03 1.95 21.41
CA LYS B 154 -25.59 2.08 22.78
C LYS B 154 -24.79 3.37 22.98
N PHE B 155 -24.05 3.76 21.96
CA PHE B 155 -23.23 4.97 22.02
C PHE B 155 -23.92 6.13 21.32
N ALA B 156 -25.24 6.06 21.22
CA ALA B 156 -26.03 7.11 20.58
C ALA B 156 -26.04 8.36 21.44
N PRO B 157 -25.61 9.50 20.86
CA PRO B 157 -25.56 10.79 21.57
C PRO B 157 -26.91 11.16 22.18
N SER B 158 -26.93 11.26 23.51
CA SER B 158 -28.15 11.60 24.22
C SER B 158 -27.83 12.62 25.32
N THR A 1 -14.45 10.01 -2.09
CA THR A 1 -13.04 9.75 -1.72
C THR A 1 -12.47 8.61 -2.55
N GLN A 2 -11.20 8.71 -2.88
CA GLN A 2 -10.54 7.65 -3.65
C GLN A 2 -10.23 6.46 -2.75
N ARG A 3 -10.26 5.27 -3.32
CA ARG A 3 -9.99 4.07 -2.54
C ARG A 3 -8.53 3.70 -2.58
N THR A 4 -8.02 3.23 -1.45
CA THR A 4 -6.62 2.83 -1.35
C THR A 4 -6.44 1.37 -1.76
N PHE A 5 -5.20 0.99 -2.08
CA PHE A 5 -4.90 -0.37 -2.47
C PHE A 5 -3.78 -0.93 -1.60
N PRO A 6 -4.10 -1.83 -0.65
CA PRO A 6 -3.11 -2.45 0.23
C PRO A 6 -2.06 -3.23 -0.55
N GLY A 7 -0.84 -3.28 -0.01
CA GLY A 7 0.25 -3.97 -0.66
C GLY A 7 -0.06 -5.44 -0.97
N CYS A 8 -0.95 -6.04 -0.19
CA CYS A 8 -1.33 -7.44 -0.39
C CYS A 8 -1.99 -7.65 -1.77
N THR A 9 -2.82 -6.72 -2.17
CA THR A 9 -3.52 -6.82 -3.45
C THR A 9 -2.73 -6.13 -4.56
N ILE A 10 -1.52 -5.72 -4.22
CA ILE A 10 -0.64 -5.07 -5.18
C ILE A 10 0.57 -5.95 -5.51
N ARG A 11 1.26 -6.38 -4.48
CA ARG A 11 2.46 -7.20 -4.64
C ARG A 11 2.12 -8.67 -4.81
N ASN A 12 1.20 -9.16 -3.98
CA ASN A 12 0.82 -10.57 -4.01
C ASN A 12 -0.16 -10.88 -5.15
N THR A 13 -1.43 -10.52 -4.97
CA THR A 13 -2.43 -10.82 -5.98
C THR A 13 -3.17 -9.58 -6.47
N PRO A 14 -2.69 -8.97 -7.57
CA PRO A 14 -3.33 -7.81 -8.18
C PRO A 14 -4.52 -8.22 -9.05
N SER A 15 -5.70 -7.80 -8.66
CA SER A 15 -6.91 -8.15 -9.40
C SER A 15 -7.17 -7.22 -10.58
N GLU A 16 -7.80 -6.08 -10.29
CA GLU A 16 -8.14 -5.09 -11.30
C GLU A 16 -6.89 -4.55 -12.00
N PRO A 17 -7.00 -4.26 -13.31
CA PRO A 17 -5.87 -3.72 -14.10
C PRO A 17 -5.20 -2.50 -13.46
N ILE A 18 -6.00 -1.69 -12.77
CA ILE A 18 -5.48 -0.49 -12.11
C ILE A 18 -4.42 -0.86 -11.06
N HIS A 19 -4.49 -2.09 -10.55
CA HIS A 19 -3.52 -2.56 -9.55
C HIS A 19 -2.14 -2.69 -10.18
N CYS A 20 -2.12 -3.03 -11.46
CA CYS A 20 -0.86 -3.20 -12.17
C CYS A 20 -0.19 -1.85 -12.40
N ILE A 21 -1.01 -0.83 -12.60
CA ILE A 21 -0.53 0.52 -12.82
C ILE A 21 0.06 1.09 -11.52
N VAL A 22 -0.64 0.84 -10.42
CA VAL A 22 -0.19 1.30 -9.10
C VAL A 22 1.12 0.58 -8.74
N TRP A 23 1.19 -0.70 -9.09
CA TRP A 23 2.37 -1.51 -8.84
C TRP A 23 3.58 -0.92 -9.56
N ALA A 24 3.36 -0.48 -10.79
CA ALA A 24 4.41 0.12 -11.60
C ALA A 24 4.85 1.46 -11.01
N LYS A 25 3.90 2.20 -10.45
CA LYS A 25 4.21 3.49 -9.82
C LYS A 25 5.10 3.27 -8.60
N TYR A 26 4.85 2.18 -7.89
CA TYR A 26 5.64 1.82 -6.72
C TYR A 26 7.04 1.43 -7.18
N LEU A 27 7.08 0.64 -8.26
CA LEU A 27 8.34 0.17 -8.83
C LEU A 27 9.25 1.34 -9.18
N PHE A 28 8.68 2.38 -9.78
CA PHE A 28 9.44 3.56 -10.15
C PHE A 28 10.10 4.20 -8.93
N ASN A 29 9.30 4.34 -7.86
CA ASN A 29 9.79 4.93 -6.63
C ASN A 29 10.87 4.07 -5.99
N GLN A 30 10.68 2.77 -6.03
CA GLN A 30 11.63 1.84 -5.44
C GLN A 30 12.89 1.71 -6.29
N LEU A 31 12.92 2.38 -7.44
CA LEU A 31 14.08 2.32 -8.32
C LEU A 31 14.77 3.66 -8.41
N PHE A 32 14.01 4.71 -8.74
CA PHE A 32 14.58 6.04 -8.89
C PHE A 32 13.94 7.07 -7.96
N GLY A 33 12.84 6.71 -7.32
CA GLY A 33 12.16 7.66 -6.44
C GLY A 33 12.37 7.39 -4.97
N GLU A 34 11.29 7.49 -4.21
CA GLU A 34 11.33 7.29 -2.76
C GLU A 34 11.05 5.83 -2.39
N GLU A 35 11.77 5.33 -1.40
CA GLU A 35 11.62 3.95 -0.95
C GLU A 35 10.50 3.83 0.08
N ASP A 36 10.14 2.60 0.43
CA ASP A 36 9.08 2.33 1.40
C ASP A 36 9.07 0.87 1.82
N ALA A 37 8.19 0.52 2.76
CA ALA A 37 8.08 -0.84 3.25
C ALA A 37 6.95 -1.61 2.56
N ASP A 38 5.74 -1.06 2.59
CA ASP A 38 4.59 -1.71 1.96
C ASP A 38 4.48 -1.34 0.49
N GLN A 39 4.96 -0.15 0.14
CA GLN A 39 4.91 0.30 -1.25
C GLN A 39 6.08 -0.28 -2.04
N GLU A 40 6.54 -1.47 -1.64
CA GLU A 40 7.63 -2.15 -2.32
C GLU A 40 7.12 -2.77 -3.61
N VAL A 41 8.01 -3.38 -4.37
CA VAL A 41 7.64 -4.00 -5.62
C VAL A 41 7.98 -5.48 -5.63
N SER A 42 8.98 -5.85 -4.84
CA SER A 42 9.42 -7.23 -4.76
C SER A 42 8.57 -8.03 -3.76
N PRO A 43 8.45 -9.35 -3.98
CA PRO A 43 7.69 -10.23 -3.08
C PRO A 43 8.25 -10.18 -1.67
N ASP A 44 7.34 -10.10 -0.69
CA ASP A 44 7.74 -10.01 0.70
C ASP A 44 8.17 -11.37 1.24
N ARG A 45 8.90 -11.35 2.34
CA ARG A 45 9.37 -12.56 2.98
C ARG A 45 8.61 -12.77 4.27
N ALA A 46 7.89 -11.73 4.68
CA ALA A 46 7.07 -11.78 5.88
C ALA A 46 5.64 -12.10 5.48
N ASP A 47 5.52 -12.81 4.37
CA ASP A 47 4.25 -13.23 3.81
C ASP A 47 3.49 -14.15 4.78
N PRO A 48 2.15 -14.01 4.85
CA PRO A 48 1.29 -14.81 5.72
C PRO A 48 1.51 -16.32 5.59
N GLU A 49 2.04 -16.77 4.46
CA GLU A 49 2.29 -18.18 4.24
C GLU A 49 3.58 -18.66 4.91
N ALA A 50 4.28 -17.75 5.58
CA ALA A 50 5.52 -18.10 6.25
C ALA A 50 5.67 -17.40 7.60
N ALA A 51 6.00 -18.19 8.62
CA ALA A 51 6.22 -17.70 9.99
C ALA A 51 4.94 -17.25 10.69
N TRP A 52 4.35 -16.15 10.25
CA TRP A 52 3.14 -15.61 10.86
C TRP A 52 2.29 -14.93 9.81
N GLU A 53 1.46 -13.98 10.24
CA GLU A 53 0.60 -13.25 9.31
C GLU A 53 1.39 -12.14 8.59
N PRO A 54 1.97 -11.14 9.31
CA PRO A 54 1.92 -11.00 10.74
C PRO A 54 0.81 -10.04 11.18
N THR A 55 0.84 -9.59 12.42
CA THR A 55 -0.19 -8.68 12.92
C THR A 55 0.29 -7.96 14.18
N GLU A 56 -0.63 -7.33 14.90
CA GLU A 56 -0.31 -6.61 16.13
C GLU A 56 0.25 -7.57 17.17
N ALA A 57 0.92 -7.02 18.18
CA ALA A 57 1.52 -7.79 19.26
C ALA A 57 2.65 -8.68 18.73
N GLU A 58 3.18 -8.31 17.57
CA GLU A 58 4.27 -9.06 16.96
C GLU A 58 5.58 -8.29 17.06
N ALA A 59 5.55 -7.19 17.79
CA ALA A 59 6.75 -6.38 17.99
C ALA A 59 7.76 -7.16 18.81
N ARG A 60 8.94 -7.41 18.23
CA ARG A 60 9.96 -8.17 18.92
C ARG A 60 10.62 -7.34 20.02
N ALA A 61 9.96 -7.28 21.18
CA ALA A 61 10.47 -6.53 22.32
C ALA A 61 11.64 -7.27 22.95
N ARG A 62 11.58 -8.59 22.86
CA ARG A 62 12.62 -9.46 23.41
C ARG A 62 13.98 -9.11 22.82
N ALA A 63 13.99 -8.82 21.53
CA ALA A 63 15.21 -8.47 20.83
C ALA A 63 14.91 -7.53 19.68
N SER A 64 14.78 -6.24 20.00
CA SER A 64 14.51 -5.24 18.98
C SER A 64 15.78 -4.87 18.23
N ASN A 65 16.21 -5.77 17.35
CA ASN A 65 17.41 -5.55 16.56
C ASN A 65 17.10 -4.73 15.32
N GLU A 66 15.85 -4.77 14.90
CA GLU A 66 15.41 -4.04 13.72
C GLU A 66 15.08 -2.60 14.10
N ASP A 67 15.68 -1.64 13.40
CA ASP A 67 15.43 -0.24 13.66
C ASP A 67 14.47 0.31 12.61
N GLY A 68 13.19 0.28 12.94
CA GLY A 68 12.18 0.76 12.01
C GLY A 68 11.44 -0.39 11.36
N ASP A 69 11.69 -0.59 10.08
CA ASP A 69 11.04 -1.67 9.33
C ASP A 69 11.72 -3.01 9.62
N ILE A 70 11.00 -4.09 9.39
CA ILE A 70 11.52 -5.44 9.62
C ILE A 70 12.53 -5.83 8.54
N LYS A 71 12.76 -7.12 8.38
CA LYS A 71 13.69 -7.59 7.38
C LYS A 71 13.03 -7.61 6.00
N ARG A 72 13.16 -6.51 5.28
CA ARG A 72 12.58 -6.39 3.95
C ARG A 72 13.67 -6.31 2.89
N ILE A 73 13.28 -6.46 1.64
CA ILE A 73 14.23 -6.40 0.54
C ILE A 73 14.37 -4.97 0.03
N SER A 74 15.59 -4.59 -0.32
CA SER A 74 15.84 -3.25 -0.84
C SER A 74 16.07 -3.33 -2.34
N THR A 75 15.00 -3.11 -3.10
CA THR A 75 15.04 -3.19 -4.55
C THR A 75 15.96 -2.13 -5.16
N LYS A 76 15.89 -0.90 -4.66
CA LYS A 76 16.73 0.18 -5.19
C LYS A 76 18.22 -0.15 -5.04
N GLU A 77 18.58 -0.68 -3.88
CA GLU A 77 19.96 -1.05 -3.61
C GLU A 77 20.43 -2.08 -4.62
N TRP A 78 19.58 -3.06 -4.90
CA TRP A 78 19.88 -4.11 -5.85
C TRP A 78 20.02 -3.53 -7.26
N ALA A 79 19.06 -2.70 -7.65
CA ALA A 79 19.06 -2.08 -8.97
C ALA A 79 20.27 -1.19 -9.19
N LYS A 80 20.66 -0.46 -8.16
CA LYS A 80 21.81 0.44 -8.25
C LYS A 80 23.11 -0.37 -8.37
N SER A 81 23.13 -1.55 -7.76
CA SER A 81 24.30 -2.40 -7.80
C SER A 81 24.41 -3.15 -9.14
N THR A 82 23.28 -3.26 -9.84
CA THR A 82 23.26 -3.93 -11.13
C THR A 82 23.43 -2.91 -12.26
N GLY A 83 23.55 -1.63 -11.89
CA GLY A 83 23.71 -0.59 -12.87
C GLY A 83 22.41 -0.28 -13.61
N TYR A 84 21.29 -0.60 -12.97
CA TYR A 84 19.97 -0.38 -13.55
C TYR A 84 19.85 -1.05 -14.92
N ASP A 85 20.20 -2.33 -14.96
CA ASP A 85 20.13 -3.10 -16.20
C ASP A 85 18.71 -3.60 -16.43
N PRO A 86 18.11 -3.25 -17.58
CA PRO A 86 16.74 -3.65 -17.93
C PRO A 86 16.54 -5.16 -17.94
N VAL A 87 17.55 -5.89 -18.40
CA VAL A 87 17.48 -7.34 -18.47
C VAL A 87 17.40 -7.95 -17.07
N LYS A 88 18.30 -7.50 -16.19
CA LYS A 88 18.33 -7.98 -14.81
C LYS A 88 16.98 -7.72 -14.13
N LEU A 89 16.44 -6.54 -14.35
CA LEU A 89 15.16 -6.16 -13.75
C LEU A 89 14.02 -6.96 -14.36
N PHE A 90 14.03 -7.11 -15.68
CA PHE A 90 12.99 -7.84 -16.39
C PHE A 90 12.95 -9.31 -15.94
N THR A 91 14.13 -9.93 -15.86
CA THR A 91 14.24 -11.32 -15.47
C THR A 91 13.90 -11.51 -13.98
N LYS A 92 13.73 -10.40 -13.28
CA LYS A 92 13.39 -10.46 -11.87
C LYS A 92 11.90 -10.21 -11.66
N LEU A 93 11.48 -8.99 -11.95
CA LEU A 93 10.10 -8.56 -11.76
C LEU A 93 9.10 -9.38 -12.58
N PHE A 94 9.51 -9.81 -13.76
CA PHE A 94 8.61 -10.55 -14.64
C PHE A 94 9.00 -12.01 -14.79
N LYS A 95 9.89 -12.50 -13.94
CA LYS A 95 10.31 -13.89 -14.03
C LYS A 95 10.54 -14.48 -12.64
N ASP A 96 11.62 -14.07 -11.98
CA ASP A 96 11.96 -14.59 -10.64
C ASP A 96 10.87 -14.30 -9.62
N ASP A 97 10.44 -13.04 -9.56
CA ASP A 97 9.42 -12.60 -8.61
C ASP A 97 8.16 -13.45 -8.67
N ILE A 98 7.60 -13.63 -9.86
CA ILE A 98 6.38 -14.40 -10.02
C ILE A 98 6.63 -15.90 -9.86
N ARG A 99 7.79 -16.38 -10.29
CA ARG A 99 8.13 -17.79 -10.15
C ARG A 99 8.19 -18.13 -8.65
N TYR A 100 8.74 -17.21 -7.87
CA TYR A 100 8.86 -17.38 -6.43
C TYR A 100 7.48 -17.19 -5.79
N LEU A 101 6.66 -16.35 -6.40
CA LEU A 101 5.32 -16.07 -5.91
C LEU A 101 4.39 -17.26 -6.15
N LEU A 102 4.79 -18.14 -7.08
CA LEU A 102 4.00 -19.33 -7.40
C LEU A 102 3.99 -20.32 -6.24
N THR A 103 4.93 -20.13 -5.31
CA THR A 103 5.03 -21.00 -4.14
C THR A 103 3.77 -20.89 -3.27
N MET A 104 3.16 -19.72 -3.27
CA MET A 104 1.95 -19.49 -2.49
C MET A 104 0.75 -20.07 -3.24
N ASP A 105 0.62 -21.39 -3.17
CA ASP A 105 -0.44 -22.10 -3.86
C ASP A 105 -1.80 -21.78 -3.26
N LYS A 106 -1.80 -21.23 -2.04
CA LYS A 106 -3.03 -20.87 -1.36
C LYS A 106 -3.68 -19.65 -2.01
N LEU A 107 -2.90 -18.93 -2.81
CA LEU A 107 -3.40 -17.75 -3.48
C LEU A 107 -3.79 -18.05 -4.93
N TRP A 108 -3.30 -19.17 -5.45
CA TRP A 108 -3.57 -19.55 -6.83
C TRP A 108 -4.42 -20.81 -6.89
N ARG A 109 -5.73 -20.64 -6.71
CA ARG A 109 -6.66 -21.77 -6.76
C ARG A 109 -7.91 -21.39 -7.56
N LYS A 110 -8.47 -20.23 -7.26
CA LYS A 110 -9.65 -19.75 -7.96
C LYS A 110 -9.24 -18.94 -9.18
N ARG A 111 -8.18 -18.16 -9.01
CA ARG A 111 -7.64 -17.31 -10.06
C ARG A 111 -6.49 -18.03 -10.76
N LYS A 112 -6.35 -17.80 -12.06
CA LYS A 112 -5.28 -18.41 -12.84
C LYS A 112 -3.93 -17.88 -12.38
N PRO A 113 -2.95 -18.77 -12.13
CA PRO A 113 -1.61 -18.38 -11.69
C PRO A 113 -0.88 -17.56 -12.74
N PRO A 114 0.03 -16.68 -12.32
CA PRO A 114 0.82 -15.84 -13.22
C PRO A 114 1.79 -16.64 -14.08
N VAL A 115 2.02 -16.17 -15.29
CA VAL A 115 2.94 -16.84 -16.22
C VAL A 115 4.25 -16.05 -16.36
N PRO A 116 5.37 -16.63 -15.86
CA PRO A 116 6.69 -15.99 -15.93
C PRO A 116 7.15 -15.75 -17.37
N LEU A 117 7.49 -14.49 -17.67
CA LEU A 117 7.93 -14.13 -19.01
C LEU A 117 9.43 -13.89 -19.00
N ASP A 118 10.13 -14.56 -19.90
CA ASP A 118 11.57 -14.40 -19.99
C ASP A 118 11.92 -13.35 -21.03
N TRP A 119 13.01 -12.63 -20.79
CA TRP A 119 13.46 -11.58 -21.70
C TRP A 119 13.78 -12.17 -23.07
N ALA A 120 14.37 -13.35 -23.07
CA ALA A 120 14.74 -14.02 -24.31
C ALA A 120 13.51 -14.55 -25.03
N GLU A 121 12.55 -15.05 -24.26
CA GLU A 121 11.32 -15.60 -24.82
C GLU A 121 10.47 -14.52 -25.47
N VAL A 122 10.54 -13.31 -24.93
CA VAL A 122 9.76 -12.20 -25.43
C VAL A 122 10.42 -11.57 -26.66
N GLN A 123 11.74 -11.68 -26.78
CA GLN A 123 12.42 -11.12 -27.93
C GLN A 123 12.23 -12.03 -29.14
N SER A 124 11.73 -13.23 -28.86
CA SER A 124 11.44 -14.22 -29.88
C SER A 124 10.05 -14.80 -29.63
N GLN A 125 9.03 -13.97 -29.83
CA GLN A 125 7.64 -14.34 -29.59
C GLN A 125 7.25 -15.60 -30.36
N GLY A 126 6.80 -16.62 -29.63
CA GLY A 126 6.39 -17.87 -30.25
C GLY A 126 4.94 -17.83 -30.68
N GLU A 127 4.24 -16.79 -30.26
CA GLU A 127 2.82 -16.61 -30.60
C GLU A 127 2.68 -15.89 -31.93
N GLU A 128 3.60 -16.15 -32.84
CA GLU A 128 3.57 -15.51 -34.14
C GLU A 128 3.75 -16.53 -35.25
N THR A 129 4.06 -16.03 -36.44
CA THR A 129 4.25 -16.88 -37.60
C THR A 129 5.72 -17.29 -37.73
N ASN A 130 6.11 -17.77 -38.90
CA ASN A 130 7.49 -18.19 -39.13
C ASN A 130 8.25 -17.10 -39.88
N ALA A 131 7.51 -16.24 -40.57
CA ALA A 131 8.11 -15.15 -41.33
C ALA A 131 8.59 -14.04 -40.41
N SER A 132 7.91 -13.90 -39.27
CA SER A 132 8.26 -12.88 -38.29
C SER A 132 7.78 -13.30 -36.90
N ASP A 133 8.12 -12.51 -35.89
CA ASP A 133 7.72 -12.82 -34.52
C ASP A 133 7.32 -11.53 -33.79
N GLN A 134 6.84 -10.56 -34.55
CA GLN A 134 6.43 -9.28 -33.98
C GLN A 134 5.41 -8.59 -34.88
N GLN A 135 4.83 -9.35 -35.80
CA GLN A 135 3.84 -8.82 -36.72
C GLN A 135 2.45 -8.83 -36.08
N ASN A 136 2.01 -7.66 -35.65
CA ASN A 136 0.69 -7.52 -35.05
C ASN A 136 -0.16 -6.68 -35.98
N GLU A 137 -1.43 -7.07 -36.14
CA GLU A 137 -2.34 -6.36 -37.04
C GLU A 137 -2.49 -4.88 -36.64
N PRO A 138 -2.38 -3.98 -37.63
CA PRO A 138 -2.48 -2.54 -37.41
C PRO A 138 -3.89 -2.08 -37.06
N GLN A 139 -3.98 -0.84 -36.60
CA GLN A 139 -5.26 -0.23 -36.23
C GLN A 139 -5.17 1.28 -36.43
N LEU A 140 -6.28 1.90 -36.81
CA LEU A 140 -6.32 3.34 -37.03
C LEU A 140 -6.67 4.05 -35.73
N GLY A 141 -6.46 5.36 -35.69
CA GLY A 141 -6.76 6.12 -34.51
C GLY A 141 -5.53 6.76 -33.91
N LEU A 142 -5.61 7.16 -32.65
CA LEU A 142 -4.48 7.79 -31.98
C LEU A 142 -3.41 6.75 -31.71
N LYS A 143 -2.20 7.01 -32.18
CA LYS A 143 -1.08 6.08 -32.02
C LYS A 143 -0.79 5.79 -30.55
N ASP A 144 -1.02 6.78 -29.71
CA ASP A 144 -0.77 6.66 -28.28
C ASP A 144 -1.90 5.89 -27.59
N GLN A 145 -3.02 5.74 -28.28
CA GLN A 145 -4.17 5.06 -27.71
C GLN A 145 -4.27 3.62 -28.21
N GLN A 146 -3.26 3.17 -28.92
CA GLN A 146 -3.24 1.82 -29.44
C GLN A 146 -2.55 0.87 -28.47
N VAL A 147 -3.06 -0.34 -28.37
CA VAL A 147 -2.46 -1.33 -27.50
C VAL A 147 -1.38 -2.08 -28.26
N LEU A 148 -0.13 -1.90 -27.83
CA LEU A 148 1.00 -2.55 -28.47
C LEU A 148 1.08 -4.02 -28.09
N ASP A 149 2.13 -4.68 -28.55
CA ASP A 149 2.33 -6.09 -28.27
C ASP A 149 3.26 -6.26 -27.07
N VAL A 150 3.36 -7.48 -26.55
CA VAL A 150 4.21 -7.76 -25.40
C VAL A 150 5.68 -7.41 -25.66
N LYS A 151 6.14 -7.61 -26.90
CA LYS A 151 7.52 -7.30 -27.25
C LYS A 151 7.75 -5.79 -27.20
N SER A 152 6.78 -5.05 -27.72
CA SER A 152 6.86 -3.60 -27.76
C SER A 152 6.97 -3.02 -26.36
N TYR A 153 6.15 -3.54 -25.44
CA TYR A 153 6.17 -3.07 -24.06
C TYR A 153 7.45 -3.52 -23.37
N ALA A 154 8.01 -4.65 -23.82
CA ALA A 154 9.24 -5.17 -23.25
C ALA A 154 10.42 -4.26 -23.60
N ARG A 155 10.48 -3.86 -24.87
CA ARG A 155 11.56 -2.99 -25.33
C ARG A 155 11.35 -1.56 -24.83
N LEU A 156 10.08 -1.18 -24.65
CA LEU A 156 9.77 0.14 -24.14
C LEU A 156 10.17 0.24 -22.68
N PHE A 157 9.99 -0.87 -21.96
CA PHE A 157 10.35 -0.97 -20.56
C PHE A 157 11.85 -0.71 -20.40
N SER A 158 12.64 -1.32 -21.27
CA SER A 158 14.08 -1.17 -21.24
C SER A 158 14.47 0.24 -21.66
N LYS A 159 13.80 0.75 -22.70
CA LYS A 159 14.05 2.09 -23.22
C LYS A 159 13.85 3.14 -22.12
N SER A 160 12.79 2.96 -21.35
CA SER A 160 12.48 3.88 -20.27
C SER A 160 13.55 3.85 -19.19
N ILE A 161 14.01 2.66 -18.85
CA ILE A 161 15.04 2.51 -17.81
C ILE A 161 16.34 3.19 -18.23
N GLU A 162 16.69 3.08 -19.50
CA GLU A 162 17.92 3.69 -20.02
C GLU A 162 17.92 5.20 -19.82
N THR A 163 16.86 5.86 -20.26
CA THR A 163 16.77 7.30 -20.13
C THR A 163 16.58 7.73 -18.67
N LEU A 164 15.94 6.88 -17.87
CA LEU A 164 15.74 7.19 -16.46
C LEU A 164 17.04 7.09 -15.71
N ARG A 165 17.89 6.16 -16.13
CA ARG A 165 19.19 5.95 -15.51
C ARG A 165 20.06 7.21 -15.62
N VAL A 166 20.15 7.76 -16.83
CA VAL A 166 20.95 8.96 -17.05
C VAL A 166 20.30 10.17 -16.41
N HIS A 167 18.98 10.22 -16.43
CA HIS A 167 18.24 11.33 -15.83
C HIS A 167 18.49 11.41 -14.34
N LEU A 168 18.77 10.26 -13.72
CA LEU A 168 19.06 10.19 -12.30
C LEU A 168 20.54 10.46 -12.05
N ALA A 169 21.39 9.85 -12.87
CA ALA A 169 22.84 9.99 -12.75
C ALA A 169 23.25 11.46 -12.87
N GLU A 170 22.60 12.19 -13.77
CA GLU A 170 22.91 13.59 -13.98
C GLU A 170 22.50 14.44 -12.78
N LYS A 171 21.67 13.89 -11.91
CA LYS A 171 21.21 14.61 -10.72
C LYS A 171 22.26 14.48 -9.62
N GLY A 172 22.96 13.36 -9.62
CA GLY A 172 23.98 13.12 -8.62
C GLY A 172 23.63 11.98 -7.69
N ASP A 173 24.53 11.68 -6.76
CA ASP A 173 24.31 10.60 -5.81
C ASP A 173 23.39 11.08 -4.69
N GLY A 174 22.55 10.18 -4.19
CA GLY A 174 21.63 10.53 -3.13
C GLY A 174 20.43 11.31 -3.63
N ALA A 175 20.39 11.53 -4.94
CA ALA A 175 19.30 12.27 -5.55
C ALA A 175 18.24 11.29 -6.03
N GLU A 176 16.98 11.70 -5.95
CA GLU A 176 15.88 10.85 -6.36
C GLU A 176 14.98 11.60 -7.35
N LEU A 177 14.29 10.84 -8.19
CA LEU A 177 13.41 11.40 -9.19
C LEU A 177 11.95 11.17 -8.80
N ILE A 178 11.14 12.22 -8.87
CA ILE A 178 9.73 12.12 -8.55
C ILE A 178 8.95 11.77 -9.80
N TRP A 179 8.12 10.72 -9.72
CA TRP A 179 7.33 10.29 -10.86
C TRP A 179 6.37 11.38 -11.30
N ASP A 180 6.38 11.66 -12.59
CA ASP A 180 5.50 12.67 -13.17
C ASP A 180 4.73 12.07 -14.33
N LYS A 181 3.46 12.42 -14.43
CA LYS A 181 2.61 11.91 -15.50
C LYS A 181 2.84 12.66 -16.81
N ASP A 182 3.50 13.81 -16.73
CA ASP A 182 3.78 14.60 -17.91
C ASP A 182 5.09 14.16 -18.57
N ASP A 183 6.05 13.76 -17.75
CA ASP A 183 7.35 13.31 -18.25
C ASP A 183 7.20 12.05 -19.10
N PRO A 184 7.63 12.11 -20.38
CA PRO A 184 7.53 10.98 -21.31
C PRO A 184 8.25 9.73 -20.82
N SER A 185 9.45 9.92 -20.27
CA SER A 185 10.26 8.81 -19.78
C SER A 185 9.57 8.08 -18.63
N ALA A 186 9.08 8.85 -17.66
CA ALA A 186 8.39 8.28 -16.51
C ALA A 186 7.07 7.63 -16.93
N MET A 187 6.40 8.23 -17.90
CA MET A 187 5.12 7.70 -18.39
C MET A 187 5.32 6.39 -19.14
N ASP A 188 6.37 6.33 -19.95
CA ASP A 188 6.65 5.12 -20.73
C ASP A 188 6.96 3.96 -19.80
N PHE A 189 7.69 4.26 -18.74
CA PHE A 189 8.07 3.26 -17.75
C PHE A 189 6.86 2.61 -17.09
N VAL A 190 5.98 3.43 -16.52
CA VAL A 190 4.80 2.93 -15.83
C VAL A 190 3.88 2.14 -16.76
N THR A 191 3.75 2.62 -18.00
CA THR A 191 2.90 1.95 -18.98
C THR A 191 3.43 0.56 -19.33
N SER A 192 4.72 0.49 -19.61
CA SER A 192 5.35 -0.77 -19.97
C SER A 192 5.31 -1.77 -18.82
N ALA A 193 5.69 -1.34 -17.63
CA ALA A 193 5.70 -2.19 -16.46
C ALA A 193 4.31 -2.73 -16.14
N ALA A 194 3.32 -1.85 -16.17
CA ALA A 194 1.94 -2.25 -15.88
C ALA A 194 1.42 -3.21 -16.93
N ASN A 195 1.73 -2.93 -18.19
CA ASN A 195 1.28 -3.76 -19.30
C ASN A 195 1.85 -5.18 -19.21
N LEU A 196 3.14 -5.26 -18.94
CA LEU A 196 3.80 -6.56 -18.81
C LEU A 196 3.21 -7.33 -17.64
N ARG A 197 3.03 -6.63 -16.52
CA ARG A 197 2.47 -7.23 -15.31
C ARG A 197 1.06 -7.75 -15.57
N MET A 198 0.24 -6.96 -16.25
CA MET A 198 -1.14 -7.35 -16.53
C MET A 198 -1.20 -8.52 -17.52
N HIS A 199 -0.22 -8.60 -18.43
CA HIS A 199 -0.17 -9.68 -19.40
C HIS A 199 0.16 -10.99 -18.71
N ILE A 200 0.96 -10.89 -17.66
CA ILE A 200 1.37 -12.04 -16.88
C ILE A 200 0.18 -12.67 -16.16
N PHE A 201 -0.77 -11.84 -15.74
CA PHE A 201 -1.95 -12.32 -15.04
C PHE A 201 -3.07 -12.66 -16.02
N SER A 202 -2.69 -12.74 -17.30
CA SER A 202 -3.61 -13.11 -18.37
C SER A 202 -4.84 -12.17 -18.44
N MET A 203 -4.61 -10.87 -18.31
CA MET A 203 -5.69 -9.90 -18.40
C MET A 203 -5.45 -9.00 -19.61
N ASN A 204 -6.50 -8.33 -20.06
CA ASN A 204 -6.38 -7.44 -21.22
C ASN A 204 -5.40 -6.31 -20.95
N MET A 205 -4.59 -6.00 -21.96
CA MET A 205 -3.59 -4.95 -21.84
C MET A 205 -4.20 -3.60 -22.19
N LYS A 206 -3.61 -2.53 -21.67
CA LYS A 206 -4.11 -1.19 -21.90
C LYS A 206 -3.17 -0.36 -22.75
N SER A 207 -3.71 0.65 -23.40
CA SER A 207 -2.93 1.53 -24.25
C SER A 207 -2.16 2.54 -23.40
N ARG A 208 -1.15 3.18 -23.99
CA ARG A 208 -0.34 4.16 -23.28
C ARG A 208 -1.19 5.35 -22.81
N PHE A 209 -1.98 5.90 -23.74
CA PHE A 209 -2.84 7.03 -23.42
C PHE A 209 -3.89 6.65 -22.38
N ASP A 210 -4.35 5.40 -22.47
CA ASP A 210 -5.36 4.90 -21.55
C ASP A 210 -4.82 4.77 -20.14
N ILE A 211 -3.61 4.21 -20.02
CA ILE A 211 -2.97 4.05 -18.72
C ILE A 211 -2.64 5.41 -18.11
N LYS A 212 -2.27 6.36 -18.95
CA LYS A 212 -1.93 7.71 -18.51
C LYS A 212 -3.05 8.33 -17.69
N SER A 213 -4.29 8.09 -18.11
CA SER A 213 -5.46 8.62 -17.42
C SER A 213 -5.59 8.05 -16.01
N MET A 214 -5.14 6.81 -15.81
CA MET A 214 -5.24 6.16 -14.51
C MET A 214 -3.99 6.37 -13.68
N ALA A 215 -2.82 6.39 -14.34
CA ALA A 215 -1.55 6.58 -13.66
C ALA A 215 -1.42 8.00 -13.14
N GLY A 216 -1.71 8.96 -14.01
CA GLY A 216 -1.61 10.35 -13.62
C GLY A 216 -2.80 10.82 -12.80
N ASN A 217 -3.86 10.00 -12.81
CA ASN A 217 -5.09 10.27 -12.08
C ASN A 217 -5.48 11.75 -12.13
N MET B 1 12.74 11.02 22.57
CA MET B 1 13.22 12.00 23.56
C MET B 1 12.16 13.07 23.79
N SER B 2 11.99 13.46 25.05
CA SER B 2 11.01 14.46 25.42
C SER B 2 11.32 15.80 24.76
N GLY B 3 10.33 16.67 24.69
CA GLY B 3 10.53 17.97 24.05
C GLY B 3 10.31 17.88 22.56
N ILE B 4 11.12 17.07 21.88
CA ILE B 4 11.02 16.88 20.44
C ILE B 4 9.62 16.38 20.07
N ALA B 5 9.13 15.44 20.87
CA ALA B 5 7.81 14.87 20.67
C ALA B 5 6.74 15.94 20.74
N LEU B 6 6.85 16.79 21.75
CA LEU B 6 5.89 17.87 21.97
C LEU B 6 5.88 18.84 20.80
N SER B 7 7.06 19.09 20.22
CA SER B 7 7.16 20.00 19.09
C SER B 7 6.29 19.49 17.93
N ARG B 8 6.39 18.20 17.65
CA ARG B 8 5.63 17.60 16.57
C ARG B 8 4.15 17.55 16.93
N LEU B 9 3.86 17.20 18.18
CA LEU B 9 2.48 17.11 18.65
C LEU B 9 1.77 18.45 18.53
N ALA B 10 2.46 19.52 18.93
CA ALA B 10 1.91 20.86 18.85
C ALA B 10 1.71 21.26 17.39
N GLN B 11 2.61 20.80 16.54
CA GLN B 11 2.55 21.07 15.12
C GLN B 11 1.34 20.40 14.49
N GLU B 12 1.07 19.18 14.93
CA GLU B 12 -0.07 18.40 14.42
C GLU B 12 -1.37 19.15 14.69
N ARG B 13 -1.47 19.73 15.87
CA ARG B 13 -2.66 20.48 16.26
C ARG B 13 -2.84 21.70 15.37
N LYS B 14 -1.72 22.32 14.99
CA LYS B 14 -1.75 23.50 14.13
C LYS B 14 -2.29 23.14 12.76
N ALA B 15 -2.03 21.91 12.34
CA ALA B 15 -2.51 21.44 11.04
C ALA B 15 -3.94 20.96 11.14
N TRP B 16 -4.25 20.27 12.23
CA TRP B 16 -5.59 19.74 12.45
C TRP B 16 -6.62 20.86 12.57
N ARG B 17 -6.30 21.87 13.36
CA ARG B 17 -7.20 23.01 13.54
C ARG B 17 -7.37 23.78 12.23
N LYS B 18 -6.39 23.67 11.35
CA LYS B 18 -6.44 24.36 10.08
C LYS B 18 -7.25 23.55 9.07
N ASP B 19 -6.90 22.29 8.90
CA ASP B 19 -7.59 21.42 7.95
C ASP B 19 -7.76 20.01 8.52
N HIS B 20 -9.01 19.62 8.71
CA HIS B 20 -9.35 18.31 9.24
C HIS B 20 -10.59 17.78 8.53
N PRO B 21 -10.79 16.45 8.54
CA PRO B 21 -11.96 15.84 7.90
C PRO B 21 -13.25 16.22 8.61
N PHE B 22 -14.30 16.43 7.83
CA PHE B 22 -15.60 16.82 8.37
C PHE B 22 -16.16 15.77 9.32
N GLY B 23 -16.53 16.20 10.52
CA GLY B 23 -17.10 15.29 11.50
C GLY B 23 -16.05 14.65 12.38
N PHE B 24 -14.79 14.77 12.00
CA PHE B 24 -13.69 14.19 12.75
C PHE B 24 -13.27 15.11 13.88
N VAL B 25 -13.19 14.57 15.08
CA VAL B 25 -12.80 15.35 16.25
C VAL B 25 -11.51 14.78 16.85
N ALA B 26 -10.63 15.67 17.30
CA ALA B 26 -9.37 15.29 17.91
C ALA B 26 -8.85 16.46 18.73
N VAL B 27 -8.77 16.28 20.03
CA VAL B 27 -8.30 17.35 20.91
C VAL B 27 -7.47 16.80 22.07
N PRO B 28 -6.30 17.39 22.33
CA PRO B 28 -5.42 16.97 23.43
C PRO B 28 -6.11 17.09 24.78
N THR B 29 -5.79 16.19 25.69
CA THR B 29 -6.39 16.18 27.01
C THR B 29 -5.93 17.40 27.81
N LYS B 30 -6.87 18.01 28.52
CA LYS B 30 -6.56 19.19 29.31
C LYS B 30 -6.07 18.80 30.70
N ASN B 31 -5.11 19.55 31.20
CA ASN B 31 -4.54 19.32 32.51
C ASN B 31 -4.98 20.43 33.45
N PRO B 32 -4.97 20.17 34.78
CA PRO B 32 -5.36 21.16 35.79
C PRO B 32 -4.61 22.49 35.61
N ASP B 33 -5.24 23.58 36.09
CA ASP B 33 -4.67 24.94 36.00
C ASP B 33 -4.87 25.54 34.61
N GLY B 34 -5.03 24.68 33.60
CA GLY B 34 -5.23 25.15 32.26
C GLY B 34 -4.16 24.65 31.30
N THR B 35 -3.34 23.73 31.78
CA THR B 35 -2.27 23.15 30.97
C THR B 35 -2.85 22.18 29.93
N MET B 36 -2.08 21.86 28.92
CA MET B 36 -2.55 20.96 27.87
C MET B 36 -1.58 19.79 27.69
N ASN B 37 -2.13 18.58 27.69
CA ASN B 37 -1.31 17.37 27.51
C ASN B 37 -1.35 16.95 26.06
N LEU B 38 -0.22 17.04 25.40
CA LEU B 38 -0.12 16.69 23.99
C LEU B 38 0.20 15.21 23.80
N MET B 39 0.50 14.51 24.88
CA MET B 39 0.83 13.09 24.78
C MET B 39 -0.40 12.21 24.87
N ASN B 40 -1.57 12.83 24.95
CA ASN B 40 -2.82 12.09 25.02
C ASN B 40 -3.96 12.93 24.47
N TRP B 41 -4.58 12.44 23.40
CA TRP B 41 -5.67 13.16 22.76
C TRP B 41 -6.96 12.33 22.82
N GLU B 42 -8.08 13.03 22.79
CA GLU B 42 -9.38 12.40 22.79
C GLU B 42 -10.01 12.64 21.42
N CYS B 43 -10.04 11.62 20.59
CA CYS B 43 -10.56 11.75 19.24
C CYS B 43 -11.88 11.03 19.06
N ALA B 44 -12.61 11.43 18.02
CA ALA B 44 -13.89 10.84 17.68
C ALA B 44 -14.00 10.65 16.18
N ILE B 45 -14.32 9.44 15.76
CA ILE B 45 -14.45 9.11 14.35
C ILE B 45 -15.88 8.72 14.01
N PRO B 46 -16.52 9.46 13.11
CA PRO B 46 -17.88 9.18 12.69
C PRO B 46 -17.93 8.04 11.65
N GLY B 47 -18.96 7.22 11.73
CA GLY B 47 -19.10 6.12 10.80
C GLY B 47 -19.15 6.61 9.36
N LYS B 48 -18.39 5.94 8.50
CA LYS B 48 -18.32 6.28 7.08
C LYS B 48 -19.69 6.15 6.42
N LYS B 49 -20.05 7.14 5.63
CA LYS B 49 -21.34 7.14 4.93
C LYS B 49 -21.41 6.00 3.93
N GLY B 50 -22.59 5.38 3.86
CA GLY B 50 -22.80 4.28 2.93
C GLY B 50 -22.49 2.94 3.57
N THR B 51 -21.91 2.97 4.77
CA THR B 51 -21.56 1.76 5.48
C THR B 51 -22.47 1.58 6.69
N PRO B 52 -22.55 0.36 7.26
CA PRO B 52 -23.39 0.08 8.43
C PRO B 52 -22.89 0.80 9.69
N TRP B 53 -21.73 1.44 9.58
CA TRP B 53 -21.14 2.17 10.71
C TRP B 53 -21.63 3.62 10.72
N GLU B 54 -22.28 4.02 9.63
CA GLU B 54 -22.79 5.37 9.50
C GLU B 54 -23.89 5.63 10.53
N GLY B 55 -23.88 6.81 11.11
CA GLY B 55 -24.89 7.16 12.08
C GLY B 55 -24.37 7.08 13.50
N GLY B 56 -23.09 6.76 13.65
CA GLY B 56 -22.51 6.65 14.97
C GLY B 56 -21.19 7.37 15.10
N LEU B 57 -20.93 7.90 16.28
CA LEU B 57 -19.68 8.59 16.58
C LEU B 57 -18.87 7.76 17.55
N PHE B 58 -17.75 7.21 17.09
CA PHE B 58 -16.91 6.37 17.92
C PHE B 58 -15.76 7.16 18.51
N LYS B 59 -15.59 7.08 19.81
CA LYS B 59 -14.54 7.81 20.50
C LYS B 59 -13.36 6.90 20.83
N LEU B 60 -12.15 7.41 20.64
CA LEU B 60 -10.95 6.64 20.93
C LEU B 60 -9.92 7.53 21.62
N ARG B 61 -9.06 6.89 22.39
CA ARG B 61 -8.02 7.60 23.11
C ARG B 61 -6.68 7.43 22.39
N MET B 62 -6.06 8.55 22.06
CA MET B 62 -4.78 8.52 21.36
C MET B 62 -3.65 8.78 22.33
N LEU B 63 -2.87 7.75 22.60
CA LEU B 63 -1.76 7.85 23.54
C LEU B 63 -0.44 7.92 22.79
N PHE B 64 0.42 8.86 23.15
CA PHE B 64 1.70 9.01 22.51
C PHE B 64 2.83 8.63 23.44
N LYS B 65 4.04 8.51 22.90
CA LYS B 65 5.20 8.15 23.68
C LYS B 65 6.22 9.28 23.69
N ASP B 66 7.24 9.14 24.52
CA ASP B 66 8.30 10.14 24.61
C ASP B 66 9.28 9.96 23.45
N ASP B 67 9.09 8.87 22.71
CA ASP B 67 9.95 8.56 21.58
C ASP B 67 9.36 9.07 20.28
N TYR B 68 8.31 9.87 20.38
CA TYR B 68 7.66 10.43 19.20
C TYR B 68 8.61 11.41 18.51
N PRO B 69 8.59 11.51 17.17
CA PRO B 69 7.69 10.73 16.30
C PRO B 69 8.31 9.42 15.79
N SER B 70 9.39 8.97 16.43
CA SER B 70 10.03 7.74 16.03
C SER B 70 9.13 6.56 16.35
N SER B 71 8.48 6.60 17.50
CA SER B 71 7.58 5.54 17.92
C SER B 71 6.14 5.90 17.55
N PRO B 72 5.36 4.91 17.08
CA PRO B 72 3.96 5.13 16.71
C PRO B 72 3.06 5.32 17.92
N PRO B 73 1.95 6.05 17.77
CA PRO B 73 1.00 6.28 18.85
C PRO B 73 0.09 5.09 19.08
N LYS B 74 -0.44 4.99 20.28
CA LYS B 74 -1.34 3.90 20.63
C LYS B 74 -2.78 4.39 20.65
N CYS B 75 -3.55 3.96 19.66
CA CYS B 75 -4.95 4.35 19.57
C CYS B 75 -5.83 3.24 20.13
N LYS B 76 -6.60 3.58 21.16
CA LYS B 76 -7.50 2.61 21.79
C LYS B 76 -8.91 3.15 21.87
N PHE B 77 -9.87 2.37 21.39
CA PHE B 77 -11.26 2.78 21.42
C PHE B 77 -11.77 2.74 22.85
N GLU B 78 -12.54 3.75 23.22
CA GLU B 78 -13.09 3.84 24.56
C GLU B 78 -14.60 4.10 24.49
N PRO B 79 -15.43 3.07 24.75
CA PRO B 79 -14.99 1.72 25.12
C PRO B 79 -14.63 0.87 23.90
N PRO B 80 -14.04 -0.33 24.12
CA PRO B 80 -13.67 -1.25 23.03
C PRO B 80 -14.84 -1.56 22.11
N LEU B 81 -14.60 -1.46 20.82
CA LEU B 81 -15.65 -1.71 19.83
C LEU B 81 -15.61 -3.13 19.30
N PHE B 82 -16.73 -3.57 18.76
CA PHE B 82 -16.85 -4.90 18.18
C PHE B 82 -16.31 -4.86 16.76
N HIS B 83 -15.05 -5.25 16.61
CA HIS B 83 -14.39 -5.25 15.32
C HIS B 83 -13.20 -6.20 15.37
N PRO B 84 -13.05 -7.10 14.38
CA PRO B 84 -11.97 -8.08 14.33
C PRO B 84 -10.57 -7.47 14.47
N ASN B 85 -10.42 -6.21 14.08
CA ASN B 85 -9.12 -5.54 14.15
C ASN B 85 -8.99 -4.68 15.40
N VAL B 86 -9.86 -4.93 16.37
CA VAL B 86 -9.82 -4.20 17.63
C VAL B 86 -9.78 -5.20 18.78
N TYR B 87 -8.71 -5.14 19.56
CA TYR B 87 -8.53 -6.03 20.70
C TYR B 87 -9.61 -5.77 21.75
N PRO B 88 -9.91 -6.79 22.58
CA PRO B 88 -10.92 -6.66 23.64
C PRO B 88 -10.55 -5.59 24.67
N SER B 89 -9.32 -5.12 24.59
CA SER B 89 -8.84 -4.08 25.50
C SER B 89 -9.02 -2.69 24.87
N GLY B 90 -9.47 -2.67 23.62
CA GLY B 90 -9.68 -1.41 22.93
C GLY B 90 -8.55 -1.09 21.98
N THR B 91 -7.47 -1.84 22.08
CA THR B 91 -6.30 -1.64 21.24
C THR B 91 -6.63 -1.88 19.76
N VAL B 92 -6.46 -0.84 18.94
CA VAL B 92 -6.75 -0.95 17.52
C VAL B 92 -5.53 -1.45 16.76
N CYS B 93 -5.76 -2.41 15.86
CA CYS B 93 -4.68 -2.98 15.07
C CYS B 93 -4.62 -2.27 13.72
N LEU B 94 -3.43 -1.85 13.33
CA LEU B 94 -3.24 -1.15 12.07
C LEU B 94 -1.76 -1.23 11.65
N SER B 95 -1.53 -1.42 10.36
CA SER B 95 -0.18 -1.53 9.82
C SER B 95 0.67 -0.29 10.08
N ILE B 96 0.07 0.88 9.87
CA ILE B 96 0.79 2.14 10.06
C ILE B 96 0.86 2.53 11.54
N LEU B 97 0.32 1.67 12.40
CA LEU B 97 0.35 1.91 13.83
C LEU B 97 1.41 1.03 14.48
N GLU B 98 2.15 0.33 13.62
CA GLU B 98 3.22 -0.56 14.07
C GLU B 98 4.54 -0.12 13.46
N GLU B 99 5.53 0.08 14.31
CA GLU B 99 6.86 0.53 13.90
C GLU B 99 7.52 -0.47 12.95
N ASP B 100 7.50 -1.74 13.34
CA ASP B 100 8.13 -2.81 12.56
C ASP B 100 7.34 -3.20 11.31
N LYS B 101 6.39 -2.38 10.91
CA LYS B 101 5.57 -2.73 9.75
C LYS B 101 5.51 -1.60 8.73
N ASP B 102 4.67 -0.60 8.97
CA ASP B 102 4.54 0.50 8.01
C ASP B 102 4.32 1.82 8.72
N TRP B 103 5.22 2.17 9.62
CA TRP B 103 5.10 3.41 10.36
C TRP B 103 6.05 4.46 9.81
N ARG B 104 5.48 5.52 9.25
CA ARG B 104 6.26 6.62 8.73
C ARG B 104 6.18 7.77 9.70
N PRO B 105 7.32 8.21 10.27
CA PRO B 105 7.36 9.31 11.24
C PRO B 105 6.67 10.58 10.72
N ALA B 106 6.60 10.73 9.40
CA ALA B 106 5.99 11.90 8.79
C ALA B 106 4.46 11.78 8.73
N ILE B 107 3.92 10.62 9.13
CA ILE B 107 2.48 10.42 9.10
C ILE B 107 1.77 11.42 10.00
N THR B 108 0.78 12.09 9.44
CA THR B 108 -0.01 13.08 10.15
C THR B 108 -1.13 12.39 10.93
N ILE B 109 -1.48 12.93 12.08
CA ILE B 109 -2.56 12.38 12.91
C ILE B 109 -3.83 12.22 12.07
N LYS B 110 -4.04 13.16 11.17
CA LYS B 110 -5.19 13.18 10.27
C LYS B 110 -5.24 11.90 9.42
N GLN B 111 -4.08 11.43 9.00
CA GLN B 111 -3.98 10.23 8.17
C GLN B 111 -4.34 9.00 8.99
N ILE B 112 -3.90 8.96 10.23
CA ILE B 112 -4.17 7.83 11.11
C ILE B 112 -5.67 7.68 11.38
N LEU B 113 -6.32 8.79 11.74
CA LEU B 113 -7.75 8.77 12.03
C LEU B 113 -8.54 8.31 10.80
N LEU B 114 -8.17 8.81 9.63
CA LEU B 114 -8.85 8.44 8.39
C LEU B 114 -8.65 6.95 8.10
N GLY B 115 -7.45 6.45 8.39
CA GLY B 115 -7.15 5.05 8.17
C GLY B 115 -8.00 4.14 9.05
N ILE B 116 -8.19 4.54 10.30
CA ILE B 116 -8.98 3.76 11.24
C ILE B 116 -10.43 3.68 10.78
N GLN B 117 -10.95 4.79 10.26
CA GLN B 117 -12.32 4.85 9.77
C GLN B 117 -12.50 3.92 8.57
N GLU B 118 -11.48 3.91 7.72
CA GLU B 118 -11.49 3.06 6.53
C GLU B 118 -11.46 1.58 6.92
N LEU B 119 -10.74 1.29 7.99
CA LEU B 119 -10.62 -0.08 8.49
C LEU B 119 -11.92 -0.56 9.12
N LEU B 120 -12.78 0.38 9.50
CA LEU B 120 -14.06 0.04 10.11
C LEU B 120 -14.91 -0.78 9.16
N ASN B 121 -15.20 -0.22 7.99
CA ASN B 121 -16.03 -0.90 7.00
C ASN B 121 -15.32 -2.11 6.41
N GLU B 122 -14.04 -1.95 6.07
CA GLU B 122 -13.27 -3.04 5.50
C GLU B 122 -12.23 -3.55 6.50
N PRO B 123 -12.57 -4.60 7.26
CA PRO B 123 -11.68 -5.18 8.24
C PRO B 123 -10.60 -6.05 7.61
N ASN B 124 -9.40 -6.01 8.20
CA ASN B 124 -8.29 -6.81 7.70
C ASN B 124 -8.40 -8.21 8.28
N ILE B 125 -8.68 -9.18 7.41
CA ILE B 125 -8.85 -10.57 7.81
C ILE B 125 -7.53 -11.17 8.32
N GLN B 126 -6.43 -10.48 8.03
CA GLN B 126 -5.12 -10.91 8.46
C GLN B 126 -4.93 -10.70 9.96
N ASP B 127 -5.62 -9.70 10.51
CA ASP B 127 -5.50 -9.37 11.92
C ASP B 127 -6.63 -9.98 12.75
N PRO B 128 -6.32 -10.98 13.58
CA PRO B 128 -7.28 -11.63 14.45
C PRO B 128 -7.23 -11.05 15.87
N ALA B 129 -7.42 -9.73 15.97
CA ALA B 129 -7.38 -9.04 17.26
C ALA B 129 -8.55 -9.46 18.16
N GLN B 130 -9.75 -9.38 17.61
CA GLN B 130 -10.95 -9.77 18.36
C GLN B 130 -11.46 -11.10 17.83
N ALA B 131 -11.10 -12.17 18.54
CA ALA B 131 -11.48 -13.54 18.16
C ALA B 131 -12.97 -13.70 17.92
N GLU B 132 -13.79 -13.15 18.82
CA GLU B 132 -15.24 -13.26 18.68
C GLU B 132 -15.72 -12.66 17.37
N ALA B 133 -15.36 -11.39 17.14
CA ALA B 133 -15.75 -10.69 15.94
C ALA B 133 -15.18 -11.36 14.70
N TYR B 134 -13.94 -11.84 14.81
CA TYR B 134 -13.25 -12.49 13.71
C TYR B 134 -13.98 -13.77 13.31
N THR B 135 -14.40 -14.54 14.31
CA THR B 135 -15.12 -15.78 14.08
C THR B 135 -16.43 -15.54 13.34
N ILE B 136 -17.26 -14.66 13.89
CA ILE B 136 -18.55 -14.35 13.30
C ILE B 136 -18.39 -13.77 11.90
N TYR B 137 -17.39 -12.93 11.72
CA TYR B 137 -17.14 -12.28 10.43
C TYR B 137 -16.80 -13.29 9.34
N CYS B 138 -16.21 -14.42 9.73
CA CYS B 138 -15.81 -15.43 8.76
C CYS B 138 -16.90 -16.48 8.47
N GLN B 139 -17.86 -16.63 9.37
CA GLN B 139 -18.89 -17.63 9.16
C GLN B 139 -20.27 -17.04 8.90
N ASN B 140 -20.58 -15.92 9.53
CA ASN B 140 -21.88 -15.30 9.37
C ASN B 140 -21.77 -13.79 9.26
N ARG B 141 -21.68 -13.30 8.04
CA ARG B 141 -21.58 -11.87 7.79
C ARG B 141 -22.87 -11.17 8.16
N VAL B 142 -23.99 -11.87 7.94
CA VAL B 142 -25.31 -11.33 8.24
C VAL B 142 -25.44 -11.01 9.73
N GLU B 143 -24.99 -11.93 10.57
CA GLU B 143 -25.04 -11.75 12.02
C GLU B 143 -24.06 -10.66 12.47
N TYR B 144 -22.97 -10.53 11.73
CA TYR B 144 -21.97 -9.51 12.04
C TYR B 144 -22.52 -8.12 11.78
N GLU B 145 -23.19 -7.97 10.63
CA GLU B 145 -23.78 -6.68 10.25
C GLU B 145 -24.75 -6.18 11.31
N LYS B 146 -25.57 -7.09 11.83
CA LYS B 146 -26.56 -6.73 12.85
C LYS B 146 -25.87 -6.11 14.07
N ARG B 147 -24.76 -6.70 14.49
CA ARG B 147 -24.01 -6.20 15.64
C ARG B 147 -23.46 -4.81 15.35
N VAL B 148 -23.02 -4.61 14.12
CA VAL B 148 -22.48 -3.32 13.71
C VAL B 148 -23.59 -2.27 13.67
N ARG B 149 -24.74 -2.67 13.15
CA ARG B 149 -25.90 -1.78 13.05
C ARG B 149 -26.30 -1.27 14.43
N ALA B 150 -26.44 -2.18 15.37
CA ALA B 150 -26.81 -1.83 16.74
C ALA B 150 -25.72 -1.00 17.39
N GLN B 151 -24.47 -1.31 17.06
CA GLN B 151 -23.33 -0.59 17.62
C GLN B 151 -23.33 0.86 17.17
N ALA B 152 -23.52 1.08 15.87
CA ALA B 152 -23.56 2.41 15.30
C ALA B 152 -24.70 3.22 15.91
N LYS B 153 -25.83 2.56 16.13
CA LYS B 153 -27.00 3.21 16.71
C LYS B 153 -26.79 3.50 18.18
N LYS B 154 -25.95 2.70 18.84
CA LYS B 154 -25.67 2.87 20.25
C LYS B 154 -24.77 4.09 20.45
N PHE B 155 -24.00 4.41 19.42
CA PHE B 155 -23.10 5.55 19.47
C PHE B 155 -23.62 6.69 18.60
N ALA B 156 -24.93 6.65 18.33
CA ALA B 156 -25.57 7.67 17.51
C ALA B 156 -25.62 9.02 18.22
N PRO B 157 -25.31 10.11 17.51
CA PRO B 157 -25.33 11.46 18.07
C PRO B 157 -26.70 11.81 18.66
N SER B 158 -26.73 12.06 19.96
CA SER B 158 -27.97 12.40 20.64
C SER B 158 -27.75 13.64 21.49
N THR A 1 -15.45 10.42 -5.13
CA THR A 1 -14.19 10.21 -4.41
C THR A 1 -13.41 9.05 -5.03
N GLN A 2 -12.11 9.24 -5.20
CA GLN A 2 -11.27 8.21 -5.80
C GLN A 2 -11.18 6.99 -4.90
N ARG A 3 -11.18 5.81 -5.50
CA ARG A 3 -11.10 4.57 -4.76
C ARG A 3 -9.65 4.24 -4.40
N THR A 4 -9.45 3.81 -3.16
CA THR A 4 -8.12 3.47 -2.68
C THR A 4 -7.74 2.06 -3.14
N PHE A 5 -6.48 1.87 -3.48
CA PHE A 5 -6.01 0.58 -3.94
C PHE A 5 -5.09 -0.06 -2.89
N PRO A 6 -5.57 -1.14 -2.23
CA PRO A 6 -4.81 -1.85 -1.22
C PRO A 6 -3.54 -2.48 -1.79
N GLY A 7 -2.46 -2.43 -1.02
CA GLY A 7 -1.19 -2.97 -1.46
C GLY A 7 -1.24 -4.45 -1.81
N CYS A 8 -2.08 -5.20 -1.09
CA CYS A 8 -2.21 -6.64 -1.32
C CYS A 8 -2.67 -6.95 -2.74
N THR A 9 -3.78 -6.36 -3.16
CA THR A 9 -4.32 -6.57 -4.50
C THR A 9 -3.44 -5.89 -5.56
N ILE A 10 -2.50 -5.08 -5.11
CA ILE A 10 -1.60 -4.41 -6.04
C ILE A 10 -0.37 -5.29 -6.30
N ARG A 11 0.18 -5.84 -5.23
CA ARG A 11 1.37 -6.69 -5.34
C ARG A 11 1.02 -8.14 -5.72
N ASN A 12 -0.05 -8.67 -5.13
CA ASN A 12 -0.46 -10.05 -5.37
C ASN A 12 -1.39 -10.21 -6.56
N THR A 13 -2.68 -9.96 -6.36
CA THR A 13 -3.67 -10.14 -7.41
C THR A 13 -4.27 -8.83 -7.93
N PRO A 14 -3.65 -8.24 -8.98
CA PRO A 14 -4.14 -7.02 -9.60
C PRO A 14 -5.10 -7.33 -10.75
N SER A 15 -6.27 -7.82 -10.40
CA SER A 15 -7.28 -8.21 -11.38
C SER A 15 -8.02 -7.00 -11.95
N GLU A 16 -7.27 -6.09 -12.55
CA GLU A 16 -7.83 -4.88 -13.15
C GLU A 16 -6.75 -4.16 -13.93
N PRO A 17 -7.06 -3.68 -15.15
CA PRO A 17 -6.08 -2.96 -15.99
C PRO A 17 -5.41 -1.82 -15.24
N ILE A 18 -6.21 -0.99 -14.56
CA ILE A 18 -5.69 0.13 -13.81
C ILE A 18 -4.87 -0.32 -12.61
N HIS A 19 -5.16 -1.53 -12.12
CA HIS A 19 -4.46 -2.08 -10.97
C HIS A 19 -3.00 -2.32 -11.32
N CYS A 20 -2.76 -2.76 -12.55
CA CYS A 20 -1.40 -3.02 -13.02
C CYS A 20 -0.65 -1.71 -13.23
N ILE A 21 -1.40 -0.67 -13.60
CA ILE A 21 -0.83 0.64 -13.82
C ILE A 21 -0.41 1.27 -12.50
N VAL A 22 -1.25 1.09 -11.47
CA VAL A 22 -0.95 1.62 -10.14
C VAL A 22 0.33 0.98 -9.62
N TRP A 23 0.48 -0.31 -9.91
CA TRP A 23 1.66 -1.06 -9.51
C TRP A 23 2.91 -0.45 -10.17
N ALA A 24 2.77 -0.09 -11.44
CA ALA A 24 3.86 0.50 -12.19
C ALA A 24 4.24 1.87 -11.62
N LYS A 25 3.24 2.59 -11.13
CA LYS A 25 3.46 3.91 -10.53
C LYS A 25 4.29 3.75 -9.27
N TYR A 26 3.99 2.71 -8.50
CA TYR A 26 4.71 2.41 -7.27
C TYR A 26 6.13 2.00 -7.61
N LEU A 27 6.26 1.23 -8.70
CA LEU A 27 7.55 0.74 -9.18
C LEU A 27 8.52 1.91 -9.42
N PHE A 28 8.01 2.95 -10.08
CA PHE A 28 8.83 4.11 -10.38
C PHE A 28 9.33 4.79 -9.10
N ASN A 29 8.41 5.01 -8.16
CA ASN A 29 8.74 5.67 -6.91
C ASN A 29 9.68 4.81 -6.05
N GLN A 30 9.52 3.50 -6.13
CA GLN A 30 10.34 2.58 -5.35
C GLN A 30 11.69 2.33 -5.99
N LEU A 31 11.94 2.96 -7.12
CA LEU A 31 13.22 2.80 -7.82
C LEU A 31 13.94 4.12 -8.01
N PHE A 32 13.19 5.16 -8.40
CA PHE A 32 13.78 6.47 -8.63
C PHE A 32 13.21 7.55 -7.71
N GLY A 33 12.23 7.20 -6.89
CA GLY A 33 11.63 8.19 -6.02
C GLY A 33 11.81 7.87 -4.54
N GLU A 34 10.73 8.01 -3.77
CA GLU A 34 10.76 7.74 -2.35
C GLU A 34 10.22 6.35 -2.04
N GLU A 35 10.93 5.62 -1.20
CA GLU A 35 10.53 4.28 -0.84
C GLU A 35 9.49 4.30 0.28
N ASP A 36 8.65 3.28 0.31
CA ASP A 36 7.62 3.18 1.33
C ASP A 36 7.47 1.74 1.79
N ALA A 37 6.90 1.55 2.98
CA ALA A 37 6.70 0.24 3.54
C ALA A 37 5.45 -0.41 2.96
N ASP A 38 4.33 0.29 3.10
CA ASP A 38 3.04 -0.20 2.60
C ASP A 38 3.02 -0.25 1.08
N GLN A 39 3.49 0.82 0.44
CA GLN A 39 3.49 0.90 -1.01
C GLN A 39 4.72 0.22 -1.62
N GLU A 40 4.93 -1.04 -1.26
CA GLU A 40 6.04 -1.81 -1.81
C GLU A 40 5.65 -2.32 -3.18
N VAL A 41 6.64 -2.63 -4.01
CA VAL A 41 6.39 -3.11 -5.36
C VAL A 41 6.73 -4.59 -5.49
N SER A 42 7.51 -5.09 -4.56
CA SER A 42 7.93 -6.47 -4.57
C SER A 42 7.02 -7.33 -3.71
N PRO A 43 6.86 -8.62 -4.07
CA PRO A 43 6.03 -9.54 -3.29
C PRO A 43 6.55 -9.67 -1.87
N ASP A 44 5.68 -9.42 -0.92
CA ASP A 44 6.04 -9.46 0.50
C ASP A 44 6.39 -10.87 0.96
N ARG A 45 7.16 -10.93 2.04
CA ARG A 45 7.56 -12.19 2.63
C ARG A 45 6.71 -12.43 3.87
N ALA A 46 6.06 -11.37 4.33
CA ALA A 46 5.21 -11.43 5.50
C ALA A 46 3.79 -11.80 5.09
N ASP A 47 3.61 -12.15 3.83
CA ASP A 47 2.31 -12.54 3.32
C ASP A 47 1.84 -13.77 4.10
N PRO A 48 0.55 -13.81 4.47
CA PRO A 48 -0.04 -14.92 5.22
C PRO A 48 0.24 -16.30 4.61
N GLU A 49 0.44 -16.35 3.30
CA GLU A 49 0.71 -17.61 2.62
C GLU A 49 2.20 -17.76 2.31
N ALA A 50 2.97 -16.73 2.59
CA ALA A 50 4.40 -16.75 2.33
C ALA A 50 5.16 -17.36 3.50
N ALA A 51 5.07 -16.73 4.67
CA ALA A 51 5.77 -17.21 5.85
C ALA A 51 5.23 -16.59 7.13
N TRP A 52 5.25 -15.28 7.19
CA TRP A 52 4.80 -14.57 8.39
C TRP A 52 3.36 -14.07 8.25
N GLU A 53 3.03 -13.05 9.03
CA GLU A 53 1.69 -12.46 9.02
C GLU A 53 1.73 -10.96 8.74
N PRO A 54 2.49 -10.14 9.52
CA PRO A 54 3.29 -10.56 10.67
C PRO A 54 2.64 -10.25 12.02
N THR A 55 2.54 -11.26 12.87
CA THR A 55 1.96 -11.10 14.19
C THR A 55 2.74 -11.92 15.22
N GLU A 56 3.07 -13.15 14.84
CA GLU A 56 3.80 -14.05 15.71
C GLU A 56 5.29 -13.87 15.50
N ALA A 57 6.07 -14.10 16.57
CA ALA A 57 7.54 -13.99 16.54
C ALA A 57 8.00 -12.54 16.46
N GLU A 58 7.16 -11.69 15.89
CA GLU A 58 7.48 -10.26 15.76
C GLU A 58 7.03 -9.51 17.01
N ALA A 59 6.93 -8.19 16.92
CA ALA A 59 6.52 -7.39 18.05
C ALA A 59 5.00 -7.20 18.05
N ARG A 60 4.50 -6.54 19.07
CA ARG A 60 3.07 -6.30 19.20
C ARG A 60 2.81 -5.03 20.01
N ALA A 61 1.62 -4.92 20.60
CA ALA A 61 1.25 -3.77 21.40
C ALA A 61 1.89 -3.83 22.79
N ARG A 62 2.89 -4.68 22.90
CA ARG A 62 3.63 -4.86 24.15
C ARG A 62 5.12 -4.93 23.82
N ALA A 63 5.97 -4.42 24.71
CA ALA A 63 7.40 -4.42 24.49
C ALA A 63 7.94 -5.85 24.40
N SER A 64 8.12 -6.31 23.17
CA SER A 64 8.64 -7.65 22.91
C SER A 64 10.16 -7.70 23.10
N ASN A 65 10.75 -8.84 22.74
CA ASN A 65 12.20 -9.01 22.85
C ASN A 65 12.93 -8.01 21.95
N GLU A 66 12.34 -7.73 20.80
CA GLU A 66 12.92 -6.78 19.86
C GLU A 66 11.90 -5.70 19.52
N ASP A 67 11.73 -4.76 20.44
CA ASP A 67 10.80 -3.66 20.26
C ASP A 67 11.41 -2.59 19.37
N GLY A 68 11.26 -2.76 18.07
CA GLY A 68 11.81 -1.82 17.12
C GLY A 68 11.61 -2.29 15.70
N ASP A 69 12.42 -1.78 14.78
CA ASP A 69 12.33 -2.15 13.38
C ASP A 69 12.81 -3.58 13.18
N ILE A 70 11.89 -4.50 13.02
CA ILE A 70 12.22 -5.91 12.85
C ILE A 70 12.33 -6.29 11.37
N LYS A 71 11.25 -6.11 10.62
CA LYS A 71 11.25 -6.47 9.21
C LYS A 71 11.30 -5.23 8.31
N ARG A 72 12.28 -5.20 7.41
CA ARG A 72 12.44 -4.08 6.49
C ARG A 72 13.12 -4.53 5.21
N ILE A 73 12.43 -4.35 4.08
CA ILE A 73 12.97 -4.72 2.77
C ILE A 73 13.23 -3.47 1.95
N SER A 74 14.35 -3.45 1.22
CA SER A 74 14.71 -2.31 0.41
C SER A 74 15.17 -2.73 -0.99
N THR A 75 14.23 -2.79 -1.93
CA THR A 75 14.54 -3.16 -3.30
C THR A 75 15.29 -2.04 -4.01
N LYS A 76 15.11 -0.81 -3.51
CA LYS A 76 15.78 0.36 -4.07
C LYS A 76 17.29 0.16 -4.08
N GLU A 77 17.81 -0.41 -3.00
CA GLU A 77 19.24 -0.67 -2.87
C GLU A 77 19.71 -1.66 -3.93
N TRP A 78 18.96 -2.74 -4.09
CA TRP A 78 19.30 -3.79 -5.06
C TRP A 78 19.41 -3.20 -6.47
N ALA A 79 18.41 -2.43 -6.86
CA ALA A 79 18.38 -1.82 -8.19
C ALA A 79 19.53 -0.84 -8.37
N LYS A 80 19.82 -0.06 -7.34
CA LYS A 80 20.88 0.94 -7.40
C LYS A 80 22.26 0.28 -7.41
N SER A 81 22.39 -0.87 -6.75
CA SER A 81 23.66 -1.58 -6.69
C SER A 81 23.96 -2.33 -7.99
N THR A 82 22.91 -2.63 -8.74
CA THR A 82 23.08 -3.33 -10.01
C THR A 82 23.23 -2.35 -11.15
N GLY A 83 23.13 -1.06 -10.83
CA GLY A 83 23.24 -0.03 -11.85
C GLY A 83 21.98 0.08 -12.68
N TYR A 84 20.85 -0.29 -12.07
CA TYR A 84 19.55 -0.24 -12.72
C TYR A 84 19.59 -0.95 -14.07
N ASP A 85 20.04 -2.20 -14.06
CA ASP A 85 20.14 -2.98 -15.28
C ASP A 85 18.76 -3.51 -15.69
N PRO A 86 18.28 -3.11 -16.87
CA PRO A 86 16.96 -3.52 -17.38
C PRO A 86 16.78 -5.03 -17.44
N VAL A 87 17.84 -5.75 -17.81
CA VAL A 87 17.77 -7.20 -17.91
C VAL A 87 17.54 -7.82 -16.55
N LYS A 88 18.29 -7.35 -15.56
CA LYS A 88 18.17 -7.85 -14.19
C LYS A 88 16.80 -7.51 -13.61
N LEU A 89 16.37 -6.27 -13.81
CA LEU A 89 15.08 -5.80 -13.29
C LEU A 89 13.94 -6.59 -13.95
N PHE A 90 14.08 -6.84 -15.24
CA PHE A 90 13.06 -7.57 -16.00
C PHE A 90 12.94 -9.01 -15.52
N THR A 91 14.06 -9.70 -15.39
CA THR A 91 14.05 -11.09 -14.96
C THR A 91 13.70 -11.24 -13.48
N LYS A 92 13.62 -10.11 -12.79
CA LYS A 92 13.27 -10.14 -11.38
C LYS A 92 11.79 -9.87 -11.19
N LEU A 93 11.39 -8.64 -11.48
CA LEU A 93 10.01 -8.20 -11.28
C LEU A 93 9.01 -8.94 -12.19
N PHE A 94 9.45 -9.36 -13.36
CA PHE A 94 8.54 -10.03 -14.29
C PHE A 94 8.82 -11.52 -14.41
N LYS A 95 9.73 -12.04 -13.60
CA LYS A 95 10.05 -13.46 -13.66
C LYS A 95 10.23 -14.07 -12.27
N ASP A 96 11.34 -13.75 -11.61
CA ASP A 96 11.65 -14.28 -10.29
C ASP A 96 10.54 -13.98 -9.28
N ASP A 97 10.14 -12.72 -9.21
CA ASP A 97 9.11 -12.30 -8.27
C ASP A 97 7.76 -12.94 -8.61
N ILE A 98 7.51 -13.14 -9.89
CA ILE A 98 6.27 -13.76 -10.34
C ILE A 98 6.26 -15.24 -9.96
N ARG A 99 7.39 -15.89 -10.16
CA ARG A 99 7.53 -17.31 -9.83
C ARG A 99 7.37 -17.49 -8.32
N TYR A 100 7.96 -16.58 -7.56
CA TYR A 100 7.88 -16.63 -6.10
C TYR A 100 6.42 -16.42 -5.66
N LEU A 101 5.71 -15.58 -6.40
CA LEU A 101 4.30 -15.31 -6.10
C LEU A 101 3.44 -16.54 -6.38
N LEU A 102 3.97 -17.46 -7.18
CA LEU A 102 3.26 -18.68 -7.52
C LEU A 102 3.31 -19.68 -6.37
N THR A 103 4.13 -19.40 -5.37
CA THR A 103 4.25 -20.28 -4.22
C THR A 103 2.99 -20.20 -3.34
N MET A 104 2.21 -19.14 -3.53
CA MET A 104 0.98 -18.96 -2.77
C MET A 104 -0.15 -19.70 -3.48
N ASP A 105 -0.18 -21.02 -3.34
CA ASP A 105 -1.18 -21.86 -3.98
C ASP A 105 -2.60 -21.51 -3.54
N LYS A 106 -2.75 -21.06 -2.30
CA LYS A 106 -4.05 -20.70 -1.77
C LYS A 106 -4.59 -19.43 -2.42
N LEU A 107 -3.74 -18.76 -3.19
CA LEU A 107 -4.14 -17.53 -3.87
C LEU A 107 -4.53 -17.84 -5.31
N TRP A 108 -4.05 -18.97 -5.82
CA TRP A 108 -4.35 -19.36 -7.18
C TRP A 108 -5.24 -20.59 -7.21
N ARG A 109 -6.54 -20.36 -7.13
CA ARG A 109 -7.53 -21.44 -7.14
C ARG A 109 -8.68 -21.10 -8.09
N LYS A 110 -9.18 -19.87 -7.96
CA LYS A 110 -10.28 -19.41 -8.79
C LYS A 110 -9.75 -18.69 -10.02
N ARG A 111 -8.57 -18.09 -9.88
CA ARG A 111 -7.95 -17.35 -10.95
C ARG A 111 -6.73 -18.10 -11.48
N LYS A 112 -6.52 -18.03 -12.79
CA LYS A 112 -5.38 -18.67 -13.43
C LYS A 112 -4.07 -18.05 -12.94
N PRO A 113 -3.11 -18.89 -12.51
CA PRO A 113 -1.81 -18.41 -12.02
C PRO A 113 -1.04 -17.65 -13.11
N PRO A 114 -0.35 -16.56 -12.73
CA PRO A 114 0.41 -15.74 -13.67
C PRO A 114 1.57 -16.51 -14.31
N VAL A 115 1.99 -16.07 -15.48
CA VAL A 115 3.09 -16.69 -16.20
C VAL A 115 4.30 -15.77 -16.27
N PRO A 116 5.41 -16.15 -15.62
CA PRO A 116 6.64 -15.35 -15.62
C PRO A 116 7.20 -15.16 -17.02
N LEU A 117 7.74 -13.96 -17.28
CA LEU A 117 8.30 -13.64 -18.57
C LEU A 117 9.82 -13.59 -18.50
N ASP A 118 10.46 -14.06 -19.56
CA ASP A 118 11.91 -14.08 -19.64
C ASP A 118 12.39 -13.09 -20.69
N TRP A 119 13.48 -12.40 -20.41
CA TRP A 119 14.05 -11.41 -21.31
C TRP A 119 14.44 -12.04 -22.65
N ALA A 120 14.94 -13.26 -22.61
CA ALA A 120 15.37 -13.95 -23.83
C ALA A 120 14.17 -14.43 -24.64
N GLU A 121 13.20 -15.00 -23.95
CA GLU A 121 12.01 -15.52 -24.59
C GLU A 121 11.21 -14.40 -25.23
N VAL A 122 11.15 -13.25 -24.57
CA VAL A 122 10.41 -12.11 -25.09
C VAL A 122 11.16 -11.47 -26.27
N GLN A 123 12.48 -11.61 -26.27
CA GLN A 123 13.30 -11.09 -27.35
C GLN A 123 13.08 -11.92 -28.60
N SER A 124 12.68 -13.17 -28.38
CA SER A 124 12.44 -14.10 -29.48
C SER A 124 11.03 -14.67 -29.37
N GLN A 125 10.03 -13.82 -29.61
CA GLN A 125 8.64 -14.24 -29.55
C GLN A 125 8.26 -15.00 -30.82
N GLY A 126 7.48 -16.05 -30.66
CA GLY A 126 7.07 -16.85 -31.81
C GLY A 126 6.03 -16.15 -32.67
N GLU A 127 4.96 -15.67 -32.04
CA GLU A 127 3.87 -14.99 -32.75
C GLU A 127 4.24 -13.54 -33.07
N GLU A 128 5.37 -13.35 -33.74
CA GLU A 128 5.83 -12.02 -34.11
C GLU A 128 6.31 -12.00 -35.56
N THR A 129 6.22 -10.83 -36.19
CA THR A 129 6.67 -10.67 -37.55
C THR A 129 8.19 -10.74 -37.60
N ASN A 130 8.71 -11.88 -38.04
CA ASN A 130 10.16 -12.09 -38.10
C ASN A 130 10.87 -11.07 -38.97
N ALA A 131 10.20 -10.64 -40.03
CA ALA A 131 10.78 -9.66 -40.95
C ALA A 131 10.51 -8.23 -40.49
N SER A 132 9.80 -8.09 -39.37
CA SER A 132 9.48 -6.78 -38.83
C SER A 132 9.47 -6.81 -37.30
N ASP A 133 10.66 -6.84 -36.72
CA ASP A 133 10.82 -6.92 -35.27
C ASP A 133 10.16 -5.74 -34.54
N GLN A 134 10.32 -4.54 -35.08
CA GLN A 134 9.76 -3.34 -34.46
C GLN A 134 8.42 -2.97 -35.07
N GLN A 135 7.86 -3.86 -35.88
CA GLN A 135 6.59 -3.59 -36.52
C GLN A 135 5.59 -4.73 -36.26
N ASN A 136 4.64 -4.44 -35.41
CA ASN A 136 3.60 -5.41 -35.06
C ASN A 136 2.51 -5.41 -36.13
N GLU A 137 1.38 -6.03 -35.81
CA GLU A 137 0.26 -6.11 -36.74
C GLU A 137 -0.21 -4.72 -37.17
N PRO A 138 -0.63 -4.57 -38.44
CA PRO A 138 -1.09 -3.27 -38.98
C PRO A 138 -2.35 -2.77 -38.28
N GLN A 139 -2.37 -1.46 -38.04
CA GLN A 139 -3.50 -0.81 -37.41
C GLN A 139 -3.51 0.68 -37.76
N LEU A 140 -4.70 1.27 -37.84
CA LEU A 140 -4.83 2.67 -38.18
C LEU A 140 -5.30 3.48 -36.97
N GLY A 141 -5.07 4.78 -37.00
CA GLY A 141 -5.47 5.64 -35.91
C GLY A 141 -4.28 6.35 -35.28
N LEU A 142 -4.48 6.90 -34.09
CA LEU A 142 -3.41 7.59 -33.37
C LEU A 142 -2.30 6.60 -33.02
N LYS A 143 -1.07 6.97 -33.35
CA LYS A 143 0.10 6.12 -33.10
C LYS A 143 0.27 5.79 -31.62
N ASP A 144 -0.08 6.75 -30.77
CA ASP A 144 0.05 6.56 -29.32
C ASP A 144 -1.11 5.74 -28.76
N GLN A 145 -2.14 5.56 -29.57
CA GLN A 145 -3.31 4.80 -29.15
C GLN A 145 -3.27 3.39 -29.73
N GLN A 146 -2.14 3.02 -30.32
CA GLN A 146 -1.98 1.70 -30.89
C GLN A 146 -1.47 0.74 -29.85
N VAL A 147 -1.94 -0.50 -29.90
CA VAL A 147 -1.53 -1.53 -28.97
C VAL A 147 -0.30 -2.24 -29.49
N LEU A 148 0.85 -1.91 -28.90
CA LEU A 148 2.10 -2.53 -29.31
C LEU A 148 2.17 -3.97 -28.83
N ASP A 149 3.21 -4.68 -29.26
CA ASP A 149 3.39 -6.07 -28.88
C ASP A 149 4.20 -6.18 -27.59
N VAL A 150 4.31 -7.40 -27.07
CA VAL A 150 5.04 -7.64 -25.84
C VAL A 150 6.54 -7.31 -25.97
N LYS A 151 7.07 -7.49 -27.17
CA LYS A 151 8.48 -7.20 -27.42
C LYS A 151 8.73 -5.71 -27.30
N SER A 152 7.83 -4.95 -27.89
CA SER A 152 7.91 -3.50 -27.90
C SER A 152 7.85 -2.95 -26.48
N TYR A 153 6.91 -3.43 -25.68
CA TYR A 153 6.77 -2.96 -24.31
C TYR A 153 7.95 -3.41 -23.46
N ALA A 154 8.60 -4.50 -23.87
CA ALA A 154 9.76 -5.01 -23.14
C ALA A 154 10.98 -4.12 -23.39
N ARG A 155 11.24 -3.83 -24.66
CA ARG A 155 12.38 -2.98 -25.02
C ARG A 155 12.13 -1.53 -24.61
N LEU A 156 10.88 -1.10 -24.71
CA LEU A 156 10.51 0.27 -24.33
C LEU A 156 10.76 0.46 -22.85
N PHE A 157 10.42 -0.57 -22.07
CA PHE A 157 10.61 -0.56 -20.62
C PHE A 157 12.10 -0.41 -20.31
N SER A 158 12.91 -1.15 -21.07
CA SER A 158 14.35 -1.13 -20.90
C SER A 158 14.93 0.24 -21.25
N LYS A 159 14.51 0.78 -22.38
CA LYS A 159 14.99 2.09 -22.82
C LYS A 159 14.59 3.18 -21.84
N SER A 160 13.39 3.05 -21.27
CA SER A 160 12.91 4.01 -20.30
C SER A 160 13.83 4.02 -19.09
N ILE A 161 14.27 2.84 -18.67
CA ILE A 161 15.17 2.71 -17.53
C ILE A 161 16.51 3.35 -17.86
N GLU A 162 17.01 3.09 -19.07
CA GLU A 162 18.28 3.62 -19.53
C GLU A 162 18.33 5.14 -19.40
N THR A 163 17.31 5.81 -19.93
CA THR A 163 17.26 7.27 -19.89
C THR A 163 16.91 7.77 -18.48
N LEU A 164 16.26 6.95 -17.68
CA LEU A 164 15.91 7.34 -16.32
C LEU A 164 17.13 7.28 -15.41
N ARG A 165 18.04 6.36 -15.72
CA ARG A 165 19.26 6.20 -14.94
C ARG A 165 20.08 7.49 -14.93
N VAL A 166 20.33 8.02 -16.12
CA VAL A 166 21.10 9.24 -16.25
C VAL A 166 20.31 10.42 -15.70
N HIS A 167 18.99 10.37 -15.81
CA HIS A 167 18.13 11.42 -15.31
C HIS A 167 18.29 11.59 -13.81
N LEU A 168 18.40 10.47 -13.12
CA LEU A 168 18.57 10.47 -11.67
C LEU A 168 20.02 10.82 -11.32
N ALA A 169 20.96 10.27 -12.09
CA ALA A 169 22.37 10.49 -11.87
C ALA A 169 22.74 11.97 -12.03
N GLU A 170 22.14 12.63 -13.01
CA GLU A 170 22.40 14.05 -13.25
C GLU A 170 21.93 14.91 -12.09
N LYS A 171 20.95 14.40 -11.36
CA LYS A 171 20.42 15.12 -10.20
C LYS A 171 21.41 15.01 -9.05
N GLY A 172 22.06 13.87 -8.96
CA GLY A 172 23.04 13.65 -7.91
C GLY A 172 22.68 12.48 -7.02
N ASP A 173 23.30 12.42 -5.86
CA ASP A 173 23.05 11.36 -4.89
C ASP A 173 22.00 11.81 -3.89
N GLY A 174 21.13 10.89 -3.51
CA GLY A 174 20.08 11.20 -2.55
C GLY A 174 18.95 11.95 -3.19
N ALA A 175 18.99 12.07 -4.50
CA ALA A 175 17.97 12.77 -5.25
C ALA A 175 16.85 11.82 -5.63
N GLU A 176 15.66 12.35 -5.82
CA GLU A 176 14.50 11.55 -6.19
C GLU A 176 13.82 12.14 -7.41
N LEU A 177 13.36 11.28 -8.29
CA LEU A 177 12.67 11.71 -9.50
C LEU A 177 11.16 11.64 -9.31
N ILE A 178 10.52 12.79 -9.35
CA ILE A 178 9.08 12.87 -9.20
C ILE A 178 8.40 12.42 -10.48
N TRP A 179 7.52 11.41 -10.38
CA TRP A 179 6.83 10.90 -11.55
C TRP A 179 5.93 11.96 -12.16
N ASP A 180 6.03 12.13 -13.46
CA ASP A 180 5.26 13.12 -14.19
C ASP A 180 4.67 12.49 -15.45
N LYS A 181 3.36 12.64 -15.61
CA LYS A 181 2.66 12.09 -16.77
C LYS A 181 2.97 12.91 -18.02
N ASP A 182 3.65 14.03 -17.82
CA ASP A 182 4.03 14.90 -18.92
C ASP A 182 5.46 14.57 -19.37
N ASP A 183 6.13 13.73 -18.60
CA ASP A 183 7.50 13.33 -18.91
C ASP A 183 7.51 12.09 -19.80
N PRO A 184 8.21 12.14 -20.94
CA PRO A 184 8.30 11.01 -21.88
C PRO A 184 8.82 9.74 -21.25
N SER A 185 9.96 9.84 -20.57
CA SER A 185 10.59 8.68 -19.94
C SER A 185 9.72 8.09 -18.84
N ALA A 186 9.20 8.94 -17.96
CA ALA A 186 8.36 8.48 -16.87
C ALA A 186 7.07 7.85 -17.38
N MET A 187 6.55 8.38 -18.48
CA MET A 187 5.32 7.87 -19.06
C MET A 187 5.54 6.53 -19.75
N ASP A 188 6.57 6.44 -20.57
CA ASP A 188 6.86 5.20 -21.28
C ASP A 188 7.17 4.08 -20.29
N PHE A 189 7.81 4.46 -19.18
CA PHE A 189 8.16 3.51 -18.13
C PHE A 189 6.91 2.87 -17.53
N VAL A 190 6.00 3.71 -17.07
CA VAL A 190 4.76 3.25 -16.44
C VAL A 190 3.90 2.46 -17.42
N THR A 191 3.93 2.85 -18.69
CA THR A 191 3.15 2.19 -19.71
C THR A 191 3.67 0.77 -19.97
N SER A 192 4.97 0.67 -20.21
CA SER A 192 5.59 -0.61 -20.48
C SER A 192 5.46 -1.56 -19.29
N ALA A 193 5.74 -1.04 -18.10
CA ALA A 193 5.65 -1.86 -16.88
C ALA A 193 4.25 -2.40 -16.67
N ALA A 194 3.25 -1.55 -16.85
CA ALA A 194 1.86 -1.95 -16.67
C ALA A 194 1.44 -2.99 -17.70
N ASN A 195 1.81 -2.76 -18.96
CA ASN A 195 1.45 -3.67 -20.05
C ASN A 195 2.06 -5.05 -19.84
N LEU A 196 3.33 -5.09 -19.44
CA LEU A 196 4.00 -6.36 -19.20
C LEU A 196 3.33 -7.09 -18.04
N ARG A 197 3.02 -6.33 -16.99
CA ARG A 197 2.38 -6.88 -15.80
C ARG A 197 1.01 -7.48 -16.13
N MET A 198 0.20 -6.75 -16.90
CA MET A 198 -1.13 -7.22 -17.25
C MET A 198 -1.06 -8.43 -18.17
N HIS A 199 -0.03 -8.51 -19.03
CA HIS A 199 0.11 -9.64 -19.94
C HIS A 199 0.41 -10.91 -19.15
N ILE A 200 1.16 -10.75 -18.07
CA ILE A 200 1.53 -11.87 -17.21
C ILE A 200 0.28 -12.48 -16.57
N PHE A 201 -0.73 -11.66 -16.34
CA PHE A 201 -1.98 -12.11 -15.75
C PHE A 201 -3.02 -12.45 -16.83
N SER A 202 -2.53 -12.61 -18.06
CA SER A 202 -3.38 -12.95 -19.21
C SER A 202 -4.45 -11.90 -19.44
N MET A 203 -4.11 -10.64 -19.19
CA MET A 203 -5.03 -9.54 -19.37
C MET A 203 -4.67 -8.76 -20.62
N ASN A 204 -5.66 -8.26 -21.35
CA ASN A 204 -5.43 -7.50 -22.58
C ASN A 204 -4.58 -6.26 -22.29
N MET A 205 -3.73 -5.92 -23.25
CA MET A 205 -2.84 -4.77 -23.11
C MET A 205 -3.57 -3.47 -23.40
N LYS A 206 -2.95 -2.36 -23.04
CA LYS A 206 -3.54 -1.04 -23.26
C LYS A 206 -2.60 -0.14 -24.05
N SER A 207 -3.16 0.83 -24.73
CA SER A 207 -2.39 1.78 -25.52
C SER A 207 -1.70 2.78 -24.59
N ARG A 208 -0.61 3.37 -25.04
CA ARG A 208 0.13 4.34 -24.25
C ARG A 208 -0.74 5.54 -23.92
N PHE A 209 -1.42 6.07 -24.92
CA PHE A 209 -2.29 7.23 -24.76
C PHE A 209 -3.43 6.93 -23.80
N ASP A 210 -3.93 5.69 -23.85
CA ASP A 210 -5.02 5.26 -22.98
C ASP A 210 -4.54 5.17 -21.54
N ILE A 211 -3.40 4.52 -21.35
CA ILE A 211 -2.82 4.37 -20.02
C ILE A 211 -2.48 5.74 -19.44
N LYS A 212 -1.93 6.60 -20.28
CA LYS A 212 -1.53 7.95 -19.88
C LYS A 212 -2.63 8.67 -19.10
N SER A 213 -3.86 8.60 -19.61
CA SER A 213 -5.00 9.26 -18.99
C SER A 213 -5.25 8.77 -17.56
N MET A 214 -5.28 7.46 -17.37
CA MET A 214 -5.54 6.89 -16.05
C MET A 214 -4.30 6.87 -15.17
N ALA A 215 -3.12 6.83 -15.79
CA ALA A 215 -1.87 6.83 -15.04
C ALA A 215 -1.71 8.14 -14.29
N GLY A 216 -1.97 9.24 -14.99
CA GLY A 216 -1.85 10.54 -14.38
C GLY A 216 -3.09 10.92 -13.60
N ASN A 217 -4.26 10.73 -14.24
CA ASN A 217 -5.57 11.04 -13.66
C ASN A 217 -5.58 12.36 -12.88
N MET B 1 12.78 10.90 22.76
CA MET B 1 13.23 11.71 23.92
C MET B 1 12.33 12.92 24.09
N SER B 2 12.21 13.40 25.32
CA SER B 2 11.38 14.55 25.63
C SER B 2 11.76 15.75 24.76
N GLY B 3 10.81 16.63 24.51
CA GLY B 3 11.07 17.80 23.69
C GLY B 3 10.84 17.51 22.22
N ILE B 4 11.68 16.63 21.67
CA ILE B 4 11.60 16.25 20.26
C ILE B 4 10.20 15.73 19.93
N ALA B 5 9.67 14.89 20.82
CA ALA B 5 8.34 14.31 20.65
C ALA B 5 7.27 15.40 20.60
N LEU B 6 7.39 16.38 21.50
CA LEU B 6 6.43 17.46 21.57
C LEU B 6 6.48 18.34 20.33
N SER B 7 7.68 18.54 19.80
CA SER B 7 7.86 19.35 18.60
C SER B 7 7.02 18.80 17.45
N ARG B 8 6.97 17.48 17.36
CA ARG B 8 6.20 16.82 16.32
C ARG B 8 4.71 16.85 16.66
N LEU B 9 4.39 16.61 17.91
CA LEU B 9 3.00 16.61 18.37
C LEU B 9 2.33 17.96 18.12
N ALA B 10 3.06 19.04 18.39
CA ALA B 10 2.55 20.38 18.16
C ALA B 10 2.30 20.61 16.68
N GLN B 11 3.20 20.06 15.87
CA GLN B 11 3.11 20.17 14.41
C GLN B 11 1.88 19.45 13.88
N GLU B 12 1.54 18.33 14.51
CA GLU B 12 0.38 17.54 14.13
C GLU B 12 -0.90 18.33 14.32
N ARG B 13 -0.99 19.03 15.45
CA ARG B 13 -2.17 19.83 15.74
C ARG B 13 -2.33 20.96 14.73
N LYS B 14 -1.21 21.54 14.32
CA LYS B 14 -1.22 22.61 13.34
C LYS B 14 -1.71 22.09 11.99
N ALA B 15 -1.31 20.87 11.66
CA ALA B 15 -1.71 20.24 10.41
C ALA B 15 -3.19 19.86 10.46
N TRP B 16 -3.62 19.32 11.59
CA TRP B 16 -5.00 18.90 11.77
C TRP B 16 -5.94 20.08 11.65
N ARG B 17 -5.56 21.19 12.29
CA ARG B 17 -6.37 22.41 12.26
C ARG B 17 -6.40 22.98 10.84
N LYS B 18 -5.31 22.77 10.10
CA LYS B 18 -5.22 23.26 8.75
C LYS B 18 -6.12 22.47 7.80
N ASP B 19 -6.12 21.14 7.93
CA ASP B 19 -6.94 20.29 7.08
C ASP B 19 -7.16 18.93 7.72
N HIS B 20 -8.41 18.48 7.70
CA HIS B 20 -8.79 17.19 8.27
C HIS B 20 -10.09 16.69 7.65
N PRO B 21 -10.31 15.37 7.62
CA PRO B 21 -11.52 14.78 7.05
C PRO B 21 -12.77 15.17 7.82
N PHE B 22 -13.87 15.36 7.10
CA PHE B 22 -15.15 15.75 7.69
C PHE B 22 -15.67 14.66 8.63
N GLY B 23 -16.04 15.07 9.84
CA GLY B 23 -16.56 14.15 10.82
C GLY B 23 -15.52 13.71 11.82
N PHE B 24 -14.26 13.80 11.43
CA PHE B 24 -13.16 13.38 12.30
C PHE B 24 -12.82 14.46 13.33
N VAL B 25 -12.71 14.05 14.58
CA VAL B 25 -12.39 14.97 15.66
C VAL B 25 -11.10 14.53 16.33
N ALA B 26 -10.23 15.48 16.65
CA ALA B 26 -8.97 15.19 17.32
C ALA B 26 -8.52 16.40 18.12
N VAL B 27 -8.40 16.22 19.43
CA VAL B 27 -7.99 17.31 20.30
C VAL B 27 -7.21 16.76 21.51
N PRO B 28 -6.04 17.36 21.82
CA PRO B 28 -5.23 16.94 22.96
C PRO B 28 -5.96 17.14 24.29
N THR B 29 -5.55 16.39 25.31
CA THR B 29 -6.18 16.50 26.62
C THR B 29 -5.84 17.83 27.27
N LYS B 30 -6.87 18.50 27.77
CA LYS B 30 -6.67 19.79 28.42
C LYS B 30 -6.25 19.58 29.87
N ASN B 31 -5.23 20.32 30.28
CA ASN B 31 -4.71 20.23 31.63
C ASN B 31 -5.15 21.44 32.43
N PRO B 32 -5.15 21.34 33.77
CA PRO B 32 -5.54 22.46 34.64
C PRO B 32 -4.68 23.70 34.41
N ASP B 33 -5.13 24.83 34.96
CA ASP B 33 -4.46 26.14 34.85
C ASP B 33 -4.34 26.65 33.42
N GLY B 34 -4.69 25.84 32.43
CA GLY B 34 -4.64 26.29 31.06
C GLY B 34 -3.65 25.54 30.20
N THR B 35 -2.94 24.58 30.77
CA THR B 35 -1.96 23.81 30.02
C THR B 35 -2.64 22.77 29.14
N MET B 36 -1.89 22.17 28.24
CA MET B 36 -2.42 21.14 27.34
C MET B 36 -1.44 19.99 27.22
N ASN B 37 -1.95 18.76 27.25
CA ASN B 37 -1.11 17.59 27.14
C ASN B 37 -1.11 17.07 25.71
N LEU B 38 -0.03 17.31 24.99
CA LEU B 38 0.09 16.88 23.61
C LEU B 38 0.45 15.40 23.51
N MET B 39 0.71 14.77 24.65
CA MET B 39 1.09 13.36 24.66
C MET B 39 -0.13 12.46 24.84
N ASN B 40 -1.32 13.06 24.85
CA ASN B 40 -2.55 12.31 25.00
C ASN B 40 -3.69 13.03 24.31
N TRP B 41 -4.16 12.47 23.21
CA TRP B 41 -5.24 13.07 22.44
C TRP B 41 -6.54 12.28 22.56
N GLU B 42 -7.66 12.98 22.52
CA GLU B 42 -8.97 12.34 22.58
C GLU B 42 -9.65 12.55 21.24
N CYS B 43 -9.45 11.61 20.33
CA CYS B 43 -10.01 11.69 19.00
C CYS B 43 -11.34 10.95 18.87
N ALA B 44 -12.07 11.27 17.81
CA ALA B 44 -13.36 10.65 17.53
C ALA B 44 -13.48 10.35 16.04
N ILE B 45 -13.75 9.10 15.71
CA ILE B 45 -13.87 8.69 14.33
C ILE B 45 -15.32 8.32 14.01
N PRO B 46 -15.89 8.94 12.97
CA PRO B 46 -17.26 8.68 12.55
C PRO B 46 -17.36 7.41 11.71
N GLY B 47 -18.57 6.86 11.62
CA GLY B 47 -18.77 5.65 10.85
C GLY B 47 -18.55 5.89 9.37
N LYS B 48 -17.93 4.93 8.71
CA LYS B 48 -17.66 5.03 7.28
C LYS B 48 -18.96 5.02 6.48
N LYS B 49 -19.07 5.92 5.52
CA LYS B 49 -20.27 6.03 4.69
C LYS B 49 -20.51 4.74 3.89
N GLY B 50 -21.75 4.28 3.89
CA GLY B 50 -22.10 3.07 3.16
C GLY B 50 -21.78 1.80 3.91
N THR B 51 -21.52 1.92 5.21
CA THR B 51 -21.20 0.77 6.03
C THR B 51 -22.09 0.75 7.26
N PRO B 52 -22.24 -0.42 7.92
CA PRO B 52 -23.06 -0.53 9.14
C PRO B 52 -22.55 0.33 10.30
N TRP B 53 -21.35 0.88 10.13
CA TRP B 53 -20.74 1.74 11.16
C TRP B 53 -21.19 3.18 10.98
N GLU B 54 -21.70 3.50 9.80
CA GLU B 54 -22.16 4.86 9.48
C GLU B 54 -23.23 5.34 10.45
N GLY B 55 -23.08 6.58 10.90
CA GLY B 55 -24.04 7.15 11.81
C GLY B 55 -23.65 6.95 13.25
N GLY B 56 -22.36 7.02 13.53
CA GLY B 56 -21.89 6.84 14.88
C GLY B 56 -20.54 7.49 15.11
N LEU B 57 -20.30 7.97 16.33
CA LEU B 57 -19.04 8.61 16.66
C LEU B 57 -18.26 7.73 17.63
N PHE B 58 -17.20 7.13 17.13
CA PHE B 58 -16.36 6.26 17.94
C PHE B 58 -15.16 7.02 18.50
N LYS B 59 -15.16 7.21 19.81
CA LYS B 59 -14.10 7.94 20.49
C LYS B 59 -12.97 7.00 20.92
N LEU B 60 -11.73 7.45 20.72
CA LEU B 60 -10.57 6.67 21.09
C LEU B 60 -9.52 7.57 21.73
N ARG B 61 -8.73 6.99 22.62
CA ARG B 61 -7.68 7.72 23.31
C ARG B 61 -6.33 7.42 22.67
N MET B 62 -5.64 8.48 22.27
CA MET B 62 -4.35 8.34 21.62
C MET B 62 -3.23 8.58 22.62
N LEU B 63 -2.51 7.52 22.96
CA LEU B 63 -1.42 7.61 23.92
C LEU B 63 -0.09 7.77 23.19
N PHE B 64 0.57 8.89 23.43
CA PHE B 64 1.85 9.18 22.82
C PHE B 64 2.96 9.06 23.85
N LYS B 65 4.10 8.52 23.44
CA LYS B 65 5.23 8.34 24.32
C LYS B 65 6.31 9.37 24.02
N ASP B 66 7.29 9.49 24.91
CA ASP B 66 8.38 10.44 24.73
C ASP B 66 9.30 10.00 23.61
N ASP B 67 9.12 8.77 23.15
CA ASP B 67 9.92 8.22 22.07
C ASP B 67 9.38 8.62 20.71
N TYR B 68 8.34 9.44 20.71
CA TYR B 68 7.72 9.91 19.47
C TYR B 68 8.73 10.80 18.70
N PRO B 69 8.71 10.78 17.36
CA PRO B 69 7.80 9.98 16.55
C PRO B 69 8.35 8.61 16.16
N SER B 70 9.32 8.12 16.93
CA SER B 70 9.90 6.82 16.65
C SER B 70 8.95 5.71 17.11
N SER B 71 8.33 5.92 18.26
CA SER B 71 7.39 4.95 18.81
C SER B 71 5.98 5.21 18.28
N PRO B 72 5.25 4.15 17.93
CA PRO B 72 3.88 4.27 17.41
C PRO B 72 2.88 4.64 18.50
N PRO B 73 1.90 5.51 18.17
CA PRO B 73 0.89 5.94 19.13
C PRO B 73 -0.11 4.84 19.45
N LYS B 74 -0.25 4.54 20.73
CA LYS B 74 -1.18 3.51 21.16
C LYS B 74 -2.59 4.07 21.22
N CYS B 75 -3.42 3.63 20.30
CA CYS B 75 -4.80 4.08 20.23
C CYS B 75 -5.72 3.07 20.89
N LYS B 76 -6.47 3.52 21.89
CA LYS B 76 -7.39 2.65 22.61
C LYS B 76 -8.80 3.22 22.55
N PHE B 77 -9.74 2.44 22.04
CA PHE B 77 -11.13 2.88 21.94
C PHE B 77 -11.73 3.08 23.32
N GLU B 78 -12.48 4.16 23.49
CA GLU B 78 -13.11 4.46 24.75
C GLU B 78 -14.62 4.62 24.57
N PRO B 79 -15.41 3.59 24.91
CA PRO B 79 -14.94 2.31 25.46
C PRO B 79 -14.59 1.31 24.36
N PRO B 80 -14.02 0.14 24.71
CA PRO B 80 -13.67 -0.91 23.74
C PRO B 80 -14.86 -1.27 22.85
N LEU B 81 -14.63 -1.30 21.55
CA LEU B 81 -15.69 -1.60 20.60
C LEU B 81 -15.61 -3.01 20.06
N PHE B 82 -16.72 -3.48 19.52
CA PHE B 82 -16.82 -4.81 18.95
C PHE B 82 -16.17 -4.85 17.57
N HIS B 83 -14.94 -5.34 17.54
CA HIS B 83 -14.18 -5.43 16.30
C HIS B 83 -13.06 -6.46 16.48
N PRO B 84 -12.95 -7.43 15.56
CA PRO B 84 -11.93 -8.50 15.63
C PRO B 84 -10.50 -7.99 15.78
N ASN B 85 -10.20 -6.82 15.23
CA ASN B 85 -8.83 -6.27 15.32
C ASN B 85 -8.70 -5.30 16.49
N VAL B 86 -9.65 -5.33 17.41
CA VAL B 86 -9.62 -4.46 18.57
C VAL B 86 -9.63 -5.32 19.83
N TYR B 87 -8.61 -5.16 20.66
CA TYR B 87 -8.50 -5.93 21.89
C TYR B 87 -9.59 -5.53 22.88
N PRO B 88 -9.99 -6.44 23.76
CA PRO B 88 -11.03 -6.18 24.77
C PRO B 88 -10.68 -5.01 25.69
N SER B 89 -9.40 -4.64 25.70
CA SER B 89 -8.92 -3.53 26.51
C SER B 89 -9.12 -2.20 25.78
N GLY B 90 -9.44 -2.29 24.49
CA GLY B 90 -9.65 -1.09 23.69
C GLY B 90 -8.50 -0.84 22.74
N THR B 91 -7.37 -1.46 23.00
CA THR B 91 -6.18 -1.30 22.17
C THR B 91 -6.43 -1.79 20.74
N VAL B 92 -6.25 -0.89 19.78
CA VAL B 92 -6.44 -1.21 18.38
C VAL B 92 -5.12 -1.66 17.77
N CYS B 93 -5.17 -2.70 16.95
CA CYS B 93 -3.95 -3.20 16.31
C CYS B 93 -3.99 -2.93 14.82
N LEU B 94 -2.89 -2.42 14.30
CA LEU B 94 -2.76 -2.10 12.88
C LEU B 94 -1.29 -2.10 12.50
N SER B 95 -1.00 -2.38 11.22
CA SER B 95 0.36 -2.44 10.71
C SER B 95 1.12 -1.13 10.96
N ILE B 96 0.43 0.00 10.81
CA ILE B 96 1.06 1.30 11.01
C ILE B 96 1.06 1.71 12.49
N LEU B 97 0.62 0.80 13.35
CA LEU B 97 0.59 1.08 14.78
C LEU B 97 1.61 0.21 15.50
N GLU B 98 2.44 -0.47 14.71
CA GLU B 98 3.47 -1.35 15.25
C GLU B 98 4.83 -0.93 14.72
N GLU B 99 5.74 -0.66 15.63
CA GLU B 99 7.10 -0.19 15.29
C GLU B 99 7.88 -1.22 14.49
N ASP B 100 7.47 -2.46 14.53
CA ASP B 100 8.16 -3.53 13.83
C ASP B 100 7.56 -3.81 12.46
N LYS B 101 6.47 -3.12 12.13
CA LYS B 101 5.80 -3.35 10.86
C LYS B 101 5.84 -2.14 9.93
N ASP B 102 4.68 -1.67 9.48
CA ASP B 102 4.62 -0.55 8.54
C ASP B 102 4.59 0.81 9.21
N TRP B 103 4.91 0.90 10.49
CA TRP B 103 4.91 2.18 11.18
C TRP B 103 6.10 3.02 10.72
N ARG B 104 5.80 4.18 10.16
CA ARG B 104 6.83 5.10 9.70
C ARG B 104 6.66 6.44 10.39
N PRO B 105 7.75 7.06 10.86
CA PRO B 105 7.71 8.35 11.53
C PRO B 105 7.13 9.46 10.67
N ALA B 106 7.12 9.25 9.35
CA ALA B 106 6.62 10.24 8.42
C ALA B 106 5.09 10.24 8.38
N ILE B 107 4.47 9.23 8.98
CA ILE B 107 3.02 9.13 9.01
C ILE B 107 2.42 10.17 9.93
N THR B 108 1.43 10.89 9.42
CA THR B 108 0.75 11.93 10.18
C THR B 108 -0.51 11.36 10.85
N ILE B 109 -0.91 11.97 11.97
CA ILE B 109 -2.10 11.54 12.72
C ILE B 109 -3.32 11.42 11.81
N LYS B 110 -3.42 12.33 10.84
CA LYS B 110 -4.54 12.32 9.90
C LYS B 110 -4.61 10.98 9.17
N GLN B 111 -3.47 10.46 8.78
CA GLN B 111 -3.40 9.19 8.08
C GLN B 111 -3.77 8.05 9.00
N ILE B 112 -3.27 8.11 10.23
CA ILE B 112 -3.55 7.08 11.23
C ILE B 112 -5.05 6.97 11.50
N LEU B 113 -5.68 8.12 11.74
CA LEU B 113 -7.11 8.15 12.03
C LEU B 113 -7.93 7.55 10.88
N LEU B 114 -7.57 7.91 9.64
CA LEU B 114 -8.26 7.40 8.47
C LEU B 114 -8.08 5.89 8.36
N GLY B 115 -6.88 5.43 8.69
CA GLY B 115 -6.58 4.01 8.64
C GLY B 115 -7.42 3.21 9.61
N ILE B 116 -7.65 3.77 10.79
CA ILE B 116 -8.46 3.10 11.80
C ILE B 116 -9.92 2.98 11.33
N GLN B 117 -10.41 4.02 10.66
CA GLN B 117 -11.78 4.01 10.15
C GLN B 117 -11.94 2.93 9.10
N GLU B 118 -10.96 2.84 8.21
CA GLU B 118 -10.99 1.84 7.16
C GLU B 118 -10.95 0.44 7.77
N LEU B 119 -10.16 0.29 8.84
CA LEU B 119 -10.02 -0.97 9.55
C LEU B 119 -11.36 -1.43 10.12
N LEU B 120 -12.17 -0.48 10.55
CA LEU B 120 -13.48 -0.80 11.11
C LEU B 120 -14.36 -1.51 10.08
N ASN B 121 -14.36 -0.96 8.87
CA ASN B 121 -15.15 -1.53 7.79
C ASN B 121 -14.50 -2.79 7.22
N GLU B 122 -13.18 -2.77 7.10
CA GLU B 122 -12.45 -3.92 6.57
C GLU B 122 -11.54 -4.51 7.64
N PRO B 123 -12.01 -5.54 8.33
CA PRO B 123 -11.25 -6.21 9.38
C PRO B 123 -10.34 -7.30 8.83
N ASN B 124 -9.21 -7.50 9.48
CA ASN B 124 -8.26 -8.51 9.07
C ASN B 124 -8.51 -9.79 9.84
N ILE B 125 -8.86 -10.85 9.12
CA ILE B 125 -9.16 -12.15 9.73
C ILE B 125 -7.87 -12.89 10.13
N GLN B 126 -6.75 -12.21 10.03
CA GLN B 126 -5.47 -12.79 10.36
C GLN B 126 -5.09 -12.50 11.82
N ASP B 127 -5.42 -11.30 12.28
CA ASP B 127 -5.12 -10.89 13.65
C ASP B 127 -6.36 -10.93 14.52
N PRO B 128 -6.48 -11.95 15.38
CA PRO B 128 -7.61 -12.11 16.28
C PRO B 128 -7.41 -11.42 17.61
N ALA B 129 -7.74 -10.13 17.67
CA ALA B 129 -7.60 -9.37 18.90
C ALA B 129 -8.80 -9.59 19.80
N GLN B 130 -9.99 -9.63 19.20
CA GLN B 130 -11.22 -9.86 19.93
C GLN B 130 -11.78 -11.23 19.55
N ALA B 131 -11.63 -12.17 20.47
CA ALA B 131 -12.06 -13.56 20.26
C ALA B 131 -13.50 -13.68 19.76
N GLU B 132 -14.45 -13.17 20.54
CA GLU B 132 -15.87 -13.26 20.18
C GLU B 132 -16.14 -12.70 18.78
N ALA B 133 -15.70 -11.48 18.54
CA ALA B 133 -15.90 -10.82 17.25
C ALA B 133 -15.27 -11.62 16.12
N TYR B 134 -14.07 -12.15 16.40
CA TYR B 134 -13.34 -12.94 15.41
C TYR B 134 -14.07 -14.24 15.07
N THR B 135 -14.74 -14.82 16.07
CA THR B 135 -15.46 -16.05 15.87
C THR B 135 -16.77 -15.82 15.12
N ILE B 136 -17.57 -14.86 15.57
CA ILE B 136 -18.85 -14.56 14.96
C ILE B 136 -18.71 -14.06 13.53
N TYR B 137 -17.75 -13.17 13.29
CA TYR B 137 -17.54 -12.60 11.96
C TYR B 137 -17.22 -13.68 10.92
N CYS B 138 -16.59 -14.75 11.35
CA CYS B 138 -16.20 -15.83 10.44
C CYS B 138 -17.31 -16.86 10.23
N GLN B 139 -18.15 -17.10 11.24
CA GLN B 139 -19.19 -18.12 11.11
C GLN B 139 -20.57 -17.53 10.81
N ASN B 140 -20.84 -16.33 11.29
CA ASN B 140 -22.15 -15.71 11.07
C ASN B 140 -22.01 -14.23 10.79
N ARG B 141 -21.93 -13.88 9.50
CA ARG B 141 -21.78 -12.50 9.08
C ARG B 141 -23.03 -11.70 9.45
N VAL B 142 -24.20 -12.32 9.33
CA VAL B 142 -25.45 -11.65 9.63
C VAL B 142 -25.50 -11.20 11.09
N GLU B 143 -25.16 -12.11 11.99
CA GLU B 143 -25.16 -11.81 13.42
C GLU B 143 -24.11 -10.75 13.76
N TYR B 144 -23.05 -10.70 12.97
CA TYR B 144 -22.00 -9.71 13.18
C TYR B 144 -22.50 -8.31 12.80
N GLU B 145 -23.16 -8.23 11.64
CA GLU B 145 -23.69 -6.96 11.16
C GLU B 145 -24.67 -6.36 12.15
N LYS B 146 -25.54 -7.20 12.70
CA LYS B 146 -26.54 -6.75 13.66
C LYS B 146 -25.89 -6.10 14.87
N ARG B 147 -24.81 -6.71 15.36
CA ARG B 147 -24.08 -6.21 16.50
C ARG B 147 -23.44 -4.86 16.19
N VAL B 148 -22.92 -4.73 14.97
CA VAL B 148 -22.29 -3.50 14.54
C VAL B 148 -23.32 -2.38 14.40
N ARG B 149 -24.45 -2.70 13.79
CA ARG B 149 -25.53 -1.75 13.58
C ARG B 149 -26.00 -1.16 14.92
N ALA B 150 -26.22 -2.04 15.89
CA ALA B 150 -26.67 -1.61 17.21
C ALA B 150 -25.60 -0.78 17.91
N GLN B 151 -24.35 -1.07 17.62
CA GLN B 151 -23.23 -0.35 18.21
C GLN B 151 -23.16 1.06 17.65
N ALA B 152 -23.37 1.17 16.34
CA ALA B 152 -23.34 2.46 15.67
C ALA B 152 -24.46 3.35 16.20
N LYS B 153 -25.63 2.78 16.41
CA LYS B 153 -26.78 3.52 16.92
C LYS B 153 -26.56 3.88 18.39
N LYS B 154 -25.73 3.12 19.07
CA LYS B 154 -25.42 3.37 20.47
C LYS B 154 -24.57 4.64 20.60
N PHE B 155 -23.73 4.87 19.60
CA PHE B 155 -22.87 6.04 19.60
C PHE B 155 -23.33 7.04 18.55
N ALA B 156 -24.60 6.94 18.17
CA ALA B 156 -25.18 7.82 17.17
C ALA B 156 -25.31 9.24 17.70
N PRO B 157 -24.75 10.23 16.98
CA PRO B 157 -24.82 11.64 17.37
C PRO B 157 -26.26 12.12 17.52
N SER B 158 -26.62 12.49 18.74
CA SER B 158 -27.96 12.97 19.03
C SER B 158 -27.87 14.34 19.68
N THR A 1 -15.38 9.83 -3.86
CA THR A 1 -13.95 9.83 -3.51
C THR A 1 -13.22 8.78 -4.34
N GLN A 2 -11.93 8.99 -4.57
CA GLN A 2 -11.14 8.03 -5.34
C GLN A 2 -11.01 6.73 -4.56
N ARG A 3 -10.95 5.61 -5.28
CA ARG A 3 -10.84 4.31 -4.64
C ARG A 3 -9.39 3.92 -4.45
N THR A 4 -9.01 3.72 -3.20
CA THR A 4 -7.65 3.33 -2.87
C THR A 4 -7.46 1.83 -3.07
N PHE A 5 -6.28 1.45 -3.52
CA PHE A 5 -5.98 0.04 -3.76
C PHE A 5 -4.95 -0.47 -2.76
N PRO A 6 -5.33 -1.45 -1.92
CA PRO A 6 -4.42 -2.03 -0.93
C PRO A 6 -3.21 -2.67 -1.59
N GLY A 7 -2.05 -2.54 -0.94
CA GLY A 7 -0.83 -3.10 -1.48
C GLY A 7 -0.88 -4.60 -1.67
N CYS A 8 -1.72 -5.27 -0.89
CA CYS A 8 -1.87 -6.73 -1.00
C CYS A 8 -2.36 -7.13 -2.39
N THR A 9 -3.53 -6.65 -2.77
CA THR A 9 -4.10 -6.97 -4.07
C THR A 9 -3.28 -6.36 -5.21
N ILE A 10 -2.43 -5.40 -4.88
CA ILE A 10 -1.59 -4.76 -5.89
C ILE A 10 -0.38 -5.63 -6.18
N ARG A 11 0.27 -6.12 -5.13
CA ARG A 11 1.45 -6.96 -5.28
C ARG A 11 1.09 -8.41 -5.56
N ASN A 12 0.01 -8.89 -4.97
CA ASN A 12 -0.42 -10.28 -5.15
C ASN A 12 -1.24 -10.47 -6.43
N THR A 13 -2.56 -10.42 -6.31
CA THR A 13 -3.44 -10.64 -7.44
C THR A 13 -4.14 -9.36 -7.90
N PRO A 14 -3.58 -8.68 -8.92
CA PRO A 14 -4.14 -7.46 -9.48
C PRO A 14 -5.08 -7.77 -10.64
N SER A 15 -6.25 -8.32 -10.33
CA SER A 15 -7.23 -8.69 -11.34
C SER A 15 -8.01 -7.46 -11.83
N GLU A 16 -7.29 -6.50 -12.40
CA GLU A 16 -7.87 -5.29 -12.93
C GLU A 16 -6.80 -4.48 -13.65
N PRO A 17 -7.12 -3.90 -14.82
CA PRO A 17 -6.17 -3.10 -15.60
C PRO A 17 -5.48 -2.00 -14.78
N ILE A 18 -6.27 -1.19 -14.08
CA ILE A 18 -5.71 -0.11 -13.27
C ILE A 18 -4.89 -0.66 -12.10
N HIS A 19 -5.21 -1.88 -11.68
CA HIS A 19 -4.49 -2.52 -10.58
C HIS A 19 -3.03 -2.71 -10.96
N CYS A 20 -2.79 -3.00 -12.23
CA CYS A 20 -1.44 -3.19 -12.74
C CYS A 20 -0.75 -1.84 -12.94
N ILE A 21 -1.54 -0.83 -13.28
CA ILE A 21 -1.02 0.51 -13.49
C ILE A 21 -0.49 1.10 -12.18
N VAL A 22 -1.26 0.89 -11.10
CA VAL A 22 -0.86 1.38 -9.79
C VAL A 22 0.45 0.73 -9.36
N TRP A 23 0.59 -0.56 -9.65
CA TRP A 23 1.79 -1.31 -9.32
C TRP A 23 2.99 -0.68 -10.01
N ALA A 24 2.80 -0.30 -11.28
CA ALA A 24 3.85 0.31 -12.07
C ALA A 24 4.23 1.68 -11.51
N LYS A 25 3.23 2.42 -11.03
CA LYS A 25 3.48 3.75 -10.46
C LYS A 25 4.33 3.62 -9.21
N TYR A 26 4.03 2.60 -8.40
CA TYR A 26 4.79 2.36 -7.17
C TYR A 26 6.19 1.86 -7.54
N LEU A 27 6.27 1.09 -8.61
CA LEU A 27 7.54 0.55 -9.09
C LEU A 27 8.51 1.68 -9.39
N PHE A 28 8.01 2.72 -10.05
CA PHE A 28 8.83 3.88 -10.41
C PHE A 28 9.38 4.54 -9.16
N ASN A 29 8.51 4.72 -8.16
CA ASN A 29 8.89 5.35 -6.91
C ASN A 29 9.90 4.50 -6.15
N GLN A 30 9.73 3.19 -6.19
CA GLN A 30 10.62 2.28 -5.48
C GLN A 30 11.89 2.00 -6.29
N LEU A 31 12.11 2.80 -7.33
CA LEU A 31 13.29 2.64 -8.17
C LEU A 31 14.03 3.97 -8.30
N PHE A 32 13.31 5.01 -8.68
CA PHE A 32 13.91 6.33 -8.88
C PHE A 32 13.32 7.37 -7.93
N GLY A 33 12.32 6.97 -7.15
CA GLY A 33 11.68 7.91 -6.23
C GLY A 33 11.98 7.61 -4.78
N GLU A 34 10.97 7.77 -3.94
CA GLU A 34 11.12 7.53 -2.50
C GLU A 34 10.74 6.10 -2.15
N GLU A 35 11.33 5.58 -1.09
CA GLU A 35 11.08 4.22 -0.65
C GLU A 35 10.05 4.19 0.48
N ASP A 36 9.33 3.09 0.58
CA ASP A 36 8.31 2.91 1.62
C ASP A 36 8.12 1.43 1.90
N ALA A 37 7.91 1.09 3.17
CA ALA A 37 7.73 -0.30 3.57
C ALA A 37 6.36 -0.83 3.17
N ASP A 38 5.33 -0.01 3.36
CA ASP A 38 3.96 -0.41 3.04
C ASP A 38 3.73 -0.42 1.53
N GLN A 39 4.19 0.62 0.85
CA GLN A 39 4.01 0.73 -0.60
C GLN A 39 5.14 0.04 -1.36
N GLU A 40 5.54 -1.15 -0.93
CA GLU A 40 6.59 -1.90 -1.62
C GLU A 40 6.06 -2.39 -2.96
N VAL A 41 6.96 -2.79 -3.84
CA VAL A 41 6.58 -3.26 -5.15
C VAL A 41 6.87 -4.77 -5.29
N SER A 42 7.82 -5.26 -4.50
CA SER A 42 8.19 -6.67 -4.54
C SER A 42 7.23 -7.48 -3.66
N PRO A 43 6.97 -8.76 -4.01
CA PRO A 43 6.08 -9.63 -3.24
C PRO A 43 6.52 -9.74 -1.78
N ASP A 44 5.58 -9.53 -0.87
CA ASP A 44 5.88 -9.57 0.55
C ASP A 44 6.21 -10.98 1.02
N ARG A 45 7.09 -11.07 2.01
CA ARG A 45 7.48 -12.36 2.56
C ARG A 45 6.57 -12.69 3.74
N ALA A 46 5.81 -11.70 4.17
CA ALA A 46 4.87 -11.86 5.27
C ALA A 46 3.49 -12.17 4.72
N ASP A 47 3.46 -12.69 3.51
CA ASP A 47 2.21 -13.04 2.84
C ASP A 47 1.43 -14.05 3.66
N PRO A 48 0.08 -13.92 3.68
CA PRO A 48 -0.79 -14.82 4.44
C PRO A 48 -0.64 -16.31 4.10
N GLU A 49 0.00 -16.62 2.97
CA GLU A 49 0.19 -18.02 2.59
C GLU A 49 1.64 -18.44 2.78
N ALA A 50 2.44 -17.58 3.40
CA ALA A 50 3.84 -17.88 3.65
C ALA A 50 4.03 -18.49 5.03
N ALA A 51 4.62 -17.73 5.95
CA ALA A 51 4.86 -18.22 7.31
C ALA A 51 4.91 -17.07 8.31
N TRP A 52 3.77 -16.42 8.49
CA TRP A 52 3.67 -15.30 9.42
C TRP A 52 2.37 -15.40 10.20
N GLU A 53 2.33 -14.77 11.37
CA GLU A 53 1.16 -14.80 12.22
C GLU A 53 0.10 -13.78 11.78
N PRO A 54 0.38 -12.44 11.79
CA PRO A 54 1.65 -11.85 12.19
C PRO A 54 1.66 -11.45 13.67
N THR A 55 2.80 -10.95 14.13
CA THR A 55 2.95 -10.55 15.51
C THR A 55 2.04 -9.37 15.88
N GLU A 56 1.62 -9.30 17.14
CA GLU A 56 0.75 -8.23 17.60
C GLU A 56 1.51 -7.20 18.43
N ALA A 57 2.77 -7.51 18.71
CA ALA A 57 3.68 -6.64 19.47
C ALA A 57 3.37 -6.62 20.97
N GLU A 58 2.10 -6.62 21.32
CA GLU A 58 1.67 -6.59 22.72
C GLU A 58 2.11 -7.86 23.45
N ALA A 59 1.37 -8.94 23.25
CA ALA A 59 1.70 -10.20 23.91
C ALA A 59 2.40 -11.14 22.95
N ARG A 60 3.73 -11.10 22.94
CA ARG A 60 4.50 -11.95 22.06
C ARG A 60 5.16 -13.07 22.87
N ALA A 61 5.05 -14.30 22.38
CA ALA A 61 5.64 -15.45 23.06
C ALA A 61 7.15 -15.43 22.89
N ARG A 62 7.59 -14.92 21.75
CA ARG A 62 9.01 -14.80 21.45
C ARG A 62 9.50 -13.42 21.84
N ALA A 63 10.80 -13.28 21.99
CA ALA A 63 11.38 -11.99 22.35
C ALA A 63 11.67 -11.18 21.10
N SER A 64 11.35 -9.90 21.12
CA SER A 64 11.58 -9.03 19.98
C SER A 64 13.06 -8.65 19.89
N ASN A 65 13.84 -9.50 19.23
CA ASN A 65 15.26 -9.25 19.08
C ASN A 65 15.67 -9.21 17.62
N GLU A 66 14.69 -9.32 16.73
CA GLU A 66 14.95 -9.29 15.29
C GLU A 66 15.31 -7.90 14.82
N ASP A 67 16.61 -7.65 14.71
CA ASP A 67 17.11 -6.36 14.26
C ASP A 67 16.98 -6.23 12.75
N GLY A 68 16.20 -5.25 12.31
CA GLY A 68 16.00 -5.04 10.89
C GLY A 68 14.80 -5.80 10.37
N ASP A 69 14.16 -5.27 9.35
CA ASP A 69 12.98 -5.90 8.76
C ASP A 69 13.39 -7.12 7.95
N ILE A 70 12.64 -8.20 8.08
CA ILE A 70 12.94 -9.44 7.35
C ILE A 70 11.75 -9.91 6.50
N LYS A 71 10.81 -9.02 6.23
CA LYS A 71 9.66 -9.36 5.43
C LYS A 71 9.65 -8.54 4.13
N ARG A 72 10.24 -7.36 4.20
CA ARG A 72 10.33 -6.48 3.05
C ARG A 72 11.75 -6.53 2.49
N ILE A 73 11.97 -5.89 1.35
CA ILE A 73 13.28 -5.89 0.73
C ILE A 73 13.56 -4.53 0.09
N SER A 74 14.81 -4.10 0.15
CA SER A 74 15.22 -2.83 -0.43
C SER A 74 15.32 -2.94 -1.95
N THR A 75 14.20 -2.71 -2.62
CA THR A 75 14.14 -2.79 -4.08
C THR A 75 14.96 -1.66 -4.71
N LYS A 76 14.83 -0.45 -4.17
CA LYS A 76 15.55 0.70 -4.68
C LYS A 76 17.06 0.48 -4.56
N GLU A 77 17.50 0.00 -3.39
CA GLU A 77 18.91 -0.26 -3.16
C GLU A 77 19.42 -1.33 -4.12
N TRP A 78 18.67 -2.41 -4.26
CA TRP A 78 19.06 -3.51 -5.14
C TRP A 78 19.26 -3.03 -6.58
N ALA A 79 18.27 -2.32 -7.10
CA ALA A 79 18.32 -1.81 -8.47
C ALA A 79 19.46 -0.82 -8.66
N LYS A 80 19.66 0.04 -7.67
CA LYS A 80 20.73 1.04 -7.75
C LYS A 80 22.11 0.36 -7.69
N SER A 81 22.22 -0.69 -6.89
CA SER A 81 23.48 -1.40 -6.74
C SER A 81 23.83 -2.19 -8.00
N THR A 82 22.82 -2.52 -8.81
CA THR A 82 23.04 -3.27 -10.03
C THR A 82 23.22 -2.34 -11.23
N GLY A 83 23.19 -1.03 -10.96
CA GLY A 83 23.35 -0.05 -12.02
C GLY A 83 22.10 0.10 -12.87
N TYR A 84 20.95 -0.22 -12.27
CA TYR A 84 19.66 -0.14 -12.95
C TYR A 84 19.68 -0.89 -14.27
N ASP A 85 20.04 -2.17 -14.20
CA ASP A 85 20.11 -3.02 -15.38
C ASP A 85 18.71 -3.51 -15.77
N PRO A 86 18.26 -3.16 -16.99
CA PRO A 86 16.93 -3.55 -17.48
C PRO A 86 16.71 -5.06 -17.47
N VAL A 87 17.72 -5.82 -17.89
CA VAL A 87 17.63 -7.27 -17.94
C VAL A 87 17.36 -7.85 -16.56
N LYS A 88 18.16 -7.42 -15.58
CA LYS A 88 18.01 -7.89 -14.21
C LYS A 88 16.64 -7.52 -13.66
N LEU A 89 16.24 -6.28 -13.83
CA LEU A 89 14.96 -5.79 -13.33
C LEU A 89 13.80 -6.53 -14.00
N PHE A 90 13.91 -6.73 -15.31
CA PHE A 90 12.87 -7.42 -16.07
C PHE A 90 12.72 -8.87 -15.60
N THR A 91 13.83 -9.59 -15.55
CA THR A 91 13.81 -10.99 -15.15
C THR A 91 13.48 -11.14 -13.66
N LYS A 92 13.57 -10.05 -12.92
CA LYS A 92 13.28 -10.08 -11.50
C LYS A 92 11.79 -9.88 -11.25
N LEU A 93 11.27 -8.73 -11.66
CA LEU A 93 9.88 -8.37 -11.44
C LEU A 93 8.89 -9.12 -12.33
N PHE A 94 9.31 -9.51 -13.53
CA PHE A 94 8.39 -10.18 -14.44
C PHE A 94 8.68 -11.67 -14.59
N LYS A 95 9.65 -12.18 -13.85
CA LYS A 95 9.98 -13.59 -13.95
C LYS A 95 10.18 -14.23 -12.57
N ASP A 96 11.22 -13.81 -11.86
CA ASP A 96 11.53 -14.36 -10.54
C ASP A 96 10.42 -14.07 -9.54
N ASP A 97 9.96 -12.83 -9.50
CA ASP A 97 8.90 -12.43 -8.57
C ASP A 97 7.61 -13.19 -8.86
N ILE A 98 7.31 -13.37 -10.14
CA ILE A 98 6.12 -14.09 -10.53
C ILE A 98 6.22 -15.55 -10.12
N ARG A 99 7.41 -16.12 -10.28
CA ARG A 99 7.66 -17.49 -9.90
C ARG A 99 7.54 -17.63 -8.38
N TYR A 100 7.98 -16.61 -7.67
CA TYR A 100 7.90 -16.57 -6.22
C TYR A 100 6.45 -16.47 -5.78
N LEU A 101 5.65 -15.75 -6.56
CA LEU A 101 4.24 -15.58 -6.26
C LEU A 101 3.48 -16.88 -6.49
N LEU A 102 4.07 -17.77 -7.27
CA LEU A 102 3.46 -19.06 -7.57
C LEU A 102 3.66 -20.04 -6.42
N THR A 103 4.49 -19.65 -5.45
CA THR A 103 4.75 -20.48 -4.29
C THR A 103 3.50 -20.58 -3.41
N MET A 104 2.65 -19.57 -3.51
CA MET A 104 1.41 -19.53 -2.75
C MET A 104 0.31 -20.28 -3.49
N ASP A 105 0.09 -21.53 -3.10
CA ASP A 105 -0.91 -22.38 -3.74
C ASP A 105 -2.32 -21.98 -3.32
N LYS A 106 -2.45 -21.44 -2.11
CA LYS A 106 -3.75 -21.01 -1.60
C LYS A 106 -4.18 -19.70 -2.25
N LEU A 107 -3.25 -19.08 -2.96
CA LEU A 107 -3.54 -17.82 -3.63
C LEU A 107 -4.10 -18.07 -5.02
N TRP A 108 -3.58 -19.10 -5.68
CA TRP A 108 -4.00 -19.45 -7.03
C TRP A 108 -4.81 -20.74 -7.02
N ARG A 109 -6.09 -20.62 -6.69
CA ARG A 109 -6.98 -21.77 -6.65
C ARG A 109 -8.12 -21.60 -7.66
N LYS A 110 -8.59 -20.36 -7.80
CA LYS A 110 -9.66 -20.05 -8.72
C LYS A 110 -9.13 -19.20 -9.87
N ARG A 111 -8.42 -18.14 -9.51
CA ARG A 111 -7.85 -17.24 -10.51
C ARG A 111 -6.68 -17.89 -11.23
N LYS A 112 -6.64 -17.72 -12.54
CA LYS A 112 -5.58 -18.29 -13.36
C LYS A 112 -4.22 -17.74 -12.94
N PRO A 113 -3.27 -18.62 -12.59
CA PRO A 113 -1.93 -18.24 -12.16
C PRO A 113 -1.15 -17.53 -13.28
N PRO A 114 -0.35 -16.52 -12.90
CA PRO A 114 0.45 -15.77 -13.86
C PRO A 114 1.60 -16.58 -14.44
N VAL A 115 2.06 -16.18 -15.62
CA VAL A 115 3.16 -16.86 -16.28
C VAL A 115 4.39 -15.96 -16.34
N PRO A 116 5.49 -16.36 -15.69
CA PRO A 116 6.73 -15.58 -15.67
C PRO A 116 7.35 -15.44 -17.05
N LEU A 117 7.58 -14.21 -17.48
CA LEU A 117 8.15 -13.93 -18.79
C LEU A 117 9.65 -13.73 -18.68
N ASP A 118 10.39 -14.30 -19.63
CA ASP A 118 11.84 -14.17 -19.65
C ASP A 118 12.27 -13.14 -20.68
N TRP A 119 13.34 -12.42 -20.38
CA TRP A 119 13.86 -11.38 -21.27
C TRP A 119 14.33 -11.94 -22.61
N ALA A 120 14.98 -13.08 -22.59
CA ALA A 120 15.49 -13.70 -23.81
C ALA A 120 14.35 -14.33 -24.59
N GLU A 121 13.44 -14.96 -23.86
CA GLU A 121 12.30 -15.62 -24.48
C GLU A 121 11.38 -14.61 -25.13
N VAL A 122 11.22 -13.45 -24.51
CA VAL A 122 10.35 -12.41 -25.07
C VAL A 122 11.01 -11.81 -26.31
N GLN A 123 12.34 -11.79 -26.33
CA GLN A 123 13.09 -11.28 -27.47
C GLN A 123 12.83 -12.14 -28.70
N SER A 124 12.64 -13.43 -28.45
CA SER A 124 12.36 -14.39 -29.50
C SER A 124 11.00 -15.04 -29.27
N GLN A 125 9.95 -14.23 -29.35
CA GLN A 125 8.59 -14.71 -29.12
C GLN A 125 8.13 -15.58 -30.29
N GLY A 126 7.42 -16.66 -29.96
CA GLY A 126 6.94 -17.57 -30.98
C GLY A 126 5.71 -17.05 -31.70
N GLU A 127 4.93 -16.22 -31.01
CA GLU A 127 3.71 -15.65 -31.58
C GLU A 127 4.04 -14.47 -32.49
N GLU A 128 5.33 -14.22 -32.68
CA GLU A 128 5.77 -13.13 -33.53
C GLU A 128 6.49 -13.67 -34.76
N THR A 129 6.17 -13.12 -35.92
CA THR A 129 6.78 -13.55 -37.17
C THR A 129 8.24 -13.10 -37.22
N ASN A 130 9.10 -13.94 -37.77
CA ASN A 130 10.52 -13.64 -37.88
C ASN A 130 10.79 -12.64 -39.01
N ALA A 131 10.19 -11.46 -38.89
CA ALA A 131 10.32 -10.40 -39.88
C ALA A 131 9.59 -9.15 -39.40
N SER A 132 8.60 -9.35 -38.54
CA SER A 132 7.82 -8.24 -38.01
C SER A 132 8.22 -7.92 -36.58
N ASP A 133 9.46 -7.50 -36.38
CA ASP A 133 9.95 -7.18 -35.04
C ASP A 133 9.40 -5.84 -34.56
N GLN A 134 9.38 -4.87 -35.47
CA GLN A 134 8.86 -3.55 -35.14
C GLN A 134 7.49 -3.34 -35.78
N GLN A 135 7.00 -4.37 -36.45
CA GLN A 135 5.70 -4.29 -37.10
C GLN A 135 4.68 -5.17 -36.39
N ASN A 136 3.53 -4.59 -36.08
CA ASN A 136 2.46 -5.29 -35.40
C ASN A 136 1.21 -5.26 -36.27
N GLU A 137 0.05 -5.38 -35.64
CA GLU A 137 -1.22 -5.35 -36.37
C GLU A 137 -1.39 -4.03 -37.10
N PRO A 138 -1.76 -4.07 -38.39
CA PRO A 138 -1.94 -2.87 -39.23
C PRO A 138 -3.21 -2.07 -38.87
N GLN A 139 -3.30 -1.66 -37.62
CA GLN A 139 -4.44 -0.88 -37.15
C GLN A 139 -4.15 0.60 -37.39
N LEU A 140 -5.18 1.38 -37.64
CA LEU A 140 -5.00 2.80 -37.89
C LEU A 140 -5.60 3.62 -36.75
N GLY A 141 -5.27 4.91 -36.71
CA GLY A 141 -5.77 5.78 -35.67
C GLY A 141 -4.65 6.56 -35.02
N LEU A 142 -4.83 6.94 -33.77
CA LEU A 142 -3.82 7.68 -33.05
C LEU A 142 -2.64 6.76 -32.75
N LYS A 143 -1.44 7.25 -33.03
CA LYS A 143 -0.21 6.47 -32.85
C LYS A 143 -0.03 6.03 -31.40
N ASP A 144 -0.39 6.90 -30.46
CA ASP A 144 -0.25 6.58 -29.05
C ASP A 144 -1.36 5.64 -28.58
N GLN A 145 -2.39 5.49 -29.41
CA GLN A 145 -3.51 4.62 -29.08
C GLN A 145 -3.29 3.23 -29.66
N GLN A 146 -2.18 3.06 -30.36
CA GLN A 146 -1.84 1.78 -30.95
C GLN A 146 -1.37 0.81 -29.89
N VAL A 147 -2.17 -0.20 -29.62
CA VAL A 147 -1.82 -1.21 -28.63
C VAL A 147 -0.72 -2.10 -29.17
N LEU A 148 0.47 -1.97 -28.61
CA LEU A 148 1.61 -2.75 -29.05
C LEU A 148 1.61 -4.13 -28.39
N ASP A 149 2.61 -4.94 -28.71
CA ASP A 149 2.71 -6.29 -28.19
C ASP A 149 3.63 -6.35 -26.98
N VAL A 150 3.86 -7.56 -26.47
CA VAL A 150 4.71 -7.76 -25.30
C VAL A 150 6.18 -7.43 -25.59
N LYS A 151 6.62 -7.68 -26.83
CA LYS A 151 8.00 -7.41 -27.20
C LYS A 151 8.30 -5.91 -27.23
N SER A 152 7.37 -5.17 -27.82
CA SER A 152 7.54 -3.73 -27.95
C SER A 152 7.57 -3.04 -26.58
N TYR A 153 6.70 -3.46 -25.68
CA TYR A 153 6.67 -2.85 -24.36
C TYR A 153 7.82 -3.38 -23.49
N ALA A 154 8.36 -4.53 -23.87
CA ALA A 154 9.48 -5.10 -23.14
C ALA A 154 10.73 -4.27 -23.38
N ARG A 155 10.96 -3.91 -24.65
CA ARG A 155 12.12 -3.10 -25.00
C ARG A 155 11.89 -1.65 -24.56
N LEU A 156 10.63 -1.22 -24.57
CA LEU A 156 10.27 0.13 -24.16
C LEU A 156 10.54 0.28 -22.66
N PHE A 157 10.25 -0.79 -21.92
CA PHE A 157 10.47 -0.81 -20.48
C PHE A 157 11.95 -0.58 -20.20
N SER A 158 12.78 -1.31 -20.91
CA SER A 158 14.22 -1.21 -20.76
C SER A 158 14.72 0.16 -21.24
N LYS A 159 14.12 0.65 -22.32
CA LYS A 159 14.50 1.95 -22.88
C LYS A 159 14.19 3.06 -21.89
N SER A 160 13.06 2.92 -21.21
CA SER A 160 12.64 3.90 -20.22
C SER A 160 13.62 3.94 -19.05
N ILE A 161 14.18 2.77 -18.72
CA ILE A 161 15.14 2.69 -17.63
C ILE A 161 16.40 3.46 -17.99
N GLU A 162 16.78 3.39 -19.26
CA GLU A 162 17.97 4.08 -19.77
C GLU A 162 17.85 5.59 -19.56
N THR A 163 16.77 6.18 -20.07
CA THR A 163 16.54 7.60 -19.97
C THR A 163 16.29 8.04 -18.52
N LEU A 164 15.70 7.16 -17.72
CA LEU A 164 15.42 7.49 -16.32
C LEU A 164 16.69 7.39 -15.49
N ARG A 165 17.58 6.48 -15.87
CA ARG A 165 18.84 6.29 -15.16
C ARG A 165 19.67 7.57 -15.20
N VAL A 166 19.86 8.11 -16.40
CA VAL A 166 20.64 9.33 -16.56
C VAL A 166 19.92 10.51 -15.92
N HIS A 167 18.59 10.53 -15.98
CA HIS A 167 17.81 11.60 -15.39
C HIS A 167 18.04 11.67 -13.88
N LEU A 168 18.26 10.52 -13.27
CA LEU A 168 18.53 10.43 -11.84
C LEU A 168 19.97 10.80 -11.54
N ALA A 169 20.88 10.25 -12.34
CA ALA A 169 22.31 10.50 -12.19
C ALA A 169 22.66 11.97 -12.38
N GLU A 170 21.96 12.62 -13.30
CA GLU A 170 22.20 14.04 -13.57
C GLU A 170 21.84 14.91 -12.37
N LYS A 171 20.95 14.41 -11.52
CA LYS A 171 20.54 15.15 -10.34
C LYS A 171 21.63 15.05 -9.27
N GLY A 172 22.03 13.82 -8.96
CA GLY A 172 23.06 13.62 -7.97
C GLY A 172 22.73 12.48 -7.02
N ASP A 173 23.52 12.31 -5.99
CA ASP A 173 23.32 11.26 -5.01
C ASP A 173 22.31 11.71 -3.95
N GLY A 174 21.34 10.84 -3.67
CA GLY A 174 20.32 11.18 -2.70
C GLY A 174 19.13 11.85 -3.35
N ALA A 175 19.27 12.19 -4.62
CA ALA A 175 18.21 12.84 -5.36
C ALA A 175 17.22 11.81 -5.89
N GLU A 176 15.99 12.24 -6.10
CA GLU A 176 14.94 11.35 -6.59
C GLU A 176 14.23 11.96 -7.80
N LEU A 177 13.56 11.09 -8.56
CA LEU A 177 12.82 11.52 -9.72
C LEU A 177 11.33 11.50 -9.42
N ILE A 178 10.71 12.67 -9.48
CA ILE A 178 9.28 12.79 -9.22
C ILE A 178 8.50 12.32 -10.44
N TRP A 179 7.58 11.39 -10.23
CA TRP A 179 6.76 10.86 -11.32
C TRP A 179 5.82 11.93 -11.85
N ASP A 180 5.54 11.87 -13.14
CA ASP A 180 4.64 12.81 -13.80
C ASP A 180 4.04 12.17 -15.02
N LYS A 181 2.81 12.56 -15.34
CA LYS A 181 2.11 12.05 -16.51
C LYS A 181 2.54 12.83 -17.74
N ASP A 182 3.25 13.93 -17.50
CA ASP A 182 3.74 14.79 -18.56
C ASP A 182 5.11 14.32 -19.05
N ASP A 183 5.88 13.72 -18.15
CA ASP A 183 7.22 13.23 -18.50
C ASP A 183 7.14 11.97 -19.37
N PRO A 184 7.70 12.02 -20.58
CA PRO A 184 7.69 10.88 -21.51
C PRO A 184 8.38 9.65 -20.95
N SER A 185 9.55 9.84 -20.35
CA SER A 185 10.32 8.73 -19.78
C SER A 185 9.54 8.05 -18.66
N ALA A 186 8.98 8.85 -17.76
CA ALA A 186 8.21 8.33 -16.65
C ALA A 186 6.93 7.64 -17.13
N MET A 187 6.29 8.23 -18.13
CA MET A 187 5.06 7.69 -18.68
C MET A 187 5.30 6.38 -19.43
N ASP A 188 6.37 6.33 -20.20
CA ASP A 188 6.70 5.13 -20.96
C ASP A 188 7.01 3.98 -20.01
N PHE A 189 7.68 4.30 -18.91
CA PHE A 189 8.04 3.30 -17.92
C PHE A 189 6.80 2.66 -17.31
N VAL A 190 5.90 3.50 -16.78
CA VAL A 190 4.68 3.01 -16.14
C VAL A 190 3.80 2.24 -17.14
N THR A 191 3.77 2.70 -18.39
CA THR A 191 2.98 2.05 -19.42
C THR A 191 3.51 0.65 -19.72
N SER A 192 4.80 0.55 -19.95
CA SER A 192 5.43 -0.72 -20.26
C SER A 192 5.29 -1.70 -19.10
N ALA A 193 5.59 -1.22 -17.89
CA ALA A 193 5.51 -2.07 -16.70
C ALA A 193 4.09 -2.58 -16.47
N ALA A 194 3.10 -1.70 -16.61
CA ALA A 194 1.70 -2.08 -16.41
C ALA A 194 1.25 -3.08 -17.48
N ASN A 195 1.56 -2.78 -18.73
CA ASN A 195 1.18 -3.64 -19.84
C ASN A 195 1.81 -5.02 -19.69
N LEU A 196 3.08 -5.06 -19.30
CA LEU A 196 3.77 -6.32 -19.10
C LEU A 196 3.12 -7.10 -17.96
N ARG A 197 2.87 -6.40 -16.85
CA ARG A 197 2.27 -6.99 -15.66
C ARG A 197 0.92 -7.64 -15.99
N MET A 198 0.06 -6.91 -16.68
CA MET A 198 -1.26 -7.42 -17.03
C MET A 198 -1.17 -8.60 -18.02
N HIS A 199 -0.21 -8.54 -18.95
CA HIS A 199 -0.04 -9.63 -19.91
C HIS A 199 0.33 -10.92 -19.20
N ILE A 200 1.10 -10.79 -18.12
CA ILE A 200 1.54 -11.94 -17.33
C ILE A 200 0.36 -12.66 -16.68
N PHE A 201 -0.63 -11.89 -16.25
CA PHE A 201 -1.83 -12.45 -15.62
C PHE A 201 -2.89 -12.81 -16.66
N SER A 202 -2.47 -12.88 -17.93
CA SER A 202 -3.35 -13.22 -19.04
C SER A 202 -4.46 -12.18 -19.20
N MET A 203 -4.10 -10.93 -19.00
CA MET A 203 -5.04 -9.83 -19.13
C MET A 203 -4.74 -9.03 -20.39
N ASN A 204 -5.79 -8.55 -21.06
CA ASN A 204 -5.61 -7.77 -22.29
C ASN A 204 -4.86 -6.47 -21.99
N MET A 205 -3.91 -6.15 -22.85
CA MET A 205 -3.10 -4.94 -22.70
C MET A 205 -3.81 -3.72 -23.25
N LYS A 206 -3.31 -2.54 -22.92
CA LYS A 206 -3.89 -1.28 -23.36
C LYS A 206 -2.85 -0.43 -24.07
N SER A 207 -3.30 0.69 -24.62
CA SER A 207 -2.40 1.61 -25.31
C SER A 207 -1.77 2.57 -24.32
N ARG A 208 -0.72 3.26 -24.76
CA ARG A 208 -0.04 4.22 -23.89
C ARG A 208 -0.95 5.41 -23.64
N PHE A 209 -1.71 5.79 -24.65
CA PHE A 209 -2.65 6.91 -24.55
C PHE A 209 -3.71 6.64 -23.50
N ASP A 210 -4.24 5.42 -23.50
CA ASP A 210 -5.27 5.03 -22.54
C ASP A 210 -4.70 4.99 -21.13
N ILE A 211 -3.55 4.33 -20.98
CA ILE A 211 -2.89 4.22 -19.68
C ILE A 211 -2.48 5.60 -19.17
N LYS A 212 -2.09 6.47 -20.09
CA LYS A 212 -1.68 7.83 -19.74
C LYS A 212 -2.80 8.57 -19.00
N SER A 213 -4.02 8.39 -19.46
CA SER A 213 -5.17 9.05 -18.86
C SER A 213 -5.54 8.41 -17.51
N MET A 214 -5.21 7.13 -17.35
CA MET A 214 -5.53 6.41 -16.12
C MET A 214 -4.45 6.61 -15.06
N ALA A 215 -3.19 6.55 -15.48
CA ALA A 215 -2.08 6.73 -14.56
C ALA A 215 -2.04 8.16 -14.03
N GLY A 216 -2.34 9.13 -14.89
CA GLY A 216 -2.34 10.52 -14.50
C GLY A 216 -3.62 10.93 -13.81
N ASN A 217 -4.72 10.29 -14.18
CA ASN A 217 -6.06 10.55 -13.63
C ASN A 217 -6.32 12.04 -13.43
N MET B 1 12.85 11.04 23.57
CA MET B 1 12.94 11.78 24.85
C MET B 1 12.04 13.00 24.82
N SER B 2 11.76 13.55 25.99
CA SER B 2 10.91 14.73 26.11
C SER B 2 11.44 15.88 25.27
N GLY B 3 10.56 16.78 24.89
CA GLY B 3 10.96 17.90 24.06
C GLY B 3 10.85 17.58 22.59
N ILE B 4 11.62 16.60 22.13
CA ILE B 4 11.61 16.20 20.73
C ILE B 4 10.22 15.73 20.32
N ALA B 5 9.62 14.91 21.17
CA ALA B 5 8.29 14.37 20.91
C ALA B 5 7.23 15.46 20.95
N LEU B 6 7.30 16.31 21.96
CA LEU B 6 6.35 17.39 22.14
C LEU B 6 6.38 18.39 20.99
N SER B 7 7.58 18.69 20.50
CA SER B 7 7.73 19.63 19.39
C SER B 7 6.95 19.16 18.16
N ARG B 8 7.02 17.87 17.89
CA ARG B 8 6.32 17.29 16.74
C ARG B 8 4.81 17.26 16.99
N LEU B 9 4.44 16.91 18.22
CA LEU B 9 3.03 16.84 18.60
C LEU B 9 2.34 18.19 18.40
N ALA B 10 3.05 19.25 18.74
CA ALA B 10 2.52 20.59 18.58
C ALA B 10 2.34 20.93 17.10
N GLN B 11 3.20 20.37 16.27
CA GLN B 11 3.14 20.59 14.83
C GLN B 11 1.93 19.88 14.23
N GLU B 12 1.67 18.68 14.72
CA GLU B 12 0.54 17.88 14.25
C GLU B 12 -0.76 18.64 14.41
N ARG B 13 -0.90 19.33 15.53
CA ARG B 13 -2.10 20.10 15.79
C ARG B 13 -2.22 21.28 14.83
N LYS B 14 -1.09 21.90 14.49
CA LYS B 14 -1.06 23.03 13.57
C LYS B 14 -1.53 22.56 12.19
N ALA B 15 -1.18 21.33 11.86
CA ALA B 15 -1.56 20.74 10.59
C ALA B 15 -3.02 20.32 10.60
N TRP B 16 -3.44 19.68 11.70
CA TRP B 16 -4.82 19.21 11.85
C TRP B 16 -5.81 20.38 11.84
N ARG B 17 -5.48 21.43 12.58
CA ARG B 17 -6.34 22.61 12.68
C ARG B 17 -6.52 23.26 11.30
N LYS B 18 -5.50 23.17 10.48
CA LYS B 18 -5.55 23.76 9.14
C LYS B 18 -6.26 22.83 8.17
N ASP B 19 -5.87 21.56 8.16
CA ASP B 19 -6.46 20.57 7.26
C ASP B 19 -6.81 19.30 8.01
N HIS B 20 -8.08 18.91 7.95
CA HIS B 20 -8.56 17.71 8.59
C HIS B 20 -9.86 17.25 7.95
N PRO B 21 -10.08 15.94 7.85
CA PRO B 21 -11.29 15.39 7.25
C PRO B 21 -12.54 15.73 8.06
N PHE B 22 -13.60 16.13 7.38
CA PHE B 22 -14.85 16.50 8.03
C PHE B 22 -15.44 15.31 8.77
N GLY B 23 -15.76 15.52 10.04
CA GLY B 23 -16.32 14.46 10.86
C GLY B 23 -15.36 13.97 11.92
N PHE B 24 -14.07 13.98 11.57
CA PHE B 24 -13.03 13.53 12.48
C PHE B 24 -12.70 14.62 13.49
N VAL B 25 -12.49 14.23 14.74
CA VAL B 25 -12.16 15.17 15.79
C VAL B 25 -10.87 14.73 16.47
N ALA B 26 -10.01 15.69 16.81
CA ALA B 26 -8.75 15.39 17.48
C ALA B 26 -8.34 16.57 18.35
N VAL B 27 -8.42 16.39 19.66
CA VAL B 27 -8.06 17.44 20.61
C VAL B 27 -7.26 16.87 21.77
N PRO B 28 -6.12 17.50 22.11
CA PRO B 28 -5.27 17.06 23.23
C PRO B 28 -6.01 17.16 24.56
N THR B 29 -5.53 16.43 25.56
CA THR B 29 -6.16 16.43 26.88
C THR B 29 -5.89 17.73 27.61
N LYS B 30 -6.94 18.46 27.92
CA LYS B 30 -6.82 19.71 28.64
C LYS B 30 -6.55 19.45 30.12
N ASN B 31 -5.40 19.90 30.58
CA ASN B 31 -5.00 19.72 31.97
C ASN B 31 -5.51 20.87 32.82
N PRO B 32 -5.59 20.71 34.14
CA PRO B 32 -6.07 21.76 35.05
C PRO B 32 -5.21 23.03 34.98
N ASP B 33 -5.72 24.08 35.62
CA ASP B 33 -5.07 25.42 35.70
C ASP B 33 -4.78 26.03 34.32
N GLY B 34 -5.25 25.39 33.26
CA GLY B 34 -5.05 25.93 31.93
C GLY B 34 -3.94 25.25 31.14
N THR B 35 -3.43 24.13 31.63
CA THR B 35 -2.37 23.43 30.93
C THR B 35 -2.96 22.46 29.91
N MET B 36 -2.14 21.94 29.01
CA MET B 36 -2.61 21.02 27.99
C MET B 36 -1.59 19.92 27.76
N ASN B 37 -2.05 18.67 27.75
CA ASN B 37 -1.18 17.53 27.52
C ASN B 37 -1.21 17.13 26.06
N LEU B 38 -0.07 17.28 25.40
CA LEU B 38 0.03 16.95 23.98
C LEU B 38 0.41 15.49 23.76
N MET B 39 0.67 14.76 24.85
CA MET B 39 1.05 13.35 24.74
C MET B 39 -0.16 12.43 24.88
N ASN B 40 -1.34 13.01 24.91
CA ASN B 40 -2.58 12.25 25.02
C ASN B 40 -3.72 13.04 24.40
N TRP B 41 -4.28 12.51 23.34
CA TRP B 41 -5.36 13.18 22.64
C TRP B 41 -6.65 12.38 22.72
N GLU B 42 -7.77 13.08 22.66
CA GLU B 42 -9.08 12.47 22.66
C GLU B 42 -9.69 12.68 21.29
N CYS B 43 -9.55 11.68 20.43
CA CYS B 43 -10.04 11.79 19.07
C CYS B 43 -11.35 11.05 18.87
N ALA B 44 -12.02 11.37 17.77
CA ALA B 44 -13.30 10.75 17.42
C ALA B 44 -13.33 10.43 15.94
N ILE B 45 -13.77 9.23 15.60
CA ILE B 45 -13.84 8.77 14.23
C ILE B 45 -15.27 8.38 13.87
N PRO B 46 -15.85 9.04 12.86
CA PRO B 46 -17.20 8.74 12.40
C PRO B 46 -17.21 7.59 11.40
N GLY B 47 -18.27 6.78 11.43
CA GLY B 47 -18.39 5.67 10.52
C GLY B 47 -18.31 6.11 9.07
N LYS B 48 -17.62 5.33 8.25
CA LYS B 48 -17.46 5.64 6.83
C LYS B 48 -18.79 5.54 6.10
N LYS B 49 -19.05 6.53 5.25
CA LYS B 49 -20.30 6.58 4.47
C LYS B 49 -20.45 5.33 3.61
N GLY B 50 -21.63 4.73 3.68
CA GLY B 50 -21.91 3.54 2.90
C GLY B 50 -21.74 2.26 3.68
N THR B 51 -20.94 2.32 4.74
CA THR B 51 -20.69 1.15 5.57
C THR B 51 -21.67 1.09 6.73
N PRO B 52 -21.88 -0.10 7.33
CA PRO B 52 -22.78 -0.26 8.47
C PRO B 52 -22.30 0.48 9.72
N TRP B 53 -21.13 1.09 9.62
CA TRP B 53 -20.55 1.85 10.72
C TRP B 53 -20.97 3.31 10.63
N GLU B 54 -21.48 3.69 9.46
CA GLU B 54 -21.90 5.07 9.21
C GLU B 54 -23.01 5.49 10.17
N GLY B 55 -22.93 6.73 10.63
CA GLY B 55 -23.92 7.25 11.53
C GLY B 55 -23.42 7.35 12.96
N GLY B 56 -22.48 6.49 13.30
CA GLY B 56 -21.93 6.48 14.64
C GLY B 56 -20.60 7.20 14.75
N LEU B 57 -20.39 7.85 15.88
CA LEU B 57 -19.14 8.55 16.15
C LEU B 57 -18.42 7.85 17.29
N PHE B 58 -17.31 7.21 16.96
CA PHE B 58 -16.54 6.46 17.95
C PHE B 58 -15.40 7.29 18.49
N LYS B 59 -15.24 7.28 19.80
CA LYS B 59 -14.18 8.05 20.45
C LYS B 59 -13.03 7.12 20.84
N LEU B 60 -11.81 7.55 20.57
CA LEU B 60 -10.64 6.75 20.90
C LEU B 60 -9.58 7.61 21.58
N ARG B 61 -8.84 6.98 22.47
CA ARG B 61 -7.79 7.64 23.21
C ARG B 61 -6.45 7.43 22.52
N MET B 62 -5.75 8.51 22.24
CA MET B 62 -4.45 8.43 21.59
C MET B 62 -3.33 8.75 22.58
N LEU B 63 -2.51 7.76 22.88
CA LEU B 63 -1.40 7.92 23.81
C LEU B 63 -0.08 8.02 23.07
N PHE B 64 0.74 8.98 23.46
CA PHE B 64 2.04 9.19 22.85
C PHE B 64 3.14 9.02 23.88
N LYS B 65 4.25 8.40 23.49
CA LYS B 65 5.37 8.18 24.39
C LYS B 65 6.40 9.29 24.24
N ASP B 66 7.40 9.28 25.11
CA ASP B 66 8.46 10.28 25.06
C ASP B 66 9.40 10.01 23.91
N ASP B 67 9.36 8.78 23.40
CA ASP B 67 10.22 8.37 22.28
C ASP B 67 9.59 8.75 20.95
N TYR B 68 8.49 9.48 20.98
CA TYR B 68 7.81 9.92 19.78
C TYR B 68 8.72 10.86 18.97
N PRO B 69 8.68 10.81 17.63
CA PRO B 69 7.81 9.93 16.86
C PRO B 69 8.44 8.56 16.54
N SER B 70 9.54 8.23 17.20
CA SER B 70 10.18 6.95 16.98
C SER B 70 9.26 5.83 17.44
N SER B 71 8.63 6.04 18.60
CA SER B 71 7.69 5.09 19.15
C SER B 71 6.30 5.37 18.58
N PRO B 72 5.57 4.33 18.17
CA PRO B 72 4.24 4.48 17.61
C PRO B 72 3.18 4.83 18.67
N PRO B 73 2.18 5.65 18.30
CA PRO B 73 1.11 6.04 19.22
C PRO B 73 0.18 4.87 19.53
N LYS B 74 -0.42 4.90 20.71
CA LYS B 74 -1.33 3.83 21.11
C LYS B 74 -2.76 4.34 21.09
N CYS B 75 -3.57 3.79 20.20
CA CYS B 75 -4.96 4.18 20.07
C CYS B 75 -5.87 3.14 20.74
N LYS B 76 -6.64 3.59 21.71
CA LYS B 76 -7.57 2.71 22.43
C LYS B 76 -8.97 3.30 22.43
N PHE B 77 -9.91 2.58 21.84
CA PHE B 77 -11.30 3.03 21.76
C PHE B 77 -11.92 3.12 23.15
N GLU B 78 -12.70 4.18 23.36
CA GLU B 78 -13.38 4.40 24.64
C GLU B 78 -14.88 4.55 24.41
N PRO B 79 -15.68 3.50 24.67
CA PRO B 79 -15.21 2.20 25.17
C PRO B 79 -14.81 1.24 24.03
N PRO B 80 -14.29 0.04 24.36
CA PRO B 80 -13.89 -0.95 23.36
C PRO B 80 -15.02 -1.27 22.39
N LEU B 81 -14.70 -1.31 21.11
CA LEU B 81 -15.69 -1.57 20.08
C LEU B 81 -15.69 -3.04 19.64
N PHE B 82 -16.82 -3.47 19.14
CA PHE B 82 -16.97 -4.83 18.63
C PHE B 82 -16.34 -4.88 17.24
N HIS B 83 -15.08 -5.27 17.19
CA HIS B 83 -14.35 -5.33 15.93
C HIS B 83 -13.14 -6.26 16.08
N PRO B 84 -12.94 -7.19 15.13
CA PRO B 84 -11.84 -8.16 15.18
C PRO B 84 -10.44 -7.54 15.34
N ASN B 85 -10.28 -6.28 14.97
CA ASN B 85 -8.99 -5.61 15.09
C ASN B 85 -8.89 -4.77 16.36
N VAL B 86 -9.83 -4.96 17.27
CA VAL B 86 -9.85 -4.23 18.52
C VAL B 86 -9.68 -5.17 19.70
N TYR B 87 -8.66 -4.93 20.50
CA TYR B 87 -8.40 -5.75 21.68
C TYR B 87 -9.46 -5.51 22.73
N PRO B 88 -9.68 -6.47 23.65
CA PRO B 88 -10.66 -6.34 24.74
C PRO B 88 -10.41 -5.10 25.59
N SER B 89 -9.17 -4.63 25.59
CA SER B 89 -8.78 -3.45 26.35
C SER B 89 -9.20 -2.16 25.65
N GLY B 90 -9.52 -2.29 24.36
CA GLY B 90 -9.93 -1.14 23.57
C GLY B 90 -8.87 -0.77 22.56
N THR B 91 -7.66 -1.28 22.76
CA THR B 91 -6.54 -1.02 21.87
C THR B 91 -6.83 -1.50 20.45
N VAL B 92 -6.44 -0.71 19.45
CA VAL B 92 -6.66 -1.07 18.06
C VAL B 92 -5.37 -1.54 17.40
N CYS B 93 -5.43 -2.70 16.75
CA CYS B 93 -4.27 -3.25 16.07
C CYS B 93 -4.23 -2.75 14.63
N LEU B 94 -3.25 -1.91 14.35
CA LEU B 94 -3.08 -1.34 13.02
C LEU B 94 -1.64 -1.52 12.55
N SER B 95 -1.47 -1.85 11.28
CA SER B 95 -0.15 -2.07 10.69
C SER B 95 0.79 -0.88 10.90
N ILE B 96 0.32 0.31 10.55
CA ILE B 96 1.13 1.51 10.69
C ILE B 96 1.15 2.02 12.13
N LEU B 97 0.69 1.21 13.06
CA LEU B 97 0.67 1.59 14.46
C LEU B 97 1.62 0.73 15.28
N GLU B 98 2.33 -0.15 14.60
CA GLU B 98 3.30 -1.03 15.25
C GLU B 98 4.69 -0.76 14.70
N GLU B 99 5.65 -0.56 15.61
CA GLU B 99 7.03 -0.24 15.27
C GLU B 99 7.66 -1.23 14.28
N ASP B 100 7.39 -2.51 14.46
CA ASP B 100 7.99 -3.52 13.59
C ASP B 100 7.12 -3.84 12.37
N LYS B 101 5.96 -3.19 12.26
CA LYS B 101 5.08 -3.46 11.13
C LYS B 101 5.25 -2.39 10.04
N ASP B 102 4.36 -1.42 10.00
CA ASP B 102 4.43 -0.38 8.96
C ASP B 102 4.49 1.03 9.54
N TRP B 103 4.92 1.15 10.79
CA TRP B 103 5.00 2.47 11.41
C TRP B 103 6.17 3.27 10.84
N ARG B 104 5.91 4.55 10.60
CA ARG B 104 6.90 5.46 10.08
C ARG B 104 6.82 6.77 10.88
N PRO B 105 7.94 7.23 11.45
CA PRO B 105 7.98 8.45 12.26
C PRO B 105 7.39 9.69 11.57
N ALA B 106 7.38 9.70 10.25
CA ALA B 106 6.86 10.84 9.50
C ALA B 106 5.36 10.74 9.25
N ILE B 107 4.71 9.71 9.80
CA ILE B 107 3.28 9.53 9.62
C ILE B 107 2.50 10.56 10.45
N THR B 108 1.64 11.30 9.77
CA THR B 108 0.82 12.32 10.40
C THR B 108 -0.35 11.67 11.14
N ILE B 109 -0.75 12.26 12.26
CA ILE B 109 -1.88 11.76 13.06
C ILE B 109 -3.12 11.60 12.18
N LYS B 110 -3.29 12.52 11.25
CA LYS B 110 -4.41 12.49 10.32
C LYS B 110 -4.44 11.20 9.50
N GLN B 111 -3.26 10.73 9.11
CA GLN B 111 -3.14 9.50 8.32
C GLN B 111 -3.60 8.30 9.14
N ILE B 112 -3.21 8.28 10.41
CA ILE B 112 -3.55 7.19 11.31
C ILE B 112 -5.07 7.12 11.51
N LEU B 113 -5.68 8.26 11.79
CA LEU B 113 -7.13 8.33 12.01
C LEU B 113 -7.88 7.81 10.78
N LEU B 114 -7.43 8.20 9.60
CA LEU B 114 -8.06 7.76 8.36
C LEU B 114 -7.92 6.26 8.19
N GLY B 115 -6.75 5.74 8.56
CA GLY B 115 -6.50 4.32 8.44
C GLY B 115 -7.38 3.50 9.36
N ILE B 116 -7.61 4.01 10.56
CA ILE B 116 -8.45 3.32 11.54
C ILE B 116 -9.90 3.27 11.05
N GLN B 117 -10.34 4.35 10.40
CA GLN B 117 -11.70 4.41 9.88
C GLN B 117 -11.87 3.36 8.77
N GLU B 118 -10.83 3.20 7.97
CA GLU B 118 -10.85 2.23 6.89
C GLU B 118 -10.86 0.81 7.46
N LEU B 119 -10.15 0.64 8.57
CA LEU B 119 -10.06 -0.65 9.24
C LEU B 119 -11.42 -1.12 9.75
N LEU B 120 -12.31 -0.16 10.03
CA LEU B 120 -13.63 -0.48 10.53
C LEU B 120 -14.36 -1.46 9.62
N ASN B 121 -14.50 -1.11 8.35
CA ASN B 121 -15.20 -1.97 7.40
C ASN B 121 -14.30 -3.07 6.85
N GLU B 122 -13.01 -2.78 6.74
CA GLU B 122 -12.06 -3.75 6.20
C GLU B 122 -10.99 -4.10 7.22
N PRO B 123 -11.21 -5.15 8.02
CA PRO B 123 -10.27 -5.60 9.03
C PRO B 123 -9.27 -6.63 8.50
N ASN B 124 -8.30 -6.99 9.33
CA ASN B 124 -7.30 -7.97 8.96
C ASN B 124 -7.70 -9.34 9.51
N ILE B 125 -8.02 -10.26 8.61
CA ILE B 125 -8.44 -11.60 9.01
C ILE B 125 -7.27 -12.40 9.59
N GLN B 126 -6.06 -11.89 9.41
CA GLN B 126 -4.88 -12.56 9.92
C GLN B 126 -4.45 -12.00 11.27
N ASP B 127 -5.15 -10.98 11.74
CA ASP B 127 -4.84 -10.37 13.04
C ASP B 127 -6.06 -10.38 13.93
N PRO B 128 -6.32 -11.51 14.60
CA PRO B 128 -7.47 -11.67 15.48
C PRO B 128 -7.24 -11.06 16.87
N ALA B 129 -7.44 -9.76 16.98
CA ALA B 129 -7.29 -9.07 18.25
C ALA B 129 -8.50 -9.37 19.13
N GLN B 130 -9.66 -9.43 18.50
CA GLN B 130 -10.91 -9.73 19.19
C GLN B 130 -11.44 -11.06 18.68
N ALA B 131 -11.10 -12.12 19.42
CA ALA B 131 -11.52 -13.47 19.07
C ALA B 131 -13.02 -13.60 18.87
N GLU B 132 -13.80 -13.04 19.79
CA GLU B 132 -15.25 -13.10 19.72
C GLU B 132 -15.77 -12.62 18.37
N ALA B 133 -15.41 -11.39 18.02
CA ALA B 133 -15.84 -10.79 16.76
C ALA B 133 -15.28 -11.56 15.57
N TYR B 134 -14.04 -12.04 15.73
CA TYR B 134 -13.37 -12.79 14.69
C TYR B 134 -14.13 -14.08 14.35
N THR B 135 -14.56 -14.79 15.38
CA THR B 135 -15.30 -16.04 15.18
C THR B 135 -16.60 -15.77 14.41
N ILE B 136 -17.38 -14.81 14.90
CA ILE B 136 -18.65 -14.47 14.28
C ILE B 136 -18.45 -14.01 12.83
N TYR B 137 -17.42 -13.21 12.62
CA TYR B 137 -17.11 -12.68 11.29
C TYR B 137 -16.84 -13.81 10.27
N CYS B 138 -16.33 -14.94 10.74
CA CYS B 138 -15.99 -16.04 9.83
C CYS B 138 -17.11 -17.08 9.70
N GLN B 139 -18.02 -17.17 10.66
CA GLN B 139 -19.07 -18.17 10.59
C GLN B 139 -20.47 -17.58 10.47
N ASN B 140 -20.61 -16.29 10.70
CA ASN B 140 -21.93 -15.66 10.62
C ASN B 140 -21.82 -14.16 10.37
N ARG B 141 -21.62 -13.77 9.12
CA ARG B 141 -21.52 -12.36 8.75
C ARG B 141 -22.83 -11.65 9.03
N VAL B 142 -23.93 -12.38 8.94
CA VAL B 142 -25.25 -11.84 9.18
C VAL B 142 -25.37 -11.30 10.60
N GLU B 143 -24.99 -12.13 11.57
CA GLU B 143 -25.02 -11.74 12.97
C GLU B 143 -24.01 -10.64 13.26
N TYR B 144 -22.92 -10.65 12.52
CA TYR B 144 -21.87 -9.65 12.69
C TYR B 144 -22.39 -8.27 12.30
N GLU B 145 -23.04 -8.21 11.13
CA GLU B 145 -23.59 -6.96 10.63
C GLU B 145 -24.62 -6.37 11.59
N LYS B 146 -25.46 -7.24 12.16
CA LYS B 146 -26.49 -6.81 13.10
C LYS B 146 -25.87 -6.06 14.28
N ARG B 147 -24.81 -6.64 14.83
CA ARG B 147 -24.12 -6.03 15.96
C ARG B 147 -23.48 -4.71 15.57
N VAL B 148 -22.94 -4.66 14.38
CA VAL B 148 -22.30 -3.44 13.87
C VAL B 148 -23.33 -2.33 13.71
N ARG B 149 -24.48 -2.67 13.13
CA ARG B 149 -25.55 -1.71 12.92
C ARG B 149 -26.02 -1.12 14.24
N ALA B 150 -26.25 -2.00 15.22
CA ALA B 150 -26.71 -1.58 16.55
C ALA B 150 -25.67 -0.71 17.23
N GLN B 151 -24.40 -1.08 17.07
CA GLN B 151 -23.29 -0.35 17.67
C GLN B 151 -23.22 1.07 17.12
N ALA B 152 -23.37 1.20 15.80
CA ALA B 152 -23.32 2.51 15.15
C ALA B 152 -24.44 3.41 15.66
N LYS B 153 -25.60 2.83 15.93
CA LYS B 153 -26.75 3.57 16.43
C LYS B 153 -26.49 4.07 17.85
N LYS B 154 -25.81 3.24 18.64
CA LYS B 154 -25.50 3.57 20.02
C LYS B 154 -24.56 4.77 20.09
N PHE B 155 -23.69 4.88 19.09
CA PHE B 155 -22.72 5.98 19.05
C PHE B 155 -23.19 7.10 18.13
N ALA B 156 -24.46 7.07 17.74
CA ALA B 156 -25.01 8.10 16.88
C ALA B 156 -25.25 9.37 17.69
N PRO B 157 -24.67 10.50 17.26
CA PRO B 157 -24.82 11.79 17.94
C PRO B 157 -26.29 12.19 18.07
N SER B 158 -26.78 12.19 19.31
CA SER B 158 -28.16 12.53 19.59
C SER B 158 -28.23 13.47 20.79
N THR A 1 -15.66 9.53 -4.14
CA THR A 1 -14.19 9.52 -3.99
C THR A 1 -13.59 8.41 -4.83
N GLN A 2 -12.28 8.46 -5.07
CA GLN A 2 -11.61 7.45 -5.85
C GLN A 2 -11.46 6.17 -5.03
N ARG A 3 -11.48 5.02 -5.69
CA ARG A 3 -11.33 3.75 -5.00
C ARG A 3 -9.85 3.44 -4.77
N THR A 4 -9.54 3.03 -3.55
CA THR A 4 -8.18 2.69 -3.17
C THR A 4 -7.95 1.18 -3.27
N PHE A 5 -6.70 0.78 -3.48
CA PHE A 5 -6.38 -0.64 -3.59
C PHE A 5 -5.29 -1.03 -2.59
N PRO A 6 -5.60 -1.98 -1.69
CA PRO A 6 -4.64 -2.44 -0.68
C PRO A 6 -3.43 -3.13 -1.32
N GLY A 7 -2.28 -3.03 -0.66
CA GLY A 7 -1.06 -3.62 -1.18
C GLY A 7 -1.17 -5.10 -1.49
N CYS A 8 -2.00 -5.81 -0.73
CA CYS A 8 -2.18 -7.24 -0.94
C CYS A 8 -2.72 -7.55 -2.34
N THR A 9 -3.65 -6.73 -2.81
CA THR A 9 -4.24 -6.93 -4.13
C THR A 9 -3.42 -6.22 -5.21
N ILE A 10 -2.31 -5.63 -4.81
CA ILE A 10 -1.44 -4.94 -5.74
C ILE A 10 -0.22 -5.82 -6.05
N ARG A 11 0.38 -6.38 -5.00
CA ARG A 11 1.56 -7.22 -5.15
C ARG A 11 1.19 -8.66 -5.49
N ASN A 12 0.15 -9.18 -4.84
CA ASN A 12 -0.26 -10.57 -5.03
C ASN A 12 -1.26 -10.74 -6.18
N THR A 13 -2.49 -10.30 -5.98
CA THR A 13 -3.53 -10.47 -6.99
C THR A 13 -4.05 -9.16 -7.58
N PRO A 14 -3.34 -8.61 -8.59
CA PRO A 14 -3.73 -7.39 -9.26
C PRO A 14 -4.48 -7.68 -10.57
N SER A 15 -5.51 -8.51 -10.46
CA SER A 15 -6.31 -8.91 -11.60
C SER A 15 -7.27 -7.81 -12.06
N GLU A 16 -6.71 -6.82 -12.74
CA GLU A 16 -7.45 -5.69 -13.29
C GLU A 16 -6.44 -4.73 -13.91
N PRO A 17 -6.73 -4.19 -15.11
CA PRO A 17 -5.84 -3.26 -15.80
C PRO A 17 -5.35 -2.14 -14.88
N ILE A 18 -6.26 -1.47 -14.20
CA ILE A 18 -5.89 -0.39 -13.30
C ILE A 18 -5.06 -0.90 -12.12
N HIS A 19 -5.31 -2.14 -11.72
CA HIS A 19 -4.58 -2.74 -10.59
C HIS A 19 -3.11 -2.91 -10.96
N CYS A 20 -2.86 -3.19 -12.24
CA CYS A 20 -1.50 -3.36 -12.73
C CYS A 20 -0.83 -1.99 -12.93
N ILE A 21 -1.64 -1.02 -13.36
CA ILE A 21 -1.14 0.34 -13.58
C ILE A 21 -0.68 0.96 -12.27
N VAL A 22 -1.46 0.76 -11.21
CA VAL A 22 -1.11 1.28 -9.90
C VAL A 22 0.21 0.66 -9.43
N TRP A 23 0.37 -0.63 -9.72
CA TRP A 23 1.59 -1.36 -9.36
C TRP A 23 2.79 -0.73 -10.06
N ALA A 24 2.59 -0.37 -11.34
CA ALA A 24 3.63 0.25 -12.13
C ALA A 24 3.97 1.64 -11.58
N LYS A 25 2.95 2.37 -11.14
CA LYS A 25 3.16 3.70 -10.57
C LYS A 25 3.98 3.57 -9.29
N TYR A 26 3.68 2.54 -8.50
CA TYR A 26 4.40 2.29 -7.27
C TYR A 26 5.85 1.91 -7.60
N LEU A 27 6.01 1.13 -8.66
CA LEU A 27 7.32 0.69 -9.11
C LEU A 27 8.24 1.87 -9.41
N PHE A 28 7.69 2.91 -10.04
CA PHE A 28 8.48 4.09 -10.37
C PHE A 28 9.01 4.77 -9.11
N ASN A 29 8.13 4.95 -8.12
CA ASN A 29 8.50 5.59 -6.87
C ASN A 29 9.40 4.67 -6.05
N GLN A 30 9.33 3.39 -6.34
CA GLN A 30 10.11 2.38 -5.65
C GLN A 30 11.49 2.23 -6.29
N LEU A 31 11.74 2.97 -7.38
CA LEU A 31 13.02 2.89 -8.06
C LEU A 31 13.68 4.24 -8.19
N PHE A 32 12.94 5.24 -8.68
CA PHE A 32 13.49 6.57 -8.88
C PHE A 32 12.83 7.61 -7.98
N GLY A 33 11.59 7.36 -7.58
CA GLY A 33 10.89 8.32 -6.74
C GLY A 33 11.00 8.04 -5.27
N GLU A 34 9.96 8.40 -4.54
CA GLU A 34 9.91 8.22 -3.08
C GLU A 34 9.12 6.96 -2.75
N GLU A 35 9.77 6.03 -2.07
CA GLU A 35 9.13 4.77 -1.70
C GLU A 35 8.65 4.80 -0.25
N ASP A 36 8.01 3.72 0.15
CA ASP A 36 7.49 3.59 1.49
C ASP A 36 7.47 2.12 1.89
N ALA A 37 7.37 1.86 3.18
CA ALA A 37 7.35 0.50 3.69
C ALA A 37 6.13 -0.26 3.18
N ASP A 38 4.98 0.41 3.18
CA ASP A 38 3.75 -0.22 2.71
C ASP A 38 3.67 -0.16 1.19
N GLN A 39 4.30 0.85 0.61
CA GLN A 39 4.29 1.03 -0.83
C GLN A 39 5.46 0.30 -1.48
N GLU A 40 5.70 -0.93 -1.07
CA GLU A 40 6.76 -1.73 -1.66
C GLU A 40 6.26 -2.35 -2.97
N VAL A 41 7.19 -2.70 -3.84
CA VAL A 41 6.83 -3.27 -5.13
C VAL A 41 7.08 -4.78 -5.13
N SER A 42 7.98 -5.22 -4.26
CA SER A 42 8.31 -6.63 -4.16
C SER A 42 7.36 -7.35 -3.20
N PRO A 43 6.98 -8.59 -3.53
CA PRO A 43 6.10 -9.39 -2.68
C PRO A 43 6.71 -9.63 -1.30
N ASP A 44 5.88 -9.57 -0.27
CA ASP A 44 6.31 -9.74 1.11
C ASP A 44 6.68 -11.20 1.39
N ARG A 45 7.74 -11.39 2.17
CA ARG A 45 8.18 -12.72 2.54
C ARG A 45 7.42 -13.19 3.77
N ALA A 46 6.70 -12.27 4.39
CA ALA A 46 5.90 -12.57 5.56
C ALA A 46 4.47 -12.89 5.15
N ASP A 47 4.28 -13.09 3.85
CA ASP A 47 2.98 -13.42 3.28
C ASP A 47 2.31 -14.56 4.05
N PRO A 48 0.97 -14.51 4.20
CA PRO A 48 0.21 -15.55 4.92
C PRO A 48 0.59 -16.99 4.54
N GLU A 49 1.05 -17.20 3.31
CA GLU A 49 1.43 -18.53 2.86
C GLU A 49 2.94 -18.76 2.94
N ALA A 50 3.68 -17.70 3.19
CA ALA A 50 5.13 -17.79 3.29
C ALA A 50 5.60 -17.78 4.74
N ALA A 51 4.79 -17.18 5.61
CA ALA A 51 5.13 -17.11 7.02
C ALA A 51 3.95 -17.53 7.90
N TRP A 52 3.38 -16.57 8.64
CA TRP A 52 2.28 -16.87 9.55
C TRP A 52 0.99 -16.18 9.10
N GLU A 53 0.37 -15.44 10.02
CA GLU A 53 -0.87 -14.73 9.75
C GLU A 53 -0.72 -13.67 8.65
N PRO A 54 0.32 -12.81 8.68
CA PRO A 54 1.37 -12.77 9.72
C PRO A 54 1.03 -11.85 10.89
N THR A 55 1.44 -12.23 12.08
CA THR A 55 1.19 -11.43 13.27
C THR A 55 1.87 -12.10 14.46
N GLU A 56 2.16 -11.33 15.49
CA GLU A 56 2.81 -11.85 16.68
C GLU A 56 2.06 -11.40 17.93
N ALA A 57 2.74 -11.51 19.09
CA ALA A 57 2.17 -11.14 20.38
C ALA A 57 1.10 -12.13 20.84
N GLU A 58 0.92 -13.21 20.08
CA GLU A 58 -0.05 -14.23 20.43
C GLU A 58 0.68 -15.52 20.77
N ALA A 59 1.52 -15.98 19.84
CA ALA A 59 2.30 -17.18 20.01
C ALA A 59 3.66 -17.03 19.34
N ARG A 60 3.76 -16.05 18.44
CA ARG A 60 4.99 -15.79 17.73
C ARG A 60 5.71 -14.59 18.32
N ALA A 61 5.56 -14.41 19.64
CA ALA A 61 6.19 -13.29 20.32
C ALA A 61 7.69 -13.53 20.47
N ARG A 62 8.45 -12.98 19.53
CA ARG A 62 9.90 -13.12 19.54
C ARG A 62 10.55 -11.76 19.71
N ALA A 63 10.67 -11.30 20.94
CA ALA A 63 11.27 -10.01 21.24
C ALA A 63 12.78 -10.03 20.99
N SER A 64 13.28 -11.19 20.58
CA SER A 64 14.68 -11.38 20.28
C SER A 64 15.13 -10.47 19.13
N ASN A 65 14.35 -10.47 18.05
CA ASN A 65 14.67 -9.64 16.89
C ASN A 65 13.43 -9.09 16.20
N GLU A 66 12.32 -9.81 16.29
CA GLU A 66 11.08 -9.38 15.64
C GLU A 66 10.55 -8.08 16.25
N ASP A 67 10.48 -8.04 17.57
CA ASP A 67 9.98 -6.86 18.27
C ASP A 67 10.83 -5.65 17.92
N GLY A 68 10.23 -4.70 17.22
CA GLY A 68 10.91 -3.50 16.82
C GLY A 68 11.61 -3.62 15.48
N ASP A 69 11.49 -4.78 14.82
CA ASP A 69 12.13 -4.98 13.52
C ASP A 69 11.60 -6.21 12.79
N ILE A 70 10.53 -6.05 12.04
CA ILE A 70 9.94 -7.16 11.29
C ILE A 70 9.91 -6.85 9.80
N LYS A 71 9.27 -5.74 9.43
CA LYS A 71 9.15 -5.35 8.03
C LYS A 71 10.29 -4.42 7.63
N ARG A 72 11.33 -5.00 7.04
CA ARG A 72 12.50 -4.24 6.61
C ARG A 72 12.93 -4.69 5.21
N ILE A 73 12.51 -3.94 4.19
CA ILE A 73 12.85 -4.26 2.82
C ILE A 73 13.06 -2.97 2.01
N SER A 74 14.03 -2.98 1.10
CA SER A 74 14.33 -1.81 0.29
C SER A 74 14.70 -2.22 -1.14
N THR A 75 13.69 -2.38 -2.00
CA THR A 75 13.92 -2.77 -3.38
C THR A 75 14.68 -1.68 -4.14
N LYS A 76 14.44 -0.42 -3.76
CA LYS A 76 15.11 0.72 -4.40
C LYS A 76 16.61 0.59 -4.29
N GLU A 77 17.07 0.07 -3.14
CA GLU A 77 18.48 -0.11 -2.90
C GLU A 77 19.08 -1.10 -3.89
N TRP A 78 18.41 -2.24 -4.06
CA TRP A 78 18.88 -3.27 -4.98
C TRP A 78 18.99 -2.73 -6.40
N ALA A 79 17.99 -1.94 -6.80
CA ALA A 79 17.97 -1.36 -8.13
C ALA A 79 19.16 -0.44 -8.34
N LYS A 80 19.49 0.33 -7.31
CA LYS A 80 20.61 1.25 -7.41
C LYS A 80 21.94 0.49 -7.34
N SER A 81 21.92 -0.69 -6.69
CA SER A 81 23.12 -1.51 -6.56
C SER A 81 23.51 -2.08 -7.92
N THR A 82 22.51 -2.43 -8.72
CA THR A 82 22.75 -2.98 -10.04
C THR A 82 22.90 -1.89 -11.08
N GLY A 83 22.78 -0.64 -10.64
CA GLY A 83 22.88 0.48 -11.55
C GLY A 83 21.68 0.57 -12.46
N TYR A 84 20.54 0.13 -11.94
CA TYR A 84 19.27 0.13 -12.67
C TYR A 84 19.42 -0.60 -14.00
N ASP A 85 19.88 -1.84 -13.94
CA ASP A 85 20.05 -2.64 -15.15
C ASP A 85 18.70 -3.18 -15.62
N PRO A 86 18.28 -2.79 -16.83
CA PRO A 86 16.99 -3.20 -17.40
C PRO A 86 16.78 -4.72 -17.41
N VAL A 87 17.83 -5.47 -17.70
CA VAL A 87 17.74 -6.93 -17.76
C VAL A 87 17.53 -7.52 -16.38
N LYS A 88 18.32 -7.06 -15.41
CA LYS A 88 18.21 -7.54 -14.04
C LYS A 88 16.86 -7.17 -13.45
N LEU A 89 16.42 -5.94 -13.71
CA LEU A 89 15.13 -5.48 -13.21
C LEU A 89 13.99 -6.29 -13.81
N PHE A 90 14.10 -6.53 -15.12
CA PHE A 90 13.09 -7.29 -15.84
C PHE A 90 12.97 -8.71 -15.31
N THR A 91 14.10 -9.40 -15.19
CA THR A 91 14.11 -10.78 -14.72
C THR A 91 13.71 -10.90 -13.26
N LYS A 92 13.87 -9.83 -12.50
CA LYS A 92 13.53 -9.85 -11.08
C LYS A 92 12.03 -9.65 -10.89
N LEU A 93 11.52 -8.53 -11.38
CA LEU A 93 10.11 -8.19 -11.20
C LEU A 93 9.17 -8.94 -12.14
N PHE A 94 9.63 -9.33 -13.32
CA PHE A 94 8.74 -10.01 -14.27
C PHE A 94 9.03 -11.49 -14.40
N LYS A 95 9.90 -12.03 -13.55
CA LYS A 95 10.22 -13.45 -13.63
C LYS A 95 10.41 -14.06 -12.24
N ASP A 96 11.46 -13.65 -11.54
CA ASP A 96 11.76 -14.17 -10.22
C ASP A 96 10.63 -13.91 -9.24
N ASP A 97 10.12 -12.68 -9.23
CA ASP A 97 9.03 -12.31 -8.34
C ASP A 97 7.79 -13.12 -8.66
N ILE A 98 7.56 -13.36 -9.95
CA ILE A 98 6.41 -14.14 -10.38
C ILE A 98 6.58 -15.58 -9.95
N ARG A 99 7.79 -16.10 -10.11
CA ARG A 99 8.12 -17.46 -9.73
C ARG A 99 7.90 -17.66 -8.23
N TYR A 100 8.32 -16.65 -7.45
CA TYR A 100 8.16 -16.68 -6.01
C TYR A 100 6.69 -16.60 -5.62
N LEU A 101 5.92 -15.81 -6.39
CA LEU A 101 4.50 -15.65 -6.12
C LEU A 101 3.73 -16.93 -6.42
N LEU A 102 4.32 -17.80 -7.21
CA LEU A 102 3.69 -19.07 -7.57
C LEU A 102 3.74 -20.06 -6.41
N THR A 103 4.54 -19.75 -5.39
CA THR A 103 4.67 -20.62 -4.23
C THR A 103 3.38 -20.60 -3.40
N MET A 104 2.60 -19.54 -3.56
CA MET A 104 1.34 -19.41 -2.82
C MET A 104 0.23 -20.10 -3.61
N ASP A 105 0.06 -21.40 -3.37
CA ASP A 105 -0.96 -22.19 -4.09
C ASP A 105 -2.37 -21.79 -3.66
N LYS A 106 -2.50 -21.35 -2.43
CA LYS A 106 -3.81 -20.95 -1.89
C LYS A 106 -4.33 -19.71 -2.63
N LEU A 107 -3.44 -18.99 -3.28
CA LEU A 107 -3.80 -17.80 -4.02
C LEU A 107 -4.23 -18.12 -5.44
N TRP A 108 -3.73 -19.23 -5.97
CA TRP A 108 -4.06 -19.64 -7.33
C TRP A 108 -4.79 -20.98 -7.34
N ARG A 109 -6.00 -20.98 -6.79
CA ARG A 109 -6.80 -22.20 -6.75
C ARG A 109 -7.96 -22.12 -7.73
N LYS A 110 -8.14 -20.95 -8.33
CA LYS A 110 -9.19 -20.72 -9.29
C LYS A 110 -8.69 -19.84 -10.43
N ARG A 111 -8.08 -18.74 -10.08
CA ARG A 111 -7.54 -17.81 -11.06
C ARG A 111 -6.32 -18.44 -11.74
N LYS A 112 -6.20 -18.22 -13.05
CA LYS A 112 -5.08 -18.76 -13.81
C LYS A 112 -3.75 -18.29 -13.23
N PRO A 113 -2.85 -19.24 -12.92
CA PRO A 113 -1.54 -18.93 -12.34
C PRO A 113 -0.69 -18.07 -13.28
N PRO A 114 -0.09 -16.99 -12.74
CA PRO A 114 0.75 -16.08 -13.53
C PRO A 114 1.94 -16.80 -14.16
N VAL A 115 2.27 -16.41 -15.38
CA VAL A 115 3.37 -17.01 -16.11
C VAL A 115 4.55 -16.04 -16.20
N PRO A 116 5.67 -16.37 -15.54
CA PRO A 116 6.88 -15.53 -15.55
C PRO A 116 7.43 -15.29 -16.95
N LEU A 117 7.97 -14.10 -17.18
CA LEU A 117 8.52 -13.75 -18.48
C LEU A 117 10.04 -13.60 -18.40
N ASP A 118 10.73 -14.23 -19.33
CA ASP A 118 12.19 -14.15 -19.37
C ASP A 118 12.61 -13.16 -20.44
N TRP A 119 13.66 -12.40 -20.16
CA TRP A 119 14.16 -11.40 -21.09
C TRP A 119 14.56 -12.02 -22.43
N ALA A 120 15.09 -13.23 -22.39
CA ALA A 120 15.52 -13.91 -23.59
C ALA A 120 14.33 -14.51 -24.33
N GLU A 121 13.36 -15.01 -23.58
CA GLU A 121 12.18 -15.63 -24.18
C GLU A 121 11.34 -14.60 -24.94
N VAL A 122 11.32 -13.37 -24.47
CA VAL A 122 10.54 -12.33 -25.12
C VAL A 122 11.26 -11.79 -26.36
N GLN A 123 12.58 -11.61 -26.28
CA GLN A 123 13.34 -11.11 -27.41
C GLN A 123 13.35 -12.12 -28.54
N SER A 124 13.33 -13.39 -28.19
CA SER A 124 13.30 -14.46 -29.18
C SER A 124 11.92 -15.11 -29.22
N GLN A 125 10.88 -14.26 -29.16
CA GLN A 125 9.50 -14.71 -29.19
C GLN A 125 9.19 -15.43 -30.49
N GLY A 126 9.12 -16.76 -30.43
CA GLY A 126 8.83 -17.55 -31.61
C GLY A 126 7.37 -17.49 -31.99
N GLU A 127 6.52 -17.43 -30.98
CA GLU A 127 5.08 -17.39 -31.19
C GLU A 127 4.63 -15.94 -31.44
N GLU A 128 5.26 -15.31 -32.42
CA GLU A 128 4.96 -13.92 -32.75
C GLU A 128 4.56 -13.83 -34.22
N THR A 129 4.30 -12.61 -34.68
CA THR A 129 3.92 -12.34 -36.07
C THR A 129 4.99 -12.87 -37.02
N ASN A 130 4.59 -13.73 -37.94
CA ASN A 130 5.52 -14.32 -38.90
C ASN A 130 5.82 -13.38 -40.05
N ALA A 131 4.96 -12.38 -40.24
CA ALA A 131 5.15 -11.41 -41.31
C ALA A 131 6.47 -10.67 -41.15
N SER A 132 6.62 -9.98 -40.03
CA SER A 132 7.84 -9.24 -39.75
C SER A 132 8.02 -9.11 -38.24
N ASP A 133 9.26 -8.87 -37.82
CA ASP A 133 9.59 -8.73 -36.41
C ASP A 133 9.45 -7.29 -35.96
N GLN A 134 9.94 -6.36 -36.77
CA GLN A 134 9.89 -4.95 -36.44
C GLN A 134 8.58 -4.32 -36.91
N GLN A 135 7.94 -4.98 -37.86
CA GLN A 135 6.67 -4.50 -38.40
C GLN A 135 5.57 -5.53 -38.15
N ASN A 136 4.73 -5.24 -37.17
CA ASN A 136 3.64 -6.12 -36.84
C ASN A 136 2.42 -5.76 -37.68
N GLU A 137 1.23 -5.77 -37.09
CA GLU A 137 0.01 -5.43 -37.81
C GLU A 137 -0.08 -3.92 -38.04
N PRO A 138 0.05 -3.46 -39.30
CA PRO A 138 -0.01 -2.04 -39.64
C PRO A 138 -1.44 -1.55 -39.75
N GLN A 139 -2.08 -1.34 -38.61
CA GLN A 139 -3.46 -0.87 -38.55
C GLN A 139 -3.52 0.65 -38.66
N LEU A 140 -4.71 1.20 -38.57
CA LEU A 140 -4.91 2.64 -38.66
C LEU A 140 -5.38 3.21 -37.34
N GLY A 141 -5.26 4.52 -37.18
CA GLY A 141 -5.69 5.18 -35.95
C GLY A 141 -4.53 5.88 -35.26
N LEU A 142 -4.79 6.39 -34.06
CA LEU A 142 -3.76 7.07 -33.30
C LEU A 142 -2.68 6.07 -32.89
N LYS A 143 -1.42 6.44 -33.12
CA LYS A 143 -0.30 5.55 -32.79
C LYS A 143 -0.21 5.31 -31.29
N ASP A 144 -0.70 6.26 -30.51
CA ASP A 144 -0.69 6.15 -29.06
C ASP A 144 -1.78 5.21 -28.59
N GLN A 145 -2.79 5.03 -29.43
CA GLN A 145 -3.91 4.16 -29.12
C GLN A 145 -3.65 2.75 -29.65
N GLN A 146 -2.54 2.56 -30.33
CA GLN A 146 -2.20 1.27 -30.88
C GLN A 146 -1.55 0.40 -29.81
N VAL A 147 -2.16 -0.75 -29.55
CA VAL A 147 -1.65 -1.68 -28.56
C VAL A 147 -0.52 -2.51 -29.17
N LEU A 148 0.67 -2.36 -28.63
CA LEU A 148 1.83 -3.08 -29.13
C LEU A 148 1.87 -4.48 -28.53
N ASP A 149 2.94 -5.22 -28.80
CA ASP A 149 3.08 -6.57 -28.30
C ASP A 149 3.98 -6.58 -27.06
N VAL A 150 4.19 -7.76 -26.49
CA VAL A 150 5.00 -7.91 -25.28
C VAL A 150 6.45 -7.48 -25.51
N LYS A 151 6.98 -7.76 -26.69
CA LYS A 151 8.37 -7.41 -27.01
C LYS A 151 8.56 -5.91 -27.06
N SER A 152 7.60 -5.22 -27.67
CA SER A 152 7.67 -3.78 -27.81
C SER A 152 7.67 -3.09 -26.45
N TYR A 153 6.81 -3.53 -25.56
CA TYR A 153 6.73 -2.94 -24.24
C TYR A 153 7.91 -3.38 -23.39
N ALA A 154 8.46 -4.57 -23.68
CA ALA A 154 9.61 -5.08 -22.95
C ALA A 154 10.83 -4.21 -23.25
N ARG A 155 11.04 -3.90 -24.52
CA ARG A 155 12.18 -3.08 -24.91
C ARG A 155 11.92 -1.62 -24.52
N LEU A 156 10.67 -1.20 -24.56
CA LEU A 156 10.30 0.16 -24.19
C LEU A 156 10.56 0.35 -22.70
N PHE A 157 10.24 -0.67 -21.92
CA PHE A 157 10.45 -0.66 -20.48
C PHE A 157 11.92 -0.42 -20.19
N SER A 158 12.77 -1.14 -20.91
CA SER A 158 14.21 -1.03 -20.75
C SER A 158 14.71 0.34 -21.18
N LYS A 159 14.23 0.80 -22.34
CA LYS A 159 14.62 2.10 -22.88
C LYS A 159 14.26 3.22 -21.91
N SER A 160 13.09 3.11 -21.29
CA SER A 160 12.62 4.10 -20.33
C SER A 160 13.54 4.12 -19.11
N ILE A 161 13.97 2.95 -18.67
CA ILE A 161 14.85 2.85 -17.52
C ILE A 161 16.20 3.53 -17.83
N GLU A 162 16.73 3.23 -19.01
CA GLU A 162 18.00 3.79 -19.45
C GLU A 162 17.97 5.32 -19.40
N THR A 163 16.91 5.91 -19.94
CA THR A 163 16.79 7.36 -19.96
C THR A 163 16.42 7.91 -18.58
N LEU A 164 15.80 7.10 -17.74
CA LEU A 164 15.41 7.55 -16.41
C LEU A 164 16.62 7.61 -15.48
N ARG A 165 17.60 6.74 -15.74
CA ARG A 165 18.82 6.69 -14.93
C ARG A 165 19.54 8.02 -14.95
N VAL A 166 19.83 8.50 -16.15
CA VAL A 166 20.53 9.77 -16.31
C VAL A 166 19.69 10.93 -15.79
N HIS A 167 18.37 10.82 -15.95
CA HIS A 167 17.47 11.87 -15.48
C HIS A 167 17.57 12.00 -13.96
N LEU A 168 17.81 10.88 -13.31
CA LEU A 168 17.96 10.86 -11.86
C LEU A 168 19.37 11.29 -11.46
N ALA A 169 20.36 10.77 -12.18
CA ALA A 169 21.76 11.07 -11.93
C ALA A 169 22.04 12.56 -12.05
N GLU A 170 21.37 13.23 -12.98
CA GLU A 170 21.56 14.66 -13.19
C GLU A 170 21.02 15.48 -12.02
N LYS A 171 20.04 14.92 -11.32
CA LYS A 171 19.43 15.60 -10.18
C LYS A 171 20.41 15.67 -9.01
N GLY A 172 21.15 14.58 -8.81
CA GLY A 172 22.13 14.54 -7.74
C GLY A 172 21.98 13.30 -6.89
N ASP A 173 22.83 13.18 -5.89
CA ASP A 173 22.80 12.04 -4.98
C ASP A 173 21.65 12.16 -3.99
N GLY A 174 20.96 11.05 -3.77
CA GLY A 174 19.84 11.04 -2.84
C GLY A 174 18.60 11.71 -3.41
N ALA A 175 18.66 12.11 -4.66
CA ALA A 175 17.55 12.76 -5.32
C ALA A 175 16.48 11.75 -5.71
N GLU A 176 15.26 12.25 -5.92
CA GLU A 176 14.14 11.40 -6.29
C GLU A 176 13.37 12.01 -7.46
N LEU A 177 12.77 11.17 -8.27
CA LEU A 177 12.00 11.63 -9.43
C LEU A 177 10.52 11.45 -9.17
N ILE A 178 9.76 12.54 -9.23
CA ILE A 178 8.31 12.46 -9.02
C ILE A 178 7.62 12.12 -10.32
N TRP A 179 6.81 11.07 -10.30
CA TRP A 179 6.09 10.64 -11.49
C TRP A 179 5.13 11.70 -11.99
N ASP A 180 5.22 11.99 -13.28
CA ASP A 180 4.35 12.98 -13.91
C ASP A 180 3.90 12.46 -15.27
N LYS A 181 2.59 12.45 -15.48
CA LYS A 181 2.01 11.99 -16.75
C LYS A 181 2.44 12.89 -17.91
N ASP A 182 3.03 14.04 -17.58
CA ASP A 182 3.49 14.99 -18.58
C ASP A 182 4.84 14.55 -19.14
N ASP A 183 5.60 13.80 -18.35
CA ASP A 183 6.92 13.34 -18.77
C ASP A 183 6.82 12.04 -19.57
N PRO A 184 7.31 12.04 -20.82
CA PRO A 184 7.28 10.86 -21.70
C PRO A 184 7.99 9.65 -21.11
N SER A 185 9.18 9.86 -20.56
CA SER A 185 9.96 8.76 -19.98
C SER A 185 9.19 8.05 -18.86
N ALA A 186 8.63 8.84 -17.95
CA ALA A 186 7.87 8.30 -16.83
C ALA A 186 6.60 7.61 -17.32
N MET A 187 6.01 8.16 -18.37
CA MET A 187 4.79 7.60 -18.94
C MET A 187 5.08 6.31 -19.68
N ASP A 188 6.09 6.31 -20.52
CA ASP A 188 6.47 5.13 -21.29
C ASP A 188 6.82 3.99 -20.33
N PHE A 189 7.47 4.35 -19.23
CA PHE A 189 7.88 3.40 -18.21
C PHE A 189 6.66 2.72 -17.58
N VAL A 190 5.74 3.52 -17.07
CA VAL A 190 4.54 3.01 -16.42
C VAL A 190 3.68 2.18 -17.39
N THR A 191 3.65 2.59 -18.65
CA THR A 191 2.88 1.89 -19.67
C THR A 191 3.45 0.50 -19.94
N SER A 192 4.76 0.43 -20.09
CA SER A 192 5.43 -0.82 -20.37
C SER A 192 5.36 -1.77 -19.17
N ALA A 193 5.61 -1.24 -17.98
CA ALA A 193 5.58 -2.05 -16.76
C ALA A 193 4.20 -2.67 -16.54
N ALA A 194 3.16 -1.88 -16.71
CA ALA A 194 1.79 -2.35 -16.53
C ALA A 194 1.42 -3.38 -17.59
N ASN A 195 1.84 -3.12 -18.83
CA ASN A 195 1.54 -4.01 -19.95
C ASN A 195 2.12 -5.39 -19.72
N LEU A 196 3.36 -5.44 -19.25
CA LEU A 196 4.02 -6.71 -18.99
C LEU A 196 3.34 -7.43 -17.82
N ARG A 197 2.94 -6.66 -16.81
CA ARG A 197 2.29 -7.20 -15.64
C ARG A 197 0.96 -7.87 -15.99
N MET A 198 0.15 -7.21 -16.81
CA MET A 198 -1.15 -7.76 -17.21
C MET A 198 -0.98 -8.95 -18.16
N HIS A 199 0.06 -8.92 -18.98
CA HIS A 199 0.35 -10.01 -19.91
C HIS A 199 0.67 -11.29 -19.14
N ILE A 200 1.36 -11.13 -18.02
CA ILE A 200 1.75 -12.25 -17.17
C ILE A 200 0.51 -12.92 -16.56
N PHE A 201 -0.52 -12.12 -16.29
CA PHE A 201 -1.75 -12.64 -15.71
C PHE A 201 -2.75 -13.01 -16.79
N SER A 202 -2.27 -13.09 -18.03
CA SER A 202 -3.10 -13.47 -19.18
C SER A 202 -4.25 -12.49 -19.40
N MET A 203 -4.04 -11.22 -19.05
CA MET A 203 -5.06 -10.21 -19.24
C MET A 203 -4.76 -9.42 -20.50
N ASN A 204 -5.79 -8.83 -21.08
CA ASN A 204 -5.63 -8.04 -22.29
C ASN A 204 -4.72 -6.85 -22.03
N MET A 205 -3.92 -6.49 -23.02
CA MET A 205 -3.00 -5.38 -22.90
C MET A 205 -3.64 -4.08 -23.35
N LYS A 206 -3.21 -2.97 -22.77
CA LYS A 206 -3.74 -1.66 -23.10
C LYS A 206 -2.69 -0.79 -23.77
N SER A 207 -3.16 0.16 -24.56
CA SER A 207 -2.26 1.06 -25.27
C SER A 207 -1.73 2.14 -24.33
N ARG A 208 -0.75 2.90 -24.80
CA ARG A 208 -0.15 3.95 -23.99
C ARG A 208 -1.17 5.04 -23.71
N PHE A 209 -1.97 5.38 -24.71
CA PHE A 209 -3.00 6.42 -24.55
C PHE A 209 -4.03 6.01 -23.50
N ASP A 210 -4.39 4.74 -23.52
CA ASP A 210 -5.37 4.20 -22.59
C ASP A 210 -4.82 4.28 -21.16
N ILE A 211 -3.61 3.76 -20.98
CA ILE A 211 -2.97 3.76 -19.67
C ILE A 211 -2.68 5.19 -19.21
N LYS A 212 -2.32 6.06 -20.14
CA LYS A 212 -2.02 7.46 -19.84
C LYS A 212 -3.21 8.13 -19.15
N SER A 213 -4.41 7.82 -19.62
CA SER A 213 -5.62 8.40 -19.08
C SER A 213 -5.93 7.83 -17.68
N MET A 214 -5.50 6.60 -17.43
CA MET A 214 -5.76 5.94 -16.15
C MET A 214 -4.66 6.22 -15.13
N ALA A 215 -3.41 6.14 -15.56
CA ALA A 215 -2.27 6.36 -14.68
C ALA A 215 -2.25 7.78 -14.14
N GLY A 216 -2.53 8.75 -15.01
CA GLY A 216 -2.53 10.14 -14.59
C GLY A 216 -3.82 10.51 -13.89
N ASN A 217 -4.94 10.08 -14.49
CA ASN A 217 -6.30 10.34 -13.99
C ASN A 217 -6.45 11.77 -13.45
N MET B 1 13.06 10.71 23.54
CA MET B 1 12.92 11.32 24.88
C MET B 1 11.99 12.52 24.82
N SER B 2 11.59 13.03 25.97
CA SER B 2 10.72 14.19 26.06
C SER B 2 11.38 15.40 25.41
N GLY B 3 10.56 16.33 24.93
CA GLY B 3 11.09 17.51 24.27
C GLY B 3 10.98 17.37 22.77
N ILE B 4 11.76 16.44 22.22
CA ILE B 4 11.76 16.19 20.78
C ILE B 4 10.37 15.73 20.35
N ALA B 5 9.80 14.82 21.13
CA ALA B 5 8.46 14.30 20.85
C ALA B 5 7.42 15.42 20.92
N LEU B 6 7.62 16.32 21.87
CA LEU B 6 6.71 17.44 22.06
C LEU B 6 6.76 18.41 20.89
N SER B 7 7.95 18.58 20.32
CA SER B 7 8.13 19.47 19.17
C SER B 7 7.26 19.01 18.01
N ARG B 8 7.30 17.71 17.74
CA ARG B 8 6.53 17.12 16.67
C ARG B 8 5.04 17.16 17.02
N LEU B 9 4.70 16.84 18.25
CA LEU B 9 3.31 16.85 18.71
C LEU B 9 2.70 18.24 18.54
N ALA B 10 3.49 19.26 18.85
CA ALA B 10 3.04 20.64 18.72
C ALA B 10 2.77 20.96 17.26
N GLN B 11 3.57 20.40 16.37
CA GLN B 11 3.42 20.61 14.93
C GLN B 11 2.18 19.89 14.41
N GLU B 12 1.98 18.67 14.90
CA GLU B 12 0.82 17.86 14.50
C GLU B 12 -0.48 18.60 14.78
N ARG B 13 -0.54 19.27 15.93
CA ARG B 13 -1.72 20.02 16.32
C ARG B 13 -1.98 21.16 15.34
N LYS B 14 -0.89 21.78 14.87
CA LYS B 14 -1.01 22.88 13.92
C LYS B 14 -1.54 22.39 12.58
N ALA B 15 -0.98 21.26 12.13
CA ALA B 15 -1.39 20.67 10.86
C ALA B 15 -2.86 20.26 10.91
N TRP B 16 -3.26 19.65 12.02
CA TRP B 16 -4.64 19.22 12.20
C TRP B 16 -5.58 20.41 12.24
N ARG B 17 -5.16 21.46 12.94
CA ARG B 17 -5.94 22.67 13.05
C ARG B 17 -6.06 23.37 11.70
N LYS B 18 -5.08 23.15 10.84
CA LYS B 18 -5.09 23.76 9.52
C LYS B 18 -5.98 22.97 8.57
N ASP B 19 -5.81 21.65 8.54
CA ASP B 19 -6.59 20.80 7.65
C ASP B 19 -6.88 19.45 8.28
N HIS B 20 -8.15 19.05 8.24
CA HIS B 20 -8.57 17.77 8.79
C HIS B 20 -9.88 17.33 8.11
N PRO B 21 -10.13 16.01 8.04
CA PRO B 21 -11.35 15.49 7.42
C PRO B 21 -12.61 15.86 8.21
N PHE B 22 -13.75 15.86 7.54
CA PHE B 22 -15.02 16.20 8.15
C PHE B 22 -15.47 15.14 9.15
N GLY B 23 -15.77 15.59 10.37
CA GLY B 23 -16.22 14.68 11.40
C GLY B 23 -15.08 14.13 12.24
N PHE B 24 -13.86 14.32 11.77
CA PHE B 24 -12.70 13.82 12.49
C PHE B 24 -12.25 14.81 13.54
N VAL B 25 -12.23 14.36 14.78
CA VAL B 25 -11.81 15.20 15.90
C VAL B 25 -10.56 14.64 16.55
N ALA B 26 -9.66 15.53 16.95
CA ALA B 26 -8.41 15.15 17.60
C ALA B 26 -7.85 16.34 18.37
N VAL B 27 -7.89 16.25 19.69
CA VAL B 27 -7.39 17.33 20.53
C VAL B 27 -6.78 16.79 21.83
N PRO B 28 -5.59 17.29 22.21
CA PRO B 28 -4.90 16.87 23.44
C PRO B 28 -5.75 17.11 24.69
N THR B 29 -5.45 16.38 25.75
CA THR B 29 -6.18 16.51 27.00
C THR B 29 -5.79 17.78 27.72
N LYS B 30 -6.80 18.53 28.16
CA LYS B 30 -6.56 19.76 28.89
C LYS B 30 -6.23 19.46 30.35
N ASN B 31 -4.96 19.51 30.66
CA ASN B 31 -4.50 19.25 32.01
C ASN B 31 -4.77 20.45 32.90
N PRO B 32 -5.10 20.24 34.19
CA PRO B 32 -5.38 21.32 35.14
C PRO B 32 -4.32 22.41 35.16
N ASP B 33 -4.67 23.55 35.80
CA ASP B 33 -3.78 24.71 35.91
C ASP B 33 -3.66 25.43 34.58
N GLY B 34 -4.58 25.13 33.67
CA GLY B 34 -4.57 25.77 32.37
C GLY B 34 -3.43 25.27 31.50
N THR B 35 -3.18 23.97 31.54
CA THR B 35 -2.11 23.38 30.74
C THR B 35 -2.69 22.38 29.74
N MET B 36 -1.81 21.71 29.00
CA MET B 36 -2.24 20.74 28.01
C MET B 36 -1.26 19.58 27.94
N ASN B 37 -1.79 18.37 27.95
CA ASN B 37 -0.95 17.17 27.86
C ASN B 37 -0.88 16.72 26.41
N LEU B 38 0.28 16.90 25.80
CA LEU B 38 0.47 16.54 24.39
C LEU B 38 0.69 15.04 24.22
N MET B 39 0.89 14.33 25.32
CA MET B 39 1.14 12.90 25.25
C MET B 39 -0.15 12.09 25.26
N ASN B 40 -1.29 12.78 25.29
CA ASN B 40 -2.58 12.10 25.30
C ASN B 40 -3.64 12.92 24.60
N TRP B 41 -4.12 12.41 23.47
CA TRP B 41 -5.13 13.09 22.68
C TRP B 41 -6.45 12.33 22.70
N GLU B 42 -7.55 13.09 22.65
CA GLU B 42 -8.87 12.50 22.62
C GLU B 42 -9.43 12.65 21.22
N CYS B 43 -9.30 11.61 20.43
CA CYS B 43 -9.75 11.64 19.05
C CYS B 43 -11.13 11.02 18.89
N ALA B 44 -11.81 11.41 17.82
CA ALA B 44 -13.13 10.89 17.50
C ALA B 44 -13.21 10.61 16.01
N ILE B 45 -13.68 9.42 15.67
CA ILE B 45 -13.79 9.00 14.28
C ILE B 45 -15.22 8.60 13.95
N PRO B 46 -15.81 9.25 12.93
CA PRO B 46 -17.17 8.94 12.49
C PRO B 46 -17.19 7.80 11.49
N GLY B 47 -18.29 7.07 11.43
CA GLY B 47 -18.41 5.96 10.51
C GLY B 47 -18.32 6.41 9.07
N LYS B 48 -17.61 5.64 8.25
CA LYS B 48 -17.44 5.97 6.85
C LYS B 48 -18.77 5.93 6.11
N LYS B 49 -18.98 6.89 5.23
CA LYS B 49 -20.21 6.98 4.45
C LYS B 49 -20.37 5.76 3.55
N GLY B 50 -21.53 5.12 3.61
CA GLY B 50 -21.79 3.95 2.80
C GLY B 50 -21.55 2.66 3.54
N THR B 51 -21.10 2.77 4.77
CA THR B 51 -20.82 1.60 5.60
C THR B 51 -21.77 1.55 6.79
N PRO B 52 -21.96 0.36 7.41
CA PRO B 52 -22.85 0.22 8.57
C PRO B 52 -22.39 1.02 9.79
N TRP B 53 -21.24 1.67 9.68
CA TRP B 53 -20.71 2.49 10.75
C TRP B 53 -21.17 3.94 10.59
N GLU B 54 -21.62 4.27 9.38
CA GLU B 54 -22.08 5.61 9.05
C GLU B 54 -23.19 6.08 9.99
N GLY B 55 -22.96 7.22 10.63
CA GLY B 55 -23.95 7.76 11.53
C GLY B 55 -23.46 7.81 12.97
N GLY B 56 -22.51 6.95 13.30
CA GLY B 56 -22.00 6.91 14.64
C GLY B 56 -20.65 7.59 14.78
N LEU B 57 -20.43 8.22 15.93
CA LEU B 57 -19.18 8.89 16.21
C LEU B 57 -18.47 8.17 17.36
N PHE B 58 -17.38 7.51 17.04
CA PHE B 58 -16.63 6.75 18.03
C PHE B 58 -15.44 7.53 18.55
N LYS B 59 -15.18 7.39 19.84
CA LYS B 59 -14.07 8.09 20.46
C LYS B 59 -12.97 7.10 20.87
N LEU B 60 -11.72 7.51 20.71
CA LEU B 60 -10.59 6.67 21.08
C LEU B 60 -9.53 7.49 21.78
N ARG B 61 -8.76 6.84 22.63
CA ARG B 61 -7.70 7.49 23.39
C ARG B 61 -6.35 7.26 22.72
N MET B 62 -5.70 8.35 22.34
CA MET B 62 -4.40 8.27 21.70
C MET B 62 -3.31 8.66 22.69
N LEU B 63 -2.43 7.72 22.99
CA LEU B 63 -1.35 7.96 23.93
C LEU B 63 0.00 7.90 23.23
N PHE B 64 0.86 8.85 23.56
CA PHE B 64 2.18 8.92 22.96
C PHE B 64 3.25 8.59 24.01
N LYS B 65 4.44 8.25 23.54
CA LYS B 65 5.54 7.90 24.43
C LYS B 65 6.69 8.88 24.29
N ASP B 66 7.73 8.66 25.09
CA ASP B 66 8.92 9.51 25.07
C ASP B 66 9.74 9.25 23.81
N ASP B 67 9.62 8.05 23.29
CA ASP B 67 10.36 7.64 22.11
C ASP B 67 9.69 8.10 20.83
N TYR B 68 8.67 8.93 20.95
CA TYR B 68 7.95 9.47 19.79
C TYR B 68 8.87 10.47 19.07
N PRO B 69 8.82 10.54 17.72
CA PRO B 69 7.94 9.73 16.88
C PRO B 69 8.57 8.42 16.41
N SER B 70 9.68 8.02 17.03
CA SER B 70 10.32 6.77 16.66
C SER B 70 9.43 5.59 17.02
N SER B 71 8.75 5.71 18.16
CA SER B 71 7.84 4.68 18.63
C SER B 71 6.41 5.08 18.26
N PRO B 72 5.58 4.12 17.83
CA PRO B 72 4.20 4.37 17.46
C PRO B 72 3.30 4.59 18.68
N PRO B 73 2.30 5.47 18.54
CA PRO B 73 1.38 5.77 19.64
C PRO B 73 0.35 4.65 19.84
N LYS B 74 -0.17 4.56 21.04
CA LYS B 74 -1.16 3.55 21.37
C LYS B 74 -2.57 4.13 21.26
N CYS B 75 -3.42 3.45 20.52
CA CYS B 75 -4.79 3.91 20.33
C CYS B 75 -5.78 2.93 20.95
N LYS B 76 -6.44 3.35 22.01
CA LYS B 76 -7.41 2.50 22.69
C LYS B 76 -8.79 3.13 22.61
N PHE B 77 -9.72 2.43 21.98
CA PHE B 77 -11.09 2.92 21.83
C PHE B 77 -11.75 3.15 23.19
N GLU B 78 -12.58 4.17 23.25
CA GLU B 78 -13.29 4.52 24.48
C GLU B 78 -14.78 4.68 24.20
N PRO B 79 -15.59 3.63 24.42
CA PRO B 79 -15.14 2.33 24.92
C PRO B 79 -14.74 1.39 23.80
N PRO B 80 -14.18 0.21 24.13
CA PRO B 80 -13.78 -0.80 23.13
C PRO B 80 -14.95 -1.16 22.21
N LEU B 81 -14.71 -1.09 20.91
CA LEU B 81 -15.73 -1.38 19.93
C LEU B 81 -15.71 -2.83 19.47
N PHE B 82 -16.81 -3.26 18.88
CA PHE B 82 -16.95 -4.60 18.35
C PHE B 82 -16.24 -4.67 17.00
N HIS B 83 -14.99 -5.13 17.03
CA HIS B 83 -14.18 -5.22 15.82
C HIS B 83 -13.08 -6.26 16.02
N PRO B 84 -12.89 -7.17 15.03
CA PRO B 84 -11.88 -8.23 15.11
C PRO B 84 -10.45 -7.72 15.31
N ASN B 85 -10.19 -6.49 14.91
CA ASN B 85 -8.85 -5.91 15.03
C ASN B 85 -8.74 -5.02 16.27
N VAL B 86 -9.71 -5.12 17.15
CA VAL B 86 -9.72 -4.34 18.38
C VAL B 86 -9.78 -5.26 19.58
N TYR B 87 -8.78 -5.18 20.45
CA TYR B 87 -8.73 -6.02 21.63
C TYR B 87 -9.82 -5.60 22.61
N PRO B 88 -10.25 -6.51 23.51
CA PRO B 88 -11.29 -6.22 24.51
C PRO B 88 -10.94 -5.03 25.38
N SER B 89 -9.66 -4.72 25.45
CA SER B 89 -9.16 -3.60 26.23
C SER B 89 -9.35 -2.28 25.47
N GLY B 90 -9.56 -2.39 24.16
CA GLY B 90 -9.76 -1.22 23.34
C GLY B 90 -8.61 -0.95 22.40
N THR B 91 -7.52 -1.68 22.59
CA THR B 91 -6.32 -1.52 21.76
C THR B 91 -6.61 -1.87 20.30
N VAL B 92 -6.34 -0.92 19.42
CA VAL B 92 -6.55 -1.11 17.99
C VAL B 92 -5.27 -1.59 17.33
N CYS B 93 -5.34 -2.71 16.64
CA CYS B 93 -4.16 -3.27 15.97
C CYS B 93 -4.12 -2.84 14.51
N LEU B 94 -3.01 -2.25 14.12
CA LEU B 94 -2.81 -1.80 12.75
C LEU B 94 -1.32 -1.89 12.40
N SER B 95 -1.04 -2.16 11.14
CA SER B 95 0.33 -2.32 10.67
C SER B 95 1.17 -1.04 10.89
N ILE B 96 0.56 0.11 10.63
CA ILE B 96 1.27 1.38 10.80
C ILE B 96 1.31 1.82 12.26
N LEU B 97 0.78 0.99 13.15
CA LEU B 97 0.77 1.31 14.57
C LEU B 97 1.77 0.42 15.30
N GLU B 98 2.66 -0.19 14.55
CA GLU B 98 3.65 -1.09 15.13
C GLU B 98 5.05 -0.74 14.63
N GLU B 99 5.98 -0.56 15.56
CA GLU B 99 7.37 -0.22 15.23
C GLU B 99 8.01 -1.34 14.42
N ASP B 100 7.54 -2.55 14.65
CA ASP B 100 8.06 -3.73 13.97
C ASP B 100 7.52 -3.83 12.55
N LYS B 101 6.32 -3.32 12.32
CA LYS B 101 5.71 -3.41 11.01
C LYS B 101 5.98 -2.18 10.15
N ASP B 102 4.94 -1.59 9.57
CA ASP B 102 5.10 -0.45 8.66
C ASP B 102 4.88 0.89 9.35
N TRP B 103 5.60 1.15 10.43
CA TRP B 103 5.49 2.42 11.10
C TRP B 103 6.68 3.29 10.73
N ARG B 104 6.38 4.51 10.29
CA ARG B 104 7.40 5.46 9.91
C ARG B 104 7.15 6.77 10.64
N PRO B 105 8.20 7.39 11.21
CA PRO B 105 8.08 8.66 11.94
C PRO B 105 7.44 9.76 11.10
N ALA B 106 7.48 9.61 9.78
CA ALA B 106 6.91 10.58 8.87
C ALA B 106 5.39 10.52 8.85
N ILE B 107 4.81 9.52 9.48
CA ILE B 107 3.36 9.37 9.51
C ILE B 107 2.74 10.36 10.49
N THR B 108 1.81 11.15 9.98
CA THR B 108 1.10 12.15 10.77
C THR B 108 -0.21 11.57 11.30
N ILE B 109 -0.66 12.06 12.46
CA ILE B 109 -1.89 11.59 13.11
C ILE B 109 -3.06 11.56 12.14
N LYS B 110 -3.10 12.53 11.24
CA LYS B 110 -4.16 12.64 10.24
C LYS B 110 -4.28 11.36 9.41
N GLN B 111 -3.15 10.76 9.07
CA GLN B 111 -3.13 9.54 8.28
C GLN B 111 -3.56 8.35 9.15
N ILE B 112 -3.16 8.39 10.40
CA ILE B 112 -3.48 7.33 11.36
C ILE B 112 -4.99 7.24 11.58
N LEU B 113 -5.61 8.40 11.84
CA LEU B 113 -7.05 8.45 12.08
C LEU B 113 -7.83 7.95 10.88
N LEU B 114 -7.41 8.33 9.68
CA LEU B 114 -8.07 7.89 8.46
C LEU B 114 -7.94 6.39 8.29
N GLY B 115 -6.76 5.86 8.62
CA GLY B 115 -6.51 4.45 8.51
C GLY B 115 -7.40 3.63 9.44
N ILE B 116 -7.61 4.15 10.64
CA ILE B 116 -8.46 3.47 11.62
C ILE B 116 -9.91 3.44 11.14
N GLN B 117 -10.34 4.52 10.49
CA GLN B 117 -11.71 4.59 9.96
C GLN B 117 -11.91 3.54 8.88
N GLU B 118 -10.91 3.42 8.01
CA GLU B 118 -10.95 2.45 6.93
C GLU B 118 -10.91 1.03 7.52
N LEU B 119 -10.13 0.88 8.59
CA LEU B 119 -9.99 -0.39 9.29
C LEU B 119 -11.34 -0.86 9.82
N LEU B 120 -12.15 0.07 10.31
CA LEU B 120 -13.47 -0.24 10.85
C LEU B 120 -14.32 -0.92 9.78
N ASN B 121 -14.36 -0.32 8.60
CA ASN B 121 -15.16 -0.86 7.50
C ASN B 121 -14.51 -2.11 6.91
N GLU B 122 -13.23 -2.00 6.59
CA GLU B 122 -12.48 -3.11 6.01
C GLU B 122 -11.48 -3.64 7.03
N PRO B 123 -11.86 -4.68 7.79
CA PRO B 123 -11.00 -5.26 8.81
C PRO B 123 -9.95 -6.20 8.24
N ASN B 124 -8.95 -6.49 9.06
CA ASN B 124 -7.87 -7.38 8.67
C ASN B 124 -8.05 -8.74 9.33
N ILE B 125 -8.33 -9.75 8.52
CA ILE B 125 -8.56 -11.10 9.02
C ILE B 125 -7.25 -11.76 9.48
N GLN B 126 -6.15 -11.07 9.27
CA GLN B 126 -4.84 -11.59 9.67
C GLN B 126 -4.62 -11.42 11.18
N ASP B 127 -5.09 -10.30 11.73
CA ASP B 127 -4.92 -10.01 13.15
C ASP B 127 -6.17 -10.36 13.94
N PRO B 128 -6.15 -11.46 14.71
CA PRO B 128 -7.28 -11.88 15.51
C PRO B 128 -7.22 -11.31 16.93
N ALA B 129 -7.64 -10.06 17.08
CA ALA B 129 -7.65 -9.41 18.37
C ALA B 129 -8.88 -9.80 19.17
N GLN B 130 -10.05 -9.58 18.57
CA GLN B 130 -11.31 -9.93 19.21
C GLN B 130 -11.84 -11.22 18.61
N ALA B 131 -11.60 -12.33 19.30
CA ALA B 131 -12.02 -13.65 18.84
C ALA B 131 -13.52 -13.72 18.54
N GLU B 132 -14.32 -13.03 19.35
CA GLU B 132 -15.77 -13.01 19.17
C GLU B 132 -16.13 -12.48 17.78
N ALA B 133 -15.72 -11.24 17.51
CA ALA B 133 -15.99 -10.60 16.24
C ALA B 133 -15.29 -11.34 15.09
N TYR B 134 -14.10 -11.84 15.37
CA TYR B 134 -13.31 -12.57 14.39
C TYR B 134 -14.05 -13.81 13.91
N THR B 135 -14.65 -14.54 14.83
CA THR B 135 -15.41 -15.73 14.50
C THR B 135 -16.72 -15.39 13.80
N ILE B 136 -17.48 -14.47 14.38
CA ILE B 136 -18.76 -14.05 13.83
C ILE B 136 -18.60 -13.52 12.40
N TYR B 137 -17.52 -12.78 12.17
CA TYR B 137 -17.25 -12.19 10.86
C TYR B 137 -17.07 -13.27 9.77
N CYS B 138 -16.64 -14.45 10.17
CA CYS B 138 -16.42 -15.53 9.22
C CYS B 138 -17.59 -16.50 9.14
N GLN B 139 -18.21 -16.77 10.28
CA GLN B 139 -19.33 -17.71 10.34
C GLN B 139 -20.67 -17.08 9.95
N ASN B 140 -20.83 -15.78 10.21
CA ASN B 140 -22.10 -15.13 9.90
C ASN B 140 -21.95 -13.62 9.74
N ARG B 141 -21.72 -13.17 8.51
CA ARG B 141 -21.57 -11.75 8.22
C ARG B 141 -22.87 -11.01 8.49
N VAL B 142 -23.99 -11.69 8.27
CA VAL B 142 -25.31 -11.10 8.49
C VAL B 142 -25.47 -10.67 9.94
N GLU B 143 -25.13 -11.57 10.86
CA GLU B 143 -25.23 -11.30 12.29
C GLU B 143 -24.22 -10.23 12.71
N TYR B 144 -23.15 -10.12 11.93
CA TYR B 144 -22.11 -9.12 12.19
C TYR B 144 -22.62 -7.73 11.85
N GLU B 145 -23.26 -7.62 10.68
CA GLU B 145 -23.81 -6.34 10.23
C GLU B 145 -24.79 -5.77 11.23
N LYS B 146 -25.67 -6.63 11.75
CA LYS B 146 -26.67 -6.23 12.74
C LYS B 146 -26.00 -5.62 13.96
N ARG B 147 -24.98 -6.30 14.47
CA ARG B 147 -24.25 -5.85 15.64
C ARG B 147 -23.53 -4.53 15.37
N VAL B 148 -22.98 -4.39 14.16
CA VAL B 148 -22.28 -3.18 13.79
C VAL B 148 -23.26 -2.01 13.68
N ARG B 149 -24.38 -2.26 13.01
CA ARG B 149 -25.42 -1.25 12.83
C ARG B 149 -25.94 -0.77 14.18
N ALA B 150 -26.25 -1.74 15.04
CA ALA B 150 -26.76 -1.44 16.38
C ALA B 150 -25.75 -0.66 17.20
N GLN B 151 -24.47 -0.93 16.96
CA GLN B 151 -23.39 -0.25 17.67
C GLN B 151 -23.26 1.18 17.19
N ALA B 152 -23.26 1.36 15.87
CA ALA B 152 -23.13 2.69 15.28
C ALA B 152 -24.30 3.58 15.69
N LYS B 153 -25.49 3.01 15.71
CA LYS B 153 -26.70 3.75 16.10
C LYS B 153 -26.64 4.15 17.56
N LYS B 154 -25.91 3.37 18.35
CA LYS B 154 -25.77 3.65 19.78
C LYS B 154 -24.86 4.84 20.00
N PHE B 155 -23.85 4.97 19.15
CA PHE B 155 -22.90 6.06 19.26
C PHE B 155 -23.27 7.21 18.33
N ALA B 156 -24.52 7.24 17.90
CA ALA B 156 -25.01 8.30 17.02
C ALA B 156 -25.20 9.58 17.83
N PRO B 157 -24.49 10.66 17.47
CA PRO B 157 -24.58 11.95 18.16
C PRO B 157 -26.02 12.42 18.34
N SER B 158 -26.43 12.53 19.59
CA SER B 158 -27.77 12.97 19.92
C SER B 158 -27.72 13.98 21.06
N THR A 1 -15.36 9.94 -2.87
CA THR A 1 -13.92 9.81 -2.57
C THR A 1 -13.31 8.69 -3.41
N GLN A 2 -12.01 8.77 -3.63
CA GLN A 2 -11.30 7.75 -4.40
C GLN A 2 -11.12 6.50 -3.54
N ARG A 3 -11.22 5.34 -4.17
CA ARG A 3 -11.08 4.07 -3.46
C ARG A 3 -9.61 3.72 -3.24
N THR A 4 -9.27 3.40 -2.01
CA THR A 4 -7.91 3.03 -1.65
C THR A 4 -7.64 1.59 -2.08
N PHE A 5 -6.42 1.35 -2.54
CA PHE A 5 -6.02 0.02 -2.98
C PHE A 5 -5.07 -0.63 -1.98
N PRO A 6 -5.56 -1.61 -1.21
CA PRO A 6 -4.76 -2.32 -0.21
C PRO A 6 -3.51 -2.95 -0.82
N GLY A 7 -2.40 -2.85 -0.11
CA GLY A 7 -1.14 -3.41 -0.58
C GLY A 7 -1.23 -4.88 -0.91
N CYS A 8 -2.09 -5.60 -0.21
CA CYS A 8 -2.27 -7.03 -0.43
C CYS A 8 -2.64 -7.36 -1.86
N THR A 9 -3.68 -6.72 -2.39
CA THR A 9 -4.13 -6.97 -3.76
C THR A 9 -3.18 -6.34 -4.77
N ILE A 10 -2.35 -5.39 -4.32
CA ILE A 10 -1.40 -4.75 -5.21
C ILE A 10 -0.17 -5.63 -5.40
N ARG A 11 0.34 -6.14 -4.28
CA ARG A 11 1.53 -6.99 -4.27
C ARG A 11 1.22 -8.38 -4.86
N ASN A 12 0.09 -8.95 -4.44
CA ASN A 12 -0.29 -10.28 -4.87
C ASN A 12 -1.08 -10.29 -6.18
N THR A 13 -2.40 -10.38 -6.07
CA THR A 13 -3.26 -10.46 -7.25
C THR A 13 -4.01 -9.16 -7.55
N PRO A 14 -3.53 -8.40 -8.55
CA PRO A 14 -4.15 -7.17 -8.99
C PRO A 14 -5.06 -7.42 -10.19
N SER A 15 -6.20 -8.04 -9.95
CA SER A 15 -7.15 -8.39 -11.01
C SER A 15 -7.97 -7.18 -11.48
N GLU A 16 -7.27 -6.12 -11.87
CA GLU A 16 -7.90 -4.90 -12.35
C GLU A 16 -6.87 -4.03 -13.05
N PRO A 17 -7.21 -3.47 -14.22
CA PRO A 17 -6.31 -2.60 -14.98
C PRO A 17 -5.71 -1.49 -14.13
N ILE A 18 -6.56 -0.81 -13.34
CA ILE A 18 -6.10 0.29 -12.49
C ILE A 18 -5.18 -0.22 -11.38
N HIS A 19 -5.36 -1.48 -11.00
CA HIS A 19 -4.56 -2.08 -9.94
C HIS A 19 -3.14 -2.30 -10.43
N CYS A 20 -2.99 -2.67 -11.70
CA CYS A 20 -1.67 -2.89 -12.28
C CYS A 20 -0.93 -1.56 -12.43
N ILE A 21 -1.68 -0.50 -12.72
CA ILE A 21 -1.11 0.82 -12.89
C ILE A 21 -0.60 1.35 -11.55
N VAL A 22 -1.38 1.12 -10.49
CA VAL A 22 -0.99 1.56 -9.15
C VAL A 22 0.30 0.87 -8.74
N TRP A 23 0.43 -0.41 -9.10
CA TRP A 23 1.62 -1.18 -8.80
C TRP A 23 2.84 -0.55 -9.49
N ALA A 24 2.64 -0.12 -10.72
CA ALA A 24 3.70 0.51 -11.50
C ALA A 24 4.09 1.85 -10.89
N LYS A 25 3.11 2.61 -10.43
CA LYS A 25 3.37 3.90 -9.81
C LYS A 25 4.19 3.71 -8.53
N TYR A 26 3.87 2.66 -7.79
CA TYR A 26 4.59 2.33 -6.56
C TYR A 26 6.03 1.94 -6.90
N LEU A 27 6.17 1.15 -7.97
CA LEU A 27 7.47 0.69 -8.43
C LEU A 27 8.38 1.86 -8.77
N PHE A 28 7.83 2.87 -9.44
CA PHE A 28 8.59 4.05 -9.82
C PHE A 28 9.16 4.74 -8.58
N ASN A 29 8.31 4.96 -7.59
CA ASN A 29 8.71 5.62 -6.35
C ASN A 29 9.71 4.75 -5.57
N GLN A 30 9.59 3.44 -5.73
CA GLN A 30 10.47 2.50 -5.05
C GLN A 30 11.84 2.42 -5.72
N LEU A 31 11.97 3.01 -6.89
CA LEU A 31 13.23 2.97 -7.62
C LEU A 31 13.90 4.33 -7.72
N PHE A 32 13.13 5.35 -8.05
CA PHE A 32 13.69 6.69 -8.21
C PHE A 32 13.13 7.69 -7.21
N GLY A 33 12.07 7.32 -6.50
CA GLY A 33 11.47 8.24 -5.55
C GLY A 33 11.77 7.90 -4.10
N GLU A 34 10.74 7.89 -3.28
CA GLU A 34 10.88 7.58 -1.86
C GLU A 34 10.24 6.24 -1.54
N GLU A 35 11.01 5.39 -0.87
CA GLU A 35 10.54 4.06 -0.51
C GLU A 35 9.69 4.11 0.75
N ASP A 36 8.87 3.09 0.92
CA ASP A 36 7.99 2.99 2.07
C ASP A 36 7.80 1.51 2.42
N ALA A 37 7.41 1.24 3.65
CA ALA A 37 7.20 -0.13 4.11
C ALA A 37 5.95 -0.72 3.48
N ASP A 38 4.86 0.03 3.52
CA ASP A 38 3.60 -0.41 2.94
C ASP A 38 3.66 -0.34 1.41
N GLN A 39 4.19 0.76 0.90
CA GLN A 39 4.30 0.93 -0.55
C GLN A 39 5.61 0.34 -1.09
N GLU A 40 5.74 -0.98 -0.97
CA GLU A 40 6.91 -1.68 -1.47
C GLU A 40 6.50 -2.49 -2.71
N VAL A 41 7.48 -2.96 -3.46
CA VAL A 41 7.21 -3.71 -4.67
C VAL A 41 7.82 -5.11 -4.56
N SER A 42 8.63 -5.32 -3.54
CA SER A 42 9.27 -6.61 -3.32
C SER A 42 8.23 -7.67 -2.98
N PRO A 43 8.44 -8.92 -3.42
CA PRO A 43 7.54 -10.04 -3.15
C PRO A 43 7.36 -10.24 -1.65
N ASP A 44 6.11 -10.06 -1.19
CA ASP A 44 5.77 -10.17 0.22
C ASP A 44 6.31 -11.46 0.84
N ARG A 45 7.04 -11.28 1.94
CA ARG A 45 7.63 -12.40 2.66
C ARG A 45 6.90 -12.59 3.99
N ALA A 46 5.85 -11.82 4.20
CA ALA A 46 5.08 -11.89 5.43
C ALA A 46 3.64 -12.26 5.12
N ASP A 47 3.43 -12.76 3.91
CA ASP A 47 2.10 -13.19 3.46
C ASP A 47 1.56 -14.28 4.38
N PRO A 48 0.28 -14.21 4.76
CA PRO A 48 -0.36 -15.20 5.65
C PRO A 48 -0.14 -16.66 5.23
N GLU A 49 0.22 -16.89 3.97
CA GLU A 49 0.45 -18.25 3.49
C GLU A 49 1.80 -18.77 3.96
N ALA A 50 2.68 -17.87 4.38
CA ALA A 50 4.00 -18.23 4.87
C ALA A 50 4.51 -17.16 5.83
N ALA A 51 3.91 -17.12 7.01
CA ALA A 51 4.27 -16.13 8.01
C ALA A 51 3.92 -16.61 9.43
N TRP A 52 3.62 -15.66 10.30
CA TRP A 52 3.28 -15.96 11.68
C TRP A 52 1.79 -15.76 11.93
N GLU A 53 1.40 -15.75 13.21
CA GLU A 53 0.01 -15.58 13.60
C GLU A 53 -0.58 -14.21 13.20
N PRO A 54 0.11 -13.07 13.44
CA PRO A 54 1.41 -12.99 14.08
C PRO A 54 1.32 -12.65 15.57
N THR A 55 2.46 -12.35 16.17
CA THR A 55 2.52 -12.02 17.58
C THR A 55 2.93 -10.55 17.79
N GLU A 56 3.00 -10.13 19.03
CA GLU A 56 3.39 -8.78 19.37
C GLU A 56 4.89 -8.76 19.69
N ALA A 57 5.59 -9.76 19.17
CA ALA A 57 7.03 -9.92 19.37
C ALA A 57 7.38 -10.18 20.83
N GLU A 58 6.44 -10.76 21.57
CA GLU A 58 6.68 -11.05 22.99
C GLU A 58 7.72 -12.15 23.14
N ALA A 59 8.76 -11.88 23.92
CA ALA A 59 9.82 -12.84 24.13
C ALA A 59 9.40 -13.90 25.14
N ARG A 60 8.94 -15.03 24.64
CA ARG A 60 8.48 -16.12 25.50
C ARG A 60 9.68 -16.83 26.14
N ALA A 61 10.31 -17.73 25.40
CA ALA A 61 11.46 -18.46 25.92
C ALA A 61 12.74 -17.85 25.40
N ARG A 62 12.68 -17.32 24.18
CA ARG A 62 13.83 -16.70 23.56
C ARG A 62 13.43 -15.35 22.97
N ALA A 63 14.22 -14.33 23.25
CA ALA A 63 13.97 -13.00 22.73
C ALA A 63 14.29 -12.99 21.25
N SER A 64 13.27 -12.78 20.43
CA SER A 64 13.44 -12.77 18.99
C SER A 64 14.36 -11.63 18.55
N ASN A 65 15.23 -11.92 17.60
CA ASN A 65 16.15 -10.92 17.07
C ASN A 65 15.37 -9.82 16.38
N GLU A 66 14.19 -10.19 15.89
CA GLU A 66 13.30 -9.29 15.19
C GLU A 66 12.54 -8.39 16.16
N ASP A 67 13.02 -8.32 17.40
CA ASP A 67 12.40 -7.52 18.43
C ASP A 67 12.52 -6.03 18.12
N GLY A 68 11.50 -5.48 17.49
CA GLY A 68 11.52 -4.07 17.15
C GLY A 68 11.81 -3.83 15.68
N ASP A 69 12.16 -4.90 14.96
CA ASP A 69 12.46 -4.79 13.54
C ASP A 69 12.46 -6.16 12.87
N ILE A 70 11.43 -6.42 12.09
CA ILE A 70 11.32 -7.69 11.37
C ILE A 70 12.40 -7.80 10.30
N LYS A 71 12.15 -7.16 9.16
CA LYS A 71 13.08 -7.16 8.05
C LYS A 71 12.59 -6.19 6.99
N ARG A 72 13.04 -4.95 7.09
CA ARG A 72 12.62 -3.92 6.16
C ARG A 72 13.44 -3.98 4.87
N ILE A 73 12.89 -4.65 3.88
CA ILE A 73 13.55 -4.78 2.59
C ILE A 73 13.38 -3.50 1.77
N SER A 74 14.28 -3.26 0.83
CA SER A 74 14.20 -2.07 -0.01
C SER A 74 14.64 -2.38 -1.44
N THR A 75 13.71 -2.26 -2.38
CA THR A 75 13.99 -2.51 -3.79
C THR A 75 15.00 -1.51 -4.34
N LYS A 76 14.91 -0.27 -3.86
CA LYS A 76 15.82 0.80 -4.28
C LYS A 76 17.28 0.40 -4.10
N GLU A 77 17.56 -0.31 -3.02
CA GLU A 77 18.92 -0.75 -2.73
C GLU A 77 19.45 -1.68 -3.83
N TRP A 78 18.67 -2.70 -4.16
CA TRP A 78 19.05 -3.66 -5.18
C TRP A 78 19.13 -3.00 -6.55
N ALA A 79 18.17 -2.13 -6.82
CA ALA A 79 18.10 -1.43 -8.10
C ALA A 79 19.31 -0.52 -8.30
N LYS A 80 19.67 0.25 -7.28
CA LYS A 80 20.82 1.14 -7.40
C LYS A 80 22.12 0.37 -7.46
N SER A 81 22.20 -0.74 -6.73
CA SER A 81 23.40 -1.57 -6.71
C SER A 81 23.67 -2.19 -8.08
N THR A 82 22.60 -2.49 -8.81
CA THR A 82 22.73 -3.09 -10.13
C THR A 82 22.86 -2.01 -11.22
N GLY A 83 22.83 -0.76 -10.80
CA GLY A 83 22.94 0.34 -11.74
C GLY A 83 21.66 0.52 -12.53
N TYR A 84 20.55 0.05 -11.95
CA TYR A 84 19.23 0.13 -12.57
C TYR A 84 19.25 -0.55 -13.94
N ASP A 85 19.67 -1.81 -13.96
CA ASP A 85 19.74 -2.57 -15.19
C ASP A 85 18.36 -3.05 -15.60
N PRO A 86 17.91 -2.65 -16.81
CA PRO A 86 16.60 -3.03 -17.34
C PRO A 86 16.38 -4.54 -17.36
N VAL A 87 17.40 -5.28 -17.80
CA VAL A 87 17.31 -6.73 -17.89
C VAL A 87 17.12 -7.35 -16.50
N LYS A 88 17.96 -6.94 -15.56
CA LYS A 88 17.89 -7.45 -14.20
C LYS A 88 16.55 -7.13 -13.56
N LEU A 89 16.07 -5.91 -13.79
CA LEU A 89 14.79 -5.47 -13.23
C LEU A 89 13.64 -6.25 -13.86
N PHE A 90 13.67 -6.40 -15.18
CA PHE A 90 12.64 -7.13 -15.91
C PHE A 90 12.58 -8.59 -15.45
N THR A 91 13.72 -9.26 -15.43
CA THR A 91 13.78 -10.66 -15.04
C THR A 91 13.43 -10.86 -13.57
N LYS A 92 13.37 -9.76 -12.82
CA LYS A 92 13.04 -9.83 -11.42
C LYS A 92 11.55 -9.59 -11.22
N LEU A 93 11.11 -8.39 -11.55
CA LEU A 93 9.72 -7.97 -11.37
C LEU A 93 8.73 -8.73 -12.22
N PHE A 94 9.16 -9.24 -13.38
CA PHE A 94 8.24 -9.93 -14.25
C PHE A 94 8.59 -11.41 -14.43
N LYS A 95 9.45 -11.92 -13.56
CA LYS A 95 9.85 -13.32 -13.67
C LYS A 95 10.09 -13.94 -12.30
N ASP A 96 11.15 -13.51 -11.62
CA ASP A 96 11.49 -14.07 -10.31
C ASP A 96 10.44 -13.76 -9.26
N ASP A 97 9.97 -12.52 -9.23
CA ASP A 97 8.94 -12.11 -8.27
C ASP A 97 7.67 -12.92 -8.48
N ILE A 98 7.30 -13.09 -9.73
CA ILE A 98 6.11 -13.86 -10.08
C ILE A 98 6.30 -15.32 -9.70
N ARG A 99 7.50 -15.83 -9.95
CA ARG A 99 7.83 -17.22 -9.62
C ARG A 99 7.66 -17.48 -8.13
N TYR A 100 8.17 -16.56 -7.31
CA TYR A 100 8.05 -16.68 -5.87
C TYR A 100 6.59 -16.61 -5.44
N LEU A 101 5.82 -15.78 -6.12
CA LEU A 101 4.41 -15.61 -5.82
C LEU A 101 3.63 -16.89 -6.15
N LEU A 102 4.19 -17.71 -7.03
CA LEU A 102 3.55 -18.96 -7.43
C LEU A 102 3.74 -20.03 -6.36
N THR A 103 4.55 -19.73 -5.35
CA THR A 103 4.80 -20.67 -4.27
C THR A 103 3.57 -20.76 -3.37
N MET A 104 2.78 -19.70 -3.34
CA MET A 104 1.57 -19.66 -2.54
C MET A 104 0.42 -20.26 -3.34
N ASP A 105 0.25 -21.57 -3.20
CA ASP A 105 -0.78 -22.29 -3.94
C ASP A 105 -2.18 -21.85 -3.54
N LYS A 106 -2.34 -21.42 -2.29
CA LYS A 106 -3.64 -20.98 -1.82
C LYS A 106 -4.05 -19.66 -2.48
N LEU A 107 -3.11 -19.03 -3.17
CA LEU A 107 -3.38 -17.78 -3.85
C LEU A 107 -3.91 -18.06 -5.25
N TRP A 108 -3.52 -19.20 -5.81
CA TRP A 108 -3.94 -19.56 -7.16
C TRP A 108 -4.74 -20.86 -7.16
N ARG A 109 -6.04 -20.75 -6.92
CA ARG A 109 -6.93 -21.89 -6.89
C ARG A 109 -8.14 -21.63 -7.78
N LYS A 110 -8.86 -20.56 -7.48
CA LYS A 110 -10.04 -20.19 -8.24
C LYS A 110 -9.63 -19.31 -9.43
N ARG A 111 -8.71 -18.39 -9.16
CA ARG A 111 -8.22 -17.48 -10.19
C ARG A 111 -7.04 -18.12 -10.92
N LYS A 112 -6.95 -17.87 -12.22
CA LYS A 112 -5.86 -18.41 -13.04
C LYS A 112 -4.52 -17.83 -12.59
N PRO A 113 -3.51 -18.69 -12.38
CA PRO A 113 -2.19 -18.26 -11.95
C PRO A 113 -1.46 -17.47 -13.04
N PRO A 114 -0.74 -16.40 -12.66
CA PRO A 114 0.00 -15.55 -13.59
C PRO A 114 1.16 -16.28 -14.27
N VAL A 115 1.47 -15.87 -15.49
CA VAL A 115 2.56 -16.48 -16.25
C VAL A 115 3.76 -15.56 -16.32
N PRO A 116 4.92 -16.00 -15.78
CA PRO A 116 6.16 -15.21 -15.77
C PRO A 116 6.67 -14.92 -17.19
N LEU A 117 7.30 -13.77 -17.34
CA LEU A 117 7.85 -13.36 -18.63
C LEU A 117 9.37 -13.25 -18.55
N ASP A 118 10.04 -13.83 -19.53
CA ASP A 118 11.50 -13.78 -19.59
C ASP A 118 11.94 -12.79 -20.65
N TRP A 119 12.96 -11.99 -20.31
CA TRP A 119 13.48 -10.95 -21.21
C TRP A 119 13.94 -11.52 -22.56
N ALA A 120 14.60 -12.67 -22.54
CA ALA A 120 15.09 -13.27 -23.76
C ALA A 120 13.97 -13.95 -24.53
N GLU A 121 13.03 -14.53 -23.79
CA GLU A 121 11.89 -15.20 -24.41
C GLU A 121 10.99 -14.18 -25.11
N VAL A 122 10.75 -13.05 -24.45
CA VAL A 122 9.90 -12.01 -25.02
C VAL A 122 10.58 -11.35 -26.22
N GLN A 123 11.90 -11.24 -26.18
CA GLN A 123 12.62 -10.63 -27.30
C GLN A 123 12.51 -11.51 -28.54
N SER A 124 12.65 -12.81 -28.35
CA SER A 124 12.56 -13.76 -29.45
C SER A 124 11.16 -14.41 -29.49
N GLN A 125 10.13 -13.57 -29.41
CA GLN A 125 8.76 -14.04 -29.43
C GLN A 125 8.38 -14.58 -30.81
N GLY A 126 7.60 -15.64 -30.84
CA GLY A 126 7.19 -16.23 -32.11
C GLY A 126 5.73 -15.97 -32.42
N GLU A 127 5.12 -15.07 -31.66
CA GLU A 127 3.71 -14.73 -31.84
C GLU A 127 3.57 -13.40 -32.58
N GLU A 128 4.55 -13.08 -33.41
CA GLU A 128 4.54 -11.84 -34.16
C GLU A 128 3.80 -12.00 -35.49
N THR A 129 3.53 -10.87 -36.15
CA THR A 129 2.83 -10.87 -37.42
C THR A 129 3.76 -11.27 -38.57
N ASN A 130 3.18 -11.53 -39.73
CA ASN A 130 3.93 -11.94 -40.92
C ASN A 130 4.89 -10.84 -41.39
N ALA A 131 4.42 -9.60 -41.39
CA ALA A 131 5.22 -8.49 -41.84
C ALA A 131 5.77 -7.68 -40.66
N SER A 132 5.96 -8.35 -39.54
CA SER A 132 6.48 -7.66 -38.36
C SER A 132 7.56 -8.51 -37.68
N ASP A 133 8.71 -7.90 -37.42
CA ASP A 133 9.82 -8.58 -36.78
C ASP A 133 9.95 -8.14 -35.32
N GLN A 134 9.08 -7.22 -34.91
CA GLN A 134 9.08 -6.74 -33.54
C GLN A 134 7.72 -6.19 -33.14
N GLN A 135 6.66 -6.75 -33.72
CA GLN A 135 5.31 -6.30 -33.42
C GLN A 135 4.31 -7.45 -33.58
N ASN A 136 3.24 -7.39 -32.80
CA ASN A 136 2.21 -8.43 -32.82
C ASN A 136 1.05 -8.05 -33.74
N GLU A 137 0.61 -6.79 -33.67
CA GLU A 137 -0.51 -6.34 -34.49
C GLU A 137 -0.62 -4.81 -34.52
N PRO A 138 -0.38 -4.20 -35.71
CA PRO A 138 -0.45 -2.76 -35.88
C PRO A 138 -1.90 -2.28 -36.05
N GLN A 139 -2.20 -1.09 -35.54
CA GLN A 139 -3.54 -0.54 -35.64
C GLN A 139 -3.53 0.84 -36.30
N LEU A 140 -4.70 1.35 -36.64
CA LEU A 140 -4.83 2.65 -37.27
C LEU A 140 -5.56 3.62 -36.34
N GLY A 141 -5.23 4.90 -36.46
CA GLY A 141 -5.85 5.91 -35.62
C GLY A 141 -4.84 6.65 -34.78
N LEU A 142 -5.28 7.27 -33.69
CA LEU A 142 -4.38 8.00 -32.81
C LEU A 142 -3.33 7.05 -32.23
N LYS A 143 -2.07 7.36 -32.49
CA LYS A 143 -0.93 6.55 -32.06
C LYS A 143 -0.94 6.24 -30.57
N ASP A 144 -1.15 7.27 -29.75
CA ASP A 144 -1.13 7.11 -28.29
C ASP A 144 -2.29 6.24 -27.80
N GLN A 145 -3.34 6.13 -28.60
CA GLN A 145 -4.51 5.34 -28.23
C GLN A 145 -4.44 3.92 -28.76
N GLN A 146 -3.36 3.58 -29.44
CA GLN A 146 -3.20 2.24 -29.98
C GLN A 146 -2.49 1.33 -28.99
N VAL A 147 -2.96 0.11 -28.87
CA VAL A 147 -2.39 -0.86 -27.95
C VAL A 147 -1.24 -1.60 -28.62
N LEU A 148 -0.07 -1.54 -28.00
CA LEU A 148 1.11 -2.22 -28.53
C LEU A 148 1.13 -3.66 -28.07
N ASP A 149 2.27 -4.31 -28.20
CA ASP A 149 2.41 -5.70 -27.80
C ASP A 149 3.38 -5.85 -26.64
N VAL A 150 3.52 -7.07 -26.14
CA VAL A 150 4.41 -7.36 -25.03
C VAL A 150 5.86 -7.02 -25.35
N LYS A 151 6.26 -7.19 -26.61
CA LYS A 151 7.62 -6.90 -27.02
C LYS A 151 7.88 -5.40 -26.99
N SER A 152 6.92 -4.66 -27.51
CA SER A 152 7.01 -3.21 -27.56
C SER A 152 7.07 -2.61 -26.17
N TYR A 153 6.20 -3.07 -25.28
CA TYR A 153 6.17 -2.56 -23.92
C TYR A 153 7.40 -2.99 -23.14
N ALA A 154 7.91 -4.19 -23.44
CA ALA A 154 9.09 -4.70 -22.77
C ALA A 154 10.32 -3.84 -23.06
N ARG A 155 10.52 -3.53 -24.34
CA ARG A 155 11.65 -2.71 -24.75
C ARG A 155 11.43 -1.26 -24.35
N LEU A 156 10.17 -0.82 -24.35
CA LEU A 156 9.83 0.54 -23.96
C LEU A 156 10.13 0.72 -22.48
N PHE A 157 9.78 -0.28 -21.68
CA PHE A 157 10.02 -0.27 -20.25
C PHE A 157 11.50 -0.09 -19.98
N SER A 158 12.30 -0.88 -20.68
CA SER A 158 13.74 -0.83 -20.54
C SER A 158 14.29 0.54 -20.93
N LYS A 159 13.77 1.09 -22.03
CA LYS A 159 14.21 2.39 -22.50
C LYS A 159 13.84 3.49 -21.50
N SER A 160 12.67 3.35 -20.91
CA SER A 160 12.19 4.31 -19.93
C SER A 160 13.12 4.35 -18.72
N ILE A 161 13.62 3.19 -18.32
CA ILE A 161 14.53 3.11 -17.19
C ILE A 161 15.82 3.84 -17.51
N GLU A 162 16.29 3.67 -18.75
CA GLU A 162 17.52 4.31 -19.21
C GLU A 162 17.48 5.83 -19.03
N THR A 163 16.45 6.47 -19.54
CA THR A 163 16.33 7.92 -19.44
C THR A 163 16.11 8.35 -17.98
N LEU A 164 15.47 7.51 -17.20
CA LEU A 164 15.22 7.84 -15.80
C LEU A 164 16.50 7.74 -14.98
N ARG A 165 17.40 6.84 -15.39
CA ARG A 165 18.67 6.65 -14.70
C ARG A 165 19.51 7.93 -14.77
N VAL A 166 19.62 8.48 -15.96
CA VAL A 166 20.41 9.70 -16.15
C VAL A 166 19.72 10.88 -15.49
N HIS A 167 18.39 10.88 -15.50
CA HIS A 167 17.61 11.94 -14.87
C HIS A 167 17.88 11.97 -13.37
N LEU A 168 17.94 10.80 -12.77
CA LEU A 168 18.21 10.68 -11.35
C LEU A 168 19.64 11.10 -11.04
N ALA A 169 20.55 10.72 -11.92
CA ALA A 169 21.96 11.04 -11.76
C ALA A 169 22.18 12.55 -11.78
N GLU A 170 21.47 13.23 -12.68
CA GLU A 170 21.58 14.68 -12.82
C GLU A 170 21.02 15.41 -11.61
N LYS A 171 20.12 14.75 -10.89
CA LYS A 171 19.50 15.35 -9.71
C LYS A 171 20.46 15.34 -8.53
N GLY A 172 21.34 14.36 -8.47
CA GLY A 172 22.29 14.28 -7.38
C GLY A 172 22.16 13.01 -6.58
N ASP A 173 23.05 12.81 -5.62
CA ASP A 173 23.04 11.61 -4.79
C ASP A 173 21.98 11.74 -3.70
N GLY A 174 21.21 10.67 -3.52
CA GLY A 174 20.16 10.67 -2.53
C GLY A 174 18.97 11.51 -2.93
N ALA A 175 18.89 11.83 -4.21
CA ALA A 175 17.79 12.64 -4.74
C ALA A 175 16.61 11.75 -5.10
N GLU A 176 15.42 12.32 -5.06
CA GLU A 176 14.20 11.58 -5.40
C GLU A 176 13.50 12.21 -6.60
N LEU A 177 13.07 11.35 -7.52
CA LEU A 177 12.38 11.80 -8.72
C LEU A 177 10.88 11.67 -8.52
N ILE A 178 10.18 12.78 -8.70
CA ILE A 178 8.73 12.81 -8.56
C ILE A 178 8.06 12.36 -9.85
N TRP A 179 7.17 11.39 -9.75
CA TRP A 179 6.45 10.88 -10.91
C TRP A 179 5.43 11.90 -11.38
N ASP A 180 5.39 12.15 -12.68
CA ASP A 180 4.44 13.09 -13.24
C ASP A 180 3.69 12.44 -14.40
N LYS A 181 2.57 13.06 -14.77
CA LYS A 181 1.73 12.54 -15.85
C LYS A 181 2.06 13.21 -17.18
N ASP A 182 2.69 14.38 -17.13
CA ASP A 182 3.05 15.09 -18.36
C ASP A 182 4.50 14.81 -18.73
N ASP A 183 5.15 13.96 -17.96
CA ASP A 183 6.54 13.59 -18.21
C ASP A 183 6.58 12.31 -19.03
N PRO A 184 7.12 12.37 -20.26
CA PRO A 184 7.21 11.22 -21.17
C PRO A 184 7.95 10.03 -20.56
N SER A 185 9.07 10.29 -19.91
CA SER A 185 9.87 9.23 -19.30
C SER A 185 9.08 8.48 -18.22
N ALA A 186 8.45 9.25 -17.33
CA ALA A 186 7.67 8.67 -16.25
C ALA A 186 6.42 7.97 -16.77
N MET A 187 5.80 8.57 -17.77
CA MET A 187 4.59 8.03 -18.37
C MET A 187 4.86 6.71 -19.08
N ASP A 188 5.92 6.67 -19.88
CA ASP A 188 6.28 5.46 -20.60
C ASP A 188 6.55 4.32 -19.64
N PHE A 189 7.22 4.66 -18.54
CA PHE A 189 7.57 3.69 -17.50
C PHE A 189 6.31 3.04 -16.91
N VAL A 190 5.40 3.86 -16.41
CA VAL A 190 4.18 3.36 -15.77
C VAL A 190 3.33 2.57 -16.77
N THR A 191 3.34 2.98 -18.03
CA THR A 191 2.55 2.31 -19.06
C THR A 191 3.09 0.92 -19.35
N SER A 192 4.39 0.84 -19.58
CA SER A 192 5.02 -0.43 -19.90
C SER A 192 5.00 -1.39 -18.72
N ALA A 193 5.30 -0.88 -17.52
CA ALA A 193 5.33 -1.70 -16.32
C ALA A 193 3.96 -2.31 -16.05
N ALA A 194 2.92 -1.49 -16.12
CA ALA A 194 1.56 -1.95 -15.88
C ALA A 194 1.12 -2.94 -16.95
N ASN A 195 1.50 -2.65 -18.19
CA ASN A 195 1.14 -3.49 -19.33
C ASN A 195 1.75 -4.88 -19.18
N LEU A 196 3.01 -4.94 -18.80
CA LEU A 196 3.69 -6.21 -18.61
C LEU A 196 3.06 -6.99 -17.47
N ARG A 197 2.78 -6.28 -16.37
CA ARG A 197 2.17 -6.88 -15.19
C ARG A 197 0.79 -7.45 -15.53
N MET A 198 -0.02 -6.66 -16.23
CA MET A 198 -1.36 -7.10 -16.60
C MET A 198 -1.31 -8.27 -17.59
N HIS A 199 -0.31 -8.28 -18.46
CA HIS A 199 -0.16 -9.35 -19.45
C HIS A 199 0.11 -10.67 -18.73
N ILE A 200 0.91 -10.58 -17.67
CA ILE A 200 1.28 -11.73 -16.86
C ILE A 200 0.04 -12.36 -16.22
N PHE A 201 -0.89 -11.52 -15.78
CA PHE A 201 -2.11 -11.98 -15.14
C PHE A 201 -3.22 -12.25 -16.15
N SER A 202 -2.81 -12.49 -17.40
CA SER A 202 -3.74 -12.79 -18.50
C SER A 202 -4.81 -11.71 -18.68
N MET A 203 -4.44 -10.48 -18.40
CA MET A 203 -5.36 -9.36 -18.53
C MET A 203 -5.11 -8.64 -19.84
N ASN A 204 -6.17 -8.10 -20.44
CA ASN A 204 -6.04 -7.39 -21.70
C ASN A 204 -5.15 -6.16 -21.52
N MET A 205 -4.30 -5.91 -22.50
CA MET A 205 -3.36 -4.80 -22.43
C MET A 205 -4.02 -3.51 -22.91
N LYS A 206 -3.63 -2.39 -22.34
CA LYS A 206 -4.19 -1.10 -22.70
C LYS A 206 -3.15 -0.23 -23.39
N SER A 207 -3.61 0.87 -23.98
CA SER A 207 -2.73 1.79 -24.67
C SER A 207 -2.08 2.75 -23.68
N ARG A 208 -1.17 3.58 -24.16
CA ARG A 208 -0.49 4.53 -23.30
C ARG A 208 -1.43 5.66 -22.91
N PHE A 209 -2.29 6.05 -23.83
CA PHE A 209 -3.25 7.12 -23.60
C PHE A 209 -4.28 6.71 -22.55
N ASP A 210 -4.78 5.49 -22.65
CA ASP A 210 -5.77 4.98 -21.71
C ASP A 210 -5.19 4.91 -20.30
N ILE A 211 -4.00 4.33 -20.19
CA ILE A 211 -3.34 4.20 -18.90
C ILE A 211 -3.04 5.55 -18.30
N LYS A 212 -2.69 6.53 -19.13
CA LYS A 212 -2.37 7.87 -18.68
C LYS A 212 -3.53 8.48 -17.90
N SER A 213 -4.75 8.34 -18.44
CA SER A 213 -5.94 8.89 -17.81
C SER A 213 -6.23 8.20 -16.48
N MET A 214 -5.70 7.00 -16.29
CA MET A 214 -5.91 6.24 -15.07
C MET A 214 -4.77 6.50 -14.09
N ALA A 215 -3.56 6.64 -14.62
CA ALA A 215 -2.37 6.87 -13.81
C ALA A 215 -2.39 8.25 -13.18
N GLY A 216 -2.60 9.26 -14.02
CA GLY A 216 -2.63 10.63 -13.54
C GLY A 216 -3.96 10.99 -12.90
N ASN A 217 -5.04 10.59 -13.59
CA ASN A 217 -6.42 10.84 -13.15
C ASN A 217 -6.60 12.25 -12.59
N MET B 1 12.99 10.92 23.51
CA MET B 1 12.99 11.58 24.82
C MET B 1 12.07 12.80 24.80
N SER B 2 11.96 13.48 25.93
CA SER B 2 11.12 14.66 26.04
C SER B 2 11.61 15.76 25.09
N GLY B 3 10.73 16.69 24.74
CA GLY B 3 11.11 17.76 23.84
C GLY B 3 11.00 17.32 22.39
N ILE B 4 11.73 16.27 22.04
CA ILE B 4 11.72 15.74 20.67
C ILE B 4 10.30 15.37 20.25
N ALA B 5 9.63 14.61 21.11
CA ALA B 5 8.27 14.17 20.84
C ALA B 5 7.32 15.35 20.66
N LEU B 6 7.43 16.33 21.54
CA LEU B 6 6.58 17.52 21.48
C LEU B 6 6.83 18.34 20.22
N SER B 7 8.08 18.38 19.76
CA SER B 7 8.43 19.13 18.56
C SER B 7 7.73 18.56 17.34
N ARG B 8 7.41 17.27 17.40
CA ARG B 8 6.72 16.61 16.31
C ARG B 8 5.20 16.66 16.54
N LEU B 9 4.78 16.47 17.78
CA LEU B 9 3.37 16.50 18.15
C LEU B 9 2.74 17.84 17.80
N ALA B 10 3.48 18.92 18.05
CA ALA B 10 2.99 20.26 17.76
C ALA B 10 2.84 20.45 16.26
N GLN B 11 3.70 19.76 15.51
CA GLN B 11 3.69 19.84 14.05
C GLN B 11 2.46 19.13 13.49
N GLU B 12 2.13 17.98 14.06
CA GLU B 12 0.98 17.20 13.63
C GLU B 12 -0.30 18.03 13.69
N ARG B 13 -0.47 18.76 14.78
CA ARG B 13 -1.66 19.60 14.95
C ARG B 13 -1.68 20.71 13.90
N LYS B 14 -0.52 21.26 13.58
CA LYS B 14 -0.42 22.33 12.59
C LYS B 14 -0.85 21.80 11.22
N ALA B 15 -0.37 20.60 10.89
CA ALA B 15 -0.69 19.97 9.63
C ALA B 15 -2.16 19.57 9.56
N TRP B 16 -2.67 19.02 10.67
CA TRP B 16 -4.07 18.61 10.76
C TRP B 16 -4.98 19.81 10.59
N ARG B 17 -4.63 20.91 11.25
CA ARG B 17 -5.40 22.15 11.16
C ARG B 17 -5.44 22.63 9.72
N LYS B 18 -4.33 22.45 9.02
CA LYS B 18 -4.21 22.87 7.63
C LYS B 18 -5.07 21.99 6.73
N ASP B 19 -4.84 20.69 6.78
CA ASP B 19 -5.58 19.75 5.94
C ASP B 19 -5.89 18.47 6.68
N HIS B 20 -7.14 18.03 6.59
CA HIS B 20 -7.59 16.81 7.22
C HIS B 20 -8.90 16.36 6.59
N PRO B 21 -9.14 15.04 6.52
CA PRO B 21 -10.38 14.50 5.94
C PRO B 21 -11.61 15.02 6.68
N PHE B 22 -12.59 15.49 5.92
CA PHE B 22 -13.81 16.02 6.51
C PHE B 22 -14.54 14.94 7.31
N GLY B 23 -14.92 15.28 8.53
CA GLY B 23 -15.61 14.33 9.38
C GLY B 23 -14.70 13.78 10.46
N PHE B 24 -13.40 13.85 10.22
CA PHE B 24 -12.41 13.36 11.17
C PHE B 24 -12.10 14.41 12.22
N VAL B 25 -12.17 14.02 13.48
CA VAL B 25 -11.89 14.92 14.58
C VAL B 25 -10.61 14.49 15.30
N ALA B 26 -9.75 15.45 15.60
CA ALA B 26 -8.50 15.18 16.30
C ALA B 26 -8.03 16.43 17.03
N VAL B 27 -7.88 16.33 18.34
CA VAL B 27 -7.45 17.46 19.14
C VAL B 27 -6.81 16.98 20.44
N PRO B 28 -5.63 17.54 20.81
CA PRO B 28 -4.94 17.18 22.04
C PRO B 28 -5.77 17.52 23.28
N THR B 29 -5.70 16.67 24.28
CA THR B 29 -6.45 16.86 25.51
C THR B 29 -6.09 18.17 26.22
N LYS B 30 -7.12 18.86 26.69
CA LYS B 30 -6.94 20.11 27.40
C LYS B 30 -6.51 19.85 28.84
N ASN B 31 -5.50 20.58 29.28
CA ASN B 31 -4.98 20.44 30.64
C ASN B 31 -5.27 21.72 31.42
N PRO B 32 -5.60 21.61 32.72
CA PRO B 32 -5.91 22.77 33.58
C PRO B 32 -4.86 23.88 33.48
N ASP B 33 -5.27 25.09 33.85
CA ASP B 33 -4.41 26.28 33.83
C ASP B 33 -4.21 26.78 32.40
N GLY B 34 -5.11 26.38 31.52
CA GLY B 34 -5.04 26.81 30.14
C GLY B 34 -3.91 26.16 29.37
N THR B 35 -3.57 24.93 29.72
CA THR B 35 -2.51 24.23 29.03
C THR B 35 -3.08 23.12 28.16
N MET B 36 -2.21 22.37 27.50
CA MET B 36 -2.65 21.30 26.63
C MET B 36 -1.65 20.16 26.60
N ASN B 37 -2.12 18.94 26.75
CA ASN B 37 -1.27 17.77 26.74
C ASN B 37 -1.20 17.20 25.33
N LEU B 38 -0.03 17.31 24.72
CA LEU B 38 0.17 16.83 23.36
C LEU B 38 0.41 15.33 23.32
N MET B 39 0.64 14.72 24.48
CA MET B 39 0.90 13.29 24.55
C MET B 39 -0.40 12.49 24.64
N ASN B 40 -1.53 13.17 24.54
CA ASN B 40 -2.81 12.51 24.61
C ASN B 40 -3.83 13.26 23.75
N TRP B 41 -4.34 12.59 22.73
CA TRP B 41 -5.31 13.20 21.83
C TRP B 41 -6.66 12.49 21.90
N GLU B 42 -7.72 13.27 21.78
CA GLU B 42 -9.07 12.72 21.78
C GLU B 42 -9.62 12.85 20.36
N CYS B 43 -9.43 11.81 19.57
CA CYS B 43 -9.86 11.83 18.19
C CYS B 43 -11.18 11.08 17.99
N ALA B 44 -11.78 11.29 16.83
CA ALA B 44 -13.03 10.64 16.47
C ALA B 44 -13.04 10.34 14.98
N ILE B 45 -13.35 9.09 14.64
CA ILE B 45 -13.38 8.67 13.25
C ILE B 45 -14.78 8.22 12.86
N PRO B 46 -15.36 8.82 11.81
CA PRO B 46 -16.68 8.46 11.32
C PRO B 46 -16.63 7.21 10.43
N GLY B 47 -17.71 6.44 10.44
CA GLY B 47 -17.75 5.23 9.63
C GLY B 47 -17.63 5.51 8.14
N LYS B 48 -17.01 4.58 7.43
CA LYS B 48 -16.81 4.72 5.99
C LYS B 48 -18.15 4.70 5.25
N LYS B 49 -18.23 5.47 4.19
CA LYS B 49 -19.44 5.56 3.40
C LYS B 49 -19.64 4.29 2.58
N GLY B 50 -20.86 3.79 2.58
CA GLY B 50 -21.17 2.58 1.85
C GLY B 50 -20.93 1.34 2.68
N THR B 51 -20.52 1.54 3.92
CA THR B 51 -20.25 0.44 4.83
C THR B 51 -21.22 0.48 6.01
N PRO B 52 -21.38 -0.64 6.75
CA PRO B 52 -22.28 -0.69 7.91
C PRO B 52 -21.83 0.21 9.06
N TRP B 53 -20.69 0.86 8.90
CA TRP B 53 -20.16 1.76 9.93
C TRP B 53 -20.59 3.19 9.65
N GLU B 54 -21.11 3.43 8.46
CA GLU B 54 -21.53 4.76 8.05
C GLU B 54 -22.63 5.30 8.95
N GLY B 55 -22.55 6.59 9.26
CA GLY B 55 -23.54 7.22 10.10
C GLY B 55 -23.19 7.15 11.57
N GLY B 56 -21.95 6.78 11.87
CA GLY B 56 -21.54 6.69 13.26
C GLY B 56 -20.19 7.34 13.50
N LEU B 57 -20.04 7.97 14.66
CA LEU B 57 -18.79 8.61 15.04
C LEU B 57 -18.16 7.85 16.19
N PHE B 58 -17.01 7.24 15.92
CA PHE B 58 -16.31 6.45 16.93
C PHE B 58 -15.12 7.22 17.51
N LYS B 59 -15.06 7.31 18.82
CA LYS B 59 -14.01 8.03 19.51
C LYS B 59 -12.88 7.10 19.95
N LEU B 60 -11.65 7.56 19.80
CA LEU B 60 -10.48 6.80 20.19
C LEU B 60 -9.47 7.73 20.87
N ARG B 61 -8.76 7.20 21.85
CA ARG B 61 -7.77 7.97 22.58
C ARG B 61 -6.37 7.62 22.09
N MET B 62 -5.62 8.65 21.72
CA MET B 62 -4.27 8.46 21.22
C MET B 62 -3.25 8.72 22.32
N LEU B 63 -2.51 7.67 22.69
CA LEU B 63 -1.49 7.77 23.73
C LEU B 63 -0.11 7.84 23.11
N PHE B 64 0.66 8.86 23.46
CA PHE B 64 2.00 9.03 22.92
C PHE B 64 3.05 8.81 23.99
N LYS B 65 4.23 8.39 23.57
CA LYS B 65 5.34 8.13 24.48
C LYS B 65 6.46 9.14 24.27
N ASP B 66 7.44 9.12 25.17
CA ASP B 66 8.58 10.03 25.07
C ASP B 66 9.50 9.62 23.94
N ASP B 67 9.33 8.38 23.48
CA ASP B 67 10.15 7.85 22.40
C ASP B 67 9.56 8.19 21.04
N TYR B 68 8.63 9.14 21.02
CA TYR B 68 7.98 9.56 19.78
C TYR B 68 8.97 10.41 18.97
N PRO B 69 8.95 10.29 17.62
CA PRO B 69 8.06 9.40 16.88
C PRO B 69 8.66 8.02 16.59
N SER B 70 9.74 7.68 17.28
CA SER B 70 10.38 6.38 17.09
C SER B 70 9.42 5.27 17.53
N SER B 71 8.71 5.51 18.62
CA SER B 71 7.74 4.56 19.13
C SER B 71 6.35 4.91 18.60
N PRO B 72 5.59 3.90 18.14
CA PRO B 72 4.24 4.12 17.60
C PRO B 72 3.23 4.47 18.68
N PRO B 73 2.31 5.40 18.38
CA PRO B 73 1.27 5.83 19.32
C PRO B 73 0.20 4.76 19.53
N LYS B 74 -0.17 4.54 20.78
CA LYS B 74 -1.18 3.56 21.12
C LYS B 74 -2.57 4.17 21.02
N CYS B 75 -3.40 3.58 20.16
CA CYS B 75 -4.76 4.08 19.97
C CYS B 75 -5.76 3.12 20.59
N LYS B 76 -6.56 3.63 21.52
CA LYS B 76 -7.56 2.82 22.20
C LYS B 76 -8.95 3.43 22.04
N PHE B 77 -9.90 2.62 21.60
CA PHE B 77 -11.27 3.07 21.42
C PHE B 77 -11.93 3.30 22.77
N GLU B 78 -12.66 4.38 22.89
CA GLU B 78 -13.35 4.71 24.14
C GLU B 78 -14.79 5.12 23.85
N PRO B 79 -15.76 4.20 24.07
CA PRO B 79 -15.52 2.84 24.57
C PRO B 79 -15.05 1.88 23.48
N PRO B 80 -14.60 0.66 23.85
CA PRO B 80 -14.12 -0.35 22.89
C PRO B 80 -15.20 -0.71 21.88
N LEU B 81 -14.78 -0.96 20.64
CA LEU B 81 -15.72 -1.29 19.57
C LEU B 81 -15.70 -2.77 19.25
N PHE B 82 -16.75 -3.20 18.56
CA PHE B 82 -16.90 -4.58 18.14
C PHE B 82 -16.14 -4.77 16.82
N HIS B 83 -14.90 -5.21 16.94
CA HIS B 83 -14.05 -5.43 15.78
C HIS B 83 -12.99 -6.46 16.12
N PRO B 84 -12.82 -7.49 15.27
CA PRO B 84 -11.84 -8.57 15.48
C PRO B 84 -10.42 -8.09 15.71
N ASN B 85 -10.06 -6.95 15.14
CA ASN B 85 -8.70 -6.42 15.28
C ASN B 85 -8.61 -5.40 16.41
N VAL B 86 -9.58 -5.42 17.30
CA VAL B 86 -9.60 -4.50 18.43
C VAL B 86 -9.66 -5.29 19.73
N TYR B 87 -8.70 -5.05 20.62
CA TYR B 87 -8.63 -5.73 21.90
C TYR B 87 -9.80 -5.31 22.79
N PRO B 88 -10.23 -6.17 23.73
CA PRO B 88 -11.34 -5.85 24.65
C PRO B 88 -11.04 -4.62 25.50
N SER B 89 -9.78 -4.23 25.53
CA SER B 89 -9.34 -3.06 26.28
C SER B 89 -9.56 -1.78 25.47
N GLY B 90 -9.81 -1.96 24.18
CA GLY B 90 -10.03 -0.83 23.30
C GLY B 90 -8.86 -0.61 22.36
N THR B 91 -7.72 -1.19 22.71
CA THR B 91 -6.51 -1.06 21.91
C THR B 91 -6.70 -1.63 20.50
N VAL B 92 -6.38 -0.82 19.50
CA VAL B 92 -6.51 -1.24 18.11
C VAL B 92 -5.16 -1.76 17.61
N CYS B 93 -5.20 -2.83 16.84
CA CYS B 93 -3.98 -3.40 16.30
C CYS B 93 -3.88 -3.09 14.81
N LEU B 94 -2.68 -2.69 14.38
CA LEU B 94 -2.44 -2.36 12.99
C LEU B 94 -0.94 -2.47 12.69
N SER B 95 -0.60 -2.76 11.44
CA SER B 95 0.78 -2.90 11.03
C SER B 95 1.59 -1.63 11.30
N ILE B 96 0.98 -0.48 11.09
CA ILE B 96 1.66 0.80 11.30
C ILE B 96 1.56 1.25 12.76
N LEU B 97 0.98 0.41 13.61
CA LEU B 97 0.86 0.74 15.03
C LEU B 97 1.86 -0.08 15.84
N GLU B 98 2.65 -0.87 15.14
CA GLU B 98 3.65 -1.70 15.77
C GLU B 98 5.05 -1.35 15.25
N GLU B 99 5.98 -1.13 16.17
CA GLU B 99 7.34 -0.75 15.83
C GLU B 99 8.03 -1.83 15.01
N ASP B 100 7.74 -3.09 15.32
CA ASP B 100 8.34 -4.22 14.63
C ASP B 100 7.59 -4.62 13.36
N LYS B 101 6.66 -3.79 12.91
CA LYS B 101 5.91 -4.11 11.69
C LYS B 101 6.18 -3.11 10.57
N ASP B 102 5.23 -2.20 10.31
CA ASP B 102 5.38 -1.23 9.22
C ASP B 102 5.43 0.20 9.72
N TRP B 103 5.56 0.39 11.03
CA TRP B 103 5.62 1.73 11.59
C TRP B 103 6.86 2.48 11.16
N ARG B 104 6.66 3.68 10.64
CA ARG B 104 7.75 4.54 10.21
C ARG B 104 7.56 5.91 10.85
N PRO B 105 8.62 6.48 11.45
CA PRO B 105 8.57 7.80 12.09
C PRO B 105 8.02 8.89 11.18
N ALA B 106 8.15 8.69 9.87
CA ALA B 106 7.68 9.67 8.89
C ALA B 106 6.16 9.65 8.75
N ILE B 107 5.53 8.59 9.24
CA ILE B 107 4.08 8.46 9.15
C ILE B 107 3.39 9.57 9.95
N THR B 108 2.47 10.26 9.30
CA THR B 108 1.73 11.33 9.93
C THR B 108 0.48 10.78 10.62
N ILE B 109 0.02 11.46 11.68
CA ILE B 109 -1.17 11.04 12.42
C ILE B 109 -2.36 10.83 11.49
N LYS B 110 -2.44 11.65 10.45
CA LYS B 110 -3.52 11.56 9.47
C LYS B 110 -3.58 10.17 8.84
N GLN B 111 -2.41 9.62 8.53
CA GLN B 111 -2.33 8.28 7.93
C GLN B 111 -2.85 7.22 8.88
N ILE B 112 -2.52 7.39 10.16
CA ILE B 112 -2.95 6.45 11.19
C ILE B 112 -4.46 6.44 11.33
N LEU B 113 -5.04 7.64 11.45
CA LEU B 113 -6.49 7.77 11.59
C LEU B 113 -7.22 7.19 10.38
N LEU B 114 -6.70 7.47 9.18
CA LEU B 114 -7.29 6.97 7.96
C LEU B 114 -7.20 5.44 7.91
N GLY B 115 -6.06 4.92 8.35
CA GLY B 115 -5.85 3.49 8.37
C GLY B 115 -6.83 2.77 9.27
N ILE B 116 -7.12 3.37 10.42
CA ILE B 116 -8.06 2.79 11.38
C ILE B 116 -9.46 2.70 10.75
N GLN B 117 -9.84 3.76 10.04
CA GLN B 117 -11.15 3.79 9.38
C GLN B 117 -11.24 2.70 8.32
N GLU B 118 -10.15 2.51 7.59
CA GLU B 118 -10.08 1.50 6.55
C GLU B 118 -10.18 0.10 7.17
N LEU B 119 -9.51 -0.07 8.30
CA LEU B 119 -9.49 -1.34 9.01
C LEU B 119 -10.89 -1.71 9.51
N LEU B 120 -11.67 -0.70 9.86
CA LEU B 120 -13.03 -0.92 10.35
C LEU B 120 -13.86 -1.66 9.31
N ASN B 121 -13.83 -1.17 8.08
CA ASN B 121 -14.58 -1.77 6.99
C ASN B 121 -14.04 -3.15 6.63
N GLU B 122 -12.75 -3.22 6.34
CA GLU B 122 -12.12 -4.49 5.97
C GLU B 122 -11.22 -4.99 7.09
N PRO B 123 -11.74 -5.87 7.96
CA PRO B 123 -10.99 -6.43 9.08
C PRO B 123 -9.99 -7.50 8.64
N ASN B 124 -8.84 -7.51 9.29
CA ASN B 124 -7.81 -8.50 8.98
C ASN B 124 -8.12 -9.80 9.71
N ILE B 125 -8.38 -10.85 8.95
CA ILE B 125 -8.73 -12.15 9.53
C ILE B 125 -7.48 -12.89 10.03
N GLN B 126 -6.33 -12.25 9.91
CA GLN B 126 -5.07 -12.84 10.33
C GLN B 126 -4.84 -12.67 11.84
N ASP B 127 -4.98 -11.45 12.32
CA ASP B 127 -4.75 -11.15 13.74
C ASP B 127 -6.06 -10.92 14.47
N PRO B 128 -6.57 -11.95 15.18
CA PRO B 128 -7.81 -11.87 15.94
C PRO B 128 -7.58 -11.37 17.36
N ALA B 129 -7.60 -10.06 17.54
CA ALA B 129 -7.42 -9.47 18.85
C ALA B 129 -8.65 -9.73 19.72
N GLN B 130 -9.81 -9.64 19.08
CA GLN B 130 -11.07 -9.90 19.76
C GLN B 130 -11.65 -11.21 19.25
N ALA B 131 -11.55 -12.24 20.08
CA ALA B 131 -12.02 -13.59 19.73
C ALA B 131 -13.51 -13.61 19.39
N GLU B 132 -14.33 -12.96 20.20
CA GLU B 132 -15.78 -12.95 19.99
C GLU B 132 -16.12 -12.43 18.60
N ALA B 133 -15.68 -11.21 18.30
CA ALA B 133 -15.94 -10.58 17.02
C ALA B 133 -15.37 -11.40 15.87
N TYR B 134 -14.20 -11.99 16.09
CA TYR B 134 -13.53 -12.80 15.08
C TYR B 134 -14.36 -14.03 14.73
N THR B 135 -14.78 -14.76 15.76
CA THR B 135 -15.57 -15.97 15.55
C THR B 135 -16.87 -15.66 14.81
N ILE B 136 -17.58 -14.64 15.28
CA ILE B 136 -18.84 -14.25 14.67
C ILE B 136 -18.64 -13.81 13.21
N TYR B 137 -17.61 -13.00 12.97
CA TYR B 137 -17.31 -12.51 11.63
C TYR B 137 -16.96 -13.67 10.68
N CYS B 138 -16.51 -14.78 11.24
CA CYS B 138 -16.11 -15.92 10.44
C CYS B 138 -17.23 -16.94 10.25
N GLN B 139 -18.02 -17.20 11.28
CA GLN B 139 -19.09 -18.20 11.18
C GLN B 139 -20.47 -17.60 10.90
N ASN B 140 -20.65 -16.31 11.13
CA ASN B 140 -21.95 -15.69 10.91
C ASN B 140 -21.80 -14.24 10.46
N ARG B 141 -21.71 -14.04 9.17
CA ARG B 141 -21.57 -12.70 8.61
C ARG B 141 -22.85 -11.91 8.78
N VAL B 142 -23.98 -12.59 8.63
CA VAL B 142 -25.29 -11.96 8.76
C VAL B 142 -25.45 -11.31 10.14
N GLU B 143 -25.12 -12.05 11.18
CA GLU B 143 -25.22 -11.55 12.54
C GLU B 143 -24.16 -10.48 12.79
N TYR B 144 -22.98 -10.65 12.19
CA TYR B 144 -21.90 -9.69 12.35
C TYR B 144 -22.33 -8.33 11.82
N GLU B 145 -22.98 -8.34 10.67
CA GLU B 145 -23.46 -7.12 10.03
C GLU B 145 -24.45 -6.39 10.94
N LYS B 146 -25.34 -7.14 11.57
CA LYS B 146 -26.34 -6.57 12.47
C LYS B 146 -25.67 -5.87 13.65
N ARG B 147 -24.67 -6.54 14.20
CA ARG B 147 -23.92 -6.02 15.34
C ARG B 147 -23.22 -4.71 14.99
N VAL B 148 -22.61 -4.68 13.80
CA VAL B 148 -21.91 -3.50 13.34
C VAL B 148 -22.90 -2.37 13.03
N ARG B 149 -24.00 -2.72 12.38
CA ARG B 149 -25.03 -1.74 12.03
C ARG B 149 -25.59 -1.07 13.28
N ALA B 150 -25.92 -1.89 14.27
CA ALA B 150 -26.47 -1.38 15.53
C ALA B 150 -25.44 -0.49 16.23
N GLN B 151 -24.18 -0.88 16.11
CA GLN B 151 -23.08 -0.14 16.72
C GLN B 151 -23.01 1.27 16.12
N ALA B 152 -23.16 1.34 14.80
CA ALA B 152 -23.12 2.62 14.09
C ALA B 152 -24.27 3.51 14.54
N LYS B 153 -25.43 2.89 14.80
CA LYS B 153 -26.60 3.63 15.24
C LYS B 153 -26.41 4.15 16.67
N LYS B 154 -25.72 3.37 17.49
CA LYS B 154 -25.45 3.75 18.87
C LYS B 154 -24.53 4.95 18.94
N PHE B 155 -23.51 4.97 18.07
CA PHE B 155 -22.55 6.05 18.05
C PHE B 155 -22.91 7.09 16.98
N ALA B 156 -24.15 7.04 16.51
CA ALA B 156 -24.62 7.97 15.50
C ALA B 156 -24.65 9.40 16.03
N PRO B 157 -24.00 10.34 15.32
CA PRO B 157 -23.95 11.75 15.73
C PRO B 157 -25.34 12.36 15.80
N SER B 158 -25.79 12.65 17.01
CA SER B 158 -27.10 13.23 17.22
C SER B 158 -27.01 14.42 18.18
N THR A 1 -14.99 11.07 -4.54
CA THR A 1 -13.70 10.65 -3.97
C THR A 1 -13.09 9.55 -4.85
N GLN A 2 -11.77 9.52 -4.91
CA GLN A 2 -11.07 8.50 -5.69
C GLN A 2 -10.94 7.24 -4.85
N ARG A 3 -10.98 6.09 -5.51
CA ARG A 3 -10.88 4.82 -4.80
C ARG A 3 -9.43 4.50 -4.48
N THR A 4 -9.20 3.94 -3.31
CA THR A 4 -7.87 3.57 -2.87
C THR A 4 -7.54 2.16 -3.36
N PHE A 5 -6.26 1.89 -3.60
CA PHE A 5 -5.83 0.59 -4.07
C PHE A 5 -4.97 -0.10 -3.02
N PRO A 6 -5.53 -1.11 -2.33
CA PRO A 6 -4.80 -1.88 -1.31
C PRO A 6 -3.54 -2.51 -1.86
N GLY A 7 -2.45 -2.42 -1.09
CA GLY A 7 -1.17 -2.98 -1.52
C GLY A 7 -1.25 -4.47 -1.82
N CYS A 8 -2.09 -5.18 -1.08
CA CYS A 8 -2.24 -6.62 -1.28
C CYS A 8 -2.78 -6.95 -2.67
N THR A 9 -3.74 -6.17 -3.13
CA THR A 9 -4.35 -6.40 -4.44
C THR A 9 -3.53 -5.72 -5.53
N ILE A 10 -2.42 -5.11 -5.13
CA ILE A 10 -1.54 -4.46 -6.07
C ILE A 10 -0.31 -5.33 -6.30
N ARG A 11 0.20 -5.93 -5.24
CA ARG A 11 1.37 -6.79 -5.34
C ARG A 11 0.99 -8.24 -5.59
N ASN A 12 -0.10 -8.69 -4.97
CA ASN A 12 -0.53 -10.08 -5.11
C ASN A 12 -1.51 -10.28 -6.26
N THR A 13 -2.78 -9.92 -6.06
CA THR A 13 -3.79 -10.11 -7.09
C THR A 13 -4.31 -8.80 -7.68
N PRO A 14 -3.65 -8.30 -8.74
CA PRO A 14 -4.04 -7.07 -9.43
C PRO A 14 -4.96 -7.36 -10.60
N SER A 15 -6.13 -7.89 -10.31
CA SER A 15 -7.10 -8.25 -11.35
C SER A 15 -7.83 -7.02 -11.90
N GLU A 16 -7.08 -6.10 -12.48
CA GLU A 16 -7.64 -4.89 -13.07
C GLU A 16 -6.56 -4.12 -13.82
N PRO A 17 -6.91 -3.52 -14.98
CA PRO A 17 -5.96 -2.74 -15.79
C PRO A 17 -5.26 -1.65 -14.99
N ILE A 18 -6.03 -0.81 -14.31
CA ILE A 18 -5.48 0.28 -13.52
C ILE A 18 -4.66 -0.26 -12.35
N HIS A 19 -4.94 -1.48 -11.92
CA HIS A 19 -4.22 -2.08 -10.81
C HIS A 19 -2.77 -2.33 -11.20
N CYS A 20 -2.56 -2.66 -12.47
CA CYS A 20 -1.21 -2.89 -12.98
C CYS A 20 -0.50 -1.56 -13.19
N ILE A 21 -1.28 -0.54 -13.54
CA ILE A 21 -0.76 0.80 -13.77
C ILE A 21 -0.28 1.41 -12.45
N VAL A 22 -1.09 1.26 -11.40
CA VAL A 22 -0.74 1.77 -10.09
C VAL A 22 0.55 1.13 -9.59
N TRP A 23 0.67 -0.18 -9.83
CA TRP A 23 1.85 -0.93 -9.45
C TRP A 23 3.08 -0.36 -10.16
N ALA A 24 2.91 -0.05 -11.44
CA ALA A 24 4.00 0.51 -12.24
C ALA A 24 4.42 1.88 -11.71
N LYS A 25 3.44 2.67 -11.27
CA LYS A 25 3.72 4.00 -10.72
C LYS A 25 4.52 3.84 -9.44
N TYR A 26 4.16 2.85 -8.64
CA TYR A 26 4.85 2.58 -7.38
C TYR A 26 6.25 2.03 -7.66
N LEU A 27 6.36 1.25 -8.73
CA LEU A 27 7.63 0.65 -9.13
C LEU A 27 8.66 1.74 -9.43
N PHE A 28 8.26 2.74 -10.21
CA PHE A 28 9.14 3.85 -10.56
C PHE A 28 9.59 4.57 -9.30
N ASN A 29 8.64 4.77 -8.40
CA ASN A 29 8.90 5.46 -7.14
C ASN A 29 9.84 4.64 -6.26
N GLN A 30 9.70 3.32 -6.30
CA GLN A 30 10.52 2.44 -5.50
C GLN A 30 11.84 2.11 -6.20
N LEU A 31 12.14 2.84 -7.26
CA LEU A 31 13.37 2.64 -8.00
C LEU A 31 14.16 3.93 -8.09
N PHE A 32 13.50 5.00 -8.52
CA PHE A 32 14.16 6.29 -8.67
C PHE A 32 13.54 7.33 -7.74
N GLY A 33 12.40 7.02 -7.17
CA GLY A 33 11.72 7.98 -6.30
C GLY A 33 11.94 7.73 -4.83
N GLU A 34 10.85 7.77 -4.06
CA GLU A 34 10.89 7.58 -2.61
C GLU A 34 10.32 6.22 -2.24
N GLU A 35 10.89 5.60 -1.21
CA GLU A 35 10.43 4.29 -0.76
C GLU A 35 9.41 4.41 0.36
N ASP A 36 8.62 3.37 0.53
CA ASP A 36 7.60 3.31 1.58
C ASP A 36 7.41 1.87 2.02
N ALA A 37 6.95 1.67 3.23
CA ALA A 37 6.75 0.33 3.77
C ALA A 37 5.49 -0.32 3.20
N ASP A 38 4.40 0.42 3.22
CA ASP A 38 3.13 -0.07 2.72
C ASP A 38 3.10 -0.07 1.20
N GLN A 39 3.54 1.05 0.60
CA GLN A 39 3.57 1.18 -0.85
C GLN A 39 4.79 0.47 -1.45
N GLU A 40 5.12 -0.71 -0.92
CA GLU A 40 6.24 -1.49 -1.40
C GLU A 40 5.92 -2.09 -2.76
N VAL A 41 6.95 -2.42 -3.52
CA VAL A 41 6.77 -3.00 -4.82
C VAL A 41 7.46 -4.36 -4.89
N SER A 42 8.31 -4.62 -3.91
CA SER A 42 9.05 -5.87 -3.82
C SER A 42 8.15 -6.99 -3.29
N PRO A 43 8.48 -8.25 -3.63
CA PRO A 43 7.70 -9.41 -3.18
C PRO A 43 7.58 -9.45 -1.66
N ASP A 44 6.35 -9.50 -1.17
CA ASP A 44 6.10 -9.52 0.27
C ASP A 44 6.58 -10.83 0.88
N ARG A 45 7.32 -10.71 1.97
CA ARG A 45 7.85 -11.87 2.68
C ARG A 45 7.12 -12.08 3.99
N ALA A 46 6.08 -11.30 4.21
CA ALA A 46 5.29 -11.40 5.44
C ALA A 46 3.89 -11.89 5.13
N ASP A 47 3.67 -12.27 3.87
CA ASP A 47 2.38 -12.78 3.43
C ASP A 47 2.02 -14.05 4.21
N PRO A 48 0.75 -14.18 4.63
CA PRO A 48 0.24 -15.34 5.40
C PRO A 48 0.78 -16.72 5.01
N GLU A 49 1.16 -16.92 3.75
CA GLU A 49 1.67 -18.22 3.31
C GLU A 49 3.12 -18.46 3.77
N ALA A 50 3.81 -17.38 4.10
CA ALA A 50 5.19 -17.45 4.57
C ALA A 50 5.43 -16.36 5.59
N ALA A 51 4.38 -16.07 6.35
CA ALA A 51 4.39 -15.01 7.34
C ALA A 51 5.33 -15.30 8.50
N TRP A 52 5.66 -14.26 9.23
CA TRP A 52 6.55 -14.37 10.37
C TRP A 52 5.77 -14.78 11.62
N GLU A 53 4.96 -13.89 12.15
CA GLU A 53 4.17 -14.19 13.35
C GLU A 53 2.80 -14.74 12.99
N PRO A 54 1.93 -13.99 12.27
CA PRO A 54 2.17 -12.63 11.78
C PRO A 54 1.53 -11.55 12.66
N THR A 55 2.24 -10.43 12.80
CA THR A 55 1.79 -9.29 13.61
C THR A 55 1.75 -9.62 15.10
N GLU A 56 0.81 -10.48 15.48
CA GLU A 56 0.66 -10.88 16.87
C GLU A 56 1.49 -12.13 17.16
N ALA A 57 0.88 -13.10 17.83
CA ALA A 57 1.54 -14.36 18.17
C ALA A 57 2.83 -14.14 18.96
N GLU A 58 3.95 -14.04 18.25
CA GLU A 58 5.24 -13.84 18.88
C GLU A 58 6.15 -12.99 17.99
N ALA A 59 6.15 -11.70 18.26
CA ALA A 59 6.98 -10.75 17.50
C ALA A 59 8.37 -10.66 18.10
N ARG A 60 8.60 -11.47 19.13
CA ARG A 60 9.90 -11.50 19.80
C ARG A 60 10.90 -12.21 18.92
N ALA A 61 11.95 -11.50 18.54
CA ALA A 61 12.98 -12.08 17.69
C ALA A 61 14.34 -12.02 18.33
N ARG A 62 15.02 -13.16 18.36
CA ARG A 62 16.36 -13.24 18.92
C ARG A 62 17.32 -12.55 17.96
N ALA A 63 17.13 -12.82 16.67
CA ALA A 63 17.95 -12.23 15.64
C ALA A 63 17.36 -10.90 15.19
N SER A 64 17.26 -9.97 16.13
CA SER A 64 16.71 -8.66 15.84
C SER A 64 17.74 -7.79 15.11
N ASN A 65 17.96 -8.10 13.85
CA ASN A 65 18.91 -7.37 13.03
C ASN A 65 18.25 -6.13 12.41
N GLU A 66 16.96 -6.24 12.17
CA GLU A 66 16.20 -5.14 11.59
C GLU A 66 15.70 -4.22 12.69
N ASP A 67 16.06 -2.95 12.62
CA ASP A 67 15.66 -1.98 13.63
C ASP A 67 14.70 -0.95 13.06
N GLY A 68 13.44 -1.03 13.48
CA GLY A 68 12.44 -0.08 13.01
C GLY A 68 11.64 -0.58 11.83
N ASP A 69 11.96 -1.78 11.35
CA ASP A 69 11.26 -2.37 10.22
C ASP A 69 11.39 -3.88 10.26
N ILE A 70 10.58 -4.57 9.47
CA ILE A 70 10.61 -6.02 9.41
C ILE A 70 11.53 -6.48 8.28
N LYS A 71 11.50 -7.77 7.98
CA LYS A 71 12.31 -8.30 6.90
C LYS A 71 11.67 -7.98 5.55
N ARG A 72 11.95 -6.77 5.08
CA ARG A 72 11.41 -6.29 3.82
C ARG A 72 12.54 -5.92 2.87
N ILE A 73 12.67 -6.67 1.80
CA ILE A 73 13.72 -6.42 0.80
C ILE A 73 13.45 -5.11 0.05
N SER A 74 14.49 -4.30 -0.10
CA SER A 74 14.35 -3.04 -0.80
C SER A 74 14.93 -3.16 -2.21
N THR A 75 14.05 -3.33 -3.19
CA THR A 75 14.45 -3.47 -4.59
C THR A 75 15.28 -2.27 -5.07
N LYS A 76 15.00 -1.10 -4.52
CA LYS A 76 15.72 0.11 -4.90
C LYS A 76 17.22 -0.05 -4.69
N GLU A 77 17.60 -0.62 -3.56
CA GLU A 77 19.01 -0.84 -3.25
C GLU A 77 19.61 -1.86 -4.21
N TRP A 78 18.88 -2.94 -4.45
CA TRP A 78 19.33 -3.99 -5.36
C TRP A 78 19.55 -3.42 -6.76
N ALA A 79 18.57 -2.66 -7.25
CA ALA A 79 18.65 -2.06 -8.57
C ALA A 79 19.79 -1.06 -8.65
N LYS A 80 19.96 -0.29 -7.59
CA LYS A 80 21.01 0.72 -7.53
C LYS A 80 22.39 0.06 -7.62
N SER A 81 22.52 -1.10 -6.98
CA SER A 81 23.78 -1.83 -6.96
C SER A 81 24.03 -2.58 -8.27
N THR A 82 22.96 -2.93 -8.98
CA THR A 82 23.10 -3.65 -10.24
C THR A 82 23.25 -2.67 -11.40
N GLY A 83 23.16 -1.38 -11.09
CA GLY A 83 23.29 -0.36 -12.10
C GLY A 83 22.03 -0.19 -12.92
N TYR A 84 20.89 -0.56 -12.34
CA TYR A 84 19.59 -0.47 -12.98
C TYR A 84 19.63 -1.15 -14.35
N ASP A 85 19.97 -2.42 -14.36
CA ASP A 85 20.04 -3.19 -15.60
C ASP A 85 18.66 -3.71 -15.99
N PRO A 86 18.20 -3.34 -17.20
CA PRO A 86 16.90 -3.77 -17.73
C PRO A 86 16.69 -5.26 -17.68
N VAL A 87 17.71 -6.02 -18.08
CA VAL A 87 17.62 -7.48 -18.10
C VAL A 87 17.40 -8.04 -16.70
N LYS A 88 18.22 -7.60 -15.75
CA LYS A 88 18.13 -8.05 -14.38
C LYS A 88 16.79 -7.67 -13.74
N LEU A 89 16.36 -6.45 -13.99
CA LEU A 89 15.10 -5.96 -13.46
C LEU A 89 13.91 -6.70 -14.08
N PHE A 90 13.99 -6.93 -15.38
CA PHE A 90 12.93 -7.61 -16.11
C PHE A 90 12.77 -9.05 -15.60
N THR A 91 13.87 -9.77 -15.54
CA THR A 91 13.86 -11.16 -15.08
C THR A 91 13.51 -11.26 -13.60
N LYS A 92 13.53 -10.13 -12.91
CA LYS A 92 13.22 -10.11 -11.50
C LYS A 92 11.72 -9.92 -11.29
N LEU A 93 11.21 -8.77 -11.70
CA LEU A 93 9.81 -8.43 -11.50
C LEU A 93 8.86 -9.19 -12.42
N PHE A 94 9.31 -9.60 -13.60
CA PHE A 94 8.43 -10.29 -14.52
C PHE A 94 8.72 -11.78 -14.63
N LYS A 95 9.66 -12.28 -13.83
CA LYS A 95 9.98 -13.71 -13.88
C LYS A 95 10.15 -14.30 -12.48
N ASP A 96 11.23 -13.90 -11.81
CA ASP A 96 11.55 -14.42 -10.49
C ASP A 96 10.46 -14.12 -9.46
N ASP A 97 10.05 -12.87 -9.38
CA ASP A 97 9.02 -12.45 -8.42
C ASP A 97 7.69 -13.10 -8.74
N ILE A 98 7.38 -13.25 -10.03
CA ILE A 98 6.13 -13.87 -10.44
C ILE A 98 6.11 -15.34 -10.03
N ARG A 99 7.25 -16.00 -10.18
CA ARG A 99 7.39 -17.39 -9.79
C ARG A 99 7.21 -17.54 -8.28
N TYR A 100 7.78 -16.58 -7.55
CA TYR A 100 7.68 -16.57 -6.09
C TYR A 100 6.22 -16.43 -5.67
N LEU A 101 5.48 -15.61 -6.41
CA LEU A 101 4.06 -15.39 -6.12
C LEU A 101 3.24 -16.64 -6.43
N LEU A 102 3.79 -17.51 -7.29
CA LEU A 102 3.12 -18.75 -7.67
C LEU A 102 3.18 -19.76 -6.54
N THR A 103 4.03 -19.50 -5.55
CA THR A 103 4.17 -20.38 -4.41
C THR A 103 2.94 -20.26 -3.51
N MET A 104 2.24 -19.15 -3.64
CA MET A 104 1.03 -18.92 -2.86
C MET A 104 -0.15 -19.47 -3.63
N ASP A 105 -0.24 -20.81 -3.67
CA ASP A 105 -1.30 -21.49 -4.41
C ASP A 105 -2.67 -21.17 -3.84
N LYS A 106 -2.71 -20.73 -2.58
CA LYS A 106 -3.96 -20.37 -1.92
C LYS A 106 -4.60 -19.15 -2.59
N LEU A 107 -3.80 -18.43 -3.36
CA LEU A 107 -4.27 -17.24 -4.07
C LEU A 107 -4.71 -17.59 -5.48
N TRP A 108 -4.29 -18.77 -5.94
CA TRP A 108 -4.62 -19.22 -7.29
C TRP A 108 -5.47 -20.50 -7.25
N ARG A 109 -6.68 -20.37 -6.74
CA ARG A 109 -7.59 -21.52 -6.66
C ARG A 109 -8.86 -21.24 -7.45
N LYS A 110 -8.94 -20.05 -8.03
CA LYS A 110 -10.10 -19.66 -8.80
C LYS A 110 -9.68 -18.91 -10.06
N ARG A 111 -8.85 -17.91 -9.88
CA ARG A 111 -8.37 -17.11 -11.01
C ARG A 111 -7.17 -17.77 -11.67
N LYS A 112 -7.07 -17.63 -12.98
CA LYS A 112 -5.96 -18.21 -13.75
C LYS A 112 -4.63 -17.63 -13.26
N PRO A 113 -3.71 -18.51 -12.81
CA PRO A 113 -2.41 -18.09 -12.31
C PRO A 113 -1.56 -17.38 -13.38
N PRO A 114 -0.71 -16.45 -12.95
CA PRO A 114 0.17 -15.70 -13.86
C PRO A 114 1.31 -16.55 -14.42
N VAL A 115 1.84 -16.15 -15.56
CA VAL A 115 2.94 -16.88 -16.18
C VAL A 115 4.18 -15.98 -16.33
N PRO A 116 5.26 -16.32 -15.61
CA PRO A 116 6.51 -15.56 -15.65
C PRO A 116 7.09 -15.48 -17.06
N LEU A 117 7.59 -14.32 -17.43
CA LEU A 117 8.16 -14.11 -18.77
C LEU A 117 9.67 -13.98 -18.68
N ASP A 118 10.35 -14.60 -19.63
CA ASP A 118 11.81 -14.56 -19.67
C ASP A 118 12.26 -13.55 -20.72
N TRP A 119 13.25 -12.73 -20.37
CA TRP A 119 13.77 -11.69 -21.26
C TRP A 119 14.25 -12.28 -22.60
N ALA A 120 14.91 -13.42 -22.54
CA ALA A 120 15.43 -14.05 -23.75
C ALA A 120 14.30 -14.66 -24.58
N GLU A 121 13.35 -15.31 -23.92
CA GLU A 121 12.23 -15.93 -24.59
C GLU A 121 11.34 -14.89 -25.26
N VAL A 122 11.08 -13.79 -24.56
CA VAL A 122 10.23 -12.73 -25.08
C VAL A 122 10.85 -12.05 -26.29
N GLN A 123 12.19 -12.01 -26.35
CA GLN A 123 12.88 -11.38 -27.47
C GLN A 123 12.61 -12.16 -28.76
N SER A 124 12.31 -13.44 -28.62
CA SER A 124 12.03 -14.28 -29.76
C SER A 124 10.68 -14.99 -29.57
N GLN A 125 9.66 -14.19 -29.25
CA GLN A 125 8.31 -14.69 -29.04
C GLN A 125 7.79 -15.35 -30.32
N GLY A 126 7.36 -16.60 -30.19
CA GLY A 126 6.85 -17.33 -31.34
C GLY A 126 5.62 -16.70 -31.95
N GLU A 127 4.87 -15.97 -31.13
CA GLU A 127 3.66 -15.28 -31.57
C GLU A 127 4.00 -14.15 -32.52
N GLU A 128 5.22 -13.64 -32.41
CA GLU A 128 5.68 -12.53 -33.23
C GLU A 128 6.57 -13.05 -34.36
N THR A 129 6.96 -12.16 -35.25
CA THR A 129 7.81 -12.49 -36.38
C THR A 129 9.24 -11.99 -36.13
N ASN A 130 10.14 -12.33 -37.04
CA ASN A 130 11.53 -11.89 -36.91
C ASN A 130 11.79 -10.72 -37.84
N ALA A 131 11.13 -10.74 -39.00
CA ALA A 131 11.29 -9.68 -39.98
C ALA A 131 10.59 -8.41 -39.55
N SER A 132 9.29 -8.49 -39.35
CA SER A 132 8.49 -7.34 -38.94
C SER A 132 8.59 -7.09 -37.44
N ASP A 133 9.83 -7.10 -36.94
CA ASP A 133 10.09 -6.88 -35.51
C ASP A 133 9.82 -5.43 -35.14
N GLN A 134 10.15 -4.51 -36.04
CA GLN A 134 9.94 -3.09 -35.81
C GLN A 134 8.47 -2.72 -35.82
N GLN A 135 7.69 -3.46 -36.59
CA GLN A 135 6.25 -3.22 -36.71
C GLN A 135 5.57 -4.47 -37.25
N ASN A 136 4.79 -5.13 -36.41
CA ASN A 136 4.11 -6.35 -36.82
C ASN A 136 2.65 -6.07 -37.21
N GLU A 137 1.86 -5.64 -36.25
CA GLU A 137 0.45 -5.36 -36.49
C GLU A 137 0.26 -3.98 -37.10
N PRO A 138 -0.14 -3.92 -38.39
CA PRO A 138 -0.37 -2.66 -39.10
C PRO A 138 -1.70 -2.02 -38.70
N GLN A 139 -1.66 -1.24 -37.63
CA GLN A 139 -2.85 -0.57 -37.14
C GLN A 139 -2.99 0.82 -37.77
N LEU A 140 -4.14 1.44 -37.60
CA LEU A 140 -4.40 2.76 -38.15
C LEU A 140 -4.95 3.69 -37.07
N GLY A 141 -4.75 4.98 -37.25
CA GLY A 141 -5.25 5.96 -36.28
C GLY A 141 -4.13 6.54 -35.44
N LEU A 142 -4.47 6.98 -34.24
CA LEU A 142 -3.51 7.56 -33.32
C LEU A 142 -2.40 6.56 -33.01
N LYS A 143 -1.16 6.96 -33.24
CA LYS A 143 0.00 6.09 -33.01
C LYS A 143 0.19 5.79 -31.54
N ASP A 144 -0.13 6.76 -30.70
CA ASP A 144 0.03 6.61 -29.26
C ASP A 144 -1.10 5.76 -28.69
N GLN A 145 -2.18 5.64 -29.44
CA GLN A 145 -3.34 4.86 -29.01
C GLN A 145 -3.36 3.46 -29.61
N GLN A 146 -2.20 3.01 -30.08
CA GLN A 146 -2.10 1.68 -30.67
C GLN A 146 -1.63 0.67 -29.63
N VAL A 147 -2.05 -0.57 -29.80
CA VAL A 147 -1.66 -1.63 -28.89
C VAL A 147 -0.49 -2.39 -29.49
N LEU A 148 0.65 -2.33 -28.81
CA LEU A 148 1.84 -3.00 -29.30
C LEU A 148 1.92 -4.44 -28.79
N ASP A 149 2.97 -5.13 -29.23
CA ASP A 149 3.19 -6.52 -28.84
C ASP A 149 4.00 -6.59 -27.55
N VAL A 150 4.21 -7.80 -27.05
CA VAL A 150 4.95 -8.01 -25.81
C VAL A 150 6.43 -7.62 -25.94
N LYS A 151 7.01 -7.83 -27.11
CA LYS A 151 8.42 -7.50 -27.33
C LYS A 151 8.60 -5.99 -27.33
N SER A 152 7.67 -5.31 -27.98
CA SER A 152 7.69 -3.86 -28.09
C SER A 152 7.65 -3.20 -26.72
N TYR A 153 6.81 -3.72 -25.83
CA TYR A 153 6.71 -3.16 -24.49
C TYR A 153 7.92 -3.57 -23.65
N ALA A 154 8.47 -4.75 -23.94
CA ALA A 154 9.62 -5.25 -23.22
C ALA A 154 10.85 -4.38 -23.48
N ARG A 155 11.09 -4.09 -24.75
CA ARG A 155 12.24 -3.26 -25.12
C ARG A 155 12.00 -1.81 -24.72
N LEU A 156 10.73 -1.39 -24.72
CA LEU A 156 10.38 -0.04 -24.33
C LEU A 156 10.68 0.16 -22.85
N PHE A 157 10.33 -0.85 -22.06
CA PHE A 157 10.56 -0.82 -20.63
C PHE A 157 12.06 -0.69 -20.36
N SER A 158 12.83 -1.50 -21.07
CA SER A 158 14.27 -1.50 -20.95
C SER A 158 14.88 -0.17 -21.40
N LYS A 159 14.40 0.35 -22.53
CA LYS A 159 14.90 1.61 -23.06
C LYS A 159 14.54 2.76 -22.12
N SER A 160 13.40 2.62 -21.46
CA SER A 160 12.95 3.63 -20.51
C SER A 160 13.91 3.70 -19.32
N ILE A 161 14.28 2.54 -18.79
CA ILE A 161 15.20 2.48 -17.66
C ILE A 161 16.53 3.15 -18.00
N GLU A 162 16.97 2.99 -19.25
CA GLU A 162 18.22 3.58 -19.70
C GLU A 162 18.20 5.10 -19.63
N THR A 163 17.13 5.72 -20.10
CA THR A 163 17.02 7.17 -20.08
C THR A 163 16.69 7.68 -18.68
N LEU A 164 16.03 6.86 -17.89
CA LEU A 164 15.68 7.25 -16.53
C LEU A 164 16.89 7.17 -15.62
N ARG A 165 17.74 6.17 -15.87
CA ARG A 165 18.95 5.97 -15.08
C ARG A 165 19.88 7.17 -15.21
N VAL A 166 20.12 7.61 -16.43
CA VAL A 166 21.01 8.74 -16.68
C VAL A 166 20.38 10.03 -16.11
N HIS A 167 19.05 10.08 -16.12
CA HIS A 167 18.34 11.24 -15.60
C HIS A 167 18.57 11.37 -14.10
N LEU A 168 18.51 10.24 -13.40
CA LEU A 168 18.72 10.23 -11.96
C LEU A 168 20.18 10.53 -11.64
N ALA A 169 21.08 10.00 -12.46
CA ALA A 169 22.51 10.21 -12.29
C ALA A 169 22.88 11.68 -12.40
N GLU A 170 22.19 12.41 -13.28
CA GLU A 170 22.44 13.84 -13.47
C GLU A 170 22.02 14.63 -12.23
N LYS A 171 21.08 14.09 -11.49
CA LYS A 171 20.58 14.73 -10.28
C LYS A 171 21.55 14.54 -9.12
N GLY A 172 22.56 13.71 -9.32
CA GLY A 172 23.53 13.45 -8.29
C GLY A 172 23.11 12.27 -7.43
N ASP A 173 23.84 12.03 -6.35
CA ASP A 173 23.52 10.92 -5.48
C ASP A 173 22.61 11.38 -4.34
N GLY A 174 21.70 10.50 -3.93
CA GLY A 174 20.78 10.83 -2.86
C GLY A 174 19.56 11.59 -3.37
N ALA A 175 19.47 11.74 -4.68
CA ALA A 175 18.37 12.45 -5.30
C ALA A 175 17.26 11.48 -5.68
N GLU A 176 16.06 12.01 -5.89
CA GLU A 176 14.92 11.20 -6.26
C GLU A 176 14.21 11.80 -7.47
N LEU A 177 13.60 10.94 -8.27
CA LEU A 177 12.90 11.38 -9.46
C LEU A 177 11.39 11.37 -9.23
N ILE A 178 10.78 12.53 -9.39
CA ILE A 178 9.34 12.66 -9.23
C ILE A 178 8.65 12.30 -10.54
N TRP A 179 7.81 11.27 -10.51
CA TRP A 179 7.11 10.82 -11.70
C TRP A 179 6.21 11.92 -12.26
N ASP A 180 6.38 12.19 -13.55
CA ASP A 180 5.59 13.21 -14.22
C ASP A 180 4.91 12.61 -15.45
N LYS A 181 3.61 12.77 -15.52
CA LYS A 181 2.81 12.27 -16.64
C LYS A 181 3.14 13.03 -17.93
N ASP A 182 3.85 14.14 -17.79
CA ASP A 182 4.25 14.96 -18.93
C ASP A 182 5.53 14.44 -19.55
N ASP A 183 6.40 13.85 -18.73
CA ASP A 183 7.66 13.33 -19.20
C ASP A 183 7.47 12.03 -19.99
N PRO A 184 7.90 12.02 -21.27
CA PRO A 184 7.77 10.84 -22.13
C PRO A 184 8.50 9.62 -21.61
N SER A 185 9.69 9.83 -21.06
CA SER A 185 10.51 8.76 -20.53
C SER A 185 9.80 8.03 -19.38
N ALA A 186 9.39 8.78 -18.38
CA ALA A 186 8.69 8.22 -17.22
C ALA A 186 7.36 7.60 -17.64
N MET A 187 6.74 8.19 -18.65
CA MET A 187 5.47 7.71 -19.16
C MET A 187 5.63 6.35 -19.82
N ASP A 188 6.70 6.19 -20.59
CA ASP A 188 6.97 4.92 -21.26
C ASP A 188 7.20 3.81 -20.25
N PHE A 189 7.80 4.18 -19.13
CA PHE A 189 8.09 3.23 -18.05
C PHE A 189 6.81 2.63 -17.50
N VAL A 190 5.90 3.49 -17.04
CA VAL A 190 4.65 3.05 -16.46
C VAL A 190 3.80 2.26 -17.47
N THR A 191 3.86 2.67 -18.75
CA THR A 191 3.10 2.01 -19.79
C THR A 191 3.59 0.58 -20.00
N SER A 192 4.89 0.43 -20.18
CA SER A 192 5.49 -0.88 -20.42
C SER A 192 5.37 -1.78 -19.19
N ALA A 193 5.73 -1.27 -18.03
CA ALA A 193 5.69 -2.04 -16.79
C ALA A 193 4.29 -2.60 -16.52
N ALA A 194 3.28 -1.76 -16.71
CA ALA A 194 1.90 -2.16 -16.47
C ALA A 194 1.44 -3.19 -17.50
N ASN A 195 1.70 -2.89 -18.78
CA ASN A 195 1.32 -3.76 -19.88
C ASN A 195 1.97 -5.13 -19.79
N LEU A 196 3.25 -5.15 -19.45
CA LEU A 196 4.00 -6.40 -19.33
C LEU A 196 3.43 -7.30 -18.24
N ARG A 197 3.17 -6.73 -17.07
CA ARG A 197 2.65 -7.52 -15.95
C ARG A 197 1.19 -7.91 -16.17
N MET A 198 0.41 -7.07 -16.83
CA MET A 198 -0.99 -7.39 -17.08
C MET A 198 -1.09 -8.55 -18.08
N HIS A 199 -0.14 -8.60 -19.01
CA HIS A 199 -0.08 -9.66 -20.00
C HIS A 199 0.23 -10.98 -19.29
N ILE A 200 1.00 -10.89 -18.22
CA ILE A 200 1.37 -12.06 -17.42
C ILE A 200 0.12 -12.68 -16.79
N PHE A 201 -0.85 -11.83 -16.46
CA PHE A 201 -2.10 -12.28 -15.84
C PHE A 201 -3.15 -12.58 -16.91
N SER A 202 -2.69 -12.68 -18.16
CA SER A 202 -3.55 -12.99 -19.30
C SER A 202 -4.56 -11.86 -19.56
N MET A 203 -4.21 -10.64 -19.21
CA MET A 203 -5.07 -9.50 -19.43
C MET A 203 -4.64 -8.77 -20.69
N ASN A 204 -5.60 -8.29 -21.47
CA ASN A 204 -5.30 -7.57 -22.71
C ASN A 204 -4.47 -6.32 -22.45
N MET A 205 -3.46 -6.11 -23.29
CA MET A 205 -2.58 -4.95 -23.17
C MET A 205 -3.29 -3.70 -23.66
N LYS A 206 -3.02 -2.58 -23.00
CA LYS A 206 -3.64 -1.32 -23.38
C LYS A 206 -2.65 -0.43 -24.12
N SER A 207 -3.16 0.62 -24.74
CA SER A 207 -2.33 1.56 -25.48
C SER A 207 -1.70 2.57 -24.53
N ARG A 208 -0.64 3.22 -24.99
CA ARG A 208 0.07 4.20 -24.18
C ARG A 208 -0.82 5.40 -23.89
N PHE A 209 -1.52 5.88 -24.92
CA PHE A 209 -2.42 7.03 -24.80
C PHE A 209 -3.49 6.79 -23.73
N ASP A 210 -4.02 5.57 -23.71
CA ASP A 210 -5.07 5.23 -22.74
C ASP A 210 -4.49 5.10 -21.35
N ILE A 211 -3.36 4.40 -21.24
CA ILE A 211 -2.70 4.21 -19.96
C ILE A 211 -2.26 5.54 -19.37
N LYS A 212 -1.77 6.43 -20.23
CA LYS A 212 -1.34 7.75 -19.81
C LYS A 212 -2.44 8.48 -19.06
N SER A 213 -3.63 8.45 -19.63
CA SER A 213 -4.78 9.11 -19.03
C SER A 213 -5.17 8.48 -17.69
N MET A 214 -4.92 7.19 -17.55
CA MET A 214 -5.26 6.49 -16.31
C MET A 214 -4.15 6.69 -15.28
N ALA A 215 -2.91 6.64 -15.74
CA ALA A 215 -1.75 6.81 -14.88
C ALA A 215 -1.67 8.22 -14.33
N GLY A 216 -1.95 9.19 -15.19
CA GLY A 216 -1.92 10.57 -14.76
C GLY A 216 -3.17 10.97 -14.02
N ASN A 217 -4.31 10.38 -14.44
CA ASN A 217 -5.64 10.65 -13.86
C ASN A 217 -5.82 12.11 -13.49
N MET B 1 12.88 11.52 23.20
CA MET B 1 12.96 12.19 24.53
C MET B 1 12.00 13.36 24.60
N SER B 2 11.85 13.92 25.80
CA SER B 2 10.97 15.05 26.02
C SER B 2 11.36 16.24 25.15
N GLY B 3 10.41 17.13 24.90
CA GLY B 3 10.68 18.28 24.07
C GLY B 3 10.54 17.97 22.59
N ILE B 4 11.32 16.99 22.13
CA ILE B 4 11.31 16.58 20.74
C ILE B 4 9.91 16.10 20.35
N ALA B 5 9.35 15.23 21.18
CA ALA B 5 8.01 14.71 20.95
C ALA B 5 6.97 15.82 20.99
N LEU B 6 7.12 16.70 21.98
CA LEU B 6 6.20 17.82 22.17
C LEU B 6 6.16 18.72 20.94
N SER B 7 7.33 18.93 20.34
CA SER B 7 7.42 19.77 19.15
C SER B 7 6.57 19.22 18.01
N ARG B 8 6.66 17.92 17.78
CA ARG B 8 5.89 17.28 16.73
C ARG B 8 4.40 17.25 17.08
N LEU B 9 4.10 16.98 18.35
CA LEU B 9 2.72 16.93 18.81
C LEU B 9 2.02 18.27 18.59
N ALA B 10 2.73 19.35 18.89
CA ALA B 10 2.18 20.69 18.71
C ALA B 10 2.00 20.99 17.22
N GLN B 11 2.94 20.50 16.42
CA GLN B 11 2.91 20.69 14.98
C GLN B 11 1.71 19.97 14.36
N GLU B 12 1.45 18.75 14.83
CA GLU B 12 0.34 17.95 14.34
C GLU B 12 -0.99 18.65 14.58
N ARG B 13 -1.15 19.24 15.76
CA ARG B 13 -2.37 19.94 16.11
C ARG B 13 -2.61 21.11 15.15
N LYS B 14 -1.52 21.75 14.72
CA LYS B 14 -1.61 22.87 13.79
C LYS B 14 -2.09 22.37 12.44
N ALA B 15 -1.54 21.23 12.01
CA ALA B 15 -1.90 20.64 10.73
C ALA B 15 -3.37 20.22 10.72
N TRP B 16 -3.80 19.62 11.83
CA TRP B 16 -5.17 19.16 12.00
C TRP B 16 -6.13 20.37 11.98
N ARG B 17 -5.73 21.44 12.65
CA ARG B 17 -6.53 22.65 12.72
C ARG B 17 -6.73 23.22 11.31
N LYS B 18 -5.69 23.12 10.49
CA LYS B 18 -5.72 23.62 9.13
C LYS B 18 -6.56 22.72 8.24
N ASP B 19 -6.29 21.42 8.27
CA ASP B 19 -7.03 20.47 7.45
C ASP B 19 -7.40 19.23 8.24
N HIS B 20 -8.66 18.84 8.15
CA HIS B 20 -9.16 17.67 8.85
C HIS B 20 -10.42 17.14 8.17
N PRO B 21 -10.64 15.82 8.17
CA PRO B 21 -11.82 15.21 7.57
C PRO B 21 -13.09 15.55 8.34
N PHE B 22 -14.20 15.64 7.64
CA PHE B 22 -15.47 15.98 8.27
C PHE B 22 -15.97 14.86 9.18
N GLY B 23 -16.33 15.23 10.39
CA GLY B 23 -16.84 14.27 11.35
C GLY B 23 -15.77 13.81 12.32
N PHE B 24 -14.52 14.01 11.93
CA PHE B 24 -13.40 13.60 12.75
C PHE B 24 -13.09 14.64 13.82
N VAL B 25 -12.66 14.17 14.98
CA VAL B 25 -12.30 15.05 16.09
C VAL B 25 -10.97 14.61 16.67
N ALA B 26 -10.10 15.57 16.98
CA ALA B 26 -8.81 15.27 17.56
C ALA B 26 -8.34 16.46 18.40
N VAL B 27 -8.49 16.35 19.71
CA VAL B 27 -8.10 17.42 20.60
C VAL B 27 -7.40 16.89 21.85
N PRO B 28 -6.24 17.48 22.22
CA PRO B 28 -5.50 17.08 23.42
C PRO B 28 -6.30 17.37 24.69
N THR B 29 -6.07 16.57 25.72
CA THR B 29 -6.78 16.75 26.98
C THR B 29 -6.32 18.02 27.71
N LYS B 30 -7.28 18.71 28.31
CA LYS B 30 -6.97 19.92 29.05
C LYS B 30 -6.54 19.58 30.47
N ASN B 31 -5.54 20.28 30.94
CA ASN B 31 -5.01 20.08 32.28
C ASN B 31 -5.42 21.25 33.17
N PRO B 32 -5.55 21.04 34.49
CA PRO B 32 -5.92 22.10 35.44
C PRO B 32 -5.04 23.34 35.27
N ASP B 33 -5.59 24.50 35.60
CA ASP B 33 -4.90 25.80 35.50
C ASP B 33 -4.94 26.33 34.08
N GLY B 34 -5.00 25.44 33.10
CA GLY B 34 -5.05 25.85 31.72
C GLY B 34 -3.99 25.18 30.86
N THR B 35 -3.31 24.20 31.43
CA THR B 35 -2.28 23.47 30.70
C THR B 35 -2.91 22.52 29.70
N MET B 36 -2.12 21.98 28.78
CA MET B 36 -2.63 21.07 27.78
C MET B 36 -1.73 19.84 27.66
N ASN B 37 -2.33 18.66 27.74
CA ASN B 37 -1.59 17.41 27.62
C ASN B 37 -1.49 17.01 26.16
N LEU B 38 -0.31 17.17 25.59
CA LEU B 38 -0.08 16.84 24.19
C LEU B 38 0.16 15.35 23.99
N MET B 39 0.29 14.60 25.07
CA MET B 39 0.53 13.17 24.98
C MET B 39 -0.73 12.36 25.23
N ASN B 40 -1.85 13.05 25.36
CA ASN B 40 -3.12 12.38 25.58
C ASN B 40 -4.23 13.12 24.85
N TRP B 41 -4.63 12.57 23.70
CA TRP B 41 -5.66 13.19 22.88
C TRP B 41 -6.96 12.39 22.95
N GLU B 42 -8.08 13.11 22.82
CA GLU B 42 -9.39 12.51 22.80
C GLU B 42 -9.96 12.62 21.39
N CYS B 43 -9.68 11.64 20.56
CA CYS B 43 -10.11 11.65 19.18
C CYS B 43 -11.45 10.94 19.00
N ALA B 44 -12.15 11.31 17.93
CA ALA B 44 -13.45 10.72 17.62
C ALA B 44 -13.53 10.44 16.12
N ILE B 45 -13.90 9.22 15.77
CA ILE B 45 -14.00 8.81 14.39
C ILE B 45 -15.41 8.32 14.06
N PRO B 46 -16.04 8.90 13.04
CA PRO B 46 -17.39 8.51 12.63
C PRO B 46 -17.37 7.33 11.66
N GLY B 47 -18.47 6.61 11.59
CA GLY B 47 -18.57 5.47 10.70
C GLY B 47 -18.56 5.89 9.23
N LYS B 48 -17.90 5.09 8.40
CA LYS B 48 -17.80 5.37 6.97
C LYS B 48 -19.17 5.30 6.31
N LYS B 49 -19.38 6.16 5.31
CA LYS B 49 -20.65 6.20 4.59
C LYS B 49 -20.82 4.92 3.76
N GLY B 50 -21.98 4.30 3.92
CA GLY B 50 -22.28 3.08 3.19
C GLY B 50 -21.94 1.83 3.96
N THR B 51 -21.36 2.00 5.14
CA THR B 51 -20.99 0.85 5.96
C THR B 51 -21.91 0.74 7.17
N PRO B 52 -21.98 -0.44 7.81
CA PRO B 52 -22.83 -0.64 8.99
C PRO B 52 -22.37 0.18 10.20
N TRP B 53 -21.23 0.85 10.06
CA TRP B 53 -20.69 1.68 11.13
C TRP B 53 -21.16 3.12 10.97
N GLU B 54 -21.73 3.41 9.81
CA GLU B 54 -22.22 4.75 9.47
C GLU B 54 -23.26 5.25 10.48
N GLY B 55 -23.20 6.54 10.78
CA GLY B 55 -24.14 7.13 11.70
C GLY B 55 -23.57 7.31 13.09
N GLY B 56 -22.82 6.33 13.55
CA GLY B 56 -22.26 6.41 14.89
C GLY B 56 -20.92 7.12 14.95
N LEU B 57 -20.58 7.60 16.13
CA LEU B 57 -19.31 8.27 16.36
C LEU B 57 -18.55 7.53 17.46
N PHE B 58 -17.35 7.09 17.14
CA PHE B 58 -16.56 6.32 18.08
C PHE B 58 -15.40 7.13 18.62
N LYS B 59 -15.30 7.19 19.93
CA LYS B 59 -14.24 7.93 20.59
C LYS B 59 -13.10 7.00 20.99
N LEU B 60 -11.88 7.41 20.69
CA LEU B 60 -10.70 6.65 21.04
C LEU B 60 -9.65 7.56 21.65
N ARG B 61 -8.90 7.02 22.59
CA ARG B 61 -7.86 7.78 23.25
C ARG B 61 -6.51 7.55 22.58
N MET B 62 -5.80 8.62 22.34
CA MET B 62 -4.50 8.55 21.69
C MET B 62 -3.41 8.89 22.68
N LEU B 63 -2.70 7.88 23.14
CA LEU B 63 -1.62 8.06 24.09
C LEU B 63 -0.27 8.11 23.38
N PHE B 64 0.55 9.08 23.74
CA PHE B 64 1.87 9.23 23.14
C PHE B 64 2.96 9.03 24.18
N LYS B 65 4.17 8.78 23.69
CA LYS B 65 5.33 8.58 24.57
C LYS B 65 6.37 9.65 24.28
N ASP B 66 7.40 9.70 25.12
CA ASP B 66 8.46 10.68 24.96
C ASP B 66 9.37 10.29 23.79
N ASP B 67 9.19 9.08 23.29
CA ASP B 67 9.99 8.58 22.18
C ASP B 67 9.36 8.95 20.84
N TYR B 68 8.29 9.74 20.88
CA TYR B 68 7.60 10.17 19.66
C TYR B 68 8.51 11.13 18.87
N PRO B 69 8.46 11.09 17.52
CA PRO B 69 7.58 10.19 16.76
C PRO B 69 8.24 8.87 16.38
N SER B 70 9.32 8.50 17.07
CA SER B 70 10.00 7.26 16.80
C SER B 70 9.15 6.09 17.30
N SER B 71 8.48 6.30 18.42
CA SER B 71 7.60 5.30 19.01
C SER B 71 6.18 5.51 18.50
N PRO B 72 5.49 4.43 18.14
CA PRO B 72 4.11 4.51 17.64
C PRO B 72 3.12 4.86 18.76
N PRO B 73 2.10 5.66 18.43
CA PRO B 73 1.08 6.06 19.40
C PRO B 73 0.15 4.91 19.76
N LYS B 74 -0.41 4.97 20.96
CA LYS B 74 -1.31 3.93 21.42
C LYS B 74 -2.75 4.40 21.34
N CYS B 75 -3.47 3.92 20.36
CA CYS B 75 -4.87 4.28 20.16
C CYS B 75 -5.77 3.23 20.79
N LYS B 76 -6.52 3.62 21.80
CA LYS B 76 -7.42 2.71 22.49
C LYS B 76 -8.84 3.26 22.52
N PHE B 77 -9.78 2.49 22.01
CA PHE B 77 -11.18 2.88 21.98
C PHE B 77 -11.75 2.97 23.39
N GLU B 78 -12.51 4.02 23.66
CA GLU B 78 -13.12 4.20 24.96
C GLU B 78 -14.62 4.46 24.80
N PRO B 79 -15.47 3.45 25.07
CA PRO B 79 -15.05 2.12 25.53
C PRO B 79 -14.63 1.21 24.36
N PRO B 80 -14.13 -0.01 24.66
CA PRO B 80 -13.71 -0.96 23.63
C PRO B 80 -14.84 -1.27 22.63
N LEU B 81 -14.46 -1.45 21.37
CA LEU B 81 -15.44 -1.72 20.33
C LEU B 81 -15.43 -3.18 19.91
N PHE B 82 -16.56 -3.62 19.38
CA PHE B 82 -16.72 -4.97 18.89
C PHE B 82 -16.14 -5.05 17.49
N HIS B 83 -14.88 -5.43 17.40
CA HIS B 83 -14.18 -5.53 16.12
C HIS B 83 -13.00 -6.49 16.25
N PRO B 84 -12.85 -7.41 15.29
CA PRO B 84 -11.77 -8.43 15.29
C PRO B 84 -10.37 -7.87 15.57
N ASN B 85 -10.07 -6.66 15.08
CA ASN B 85 -8.75 -6.07 15.27
C ASN B 85 -8.70 -5.12 16.47
N VAL B 86 -9.67 -5.27 17.36
CA VAL B 86 -9.72 -4.42 18.55
C VAL B 86 -9.64 -5.30 19.80
N TYR B 87 -8.65 -5.04 20.63
CA TYR B 87 -8.45 -5.80 21.86
C TYR B 87 -9.56 -5.49 22.86
N PRO B 88 -9.82 -6.42 23.81
CA PRO B 88 -10.85 -6.24 24.83
C PRO B 88 -10.60 -5.01 25.70
N SER B 89 -9.37 -4.51 25.65
CA SER B 89 -8.98 -3.33 26.40
C SER B 89 -9.34 -2.05 25.63
N GLY B 90 -9.57 -2.22 24.33
CA GLY B 90 -9.90 -1.10 23.48
C GLY B 90 -8.80 -0.78 22.49
N THR B 91 -7.62 -1.29 22.77
CA THR B 91 -6.45 -1.06 21.91
C THR B 91 -6.69 -1.60 20.49
N VAL B 92 -6.32 -0.80 19.49
CA VAL B 92 -6.47 -1.19 18.11
C VAL B 92 -5.14 -1.69 17.54
N CYS B 93 -5.20 -2.74 16.73
CA CYS B 93 -3.99 -3.28 16.13
C CYS B 93 -3.95 -2.98 14.64
N LEU B 94 -2.87 -2.34 14.20
CA LEU B 94 -2.69 -1.99 12.81
C LEU B 94 -1.21 -2.00 12.45
N SER B 95 -0.90 -2.20 11.18
CA SER B 95 0.47 -2.24 10.70
C SER B 95 1.25 -0.96 11.02
N ILE B 96 0.62 0.18 10.78
CA ILE B 96 1.27 1.47 11.03
C ILE B 96 1.25 1.84 12.52
N LEU B 97 0.67 0.96 13.33
CA LEU B 97 0.59 1.22 14.77
C LEU B 97 1.69 0.45 15.50
N GLU B 98 2.43 -0.35 14.76
CA GLU B 98 3.51 -1.14 15.30
C GLU B 98 4.84 -0.61 14.80
N GLU B 99 5.74 -0.35 15.74
CA GLU B 99 7.05 0.22 15.43
C GLU B 99 7.86 -0.63 14.44
N ASP B 100 7.91 -1.92 14.67
CA ASP B 100 8.69 -2.82 13.82
C ASP B 100 7.90 -3.28 12.60
N LYS B 101 6.79 -2.61 12.30
CA LYS B 101 5.98 -2.98 11.14
C LYS B 101 5.99 -1.89 10.08
N ASP B 102 4.90 -1.12 9.99
CA ASP B 102 4.79 -0.08 8.97
C ASP B 102 4.72 1.30 9.59
N TRP B 103 5.25 1.45 10.79
CA TRP B 103 5.22 2.74 11.45
C TRP B 103 6.34 3.64 10.95
N ARG B 104 5.97 4.74 10.32
CA ARG B 104 6.94 5.69 9.81
C ARG B 104 6.71 7.04 10.50
N PRO B 105 7.75 7.64 11.08
CA PRO B 105 7.65 8.93 11.78
C PRO B 105 7.02 10.03 10.92
N ALA B 106 7.12 9.89 9.60
CA ALA B 106 6.57 10.88 8.68
C ALA B 106 5.04 10.82 8.63
N ILE B 107 4.44 9.82 9.26
CA ILE B 107 2.99 9.67 9.28
C ILE B 107 2.36 10.73 10.18
N THR B 108 1.29 11.34 9.70
CA THR B 108 0.58 12.36 10.46
C THR B 108 -0.60 11.75 11.22
N ILE B 109 -1.10 12.47 12.23
CA ILE B 109 -2.22 12.01 13.02
C ILE B 109 -3.44 11.78 12.13
N LYS B 110 -3.57 12.61 11.11
CA LYS B 110 -4.68 12.50 10.17
C LYS B 110 -4.66 11.15 9.47
N GLN B 111 -3.47 10.72 9.06
CA GLN B 111 -3.33 9.43 8.38
C GLN B 111 -3.67 8.27 9.31
N ILE B 112 -3.26 8.40 10.56
CA ILE B 112 -3.53 7.37 11.57
C ILE B 112 -5.04 7.23 11.80
N LEU B 113 -5.71 8.37 11.97
CA LEU B 113 -7.15 8.38 12.21
C LEU B 113 -7.90 7.78 11.02
N LEU B 114 -7.47 8.11 9.80
CA LEU B 114 -8.10 7.60 8.60
C LEU B 114 -7.92 6.09 8.51
N GLY B 115 -6.73 5.61 8.89
CA GLY B 115 -6.45 4.19 8.86
C GLY B 115 -7.35 3.40 9.78
N ILE B 116 -7.59 3.95 10.98
CA ILE B 116 -8.46 3.30 11.95
C ILE B 116 -9.89 3.21 11.44
N GLN B 117 -10.33 4.27 10.76
CA GLN B 117 -11.68 4.30 10.21
C GLN B 117 -11.84 3.24 9.13
N GLU B 118 -10.80 3.07 8.32
CA GLU B 118 -10.80 2.08 7.26
C GLU B 118 -10.82 0.69 7.86
N LEU B 119 -10.08 0.51 8.94
CA LEU B 119 -10.00 -0.76 9.64
C LEU B 119 -11.38 -1.25 10.09
N LEU B 120 -12.24 -0.30 10.44
CA LEU B 120 -13.60 -0.63 10.88
C LEU B 120 -14.33 -1.42 9.81
N ASN B 121 -14.17 -1.01 8.56
CA ASN B 121 -14.83 -1.67 7.45
C ASN B 121 -13.97 -2.81 6.91
N GLU B 122 -12.68 -2.57 6.78
CA GLU B 122 -11.75 -3.57 6.28
C GLU B 122 -10.87 -4.08 7.42
N PRO B 123 -11.27 -5.20 8.05
CA PRO B 123 -10.52 -5.78 9.14
C PRO B 123 -9.45 -6.76 8.67
N ASN B 124 -8.32 -6.76 9.34
CA ASN B 124 -7.24 -7.67 8.98
C ASN B 124 -7.56 -9.04 9.52
N ILE B 125 -8.11 -9.89 8.66
CA ILE B 125 -8.49 -11.26 9.01
C ILE B 125 -7.28 -12.06 9.51
N GLN B 126 -6.11 -11.54 9.22
CA GLN B 126 -4.87 -12.18 9.62
C GLN B 126 -4.62 -12.01 11.12
N ASP B 127 -5.14 -10.92 11.69
CA ASP B 127 -4.94 -10.65 13.12
C ASP B 127 -6.25 -10.66 13.90
N PRO B 128 -6.54 -11.78 14.60
CA PRO B 128 -7.74 -11.93 15.39
C PRO B 128 -7.53 -11.50 16.85
N ALA B 129 -7.44 -10.19 17.06
CA ALA B 129 -7.25 -9.66 18.41
C ALA B 129 -8.46 -10.01 19.27
N GLN B 130 -9.65 -9.76 18.73
CA GLN B 130 -10.89 -10.07 19.41
C GLN B 130 -11.44 -11.38 18.86
N ALA B 131 -11.11 -12.47 19.54
CA ALA B 131 -11.50 -13.81 19.14
C ALA B 131 -13.01 -13.94 18.92
N GLU B 132 -13.80 -13.39 19.83
CA GLU B 132 -15.26 -13.46 19.73
C GLU B 132 -15.76 -12.87 18.41
N ALA B 133 -15.42 -11.60 18.18
CA ALA B 133 -15.83 -10.90 16.97
C ALA B 133 -15.31 -11.61 15.73
N TYR B 134 -14.07 -12.08 15.80
CA TYR B 134 -13.44 -12.78 14.68
C TYR B 134 -14.19 -14.07 14.36
N THR B 135 -14.54 -14.82 15.39
CA THR B 135 -15.24 -16.08 15.23
C THR B 135 -16.59 -15.86 14.54
N ILE B 136 -17.34 -14.87 15.02
CA ILE B 136 -18.66 -14.57 14.47
C ILE B 136 -18.53 -14.07 13.03
N TYR B 137 -17.54 -13.21 12.79
CA TYR B 137 -17.30 -12.63 11.47
C TYR B 137 -17.00 -13.71 10.43
N CYS B 138 -16.38 -14.81 10.85
CA CYS B 138 -16.02 -15.88 9.92
C CYS B 138 -17.00 -17.04 9.94
N GLN B 139 -18.13 -16.90 10.64
CA GLN B 139 -19.11 -17.99 10.69
C GLN B 139 -20.51 -17.50 10.33
N ASN B 140 -20.80 -16.24 10.62
CA ASN B 140 -22.10 -15.66 10.32
C ASN B 140 -21.99 -14.16 10.20
N ARG B 141 -21.80 -13.70 8.96
CA ARG B 141 -21.67 -12.28 8.68
C ARG B 141 -22.91 -11.51 9.10
N VAL B 142 -24.07 -12.13 8.93
CA VAL B 142 -25.34 -11.49 9.29
C VAL B 142 -25.38 -11.18 10.78
N GLU B 143 -24.95 -12.15 11.59
CA GLU B 143 -24.93 -11.99 13.04
C GLU B 143 -23.92 -10.91 13.44
N TYR B 144 -22.89 -10.75 12.62
CA TYR B 144 -21.86 -9.76 12.87
C TYR B 144 -22.40 -8.36 12.58
N GLU B 145 -23.11 -8.23 11.46
CA GLU B 145 -23.70 -6.95 11.05
C GLU B 145 -24.65 -6.42 12.11
N LYS B 146 -25.47 -7.30 12.67
CA LYS B 146 -26.44 -6.93 13.70
C LYS B 146 -25.74 -6.25 14.88
N ARG B 147 -24.67 -6.87 15.33
CA ARG B 147 -23.91 -6.37 16.47
C ARG B 147 -23.25 -5.03 16.12
N VAL B 148 -22.79 -4.91 14.88
CA VAL B 148 -22.16 -3.68 14.42
C VAL B 148 -23.20 -2.56 14.29
N ARG B 149 -24.36 -2.89 13.73
CA ARG B 149 -25.44 -1.92 13.56
C ARG B 149 -25.88 -1.36 14.90
N ALA B 150 -26.14 -2.25 15.85
CA ALA B 150 -26.56 -1.85 17.19
C ALA B 150 -25.49 -1.00 17.85
N GLN B 151 -24.22 -1.35 17.59
CA GLN B 151 -23.10 -0.61 18.16
C GLN B 151 -23.06 0.81 17.63
N ALA B 152 -23.26 0.95 16.32
CA ALA B 152 -23.25 2.26 15.69
C ALA B 152 -24.40 3.12 16.22
N LYS B 153 -25.56 2.50 16.39
CA LYS B 153 -26.73 3.19 16.91
C LYS B 153 -26.53 3.54 18.38
N LYS B 154 -25.78 2.71 19.08
CA LYS B 154 -25.48 2.91 20.49
C LYS B 154 -24.69 4.20 20.70
N PHE B 155 -23.77 4.46 19.77
CA PHE B 155 -22.93 5.65 19.84
C PHE B 155 -23.41 6.72 18.86
N ALA B 156 -24.71 6.74 18.60
CA ALA B 156 -25.30 7.71 17.67
C ALA B 156 -25.36 9.09 18.31
N PRO B 157 -24.74 10.09 17.68
CA PRO B 157 -24.71 11.47 18.19
C PRO B 157 -26.11 12.07 18.32
N SER B 158 -26.62 12.07 19.54
CA SER B 158 -27.93 12.62 19.81
C SER B 158 -27.83 13.70 20.88
N THR A 1 -15.55 9.53 -3.92
CA THR A 1 -14.15 9.70 -3.52
C THR A 1 -13.30 8.56 -4.08
N GLN A 2 -12.03 8.85 -4.36
CA GLN A 2 -11.10 7.85 -4.88
C GLN A 2 -11.06 6.62 -3.98
N ARG A 3 -11.20 5.44 -4.59
CA ARG A 3 -11.17 4.20 -3.84
C ARG A 3 -9.76 3.81 -3.44
N THR A 4 -9.63 3.31 -2.21
CA THR A 4 -8.34 2.90 -1.69
C THR A 4 -7.99 1.50 -2.20
N PHE A 5 -6.79 1.35 -2.74
CA PHE A 5 -6.35 0.05 -3.25
C PHE A 5 -5.45 -0.64 -2.23
N PRO A 6 -5.91 -1.75 -1.65
CA PRO A 6 -5.13 -2.51 -0.67
C PRO A 6 -3.84 -3.04 -1.28
N GLY A 7 -2.74 -2.88 -0.55
CA GLY A 7 -1.44 -3.32 -1.03
C GLY A 7 -1.41 -4.80 -1.37
N CYS A 8 -2.23 -5.59 -0.68
CA CYS A 8 -2.29 -7.03 -0.91
C CYS A 8 -2.65 -7.35 -2.36
N THR A 9 -3.74 -6.78 -2.85
CA THR A 9 -4.19 -7.02 -4.21
C THR A 9 -3.30 -6.29 -5.23
N ILE A 10 -2.49 -5.37 -4.76
CA ILE A 10 -1.59 -4.64 -5.64
C ILE A 10 -0.34 -5.47 -5.94
N ARG A 11 0.22 -6.05 -4.90
CA ARG A 11 1.44 -6.83 -5.03
C ARG A 11 1.17 -8.31 -5.30
N ASN A 12 0.13 -8.85 -4.70
CA ASN A 12 -0.18 -10.26 -4.86
C ASN A 12 -1.08 -10.55 -6.07
N THR A 13 -2.40 -10.38 -5.90
CA THR A 13 -3.32 -10.68 -7.00
C THR A 13 -4.15 -9.47 -7.46
N PRO A 14 -3.72 -8.83 -8.57
CA PRO A 14 -4.44 -7.71 -9.15
C PRO A 14 -5.41 -8.16 -10.24
N SER A 15 -6.71 -8.00 -10.00
CA SER A 15 -7.72 -8.42 -10.96
C SER A 15 -8.05 -7.30 -11.95
N GLU A 16 -8.12 -6.08 -11.45
CA GLU A 16 -8.45 -4.94 -12.30
C GLU A 16 -7.20 -4.35 -12.95
N PRO A 17 -7.25 -4.07 -14.26
CA PRO A 17 -6.13 -3.49 -15.01
C PRO A 17 -5.52 -2.27 -14.33
N ILE A 18 -6.37 -1.44 -13.73
CA ILE A 18 -5.93 -0.23 -13.05
C ILE A 18 -4.96 -0.56 -11.91
N HIS A 19 -5.04 -1.78 -11.37
CA HIS A 19 -4.19 -2.20 -10.28
C HIS A 19 -2.75 -2.42 -10.78
N CYS A 20 -2.63 -2.86 -12.02
CA CYS A 20 -1.31 -3.10 -12.60
C CYS A 20 -0.61 -1.77 -12.83
N ILE A 21 -1.38 -0.75 -13.13
CA ILE A 21 -0.85 0.58 -13.37
C ILE A 21 -0.40 1.21 -12.06
N VAL A 22 -1.19 1.01 -11.00
CA VAL A 22 -0.84 1.52 -9.69
C VAL A 22 0.44 0.84 -9.20
N TRP A 23 0.55 -0.45 -9.50
CA TRP A 23 1.73 -1.23 -9.14
C TRP A 23 2.96 -0.62 -9.81
N ALA A 24 2.79 -0.20 -11.06
CA ALA A 24 3.87 0.41 -11.81
C ALA A 24 4.24 1.77 -11.23
N LYS A 25 3.23 2.52 -10.77
CA LYS A 25 3.46 3.82 -10.16
C LYS A 25 4.28 3.64 -8.89
N TYR A 26 3.98 2.58 -8.15
CA TYR A 26 4.70 2.25 -6.93
C TYR A 26 6.12 1.83 -7.28
N LEU A 27 6.24 1.06 -8.36
CA LEU A 27 7.52 0.56 -8.85
C LEU A 27 8.48 1.71 -9.13
N PHE A 28 7.99 2.74 -9.81
CA PHE A 28 8.80 3.90 -10.14
C PHE A 28 9.30 4.59 -8.86
N ASN A 29 8.39 4.77 -7.91
CA ASN A 29 8.73 5.42 -6.65
C ASN A 29 9.69 4.58 -5.82
N GLN A 30 9.62 3.27 -6.00
CA GLN A 30 10.47 2.35 -5.27
C GLN A 30 11.83 2.20 -5.94
N LEU A 31 11.98 2.79 -7.11
CA LEU A 31 13.25 2.70 -7.84
C LEU A 31 13.93 4.05 -7.99
N PHE A 32 13.19 5.02 -8.48
CA PHE A 32 13.74 6.36 -8.70
C PHE A 32 13.12 7.40 -7.79
N GLY A 33 12.14 6.99 -6.98
CA GLY A 33 11.49 7.93 -6.09
C GLY A 33 11.74 7.64 -4.62
N GLU A 34 10.70 7.80 -3.82
CA GLU A 34 10.77 7.57 -2.38
C GLU A 34 10.04 6.28 -2.01
N GLU A 35 10.68 5.44 -1.21
CA GLU A 35 10.09 4.18 -0.77
C GLU A 35 9.15 4.39 0.42
N ASP A 36 8.24 3.45 0.61
CA ASP A 36 7.28 3.51 1.71
C ASP A 36 7.23 2.16 2.41
N ALA A 37 6.54 2.09 3.54
CA ALA A 37 6.44 0.84 4.27
C ALA A 37 5.55 -0.17 3.54
N ASP A 38 4.39 0.30 3.06
CA ASP A 38 3.46 -0.57 2.37
C ASP A 38 3.64 -0.53 0.86
N GLN A 39 4.02 0.64 0.33
CA GLN A 39 4.20 0.79 -1.12
C GLN A 39 5.51 0.17 -1.61
N GLU A 40 5.82 -1.01 -1.10
CA GLU A 40 7.01 -1.72 -1.50
C GLU A 40 6.69 -2.60 -2.70
N VAL A 41 7.41 -2.42 -3.79
CA VAL A 41 7.19 -3.22 -4.99
C VAL A 41 7.82 -4.60 -4.83
N SER A 42 8.68 -4.71 -3.82
CA SER A 42 9.38 -5.95 -3.53
C SER A 42 8.43 -6.99 -2.97
N PRO A 43 8.76 -8.28 -3.12
CA PRO A 43 7.94 -9.38 -2.62
C PRO A 43 7.87 -9.38 -1.10
N ASP A 44 6.65 -9.33 -0.56
CA ASP A 44 6.45 -9.33 0.88
C ASP A 44 6.87 -10.66 1.48
N ARG A 45 7.95 -10.67 2.24
CA ARG A 45 8.43 -11.89 2.86
C ARG A 45 7.70 -12.14 4.18
N ALA A 46 6.80 -11.22 4.52
CA ALA A 46 6.01 -11.33 5.74
C ALA A 46 4.56 -11.57 5.37
N ASP A 47 4.37 -12.09 4.16
CA ASP A 47 3.04 -12.42 3.64
C ASP A 47 2.42 -13.54 4.48
N PRO A 48 1.09 -13.50 4.69
CA PRO A 48 0.37 -14.52 5.47
C PRO A 48 0.70 -15.97 5.10
N GLU A 49 1.11 -16.21 3.86
CA GLU A 49 1.46 -17.56 3.42
C GLU A 49 2.96 -17.83 3.57
N ALA A 50 3.72 -16.74 3.72
CA ALA A 50 5.18 -16.83 3.88
C ALA A 50 5.54 -16.86 5.36
N ALA A 51 4.53 -16.66 6.20
CA ALA A 51 4.71 -16.66 7.65
C ALA A 51 3.50 -17.28 8.31
N TRP A 52 3.37 -17.09 9.62
CA TRP A 52 2.23 -17.63 10.36
C TRP A 52 0.99 -16.75 10.15
N GLU A 53 0.92 -15.65 10.90
CA GLU A 53 -0.20 -14.74 10.77
C GLU A 53 0.11 -13.67 9.72
N PRO A 54 1.12 -12.78 9.92
CA PRO A 54 1.95 -12.72 11.12
C PRO A 54 1.50 -11.59 12.09
N THR A 55 1.45 -11.89 13.38
CA THR A 55 1.04 -10.90 14.37
C THR A 55 1.19 -11.47 15.78
N GLU A 56 0.89 -10.65 16.79
CA GLU A 56 1.00 -11.07 18.19
C GLU A 56 -0.33 -11.58 18.73
N ALA A 57 -1.37 -10.75 18.59
CA ALA A 57 -2.71 -11.09 19.09
C ALA A 57 -2.71 -11.24 20.61
N GLU A 58 -2.54 -12.48 21.08
CA GLU A 58 -2.52 -12.74 22.52
C GLU A 58 -1.22 -13.44 22.92
N ALA A 59 -0.25 -13.40 22.02
CA ALA A 59 1.04 -14.02 22.25
C ALA A 59 2.16 -13.02 21.96
N ARG A 60 3.39 -13.49 21.93
CA ARG A 60 4.52 -12.63 21.65
C ARG A 60 5.22 -13.06 20.36
N ALA A 61 5.45 -12.10 19.48
CA ALA A 61 6.12 -12.37 18.22
C ALA A 61 7.58 -11.97 18.32
N ARG A 62 8.36 -12.28 17.29
CA ARG A 62 9.76 -11.93 17.27
C ARG A 62 9.92 -10.48 16.85
N ALA A 63 9.96 -9.58 17.83
CA ALA A 63 10.09 -8.16 17.58
C ALA A 63 11.55 -7.76 17.40
N SER A 64 12.31 -8.63 16.75
CA SER A 64 13.72 -8.38 16.49
C SER A 64 13.90 -7.85 15.07
N ASN A 65 15.14 -7.78 14.60
CA ASN A 65 15.40 -7.28 13.27
C ASN A 65 15.34 -8.41 12.24
N GLU A 66 15.38 -9.64 12.72
CA GLU A 66 15.32 -10.81 11.83
C GLU A 66 13.87 -11.16 11.49
N ASP A 67 12.93 -10.38 12.01
CA ASP A 67 11.52 -10.61 11.74
C ASP A 67 10.76 -9.28 11.76
N GLY A 68 9.50 -9.33 11.37
CA GLY A 68 8.67 -8.12 11.34
C GLY A 68 9.03 -7.21 10.18
N ASP A 69 10.16 -6.52 10.31
CA ASP A 69 10.63 -5.58 9.29
C ASP A 69 11.29 -6.33 8.13
N ILE A 70 11.03 -7.63 8.03
CA ILE A 70 11.59 -8.46 6.97
C ILE A 70 10.99 -8.14 5.62
N LYS A 71 9.91 -7.36 5.65
CA LYS A 71 9.23 -6.96 4.43
C LYS A 71 9.84 -5.68 3.88
N ARG A 72 10.89 -5.21 4.55
CA ARG A 72 11.58 -3.99 4.15
C ARG A 72 12.83 -4.32 3.34
N ILE A 73 12.66 -5.14 2.30
CA ILE A 73 13.77 -5.50 1.44
C ILE A 73 14.06 -4.36 0.48
N SER A 74 15.20 -3.71 0.69
CA SER A 74 15.60 -2.56 -0.11
C SER A 74 15.89 -2.93 -1.58
N THR A 75 14.86 -2.81 -2.40
CA THR A 75 14.99 -3.08 -3.83
C THR A 75 15.61 -1.88 -4.52
N LYS A 76 15.30 -0.68 -4.00
CA LYS A 76 15.82 0.56 -4.53
C LYS A 76 17.35 0.54 -4.49
N GLU A 77 17.90 0.21 -3.33
CA GLU A 77 19.34 0.12 -3.14
C GLU A 77 19.93 -0.95 -4.06
N TRP A 78 19.22 -2.07 -4.17
CA TRP A 78 19.67 -3.17 -5.02
C TRP A 78 19.74 -2.74 -6.47
N ALA A 79 18.69 -2.10 -6.95
CA ALA A 79 18.62 -1.62 -8.33
C ALA A 79 19.72 -0.61 -8.62
N LYS A 80 19.96 0.28 -7.66
CA LYS A 80 20.99 1.28 -7.81
C LYS A 80 22.37 0.62 -7.88
N SER A 81 22.55 -0.43 -7.09
CA SER A 81 23.81 -1.16 -7.05
C SER A 81 24.03 -1.93 -8.35
N THR A 82 22.94 -2.35 -8.99
CA THR A 82 23.04 -3.07 -10.25
C THR A 82 23.10 -2.10 -11.43
N GLY A 83 23.12 -0.80 -11.11
CA GLY A 83 23.19 0.21 -12.14
C GLY A 83 21.88 0.34 -12.91
N TYR A 84 20.78 -0.02 -12.27
CA TYR A 84 19.45 0.05 -12.88
C TYR A 84 19.43 -0.70 -14.21
N ASP A 85 19.97 -1.91 -14.20
CA ASP A 85 20.03 -2.74 -15.40
C ASP A 85 18.65 -3.28 -15.74
N PRO A 86 18.12 -2.91 -16.93
CA PRO A 86 16.80 -3.34 -17.40
C PRO A 86 16.62 -4.86 -17.38
N VAL A 87 17.64 -5.57 -17.83
CA VAL A 87 17.58 -7.03 -17.88
C VAL A 87 17.41 -7.61 -16.49
N LYS A 88 18.21 -7.14 -15.54
CA LYS A 88 18.15 -7.61 -14.16
C LYS A 88 16.79 -7.29 -13.54
N LEU A 89 16.32 -6.07 -13.78
CA LEU A 89 15.04 -5.63 -13.26
C LEU A 89 13.89 -6.42 -13.89
N PHE A 90 13.99 -6.65 -15.19
CA PHE A 90 12.97 -7.39 -15.93
C PHE A 90 12.87 -8.83 -15.46
N THR A 91 14.03 -9.50 -15.39
CA THR A 91 14.07 -10.90 -14.96
C THR A 91 13.76 -11.04 -13.48
N LYS A 92 13.62 -9.92 -12.79
CA LYS A 92 13.32 -9.93 -11.38
C LYS A 92 11.83 -9.74 -11.16
N LEU A 93 11.34 -8.57 -11.55
CA LEU A 93 9.93 -8.21 -11.34
C LEU A 93 8.97 -8.99 -12.24
N PHE A 94 9.40 -9.35 -13.44
CA PHE A 94 8.52 -10.05 -14.37
C PHE A 94 8.88 -11.52 -14.53
N LYS A 95 9.75 -12.01 -13.67
CA LYS A 95 10.17 -13.41 -13.75
C LYS A 95 10.37 -14.02 -12.36
N ASP A 96 11.45 -13.61 -11.70
CA ASP A 96 11.78 -14.13 -10.37
C ASP A 96 10.66 -13.91 -9.36
N ASP A 97 10.18 -12.67 -9.26
CA ASP A 97 9.12 -12.32 -8.32
C ASP A 97 7.83 -13.07 -8.64
N ILE A 98 7.56 -13.26 -9.93
CA ILE A 98 6.37 -13.97 -10.36
C ILE A 98 6.45 -15.43 -9.93
N ARG A 99 7.62 -16.02 -10.11
CA ARG A 99 7.86 -17.41 -9.73
C ARG A 99 7.77 -17.56 -8.22
N TYR A 100 8.25 -16.54 -7.51
CA TYR A 100 8.21 -16.54 -6.05
C TYR A 100 6.77 -16.41 -5.58
N LEU A 101 5.99 -15.60 -6.28
CA LEU A 101 4.58 -15.38 -5.94
C LEU A 101 3.77 -16.64 -6.19
N LEU A 102 4.26 -17.48 -7.10
CA LEU A 102 3.59 -18.74 -7.44
C LEU A 102 3.71 -19.76 -6.31
N THR A 103 4.56 -19.47 -5.34
CA THR A 103 4.77 -20.36 -4.20
C THR A 103 3.49 -20.43 -3.34
N MET A 104 2.65 -19.41 -3.45
CA MET A 104 1.41 -19.36 -2.70
C MET A 104 0.33 -20.17 -3.39
N ASP A 105 0.20 -21.43 -3.01
CA ASP A 105 -0.78 -22.31 -3.64
C ASP A 105 -2.20 -21.93 -3.23
N LYS A 106 -2.34 -21.43 -2.00
CA LYS A 106 -3.64 -21.02 -1.47
C LYS A 106 -4.13 -19.74 -2.13
N LEU A 107 -3.29 -19.16 -2.98
CA LEU A 107 -3.65 -17.94 -3.67
C LEU A 107 -4.12 -18.23 -5.08
N TRP A 108 -3.43 -19.14 -5.75
CA TRP A 108 -3.76 -19.52 -7.11
C TRP A 108 -4.56 -20.82 -7.13
N ARG A 109 -5.85 -20.71 -6.87
CA ARG A 109 -6.74 -21.86 -6.86
C ARG A 109 -7.90 -21.66 -7.83
N LYS A 110 -8.64 -20.58 -7.64
CA LYS A 110 -9.78 -20.26 -8.49
C LYS A 110 -9.31 -19.52 -9.74
N ARG A 111 -8.47 -18.52 -9.53
CA ARG A 111 -7.95 -17.71 -10.63
C ARG A 111 -6.71 -18.38 -11.22
N LYS A 112 -6.58 -18.30 -12.54
CA LYS A 112 -5.44 -18.88 -13.23
C LYS A 112 -4.15 -18.18 -12.78
N PRO A 113 -3.13 -18.95 -12.40
CA PRO A 113 -1.84 -18.43 -11.95
C PRO A 113 -1.12 -17.64 -13.04
N PRO A 114 -0.36 -16.61 -12.66
CA PRO A 114 0.38 -15.78 -13.60
C PRO A 114 1.56 -16.53 -14.21
N VAL A 115 1.93 -16.14 -15.42
CA VAL A 115 3.03 -16.78 -16.13
C VAL A 115 4.25 -15.83 -16.22
N PRO A 116 5.37 -16.22 -15.63
CA PRO A 116 6.60 -15.41 -15.65
C PRO A 116 7.14 -15.25 -17.08
N LEU A 117 7.72 -14.10 -17.36
CA LEU A 117 8.27 -13.84 -18.68
C LEU A 117 9.78 -13.64 -18.59
N ASP A 118 10.51 -14.27 -19.50
CA ASP A 118 11.96 -14.15 -19.52
C ASP A 118 12.38 -13.12 -20.55
N TRP A 119 13.45 -12.39 -20.24
CA TRP A 119 13.96 -11.35 -21.11
C TRP A 119 14.31 -11.87 -22.49
N ALA A 120 14.97 -13.03 -22.54
CA ALA A 120 15.38 -13.60 -23.82
C ALA A 120 14.19 -14.21 -24.56
N GLU A 121 13.28 -14.79 -23.82
CA GLU A 121 12.10 -15.42 -24.40
C GLU A 121 11.19 -14.38 -25.04
N VAL A 122 11.08 -13.21 -24.42
CA VAL A 122 10.22 -12.16 -24.94
C VAL A 122 10.85 -11.50 -26.18
N GLN A 123 12.17 -11.52 -26.26
CA GLN A 123 12.85 -10.94 -27.42
C GLN A 123 12.69 -11.87 -28.61
N SER A 124 12.49 -13.14 -28.31
CA SER A 124 12.34 -14.16 -29.34
C SER A 124 10.91 -14.71 -29.33
N GLN A 125 9.96 -13.84 -29.03
CA GLN A 125 8.54 -14.22 -29.00
C GLN A 125 8.04 -14.51 -30.41
N GLY A 126 7.95 -15.79 -30.75
CA GLY A 126 7.51 -16.18 -32.08
C GLY A 126 6.01 -16.24 -32.24
N GLU A 127 5.28 -15.61 -31.34
CA GLU A 127 3.82 -15.60 -31.39
C GLU A 127 3.32 -14.55 -32.37
N GLU A 128 3.94 -13.38 -32.35
CA GLU A 128 3.54 -12.31 -33.24
C GLU A 128 4.74 -11.84 -34.06
N THR A 129 5.39 -10.77 -33.60
CA THR A 129 6.54 -10.23 -34.27
C THR A 129 7.81 -11.01 -33.94
N ASN A 130 8.00 -12.14 -34.61
CA ASN A 130 9.16 -12.98 -34.35
C ASN A 130 10.44 -12.35 -34.91
N ALA A 131 10.76 -12.67 -36.16
CA ALA A 131 11.96 -12.13 -36.79
C ALA A 131 11.67 -10.78 -37.42
N SER A 132 10.53 -10.69 -38.07
CA SER A 132 10.11 -9.45 -38.71
C SER A 132 9.39 -8.56 -37.69
N ASP A 133 10.17 -7.90 -36.84
CA ASP A 133 9.62 -7.03 -35.80
C ASP A 133 8.97 -5.80 -36.41
N GLN A 134 9.40 -5.45 -37.62
CA GLN A 134 8.85 -4.30 -38.32
C GLN A 134 7.43 -4.57 -38.83
N GLN A 135 7.05 -5.83 -38.87
CA GLN A 135 5.73 -6.22 -39.34
C GLN A 135 4.77 -6.36 -38.17
N ASN A 136 4.22 -5.24 -37.74
CA ASN A 136 3.28 -5.22 -36.62
C ASN A 136 1.84 -5.23 -37.11
N GLU A 137 0.91 -5.15 -36.16
CA GLU A 137 -0.51 -5.15 -36.48
C GLU A 137 -0.91 -3.92 -37.29
N PRO A 138 -1.81 -4.10 -38.26
CA PRO A 138 -2.29 -3.01 -39.12
C PRO A 138 -3.36 -2.15 -38.44
N GLN A 139 -3.03 -1.65 -37.25
CA GLN A 139 -3.95 -0.80 -36.51
C GLN A 139 -3.93 0.62 -37.09
N LEU A 140 -4.97 1.39 -36.83
CA LEU A 140 -5.05 2.75 -37.34
C LEU A 140 -5.55 3.69 -36.26
N GLY A 141 -5.50 4.99 -36.53
CA GLY A 141 -5.95 5.97 -35.57
C GLY A 141 -4.80 6.63 -34.84
N LEU A 142 -5.04 7.03 -33.60
CA LEU A 142 -4.02 7.67 -32.79
C LEU A 142 -2.87 6.71 -32.50
N LYS A 143 -1.64 7.15 -32.74
CA LYS A 143 -0.46 6.31 -32.52
C LYS A 143 -0.31 5.97 -31.03
N ASP A 144 -0.84 6.84 -30.18
CA ASP A 144 -0.78 6.63 -28.74
C ASP A 144 -1.85 5.65 -28.29
N GLN A 145 -2.78 5.36 -29.19
CA GLN A 145 -3.88 4.44 -28.89
C GLN A 145 -3.70 3.12 -29.64
N GLN A 146 -2.47 2.86 -30.06
CA GLN A 146 -2.17 1.62 -30.77
C GLN A 146 -1.67 0.57 -29.80
N VAL A 147 -2.32 -0.58 -29.78
CA VAL A 147 -1.93 -1.66 -28.89
C VAL A 147 -0.68 -2.34 -29.43
N LEU A 148 0.41 -2.20 -28.70
CA LEU A 148 1.68 -2.78 -29.11
C LEU A 148 1.83 -4.19 -28.56
N ASP A 149 2.77 -4.94 -29.12
CA ASP A 149 3.01 -6.31 -28.68
C ASP A 149 3.82 -6.33 -27.39
N VAL A 150 3.97 -7.51 -26.81
CA VAL A 150 4.69 -7.68 -25.55
C VAL A 150 6.17 -7.30 -25.68
N LYS A 151 6.74 -7.53 -26.87
CA LYS A 151 8.15 -7.21 -27.10
C LYS A 151 8.35 -5.71 -27.06
N SER A 152 7.44 -4.99 -27.70
CA SER A 152 7.47 -3.54 -27.75
C SER A 152 7.50 -2.93 -26.36
N TYR A 153 6.62 -3.39 -25.49
CA TYR A 153 6.56 -2.86 -24.13
C TYR A 153 7.76 -3.30 -23.32
N ALA A 154 8.26 -4.51 -23.60
CA ALA A 154 9.42 -5.05 -22.90
C ALA A 154 10.64 -4.17 -23.14
N ARG A 155 10.87 -3.80 -24.39
CA ARG A 155 12.01 -2.97 -24.74
C ARG A 155 11.75 -1.52 -24.36
N LEU A 156 10.49 -1.08 -24.45
CA LEU A 156 10.13 0.28 -24.10
C LEU A 156 10.38 0.50 -22.61
N PHE A 157 10.10 -0.53 -21.82
CA PHE A 157 10.31 -0.50 -20.38
C PHE A 157 11.79 -0.27 -20.10
N SER A 158 12.63 -1.03 -20.79
CA SER A 158 14.07 -0.92 -20.66
C SER A 158 14.56 0.43 -21.15
N LYS A 159 14.00 0.88 -22.26
CA LYS A 159 14.35 2.17 -22.85
C LYS A 159 14.08 3.29 -21.86
N SER A 160 12.94 3.21 -21.20
CA SER A 160 12.55 4.21 -20.22
C SER A 160 13.52 4.21 -19.04
N ILE A 161 13.99 3.01 -18.67
CA ILE A 161 14.93 2.88 -17.56
C ILE A 161 16.25 3.57 -17.91
N GLU A 162 16.64 3.48 -19.16
CA GLU A 162 17.88 4.10 -19.62
C GLU A 162 17.82 5.63 -19.49
N THR A 163 16.73 6.22 -19.96
CA THR A 163 16.57 7.67 -19.88
C THR A 163 16.29 8.12 -18.45
N LEU A 164 15.58 7.30 -17.68
CA LEU A 164 15.28 7.65 -16.30
C LEU A 164 16.52 7.55 -15.44
N ARG A 165 17.41 6.63 -15.82
CA ARG A 165 18.66 6.42 -15.09
C ARG A 165 19.49 7.70 -15.09
N VAL A 166 19.72 8.25 -16.27
CA VAL A 166 20.50 9.47 -16.39
C VAL A 166 19.74 10.66 -15.80
N HIS A 167 18.42 10.65 -15.94
CA HIS A 167 17.59 11.73 -15.41
C HIS A 167 17.74 11.84 -13.89
N LEU A 168 17.99 10.71 -13.25
CA LEU A 168 18.18 10.66 -11.81
C LEU A 168 19.61 11.09 -11.45
N ALA A 169 20.57 10.59 -12.23
CA ALA A 169 21.97 10.90 -12.01
C ALA A 169 22.26 12.38 -12.21
N GLU A 170 21.59 13.00 -13.18
CA GLU A 170 21.77 14.41 -13.46
C GLU A 170 21.39 15.28 -12.27
N LYS A 171 20.46 14.78 -11.47
CA LYS A 171 19.99 15.50 -10.28
C LYS A 171 21.05 15.42 -9.19
N GLY A 172 21.70 14.28 -9.12
CA GLY A 172 22.72 14.06 -8.11
C GLY A 172 22.39 12.87 -7.24
N ASP A 173 23.34 12.44 -6.42
CA ASP A 173 23.12 11.31 -5.54
C ASP A 173 22.24 11.72 -4.37
N GLY A 174 21.32 10.85 -3.99
CA GLY A 174 20.41 11.14 -2.89
C GLY A 174 19.10 11.73 -3.38
N ALA A 175 19.16 12.47 -4.48
CA ALA A 175 17.97 13.09 -5.05
C ALA A 175 17.06 12.03 -5.66
N GLU A 176 15.77 12.34 -5.75
CA GLU A 176 14.80 11.40 -6.30
C GLU A 176 14.00 12.06 -7.42
N LEU A 177 13.32 11.24 -8.19
CA LEU A 177 12.49 11.71 -9.29
C LEU A 177 11.02 11.52 -8.98
N ILE A 178 10.25 12.58 -9.17
CA ILE A 178 8.81 12.51 -8.91
C ILE A 178 8.07 12.17 -10.20
N TRP A 179 7.25 11.12 -10.15
CA TRP A 179 6.51 10.69 -11.32
C TRP A 179 5.49 11.74 -11.74
N ASP A 180 5.41 11.99 -13.04
CA ASP A 180 4.48 12.96 -13.59
C ASP A 180 3.94 12.45 -14.92
N LYS A 181 2.65 12.66 -15.15
CA LYS A 181 2.03 12.22 -16.40
C LYS A 181 2.47 13.08 -17.57
N ASP A 182 3.18 14.16 -17.27
CA ASP A 182 3.68 15.07 -18.28
C ASP A 182 5.06 14.63 -18.77
N ASP A 183 5.75 13.86 -17.95
CA ASP A 183 7.09 13.37 -18.30
C ASP A 183 6.98 12.13 -19.19
N PRO A 184 7.53 12.20 -20.42
CA PRO A 184 7.49 11.08 -21.38
C PRO A 184 8.20 9.84 -20.87
N SER A 185 9.41 10.04 -20.33
CA SER A 185 10.22 8.95 -19.82
C SER A 185 9.49 8.18 -18.71
N ALA A 186 8.91 8.93 -17.78
CA ALA A 186 8.18 8.32 -16.67
C ALA A 186 6.87 7.70 -17.15
N MET A 187 6.27 8.31 -18.18
CA MET A 187 5.02 7.82 -18.73
C MET A 187 5.21 6.49 -19.43
N ASP A 188 6.24 6.39 -20.25
CA ASP A 188 6.52 5.16 -20.99
C ASP A 188 6.83 4.04 -20.00
N PHE A 189 7.53 4.39 -18.92
CA PHE A 189 7.91 3.44 -17.89
C PHE A 189 6.69 2.79 -17.25
N VAL A 190 5.80 3.62 -16.70
CA VAL A 190 4.60 3.13 -16.03
C VAL A 190 3.71 2.35 -17.01
N THR A 191 3.64 2.79 -18.25
CA THR A 191 2.83 2.12 -19.25
C THR A 191 3.35 0.72 -19.55
N SER A 192 4.64 0.62 -19.83
CA SER A 192 5.26 -0.65 -20.15
C SER A 192 5.20 -1.62 -18.97
N ALA A 193 5.52 -1.12 -17.78
CA ALA A 193 5.52 -1.95 -16.58
C ALA A 193 4.13 -2.53 -16.31
N ALA A 194 3.12 -1.69 -16.42
CA ALA A 194 1.74 -2.11 -16.19
C ALA A 194 1.30 -3.12 -17.26
N ASN A 195 1.67 -2.85 -18.49
CA ASN A 195 1.32 -3.72 -19.61
C ASN A 195 1.93 -5.11 -19.45
N LEU A 196 3.18 -5.16 -19.05
CA LEU A 196 3.86 -6.43 -18.85
C LEU A 196 3.22 -7.18 -17.70
N ARG A 197 2.94 -6.45 -16.62
CA ARG A 197 2.32 -7.02 -15.43
C ARG A 197 0.96 -7.63 -15.75
N MET A 198 0.14 -6.90 -16.52
CA MET A 198 -1.19 -7.38 -16.86
C MET A 198 -1.11 -8.58 -17.81
N HIS A 199 -0.15 -8.57 -18.73
CA HIS A 199 0.03 -9.67 -19.67
C HIS A 199 0.38 -10.95 -18.91
N ILE A 200 1.20 -10.80 -17.87
CA ILE A 200 1.62 -11.93 -17.05
C ILE A 200 0.42 -12.60 -16.38
N PHE A 201 -0.56 -11.79 -16.00
CA PHE A 201 -1.76 -12.30 -15.35
C PHE A 201 -2.85 -12.67 -16.36
N SER A 202 -2.46 -12.80 -17.62
CA SER A 202 -3.40 -13.16 -18.69
C SER A 202 -4.50 -12.12 -18.83
N MET A 203 -4.12 -10.86 -18.72
CA MET A 203 -5.05 -9.75 -18.84
C MET A 203 -4.78 -8.99 -20.14
N ASN A 204 -5.83 -8.48 -20.77
CA ASN A 204 -5.67 -7.75 -22.02
C ASN A 204 -4.87 -6.47 -21.79
N MET A 205 -3.96 -6.20 -22.72
CA MET A 205 -3.10 -5.02 -22.63
C MET A 205 -3.77 -3.82 -23.27
N LYS A 206 -3.44 -2.63 -22.82
CA LYS A 206 -4.03 -1.41 -23.34
C LYS A 206 -2.97 -0.50 -23.96
N SER A 207 -3.41 0.60 -24.57
CA SER A 207 -2.50 1.53 -25.21
C SER A 207 -1.91 2.51 -24.19
N ARG A 208 -0.90 3.26 -24.61
CA ARG A 208 -0.26 4.23 -23.73
C ARG A 208 -1.22 5.35 -23.34
N PHE A 209 -2.02 5.81 -24.30
CA PHE A 209 -2.98 6.87 -24.04
C PHE A 209 -4.00 6.42 -22.99
N ASP A 210 -4.35 5.15 -23.05
CA ASP A 210 -5.31 4.56 -22.11
C ASP A 210 -4.74 4.61 -20.70
N ILE A 211 -3.52 4.07 -20.55
CA ILE A 211 -2.85 4.05 -19.26
C ILE A 211 -2.64 5.48 -18.75
N LYS A 212 -2.18 6.35 -19.64
CA LYS A 212 -1.92 7.76 -19.31
C LYS A 212 -3.13 8.41 -18.66
N SER A 213 -4.31 8.12 -19.20
CA SER A 213 -5.56 8.68 -18.72
C SER A 213 -5.87 8.27 -17.28
N MET A 214 -5.53 7.05 -16.90
CA MET A 214 -5.81 6.57 -15.55
C MET A 214 -4.61 6.67 -14.62
N ALA A 215 -3.41 6.58 -15.18
CA ALA A 215 -2.18 6.67 -14.39
C ALA A 215 -2.04 8.06 -13.80
N GLY A 216 -2.29 9.07 -14.62
CA GLY A 216 -2.21 10.44 -14.17
C GLY A 216 -3.49 10.88 -13.50
N ASN A 217 -4.63 10.54 -14.14
CA ASN A 217 -5.97 10.87 -13.65
C ASN A 217 -6.05 12.30 -13.11
N MET B 1 13.13 10.60 22.86
CA MET B 1 13.39 11.44 24.05
C MET B 1 12.41 12.60 24.11
N SER B 2 12.25 13.18 25.30
CA SER B 2 11.36 14.31 25.50
C SER B 2 11.81 15.51 24.66
N GLY B 3 10.94 16.49 24.49
CA GLY B 3 11.27 17.66 23.70
C GLY B 3 11.01 17.43 22.23
N ILE B 4 11.70 16.45 21.64
CA ILE B 4 11.54 16.10 20.24
C ILE B 4 10.10 15.70 19.97
N ALA B 5 9.58 14.83 20.82
CA ALA B 5 8.21 14.36 20.70
C ALA B 5 7.22 15.53 20.73
N LEU B 6 7.42 16.42 21.69
CA LEU B 6 6.55 17.59 21.84
C LEU B 6 6.58 18.47 20.60
N SER B 7 7.76 18.62 20.01
CA SER B 7 7.93 19.42 18.80
C SER B 7 7.08 18.86 17.66
N ARG B 8 7.14 17.55 17.48
CA ARG B 8 6.37 16.88 16.43
C ARG B 8 4.88 16.90 16.77
N LEU B 9 4.55 16.66 18.03
CA LEU B 9 3.16 16.67 18.48
C LEU B 9 2.50 18.02 18.21
N ALA B 10 3.23 19.08 18.45
CA ALA B 10 2.73 20.42 18.21
C ALA B 10 2.51 20.62 16.72
N GLN B 11 3.41 20.07 15.91
CA GLN B 11 3.34 20.17 14.47
C GLN B 11 2.08 19.47 13.96
N GLU B 12 1.76 18.33 14.57
CA GLU B 12 0.58 17.56 14.20
C GLU B 12 -0.68 18.38 14.40
N ARG B 13 -0.75 19.07 15.54
CA ARG B 13 -1.90 19.90 15.85
C ARG B 13 -2.01 21.05 14.85
N LYS B 14 -0.86 21.58 14.48
CA LYS B 14 -0.81 22.68 13.52
C LYS B 14 -1.28 22.20 12.15
N ALA B 15 -0.93 20.96 11.82
CA ALA B 15 -1.31 20.36 10.55
C ALA B 15 -2.79 20.01 10.54
N TRP B 16 -3.26 19.41 11.63
CA TRP B 16 -4.66 19.02 11.76
C TRP B 16 -5.57 20.25 11.64
N ARG B 17 -5.18 21.32 12.31
CA ARG B 17 -5.93 22.57 12.29
C ARG B 17 -5.99 23.14 10.87
N LYS B 18 -5.00 22.81 10.07
CA LYS B 18 -4.91 23.29 8.69
C LYS B 18 -5.69 22.38 7.75
N ASP B 19 -5.49 21.08 7.89
CA ASP B 19 -6.15 20.11 7.03
C ASP B 19 -6.51 18.83 7.78
N HIS B 20 -7.80 18.48 7.75
CA HIS B 20 -8.29 17.28 8.40
C HIS B 20 -9.58 16.82 7.74
N PRO B 21 -9.89 15.51 7.79
CA PRO B 21 -11.11 14.96 7.19
C PRO B 21 -12.37 15.46 7.88
N PHE B 22 -13.42 15.66 7.10
CA PHE B 22 -14.70 16.15 7.62
C PHE B 22 -15.38 15.09 8.48
N GLY B 23 -15.45 15.35 9.76
CA GLY B 23 -16.09 14.42 10.68
C GLY B 23 -15.10 13.86 11.69
N PHE B 24 -13.82 14.03 11.40
CA PHE B 24 -12.78 13.53 12.27
C PHE B 24 -12.41 14.59 13.32
N VAL B 25 -12.17 14.14 14.54
CA VAL B 25 -11.79 15.03 15.62
C VAL B 25 -10.48 14.54 16.24
N ALA B 26 -9.62 15.48 16.64
CA ALA B 26 -8.35 15.15 17.24
C ALA B 26 -7.83 16.34 18.05
N VAL B 27 -8.08 16.32 19.35
CA VAL B 27 -7.67 17.40 20.22
C VAL B 27 -6.95 16.86 21.46
N PRO B 28 -5.76 17.40 21.78
CA PRO B 28 -4.99 16.98 22.96
C PRO B 28 -5.76 17.22 24.25
N THR B 29 -5.61 16.31 25.20
CA THR B 29 -6.29 16.40 26.49
C THR B 29 -5.93 17.68 27.22
N LYS B 30 -6.95 18.44 27.61
CA LYS B 30 -6.75 19.67 28.32
C LYS B 30 -6.35 19.38 29.76
N ASN B 31 -5.43 20.18 30.28
CA ASN B 31 -4.95 20.00 31.64
C ASN B 31 -5.30 21.22 32.47
N PRO B 32 -5.51 21.04 33.80
CA PRO B 32 -5.83 22.15 34.71
C PRO B 32 -4.81 23.30 34.61
N ASP B 33 -5.15 24.45 35.19
CA ASP B 33 -4.29 25.64 35.18
C ASP B 33 -4.32 26.33 33.81
N GLY B 34 -4.49 25.55 32.76
CA GLY B 34 -4.53 26.11 31.43
C GLY B 34 -3.55 25.42 30.50
N THR B 35 -2.84 24.44 31.04
CA THR B 35 -1.87 23.70 30.25
C THR B 35 -2.57 22.63 29.40
N MET B 36 -1.81 21.94 28.56
CA MET B 36 -2.38 20.91 27.71
C MET B 36 -1.38 19.78 27.49
N ASN B 37 -1.85 18.55 27.59
CA ASN B 37 -0.99 17.39 27.41
C ASN B 37 -0.98 16.96 25.94
N LEU B 38 0.18 17.07 25.31
CA LEU B 38 0.33 16.72 23.90
C LEU B 38 0.57 15.22 23.71
N MET B 39 0.83 14.50 24.80
CA MET B 39 1.07 13.07 24.71
C MET B 39 -0.21 12.27 24.85
N ASN B 40 -1.34 12.96 24.86
CA ASN B 40 -2.64 12.31 24.98
C ASN B 40 -3.68 13.09 24.20
N TRP B 41 -4.19 12.49 23.12
CA TRP B 41 -5.18 13.13 22.29
C TRP B 41 -6.52 12.41 22.34
N GLU B 42 -7.59 13.17 22.25
CA GLU B 42 -8.93 12.61 22.23
C GLU B 42 -9.47 12.69 20.80
N CYS B 43 -9.24 11.62 20.05
CA CYS B 43 -9.65 11.58 18.66
C CYS B 43 -11.01 10.92 18.50
N ALA B 44 -11.70 11.28 17.42
CA ALA B 44 -13.01 10.74 17.10
C ALA B 44 -13.08 10.41 15.63
N ILE B 45 -13.66 9.26 15.31
CA ILE B 45 -13.77 8.79 13.93
C ILE B 45 -15.18 8.32 13.63
N PRO B 46 -15.82 8.92 12.61
CA PRO B 46 -17.17 8.54 12.20
C PRO B 46 -17.13 7.37 11.23
N GLY B 47 -18.28 6.75 11.01
CA GLY B 47 -18.35 5.63 10.09
C GLY B 47 -18.25 6.09 8.66
N LYS B 48 -17.48 5.37 7.85
CA LYS B 48 -17.28 5.73 6.45
C LYS B 48 -18.61 5.66 5.69
N LYS B 49 -18.74 6.51 4.69
CA LYS B 49 -19.95 6.58 3.88
C LYS B 49 -20.20 5.28 3.13
N GLY B 50 -21.41 4.74 3.29
CA GLY B 50 -21.77 3.51 2.61
C GLY B 50 -21.30 2.27 3.35
N THR B 51 -21.17 2.37 4.67
CA THR B 51 -20.75 1.24 5.48
C THR B 51 -21.69 1.07 6.66
N PRO B 52 -21.76 -0.12 7.28
CA PRO B 52 -22.63 -0.37 8.43
C PRO B 52 -22.22 0.46 9.65
N TRP B 53 -21.04 1.07 9.58
CA TRP B 53 -20.52 1.90 10.66
C TRP B 53 -20.97 3.35 10.49
N GLU B 54 -21.42 3.67 9.28
CA GLU B 54 -21.88 5.02 8.95
C GLU B 54 -23.09 5.39 9.79
N GLY B 55 -22.96 6.47 10.55
CA GLY B 55 -24.05 6.92 11.38
C GLY B 55 -23.63 7.05 12.83
N GLY B 56 -22.43 6.58 13.13
CA GLY B 56 -21.93 6.66 14.49
C GLY B 56 -20.57 7.31 14.57
N LEU B 57 -20.34 8.05 15.64
CA LEU B 57 -19.08 8.73 15.88
C LEU B 57 -18.37 8.09 17.06
N PHE B 58 -17.32 7.34 16.77
CA PHE B 58 -16.58 6.63 17.79
C PHE B 58 -15.40 7.46 18.29
N LYS B 59 -15.11 7.36 19.57
CA LYS B 59 -14.02 8.12 20.18
C LYS B 59 -12.93 7.20 20.70
N LEU B 60 -11.69 7.53 20.41
CA LEU B 60 -10.55 6.75 20.87
C LEU B 60 -9.49 7.65 21.45
N ARG B 61 -8.71 7.11 22.37
CA ARG B 61 -7.66 7.87 23.02
C ARG B 61 -6.32 7.56 22.40
N MET B 62 -5.63 8.60 21.96
CA MET B 62 -4.32 8.44 21.36
C MET B 62 -3.24 8.77 22.37
N LEU B 63 -2.57 7.73 22.87
CA LEU B 63 -1.51 7.90 23.86
C LEU B 63 -0.16 7.83 23.17
N PHE B 64 0.70 8.80 23.46
CA PHE B 64 2.02 8.84 22.85
C PHE B 64 3.10 8.46 23.83
N LYS B 65 4.33 8.42 23.34
CA LYS B 65 5.49 8.04 24.13
C LYS B 65 6.57 9.10 24.04
N ASP B 66 7.64 8.93 24.81
CA ASP B 66 8.76 9.86 24.80
C ASP B 66 9.66 9.56 23.61
N ASP B 67 9.56 8.32 23.13
CA ASP B 67 10.35 7.86 22.01
C ASP B 67 9.73 8.30 20.68
N TYR B 68 8.62 9.02 20.76
CA TYR B 68 7.93 9.51 19.57
C TYR B 68 8.84 10.49 18.82
N PRO B 69 8.82 10.49 17.47
CA PRO B 69 7.95 9.64 16.66
C PRO B 69 8.59 8.31 16.27
N SER B 70 9.69 7.94 16.91
CA SER B 70 10.34 6.67 16.63
C SER B 70 9.40 5.53 17.04
N SER B 71 8.75 5.71 18.18
CA SER B 71 7.81 4.73 18.69
C SER B 71 6.40 5.10 18.27
N PRO B 72 5.60 4.12 17.84
CA PRO B 72 4.22 4.35 17.41
C PRO B 72 3.30 4.67 18.58
N PRO B 73 2.25 5.48 18.35
CA PRO B 73 1.29 5.83 19.39
C PRO B 73 0.32 4.69 19.69
N LYS B 74 -0.32 4.76 20.84
CA LYS B 74 -1.28 3.73 21.24
C LYS B 74 -2.69 4.25 21.05
N CYS B 75 -3.51 3.51 20.33
CA CYS B 75 -4.87 3.91 20.08
C CYS B 75 -5.85 2.97 20.77
N LYS B 76 -6.56 3.49 21.76
CA LYS B 76 -7.52 2.70 22.51
C LYS B 76 -8.90 3.35 22.46
N PHE B 77 -9.88 2.61 21.98
CA PHE B 77 -11.26 3.11 21.88
C PHE B 77 -11.89 3.26 23.26
N GLU B 78 -12.65 4.32 23.43
CA GLU B 78 -13.33 4.59 24.70
C GLU B 78 -14.82 4.80 24.46
N PRO B 79 -15.66 3.76 24.63
CA PRO B 79 -15.22 2.42 25.04
C PRO B 79 -14.86 1.54 23.84
N PRO B 80 -14.32 0.33 24.08
CA PRO B 80 -13.95 -0.61 23.01
C PRO B 80 -15.12 -0.92 22.09
N LEU B 81 -14.82 -1.21 20.83
CA LEU B 81 -15.85 -1.50 19.86
C LEU B 81 -15.84 -2.97 19.43
N PHE B 82 -16.98 -3.41 18.91
CA PHE B 82 -17.11 -4.77 18.43
C PHE B 82 -16.44 -4.88 17.06
N HIS B 83 -15.18 -5.25 17.07
CA HIS B 83 -14.40 -5.39 15.86
C HIS B 83 -13.28 -6.40 16.10
N PRO B 84 -13.12 -7.37 15.19
CA PRO B 84 -12.10 -8.43 15.32
C PRO B 84 -10.67 -7.90 15.44
N ASN B 85 -10.46 -6.64 15.05
CA ASN B 85 -9.12 -6.04 15.11
C ASN B 85 -8.98 -5.13 16.33
N VAL B 86 -9.98 -5.14 17.18
CA VAL B 86 -9.97 -4.33 18.39
C VAL B 86 -10.03 -5.22 19.63
N TYR B 87 -9.04 -5.07 20.49
CA TYR B 87 -8.97 -5.86 21.71
C TYR B 87 -10.04 -5.39 22.70
N PRO B 88 -10.45 -6.26 23.64
CA PRO B 88 -11.46 -5.92 24.66
C PRO B 88 -11.02 -4.73 25.52
N SER B 89 -9.72 -4.44 25.49
CA SER B 89 -9.16 -3.34 26.24
C SER B 89 -9.36 -2.02 25.49
N GLY B 90 -9.69 -2.12 24.21
CA GLY B 90 -9.92 -0.94 23.40
C GLY B 90 -8.80 -0.72 22.41
N THR B 91 -7.68 -1.38 22.62
CA THR B 91 -6.50 -1.26 21.77
C THR B 91 -6.80 -1.74 20.34
N VAL B 92 -6.41 -0.92 19.38
CA VAL B 92 -6.62 -1.24 17.97
C VAL B 92 -5.30 -1.72 17.35
N CYS B 93 -5.34 -2.83 16.65
CA CYS B 93 -4.15 -3.37 16.02
C CYS B 93 -4.09 -2.89 14.57
N LEU B 94 -2.94 -2.35 14.18
CA LEU B 94 -2.75 -1.84 12.83
C LEU B 94 -1.29 -2.01 12.43
N SER B 95 -1.07 -2.43 11.18
CA SER B 95 0.27 -2.65 10.65
C SER B 95 1.15 -1.40 10.75
N ILE B 96 0.63 -0.27 10.28
CA ILE B 96 1.38 0.99 10.30
C ILE B 96 1.33 1.64 11.69
N LEU B 97 0.83 0.91 12.68
CA LEU B 97 0.75 1.42 14.04
C LEU B 97 1.67 0.62 14.95
N GLU B 98 2.53 -0.19 14.33
CA GLU B 98 3.48 -1.02 15.05
C GLU B 98 4.85 -0.86 14.42
N GLU B 99 5.85 -0.51 15.24
CA GLU B 99 7.22 -0.31 14.77
C GLU B 99 7.78 -1.58 14.16
N ASP B 100 7.36 -2.72 14.71
CA ASP B 100 7.82 -4.02 14.25
C ASP B 100 7.07 -4.49 13.01
N LYS B 101 6.28 -3.60 12.40
CA LYS B 101 5.52 -3.97 11.21
C LYS B 101 5.69 -2.98 10.07
N ASP B 102 4.85 -1.94 10.02
CA ASP B 102 4.91 -0.98 8.92
C ASP B 102 4.85 0.47 9.43
N TRP B 103 5.14 0.69 10.70
CA TRP B 103 5.09 2.05 11.24
C TRP B 103 6.30 2.86 10.78
N ARG B 104 6.03 4.08 10.37
CA ARG B 104 7.06 5.01 9.93
C ARG B 104 6.95 6.28 10.75
N PRO B 105 8.08 6.81 11.26
CA PRO B 105 8.08 8.02 12.09
C PRO B 105 7.46 9.23 11.40
N ALA B 106 7.47 9.25 10.07
CA ALA B 106 6.94 10.38 9.32
C ALA B 106 5.44 10.27 9.04
N ILE B 107 4.76 9.30 9.63
CA ILE B 107 3.32 9.16 9.41
C ILE B 107 2.56 10.20 10.22
N THR B 108 1.74 10.99 9.53
CA THR B 108 0.95 12.03 10.16
C THR B 108 -0.26 11.41 10.87
N ILE B 109 -0.67 12.02 12.00
CA ILE B 109 -1.81 11.53 12.77
C ILE B 109 -3.04 11.36 11.87
N LYS B 110 -3.20 12.27 10.93
CA LYS B 110 -4.32 12.25 10.00
C LYS B 110 -4.37 10.92 9.22
N GLN B 111 -3.19 10.46 8.81
CA GLN B 111 -3.09 9.21 8.05
C GLN B 111 -3.48 8.02 8.92
N ILE B 112 -3.06 8.07 10.19
CA ILE B 112 -3.36 6.99 11.12
C ILE B 112 -4.86 6.88 11.36
N LEU B 113 -5.51 8.01 11.61
CA LEU B 113 -6.94 8.05 11.85
C LEU B 113 -7.71 7.53 10.63
N LEU B 114 -7.24 7.88 9.44
CA LEU B 114 -7.88 7.44 8.22
C LEU B 114 -7.79 5.92 8.09
N GLY B 115 -6.64 5.39 8.48
CA GLY B 115 -6.43 3.95 8.43
C GLY B 115 -7.37 3.21 9.34
N ILE B 116 -7.66 3.80 10.51
CA ILE B 116 -8.56 3.19 11.48
C ILE B 116 -9.97 3.11 10.90
N GLN B 117 -10.41 4.20 10.26
CA GLN B 117 -11.75 4.24 9.66
C GLN B 117 -11.83 3.22 8.53
N GLU B 118 -10.75 3.12 7.76
CA GLU B 118 -10.70 2.18 6.64
C GLU B 118 -10.78 0.73 7.14
N LEU B 119 -10.11 0.46 8.25
CA LEU B 119 -10.10 -0.88 8.84
C LEU B 119 -11.46 -1.24 9.44
N LEU B 120 -12.25 -0.23 9.76
CA LEU B 120 -13.57 -0.46 10.34
C LEU B 120 -14.42 -1.30 9.41
N ASN B 121 -14.54 -0.86 8.16
CA ASN B 121 -15.34 -1.55 7.16
C ASN B 121 -14.69 -2.85 6.72
N GLU B 122 -13.38 -2.81 6.47
CA GLU B 122 -12.66 -4.01 6.03
C GLU B 122 -11.77 -4.52 7.16
N PRO B 123 -12.27 -5.47 7.96
CA PRO B 123 -11.52 -6.04 9.07
C PRO B 123 -10.44 -7.01 8.62
N ASN B 124 -9.25 -6.86 9.19
CA ASN B 124 -8.13 -7.72 8.86
C ASN B 124 -8.31 -9.09 9.50
N ILE B 125 -8.35 -10.12 8.67
CA ILE B 125 -8.53 -11.48 9.15
C ILE B 125 -7.21 -12.04 9.70
N GLN B 126 -6.12 -11.35 9.40
CA GLN B 126 -4.80 -11.76 9.84
C GLN B 126 -4.59 -11.44 11.32
N ASP B 127 -5.27 -10.42 11.80
CA ASP B 127 -5.14 -10.00 13.20
C ASP B 127 -6.40 -10.34 14.00
N PRO B 128 -6.38 -11.47 14.73
CA PRO B 128 -7.50 -11.90 15.55
C PRO B 128 -7.40 -11.36 16.97
N ALA B 129 -7.78 -10.09 17.14
CA ALA B 129 -7.75 -9.45 18.45
C ALA B 129 -8.98 -9.83 19.26
N GLN B 130 -10.14 -9.62 18.67
CA GLN B 130 -11.40 -9.95 19.32
C GLN B 130 -11.93 -11.27 18.76
N ALA B 131 -11.65 -12.35 19.47
CA ALA B 131 -12.04 -13.70 19.07
C ALA B 131 -13.55 -13.81 18.79
N GLU B 132 -14.37 -13.22 19.66
CA GLU B 132 -15.82 -13.27 19.50
C GLU B 132 -16.24 -12.73 18.13
N ALA B 133 -15.81 -11.51 17.83
CA ALA B 133 -16.14 -10.88 16.57
C ALA B 133 -15.50 -11.62 15.41
N TYR B 134 -14.31 -12.15 15.65
CA TYR B 134 -13.56 -12.90 14.65
C TYR B 134 -14.35 -14.13 14.20
N THR B 135 -14.88 -14.88 15.16
CA THR B 135 -15.66 -16.06 14.85
C THR B 135 -16.96 -15.70 14.16
N ILE B 136 -17.68 -14.74 14.72
CA ILE B 136 -18.96 -14.30 14.17
C ILE B 136 -18.80 -13.82 12.72
N TYR B 137 -17.78 -13.01 12.47
CA TYR B 137 -17.51 -12.47 11.14
C TYR B 137 -17.26 -13.58 10.11
N CYS B 138 -16.70 -14.70 10.55
CA CYS B 138 -16.40 -15.79 9.64
C CYS B 138 -17.51 -16.85 9.56
N GLN B 139 -18.34 -16.96 10.60
CA GLN B 139 -19.40 -17.96 10.59
C GLN B 139 -20.76 -17.37 10.20
N ASN B 140 -21.00 -16.11 10.52
CA ASN B 140 -22.28 -15.48 10.20
C ASN B 140 -22.11 -13.99 9.99
N ARG B 141 -22.05 -13.59 8.73
CA ARG B 141 -21.90 -12.18 8.37
C ARG B 141 -23.13 -11.38 8.76
N VAL B 142 -24.30 -12.02 8.70
CA VAL B 142 -25.56 -11.38 9.04
C VAL B 142 -25.56 -10.97 10.52
N GLU B 143 -25.15 -11.90 11.38
CA GLU B 143 -25.09 -11.64 12.82
C GLU B 143 -24.07 -10.56 13.12
N TYR B 144 -23.04 -10.49 12.29
CA TYR B 144 -22.00 -9.47 12.46
C TYR B 144 -22.56 -8.09 12.14
N GLU B 145 -23.24 -7.99 11.00
CA GLU B 145 -23.85 -6.73 10.56
C GLU B 145 -24.83 -6.20 11.59
N LYS B 146 -25.63 -7.10 12.16
CA LYS B 146 -26.62 -6.74 13.17
C LYS B 146 -25.98 -5.97 14.32
N ARG B 147 -24.88 -6.50 14.83
CA ARG B 147 -24.16 -5.89 15.93
C ARG B 147 -23.51 -4.57 15.53
N VAL B 148 -22.98 -4.52 14.31
CA VAL B 148 -22.34 -3.32 13.82
C VAL B 148 -23.35 -2.18 13.64
N ARG B 149 -24.51 -2.51 13.08
CA ARG B 149 -25.56 -1.53 12.87
C ARG B 149 -26.05 -0.96 14.19
N ALA B 150 -26.24 -1.84 15.17
CA ALA B 150 -26.69 -1.42 16.50
C ALA B 150 -25.64 -0.53 17.17
N GLN B 151 -24.38 -0.85 16.93
CA GLN B 151 -23.28 -0.08 17.49
C GLN B 151 -23.22 1.32 16.88
N ALA B 152 -23.42 1.39 15.57
CA ALA B 152 -23.41 2.66 14.86
C ALA B 152 -24.54 3.55 15.35
N LYS B 153 -25.70 2.94 15.58
CA LYS B 153 -26.87 3.68 16.05
C LYS B 153 -26.68 4.07 17.52
N LYS B 154 -25.84 3.33 18.22
CA LYS B 154 -25.56 3.58 19.63
C LYS B 154 -24.71 4.84 19.77
N PHE B 155 -23.68 4.94 18.94
CA PHE B 155 -22.78 6.09 18.97
C PHE B 155 -23.23 7.15 17.97
N ALA B 156 -24.51 7.13 17.63
CA ALA B 156 -25.08 8.08 16.69
C ALA B 156 -25.21 9.45 17.33
N PRO B 157 -24.67 10.50 16.67
CA PRO B 157 -24.72 11.87 17.18
C PRO B 157 -26.12 12.27 17.66
N SER B 158 -26.20 12.61 18.94
CA SER B 158 -27.46 13.01 19.54
C SER B 158 -27.38 14.48 19.93
N THR A 1 -13.88 10.00 -0.83
CA THR A 1 -12.48 9.78 -0.43
C THR A 1 -11.86 8.68 -1.28
N GLN A 2 -10.59 8.83 -1.64
CA GLN A 2 -9.90 7.83 -2.45
C GLN A 2 -9.72 6.55 -1.64
N ARG A 3 -9.66 5.42 -2.33
CA ARG A 3 -9.51 4.14 -1.66
C ARG A 3 -8.05 3.69 -1.68
N THR A 4 -7.62 3.05 -0.62
CA THR A 4 -6.24 2.57 -0.50
C THR A 4 -6.15 1.12 -0.95
N PHE A 5 -4.97 0.71 -1.36
CA PHE A 5 -4.76 -0.66 -1.82
C PHE A 5 -3.71 -1.37 -0.96
N PRO A 6 -4.14 -2.36 -0.15
CA PRO A 6 -3.23 -3.12 0.70
C PRO A 6 -2.11 -3.78 -0.11
N GLY A 7 -0.92 -3.82 0.47
CA GLY A 7 0.23 -4.41 -0.20
C GLY A 7 -0.01 -5.84 -0.65
N CYS A 8 -0.78 -6.59 0.13
CA CYS A 8 -1.08 -7.98 -0.19
C CYS A 8 -1.86 -8.12 -1.49
N THR A 9 -2.57 -7.07 -1.88
CA THR A 9 -3.35 -7.11 -3.12
C THR A 9 -2.65 -6.31 -4.21
N ILE A 10 -1.42 -5.88 -3.93
CA ILE A 10 -0.64 -5.13 -4.89
C ILE A 10 0.58 -5.96 -5.32
N ARG A 11 1.34 -6.42 -4.33
CA ARG A 11 2.53 -7.21 -4.60
C ARG A 11 2.18 -8.67 -4.84
N ASN A 12 1.18 -9.17 -4.10
CA ASN A 12 0.77 -10.56 -4.21
C ASN A 12 -0.33 -10.79 -5.25
N THR A 13 -1.58 -10.54 -4.86
CA THR A 13 -2.71 -10.76 -5.76
C THR A 13 -3.35 -9.47 -6.28
N PRO A 14 -3.03 -9.08 -7.52
CA PRO A 14 -3.60 -7.91 -8.16
C PRO A 14 -4.90 -8.26 -8.88
N SER A 15 -6.01 -7.78 -8.35
CA SER A 15 -7.31 -8.07 -8.93
C SER A 15 -7.66 -7.13 -10.09
N GLU A 16 -7.91 -5.87 -9.76
CA GLU A 16 -8.25 -4.87 -10.76
C GLU A 16 -7.02 -4.34 -11.49
N PRO A 17 -7.19 -3.89 -12.74
CA PRO A 17 -6.08 -3.36 -13.57
C PRO A 17 -5.29 -2.26 -12.88
N ILE A 18 -5.98 -1.39 -12.16
CA ILE A 18 -5.34 -0.28 -11.45
C ILE A 18 -4.29 -0.78 -10.47
N HIS A 19 -4.42 -2.03 -10.02
CA HIS A 19 -3.47 -2.60 -9.07
C HIS A 19 -2.11 -2.76 -9.73
N CYS A 20 -2.11 -3.01 -11.04
CA CYS A 20 -0.88 -3.17 -11.79
C CYS A 20 -0.20 -1.83 -12.01
N ILE A 21 -1.01 -0.78 -12.13
CA ILE A 21 -0.50 0.57 -12.34
C ILE A 21 0.12 1.08 -11.04
N VAL A 22 -0.58 0.87 -9.92
CA VAL A 22 -0.07 1.29 -8.61
C VAL A 22 1.24 0.58 -8.31
N TRP A 23 1.29 -0.70 -8.67
CA TRP A 23 2.49 -1.51 -8.48
C TRP A 23 3.65 -0.93 -9.27
N ALA A 24 3.38 -0.54 -10.50
CA ALA A 24 4.39 0.04 -11.37
C ALA A 24 4.85 1.41 -10.85
N LYS A 25 3.92 2.15 -10.25
CA LYS A 25 4.24 3.46 -9.68
C LYS A 25 5.21 3.28 -8.52
N TYR A 26 4.98 2.24 -7.73
CA TYR A 26 5.84 1.94 -6.59
C TYR A 26 7.20 1.46 -7.09
N LEU A 27 7.18 0.75 -8.22
CA LEU A 27 8.41 0.24 -8.82
C LEU A 27 9.35 1.38 -9.18
N PHE A 28 8.80 2.44 -9.76
CA PHE A 28 9.60 3.60 -10.14
C PHE A 28 10.24 4.23 -8.91
N ASN A 29 9.44 4.35 -7.85
CA ASN A 29 9.90 4.95 -6.60
C ASN A 29 10.92 4.05 -5.92
N GLN A 30 10.74 2.74 -6.05
CA GLN A 30 11.64 1.77 -5.44
C GLN A 30 12.92 1.61 -6.27
N LEU A 31 13.00 2.29 -7.40
CA LEU A 31 14.18 2.20 -8.24
C LEU A 31 14.92 3.53 -8.33
N PHE A 32 14.21 4.59 -8.69
CA PHE A 32 14.81 5.90 -8.84
C PHE A 32 14.34 6.88 -7.78
N GLY A 33 13.13 6.67 -7.27
CA GLY A 33 12.58 7.57 -6.26
C GLY A 33 12.99 7.21 -4.84
N GLU A 34 12.03 7.28 -3.94
CA GLU A 34 12.27 6.96 -2.53
C GLU A 34 11.65 5.63 -2.17
N GLU A 35 12.28 4.94 -1.23
CA GLU A 35 11.80 3.64 -0.78
C GLU A 35 10.90 3.77 0.44
N ASP A 36 10.16 2.72 0.71
CA ASP A 36 9.25 2.68 1.83
C ASP A 36 9.20 1.27 2.39
N ALA A 37 8.93 1.13 3.67
CA ALA A 37 8.87 -0.19 4.31
C ALA A 37 7.71 -1.02 3.79
N ASP A 38 6.73 -0.37 3.17
CA ASP A 38 5.56 -1.07 2.64
C ASP A 38 5.54 -1.02 1.11
N GLN A 39 5.92 0.12 0.55
CA GLN A 39 5.92 0.28 -0.90
C GLN A 39 7.10 -0.42 -1.56
N GLU A 40 7.09 -1.74 -1.54
CA GLU A 40 8.13 -2.54 -2.17
C GLU A 40 7.55 -3.17 -3.43
N VAL A 41 8.33 -4.01 -4.09
CA VAL A 41 7.88 -4.66 -5.31
C VAL A 41 8.09 -6.17 -5.25
N SER A 42 9.20 -6.58 -4.65
CA SER A 42 9.53 -7.99 -4.55
C SER A 42 8.63 -8.69 -3.53
N PRO A 43 8.36 -10.00 -3.76
CA PRO A 43 7.52 -10.79 -2.86
C PRO A 43 8.10 -10.81 -1.45
N ASP A 44 7.24 -10.53 -0.47
CA ASP A 44 7.68 -10.47 0.92
C ASP A 44 7.99 -11.85 1.47
N ARG A 45 9.10 -11.95 2.18
CA ARG A 45 9.53 -13.20 2.79
C ARG A 45 8.79 -13.41 4.11
N ALA A 46 8.12 -12.35 4.57
CA ALA A 46 7.37 -12.40 5.82
C ALA A 46 5.91 -12.73 5.54
N ASP A 47 5.63 -13.10 4.29
CA ASP A 47 4.30 -13.45 3.85
C ASP A 47 3.72 -14.55 4.74
N PRO A 48 2.42 -14.48 5.08
CA PRO A 48 1.76 -15.49 5.92
C PRO A 48 1.96 -16.92 5.43
N GLU A 49 2.17 -17.09 4.12
CA GLU A 49 2.37 -18.41 3.54
C GLU A 49 3.86 -18.73 3.41
N ALA A 50 4.70 -17.85 3.93
CA ALA A 50 6.15 -18.05 3.88
C ALA A 50 6.76 -18.08 5.27
N ALA A 51 6.37 -17.13 6.11
CA ALA A 51 6.88 -17.03 7.47
C ALA A 51 5.84 -16.38 8.38
N TRP A 52 6.32 -15.65 9.37
CA TRP A 52 5.45 -14.97 10.31
C TRP A 52 5.27 -13.53 9.86
N GLU A 53 4.04 -13.02 9.94
CA GLU A 53 3.71 -11.65 9.54
C GLU A 53 4.61 -10.61 10.22
N PRO A 54 4.65 -10.54 11.58
CA PRO A 54 3.88 -11.38 12.48
C PRO A 54 2.63 -10.66 12.99
N THR A 55 1.75 -11.40 13.65
CA THR A 55 0.54 -10.83 14.19
C THR A 55 0.55 -10.87 15.71
N GLU A 56 0.07 -9.80 16.32
CA GLU A 56 0.03 -9.72 17.78
C GLU A 56 -1.17 -10.50 18.34
N ALA A 57 -2.29 -9.78 18.53
CA ALA A 57 -3.53 -10.36 19.07
C ALA A 57 -3.39 -10.72 20.55
N GLU A 58 -2.49 -11.64 20.85
CA GLU A 58 -2.24 -12.08 22.21
C GLU A 58 -0.74 -12.13 22.47
N ALA A 59 -0.36 -12.45 23.69
CA ALA A 59 1.04 -12.55 24.04
C ALA A 59 1.63 -13.83 23.43
N ARG A 60 2.73 -13.68 22.71
CA ARG A 60 3.36 -14.82 22.07
C ARG A 60 4.51 -15.35 22.92
N ALA A 61 4.56 -16.66 23.07
CA ALA A 61 5.61 -17.30 23.85
C ALA A 61 6.92 -17.29 23.07
N ARG A 62 6.80 -17.33 21.76
CA ARG A 62 7.95 -17.31 20.89
C ARG A 62 8.44 -15.88 20.67
N ALA A 63 9.45 -15.49 21.44
CA ALA A 63 10.01 -14.15 21.34
C ALA A 63 11.03 -14.08 20.20
N SER A 64 10.61 -14.53 19.03
CA SER A 64 11.46 -14.54 17.85
C SER A 64 11.48 -13.15 17.22
N ASN A 65 12.43 -12.32 17.64
CA ASN A 65 12.55 -10.97 17.12
C ASN A 65 13.30 -10.97 15.80
N GLU A 66 14.13 -11.98 15.59
CA GLU A 66 14.89 -12.11 14.34
C GLU A 66 13.97 -12.56 13.23
N ASP A 67 12.87 -13.19 13.62
CA ASP A 67 11.88 -13.68 12.68
C ASP A 67 10.78 -12.63 12.49
N GLY A 68 9.66 -13.03 11.90
CA GLY A 68 8.58 -12.10 11.70
C GLY A 68 8.76 -11.26 10.45
N ASP A 69 8.44 -9.98 10.55
CA ASP A 69 8.56 -9.07 9.42
C ASP A 69 10.01 -8.91 8.99
N ILE A 70 10.23 -8.91 7.69
CA ILE A 70 11.57 -8.76 7.13
C ILE A 70 11.47 -8.01 5.82
N LYS A 71 10.54 -7.06 5.75
CA LYS A 71 10.35 -6.27 4.54
C LYS A 71 11.28 -5.06 4.53
N ARG A 72 12.56 -5.32 4.76
CA ARG A 72 13.56 -4.27 4.75
C ARG A 72 14.48 -4.44 3.56
N ILE A 73 14.11 -5.37 2.68
CA ILE A 73 14.87 -5.64 1.47
C ILE A 73 14.72 -4.47 0.51
N SER A 74 15.84 -3.95 0.04
CA SER A 74 15.82 -2.82 -0.86
C SER A 74 16.14 -3.24 -2.29
N THR A 75 15.11 -3.33 -3.13
CA THR A 75 15.29 -3.71 -4.52
C THR A 75 16.14 -2.66 -5.25
N LYS A 76 16.08 -1.42 -4.76
CA LYS A 76 16.85 -0.31 -5.34
C LYS A 76 18.35 -0.63 -5.32
N GLU A 77 18.81 -1.20 -4.22
CA GLU A 77 20.21 -1.54 -4.06
C GLU A 77 20.67 -2.49 -5.17
N TRP A 78 19.95 -3.58 -5.35
CA TRP A 78 20.28 -4.57 -6.37
C TRP A 78 20.24 -3.93 -7.76
N ALA A 79 19.19 -3.15 -8.02
CA ALA A 79 19.01 -2.49 -9.30
C ALA A 79 20.16 -1.52 -9.60
N LYS A 80 20.54 -0.73 -8.60
CA LYS A 80 21.62 0.24 -8.79
C LYS A 80 22.95 -0.47 -8.98
N SER A 81 23.14 -1.60 -8.30
CA SER A 81 24.36 -2.37 -8.40
C SER A 81 24.51 -2.98 -9.80
N THR A 82 23.39 -3.39 -10.39
CA THR A 82 23.41 -3.98 -11.73
C THR A 82 23.42 -2.90 -12.81
N GLY A 83 23.41 -1.66 -12.39
CA GLY A 83 23.41 -0.55 -13.32
C GLY A 83 22.06 -0.38 -13.99
N TYR A 84 21.02 -0.83 -13.30
CA TYR A 84 19.65 -0.77 -13.81
C TYR A 84 19.55 -1.43 -15.18
N ASP A 85 20.02 -2.67 -15.25
CA ASP A 85 19.99 -3.43 -16.48
C ASP A 85 18.57 -3.89 -16.80
N PRO A 86 18.02 -3.45 -17.94
CA PRO A 86 16.65 -3.79 -18.36
C PRO A 86 16.39 -5.30 -18.35
N VAL A 87 17.34 -6.07 -18.86
CA VAL A 87 17.20 -7.51 -18.93
C VAL A 87 17.12 -8.13 -17.53
N LYS A 88 18.04 -7.73 -16.65
CA LYS A 88 18.08 -8.24 -15.29
C LYS A 88 16.82 -7.88 -14.52
N LEU A 89 16.34 -6.66 -14.71
CA LEU A 89 15.13 -6.21 -14.03
C LEU A 89 13.92 -6.96 -14.58
N PHE A 90 13.85 -7.09 -15.90
CA PHE A 90 12.76 -7.77 -16.56
C PHE A 90 12.68 -9.23 -16.13
N THR A 91 13.83 -9.91 -16.13
CA THR A 91 13.89 -11.32 -15.76
C THR A 91 13.63 -11.53 -14.26
N LYS A 92 13.52 -10.45 -13.51
CA LYS A 92 13.25 -10.56 -12.09
C LYS A 92 11.78 -10.31 -11.83
N LEU A 93 11.35 -9.07 -12.05
CA LEU A 93 9.98 -8.64 -11.79
C LEU A 93 8.96 -9.39 -12.62
N PHE A 94 9.34 -9.86 -13.80
CA PHE A 94 8.39 -10.54 -14.67
C PHE A 94 8.73 -12.02 -14.87
N LYS A 95 9.72 -12.52 -14.14
CA LYS A 95 10.11 -13.92 -14.29
C LYS A 95 10.39 -14.58 -12.93
N ASP A 96 11.51 -14.20 -12.31
CA ASP A 96 11.91 -14.78 -11.02
C ASP A 96 10.91 -14.47 -9.91
N ASP A 97 10.50 -13.22 -9.79
CA ASP A 97 9.55 -12.81 -8.76
C ASP A 97 8.23 -13.55 -8.93
N ILE A 98 7.77 -13.63 -10.17
CA ILE A 98 6.52 -14.32 -10.47
C ILE A 98 6.66 -15.82 -10.20
N ARG A 99 7.82 -16.37 -10.53
CA ARG A 99 8.10 -17.78 -10.32
C ARG A 99 8.09 -18.09 -8.82
N TYR A 100 8.64 -17.19 -8.02
CA TYR A 100 8.69 -17.38 -6.58
C TYR A 100 7.32 -17.13 -5.98
N LEU A 101 6.51 -16.33 -6.66
CA LEU A 101 5.16 -16.02 -6.20
C LEU A 101 4.26 -17.24 -6.39
N LEU A 102 4.68 -18.15 -7.25
CA LEU A 102 3.93 -19.36 -7.54
C LEU A 102 4.08 -20.39 -6.43
N THR A 103 4.98 -20.12 -5.48
CA THR A 103 5.20 -21.04 -4.37
C THR A 103 3.96 -21.10 -3.48
N MET A 104 3.20 -20.02 -3.47
CA MET A 104 1.98 -19.95 -2.67
C MET A 104 0.85 -20.69 -3.37
N ASP A 105 0.79 -21.99 -3.14
CA ASP A 105 -0.22 -22.84 -3.77
C ASP A 105 -1.61 -22.49 -3.24
N LYS A 106 -1.68 -22.13 -1.97
CA LYS A 106 -2.96 -21.77 -1.35
C LYS A 106 -3.49 -20.44 -1.90
N LEU A 107 -2.64 -19.73 -2.61
CA LEU A 107 -3.02 -18.44 -3.18
C LEU A 107 -3.58 -18.63 -4.59
N TRP A 108 -2.96 -19.52 -5.35
CA TRP A 108 -3.39 -19.76 -6.72
C TRP A 108 -4.17 -21.06 -6.82
N ARG A 109 -5.44 -21.00 -6.44
CA ARG A 109 -6.32 -22.15 -6.50
C ARG A 109 -7.56 -21.82 -7.30
N LYS A 110 -8.27 -20.78 -6.88
CA LYS A 110 -9.48 -20.34 -7.56
C LYS A 110 -9.12 -19.45 -8.75
N ARG A 111 -8.13 -18.60 -8.54
CA ARG A 111 -7.68 -17.69 -9.58
C ARG A 111 -6.52 -18.30 -10.36
N LYS A 112 -6.47 -18.03 -11.65
CA LYS A 112 -5.40 -18.53 -12.51
C LYS A 112 -4.06 -17.93 -12.11
N PRO A 113 -3.05 -18.78 -11.87
CA PRO A 113 -1.71 -18.33 -11.49
C PRO A 113 -1.03 -17.57 -12.63
N PRO A 114 -0.24 -16.55 -12.28
CA PRO A 114 0.47 -15.74 -13.27
C PRO A 114 1.49 -16.54 -14.07
N VAL A 115 1.74 -16.12 -15.30
CA VAL A 115 2.69 -16.81 -16.16
C VAL A 115 3.94 -15.97 -16.37
N PRO A 116 5.08 -16.41 -15.80
CA PRO A 116 6.36 -15.71 -15.93
C PRO A 116 6.80 -15.60 -17.38
N LEU A 117 7.38 -14.46 -17.75
CA LEU A 117 7.83 -14.24 -19.11
C LEU A 117 9.32 -13.89 -19.14
N ASP A 118 10.06 -14.57 -19.99
CA ASP A 118 11.49 -14.32 -20.14
C ASP A 118 11.71 -13.30 -21.24
N TRP A 119 12.73 -12.47 -21.05
CA TRP A 119 13.08 -11.43 -22.01
C TRP A 119 13.35 -12.00 -23.40
N ALA A 120 13.98 -13.16 -23.45
CA ALA A 120 14.30 -13.80 -24.72
C ALA A 120 13.06 -14.27 -25.45
N GLU A 121 12.21 -15.00 -24.74
CA GLU A 121 10.98 -15.53 -25.33
C GLU A 121 10.02 -14.41 -25.69
N VAL A 122 10.11 -13.29 -25.00
CA VAL A 122 9.24 -12.15 -25.26
C VAL A 122 9.70 -11.37 -26.49
N GLN A 123 10.95 -11.57 -26.90
CA GLN A 123 11.47 -10.91 -28.08
C GLN A 123 11.04 -11.65 -29.33
N SER A 124 10.76 -12.93 -29.15
CA SER A 124 10.31 -13.78 -30.22
C SER A 124 8.88 -14.22 -29.94
N GLN A 125 7.92 -13.42 -30.39
CA GLN A 125 6.51 -13.71 -30.13
C GLN A 125 5.98 -14.75 -31.11
N GLY A 126 5.79 -15.96 -30.61
CA GLY A 126 5.27 -17.04 -31.42
C GLY A 126 4.17 -17.79 -30.71
N GLU A 127 3.58 -17.15 -29.71
CA GLU A 127 2.52 -17.76 -28.94
C GLU A 127 1.18 -17.69 -29.69
N GLU A 128 0.63 -16.48 -29.80
CA GLU A 128 -0.63 -16.28 -30.48
C GLU A 128 -0.44 -16.31 -31.99
N THR A 129 0.40 -15.41 -32.48
CA THR A 129 0.68 -15.32 -33.91
C THR A 129 2.15 -15.01 -34.15
N ASN A 130 2.91 -16.01 -34.58
CA ASN A 130 4.34 -15.87 -34.86
C ASN A 130 4.56 -14.93 -36.03
N ALA A 131 3.56 -14.81 -36.89
CA ALA A 131 3.64 -13.94 -38.07
C ALA A 131 3.50 -12.47 -37.69
N SER A 132 3.22 -12.21 -36.42
CA SER A 132 3.08 -10.84 -35.94
C SER A 132 4.27 -10.45 -35.06
N ASP A 133 5.29 -11.30 -35.05
CA ASP A 133 6.49 -11.06 -34.25
C ASP A 133 7.27 -9.87 -34.79
N GLN A 134 7.39 -9.81 -36.10
CA GLN A 134 8.11 -8.72 -36.75
C GLN A 134 7.15 -7.63 -37.21
N GLN A 135 5.88 -7.79 -36.86
CA GLN A 135 4.86 -6.83 -37.25
C GLN A 135 4.13 -6.30 -36.03
N ASN A 136 3.07 -5.54 -36.27
CA ASN A 136 2.27 -4.98 -35.19
C ASN A 136 0.82 -4.81 -35.64
N GLU A 137 -0.12 -5.09 -34.76
CA GLU A 137 -1.54 -4.99 -35.09
C GLU A 137 -1.93 -3.55 -35.39
N PRO A 138 -2.46 -3.32 -36.61
CA PRO A 138 -2.87 -1.98 -37.04
C PRO A 138 -4.14 -1.50 -36.34
N GLN A 139 -4.30 -0.19 -36.27
CA GLN A 139 -5.47 0.41 -35.64
C GLN A 139 -5.57 1.89 -36.02
N LEU A 140 -6.79 2.39 -36.15
CA LEU A 140 -7.03 3.79 -36.50
C LEU A 140 -7.48 4.56 -35.27
N GLY A 141 -7.17 5.84 -35.22
CA GLY A 141 -7.56 6.67 -34.10
C GLY A 141 -6.36 7.25 -33.38
N LEU A 142 -6.56 7.68 -32.15
CA LEU A 142 -5.48 8.26 -31.35
C LEU A 142 -4.37 7.23 -31.14
N LYS A 143 -3.15 7.59 -31.50
CA LYS A 143 -1.99 6.70 -31.38
C LYS A 143 -1.77 6.23 -29.95
N ASP A 144 -2.03 7.10 -28.99
CA ASP A 144 -1.81 6.76 -27.59
C ASP A 144 -2.98 5.96 -27.01
N GLN A 145 -4.02 5.77 -27.81
CA GLN A 145 -5.19 5.02 -27.37
C GLN A 145 -5.14 3.60 -27.93
N GLN A 146 -4.10 3.29 -28.68
CA GLN A 146 -3.95 1.96 -29.25
C GLN A 146 -3.18 1.05 -28.31
N VAL A 147 -3.71 -0.16 -28.11
CA VAL A 147 -3.07 -1.12 -27.22
C VAL A 147 -2.01 -1.91 -27.99
N LEU A 148 -0.76 -1.74 -27.60
CA LEU A 148 0.35 -2.43 -28.26
C LEU A 148 0.49 -3.85 -27.73
N ASP A 149 1.42 -4.60 -28.31
CA ASP A 149 1.66 -5.97 -27.91
C ASP A 149 2.67 -6.04 -26.77
N VAL A 150 2.82 -7.23 -26.21
CA VAL A 150 3.76 -7.45 -25.10
C VAL A 150 5.20 -7.11 -25.51
N LYS A 151 5.53 -7.35 -26.78
CA LYS A 151 6.87 -7.05 -27.28
C LYS A 151 7.17 -5.57 -27.20
N SER A 152 6.22 -4.79 -27.68
CA SER A 152 6.34 -3.33 -27.70
C SER A 152 6.51 -2.77 -26.31
N TYR A 153 5.72 -3.26 -25.36
CA TYR A 153 5.80 -2.79 -23.99
C TYR A 153 7.07 -3.29 -23.32
N ALA A 154 7.52 -4.49 -23.70
CA ALA A 154 8.74 -5.06 -23.15
C ALA A 154 9.95 -4.19 -23.51
N ARG A 155 10.05 -3.81 -24.78
CA ARG A 155 11.15 -2.98 -25.22
C ARG A 155 10.96 -1.54 -24.77
N LEU A 156 9.70 -1.12 -24.63
CA LEU A 156 9.40 0.23 -24.17
C LEU A 156 9.84 0.37 -22.71
N PHE A 157 9.59 -0.68 -21.94
CA PHE A 157 9.98 -0.70 -20.53
C PHE A 157 11.50 -0.55 -20.43
N SER A 158 12.20 -1.35 -21.22
CA SER A 158 13.65 -1.33 -21.25
C SER A 158 14.17 0.03 -21.71
N LYS A 159 13.55 0.57 -22.76
CA LYS A 159 13.94 1.87 -23.30
C LYS A 159 13.74 2.97 -22.27
N SER A 160 12.64 2.88 -21.53
CA SER A 160 12.33 3.85 -20.48
C SER A 160 13.40 3.82 -19.40
N ILE A 161 13.86 2.61 -19.07
CA ILE A 161 14.91 2.46 -18.07
C ILE A 161 16.18 3.16 -18.53
N GLU A 162 16.47 3.02 -19.83
CA GLU A 162 17.65 3.63 -20.43
C GLU A 162 17.68 5.14 -20.23
N THR A 163 16.57 5.81 -20.55
CA THR A 163 16.49 7.26 -20.40
C THR A 163 16.41 7.66 -18.93
N LEU A 164 15.82 6.81 -18.10
CA LEU A 164 15.71 7.11 -16.68
C LEU A 164 17.07 7.00 -16.00
N ARG A 165 17.90 6.08 -16.49
CA ARG A 165 19.24 5.86 -15.94
C ARG A 165 20.06 7.14 -16.01
N VAL A 166 20.08 7.77 -17.18
CA VAL A 166 20.83 9.01 -17.37
C VAL A 166 20.16 10.16 -16.65
N HIS A 167 18.83 10.13 -16.58
CA HIS A 167 18.06 11.17 -15.90
C HIS A 167 18.40 11.24 -14.42
N LEU A 168 18.66 10.07 -13.83
CA LEU A 168 19.02 9.98 -12.42
C LEU A 168 20.49 10.33 -12.23
N ALA A 169 21.33 9.80 -13.11
CA ALA A 169 22.77 10.03 -13.04
C ALA A 169 23.10 11.52 -13.17
N GLU A 170 22.35 12.22 -14.02
CA GLU A 170 22.57 13.65 -14.23
C GLU A 170 22.28 14.46 -12.96
N LYS A 171 21.46 13.90 -12.09
CA LYS A 171 21.10 14.56 -10.83
C LYS A 171 22.26 14.46 -9.84
N GLY A 172 22.90 13.31 -9.81
CA GLY A 172 24.02 13.09 -8.91
C GLY A 172 23.77 11.95 -7.95
N ASP A 173 24.71 11.73 -7.05
CA ASP A 173 24.58 10.66 -6.07
C ASP A 173 23.69 11.10 -4.92
N GLY A 174 22.89 10.17 -4.40
CA GLY A 174 21.99 10.48 -3.31
C GLY A 174 20.77 11.24 -3.77
N ALA A 175 20.56 11.29 -5.07
CA ALA A 175 19.42 11.99 -5.64
C ALA A 175 18.28 11.02 -5.91
N GLU A 176 17.06 11.53 -5.83
CA GLU A 176 15.87 10.71 -6.06
C GLU A 176 15.00 11.34 -7.13
N LEU A 177 14.49 10.51 -8.04
CA LEU A 177 13.63 11.00 -9.11
C LEU A 177 12.16 10.88 -8.72
N ILE A 178 11.46 12.01 -8.72
CA ILE A 178 10.06 12.01 -8.38
C ILE A 178 9.21 11.78 -9.63
N TRP A 179 8.45 10.68 -9.62
CA TRP A 179 7.60 10.31 -10.74
C TRP A 179 6.60 11.42 -11.07
N ASP A 180 6.46 11.72 -12.36
CA ASP A 180 5.54 12.74 -12.82
C ASP A 180 4.80 12.25 -14.05
N LYS A 181 3.49 12.45 -14.05
CA LYS A 181 2.65 12.03 -15.16
C LYS A 181 2.89 12.90 -16.39
N ASP A 182 3.52 14.06 -16.17
CA ASP A 182 3.83 14.99 -17.25
C ASP A 182 5.12 14.58 -17.96
N ASP A 183 5.91 13.74 -17.31
CA ASP A 183 7.16 13.26 -17.87
C ASP A 183 6.90 12.05 -18.77
N PRO A 184 7.34 12.10 -20.03
CA PRO A 184 7.16 11.00 -20.99
C PRO A 184 7.86 9.72 -20.57
N SER A 185 9.13 9.85 -20.20
CA SER A 185 9.95 8.71 -19.80
C SER A 185 9.34 7.97 -18.60
N ALA A 186 8.94 8.73 -17.59
CA ALA A 186 8.35 8.14 -16.39
C ALA A 186 7.00 7.50 -16.69
N MET A 187 6.26 8.11 -17.63
CA MET A 187 4.96 7.60 -18.01
C MET A 187 5.08 6.32 -18.82
N ASP A 188 6.01 6.29 -19.75
CA ASP A 188 6.22 5.10 -20.58
C ASP A 188 6.63 3.93 -19.70
N PHE A 189 7.44 4.23 -18.69
CA PHE A 189 7.91 3.23 -17.75
C PHE A 189 6.74 2.57 -17.02
N VAL A 190 5.89 3.40 -16.41
CA VAL A 190 4.75 2.89 -15.66
C VAL A 190 3.76 2.15 -16.57
N THR A 191 3.62 2.62 -17.81
CA THR A 191 2.72 2.01 -18.76
C THR A 191 3.18 0.60 -19.14
N SER A 192 4.45 0.49 -19.47
CA SER A 192 5.02 -0.79 -19.86
C SER A 192 5.05 -1.77 -18.70
N ALA A 193 5.52 -1.31 -17.54
CA ALA A 193 5.61 -2.16 -16.36
C ALA A 193 4.24 -2.72 -15.99
N ALA A 194 3.23 -1.88 -16.00
CA ALA A 194 1.88 -2.29 -15.66
C ALA A 194 1.32 -3.25 -16.70
N ASN A 195 1.54 -2.92 -17.98
CA ASN A 195 1.05 -3.75 -19.08
C ASN A 195 1.64 -5.14 -19.04
N LEU A 196 2.94 -5.23 -18.77
CA LEU A 196 3.60 -6.52 -18.70
C LEU A 196 3.06 -7.33 -17.53
N ARG A 197 2.94 -6.70 -16.37
CA ARG A 197 2.43 -7.37 -15.17
C ARG A 197 0.97 -7.81 -15.36
N MET A 198 0.16 -6.95 -15.97
CA MET A 198 -1.24 -7.25 -16.19
C MET A 198 -1.41 -8.41 -17.17
N HIS A 199 -0.51 -8.50 -18.16
CA HIS A 199 -0.56 -9.56 -19.14
C HIS A 199 -0.17 -10.89 -18.50
N ILE A 200 0.77 -10.81 -17.56
CA ILE A 200 1.25 -12.00 -16.85
C ILE A 200 0.13 -12.66 -16.04
N PHE A 201 -0.73 -11.84 -15.45
CA PHE A 201 -1.83 -12.34 -14.65
C PHE A 201 -3.06 -12.63 -15.51
N SER A 202 -2.86 -12.61 -16.83
CA SER A 202 -3.92 -12.88 -17.80
C SER A 202 -5.05 -11.85 -17.71
N MET A 203 -4.67 -10.59 -17.68
CA MET A 203 -5.60 -9.48 -17.61
C MET A 203 -5.54 -8.67 -18.90
N ASN A 204 -6.66 -8.08 -19.29
CA ASN A 204 -6.72 -7.28 -20.52
C ASN A 204 -5.72 -6.12 -20.46
N MET A 205 -5.05 -5.89 -21.56
CA MET A 205 -4.05 -4.83 -21.65
C MET A 205 -4.71 -3.49 -21.97
N LYS A 206 -4.11 -2.41 -21.51
CA LYS A 206 -4.64 -1.07 -21.74
C LYS A 206 -3.64 -0.20 -22.48
N SER A 207 -4.17 0.86 -23.09
CA SER A 207 -3.36 1.80 -23.84
C SER A 207 -2.62 2.77 -22.92
N ARG A 208 -1.64 3.48 -23.45
CA ARG A 208 -0.85 4.42 -22.68
C ARG A 208 -1.71 5.57 -22.17
N PHE A 209 -2.56 6.12 -23.03
CA PHE A 209 -3.44 7.23 -22.66
C PHE A 209 -4.38 6.82 -21.52
N ASP A 210 -4.88 5.59 -21.58
CA ASP A 210 -5.78 5.10 -20.55
C ASP A 210 -5.05 4.97 -19.22
N ILE A 211 -3.88 4.37 -19.27
CA ILE A 211 -3.07 4.19 -18.07
C ILE A 211 -2.65 5.55 -17.52
N LYS A 212 -2.27 6.46 -18.41
CA LYS A 212 -1.86 7.81 -18.03
C LYS A 212 -2.94 8.50 -17.22
N SER A 213 -4.18 8.27 -17.60
CA SER A 213 -5.32 8.88 -16.94
C SER A 213 -5.51 8.35 -15.51
N MET A 214 -5.21 7.08 -15.30
CA MET A 214 -5.38 6.48 -13.97
C MET A 214 -4.09 6.57 -13.13
N ALA A 215 -2.94 6.59 -13.81
CA ALA A 215 -1.66 6.67 -13.13
C ALA A 215 -1.46 8.03 -12.48
N GLY A 216 -1.76 9.08 -13.24
CA GLY A 216 -1.61 10.42 -12.73
C GLY A 216 -2.82 10.85 -11.93
N ASN A 217 -4.00 10.60 -12.48
CA ASN A 217 -5.29 10.93 -11.88
C ASN A 217 -5.28 12.32 -11.23
N MET B 1 12.30 11.42 23.72
CA MET B 1 12.35 12.15 25.02
C MET B 1 11.44 13.35 24.98
N SER B 2 11.10 13.88 26.16
CA SER B 2 10.23 15.04 26.28
C SER B 2 10.77 16.23 25.50
N GLY B 3 9.87 17.13 25.11
CA GLY B 3 10.26 18.30 24.35
C GLY B 3 10.13 18.06 22.86
N ILE B 4 10.90 17.09 22.36
CA ILE B 4 10.89 16.75 20.93
C ILE B 4 9.48 16.37 20.49
N ALA B 5 8.86 15.48 21.24
CA ALA B 5 7.51 15.02 20.95
C ALA B 5 6.50 16.16 21.04
N LEU B 6 6.64 16.98 22.07
CA LEU B 6 5.72 18.10 22.30
C LEU B 6 5.80 19.12 21.16
N SER B 7 7.01 19.41 20.70
CA SER B 7 7.20 20.36 19.62
C SER B 7 6.53 19.85 18.33
N ARG B 8 6.49 18.55 18.18
CA ARG B 8 5.86 17.92 17.02
C ARG B 8 4.35 17.88 17.19
N LEU B 9 3.90 17.56 18.41
CA LEU B 9 2.48 17.49 18.71
C LEU B 9 1.81 18.85 18.54
N ALA B 10 2.55 19.91 18.84
CA ALA B 10 2.04 21.26 18.70
C ALA B 10 1.74 21.55 17.24
N GLN B 11 2.55 20.99 16.35
CA GLN B 11 2.37 21.17 14.92
C GLN B 11 1.11 20.45 14.44
N GLU B 12 0.90 19.25 14.94
CA GLU B 12 -0.26 18.44 14.57
C GLU B 12 -1.56 19.17 14.88
N ARG B 13 -1.62 19.79 16.06
CA ARG B 13 -2.82 20.53 16.47
C ARG B 13 -3.10 21.69 15.51
N LYS B 14 -2.05 22.40 15.11
CA LYS B 14 -2.19 23.52 14.19
C LYS B 14 -2.60 23.05 12.81
N ALA B 15 -2.00 21.94 12.38
CA ALA B 15 -2.30 21.37 11.07
C ALA B 15 -3.73 20.87 11.01
N TRP B 16 -4.17 20.23 12.08
CA TRP B 16 -5.53 19.70 12.17
C TRP B 16 -6.53 20.85 12.18
N ARG B 17 -6.19 21.92 12.89
CA ARG B 17 -7.04 23.09 12.98
C ARG B 17 -7.16 23.79 11.64
N LYS B 18 -6.10 23.69 10.84
CA LYS B 18 -6.09 24.31 9.52
C LYS B 18 -6.92 23.50 8.53
N ASP B 19 -6.65 22.20 8.45
CA ASP B 19 -7.38 21.34 7.54
C ASP B 19 -7.53 19.94 8.11
N HIS B 20 -8.76 19.46 8.15
CA HIS B 20 -9.05 18.12 8.66
C HIS B 20 -10.29 17.56 7.96
N PRO B 21 -10.40 16.22 7.88
CA PRO B 21 -11.55 15.57 7.24
C PRO B 21 -12.87 15.93 7.92
N PHE B 22 -13.93 16.02 7.12
CA PHE B 22 -15.25 16.38 7.62
C PHE B 22 -15.78 15.30 8.56
N GLY B 23 -16.25 15.72 9.72
CA GLY B 23 -16.79 14.79 10.69
C GLY B 23 -15.74 14.24 11.64
N PHE B 24 -14.48 14.46 11.30
CA PHE B 24 -13.38 13.98 12.13
C PHE B 24 -13.06 14.98 13.23
N VAL B 25 -12.96 14.49 14.45
CA VAL B 25 -12.64 15.32 15.60
C VAL B 25 -11.37 14.85 16.27
N ALA B 26 -10.56 15.77 16.73
CA ALA B 26 -9.30 15.45 17.41
C ALA B 26 -8.83 16.62 18.25
N VAL B 27 -8.94 16.49 19.56
CA VAL B 27 -8.54 17.55 20.46
C VAL B 27 -7.79 16.97 21.66
N PRO B 28 -6.64 17.58 22.02
CA PRO B 28 -5.85 17.12 23.17
C PRO B 28 -6.60 17.35 24.49
N THR B 29 -6.46 16.41 25.40
CA THR B 29 -7.13 16.49 26.69
C THR B 29 -6.70 17.72 27.48
N LYS B 30 -7.66 18.46 27.99
CA LYS B 30 -7.36 19.63 28.79
C LYS B 30 -6.89 19.18 30.17
N ASN B 31 -5.97 19.92 30.74
CA ASN B 31 -5.43 19.58 32.05
C ASN B 31 -5.73 20.71 33.02
N PRO B 32 -6.01 20.38 34.30
CA PRO B 32 -6.30 21.36 35.36
C PRO B 32 -5.36 22.56 35.34
N ASP B 33 -5.84 23.68 35.87
CA ASP B 33 -5.09 24.94 35.94
C ASP B 33 -4.99 25.59 34.57
N GLY B 34 -5.92 25.22 33.69
CA GLY B 34 -5.96 25.77 32.35
C GLY B 34 -4.80 25.32 31.48
N THR B 35 -4.37 24.08 31.64
CA THR B 35 -3.27 23.56 30.83
C THR B 35 -3.79 22.53 29.84
N MET B 36 -2.89 21.90 29.10
CA MET B 36 -3.30 20.90 28.11
C MET B 36 -2.25 19.80 28.01
N ASN B 37 -2.72 18.56 27.99
CA ASN B 37 -1.83 17.41 27.86
C ASN B 37 -1.80 16.94 26.42
N LEU B 38 -0.66 17.11 25.77
CA LEU B 38 -0.49 16.72 24.38
C LEU B 38 -0.17 15.24 24.25
N MET B 39 -0.04 14.56 25.38
CA MET B 39 0.28 13.13 25.37
C MET B 39 -0.99 12.30 25.38
N ASN B 40 -2.13 12.97 25.31
CA ASN B 40 -3.43 12.29 25.31
C ASN B 40 -4.43 13.09 24.49
N TRP B 41 -4.86 12.51 23.38
CA TRP B 41 -5.81 13.17 22.50
C TRP B 41 -7.14 12.43 22.46
N GLU B 42 -8.23 13.20 22.37
CA GLU B 42 -9.56 12.63 22.27
C GLU B 42 -10.04 12.82 20.85
N CYS B 43 -10.06 11.76 20.08
CA CYS B 43 -10.47 11.83 18.68
C CYS B 43 -11.78 11.11 18.44
N ALA B 44 -12.49 11.53 17.42
CA ALA B 44 -13.76 10.94 17.05
C ALA B 44 -13.82 10.71 15.55
N ILE B 45 -14.15 9.49 15.16
CA ILE B 45 -14.23 9.12 13.75
C ILE B 45 -15.62 8.64 13.37
N PRO B 46 -16.24 9.29 12.39
CA PRO B 46 -17.58 8.92 11.91
C PRO B 46 -17.52 7.79 10.89
N GLY B 47 -18.57 6.98 10.86
CA GLY B 47 -18.62 5.87 9.92
C GLY B 47 -18.52 6.32 8.47
N LYS B 48 -17.85 5.51 7.66
CA LYS B 48 -17.67 5.80 6.24
C LYS B 48 -19.01 5.84 5.52
N LYS B 49 -19.21 6.86 4.69
CA LYS B 49 -20.45 7.00 3.94
C LYS B 49 -20.69 5.78 3.04
N GLY B 50 -21.91 5.25 3.09
CA GLY B 50 -22.24 4.11 2.26
C GLY B 50 -22.04 2.78 2.98
N THR B 51 -21.30 2.80 4.06
CA THR B 51 -21.04 1.58 4.81
C THR B 51 -21.98 1.48 6.02
N PRO B 52 -22.14 0.28 6.59
CA PRO B 52 -23.02 0.07 7.75
C PRO B 52 -22.57 0.84 8.99
N TRP B 53 -21.39 1.44 8.92
CA TRP B 53 -20.85 2.21 10.04
C TRP B 53 -21.29 3.66 9.94
N GLU B 54 -21.81 4.04 8.78
CA GLU B 54 -22.26 5.41 8.52
C GLU B 54 -23.23 5.91 9.59
N GLY B 55 -23.06 7.17 9.96
CA GLY B 55 -23.91 7.77 10.96
C GLY B 55 -23.31 7.71 12.34
N GLY B 56 -22.74 6.56 12.69
CA GLY B 56 -22.16 6.37 13.99
C GLY B 56 -20.87 7.14 14.19
N LEU B 57 -20.73 7.74 15.37
CA LEU B 57 -19.54 8.49 15.72
C LEU B 57 -18.77 7.72 16.77
N PHE B 58 -17.60 7.22 16.40
CA PHE B 58 -16.78 6.43 17.30
C PHE B 58 -15.63 7.25 17.87
N LYS B 59 -15.54 7.30 19.18
CA LYS B 59 -14.49 8.05 19.85
C LYS B 59 -13.36 7.13 20.31
N LEU B 60 -12.13 7.56 20.08
CA LEU B 60 -10.97 6.79 20.48
C LEU B 60 -9.96 7.69 21.16
N ARG B 61 -9.17 7.12 22.05
CA ARG B 61 -8.17 7.85 22.79
C ARG B 61 -6.78 7.60 22.21
N MET B 62 -6.07 8.68 21.93
CA MET B 62 -4.73 8.58 21.36
C MET B 62 -3.69 8.87 22.43
N LEU B 63 -2.95 7.85 22.84
CA LEU B 63 -1.91 8.01 23.84
C LEU B 63 -0.54 8.12 23.18
N PHE B 64 0.13 9.22 23.42
CA PHE B 64 1.45 9.46 22.85
C PHE B 64 2.54 9.25 23.90
N LYS B 65 3.73 8.92 23.42
CA LYS B 65 4.87 8.69 24.30
C LYS B 65 5.92 9.78 24.09
N ASP B 66 6.87 9.86 25.01
CA ASP B 66 7.95 10.85 24.89
C ASP B 66 8.89 10.46 23.77
N ASP B 67 8.83 9.20 23.38
CA ASP B 67 9.68 8.68 22.31
C ASP B 67 9.24 9.18 20.94
N TYR B 68 8.05 9.77 20.89
CA TYR B 68 7.49 10.31 19.65
C TYR B 68 8.47 11.30 19.03
N PRO B 69 8.58 11.34 17.69
CA PRO B 69 7.81 10.50 16.78
C PRO B 69 8.53 9.21 16.38
N SER B 70 9.43 8.74 17.22
CA SER B 70 10.15 7.50 16.93
C SER B 70 9.22 6.31 17.05
N SER B 71 8.30 6.38 18.00
CA SER B 71 7.34 5.32 18.23
C SER B 71 5.92 5.80 17.88
N PRO B 72 5.02 4.87 17.50
CA PRO B 72 3.64 5.22 17.15
C PRO B 72 2.75 5.38 18.38
N PRO B 73 1.69 6.19 18.26
CA PRO B 73 0.76 6.43 19.36
C PRO B 73 -0.22 5.27 19.55
N LYS B 74 -0.56 4.98 20.78
CA LYS B 74 -1.49 3.90 21.08
C LYS B 74 -2.92 4.41 21.01
N CYS B 75 -3.66 3.89 20.03
CA CYS B 75 -5.04 4.29 19.85
C CYS B 75 -5.99 3.27 20.46
N LYS B 76 -6.76 3.69 21.46
CA LYS B 76 -7.70 2.82 22.14
C LYS B 76 -9.11 3.35 22.00
N PHE B 77 -10.00 2.55 21.44
CA PHE B 77 -11.39 2.94 21.26
C PHE B 77 -12.10 3.04 22.61
N GLU B 78 -12.98 4.02 22.75
CA GLU B 78 -13.71 4.23 23.99
C GLU B 78 -15.22 4.25 23.71
N PRO B 79 -15.95 3.15 23.97
CA PRO B 79 -15.39 1.90 24.50
C PRO B 79 -14.98 0.94 23.37
N PRO B 80 -14.38 -0.23 23.73
CA PRO B 80 -13.98 -1.24 22.74
C PRO B 80 -15.12 -1.57 21.78
N LEU B 81 -14.83 -1.53 20.48
CA LEU B 81 -15.84 -1.80 19.47
C LEU B 81 -15.71 -3.20 18.90
N PHE B 82 -16.79 -3.63 18.25
CA PHE B 82 -16.86 -4.94 17.61
C PHE B 82 -16.15 -4.87 16.26
N HIS B 83 -14.88 -5.25 16.24
CA HIS B 83 -14.09 -5.22 15.02
C HIS B 83 -12.92 -6.18 15.14
N PRO B 84 -12.70 -7.04 14.12
CA PRO B 84 -11.60 -8.03 14.11
C PRO B 84 -10.23 -7.45 14.44
N ASN B 85 -9.94 -6.25 13.95
CA ASN B 85 -8.64 -5.62 14.19
C ASN B 85 -8.65 -4.75 15.45
N VAL B 86 -9.62 -4.98 16.32
CA VAL B 86 -9.72 -4.22 17.56
C VAL B 86 -9.61 -5.16 18.75
N TYR B 87 -8.66 -4.89 19.62
CA TYR B 87 -8.44 -5.70 20.80
C TYR B 87 -9.58 -5.51 21.80
N PRO B 88 -9.87 -6.53 22.62
CA PRO B 88 -10.93 -6.45 23.63
C PRO B 88 -10.66 -5.35 24.64
N SER B 89 -9.40 -4.92 24.69
CA SER B 89 -8.97 -3.86 25.59
C SER B 89 -9.32 -2.49 25.00
N GLY B 90 -9.60 -2.46 23.70
CA GLY B 90 -9.95 -1.22 23.03
C GLY B 90 -8.92 -0.80 22.01
N THR B 91 -7.69 -1.29 22.16
CA THR B 91 -6.60 -0.96 21.26
C THR B 91 -6.90 -1.38 19.82
N VAL B 92 -6.53 -0.54 18.87
CA VAL B 92 -6.75 -0.81 17.46
C VAL B 92 -5.45 -1.26 16.81
N CYS B 93 -5.49 -2.37 16.08
CA CYS B 93 -4.31 -2.88 15.40
C CYS B 93 -4.23 -2.29 14.01
N LEU B 94 -3.07 -1.75 13.66
CA LEU B 94 -2.84 -1.14 12.36
C LEU B 94 -1.36 -1.22 12.02
N SER B 95 -1.06 -1.49 10.75
CA SER B 95 0.32 -1.63 10.29
C SER B 95 1.15 -0.38 10.56
N ILE B 96 0.62 0.79 10.23
CA ILE B 96 1.34 2.04 10.44
C ILE B 96 1.32 2.46 11.90
N LEU B 97 0.72 1.64 12.75
CA LEU B 97 0.65 1.93 14.18
C LEU B 97 1.63 1.04 14.93
N GLU B 98 2.42 0.31 14.16
CA GLU B 98 3.43 -0.58 14.72
C GLU B 98 4.81 -0.17 14.26
N GLU B 99 5.68 0.12 15.21
CA GLU B 99 7.05 0.56 14.91
C GLU B 99 7.83 -0.51 14.18
N ASP B 100 7.46 -1.77 14.41
CA ASP B 100 8.13 -2.90 13.79
C ASP B 100 7.55 -3.21 12.41
N LYS B 101 6.55 -2.44 11.98
CA LYS B 101 5.93 -2.71 10.70
C LYS B 101 5.99 -1.53 9.73
N ASP B 102 5.04 -0.60 9.82
CA ASP B 102 5.00 0.52 8.88
C ASP B 102 4.90 1.88 9.55
N TRP B 103 5.70 2.14 10.56
CA TRP B 103 5.66 3.44 11.21
C TRP B 103 6.78 4.33 10.71
N ARG B 104 6.41 5.46 10.16
CA ARG B 104 7.36 6.44 9.66
C ARG B 104 7.10 7.77 10.33
N PRO B 105 8.15 8.41 10.89
CA PRO B 105 8.03 9.70 11.60
C PRO B 105 7.26 10.77 10.82
N ALA B 106 7.30 10.69 9.49
CA ALA B 106 6.61 11.67 8.64
C ALA B 106 5.09 11.53 8.70
N ILE B 107 4.62 10.41 9.25
CA ILE B 107 3.18 10.18 9.36
C ILE B 107 2.57 11.14 10.37
N THR B 108 1.53 11.84 9.93
CA THR B 108 0.83 12.79 10.78
C THR B 108 -0.40 12.15 11.41
N ILE B 109 -0.90 12.76 12.48
CA ILE B 109 -2.08 12.25 13.19
C ILE B 109 -3.26 12.09 12.23
N LYS B 110 -3.37 13.03 11.29
CA LYS B 110 -4.43 13.04 10.30
C LYS B 110 -4.43 11.77 9.45
N GLN B 111 -3.24 11.27 9.14
CA GLN B 111 -3.10 10.05 8.33
C GLN B 111 -3.60 8.83 9.08
N ILE B 112 -3.25 8.75 10.36
CA ILE B 112 -3.63 7.62 11.20
C ILE B 112 -5.15 7.55 11.37
N LEU B 113 -5.77 8.69 11.65
CA LEU B 113 -7.22 8.74 11.84
C LEU B 113 -7.95 8.27 10.58
N LEU B 114 -7.47 8.68 9.42
CA LEU B 114 -8.08 8.28 8.16
C LEU B 114 -7.94 6.78 7.95
N GLY B 115 -6.80 6.23 8.35
CA GLY B 115 -6.57 4.81 8.20
C GLY B 115 -7.50 3.98 9.07
N ILE B 116 -7.80 4.49 10.27
CA ILE B 116 -8.69 3.81 11.20
C ILE B 116 -10.10 3.74 10.62
N GLN B 117 -10.54 4.81 9.97
CA GLN B 117 -11.87 4.86 9.37
C GLN B 117 -11.98 3.84 8.24
N GLU B 118 -10.93 3.74 7.45
CA GLU B 118 -10.91 2.79 6.34
C GLU B 118 -10.91 1.36 6.85
N LEU B 119 -10.26 1.13 7.99
CA LEU B 119 -10.18 -0.19 8.59
C LEU B 119 -11.55 -0.69 9.04
N LEU B 120 -12.47 0.24 9.30
CA LEU B 120 -13.81 -0.11 9.77
C LEU B 120 -14.50 -1.09 8.82
N ASN B 121 -14.74 -0.65 7.58
CA ASN B 121 -15.41 -1.49 6.59
C ASN B 121 -14.42 -2.40 5.87
N GLU B 122 -13.14 -2.09 5.98
CA GLU B 122 -12.11 -2.90 5.35
C GLU B 122 -11.15 -3.45 6.39
N PRO B 123 -11.54 -4.54 7.07
CA PRO B 123 -10.73 -5.17 8.11
C PRO B 123 -9.75 -6.19 7.53
N ASN B 124 -8.56 -6.23 8.11
CA ASN B 124 -7.53 -7.16 7.67
C ASN B 124 -7.77 -8.52 8.31
N ILE B 125 -8.10 -9.51 7.48
CA ILE B 125 -8.37 -10.86 7.95
C ILE B 125 -7.08 -11.57 8.40
N GLN B 126 -5.97 -10.87 8.29
CA GLN B 126 -4.68 -11.41 8.69
C GLN B 126 -4.47 -11.25 10.19
N ASP B 127 -4.89 -10.10 10.74
CA ASP B 127 -4.72 -9.81 12.16
C ASP B 127 -6.01 -10.07 12.93
N PRO B 128 -6.08 -11.18 13.67
CA PRO B 128 -7.23 -11.54 14.46
C PRO B 128 -7.12 -11.05 15.91
N ALA B 129 -7.31 -9.75 16.10
CA ALA B 129 -7.23 -9.15 17.43
C ALA B 129 -8.44 -9.52 18.26
N GLN B 130 -9.62 -9.43 17.66
CA GLN B 130 -10.86 -9.78 18.34
C GLN B 130 -11.37 -11.11 17.80
N ALA B 131 -11.13 -12.17 18.56
CA ALA B 131 -11.51 -13.53 18.18
C ALA B 131 -12.98 -13.64 17.78
N GLU B 132 -13.87 -13.10 18.60
CA GLU B 132 -15.30 -13.17 18.32
C GLU B 132 -15.64 -12.54 16.98
N ALA B 133 -15.28 -11.27 16.83
CA ALA B 133 -15.54 -10.53 15.61
C ALA B 133 -14.89 -11.19 14.40
N TYR B 134 -13.67 -11.68 14.60
CA TYR B 134 -12.91 -12.34 13.54
C TYR B 134 -13.63 -13.60 13.06
N THR B 135 -14.15 -14.37 14.00
CA THR B 135 -14.85 -15.61 13.68
C THR B 135 -16.18 -15.32 12.98
N ILE B 136 -16.99 -14.43 13.57
CA ILE B 136 -18.29 -14.09 13.01
C ILE B 136 -18.15 -13.55 11.58
N TYR B 137 -17.13 -12.74 11.37
CA TYR B 137 -16.88 -12.14 10.06
C TYR B 137 -16.60 -13.20 8.98
N CYS B 138 -16.10 -14.35 9.39
CA CYS B 138 -15.77 -15.41 8.44
C CYS B 138 -16.83 -16.51 8.39
N GLN B 139 -17.61 -16.68 9.46
CA GLN B 139 -18.62 -17.73 9.47
C GLN B 139 -19.98 -17.24 9.01
N ASN B 140 -20.33 -16.00 9.34
CA ASN B 140 -21.62 -15.46 8.96
C ASN B 140 -21.55 -13.94 8.78
N ARG B 141 -21.51 -13.50 7.53
CA ARG B 141 -21.42 -12.08 7.23
C ARG B 141 -22.71 -11.36 7.61
N VAL B 142 -23.83 -12.07 7.51
CA VAL B 142 -25.13 -11.48 7.84
C VAL B 142 -25.18 -11.11 9.33
N GLU B 143 -24.74 -12.05 10.17
CA GLU B 143 -24.72 -11.82 11.61
C GLU B 143 -23.75 -10.71 11.96
N TYR B 144 -22.72 -10.56 11.14
CA TYR B 144 -21.73 -9.52 11.34
C TYR B 144 -22.33 -8.15 11.03
N GLU B 145 -23.01 -8.07 9.90
CA GLU B 145 -23.65 -6.83 9.46
C GLU B 145 -24.66 -6.33 10.49
N LYS B 146 -25.45 -7.26 11.03
CA LYS B 146 -26.47 -6.92 12.02
C LYS B 146 -25.84 -6.20 13.21
N ARG B 147 -24.76 -6.78 13.74
CA ARG B 147 -24.05 -6.22 14.88
C ARG B 147 -23.46 -4.86 14.55
N VAL B 148 -22.92 -4.74 13.34
CA VAL B 148 -22.32 -3.48 12.90
C VAL B 148 -23.38 -2.39 12.79
N ARG B 149 -24.51 -2.72 12.17
CA ARG B 149 -25.60 -1.77 12.00
C ARG B 149 -26.10 -1.28 13.36
N ALA B 150 -26.27 -2.20 14.29
CA ALA B 150 -26.73 -1.87 15.63
C ALA B 150 -25.72 -1.00 16.36
N GLN B 151 -24.44 -1.31 16.16
CA GLN B 151 -23.35 -0.59 16.78
C GLN B 151 -23.32 0.86 16.28
N ALA B 152 -23.43 1.02 14.98
CA ALA B 152 -23.41 2.36 14.38
C ALA B 152 -24.61 3.19 14.82
N LYS B 153 -25.74 2.52 15.03
CA LYS B 153 -26.95 3.19 15.47
C LYS B 153 -26.87 3.56 16.94
N LYS B 154 -26.01 2.85 17.67
CA LYS B 154 -25.83 3.08 19.09
C LYS B 154 -24.98 4.31 19.35
N PHE B 155 -23.98 4.53 18.50
CA PHE B 155 -23.07 5.67 18.66
C PHE B 155 -23.45 6.81 17.72
N ALA B 156 -24.69 6.81 17.25
CA ALA B 156 -25.16 7.85 16.35
C ALA B 156 -25.36 9.15 17.11
N PRO B 157 -25.15 10.31 16.45
CA PRO B 157 -25.32 11.62 17.08
C PRO B 157 -26.75 11.88 17.53
N SER B 158 -26.92 12.14 18.81
CA SER B 158 -28.23 12.40 19.37
C SER B 158 -28.09 13.31 20.59
N THR A 1 -14.58 11.04 -3.74
CA THR A 1 -13.22 10.72 -3.26
C THR A 1 -12.62 9.60 -4.11
N GLN A 2 -11.30 9.61 -4.24
CA GLN A 2 -10.60 8.59 -5.00
C GLN A 2 -10.64 7.25 -4.26
N ARG A 3 -10.49 6.16 -4.99
CA ARG A 3 -10.51 4.84 -4.37
C ARG A 3 -9.10 4.33 -4.15
N THR A 4 -8.82 3.92 -2.92
CA THR A 4 -7.51 3.41 -2.55
C THR A 4 -7.37 1.94 -2.94
N PHE A 5 -6.14 1.54 -3.20
CA PHE A 5 -5.87 0.16 -3.59
C PHE A 5 -4.87 -0.46 -2.61
N PRO A 6 -5.35 -1.38 -1.74
CA PRO A 6 -4.50 -2.06 -0.75
C PRO A 6 -3.27 -2.69 -1.38
N GLY A 7 -2.13 -2.60 -0.70
CA GLY A 7 -0.89 -3.15 -1.20
C GLY A 7 -1.00 -4.62 -1.56
N CYS A 8 -1.79 -5.36 -0.79
CA CYS A 8 -1.99 -6.79 -1.03
C CYS A 8 -2.55 -7.06 -2.44
N THR A 9 -3.47 -6.21 -2.88
CA THR A 9 -4.10 -6.38 -4.18
C THR A 9 -3.27 -5.69 -5.26
N ILE A 10 -2.12 -5.17 -4.86
CA ILE A 10 -1.21 -4.53 -5.79
C ILE A 10 -0.01 -5.43 -6.03
N ARG A 11 0.51 -6.01 -4.95
CA ARG A 11 1.66 -6.90 -5.00
C ARG A 11 1.29 -8.28 -5.52
N ASN A 12 0.18 -8.82 -5.04
CA ASN A 12 -0.24 -10.16 -5.42
C ASN A 12 -1.28 -10.20 -6.54
N THR A 13 -2.53 -9.92 -6.21
CA THR A 13 -3.62 -9.99 -7.18
C THR A 13 -4.05 -8.63 -7.73
N PRO A 14 -3.53 -8.25 -8.91
CA PRO A 14 -3.87 -7.01 -9.57
C PRO A 14 -5.06 -7.21 -10.52
N SER A 15 -6.22 -7.44 -9.91
CA SER A 15 -7.47 -7.69 -10.63
C SER A 15 -7.75 -6.68 -11.73
N GLU A 16 -7.85 -5.41 -11.36
CA GLU A 16 -8.14 -4.35 -12.32
C GLU A 16 -6.88 -3.81 -12.97
N PRO A 17 -6.99 -3.37 -14.23
CA PRO A 17 -5.86 -2.80 -14.99
C PRO A 17 -5.18 -1.65 -14.26
N ILE A 18 -5.97 -0.85 -13.54
CA ILE A 18 -5.45 0.28 -12.79
C ILE A 18 -4.47 -0.19 -11.72
N HIS A 19 -4.61 -1.45 -11.29
CA HIS A 19 -3.72 -2.00 -10.27
C HIS A 19 -2.32 -2.17 -10.85
N CYS A 20 -2.26 -2.52 -12.12
CA CYS A 20 -0.99 -2.71 -12.81
C CYS A 20 -0.30 -1.36 -12.98
N ILE A 21 -1.09 -0.32 -13.19
CA ILE A 21 -0.58 1.03 -13.35
C ILE A 21 -0.02 1.54 -12.02
N VAL A 22 -0.79 1.31 -10.95
CA VAL A 22 -0.37 1.72 -9.61
C VAL A 22 0.91 0.98 -9.22
N TRP A 23 0.97 -0.30 -9.56
CA TRP A 23 2.13 -1.13 -9.28
C TRP A 23 3.37 -0.55 -9.97
N ALA A 24 3.20 -0.14 -11.22
CA ALA A 24 4.27 0.45 -11.99
C ALA A 24 4.71 1.78 -11.39
N LYS A 25 3.73 2.56 -10.92
CA LYS A 25 4.03 3.85 -10.30
C LYS A 25 4.81 3.62 -9.01
N TYR A 26 4.48 2.55 -8.31
CA TYR A 26 5.16 2.19 -7.07
C TYR A 26 6.59 1.75 -7.38
N LEU A 27 6.73 0.99 -8.46
CA LEU A 27 8.03 0.49 -8.91
C LEU A 27 9.01 1.65 -9.12
N PHE A 28 8.53 2.70 -9.78
CA PHE A 28 9.35 3.88 -10.04
C PHE A 28 9.77 4.53 -8.73
N ASN A 29 8.82 4.65 -7.81
CA ASN A 29 9.07 5.27 -6.51
C ASN A 29 9.92 4.37 -5.62
N GLN A 30 10.11 3.12 -6.03
CA GLN A 30 10.89 2.17 -5.26
C GLN A 30 12.29 2.02 -5.82
N LEU A 31 12.53 2.58 -6.99
CA LEU A 31 13.84 2.48 -7.61
C LEU A 31 14.50 3.85 -7.77
N PHE A 32 13.69 4.86 -8.05
CA PHE A 32 14.23 6.21 -8.24
C PHE A 32 13.63 7.20 -7.25
N GLY A 33 12.50 6.86 -6.64
CA GLY A 33 11.87 7.78 -5.70
C GLY A 33 12.05 7.38 -4.26
N GLU A 34 11.15 7.89 -3.41
CA GLU A 34 11.19 7.60 -1.98
C GLU A 34 10.31 6.39 -1.69
N GLU A 35 10.94 5.28 -1.38
CA GLU A 35 10.26 4.03 -1.11
C GLU A 35 9.49 4.10 0.21
N ASP A 36 8.28 3.56 0.20
CA ASP A 36 7.45 3.53 1.38
C ASP A 36 7.28 2.09 1.85
N ALA A 37 7.11 1.91 3.15
CA ALA A 37 6.96 0.58 3.74
C ALA A 37 5.76 -0.17 3.17
N ASP A 38 4.67 0.55 2.91
CA ASP A 38 3.46 -0.06 2.37
C ASP A 38 3.56 -0.18 0.85
N GLN A 39 4.22 0.78 0.22
CA GLN A 39 4.38 0.78 -1.24
C GLN A 39 5.51 -0.15 -1.68
N GLU A 40 5.61 -1.29 -1.03
CA GLU A 40 6.66 -2.26 -1.35
C GLU A 40 6.35 -2.96 -2.68
N VAL A 41 7.28 -2.84 -3.62
CA VAL A 41 7.13 -3.46 -4.93
C VAL A 41 7.82 -4.81 -4.94
N SER A 42 8.67 -5.02 -3.94
CA SER A 42 9.42 -6.24 -3.79
C SER A 42 8.50 -7.40 -3.40
N PRO A 43 8.87 -8.64 -3.78
CA PRO A 43 8.09 -9.84 -3.46
C PRO A 43 7.85 -9.97 -1.96
N ASP A 44 6.58 -9.94 -1.59
CA ASP A 44 6.16 -10.04 -0.19
C ASP A 44 6.76 -11.27 0.48
N ARG A 45 7.39 -11.06 1.63
CA ARG A 45 8.03 -12.16 2.36
C ARG A 45 7.31 -12.43 3.68
N ALA A 46 6.20 -11.74 3.91
CA ALA A 46 5.43 -11.93 5.12
C ALA A 46 4.40 -13.02 4.89
N ASP A 47 4.05 -13.20 3.61
CA ASP A 47 3.10 -14.20 3.16
C ASP A 47 1.68 -13.85 3.62
N PRO A 48 0.81 -13.48 2.68
CA PRO A 48 -0.57 -13.11 2.98
C PRO A 48 -1.44 -14.30 3.41
N GLU A 49 -0.88 -15.50 3.40
CA GLU A 49 -1.63 -16.70 3.78
C GLU A 49 -0.91 -17.51 4.85
N ALA A 50 0.36 -17.79 4.63
CA ALA A 50 1.15 -18.58 5.57
C ALA A 50 2.09 -17.67 6.35
N ALA A 51 3.14 -18.25 6.94
CA ALA A 51 4.12 -17.49 7.71
C ALA A 51 3.44 -16.68 8.82
N TRP A 52 3.72 -15.38 8.87
CA TRP A 52 3.13 -14.52 9.90
C TRP A 52 3.30 -13.04 9.53
N GLU A 53 2.23 -12.28 9.69
CA GLU A 53 2.20 -10.85 9.39
C GLU A 53 3.24 -10.03 10.18
N PRO A 54 3.45 -10.29 11.50
CA PRO A 54 2.78 -11.33 12.27
C PRO A 54 1.54 -10.85 13.01
N THR A 55 0.98 -11.75 13.79
CA THR A 55 -0.20 -11.46 14.58
C THR A 55 -0.13 -12.26 15.88
N GLU A 56 0.13 -13.56 15.76
CA GLU A 56 0.25 -14.44 16.91
C GLU A 56 1.73 -14.67 17.18
N ALA A 57 2.47 -13.55 17.24
CA ALA A 57 3.93 -13.55 17.47
C ALA A 57 4.67 -13.99 16.20
N GLU A 58 5.73 -13.26 15.87
CA GLU A 58 6.52 -13.54 14.68
C GLU A 58 7.20 -14.91 14.76
N ALA A 59 7.49 -15.49 13.62
CA ALA A 59 8.16 -16.78 13.57
C ALA A 59 9.61 -16.60 14.00
N ARG A 60 10.12 -15.41 13.73
CA ARG A 60 11.49 -15.04 14.09
C ARG A 60 11.43 -14.02 15.21
N ALA A 61 10.51 -14.23 16.14
CA ALA A 61 10.31 -13.32 17.27
C ALA A 61 11.41 -13.49 18.32
N ARG A 62 11.80 -14.75 18.55
CA ARG A 62 12.84 -15.04 19.52
C ARG A 62 14.21 -15.01 18.85
N ALA A 63 14.36 -15.83 17.82
CA ALA A 63 15.60 -15.90 17.07
C ALA A 63 15.50 -15.01 15.85
N SER A 64 15.65 -13.71 16.07
CA SER A 64 15.55 -12.74 14.99
C SER A 64 16.89 -12.57 14.27
N ASN A 65 16.82 -12.55 12.94
CA ASN A 65 17.99 -12.36 12.12
C ASN A 65 17.99 -10.92 11.61
N GLU A 66 16.78 -10.39 11.49
CA GLU A 66 16.56 -9.03 11.04
C GLU A 66 16.47 -8.09 12.24
N ASP A 67 16.64 -6.81 12.01
CA ASP A 67 16.60 -5.82 13.09
C ASP A 67 15.81 -4.58 12.65
N GLY A 68 14.85 -4.19 13.47
CA GLY A 68 14.05 -3.01 13.16
C GLY A 68 12.84 -3.34 12.31
N ASP A 69 13.04 -4.16 11.30
CA ASP A 69 11.96 -4.56 10.40
C ASP A 69 11.61 -6.02 10.61
N ILE A 70 10.45 -6.41 10.13
CA ILE A 70 10.01 -7.79 10.26
C ILE A 70 10.37 -8.60 9.02
N LYS A 71 9.74 -8.28 7.89
CA LYS A 71 10.01 -8.99 6.64
C LYS A 71 9.95 -8.03 5.46
N ARG A 72 11.12 -7.67 4.93
CA ARG A 72 11.20 -6.76 3.79
C ARG A 72 12.59 -6.81 3.17
N ILE A 73 12.73 -6.18 2.01
CA ILE A 73 14.01 -6.13 1.31
C ILE A 73 14.08 -4.86 0.47
N SER A 74 15.22 -4.17 0.52
CA SER A 74 15.39 -2.94 -0.23
C SER A 74 15.82 -3.24 -1.67
N THR A 75 14.84 -3.33 -2.57
CA THR A 75 15.11 -3.60 -3.97
C THR A 75 15.85 -2.44 -4.63
N LYS A 76 15.66 -1.24 -4.08
CA LYS A 76 16.32 -0.04 -4.60
C LYS A 76 17.84 -0.23 -4.58
N GLU A 77 18.33 -0.85 -3.52
CA GLU A 77 19.75 -1.10 -3.36
C GLU A 77 20.23 -2.10 -4.42
N TRP A 78 19.46 -3.16 -4.59
CA TRP A 78 19.78 -4.21 -5.56
C TRP A 78 19.84 -3.62 -6.97
N ALA A 79 18.84 -2.82 -7.31
CA ALA A 79 18.77 -2.21 -8.64
C ALA A 79 19.97 -1.28 -8.87
N LYS A 80 20.37 -0.56 -7.84
CA LYS A 80 21.50 0.34 -7.94
C LYS A 80 22.81 -0.43 -8.03
N SER A 81 22.88 -1.54 -7.30
CA SER A 81 24.07 -2.39 -7.28
C SER A 81 24.27 -3.13 -8.60
N THR A 82 23.21 -3.22 -9.39
CA THR A 82 23.29 -3.88 -10.68
C THR A 82 23.42 -2.85 -11.80
N GLY A 83 23.46 -1.59 -11.41
CA GLY A 83 23.57 -0.51 -12.38
C GLY A 83 22.31 -0.31 -13.17
N TYR A 84 21.17 -0.67 -12.57
CA TYR A 84 19.87 -0.56 -13.21
C TYR A 84 19.86 -1.28 -14.54
N ASP A 85 20.13 -2.58 -14.50
CA ASP A 85 20.15 -3.40 -15.70
C ASP A 85 18.75 -3.85 -16.06
N PRO A 86 18.28 -3.45 -17.25
CA PRO A 86 16.93 -3.80 -17.74
C PRO A 86 16.68 -5.31 -17.77
N VAL A 87 17.68 -6.06 -18.21
CA VAL A 87 17.57 -7.51 -18.30
C VAL A 87 17.35 -8.13 -16.93
N LYS A 88 18.18 -7.75 -15.96
CA LYS A 88 18.08 -8.27 -14.61
C LYS A 88 16.75 -7.89 -13.97
N LEU A 89 16.34 -6.65 -14.18
CA LEU A 89 15.08 -6.16 -13.63
C LEU A 89 13.89 -6.89 -14.26
N PHE A 90 13.92 -7.06 -15.57
CA PHE A 90 12.86 -7.75 -16.29
C PHE A 90 12.74 -9.21 -15.86
N THR A 91 13.87 -9.91 -15.85
CA THR A 91 13.88 -11.33 -15.48
C THR A 91 13.57 -11.55 -14.00
N LYS A 92 13.44 -10.47 -13.24
CA LYS A 92 13.13 -10.58 -11.84
C LYS A 92 11.68 -10.20 -11.59
N LEU A 93 11.34 -8.96 -11.90
CA LEU A 93 9.99 -8.44 -11.68
C LEU A 93 8.94 -9.13 -12.54
N PHE A 94 9.31 -9.57 -13.74
CA PHE A 94 8.34 -10.17 -14.64
C PHE A 94 8.58 -11.67 -14.83
N LYS A 95 9.47 -12.24 -14.04
CA LYS A 95 9.76 -13.66 -14.16
C LYS A 95 9.97 -14.31 -12.80
N ASP A 96 11.06 -13.91 -12.14
CA ASP A 96 11.40 -14.46 -10.82
C ASP A 96 10.31 -14.23 -9.79
N ASP A 97 9.93 -12.97 -9.62
CA ASP A 97 8.91 -12.59 -8.65
C ASP A 97 7.56 -13.20 -9.01
N ILE A 98 7.32 -13.41 -10.30
CA ILE A 98 6.07 -14.03 -10.74
C ILE A 98 6.05 -15.50 -10.33
N ARG A 99 7.21 -16.13 -10.45
CA ARG A 99 7.38 -17.53 -10.07
C ARG A 99 7.19 -17.67 -8.57
N TYR A 100 7.75 -16.71 -7.84
CA TYR A 100 7.63 -16.69 -6.39
C TYR A 100 6.19 -16.44 -5.98
N LEU A 101 5.50 -15.63 -6.78
CA LEU A 101 4.10 -15.32 -6.52
C LEU A 101 3.27 -16.58 -6.74
N LEU A 102 3.70 -17.40 -7.69
CA LEU A 102 3.00 -18.65 -8.03
C LEU A 102 3.20 -19.69 -6.93
N THR A 103 4.19 -19.46 -6.07
CA THR A 103 4.48 -20.38 -4.96
C THR A 103 3.29 -20.43 -4.00
N MET A 104 2.52 -19.35 -3.97
CA MET A 104 1.34 -19.26 -3.12
C MET A 104 0.19 -20.03 -3.75
N ASP A 105 0.07 -21.30 -3.37
CA ASP A 105 -0.97 -22.19 -3.91
C ASP A 105 -2.36 -21.76 -3.47
N LYS A 106 -2.43 -21.10 -2.33
CA LYS A 106 -3.69 -20.65 -1.77
C LYS A 106 -4.11 -19.29 -2.34
N LEU A 107 -3.24 -18.70 -3.15
CA LEU A 107 -3.53 -17.38 -3.73
C LEU A 107 -4.18 -17.52 -5.10
N TRP A 108 -3.83 -18.58 -5.81
CA TRP A 108 -4.38 -18.82 -7.15
C TRP A 108 -5.26 -20.05 -7.15
N ARG A 109 -6.54 -19.86 -6.85
CA ARG A 109 -7.49 -20.96 -6.81
C ARG A 109 -8.66 -20.68 -7.75
N LYS A 110 -9.26 -19.51 -7.62
CA LYS A 110 -10.38 -19.12 -8.44
C LYS A 110 -9.89 -18.38 -9.69
N ARG A 111 -8.96 -17.46 -9.49
CA ARG A 111 -8.40 -16.68 -10.58
C ARG A 111 -7.28 -17.47 -11.27
N LYS A 112 -7.19 -17.31 -12.59
CA LYS A 112 -6.15 -17.99 -13.35
C LYS A 112 -4.77 -17.49 -12.94
N PRO A 113 -3.86 -18.40 -12.57
CA PRO A 113 -2.51 -18.05 -12.16
C PRO A 113 -1.73 -17.36 -13.27
N PRO A 114 -0.88 -16.38 -12.92
CA PRO A 114 -0.07 -15.64 -13.88
C PRO A 114 1.05 -16.48 -14.50
N VAL A 115 1.63 -15.98 -15.58
CA VAL A 115 2.72 -16.66 -16.25
C VAL A 115 3.95 -15.76 -16.32
N PRO A 116 5.12 -16.29 -15.93
CA PRO A 116 6.38 -15.52 -15.95
C PRO A 116 6.86 -15.26 -17.37
N LEU A 117 7.29 -14.03 -17.62
CA LEU A 117 7.80 -13.65 -18.93
C LEU A 117 9.32 -13.61 -18.92
N ASP A 118 9.93 -14.30 -19.86
CA ASP A 118 11.39 -14.34 -19.94
C ASP A 118 11.89 -13.34 -20.97
N TRP A 119 12.97 -12.65 -20.63
CA TRP A 119 13.55 -11.64 -21.50
C TRP A 119 13.95 -12.22 -22.85
N ALA A 120 14.62 -13.35 -22.84
CA ALA A 120 15.08 -13.98 -24.06
C ALA A 120 13.90 -14.52 -24.88
N GLU A 121 12.89 -15.03 -24.18
CA GLU A 121 11.71 -15.57 -24.84
C GLU A 121 10.90 -14.46 -25.51
N VAL A 122 10.81 -13.31 -24.84
CA VAL A 122 10.05 -12.18 -25.37
C VAL A 122 10.81 -11.50 -26.51
N GLN A 123 12.13 -11.65 -26.52
CA GLN A 123 12.95 -11.07 -27.58
C GLN A 123 13.05 -12.03 -28.76
N SER A 124 12.37 -13.15 -28.63
CA SER A 124 12.32 -14.17 -29.67
C SER A 124 10.97 -14.87 -29.60
N GLN A 125 9.92 -14.06 -29.53
CA GLN A 125 8.56 -14.55 -29.43
C GLN A 125 8.15 -15.33 -30.67
N GLY A 126 7.31 -16.33 -30.47
CA GLY A 126 6.83 -17.16 -31.55
C GLY A 126 6.01 -16.37 -32.55
N GLU A 127 5.02 -15.65 -32.05
CA GLU A 127 4.17 -14.84 -32.91
C GLU A 127 4.88 -13.53 -33.29
N GLU A 128 5.63 -13.60 -34.37
CA GLU A 128 6.38 -12.45 -34.87
C GLU A 128 5.46 -11.54 -35.67
N THR A 129 5.66 -10.24 -35.55
CA THR A 129 4.83 -9.29 -36.28
C THR A 129 5.04 -9.43 -37.78
N ASN A 130 3.98 -9.20 -38.54
CA ASN A 130 4.03 -9.36 -39.99
C ASN A 130 4.76 -8.20 -40.67
N ALA A 131 4.41 -6.97 -40.29
CA ALA A 131 5.03 -5.79 -40.86
C ALA A 131 6.53 -5.75 -40.58
N SER A 132 6.89 -5.67 -39.31
CA SER A 132 8.29 -5.63 -38.90
C SER A 132 8.38 -5.80 -37.38
N ASP A 133 9.60 -5.82 -36.85
CA ASP A 133 9.77 -5.98 -35.42
C ASP A 133 9.62 -4.65 -34.71
N GLN A 134 10.34 -3.64 -35.19
CA GLN A 134 10.29 -2.30 -34.59
C GLN A 134 8.97 -1.60 -34.94
N GLN A 135 8.27 -2.13 -35.93
CA GLN A 135 7.00 -1.57 -36.36
C GLN A 135 5.95 -2.67 -36.41
N ASN A 136 5.02 -2.63 -35.48
CA ASN A 136 3.97 -3.64 -35.41
C ASN A 136 2.98 -3.48 -36.55
N GLU A 137 1.94 -4.31 -36.56
CA GLU A 137 0.92 -4.29 -37.59
C GLU A 137 0.34 -2.88 -37.78
N PRO A 138 0.26 -2.42 -39.05
CA PRO A 138 -0.27 -1.11 -39.40
C PRO A 138 -1.64 -0.83 -38.80
N GLN A 139 -1.82 0.37 -38.29
CA GLN A 139 -3.08 0.76 -37.68
C GLN A 139 -3.41 2.21 -38.01
N LEU A 140 -4.69 2.53 -38.01
CA LEU A 140 -5.13 3.89 -38.30
C LEU A 140 -5.55 4.58 -37.01
N GLY A 141 -5.07 5.81 -36.82
CA GLY A 141 -5.40 6.56 -35.63
C GLY A 141 -4.17 7.11 -34.95
N LEU A 142 -4.36 7.73 -33.78
CA LEU A 142 -3.25 8.29 -33.03
C LEU A 142 -2.29 7.19 -32.62
N LYS A 143 -1.01 7.40 -32.90
CA LYS A 143 0.03 6.42 -32.59
C LYS A 143 0.09 6.11 -31.10
N ASP A 144 -0.17 7.11 -30.28
CA ASP A 144 -0.13 6.94 -28.82
C ASP A 144 -1.35 6.16 -28.33
N GLN A 145 -2.38 6.08 -29.16
CA GLN A 145 -3.60 5.37 -28.80
C GLN A 145 -3.57 3.93 -29.30
N GLN A 146 -2.53 3.58 -30.04
CA GLN A 146 -2.40 2.23 -30.56
C GLN A 146 -1.71 1.33 -29.55
N VAL A 147 -2.30 0.17 -29.32
CA VAL A 147 -1.74 -0.78 -28.37
C VAL A 147 -0.61 -1.58 -29.02
N LEU A 148 0.57 -1.53 -28.41
CA LEU A 148 1.72 -2.25 -28.93
C LEU A 148 1.65 -3.70 -28.46
N ASP A 149 2.73 -4.44 -28.62
CA ASP A 149 2.75 -5.84 -28.20
C ASP A 149 3.75 -6.05 -27.07
N VAL A 150 3.80 -7.26 -26.55
CA VAL A 150 4.69 -7.60 -25.44
C VAL A 150 6.16 -7.34 -25.78
N LYS A 151 6.53 -7.57 -27.04
CA LYS A 151 7.91 -7.35 -27.47
C LYS A 151 8.26 -5.87 -27.46
N SER A 152 7.36 -5.05 -27.97
CA SER A 152 7.58 -3.62 -28.03
C SER A 152 7.61 -3.00 -26.64
N TYR A 153 6.69 -3.42 -25.77
CA TYR A 153 6.61 -2.89 -24.43
C TYR A 153 7.82 -3.34 -23.60
N ALA A 154 8.33 -4.53 -23.87
CA ALA A 154 9.49 -5.05 -23.15
C ALA A 154 10.73 -4.19 -23.41
N ARG A 155 10.99 -3.90 -24.68
CA ARG A 155 12.14 -3.09 -25.04
C ARG A 155 11.91 -1.64 -24.63
N LEU A 156 10.66 -1.21 -24.65
CA LEU A 156 10.31 0.16 -24.26
C LEU A 156 10.65 0.35 -22.79
N PHE A 157 10.30 -0.65 -22.00
CA PHE A 157 10.58 -0.64 -20.57
C PHE A 157 12.08 -0.57 -20.33
N SER A 158 12.80 -1.37 -21.11
CA SER A 158 14.25 -1.43 -21.01
C SER A 158 14.89 -0.09 -21.35
N LYS A 159 14.40 0.54 -22.42
CA LYS A 159 14.93 1.83 -22.85
C LYS A 159 14.63 2.91 -21.82
N SER A 160 13.45 2.82 -21.21
CA SER A 160 13.05 3.77 -20.19
C SER A 160 14.01 3.71 -19.00
N ILE A 161 14.37 2.49 -18.60
CA ILE A 161 15.30 2.29 -17.49
C ILE A 161 16.65 2.93 -17.82
N GLU A 162 17.05 2.80 -19.09
CA GLU A 162 18.32 3.35 -19.55
C GLU A 162 18.36 4.88 -19.42
N THR A 163 17.31 5.54 -19.89
CA THR A 163 17.26 7.00 -19.82
C THR A 163 17.00 7.48 -18.39
N LEU A 164 16.27 6.71 -17.61
CA LEU A 164 16.00 7.10 -16.23
C LEU A 164 17.24 6.94 -15.37
N ARG A 165 18.03 5.91 -15.68
CA ARG A 165 19.27 5.64 -14.95
C ARG A 165 20.21 6.83 -15.01
N VAL A 166 20.46 7.32 -16.22
CA VAL A 166 21.35 8.45 -16.41
C VAL A 166 20.72 9.74 -15.89
N HIS A 167 19.40 9.85 -16.01
CA HIS A 167 18.67 11.02 -15.51
C HIS A 167 18.84 11.15 -14.01
N LEU A 168 18.95 10.00 -13.35
CA LEU A 168 19.15 9.94 -11.91
C LEU A 168 20.60 10.27 -11.56
N ALA A 169 21.52 9.64 -12.30
CA ALA A 169 22.95 9.85 -12.09
C ALA A 169 23.34 11.32 -12.24
N GLU A 170 22.71 12.00 -13.18
CA GLU A 170 22.97 13.42 -13.42
C GLU A 170 22.63 14.27 -12.20
N LYS A 171 21.66 13.82 -11.41
CA LYS A 171 21.25 14.56 -10.22
C LYS A 171 22.29 14.47 -9.12
N GLY A 172 22.95 13.34 -9.03
CA GLY A 172 23.97 13.15 -8.02
C GLY A 172 23.69 11.94 -7.15
N ASP A 173 24.55 11.70 -6.17
CA ASP A 173 24.39 10.56 -5.28
C ASP A 173 23.32 10.84 -4.25
N GLY A 174 22.56 9.81 -3.89
CA GLY A 174 21.50 9.96 -2.92
C GLY A 174 20.41 10.90 -3.37
N ALA A 175 20.22 10.97 -4.67
CA ALA A 175 19.20 11.83 -5.24
C ALA A 175 17.99 11.02 -5.61
N GLU A 176 16.82 11.62 -5.47
CA GLU A 176 15.57 10.94 -5.78
C GLU A 176 14.87 11.65 -6.93
N LEU A 177 14.10 10.90 -7.70
CA LEU A 177 13.36 11.45 -8.82
C LEU A 177 11.87 11.42 -8.55
N ILE A 178 11.16 12.43 -9.00
CA ILE A 178 9.72 12.50 -8.81
C ILE A 178 9.03 12.17 -10.13
N TRP A 179 8.11 11.22 -10.08
CA TRP A 179 7.38 10.81 -11.28
C TRP A 179 6.48 11.93 -11.80
N ASP A 180 6.51 12.12 -13.10
CA ASP A 180 5.70 13.14 -13.75
C ASP A 180 5.09 12.59 -15.02
N LYS A 181 3.78 12.81 -15.19
CA LYS A 181 3.06 12.34 -16.37
C LYS A 181 3.44 13.14 -17.60
N ASP A 182 4.09 14.28 -17.38
CA ASP A 182 4.52 15.15 -18.47
C ASP A 182 5.84 14.66 -19.05
N ASP A 183 6.61 13.95 -18.22
CA ASP A 183 7.90 13.42 -18.63
C ASP A 183 7.73 12.17 -19.50
N PRO A 184 8.23 12.22 -20.75
CA PRO A 184 8.12 11.09 -21.68
C PRO A 184 8.81 9.82 -21.18
N SER A 185 10.01 9.98 -20.63
CA SER A 185 10.78 8.85 -20.12
C SER A 185 10.07 8.16 -18.97
N ALA A 186 9.63 8.94 -17.99
CA ALA A 186 8.92 8.40 -16.84
C ALA A 186 7.59 7.79 -17.25
N MET A 187 6.97 8.36 -18.28
CA MET A 187 5.70 7.86 -18.78
C MET A 187 5.88 6.50 -19.45
N ASP A 188 6.97 6.35 -20.18
CA ASP A 188 7.26 5.09 -20.87
C ASP A 188 7.47 3.98 -19.86
N PHE A 189 8.09 4.33 -18.74
CA PHE A 189 8.37 3.38 -17.66
C PHE A 189 7.08 2.76 -17.13
N VAL A 190 6.18 3.61 -16.67
CA VAL A 190 4.92 3.16 -16.11
C VAL A 190 4.05 2.44 -17.16
N THR A 191 4.05 2.95 -18.38
CA THR A 191 3.27 2.36 -19.46
C THR A 191 3.71 0.94 -19.77
N SER A 192 5.00 0.76 -20.00
CA SER A 192 5.54 -0.55 -20.32
C SER A 192 5.40 -1.52 -19.16
N ALA A 193 5.73 -1.06 -17.95
CA ALA A 193 5.65 -1.91 -16.77
C ALA A 193 4.22 -2.40 -16.54
N ALA A 194 3.26 -1.49 -16.66
CA ALA A 194 1.85 -1.84 -16.47
C ALA A 194 1.39 -2.84 -17.51
N ASN A 195 1.78 -2.60 -18.77
CA ASN A 195 1.40 -3.47 -19.87
C ASN A 195 1.97 -4.87 -19.69
N LEU A 196 3.23 -4.95 -19.28
CA LEU A 196 3.86 -6.24 -19.07
C LEU A 196 3.19 -6.96 -17.91
N ARG A 197 2.91 -6.22 -16.84
CA ARG A 197 2.27 -6.77 -15.66
C ARG A 197 0.89 -7.34 -15.96
N MET A 198 0.10 -6.59 -16.73
CA MET A 198 -1.25 -7.02 -17.08
C MET A 198 -1.24 -8.23 -18.01
N HIS A 199 -0.27 -8.29 -18.92
CA HIS A 199 -0.18 -9.40 -19.87
C HIS A 199 0.15 -10.69 -19.13
N ILE A 200 0.89 -10.56 -18.03
CA ILE A 200 1.28 -11.70 -17.20
C ILE A 200 0.07 -12.34 -16.55
N PHE A 201 -0.94 -11.52 -16.23
CA PHE A 201 -2.14 -12.00 -15.57
C PHE A 201 -3.28 -12.21 -16.56
N SER A 202 -2.94 -12.47 -17.82
CA SER A 202 -3.91 -12.72 -18.88
C SER A 202 -4.91 -11.57 -19.01
N MET A 203 -4.43 -10.35 -18.90
CA MET A 203 -5.27 -9.15 -19.02
C MET A 203 -4.89 -8.40 -20.29
N ASN A 204 -5.89 -7.97 -21.05
CA ASN A 204 -5.65 -7.23 -22.28
C ASN A 204 -4.84 -5.96 -22.01
N MET A 205 -3.94 -5.66 -22.94
CA MET A 205 -3.06 -4.51 -22.83
C MET A 205 -3.78 -3.20 -23.14
N LYS A 206 -3.11 -2.09 -22.82
CA LYS A 206 -3.67 -0.77 -23.05
C LYS A 206 -2.64 0.12 -23.74
N SER A 207 -3.12 1.14 -24.43
CA SER A 207 -2.24 2.07 -25.13
C SER A 207 -1.61 3.06 -24.16
N ARG A 208 -0.51 3.68 -24.57
CA ARG A 208 0.19 4.65 -23.72
C ARG A 208 -0.72 5.85 -23.42
N PHE A 209 -1.47 6.29 -24.42
CA PHE A 209 -2.39 7.40 -24.27
C PHE A 209 -3.45 7.09 -23.22
N ASP A 210 -4.00 5.89 -23.30
CA ASP A 210 -5.04 5.45 -22.38
C ASP A 210 -4.50 5.34 -20.96
N ILE A 211 -3.30 4.77 -20.83
CA ILE A 211 -2.67 4.60 -19.53
C ILE A 211 -2.28 5.96 -18.94
N LYS A 212 -1.84 6.87 -19.81
CA LYS A 212 -1.42 8.21 -19.39
C LYS A 212 -2.53 8.92 -18.61
N SER A 213 -3.75 8.79 -19.10
CA SER A 213 -4.91 9.41 -18.45
C SER A 213 -5.16 8.82 -17.07
N MET A 214 -4.79 7.55 -16.89
CA MET A 214 -4.99 6.86 -15.62
C MET A 214 -3.83 7.09 -14.67
N ALA A 215 -2.61 6.95 -15.19
CA ALA A 215 -1.39 7.13 -14.39
C ALA A 215 -1.29 8.55 -13.84
N GLY A 216 -1.63 9.52 -14.68
CA GLY A 216 -1.58 10.90 -14.26
C GLY A 216 -2.81 11.33 -13.50
N ASN A 217 -3.94 10.67 -13.79
CA ASN A 217 -5.25 10.96 -13.17
C ASN A 217 -5.46 12.44 -12.91
N MET B 1 12.82 11.53 22.48
CA MET B 1 13.01 12.26 23.76
C MET B 1 12.04 13.43 23.85
N SER B 2 11.82 13.90 25.07
CA SER B 2 10.91 15.02 25.33
C SER B 2 11.31 16.26 24.51
N GLY B 3 10.35 17.14 24.28
CA GLY B 3 10.62 18.33 23.51
C GLY B 3 10.33 18.13 22.04
N ILE B 4 11.12 17.25 21.42
CA ILE B 4 10.96 16.94 19.99
C ILE B 4 9.56 16.43 19.70
N ALA B 5 9.08 15.53 20.56
CA ALA B 5 7.76 14.94 20.42
C ALA B 5 6.67 16.00 20.38
N LEU B 6 6.74 16.94 21.31
CA LEU B 6 5.74 18.00 21.40
C LEU B 6 5.84 18.95 20.21
N SER B 7 7.05 19.12 19.67
CA SER B 7 7.26 19.99 18.53
C SER B 7 6.46 19.50 17.34
N ARG B 8 6.50 18.20 17.11
CA ARG B 8 5.77 17.58 16.01
C ARG B 8 4.27 17.56 16.31
N LEU B 9 3.93 17.30 17.57
CA LEU B 9 2.54 17.25 17.99
C LEU B 9 1.84 18.59 17.75
N ALA B 10 2.56 19.68 18.00
CA ALA B 10 2.03 21.02 17.78
C ALA B 10 1.78 21.23 16.29
N GLN B 11 2.68 20.68 15.48
CA GLN B 11 2.58 20.77 14.03
C GLN B 11 1.35 20.01 13.55
N GLU B 12 1.19 18.80 14.06
CA GLU B 12 0.05 17.96 13.70
C GLU B 12 -1.25 18.66 14.05
N ARG B 13 -1.26 19.36 15.18
CA ARG B 13 -2.44 20.09 15.64
C ARG B 13 -2.79 21.19 14.63
N LYS B 14 -1.77 21.90 14.17
CA LYS B 14 -1.98 22.97 13.20
C LYS B 14 -2.47 22.41 11.88
N ALA B 15 -1.83 21.33 11.43
CA ALA B 15 -2.21 20.68 10.19
C ALA B 15 -3.63 20.17 10.25
N TRP B 16 -3.98 19.55 11.39
CA TRP B 16 -5.31 19.01 11.60
C TRP B 16 -6.35 20.14 11.60
N ARG B 17 -6.03 21.22 12.29
CA ARG B 17 -6.93 22.37 12.38
C ARG B 17 -7.21 22.93 10.99
N LYS B 18 -6.18 22.99 10.16
CA LYS B 18 -6.30 23.51 8.82
C LYS B 18 -7.05 22.55 7.90
N ASP B 19 -6.56 21.31 7.80
CA ASP B 19 -7.19 20.32 6.93
C ASP B 19 -7.45 19.01 7.66
N HIS B 20 -8.72 18.66 7.79
CA HIS B 20 -9.11 17.43 8.45
C HIS B 20 -10.42 16.92 7.87
N PRO B 21 -10.61 15.60 7.79
CA PRO B 21 -11.83 15.00 7.24
C PRO B 21 -13.08 15.43 8.01
N PHE B 22 -14.15 15.72 7.28
CA PHE B 22 -15.39 16.16 7.88
C PHE B 22 -16.00 15.04 8.73
N GLY B 23 -16.21 15.32 10.00
CA GLY B 23 -16.77 14.34 10.89
C GLY B 23 -15.76 13.76 11.84
N PHE B 24 -14.49 13.88 11.47
CA PHE B 24 -13.40 13.37 12.30
C PHE B 24 -13.01 14.38 13.36
N VAL B 25 -13.13 13.99 14.61
CA VAL B 25 -12.80 14.87 15.72
C VAL B 25 -11.50 14.41 16.38
N ALA B 26 -10.67 15.37 16.74
CA ALA B 26 -9.39 15.09 17.40
C ALA B 26 -8.95 16.31 18.18
N VAL B 27 -8.93 16.20 19.50
CA VAL B 27 -8.53 17.29 20.35
C VAL B 27 -7.72 16.79 21.54
N PRO B 28 -6.57 17.43 21.83
CA PRO B 28 -5.71 17.05 22.95
C PRO B 28 -6.43 17.20 24.29
N THR B 29 -5.98 16.45 25.28
CA THR B 29 -6.59 16.48 26.60
C THR B 29 -6.36 17.82 27.29
N LYS B 30 -7.43 18.35 27.87
CA LYS B 30 -7.37 19.63 28.58
C LYS B 30 -6.62 19.45 29.89
N ASN B 31 -5.48 20.10 29.99
CA ASN B 31 -4.66 20.02 31.19
C ASN B 31 -4.99 21.21 32.10
N PRO B 32 -4.99 21.01 33.42
CA PRO B 32 -5.28 22.06 34.41
C PRO B 32 -4.48 23.35 34.21
N ASP B 33 -4.91 24.39 34.92
CA ASP B 33 -4.28 25.73 34.89
C ASP B 33 -4.19 26.32 33.48
N GLY B 34 -5.01 25.81 32.57
CA GLY B 34 -5.03 26.32 31.21
C GLY B 34 -3.99 25.73 30.29
N THR B 35 -3.43 24.58 30.63
CA THR B 35 -2.45 23.96 29.76
C THR B 35 -3.10 22.91 28.89
N MET B 36 -2.33 22.23 28.06
CA MET B 36 -2.86 21.21 27.18
C MET B 36 -1.87 20.07 27.02
N ASN B 37 -2.34 18.85 27.27
CA ASN B 37 -1.50 17.68 27.16
C ASN B 37 -1.53 17.16 25.72
N LEU B 38 -0.49 17.46 24.98
CA LEU B 38 -0.39 17.06 23.59
C LEU B 38 0.02 15.59 23.46
N MET B 39 0.32 14.96 24.58
CA MET B 39 0.72 13.55 24.55
C MET B 39 -0.48 12.63 24.70
N ASN B 40 -1.66 13.21 24.79
CA ASN B 40 -2.88 12.42 24.91
C ASN B 40 -4.04 13.15 24.26
N TRP B 41 -4.56 12.59 23.18
CA TRP B 41 -5.66 13.21 22.45
C TRP B 41 -6.93 12.40 22.58
N GLU B 42 -8.06 13.09 22.54
CA GLU B 42 -9.36 12.47 22.60
C GLU B 42 -10.02 12.62 21.24
N CYS B 43 -9.86 11.61 20.40
CA CYS B 43 -10.40 11.66 19.05
C CYS B 43 -11.72 10.91 18.93
N ALA B 44 -12.45 11.21 17.87
CA ALA B 44 -13.73 10.58 17.59
C ALA B 44 -13.87 10.34 16.10
N ILE B 45 -14.12 9.10 15.74
CA ILE B 45 -14.27 8.72 14.35
C ILE B 45 -15.65 8.15 14.09
N PRO B 46 -16.40 8.73 13.15
CA PRO B 46 -17.74 8.27 12.79
C PRO B 46 -17.67 7.05 11.87
N GLY B 47 -18.77 6.31 11.80
CA GLY B 47 -18.81 5.14 10.94
C GLY B 47 -18.67 5.50 9.47
N LYS B 48 -18.16 4.57 8.68
CA LYS B 48 -17.98 4.81 7.25
C LYS B 48 -19.32 4.86 6.54
N LYS B 49 -19.43 5.76 5.58
CA LYS B 49 -20.66 5.93 4.81
C LYS B 49 -20.94 4.69 3.97
N GLY B 50 -22.18 4.23 4.02
CA GLY B 50 -22.57 3.05 3.26
C GLY B 50 -22.27 1.76 3.99
N THR B 51 -21.85 1.86 5.25
CA THR B 51 -21.54 0.69 6.03
C THR B 51 -22.43 0.64 7.27
N PRO B 52 -22.58 -0.52 7.92
CA PRO B 52 -23.39 -0.67 9.12
C PRO B 52 -22.84 0.13 10.31
N TRP B 53 -21.69 0.76 10.12
CA TRP B 53 -21.07 1.56 11.16
C TRP B 53 -21.54 3.02 11.06
N GLU B 54 -22.09 3.35 9.89
CA GLU B 54 -22.57 4.70 9.62
C GLU B 54 -23.65 5.12 10.59
N GLY B 55 -23.55 6.33 11.11
CA GLY B 55 -24.53 6.84 12.04
C GLY B 55 -23.99 6.94 13.45
N GLY B 56 -22.96 6.16 13.75
CA GLY B 56 -22.39 6.19 15.07
C GLY B 56 -21.08 6.93 15.13
N LEU B 57 -20.77 7.48 16.30
CA LEU B 57 -19.53 8.20 16.52
C LEU B 57 -18.72 7.45 17.58
N PHE B 58 -17.56 6.99 17.21
CA PHE B 58 -16.72 6.22 18.12
C PHE B 58 -15.55 7.05 18.64
N LYS B 59 -15.42 7.11 19.96
CA LYS B 59 -14.35 7.88 20.59
C LYS B 59 -13.17 6.97 20.97
N LEU B 60 -11.97 7.44 20.68
CA LEU B 60 -10.76 6.71 20.99
C LEU B 60 -9.71 7.65 21.56
N ARG B 61 -8.89 7.12 22.45
CA ARG B 61 -7.85 7.90 23.08
C ARG B 61 -6.51 7.63 22.43
N MET B 62 -5.79 8.68 22.08
CA MET B 62 -4.49 8.56 21.43
C MET B 62 -3.38 8.91 22.42
N LEU B 63 -2.53 7.93 22.71
CA LEU B 63 -1.43 8.14 23.64
C LEU B 63 -0.10 8.26 22.90
N PHE B 64 0.63 9.32 23.19
CA PHE B 64 1.91 9.57 22.57
C PHE B 64 3.02 9.44 23.61
N LYS B 65 4.19 9.01 23.16
CA LYS B 65 5.32 8.84 24.05
C LYS B 65 6.42 9.85 23.72
N ASP B 66 7.45 9.90 24.55
CA ASP B 66 8.55 10.83 24.38
C ASP B 66 9.36 10.50 23.14
N ASP B 67 9.23 9.27 22.66
CA ASP B 67 9.96 8.84 21.47
C ASP B 67 9.20 9.15 20.19
N TYR B 68 8.19 10.01 20.30
CA TYR B 68 7.41 10.41 19.15
C TYR B 68 8.24 11.40 18.31
N PRO B 69 8.12 11.35 16.97
CA PRO B 69 7.27 10.42 16.24
C PRO B 69 8.00 9.17 15.74
N SER B 70 9.09 8.81 16.39
CA SER B 70 9.84 7.63 16.00
C SER B 70 9.01 6.37 16.25
N SER B 71 8.26 6.38 17.35
CA SER B 71 7.39 5.26 17.70
C SER B 71 5.94 5.63 17.43
N PRO B 72 5.10 4.64 17.08
CA PRO B 72 3.68 4.87 16.80
C PRO B 72 2.87 5.14 18.06
N PRO B 73 1.84 6.00 17.96
CA PRO B 73 0.98 6.33 19.09
C PRO B 73 0.06 5.17 19.45
N LYS B 74 -0.21 5.02 20.73
CA LYS B 74 -1.08 3.96 21.22
C LYS B 74 -2.53 4.42 21.15
N CYS B 75 -3.32 3.72 20.36
CA CYS B 75 -4.73 4.08 20.19
C CYS B 75 -5.62 3.09 20.92
N LYS B 76 -6.43 3.60 21.84
CA LYS B 76 -7.34 2.76 22.61
C LYS B 76 -8.76 3.32 22.53
N PHE B 77 -9.70 2.49 22.09
CA PHE B 77 -11.09 2.91 21.99
C PHE B 77 -11.71 3.04 23.36
N GLU B 78 -12.49 4.08 23.56
CA GLU B 78 -13.16 4.33 24.84
C GLU B 78 -14.65 4.49 24.62
N PRO B 79 -15.47 3.46 24.90
CA PRO B 79 -15.02 2.16 25.42
C PRO B 79 -14.61 1.19 24.29
N PRO B 80 -14.08 0.01 24.64
CA PRO B 80 -13.69 -1.01 23.66
C PRO B 80 -14.85 -1.39 22.76
N LEU B 81 -14.60 -1.46 21.47
CA LEU B 81 -15.65 -1.80 20.51
C LEU B 81 -15.56 -3.23 20.04
N PHE B 82 -16.68 -3.73 19.55
CA PHE B 82 -16.79 -5.09 19.03
C PHE B 82 -16.17 -5.13 17.63
N HIS B 83 -14.92 -5.54 17.57
CA HIS B 83 -14.20 -5.63 16.31
C HIS B 83 -13.03 -6.60 16.47
N PRO B 84 -12.89 -7.56 15.53
CA PRO B 84 -11.83 -8.58 15.59
C PRO B 84 -10.40 -8.01 15.62
N ASN B 85 -10.24 -6.75 15.26
CA ASN B 85 -8.91 -6.13 15.24
C ASN B 85 -8.72 -5.18 16.41
N VAL B 86 -9.58 -5.29 17.41
CA VAL B 86 -9.50 -4.45 18.59
C VAL B 86 -9.46 -5.32 19.83
N TYR B 87 -8.45 -5.14 20.65
CA TYR B 87 -8.29 -5.92 21.87
C TYR B 87 -9.37 -5.52 22.89
N PRO B 88 -9.74 -6.45 23.79
CA PRO B 88 -10.76 -6.20 24.83
C PRO B 88 -10.37 -5.04 25.75
N SER B 89 -9.10 -4.66 25.70
CA SER B 89 -8.58 -3.56 26.50
C SER B 89 -8.86 -2.24 25.80
N GLY B 90 -9.16 -2.31 24.51
CA GLY B 90 -9.45 -1.12 23.74
C GLY B 90 -8.35 -0.82 22.74
N THR B 91 -7.22 -1.48 22.92
CA THR B 91 -6.07 -1.31 22.05
C THR B 91 -6.37 -1.71 20.61
N VAL B 92 -6.14 -0.78 19.69
CA VAL B 92 -6.37 -1.03 18.28
C VAL B 92 -5.12 -1.58 17.62
N CYS B 93 -5.29 -2.55 16.74
CA CYS B 93 -4.16 -3.15 16.04
C CYS B 93 -4.21 -2.78 14.56
N LEU B 94 -3.05 -2.39 14.03
CA LEU B 94 -2.93 -2.01 12.63
C LEU B 94 -1.47 -2.01 12.21
N SER B 95 -1.21 -2.24 10.93
CA SER B 95 0.14 -2.28 10.40
C SER B 95 0.93 -1.00 10.67
N ILE B 96 0.26 0.14 10.60
CA ILE B 96 0.92 1.42 10.84
C ILE B 96 0.92 1.78 12.32
N LEU B 97 0.36 0.92 13.15
CA LEU B 97 0.32 1.15 14.59
C LEU B 97 1.46 0.42 15.28
N GLU B 98 2.20 -0.35 14.49
CA GLU B 98 3.33 -1.11 14.98
C GLU B 98 4.61 -0.57 14.36
N GLU B 99 5.57 -0.22 15.20
CA GLU B 99 6.83 0.36 14.74
C GLU B 99 7.61 -0.59 13.83
N ASP B 100 7.51 -1.88 14.11
CA ASP B 100 8.23 -2.89 13.34
C ASP B 100 7.50 -3.25 12.05
N LYS B 101 6.28 -2.79 11.90
CA LYS B 101 5.50 -3.10 10.70
C LYS B 101 5.60 -1.99 9.65
N ASP B 102 4.51 -1.31 9.38
CA ASP B 102 4.50 -0.27 8.34
C ASP B 102 4.44 1.14 8.91
N TRP B 103 4.90 1.31 10.14
CA TRP B 103 4.88 2.64 10.74
C TRP B 103 6.09 3.46 10.30
N ARG B 104 5.83 4.70 9.91
CA ARG B 104 6.88 5.60 9.48
C ARG B 104 6.70 6.93 10.21
N PRO B 105 7.80 7.53 10.69
CA PRO B 105 7.76 8.81 11.43
C PRO B 105 7.08 9.94 10.63
N ALA B 106 7.03 9.80 9.31
CA ALA B 106 6.43 10.80 8.46
C ALA B 106 4.91 10.63 8.35
N ILE B 107 4.36 9.65 9.07
CA ILE B 107 2.93 9.42 9.03
C ILE B 107 2.21 10.43 9.93
N THR B 108 1.33 11.21 9.32
CA THR B 108 0.56 12.21 10.02
C THR B 108 -0.65 11.55 10.71
N ILE B 109 -1.06 12.09 11.86
CA ILE B 109 -2.20 11.57 12.64
C ILE B 109 -3.43 11.40 11.75
N LYS B 110 -3.59 12.32 10.79
CA LYS B 110 -4.69 12.31 9.85
C LYS B 110 -4.79 10.97 9.11
N GLN B 111 -3.63 10.42 8.73
CA GLN B 111 -3.57 9.16 8.01
C GLN B 111 -4.01 8.00 8.92
N ILE B 112 -3.55 8.05 10.16
CA ILE B 112 -3.87 7.02 11.13
C ILE B 112 -5.38 6.96 11.39
N LEU B 113 -5.97 8.12 11.62
CA LEU B 113 -7.41 8.22 11.89
C LEU B 113 -8.22 7.67 10.72
N LEU B 114 -7.80 7.98 9.50
CA LEU B 114 -8.48 7.51 8.31
C LEU B 114 -8.40 6.00 8.21
N GLY B 115 -7.25 5.46 8.58
CA GLY B 115 -7.05 4.02 8.54
C GLY B 115 -7.93 3.30 9.55
N ILE B 116 -8.22 3.95 10.66
CA ILE B 116 -9.04 3.36 11.71
C ILE B 116 -10.48 3.18 11.21
N GLN B 117 -11.01 4.19 10.53
CA GLN B 117 -12.38 4.09 10.00
C GLN B 117 -12.43 3.02 8.93
N GLU B 118 -11.35 2.91 8.17
CA GLU B 118 -11.26 1.91 7.12
C GLU B 118 -11.28 0.51 7.72
N LEU B 119 -10.57 0.35 8.84
CA LEU B 119 -10.50 -0.94 9.53
C LEU B 119 -11.87 -1.39 10.00
N LEU B 120 -12.76 -0.44 10.25
CA LEU B 120 -14.11 -0.74 10.73
C LEU B 120 -14.85 -1.66 9.76
N ASN B 121 -15.01 -1.22 8.52
CA ASN B 121 -15.71 -2.01 7.51
C ASN B 121 -14.78 -3.01 6.84
N GLU B 122 -13.48 -2.72 6.85
CA GLU B 122 -12.50 -3.60 6.27
C GLU B 122 -11.62 -4.19 7.36
N PRO B 123 -12.04 -5.30 7.98
CA PRO B 123 -11.31 -5.95 9.05
C PRO B 123 -10.25 -6.90 8.54
N ASN B 124 -9.17 -7.01 9.29
CA ASN B 124 -8.08 -7.90 8.95
C ASN B 124 -8.34 -9.27 9.56
N ILE B 125 -8.71 -10.22 8.72
CA ILE B 125 -9.00 -11.58 9.17
C ILE B 125 -7.71 -12.34 9.47
N GLN B 126 -6.60 -11.67 9.27
CA GLN B 126 -5.29 -12.24 9.51
C GLN B 126 -4.89 -12.06 10.97
N ASP B 127 -5.35 -10.97 11.59
CA ASP B 127 -5.03 -10.67 12.98
C ASP B 127 -6.27 -10.74 13.87
N PRO B 128 -6.42 -11.83 14.63
CA PRO B 128 -7.55 -12.03 15.53
C PRO B 128 -7.29 -11.46 16.92
N ALA B 129 -7.31 -10.14 17.04
CA ALA B 129 -7.08 -9.47 18.31
C ALA B 129 -8.21 -9.76 19.29
N GLN B 130 -9.44 -9.75 18.79
CA GLN B 130 -10.61 -10.03 19.61
C GLN B 130 -11.20 -11.37 19.21
N ALA B 131 -11.00 -12.37 20.06
CA ALA B 131 -11.46 -13.74 19.80
C ALA B 131 -12.97 -13.82 19.54
N GLU B 132 -13.76 -13.32 20.48
CA GLU B 132 -15.23 -13.35 20.37
C GLU B 132 -15.70 -12.77 19.04
N ALA B 133 -15.25 -11.56 18.73
CA ALA B 133 -15.63 -10.89 17.49
C ALA B 133 -15.17 -11.69 16.27
N TYR B 134 -13.97 -12.23 16.35
CA TYR B 134 -13.40 -13.02 15.26
C TYR B 134 -14.23 -14.27 14.99
N THR B 135 -14.59 -14.97 16.05
CA THR B 135 -15.38 -16.19 15.94
C THR B 135 -16.75 -15.90 15.31
N ILE B 136 -17.44 -14.91 15.85
CA ILE B 136 -18.77 -14.54 15.35
C ILE B 136 -18.69 -14.10 13.89
N TYR B 137 -17.73 -13.23 13.59
CA TYR B 137 -17.55 -12.71 12.23
C TYR B 137 -17.25 -13.83 11.23
N CYS B 138 -16.56 -14.86 11.69
CA CYS B 138 -16.18 -15.96 10.82
C CYS B 138 -17.30 -16.97 10.60
N GLN B 139 -18.02 -17.34 11.65
CA GLN B 139 -19.08 -18.34 11.54
C GLN B 139 -20.44 -17.74 11.18
N ASN B 140 -20.69 -16.49 11.55
CA ASN B 140 -21.99 -15.90 11.28
C ASN B 140 -21.87 -14.41 10.98
N ARG B 141 -21.81 -14.07 9.70
CA ARG B 141 -21.70 -12.68 9.29
C ARG B 141 -22.98 -11.92 9.61
N VAL B 142 -24.11 -12.62 9.57
CA VAL B 142 -25.40 -12.03 9.86
C VAL B 142 -25.45 -11.57 11.33
N GLU B 143 -25.03 -12.46 12.22
CA GLU B 143 -25.01 -12.14 13.64
C GLU B 143 -24.04 -11.00 13.90
N TYR B 144 -22.94 -11.01 13.18
CA TYR B 144 -21.92 -9.97 13.30
C TYR B 144 -22.53 -8.61 12.93
N GLU B 145 -23.28 -8.58 11.83
CA GLU B 145 -23.92 -7.36 11.36
C GLU B 145 -24.86 -6.78 12.42
N LYS B 146 -25.64 -7.66 13.05
CA LYS B 146 -26.59 -7.25 14.08
C LYS B 146 -25.88 -6.50 15.20
N ARG B 147 -24.75 -7.05 15.65
CA ARG B 147 -23.99 -6.46 16.73
C ARG B 147 -23.36 -5.13 16.31
N VAL B 148 -22.97 -5.05 15.04
CA VAL B 148 -22.37 -3.84 14.51
C VAL B 148 -23.40 -2.73 14.41
N ARG B 149 -24.57 -3.07 13.87
CA ARG B 149 -25.66 -2.11 13.72
C ARG B 149 -26.10 -1.57 15.08
N ALA B 150 -26.25 -2.48 16.05
CA ALA B 150 -26.66 -2.10 17.38
C ALA B 150 -25.63 -1.21 18.04
N GLN B 151 -24.36 -1.48 17.73
CA GLN B 151 -23.25 -0.69 18.25
C GLN B 151 -23.27 0.72 17.69
N ALA B 152 -23.48 0.82 16.38
CA ALA B 152 -23.53 2.12 15.71
C ALA B 152 -24.64 2.97 16.29
N LYS B 153 -25.79 2.36 16.55
CA LYS B 153 -26.93 3.06 17.11
C LYS B 153 -26.69 3.42 18.57
N LYS B 154 -25.78 2.68 19.20
CA LYS B 154 -25.44 2.91 20.62
C LYS B 154 -24.57 4.16 20.76
N PHE B 155 -23.83 4.48 19.70
CA PHE B 155 -22.94 5.63 19.72
C PHE B 155 -23.45 6.70 18.75
N ALA B 156 -24.69 6.57 18.32
CA ALA B 156 -25.30 7.51 17.39
C ALA B 156 -25.57 8.84 18.09
N PRO B 157 -24.98 9.93 17.58
CA PRO B 157 -25.15 11.28 18.15
C PRO B 157 -26.62 11.66 18.31
N SER B 158 -27.00 12.02 19.53
CA SER B 158 -28.35 12.42 19.84
C SER B 158 -28.35 13.34 21.05
N THR A 1 -14.11 11.24 -4.01
CA THR A 1 -12.70 10.94 -3.64
C THR A 1 -12.16 9.81 -4.49
N GLN A 2 -10.88 9.88 -4.83
CA GLN A 2 -10.26 8.85 -5.64
C GLN A 2 -10.17 7.54 -4.87
N ARG A 3 -10.44 6.45 -5.56
CA ARG A 3 -10.41 5.14 -4.94
C ARG A 3 -8.98 4.69 -4.67
N THR A 4 -8.73 4.25 -3.45
CA THR A 4 -7.41 3.79 -3.07
C THR A 4 -7.26 2.31 -3.37
N PHE A 5 -6.04 1.87 -3.65
CA PHE A 5 -5.79 0.48 -3.95
C PHE A 5 -4.84 -0.14 -2.92
N PRO A 6 -5.31 -1.12 -2.15
CA PRO A 6 -4.49 -1.80 -1.14
C PRO A 6 -3.23 -2.41 -1.75
N GLY A 7 -2.12 -2.32 -1.02
CA GLY A 7 -0.86 -2.85 -1.50
C GLY A 7 -0.91 -4.35 -1.76
N CYS A 8 -1.74 -5.06 -1.01
CA CYS A 8 -1.88 -6.50 -1.17
C CYS A 8 -2.36 -6.89 -2.56
N THR A 9 -3.45 -6.27 -3.01
CA THR A 9 -4.01 -6.56 -4.32
C THR A 9 -3.15 -5.97 -5.44
N ILE A 10 -2.22 -5.10 -5.07
CA ILE A 10 -1.33 -4.50 -6.06
C ILE A 10 -0.13 -5.41 -6.30
N ARG A 11 0.43 -5.92 -5.21
CA ARG A 11 1.61 -6.78 -5.30
C ARG A 11 1.24 -8.23 -5.59
N ASN A 12 0.12 -8.70 -5.06
CA ASN A 12 -0.28 -10.08 -5.23
C ASN A 12 -1.26 -10.29 -6.39
N THR A 13 -2.56 -10.14 -6.12
CA THR A 13 -3.59 -10.38 -7.13
C THR A 13 -4.27 -9.12 -7.65
N PRO A 14 -3.82 -8.60 -8.82
CA PRO A 14 -4.42 -7.44 -9.46
C PRO A 14 -5.40 -7.86 -10.56
N SER A 15 -6.69 -7.67 -10.32
CA SER A 15 -7.71 -8.06 -11.29
C SER A 15 -8.25 -6.86 -12.07
N GLU A 16 -7.47 -5.79 -12.12
CA GLU A 16 -7.89 -4.57 -12.82
C GLU A 16 -6.71 -3.95 -13.57
N PRO A 17 -6.93 -3.45 -14.79
CA PRO A 17 -5.87 -2.83 -15.59
C PRO A 17 -5.17 -1.69 -14.86
N ILE A 18 -5.97 -0.78 -14.29
CA ILE A 18 -5.43 0.36 -13.55
C ILE A 18 -4.59 -0.10 -12.36
N HIS A 19 -4.89 -1.29 -11.85
CA HIS A 19 -4.16 -1.86 -10.73
C HIS A 19 -2.71 -2.14 -11.14
N CYS A 20 -2.53 -2.53 -12.41
CA CYS A 20 -1.21 -2.82 -12.93
C CYS A 20 -0.43 -1.52 -13.13
N ILE A 21 -1.15 -0.45 -13.44
CA ILE A 21 -0.55 0.87 -13.64
C ILE A 21 -0.01 1.37 -12.31
N VAL A 22 -0.78 1.18 -11.25
CA VAL A 22 -0.37 1.60 -9.91
C VAL A 22 0.88 0.83 -9.50
N TRP A 23 0.92 -0.45 -9.84
CA TRP A 23 2.06 -1.31 -9.54
C TRP A 23 3.31 -0.74 -10.21
N ALA A 24 3.14 -0.28 -11.44
CA ALA A 24 4.24 0.29 -12.21
C ALA A 24 4.70 1.60 -11.60
N LYS A 25 3.75 2.40 -11.11
CA LYS A 25 4.07 3.67 -10.48
C LYS A 25 4.87 3.42 -9.20
N TYR A 26 4.53 2.33 -8.52
CA TYR A 26 5.23 1.94 -7.30
C TYR A 26 6.66 1.54 -7.65
N LEU A 27 6.76 0.70 -8.68
CA LEU A 27 8.05 0.20 -9.16
C LEU A 27 9.02 1.34 -9.46
N PHE A 28 8.53 2.37 -10.16
CA PHE A 28 9.36 3.51 -10.51
C PHE A 28 9.88 4.21 -9.25
N ASN A 29 9.00 4.40 -8.29
CA ASN A 29 9.36 5.08 -7.04
C ASN A 29 10.35 4.26 -6.23
N GLN A 30 10.22 2.94 -6.27
CA GLN A 30 11.10 2.06 -5.51
C GLN A 30 12.41 1.80 -6.23
N LEU A 31 12.61 2.48 -7.36
CA LEU A 31 13.83 2.31 -8.14
C LEU A 31 14.57 3.63 -8.30
N PHE A 32 13.85 4.68 -8.69
CA PHE A 32 14.46 5.98 -8.91
C PHE A 32 13.93 7.06 -7.98
N GLY A 33 12.87 6.75 -7.25
CA GLY A 33 12.27 7.74 -6.37
C GLY A 33 12.43 7.42 -4.90
N GLU A 34 11.45 7.88 -4.11
CA GLU A 34 11.44 7.67 -2.67
C GLU A 34 10.95 6.27 -2.33
N GLU A 35 11.75 5.53 -1.57
CA GLU A 35 11.41 4.16 -1.20
C GLU A 35 10.34 4.12 -0.12
N ASP A 36 9.74 2.96 0.04
CA ASP A 36 8.68 2.75 1.02
C ASP A 36 8.72 1.31 1.52
N ALA A 37 7.78 0.94 2.36
CA ALA A 37 7.72 -0.41 2.89
C ALA A 37 6.58 -1.19 2.24
N ASP A 38 5.37 -0.68 2.39
CA ASP A 38 4.19 -1.34 1.82
C ASP A 38 4.13 -1.12 0.31
N GLN A 39 4.57 0.06 -0.12
CA GLN A 39 4.56 0.41 -1.55
C GLN A 39 5.74 -0.23 -2.29
N GLU A 40 6.41 -1.18 -1.63
CA GLU A 40 7.53 -1.86 -2.24
C GLU A 40 7.03 -2.72 -3.39
N VAL A 41 7.92 -3.04 -4.31
CA VAL A 41 7.55 -3.85 -5.45
C VAL A 41 8.04 -5.28 -5.26
N SER A 42 8.72 -5.51 -4.15
CA SER A 42 9.24 -6.83 -3.83
C SER A 42 8.16 -7.67 -3.15
N PRO A 43 8.18 -9.00 -3.39
CA PRO A 43 7.21 -9.90 -2.79
C PRO A 43 7.38 -9.97 -1.28
N ASP A 44 6.28 -9.85 -0.56
CA ASP A 44 6.31 -9.89 0.90
C ASP A 44 6.72 -11.26 1.40
N ARG A 45 7.79 -11.31 2.18
CA ARG A 45 8.27 -12.58 2.72
C ARG A 45 7.52 -12.92 4.00
N ALA A 46 6.73 -11.97 4.49
CA ALA A 46 5.95 -12.17 5.70
C ALA A 46 4.48 -12.32 5.34
N ASP A 47 4.24 -12.65 4.06
CA ASP A 47 2.90 -12.85 3.54
C ASP A 47 2.18 -13.92 4.36
N PRO A 48 0.87 -13.77 4.61
CA PRO A 48 0.07 -14.73 5.38
C PRO A 48 0.24 -16.18 4.95
N GLU A 49 0.59 -16.41 3.68
CA GLU A 49 0.78 -17.76 3.18
C GLU A 49 2.28 -18.10 3.08
N ALA A 50 3.11 -17.09 3.31
CA ALA A 50 4.55 -17.27 3.24
C ALA A 50 5.12 -17.73 4.58
N ALA A 51 4.78 -17.03 5.66
CA ALA A 51 5.29 -17.39 6.97
C ALA A 51 4.26 -17.11 8.07
N TRP A 52 4.27 -15.90 8.60
CA TRP A 52 3.34 -15.53 9.66
C TRP A 52 2.07 -14.95 9.08
N GLU A 53 1.35 -14.19 9.89
CA GLU A 53 0.11 -13.55 9.47
C GLU A 53 0.42 -12.33 8.59
N PRO A 54 1.25 -11.37 9.05
CA PRO A 54 1.88 -11.37 10.37
C PRO A 54 1.08 -10.61 11.43
N THR A 55 1.15 -11.08 12.67
CA THR A 55 0.44 -10.43 13.78
C THR A 55 1.26 -9.27 14.32
N GLU A 56 0.78 -8.63 15.38
CA GLU A 56 1.50 -7.50 15.97
C GLU A 56 2.79 -7.95 16.63
N ALA A 57 3.77 -7.05 16.67
CA ALA A 57 5.09 -7.32 17.25
C ALA A 57 5.74 -8.55 16.61
N GLU A 58 6.55 -9.27 17.37
CA GLU A 58 7.22 -10.46 16.88
C GLU A 58 6.54 -11.71 17.42
N ALA A 59 6.77 -12.83 16.74
CA ALA A 59 6.19 -14.10 17.14
C ALA A 59 7.03 -14.74 18.24
N ARG A 60 6.64 -15.92 18.68
CA ARG A 60 7.38 -16.63 19.72
C ARG A 60 8.60 -17.30 19.12
N ALA A 61 9.62 -16.49 18.86
CA ALA A 61 10.88 -16.96 18.29
C ALA A 61 11.94 -15.91 18.45
N ARG A 62 13.10 -16.15 17.86
CA ARG A 62 14.20 -15.20 17.94
C ARG A 62 13.99 -14.09 16.93
N ALA A 63 13.89 -12.86 17.41
CA ALA A 63 13.70 -11.70 16.55
C ALA A 63 15.01 -11.30 15.89
N SER A 64 14.91 -10.45 14.89
CA SER A 64 16.08 -9.97 14.17
C SER A 64 16.75 -8.84 14.93
N ASN A 65 17.86 -8.33 14.39
CA ASN A 65 18.60 -7.25 15.03
C ASN A 65 18.58 -6.00 14.16
N GLU A 66 18.16 -6.17 12.92
CA GLU A 66 18.10 -5.07 11.97
C GLU A 66 16.91 -4.17 12.28
N ASP A 67 17.16 -2.87 12.36
CA ASP A 67 16.10 -1.92 12.65
C ASP A 67 15.44 -1.48 11.35
N GLY A 68 14.14 -1.69 11.25
CA GLY A 68 13.41 -1.33 10.06
C GLY A 68 12.60 -2.48 9.53
N ASP A 69 12.17 -2.39 8.27
CA ASP A 69 11.39 -3.44 7.65
C ASP A 69 12.27 -4.62 7.30
N ILE A 70 11.96 -5.78 7.83
CA ILE A 70 12.73 -6.98 7.55
C ILE A 70 11.87 -8.06 6.93
N LYS A 71 10.69 -7.68 6.47
CA LYS A 71 9.79 -8.62 5.83
C LYS A 71 9.84 -8.45 4.32
N ARG A 72 10.22 -7.25 3.90
CA ARG A 72 10.37 -6.94 2.49
C ARG A 72 11.85 -6.70 2.21
N ILE A 73 12.19 -6.50 0.94
CA ILE A 73 13.58 -6.27 0.58
C ILE A 73 13.68 -5.02 -0.30
N SER A 74 14.51 -4.08 0.12
CA SER A 74 14.69 -2.83 -0.63
C SER A 74 15.13 -3.08 -2.07
N THR A 75 14.20 -2.94 -3.00
CA THR A 75 14.48 -3.15 -4.41
C THR A 75 15.44 -2.08 -4.93
N LYS A 76 15.38 -0.90 -4.32
CA LYS A 76 16.25 0.21 -4.71
C LYS A 76 17.71 -0.16 -4.55
N GLU A 77 18.03 -0.81 -3.44
CA GLU A 77 19.40 -1.23 -3.16
C GLU A 77 19.84 -2.31 -4.14
N TRP A 78 18.92 -3.23 -4.43
CA TRP A 78 19.19 -4.31 -5.37
C TRP A 78 19.51 -3.75 -6.75
N ALA A 79 18.66 -2.82 -7.20
CA ALA A 79 18.84 -2.19 -8.51
C ALA A 79 20.12 -1.36 -8.55
N LYS A 80 20.44 -0.73 -7.44
CA LYS A 80 21.63 0.11 -7.34
C LYS A 80 22.89 -0.75 -7.45
N SER A 81 22.83 -1.97 -6.95
CA SER A 81 23.97 -2.87 -6.98
C SER A 81 24.11 -3.55 -8.34
N THR A 82 23.00 -3.65 -9.08
CA THR A 82 23.01 -4.27 -10.39
C THR A 82 23.23 -3.24 -11.49
N GLY A 83 23.31 -1.97 -11.08
CA GLY A 83 23.50 -0.90 -12.04
C GLY A 83 22.26 -0.65 -12.87
N TYR A 84 21.10 -1.01 -12.31
CA TYR A 84 19.81 -0.85 -12.98
C TYR A 84 19.82 -1.54 -14.33
N ASP A 85 20.20 -2.81 -14.34
CA ASP A 85 20.24 -3.58 -15.58
C ASP A 85 18.84 -4.03 -15.97
N PRO A 86 18.36 -3.60 -17.15
CA PRO A 86 17.02 -3.93 -17.66
C PRO A 86 16.73 -5.42 -17.69
N VAL A 87 17.69 -6.20 -18.18
CA VAL A 87 17.51 -7.65 -18.28
C VAL A 87 17.37 -8.27 -16.89
N LYS A 88 18.23 -7.88 -15.97
CA LYS A 88 18.20 -8.38 -14.60
C LYS A 88 16.87 -8.08 -13.93
N LEU A 89 16.40 -6.85 -14.10
CA LEU A 89 15.14 -6.41 -13.51
C LEU A 89 13.97 -7.12 -14.18
N PHE A 90 14.04 -7.25 -15.51
CA PHE A 90 12.99 -7.89 -16.28
C PHE A 90 12.79 -9.35 -15.87
N THR A 91 13.89 -10.10 -15.82
CA THR A 91 13.84 -11.51 -15.46
C THR A 91 13.58 -11.70 -13.96
N LYS A 92 13.44 -10.61 -13.25
CA LYS A 92 13.18 -10.67 -11.82
C LYS A 92 11.72 -10.31 -11.54
N LEU A 93 11.35 -9.09 -11.90
CA LEU A 93 10.00 -8.59 -11.65
C LEU A 93 8.94 -9.27 -12.52
N PHE A 94 9.34 -9.75 -13.69
CA PHE A 94 8.38 -10.37 -14.60
C PHE A 94 8.64 -11.87 -14.75
N LYS A 95 9.50 -12.42 -13.92
CA LYS A 95 9.81 -13.84 -14.01
C LYS A 95 9.96 -14.48 -12.63
N ASP A 96 11.03 -14.14 -11.92
CA ASP A 96 11.31 -14.71 -10.60
C ASP A 96 10.23 -14.38 -9.59
N ASP A 97 9.82 -13.12 -9.55
CA ASP A 97 8.80 -12.67 -8.61
C ASP A 97 7.47 -13.37 -8.89
N ILE A 98 7.17 -13.57 -10.16
CA ILE A 98 5.94 -14.25 -10.56
C ILE A 98 6.03 -15.71 -10.16
N ARG A 99 7.22 -16.27 -10.29
CA ARG A 99 7.49 -17.65 -9.93
C ARG A 99 7.25 -17.87 -8.44
N TYR A 100 7.77 -16.95 -7.62
CA TYR A 100 7.61 -17.04 -6.17
C TYR A 100 6.15 -16.83 -5.78
N LEU A 101 5.46 -16.00 -6.53
CA LEU A 101 4.05 -15.73 -6.25
C LEU A 101 3.20 -16.97 -6.52
N LEU A 102 3.69 -17.84 -7.40
CA LEU A 102 2.97 -19.07 -7.74
C LEU A 102 3.01 -20.08 -6.59
N THR A 103 3.86 -19.82 -5.61
CA THR A 103 3.98 -20.71 -4.45
C THR A 103 2.73 -20.64 -3.58
N MET A 104 2.00 -19.53 -3.68
CA MET A 104 0.79 -19.34 -2.90
C MET A 104 -0.41 -19.89 -3.66
N ASP A 105 -0.60 -21.21 -3.61
CA ASP A 105 -1.69 -21.88 -4.31
C ASP A 105 -3.05 -21.37 -3.84
N LYS A 106 -3.10 -20.86 -2.61
CA LYS A 106 -4.34 -20.35 -2.05
C LYS A 106 -4.87 -19.16 -2.86
N LEU A 107 -3.98 -18.48 -3.56
CA LEU A 107 -4.36 -17.32 -4.36
C LEU A 107 -4.71 -17.71 -5.79
N TRP A 108 -4.24 -18.87 -6.22
CA TRP A 108 -4.50 -19.32 -7.57
C TRP A 108 -5.39 -20.56 -7.59
N ARG A 109 -6.67 -20.34 -7.38
CA ARG A 109 -7.64 -21.44 -7.37
C ARG A 109 -8.85 -21.07 -8.22
N LYS A 110 -9.35 -19.86 -8.01
CA LYS A 110 -10.51 -19.37 -8.75
C LYS A 110 -10.04 -18.70 -10.04
N ARG A 111 -8.98 -17.92 -9.93
CA ARG A 111 -8.43 -17.22 -11.08
C ARG A 111 -7.21 -17.96 -11.64
N LYS A 112 -7.00 -17.85 -12.94
CA LYS A 112 -5.87 -18.47 -13.61
C LYS A 112 -4.56 -17.90 -13.10
N PRO A 113 -3.59 -18.77 -12.80
CA PRO A 113 -2.27 -18.35 -12.32
C PRO A 113 -1.49 -17.60 -13.40
N PRO A 114 -0.73 -16.57 -13.00
CA PRO A 114 0.06 -15.75 -13.93
C PRO A 114 1.18 -16.54 -14.61
N VAL A 115 1.60 -16.08 -15.77
CA VAL A 115 2.65 -16.73 -16.52
C VAL A 115 3.91 -15.86 -16.58
N PRO A 116 5.01 -16.33 -15.97
CA PRO A 116 6.28 -15.60 -15.97
C PRO A 116 6.84 -15.43 -17.38
N LEU A 117 7.41 -14.26 -17.65
CA LEU A 117 7.98 -13.98 -18.97
C LEU A 117 9.49 -13.84 -18.88
N ASP A 118 10.18 -14.49 -19.79
CA ASP A 118 11.64 -14.42 -19.83
C ASP A 118 12.09 -13.44 -20.90
N TRP A 119 13.16 -12.71 -20.62
CA TRP A 119 13.69 -11.71 -21.54
C TRP A 119 14.07 -12.31 -22.89
N ALA A 120 14.71 -13.46 -22.87
CA ALA A 120 15.14 -14.12 -24.09
C ALA A 120 13.96 -14.73 -24.83
N GLU A 121 13.08 -15.37 -24.07
CA GLU A 121 11.91 -16.01 -24.64
C GLU A 121 10.96 -14.99 -25.28
N VAL A 122 10.89 -13.80 -24.69
CA VAL A 122 10.02 -12.75 -25.22
C VAL A 122 10.63 -12.15 -26.48
N GLN A 123 11.96 -12.15 -26.56
CA GLN A 123 12.65 -11.63 -27.74
C GLN A 123 12.39 -12.55 -28.93
N SER A 124 12.36 -13.85 -28.65
CA SER A 124 12.10 -14.85 -29.66
C SER A 124 10.69 -15.40 -29.49
N GLN A 125 9.71 -14.50 -29.50
CA GLN A 125 8.32 -14.86 -29.33
C GLN A 125 7.75 -15.47 -30.61
N GLY A 126 6.91 -16.48 -30.46
CA GLY A 126 6.29 -17.11 -31.61
C GLY A 126 5.31 -16.18 -32.29
N GLU A 127 4.55 -15.45 -31.49
CA GLU A 127 3.58 -14.50 -31.98
C GLU A 127 4.19 -13.10 -31.99
N GLU A 128 4.84 -12.75 -33.09
CA GLU A 128 5.47 -11.44 -33.22
C GLU A 128 5.17 -10.83 -34.58
N THR A 129 5.32 -9.52 -34.67
CA THR A 129 5.06 -8.81 -35.91
C THR A 129 6.05 -9.21 -37.00
N ASN A 130 5.55 -9.89 -38.01
CA ASN A 130 6.39 -10.36 -39.12
C ASN A 130 6.74 -9.21 -40.06
N ALA A 131 5.82 -8.26 -40.19
CA ALA A 131 6.03 -7.13 -41.06
C ALA A 131 7.08 -6.18 -40.47
N SER A 132 6.94 -5.87 -39.19
CA SER A 132 7.87 -4.98 -38.52
C SER A 132 8.25 -5.52 -37.14
N ASP A 133 9.38 -6.20 -37.07
CA ASP A 133 9.87 -6.77 -35.81
C ASP A 133 10.33 -5.68 -34.86
N GLN A 134 11.06 -4.73 -35.41
CA GLN A 134 11.60 -3.61 -34.63
C GLN A 134 10.53 -2.55 -34.38
N GLN A 135 9.36 -2.75 -34.96
CA GLN A 135 8.26 -1.82 -34.80
C GLN A 135 7.01 -2.58 -34.36
N ASN A 136 5.86 -2.20 -34.88
CA ASN A 136 4.62 -2.86 -34.53
C ASN A 136 3.66 -2.81 -35.72
N GLU A 137 2.40 -3.17 -35.50
CA GLU A 137 1.40 -3.17 -36.55
C GLU A 137 1.02 -1.73 -36.94
N PRO A 138 1.02 -1.43 -38.25
CA PRO A 138 0.66 -0.10 -38.74
C PRO A 138 -0.85 0.14 -38.70
N GLN A 139 -1.42 0.05 -37.51
CA GLN A 139 -2.85 0.26 -37.33
C GLN A 139 -3.18 1.74 -37.51
N LEU A 140 -4.12 2.01 -38.39
CA LEU A 140 -4.53 3.38 -38.67
C LEU A 140 -5.03 4.08 -37.41
N GLY A 141 -4.51 5.27 -37.14
CA GLY A 141 -4.90 6.02 -35.97
C GLY A 141 -3.70 6.59 -35.25
N LEU A 142 -3.94 7.23 -34.10
CA LEU A 142 -2.89 7.82 -33.31
C LEU A 142 -1.87 6.77 -32.90
N LYS A 143 -0.60 7.00 -33.20
CA LYS A 143 0.46 6.05 -32.87
C LYS A 143 0.58 5.87 -31.37
N ASP A 144 0.29 6.94 -30.64
CA ASP A 144 0.35 6.92 -29.18
C ASP A 144 -0.82 6.14 -28.60
N GLN A 145 -1.90 6.06 -29.38
CA GLN A 145 -3.10 5.36 -28.94
C GLN A 145 -3.13 3.94 -29.48
N GLN A 146 -2.05 3.53 -30.15
CA GLN A 146 -1.97 2.19 -30.69
C GLN A 146 -1.38 1.24 -29.66
N VAL A 147 -2.02 0.09 -29.48
CA VAL A 147 -1.54 -0.88 -28.52
C VAL A 147 -0.45 -1.72 -29.17
N LEU A 148 0.75 -1.64 -28.62
CA LEU A 148 1.87 -2.40 -29.14
C LEU A 148 1.80 -3.84 -28.67
N ASP A 149 2.83 -4.61 -28.99
CA ASP A 149 2.86 -6.01 -28.60
C ASP A 149 3.79 -6.21 -27.39
N VAL A 150 3.81 -7.43 -26.86
CA VAL A 150 4.63 -7.75 -25.70
C VAL A 150 6.12 -7.48 -25.95
N LYS A 151 6.59 -7.76 -27.16
CA LYS A 151 8.00 -7.51 -27.50
C LYS A 151 8.30 -6.02 -27.49
N SER A 152 7.39 -5.27 -28.08
CA SER A 152 7.52 -3.82 -28.17
C SER A 152 7.61 -3.19 -26.79
N TYR A 153 6.76 -3.62 -25.87
CA TYR A 153 6.76 -3.07 -24.52
C TYR A 153 7.95 -3.61 -23.72
N ALA A 154 8.36 -4.83 -24.02
CA ALA A 154 9.50 -5.44 -23.33
C ALA A 154 10.76 -4.64 -23.61
N ARG A 155 10.98 -4.31 -24.87
CA ARG A 155 12.16 -3.54 -25.26
C ARG A 155 12.01 -2.08 -24.86
N LEU A 156 10.76 -1.62 -24.77
CA LEU A 156 10.50 -0.24 -24.37
C LEU A 156 10.83 -0.08 -22.90
N PHE A 157 10.56 -1.12 -22.13
CA PHE A 157 10.85 -1.13 -20.70
C PHE A 157 12.33 -0.95 -20.47
N SER A 158 13.12 -1.65 -21.27
CA SER A 158 14.58 -1.57 -21.18
C SER A 158 15.05 -0.18 -21.59
N LYS A 159 14.50 0.33 -22.69
CA LYS A 159 14.86 1.64 -23.20
C LYS A 159 14.56 2.73 -22.17
N SER A 160 13.43 2.58 -21.50
CA SER A 160 13.02 3.54 -20.47
C SER A 160 14.02 3.54 -19.33
N ILE A 161 14.47 2.35 -18.93
CA ILE A 161 15.44 2.24 -17.86
C ILE A 161 16.76 2.92 -18.25
N GLU A 162 17.16 2.73 -19.50
CA GLU A 162 18.40 3.31 -20.01
C GLU A 162 18.41 4.83 -19.83
N THR A 163 17.38 5.50 -20.33
CA THR A 163 17.28 6.95 -20.23
C THR A 163 17.07 7.41 -18.78
N LEU A 164 16.40 6.60 -17.98
CA LEU A 164 16.16 6.95 -16.58
C LEU A 164 17.45 6.88 -15.78
N ARG A 165 18.29 5.91 -16.11
CA ARG A 165 19.57 5.71 -15.43
C ARG A 165 20.44 6.96 -15.51
N VAL A 166 20.65 7.45 -16.73
CA VAL A 166 21.49 8.63 -16.94
C VAL A 166 20.86 9.86 -16.30
N HIS A 167 19.53 9.96 -16.37
CA HIS A 167 18.82 11.11 -15.81
C HIS A 167 18.97 11.16 -14.29
N LEU A 168 19.05 10.00 -13.66
CA LEU A 168 19.21 9.90 -12.22
C LEU A 168 20.67 10.15 -11.83
N ALA A 169 21.59 9.53 -12.57
CA ALA A 169 23.01 9.67 -12.31
C ALA A 169 23.48 11.11 -12.45
N GLU A 170 22.92 11.82 -13.43
CA GLU A 170 23.27 13.22 -13.68
C GLU A 170 22.91 14.10 -12.48
N LYS A 171 21.97 13.64 -11.67
CA LYS A 171 21.54 14.40 -10.50
C LYS A 171 22.53 14.24 -9.35
N GLY A 172 23.08 13.04 -9.22
CA GLY A 172 24.03 12.76 -8.17
C GLY A 172 23.54 11.67 -7.24
N ASP A 173 24.39 11.27 -6.30
CA ASP A 173 24.02 10.24 -5.33
C ASP A 173 23.06 10.81 -4.30
N GLY A 174 22.13 9.98 -3.84
CA GLY A 174 21.16 10.43 -2.86
C GLY A 174 20.02 11.21 -3.49
N ALA A 175 20.07 11.35 -4.81
CA ALA A 175 19.04 12.07 -5.54
C ALA A 175 17.93 11.13 -5.99
N GLU A 176 16.70 11.60 -5.94
CA GLU A 176 15.55 10.81 -6.34
C GLU A 176 14.76 11.53 -7.42
N LEU A 177 14.22 10.77 -8.36
CA LEU A 177 13.45 11.33 -9.45
C LEU A 177 11.96 11.06 -9.24
N ILE A 178 11.20 12.12 -9.02
CA ILE A 178 9.76 11.98 -8.83
C ILE A 178 9.09 11.73 -10.17
N TRP A 179 8.20 10.75 -10.20
CA TRP A 179 7.49 10.40 -11.44
C TRP A 179 6.68 11.57 -11.98
N ASP A 180 6.80 11.81 -13.28
CA ASP A 180 6.08 12.88 -13.94
C ASP A 180 5.48 12.37 -15.24
N LYS A 181 4.20 12.64 -15.44
CA LYS A 181 3.49 12.20 -16.65
C LYS A 181 3.90 13.04 -17.86
N ASP A 182 4.60 14.14 -17.60
CA ASP A 182 5.06 15.03 -18.66
C ASP A 182 6.38 14.54 -19.26
N ASP A 183 7.11 13.75 -18.48
CA ASP A 183 8.39 13.22 -18.91
C ASP A 183 8.22 11.91 -19.70
N PRO A 184 8.62 11.91 -20.98
CA PRO A 184 8.52 10.74 -21.86
C PRO A 184 9.16 9.48 -21.26
N SER A 185 10.34 9.64 -20.66
CA SER A 185 11.04 8.50 -20.06
C SER A 185 10.21 7.85 -18.95
N ALA A 186 9.71 8.66 -18.04
CA ALA A 186 8.90 8.17 -16.93
C ALA A 186 7.58 7.58 -17.43
N MET A 187 7.03 8.19 -18.47
CA MET A 187 5.77 7.73 -19.04
C MET A 187 5.93 6.39 -19.74
N ASP A 188 7.03 6.24 -20.48
CA ASP A 188 7.31 5.00 -21.18
C ASP A 188 7.49 3.85 -20.20
N PHE A 189 8.15 4.16 -19.10
CA PHE A 189 8.42 3.17 -18.05
C PHE A 189 7.13 2.57 -17.51
N VAL A 190 6.22 3.42 -17.05
CA VAL A 190 4.96 2.96 -16.48
C VAL A 190 4.11 2.23 -17.51
N THR A 191 4.17 2.68 -18.76
CA THR A 191 3.40 2.06 -19.82
C THR A 191 3.89 0.64 -20.12
N SER A 192 5.20 0.48 -20.21
CA SER A 192 5.81 -0.80 -20.51
C SER A 192 5.63 -1.78 -19.35
N ALA A 193 5.94 -1.32 -18.14
CA ALA A 193 5.84 -2.17 -16.95
C ALA A 193 4.42 -2.67 -16.73
N ALA A 194 3.44 -1.78 -16.86
CA ALA A 194 2.04 -2.14 -16.67
C ALA A 194 1.58 -3.14 -17.73
N ASN A 195 1.97 -2.90 -18.97
CA ASN A 195 1.59 -3.77 -20.08
C ASN A 195 2.11 -5.18 -19.88
N LEU A 196 3.36 -5.29 -19.46
CA LEU A 196 3.96 -6.59 -19.21
C LEU A 196 3.28 -7.28 -18.04
N ARG A 197 3.02 -6.50 -16.99
CA ARG A 197 2.37 -7.01 -15.78
C ARG A 197 0.96 -7.53 -16.09
N MET A 198 0.19 -6.76 -16.84
CA MET A 198 -1.17 -7.16 -17.19
C MET A 198 -1.17 -8.35 -18.15
N HIS A 199 -0.17 -8.43 -19.01
CA HIS A 199 -0.06 -9.54 -19.97
C HIS A 199 0.19 -10.84 -19.22
N ILE A 200 0.95 -10.75 -18.14
CA ILE A 200 1.28 -11.91 -17.32
C ILE A 200 0.03 -12.51 -16.69
N PHE A 201 -0.95 -11.66 -16.40
CA PHE A 201 -2.19 -12.12 -15.76
C PHE A 201 -3.30 -12.34 -16.79
N SER A 202 -2.90 -12.45 -18.06
CA SER A 202 -3.84 -12.68 -19.16
C SER A 202 -4.89 -11.57 -19.23
N MET A 203 -4.45 -10.35 -18.97
CA MET A 203 -5.31 -9.19 -18.99
C MET A 203 -5.08 -8.41 -20.29
N ASN A 204 -6.10 -7.69 -20.76
CA ASN A 204 -5.98 -6.91 -21.98
C ASN A 204 -4.90 -5.85 -21.82
N MET A 205 -4.15 -5.61 -22.89
CA MET A 205 -3.09 -4.63 -22.89
C MET A 205 -3.63 -3.27 -23.26
N LYS A 206 -2.84 -2.23 -23.00
CA LYS A 206 -3.27 -0.87 -23.30
C LYS A 206 -2.19 -0.08 -24.01
N SER A 207 -2.61 0.99 -24.68
CA SER A 207 -1.69 1.85 -25.39
C SER A 207 -1.08 2.88 -24.44
N ARG A 208 -0.06 3.60 -24.91
CA ARG A 208 0.60 4.60 -24.09
C ARG A 208 -0.35 5.74 -23.76
N PHE A 209 -1.09 6.20 -24.75
CA PHE A 209 -2.05 7.30 -24.59
C PHE A 209 -3.16 6.91 -23.61
N ASP A 210 -3.59 5.66 -23.68
CA ASP A 210 -4.65 5.17 -22.80
C ASP A 210 -4.17 5.05 -21.37
N ILE A 211 -2.98 4.49 -21.19
CA ILE A 211 -2.41 4.32 -19.87
C ILE A 211 -2.09 5.67 -19.22
N LYS A 212 -1.57 6.60 -20.02
CA LYS A 212 -1.20 7.93 -19.52
C LYS A 212 -2.38 8.60 -18.81
N SER A 213 -3.58 8.37 -19.31
CA SER A 213 -4.78 8.96 -18.72
C SER A 213 -4.95 8.56 -17.26
N MET A 214 -4.86 7.26 -16.99
CA MET A 214 -5.03 6.76 -15.62
C MET A 214 -3.74 6.87 -14.82
N ALA A 215 -2.60 6.82 -15.49
CA ALA A 215 -1.31 6.92 -14.83
C ALA A 215 -1.14 8.28 -14.15
N GLY A 216 -1.37 9.35 -14.91
CA GLY A 216 -1.25 10.68 -14.37
C GLY A 216 -2.51 11.14 -13.67
N ASN A 217 -3.64 10.60 -14.13
CA ASN A 217 -4.99 10.92 -13.60
C ASN A 217 -5.13 12.41 -13.31
N MET B 1 12.82 12.18 22.39
CA MET B 1 12.81 12.69 23.78
C MET B 1 11.84 13.85 23.92
N SER B 2 11.62 14.27 25.16
CA SER B 2 10.72 15.38 25.46
C SER B 2 11.12 16.62 24.68
N GLY B 3 10.14 17.48 24.40
CA GLY B 3 10.40 18.70 23.65
C GLY B 3 10.04 18.54 22.20
N ILE B 4 10.84 17.79 21.45
CA ILE B 4 10.61 17.57 20.03
C ILE B 4 9.23 16.96 19.79
N ALA B 5 8.89 15.98 20.62
CA ALA B 5 7.60 15.31 20.51
C ALA B 5 6.44 16.30 20.61
N LEU B 6 6.53 17.20 21.60
CA LEU B 6 5.50 18.20 21.83
C LEU B 6 5.41 19.18 20.66
N SER B 7 6.55 19.53 20.10
CA SER B 7 6.60 20.45 18.97
C SER B 7 5.82 19.88 17.78
N ARG B 8 6.03 18.59 17.52
CA ARG B 8 5.34 17.92 16.42
C ARG B 8 3.86 17.78 16.75
N LEU B 9 3.56 17.44 18.00
CA LEU B 9 2.18 17.28 18.45
C LEU B 9 1.40 18.58 18.32
N ALA B 10 2.03 19.68 18.70
CA ALA B 10 1.42 21.00 18.60
C ALA B 10 1.13 21.33 17.14
N GLN B 11 2.02 20.87 16.27
CA GLN B 11 1.87 21.09 14.83
C GLN B 11 0.66 20.34 14.30
N GLU B 12 0.45 19.12 14.81
CA GLU B 12 -0.67 18.30 14.41
C GLU B 12 -1.98 19.00 14.78
N ARG B 13 -1.99 19.60 15.96
CA ARG B 13 -3.17 20.32 16.45
C ARG B 13 -3.46 21.51 15.56
N LYS B 14 -2.41 22.23 15.19
CA LYS B 14 -2.55 23.39 14.32
C LYS B 14 -3.14 23.00 12.98
N ALA B 15 -2.63 21.90 12.42
CA ALA B 15 -3.09 21.39 11.14
C ALA B 15 -4.52 20.88 11.25
N TRP B 16 -4.83 20.19 12.34
CA TRP B 16 -6.16 19.65 12.57
C TRP B 16 -7.19 20.76 12.66
N ARG B 17 -6.86 21.80 13.41
CA ARG B 17 -7.76 22.94 13.58
C ARG B 17 -7.89 23.70 12.26
N LYS B 18 -6.82 23.72 11.48
CA LYS B 18 -6.81 24.41 10.20
C LYS B 18 -7.80 23.74 9.23
N ASP B 19 -7.72 22.41 9.15
CA ASP B 19 -8.60 21.65 8.28
C ASP B 19 -8.58 20.18 8.65
N HIS B 20 -9.76 19.63 8.90
CA HIS B 20 -9.89 18.22 9.25
C HIS B 20 -11.20 17.67 8.68
N PRO B 21 -11.26 16.35 8.42
CA PRO B 21 -12.46 15.72 7.87
C PRO B 21 -13.66 15.90 8.79
N PHE B 22 -14.78 16.30 8.21
CA PHE B 22 -16.01 16.52 8.98
C PHE B 22 -16.45 15.24 9.68
N GLY B 23 -16.74 15.35 10.97
CA GLY B 23 -17.16 14.21 11.74
C GLY B 23 -16.07 13.71 12.66
N PHE B 24 -14.83 13.97 12.27
CA PHE B 24 -13.68 13.55 13.04
C PHE B 24 -13.37 14.57 14.11
N VAL B 25 -13.23 14.10 15.34
CA VAL B 25 -12.94 14.97 16.46
C VAL B 25 -11.61 14.56 17.11
N ALA B 26 -10.81 15.55 17.48
CA ALA B 26 -9.52 15.30 18.12
C ALA B 26 -9.11 16.52 18.93
N VAL B 27 -8.94 16.32 20.22
CA VAL B 27 -8.56 17.41 21.11
C VAL B 27 -7.71 16.89 22.27
N PRO B 28 -6.56 17.54 22.54
CA PRO B 28 -5.68 17.14 23.64
C PRO B 28 -6.40 17.20 24.99
N THR B 29 -5.99 16.36 25.92
CA THR B 29 -6.63 16.31 27.22
C THR B 29 -6.35 17.58 28.03
N LYS B 30 -7.41 18.14 28.59
CA LYS B 30 -7.31 19.34 29.39
C LYS B 30 -6.66 19.04 30.73
N ASN B 31 -5.45 19.52 30.91
CA ASN B 31 -4.70 19.29 32.14
C ASN B 31 -5.02 20.40 33.15
N PRO B 32 -5.01 20.08 34.45
CA PRO B 32 -5.30 21.04 35.53
C PRO B 32 -4.62 22.41 35.39
N ASP B 33 -5.17 23.37 36.13
CA ASP B 33 -4.69 24.78 36.18
C ASP B 33 -4.73 25.48 34.82
N GLY B 34 -5.29 24.82 33.80
CA GLY B 34 -5.39 25.46 32.49
C GLY B 34 -4.39 24.95 31.49
N THR B 35 -3.54 24.01 31.90
CA THR B 35 -2.54 23.45 31.00
C THR B 35 -3.18 22.47 30.03
N MET B 36 -2.41 21.94 29.10
CA MET B 36 -2.93 21.00 28.12
C MET B 36 -1.92 19.89 27.86
N ASN B 37 -2.38 18.65 27.92
CA ASN B 37 -1.51 17.51 27.69
C ASN B 37 -1.57 17.12 26.22
N LEU B 38 -0.54 17.50 25.48
CA LEU B 38 -0.47 17.21 24.05
C LEU B 38 -0.05 15.77 23.80
N MET B 39 0.32 15.06 24.86
CA MET B 39 0.74 13.67 24.73
C MET B 39 -0.40 12.70 24.96
N ASN B 40 -1.62 13.23 25.02
CA ASN B 40 -2.82 12.41 25.20
C ASN B 40 -4.04 13.17 24.69
N TRP B 41 -4.64 12.64 23.62
CA TRP B 41 -5.80 13.29 23.02
C TRP B 41 -7.04 12.43 23.16
N GLU B 42 -8.20 13.09 23.24
CA GLU B 42 -9.48 12.42 23.31
C GLU B 42 -10.16 12.59 21.96
N CYS B 43 -9.94 11.63 21.07
CA CYS B 43 -10.48 11.71 19.72
C CYS B 43 -11.80 10.96 19.58
N ALA B 44 -12.49 11.24 18.49
CA ALA B 44 -13.77 10.61 18.18
C ALA B 44 -13.88 10.38 16.67
N ILE B 45 -14.32 9.19 16.30
CA ILE B 45 -14.46 8.83 14.89
C ILE B 45 -15.84 8.27 14.60
N PRO B 46 -16.53 8.84 13.61
CA PRO B 46 -17.86 8.37 13.21
C PRO B 46 -17.79 7.19 12.26
N GLY B 47 -18.85 6.39 12.22
CA GLY B 47 -18.88 5.25 11.34
C GLY B 47 -18.96 5.66 9.88
N LYS B 48 -18.25 4.92 9.03
CA LYS B 48 -18.20 5.20 7.60
C LYS B 48 -19.60 5.13 6.99
N LYS B 49 -19.90 6.06 6.10
CA LYS B 49 -21.20 6.11 5.44
C LYS B 49 -21.37 4.92 4.50
N GLY B 50 -22.55 4.30 4.56
CA GLY B 50 -22.82 3.14 3.73
C GLY B 50 -22.45 1.85 4.41
N THR B 51 -22.19 1.93 5.71
CA THR B 51 -21.82 0.77 6.51
C THR B 51 -22.68 0.71 7.76
N PRO B 52 -22.80 -0.46 8.41
CA PRO B 52 -23.60 -0.60 9.63
C PRO B 52 -23.03 0.21 10.79
N TRP B 53 -21.82 0.72 10.63
CA TRP B 53 -21.15 1.51 11.66
C TRP B 53 -21.60 2.98 11.57
N GLU B 54 -22.18 3.32 10.44
CA GLU B 54 -22.64 4.69 10.19
C GLU B 54 -23.68 5.13 11.22
N GLY B 55 -23.60 6.40 11.60
CA GLY B 55 -24.53 6.94 12.56
C GLY B 55 -23.97 6.97 13.96
N GLY B 56 -22.92 6.19 14.21
CA GLY B 56 -22.33 6.14 15.52
C GLY B 56 -21.03 6.90 15.61
N LEU B 57 -20.81 7.56 16.74
CA LEU B 57 -19.59 8.31 16.99
C LEU B 57 -18.80 7.61 18.08
N PHE B 58 -17.68 7.01 17.71
CA PHE B 58 -16.87 6.26 18.65
C PHE B 58 -15.75 7.12 19.22
N LYS B 59 -15.42 6.88 20.49
CA LYS B 59 -14.38 7.64 21.15
C LYS B 59 -13.15 6.78 21.41
N LEU B 60 -11.98 7.33 21.12
CA LEU B 60 -10.73 6.62 21.35
C LEU B 60 -9.70 7.57 21.94
N ARG B 61 -8.85 7.04 22.81
CA ARG B 61 -7.83 7.84 23.44
C ARG B 61 -6.50 7.62 22.75
N MET B 62 -5.84 8.71 22.40
CA MET B 62 -4.56 8.63 21.72
C MET B 62 -3.42 8.91 22.70
N LEU B 63 -2.64 7.88 22.98
CA LEU B 63 -1.52 8.00 23.90
C LEU B 63 -0.22 8.15 23.11
N PHE B 64 0.57 9.16 23.44
CA PHE B 64 1.82 9.41 22.74
C PHE B 64 3.02 9.12 23.64
N LYS B 65 4.16 8.91 23.01
CA LYS B 65 5.40 8.62 23.73
C LYS B 65 6.38 9.77 23.58
N ASP B 66 7.45 9.74 24.36
CA ASP B 66 8.46 10.80 24.33
C ASP B 66 9.37 10.70 23.10
N ASP B 67 9.34 9.56 22.43
CA ASP B 67 10.18 9.39 21.24
C ASP B 67 9.44 9.83 19.99
N TYR B 68 8.21 10.28 20.17
CA TYR B 68 7.38 10.77 19.07
C TYR B 68 8.12 11.83 18.26
N PRO B 69 7.97 11.83 16.92
CA PRO B 69 7.13 10.89 16.19
C PRO B 69 7.85 9.64 15.70
N SER B 70 8.96 9.28 16.36
CA SER B 70 9.70 8.09 15.97
C SER B 70 8.87 6.85 16.32
N SER B 71 8.23 6.90 17.48
CA SER B 71 7.39 5.81 17.93
C SER B 71 5.93 6.10 17.60
N PRO B 72 5.18 5.09 17.16
CA PRO B 72 3.76 5.25 16.82
C PRO B 72 2.87 5.41 18.04
N PRO B 73 1.87 6.30 17.97
CA PRO B 73 0.94 6.55 19.06
C PRO B 73 0.02 5.37 19.32
N LYS B 74 -0.40 5.22 20.56
CA LYS B 74 -1.28 4.13 20.95
C LYS B 74 -2.73 4.59 20.93
N CYS B 75 -3.48 4.13 19.95
CA CYS B 75 -4.88 4.48 19.82
C CYS B 75 -5.74 3.38 20.42
N LYS B 76 -6.44 3.69 21.51
CA LYS B 76 -7.28 2.71 22.17
C LYS B 76 -8.70 3.25 22.34
N PHE B 77 -9.67 2.45 21.92
CA PHE B 77 -11.08 2.84 22.02
C PHE B 77 -11.54 2.84 23.47
N GLU B 78 -12.35 3.83 23.81
CA GLU B 78 -12.88 3.97 25.16
C GLU B 78 -14.38 4.24 25.12
N PRO B 79 -15.23 3.21 25.37
CA PRO B 79 -14.78 1.86 25.70
C PRO B 79 -14.43 1.05 24.45
N PRO B 80 -13.80 -0.14 24.63
CA PRO B 80 -13.43 -1.02 23.52
C PRO B 80 -14.61 -1.33 22.61
N LEU B 81 -14.33 -1.51 21.32
CA LEU B 81 -15.38 -1.79 20.35
C LEU B 81 -15.33 -3.24 19.88
N PHE B 82 -16.48 -3.73 19.42
CA PHE B 82 -16.59 -5.07 18.90
C PHE B 82 -15.99 -5.10 17.50
N HIS B 83 -14.74 -5.49 17.41
CA HIS B 83 -14.03 -5.53 16.13
C HIS B 83 -12.85 -6.48 16.22
N PRO B 84 -12.70 -7.40 15.23
CA PRO B 84 -11.63 -8.40 15.21
C PRO B 84 -10.21 -7.81 15.24
N ASN B 85 -10.09 -6.51 15.02
CA ASN B 85 -8.78 -5.85 15.01
C ASN B 85 -8.63 -4.92 16.20
N VAL B 86 -9.45 -5.14 17.21
CA VAL B 86 -9.41 -4.34 18.43
C VAL B 86 -9.32 -5.27 19.63
N TYR B 87 -8.30 -5.08 20.44
CA TYR B 87 -8.11 -5.92 21.62
C TYR B 87 -9.15 -5.60 22.68
N PRO B 88 -9.43 -6.54 23.60
CA PRO B 88 -10.40 -6.35 24.68
C PRO B 88 -10.10 -5.13 25.54
N SER B 89 -8.86 -4.66 25.48
CA SER B 89 -8.41 -3.50 26.23
C SER B 89 -8.77 -2.21 25.48
N GLY B 90 -9.12 -2.35 24.21
CA GLY B 90 -9.46 -1.20 23.40
C GLY B 90 -8.38 -0.85 22.40
N THR B 91 -7.21 -1.45 22.58
CA THR B 91 -6.08 -1.21 21.70
C THR B 91 -6.38 -1.63 20.27
N VAL B 92 -6.29 -0.67 19.35
CA VAL B 92 -6.52 -0.94 17.94
C VAL B 92 -5.22 -1.34 17.28
N CYS B 93 -5.26 -2.30 16.38
CA CYS B 93 -4.05 -2.74 15.70
C CYS B 93 -4.08 -2.32 14.23
N LEU B 94 -2.94 -1.80 13.77
CA LEU B 94 -2.81 -1.35 12.40
C LEU B 94 -1.33 -1.34 12.01
N SER B 95 -1.06 -1.51 10.72
CA SER B 95 0.31 -1.53 10.21
C SER B 95 1.07 -0.25 10.53
N ILE B 96 0.39 0.89 10.46
CA ILE B 96 1.01 2.17 10.73
C ILE B 96 1.01 2.49 12.23
N LEU B 97 0.49 1.56 13.02
CA LEU B 97 0.46 1.75 14.46
C LEU B 97 1.59 0.97 15.12
N GLU B 98 2.40 0.33 14.29
CA GLU B 98 3.54 -0.44 14.74
C GLU B 98 4.79 0.03 14.03
N GLU B 99 5.80 0.36 14.81
CA GLU B 99 7.07 0.87 14.30
C GLU B 99 7.75 -0.09 13.32
N ASP B 100 7.80 -1.37 13.68
CA ASP B 100 8.46 -2.36 12.83
C ASP B 100 7.57 -2.87 11.70
N LYS B 101 6.40 -2.29 11.54
CA LYS B 101 5.48 -2.73 10.49
C LYS B 101 5.50 -1.78 9.29
N ASP B 102 4.73 -0.71 9.37
CA ASP B 102 4.66 0.25 8.28
C ASP B 102 4.46 1.67 8.80
N TRP B 103 5.06 1.98 9.92
CA TRP B 103 4.93 3.31 10.51
C TRP B 103 6.07 4.21 10.04
N ARG B 104 5.71 5.34 9.48
CA ARG B 104 6.67 6.33 9.03
C ARG B 104 6.39 7.64 9.75
N PRO B 105 7.42 8.24 10.37
CA PRO B 105 7.28 9.51 11.14
C PRO B 105 6.63 10.65 10.35
N ALA B 106 6.63 10.52 9.03
CA ALA B 106 6.06 11.56 8.16
C ALA B 106 4.54 11.49 8.14
N ILE B 107 3.97 10.41 8.67
CA ILE B 107 2.52 10.25 8.69
C ILE B 107 1.87 11.21 9.70
N THR B 108 0.85 11.91 9.26
CA THR B 108 0.13 12.86 10.10
C THR B 108 -0.96 12.16 10.91
N ILE B 109 -1.32 12.74 12.06
CA ILE B 109 -2.36 12.18 12.92
C ILE B 109 -3.67 12.00 12.14
N LYS B 110 -3.92 12.93 11.22
CA LYS B 110 -5.12 12.91 10.40
C LYS B 110 -5.20 11.60 9.59
N GLN B 111 -4.06 11.15 9.09
CA GLN B 111 -4.00 9.93 8.29
C GLN B 111 -4.32 8.71 9.17
N ILE B 112 -3.84 8.74 10.40
CA ILE B 112 -4.05 7.65 11.33
C ILE B 112 -5.53 7.50 11.66
N LEU B 113 -6.16 8.62 12.03
CA LEU B 113 -7.57 8.62 12.38
C LEU B 113 -8.43 8.15 11.21
N LEU B 114 -8.07 8.59 10.00
CA LEU B 114 -8.79 8.19 8.80
C LEU B 114 -8.67 6.69 8.59
N GLY B 115 -7.49 6.16 8.89
CA GLY B 115 -7.24 4.74 8.74
C GLY B 115 -8.08 3.91 9.70
N ILE B 116 -8.32 4.44 10.89
CA ILE B 116 -9.11 3.74 11.90
C ILE B 116 -10.56 3.60 11.41
N GLN B 117 -11.10 4.65 10.81
CA GLN B 117 -12.46 4.61 10.28
C GLN B 117 -12.55 3.56 9.17
N GLU B 118 -11.46 3.46 8.41
CA GLU B 118 -11.37 2.49 7.33
C GLU B 118 -11.41 1.08 7.89
N LEU B 119 -10.64 0.86 8.96
CA LEU B 119 -10.57 -0.44 9.61
C LEU B 119 -11.93 -0.90 10.11
N LEU B 120 -12.76 0.07 10.50
CA LEU B 120 -14.09 -0.24 11.01
C LEU B 120 -14.87 -1.11 10.03
N ASN B 121 -14.97 -0.65 8.79
CA ASN B 121 -15.71 -1.39 7.78
C ASN B 121 -14.86 -2.51 7.18
N GLU B 122 -13.57 -2.24 6.97
CA GLU B 122 -12.67 -3.23 6.41
C GLU B 122 -11.79 -3.84 7.49
N PRO B 123 -12.17 -5.03 7.98
CA PRO B 123 -11.43 -5.72 9.02
C PRO B 123 -10.33 -6.62 8.44
N ASN B 124 -9.20 -6.64 9.12
CA ASN B 124 -8.08 -7.45 8.70
C ASN B 124 -8.22 -8.86 9.25
N ILE B 125 -8.48 -9.81 8.36
CA ILE B 125 -8.66 -11.21 8.76
C ILE B 125 -7.30 -11.86 9.00
N GLN B 126 -6.24 -11.12 8.73
CA GLN B 126 -4.88 -11.60 8.92
C GLN B 126 -4.48 -11.50 10.39
N ASP B 127 -4.89 -10.43 11.05
CA ASP B 127 -4.54 -10.21 12.45
C ASP B 127 -5.76 -10.28 13.36
N PRO B 128 -5.90 -11.39 14.12
CA PRO B 128 -7.03 -11.59 15.03
C PRO B 128 -6.78 -11.05 16.43
N ALA B 129 -7.16 -9.80 16.65
CA ALA B 129 -7.00 -9.15 17.95
C ALA B 129 -8.15 -9.54 18.87
N GLN B 130 -9.35 -9.63 18.31
CA GLN B 130 -10.53 -10.01 19.06
C GLN B 130 -11.03 -11.35 18.54
N ALA B 131 -10.68 -12.41 19.25
CA ALA B 131 -11.04 -13.78 18.86
C ALA B 131 -12.53 -13.95 18.61
N GLU B 132 -13.36 -13.57 19.57
CA GLU B 132 -14.81 -13.71 19.43
C GLU B 132 -15.31 -13.05 18.14
N ALA B 133 -14.98 -11.78 17.97
CA ALA B 133 -15.40 -11.03 16.78
C ALA B 133 -14.86 -11.67 15.51
N TYR B 134 -13.61 -12.14 15.59
CA TYR B 134 -12.94 -12.79 14.47
C TYR B 134 -13.70 -14.04 14.04
N THR B 135 -14.06 -14.86 15.02
CA THR B 135 -14.78 -16.10 14.76
C THR B 135 -16.20 -15.81 14.24
N ILE B 136 -16.91 -14.91 14.91
CA ILE B 136 -18.27 -14.54 14.51
C ILE B 136 -18.31 -14.01 13.08
N TYR B 137 -17.33 -13.17 12.75
CA TYR B 137 -17.24 -12.57 11.41
C TYR B 137 -17.13 -13.64 10.31
N CYS B 138 -16.55 -14.78 10.65
CA CYS B 138 -16.37 -15.85 9.67
C CYS B 138 -17.49 -16.88 9.70
N GLN B 139 -17.95 -17.24 10.89
CA GLN B 139 -18.98 -18.26 11.01
C GLN B 139 -20.40 -17.70 10.86
N ASN B 140 -20.59 -16.42 11.14
CA ASN B 140 -21.92 -15.83 11.04
C ASN B 140 -21.86 -14.33 10.76
N ARG B 141 -21.83 -13.98 9.49
CA ARG B 141 -21.79 -12.57 9.08
C ARG B 141 -23.07 -11.86 9.48
N VAL B 142 -24.17 -12.61 9.50
CA VAL B 142 -25.48 -12.06 9.86
C VAL B 142 -25.47 -11.53 11.29
N GLU B 143 -25.02 -12.35 12.22
CA GLU B 143 -24.97 -11.96 13.63
C GLU B 143 -23.93 -10.86 13.84
N TYR B 144 -22.86 -10.90 13.04
CA TYR B 144 -21.81 -9.89 13.14
C TYR B 144 -22.39 -8.50 12.84
N GLU B 145 -23.10 -8.38 11.72
CA GLU B 145 -23.70 -7.11 11.34
C GLU B 145 -24.68 -6.63 12.40
N LYS B 146 -25.41 -7.56 12.99
CA LYS B 146 -26.39 -7.25 14.03
C LYS B 146 -25.70 -6.58 15.22
N ARG B 147 -24.62 -7.19 15.69
CA ARG B 147 -23.85 -6.67 16.81
C ARG B 147 -23.32 -5.28 16.48
N VAL B 148 -22.83 -5.12 15.27
CA VAL B 148 -22.29 -3.84 14.81
C VAL B 148 -23.39 -2.76 14.82
N ARG B 149 -24.55 -3.12 14.28
CA ARG B 149 -25.68 -2.19 14.22
C ARG B 149 -26.08 -1.74 15.61
N ALA B 150 -26.19 -2.69 16.53
CA ALA B 150 -26.58 -2.39 17.91
C ALA B 150 -25.54 -1.51 18.60
N GLN B 151 -24.28 -1.75 18.28
CA GLN B 151 -23.19 -0.98 18.85
C GLN B 151 -23.18 0.43 18.29
N ALA B 152 -23.33 0.55 16.98
CA ALA B 152 -23.33 1.84 16.31
C ALA B 152 -24.49 2.70 16.81
N LYS B 153 -25.64 2.06 17.00
CA LYS B 153 -26.83 2.76 17.48
C LYS B 153 -26.63 3.26 18.90
N LYS B 154 -25.76 2.58 19.64
CA LYS B 154 -25.48 2.96 21.03
C LYS B 154 -24.58 4.19 21.07
N PHE B 155 -23.70 4.31 20.08
CA PHE B 155 -22.78 5.42 20.01
C PHE B 155 -23.34 6.56 19.14
N ALA B 156 -24.58 6.40 18.68
CA ALA B 156 -25.24 7.39 17.86
C ALA B 156 -25.44 8.68 18.64
N PRO B 157 -24.95 9.82 18.11
CA PRO B 157 -25.08 11.13 18.77
C PRO B 157 -26.53 11.48 19.06
N SER B 158 -26.89 11.44 20.33
CA SER B 158 -28.25 11.76 20.75
C SER B 158 -28.22 12.67 21.97
N THR A 1 -15.34 10.20 -5.35
CA THR A 1 -13.87 10.26 -5.22
C THR A 1 -13.25 9.10 -5.99
N GLN A 2 -11.91 9.09 -6.08
CA GLN A 2 -11.22 8.02 -6.78
C GLN A 2 -11.19 6.76 -5.94
N ARG A 3 -11.26 5.61 -6.60
CA ARG A 3 -11.24 4.34 -5.90
C ARG A 3 -9.80 3.92 -5.58
N THR A 4 -9.50 3.80 -4.29
CA THR A 4 -8.17 3.42 -3.86
C THR A 4 -7.92 1.93 -4.10
N PHE A 5 -6.68 1.60 -4.41
CA PHE A 5 -6.33 0.21 -4.67
C PHE A 5 -5.36 -0.30 -3.61
N PRO A 6 -5.82 -1.21 -2.74
CA PRO A 6 -4.99 -1.79 -1.67
C PRO A 6 -3.73 -2.46 -2.24
N GLY A 7 -2.61 -2.33 -1.52
CA GLY A 7 -1.36 -2.91 -1.97
C GLY A 7 -1.44 -4.40 -2.25
N CYS A 8 -2.33 -5.09 -1.55
CA CYS A 8 -2.51 -6.53 -1.72
C CYS A 8 -2.92 -6.90 -3.14
N THR A 9 -3.92 -6.20 -3.67
CA THR A 9 -4.43 -6.47 -5.01
C THR A 9 -3.55 -5.81 -6.06
N ILE A 10 -2.61 -5.01 -5.62
CA ILE A 10 -1.70 -4.34 -6.54
C ILE A 10 -0.47 -5.22 -6.77
N ARG A 11 0.00 -5.83 -5.70
CA ARG A 11 1.18 -6.69 -5.77
C ARG A 11 0.83 -8.15 -6.03
N ASN A 12 -0.22 -8.65 -5.40
CA ASN A 12 -0.61 -10.06 -5.55
C ASN A 12 -1.50 -10.29 -6.76
N THR A 13 -2.78 -9.96 -6.64
CA THR A 13 -3.74 -10.18 -7.73
C THR A 13 -4.21 -8.88 -8.38
N PRO A 14 -3.53 -8.43 -9.45
CA PRO A 14 -3.89 -7.23 -10.17
C PRO A 14 -4.76 -7.55 -11.38
N SER A 15 -5.90 -8.17 -11.13
CA SER A 15 -6.83 -8.57 -12.17
C SER A 15 -7.63 -7.37 -12.71
N GLU A 16 -6.90 -6.43 -13.29
CA GLU A 16 -7.50 -5.23 -13.88
C GLU A 16 -6.42 -4.44 -14.59
N PRO A 17 -6.72 -3.93 -15.81
CA PRO A 17 -5.77 -3.14 -16.60
C PRO A 17 -5.10 -2.02 -15.81
N ILE A 18 -5.90 -1.15 -15.20
CA ILE A 18 -5.36 -0.02 -14.44
C ILE A 18 -4.60 -0.49 -13.20
N HIS A 19 -4.92 -1.69 -12.72
CA HIS A 19 -4.25 -2.25 -11.55
C HIS A 19 -2.77 -2.43 -11.83
N CYS A 20 -2.46 -2.87 -13.05
CA CYS A 20 -1.09 -3.08 -13.46
C CYS A 20 -0.38 -1.75 -13.64
N ILE A 21 -1.13 -0.74 -14.08
CA ILE A 21 -0.60 0.59 -14.28
C ILE A 21 -0.23 1.23 -12.94
N VAL A 22 -1.09 1.03 -11.95
CA VAL A 22 -0.84 1.57 -10.61
C VAL A 22 0.43 0.93 -10.05
N TRP A 23 0.59 -0.36 -10.31
CA TRP A 23 1.77 -1.09 -9.87
C TRP A 23 3.02 -0.50 -10.52
N ALA A 24 2.91 -0.19 -11.81
CA ALA A 24 4.01 0.38 -12.56
C ALA A 24 4.36 1.77 -12.04
N LYS A 25 3.34 2.54 -11.67
CA LYS A 25 3.55 3.88 -11.13
C LYS A 25 4.30 3.80 -9.81
N TYR A 26 3.99 2.77 -9.04
CA TYR A 26 4.66 2.54 -7.77
C TYR A 26 6.10 2.10 -8.03
N LEU A 27 6.25 1.22 -9.02
CA LEU A 27 7.56 0.69 -9.41
C LEU A 27 8.54 1.83 -9.71
N PHE A 28 8.08 2.82 -10.47
CA PHE A 28 8.91 3.95 -10.84
C PHE A 28 9.38 4.71 -9.59
N ASN A 29 8.44 4.99 -8.70
CA ASN A 29 8.74 5.73 -7.49
C ASN A 29 9.62 4.93 -6.53
N GLN A 30 9.45 3.61 -6.52
CA GLN A 30 10.22 2.76 -5.64
C GLN A 30 11.65 2.55 -6.14
N LEU A 31 11.91 2.95 -7.38
CA LEU A 31 13.24 2.79 -7.95
C LEU A 31 13.95 4.12 -8.14
N PHE A 32 13.25 5.10 -8.69
CA PHE A 32 13.85 6.41 -8.96
C PHE A 32 13.29 7.52 -8.08
N GLY A 33 12.18 7.26 -7.41
CA GLY A 33 11.58 8.30 -6.58
C GLY A 33 11.65 7.99 -5.09
N GLU A 34 10.53 8.18 -4.40
CA GLU A 34 10.44 7.93 -2.96
C GLU A 34 9.88 6.54 -2.69
N GLU A 35 10.45 5.87 -1.71
CA GLU A 35 10.02 4.52 -1.35
C GLU A 35 8.85 4.56 -0.39
N ASP A 36 8.30 3.39 -0.13
CA ASP A 36 7.16 3.25 0.78
C ASP A 36 7.02 1.80 1.19
N ALA A 37 6.40 1.55 2.33
CA ALA A 37 6.22 0.18 2.80
C ALA A 37 4.90 -0.38 2.30
N ASP A 38 3.85 0.43 2.37
CA ASP A 38 2.53 0.01 1.90
C ASP A 38 2.52 -0.08 0.40
N GLN A 39 3.03 0.96 -0.25
CA GLN A 39 3.09 1.03 -1.70
C GLN A 39 4.34 0.35 -2.24
N GLU A 40 4.70 -0.79 -1.66
CA GLU A 40 5.85 -1.55 -2.09
C GLU A 40 5.60 -2.18 -3.45
N VAL A 41 6.66 -2.55 -4.13
CA VAL A 41 6.56 -3.15 -5.45
C VAL A 41 7.04 -4.61 -5.41
N SER A 42 7.83 -4.92 -4.41
CA SER A 42 8.38 -6.26 -4.23
C SER A 42 7.29 -7.21 -3.74
N PRO A 43 7.40 -8.51 -4.05
CA PRO A 43 6.42 -9.52 -3.61
C PRO A 43 6.29 -9.52 -2.09
N ASP A 44 5.06 -9.51 -1.62
CA ASP A 44 4.80 -9.50 -0.19
C ASP A 44 5.25 -10.80 0.46
N ARG A 45 6.23 -10.70 1.35
CA ARG A 45 6.74 -11.86 2.04
C ARG A 45 6.06 -12.02 3.39
N ALA A 46 5.14 -11.09 3.68
CA ALA A 46 4.40 -11.12 4.92
C ALA A 46 3.02 -11.73 4.67
N ASP A 47 2.82 -12.20 3.44
CA ASP A 47 1.56 -12.81 3.05
C ASP A 47 1.27 -14.01 3.93
N PRO A 48 0.01 -14.19 4.36
CA PRO A 48 -0.41 -15.33 5.21
C PRO A 48 0.07 -16.69 4.71
N GLU A 49 0.38 -16.78 3.42
CA GLU A 49 0.85 -18.02 2.83
C GLU A 49 2.38 -18.15 2.94
N ALA A 50 3.05 -17.04 3.21
CA ALA A 50 4.50 -17.03 3.32
C ALA A 50 4.94 -16.79 4.76
N ALA A 51 4.02 -16.26 5.56
CA ALA A 51 4.31 -15.96 6.96
C ALA A 51 3.32 -16.67 7.88
N TRP A 52 3.44 -16.44 9.18
CA TRP A 52 2.56 -17.06 10.15
C TRP A 52 1.24 -16.28 10.25
N GLU A 53 1.29 -15.08 10.79
CA GLU A 53 0.09 -14.27 10.93
C GLU A 53 -0.03 -13.23 9.80
N PRO A 54 0.91 -12.26 9.68
CA PRO A 54 2.06 -12.07 10.57
C PRO A 54 1.86 -10.94 11.58
N THR A 55 2.49 -11.06 12.75
CA THR A 55 2.39 -10.05 13.79
C THR A 55 3.19 -10.47 15.02
N GLU A 56 3.53 -9.51 15.87
CA GLU A 56 4.29 -9.79 17.09
C GLU A 56 3.50 -9.32 18.31
N ALA A 57 4.16 -9.28 19.46
CA ALA A 57 3.56 -8.86 20.73
C ALA A 57 2.51 -9.86 21.22
N GLU A 58 1.42 -9.96 20.49
CA GLU A 58 0.34 -10.87 20.85
C GLU A 58 0.41 -12.16 20.03
N ALA A 59 1.60 -12.42 19.49
CA ALA A 59 1.82 -13.62 18.69
C ALA A 59 3.22 -14.16 18.91
N ARG A 60 3.61 -15.14 18.10
CA ARG A 60 4.93 -15.75 18.21
C ARG A 60 6.02 -14.73 17.88
N ALA A 61 6.82 -14.39 18.87
CA ALA A 61 7.90 -13.43 18.69
C ALA A 61 9.02 -14.04 17.85
N ARG A 62 9.15 -15.36 17.93
CA ARG A 62 10.17 -16.07 17.19
C ARG A 62 9.80 -16.21 15.72
N ALA A 63 8.58 -15.80 15.37
CA ALA A 63 8.11 -15.88 13.98
C ALA A 63 8.78 -14.81 13.14
N SER A 64 9.19 -13.74 13.80
CA SER A 64 9.87 -12.64 13.11
C SER A 64 11.38 -12.82 13.24
N ASN A 65 12.08 -12.76 12.10
CA ASN A 65 13.53 -12.90 12.09
C ASN A 65 14.19 -11.59 12.46
N GLU A 66 13.66 -10.50 11.90
CA GLU A 66 14.19 -9.18 12.17
C GLU A 66 13.78 -8.72 13.56
N ASP A 67 14.64 -7.96 14.22
CA ASP A 67 14.35 -7.48 15.56
C ASP A 67 13.69 -6.11 15.51
N GLY A 68 12.51 -6.00 16.10
CA GLY A 68 11.79 -4.75 16.11
C GLY A 68 11.15 -4.43 14.78
N ASP A 69 11.15 -5.42 13.89
CA ASP A 69 10.59 -5.25 12.56
C ASP A 69 10.13 -6.60 12.01
N ILE A 70 9.01 -6.60 11.32
CA ILE A 70 8.50 -7.83 10.74
C ILE A 70 9.02 -7.98 9.31
N LYS A 71 8.86 -6.92 8.51
CA LYS A 71 9.31 -6.96 7.12
C LYS A 71 9.60 -5.55 6.59
N ARG A 72 10.87 -5.29 6.30
CA ARG A 72 11.29 -4.01 5.77
C ARG A 72 12.11 -4.23 4.51
N ILE A 73 11.43 -4.47 3.40
CA ILE A 73 12.10 -4.70 2.13
C ILE A 73 12.33 -3.38 1.40
N SER A 74 13.36 -3.33 0.56
CA SER A 74 13.68 -2.13 -0.20
C SER A 74 14.34 -2.49 -1.52
N THR A 75 13.55 -2.45 -2.60
CA THR A 75 14.05 -2.77 -3.92
C THR A 75 14.98 -1.69 -4.46
N LYS A 76 14.79 -0.46 -3.98
CA LYS A 76 15.61 0.68 -4.41
C LYS A 76 17.09 0.38 -4.22
N GLU A 77 17.42 -0.21 -3.08
CA GLU A 77 18.80 -0.54 -2.76
C GLU A 77 19.40 -1.51 -3.78
N TRP A 78 18.69 -2.60 -4.04
CA TRP A 78 19.16 -3.61 -4.99
C TRP A 78 19.27 -3.04 -6.40
N ALA A 79 18.27 -2.26 -6.79
CA ALA A 79 18.25 -1.66 -8.12
C ALA A 79 19.46 -0.76 -8.35
N LYS A 80 19.79 0.06 -7.37
CA LYS A 80 20.92 0.98 -7.50
C LYS A 80 22.24 0.21 -7.42
N SER A 81 22.25 -0.87 -6.65
CA SER A 81 23.46 -1.68 -6.48
C SER A 81 23.82 -2.43 -7.76
N THR A 82 22.82 -2.71 -8.59
CA THR A 82 23.06 -3.42 -9.85
C THR A 82 23.29 -2.43 -10.99
N GLY A 83 23.28 -1.14 -10.64
CA GLY A 83 23.49 -0.11 -11.63
C GLY A 83 22.27 0.09 -12.50
N TYR A 84 21.11 -0.29 -11.96
CA TYR A 84 19.83 -0.20 -12.67
C TYR A 84 19.90 -0.91 -14.02
N ASP A 85 20.23 -2.19 -13.98
CA ASP A 85 20.34 -2.98 -15.20
C ASP A 85 18.96 -3.46 -15.63
N PRO A 86 18.55 -3.10 -16.87
CA PRO A 86 17.24 -3.47 -17.43
C PRO A 86 16.96 -4.98 -17.38
N VAL A 87 17.92 -5.78 -17.85
CA VAL A 87 17.76 -7.23 -17.88
C VAL A 87 17.58 -7.81 -16.47
N LYS A 88 18.44 -7.39 -15.55
CA LYS A 88 18.38 -7.86 -14.17
C LYS A 88 17.03 -7.53 -13.55
N LEU A 89 16.58 -6.31 -13.72
CA LEU A 89 15.29 -5.87 -13.18
C LEU A 89 14.14 -6.61 -13.84
N PHE A 90 14.23 -6.77 -15.16
CA PHE A 90 13.19 -7.45 -15.93
C PHE A 90 13.02 -8.90 -15.49
N THR A 91 14.13 -9.65 -15.47
CA THR A 91 14.08 -11.06 -15.09
C THR A 91 13.74 -11.24 -13.61
N LYS A 92 13.84 -10.15 -12.86
CA LYS A 92 13.53 -10.20 -11.44
C LYS A 92 12.04 -9.99 -11.21
N LEU A 93 11.54 -8.83 -11.59
CA LEU A 93 10.14 -8.48 -11.39
C LEU A 93 9.18 -9.24 -12.30
N PHE A 94 9.58 -9.45 -13.55
CA PHE A 94 8.71 -10.11 -14.51
C PHE A 94 9.04 -11.59 -14.70
N LYS A 95 9.72 -12.19 -13.73
CA LYS A 95 10.07 -13.60 -13.84
C LYS A 95 10.25 -14.24 -12.47
N ASP A 96 11.33 -13.86 -11.78
CA ASP A 96 11.63 -14.43 -10.46
C ASP A 96 10.55 -14.11 -9.43
N ASP A 97 10.23 -12.83 -9.29
CA ASP A 97 9.24 -12.38 -8.32
C ASP A 97 7.87 -13.03 -8.52
N ILE A 98 7.42 -13.12 -9.78
CA ILE A 98 6.12 -13.72 -10.04
C ILE A 98 6.16 -15.24 -9.85
N ARG A 99 7.34 -15.82 -10.04
CA ARG A 99 7.50 -17.26 -9.83
C ARG A 99 7.36 -17.55 -8.35
N TYR A 100 7.88 -16.63 -7.53
CA TYR A 100 7.78 -16.75 -6.08
C TYR A 100 6.34 -16.52 -5.66
N LEU A 101 5.62 -15.73 -6.44
CA LEU A 101 4.22 -15.43 -6.16
C LEU A 101 3.36 -16.67 -6.45
N LEU A 102 3.92 -17.60 -7.21
CA LEU A 102 3.23 -18.84 -7.53
C LEU A 102 3.35 -19.83 -6.38
N THR A 103 4.24 -19.53 -5.44
CA THR A 103 4.44 -20.36 -4.26
C THR A 103 3.20 -20.32 -3.38
N MET A 104 2.47 -19.21 -3.48
CA MET A 104 1.23 -19.03 -2.73
C MET A 104 0.12 -19.74 -3.49
N ASP A 105 0.07 -21.05 -3.34
CA ASP A 105 -0.90 -21.88 -4.05
C ASP A 105 -2.34 -21.52 -3.70
N LYS A 106 -2.57 -21.03 -2.49
CA LYS A 106 -3.92 -20.65 -2.06
C LYS A 106 -4.35 -19.31 -2.66
N LEU A 107 -3.45 -18.69 -3.42
CA LEU A 107 -3.74 -17.41 -4.06
C LEU A 107 -4.30 -17.65 -5.45
N TRP A 108 -3.82 -18.71 -6.11
CA TRP A 108 -4.25 -19.03 -7.45
C TRP A 108 -5.13 -20.28 -7.44
N ARG A 109 -6.43 -20.08 -7.23
CA ARG A 109 -7.37 -21.18 -7.21
C ARG A 109 -8.51 -20.92 -8.20
N LYS A 110 -8.97 -19.68 -8.24
CA LYS A 110 -10.04 -19.29 -9.15
C LYS A 110 -9.46 -18.59 -10.38
N ARG A 111 -8.33 -17.94 -10.19
CA ARG A 111 -7.66 -17.22 -11.27
C ARG A 111 -6.42 -17.99 -11.71
N LYS A 112 -6.25 -18.11 -13.02
CA LYS A 112 -5.11 -18.79 -13.62
C LYS A 112 -3.81 -18.11 -13.21
N PRO A 113 -2.83 -18.90 -12.73
CA PRO A 113 -1.53 -18.36 -12.32
C PRO A 113 -0.76 -17.73 -13.47
N PRO A 114 -0.09 -16.60 -13.21
CA PRO A 114 0.69 -15.88 -14.22
C PRO A 114 1.87 -16.71 -14.74
N VAL A 115 2.41 -16.32 -15.88
CA VAL A 115 3.53 -17.03 -16.49
C VAL A 115 4.80 -16.18 -16.51
N PRO A 116 5.86 -16.64 -15.84
CA PRO A 116 7.14 -15.92 -15.80
C PRO A 116 7.75 -15.73 -17.19
N LEU A 117 8.21 -14.52 -17.49
CA LEU A 117 8.80 -14.24 -18.79
C LEU A 117 10.27 -13.89 -18.65
N ASP A 118 11.12 -14.67 -19.28
CA ASP A 118 12.55 -14.42 -19.24
C ASP A 118 12.93 -13.48 -20.37
N TRP A 119 13.94 -12.65 -20.13
CA TRP A 119 14.40 -11.68 -21.12
C TRP A 119 14.83 -12.37 -22.41
N ALA A 120 15.48 -13.51 -22.29
CA ALA A 120 15.95 -14.25 -23.45
C ALA A 120 14.79 -14.87 -24.22
N GLU A 121 13.77 -15.30 -23.50
CA GLU A 121 12.60 -15.92 -24.10
C GLU A 121 11.82 -14.91 -24.94
N VAL A 122 11.66 -13.71 -24.41
CA VAL A 122 10.93 -12.66 -25.12
C VAL A 122 11.76 -12.13 -26.30
N GLN A 123 13.07 -12.05 -26.12
CA GLN A 123 13.95 -11.58 -27.18
C GLN A 123 13.92 -12.56 -28.35
N SER A 124 13.93 -13.85 -28.02
CA SER A 124 13.89 -14.89 -29.03
C SER A 124 12.48 -15.49 -29.08
N GLN A 125 11.49 -14.61 -29.12
CA GLN A 125 10.09 -15.01 -29.17
C GLN A 125 9.81 -15.89 -30.38
N GLY A 126 9.27 -17.08 -30.14
CA GLY A 126 8.93 -17.99 -31.21
C GLY A 126 7.57 -17.68 -31.78
N GLU A 127 6.66 -17.24 -30.91
CA GLU A 127 5.32 -16.89 -31.31
C GLU A 127 5.31 -15.53 -32.00
N GLU A 128 5.90 -15.49 -33.20
CA GLU A 128 5.96 -14.25 -33.97
C GLU A 128 5.19 -14.42 -35.27
N THR A 129 5.00 -13.32 -35.97
CA THR A 129 4.28 -13.34 -37.23
C THR A 129 5.25 -13.22 -38.40
N ASN A 130 4.71 -12.91 -39.57
CA ASN A 130 5.52 -12.76 -40.77
C ASN A 130 5.63 -11.29 -41.16
N ALA A 131 5.38 -10.41 -40.19
CA ALA A 131 5.43 -8.98 -40.43
C ALA A 131 6.86 -8.44 -40.23
N SER A 132 7.17 -8.01 -39.02
CA SER A 132 8.48 -7.48 -38.71
C SER A 132 8.78 -7.63 -37.22
N ASP A 133 10.04 -7.47 -36.85
CA ASP A 133 10.44 -7.57 -35.46
C ASP A 133 10.00 -6.35 -34.68
N GLN A 134 10.15 -5.18 -35.30
CA GLN A 134 9.76 -3.91 -34.69
C GLN A 134 8.28 -3.91 -34.30
N GLN A 135 7.48 -4.64 -35.07
CA GLN A 135 6.06 -4.72 -34.80
C GLN A 135 5.48 -5.98 -35.44
N ASN A 136 5.03 -6.89 -34.58
CA ASN A 136 4.46 -8.16 -35.03
C ASN A 136 3.11 -7.95 -35.71
N GLU A 137 2.49 -6.80 -35.45
CA GLU A 137 1.19 -6.49 -36.04
C GLU A 137 1.12 -5.03 -36.45
N PRO A 138 1.54 -4.71 -37.69
CA PRO A 138 1.51 -3.34 -38.19
C PRO A 138 0.08 -2.80 -38.27
N GLN A 139 -0.24 -1.89 -37.36
CA GLN A 139 -1.58 -1.31 -37.31
C GLN A 139 -1.60 0.07 -37.95
N LEU A 140 -2.80 0.55 -38.24
CA LEU A 140 -2.99 1.85 -38.86
C LEU A 140 -3.60 2.81 -37.85
N GLY A 141 -3.55 4.10 -38.16
CA GLY A 141 -4.10 5.09 -37.26
C GLY A 141 -3.01 5.81 -36.48
N LEU A 142 -3.37 6.32 -35.30
CA LEU A 142 -2.41 7.03 -34.46
C LEU A 142 -1.34 6.06 -33.94
N LYS A 143 -0.08 6.48 -34.08
CA LYS A 143 1.06 5.65 -33.68
C LYS A 143 1.06 5.33 -32.19
N ASP A 144 0.57 6.25 -31.38
CA ASP A 144 0.54 6.04 -29.93
C ASP A 144 -0.66 5.19 -29.51
N GLN A 145 -1.55 4.93 -30.46
CA GLN A 145 -2.74 4.14 -30.18
C GLN A 145 -2.60 2.74 -30.78
N GLN A 146 -1.37 2.33 -31.02
CA GLN A 146 -1.10 1.02 -31.60
C GLN A 146 -0.72 0.04 -30.49
N VAL A 147 -1.23 -1.18 -30.59
CA VAL A 147 -0.93 -2.20 -29.60
C VAL A 147 0.33 -2.94 -30.00
N LEU A 148 1.42 -2.66 -29.33
CA LEU A 148 2.69 -3.29 -29.63
C LEU A 148 2.74 -4.69 -29.05
N ASP A 149 3.77 -5.44 -29.40
CA ASP A 149 3.94 -6.80 -28.92
C ASP A 149 4.76 -6.84 -27.65
N VAL A 150 4.88 -8.02 -27.07
CA VAL A 150 5.63 -8.21 -25.83
C VAL A 150 7.09 -7.81 -26.00
N LYS A 151 7.65 -8.07 -27.17
CA LYS A 151 9.04 -7.75 -27.45
C LYS A 151 9.25 -6.25 -27.44
N SER A 152 8.35 -5.55 -28.11
CA SER A 152 8.39 -4.11 -28.21
C SER A 152 8.35 -3.46 -26.83
N TYR A 153 7.43 -3.90 -25.99
CA TYR A 153 7.29 -3.35 -24.66
C TYR A 153 8.46 -3.76 -23.77
N ALA A 154 9.04 -4.92 -24.05
CA ALA A 154 10.18 -5.41 -23.28
C ALA A 154 11.41 -4.54 -23.52
N ARG A 155 11.69 -4.27 -24.79
CA ARG A 155 12.85 -3.45 -25.15
C ARG A 155 12.56 -1.98 -24.83
N LEU A 156 11.30 -1.60 -24.85
CA LEU A 156 10.90 -0.24 -24.52
C LEU A 156 11.14 0.00 -23.03
N PHE A 157 10.77 -0.99 -22.24
CA PHE A 157 10.96 -0.94 -20.79
C PHE A 157 12.44 -0.76 -20.47
N SER A 158 13.26 -1.55 -21.15
CA SER A 158 14.70 -1.50 -20.95
C SER A 158 15.28 -0.16 -21.40
N LYS A 159 14.82 0.34 -22.54
CA LYS A 159 15.30 1.61 -23.06
C LYS A 159 14.91 2.74 -22.13
N SER A 160 13.71 2.66 -21.58
CA SER A 160 13.22 3.66 -20.66
C SER A 160 14.12 3.69 -19.42
N ILE A 161 14.49 2.52 -18.93
CA ILE A 161 15.36 2.42 -17.77
C ILE A 161 16.69 3.11 -18.05
N GLU A 162 17.20 2.93 -19.26
CA GLU A 162 18.47 3.53 -19.68
C GLU A 162 18.43 5.05 -19.51
N THR A 163 17.44 5.69 -20.12
CA THR A 163 17.32 7.15 -20.05
C THR A 163 16.96 7.61 -18.64
N LEU A 164 16.30 6.76 -17.86
CA LEU A 164 15.93 7.12 -16.50
C LEU A 164 17.16 7.12 -15.60
N ARG A 165 18.13 6.28 -15.95
CA ARG A 165 19.37 6.18 -15.19
C ARG A 165 20.14 7.51 -15.25
N VAL A 166 20.34 8.00 -16.46
CA VAL A 166 21.05 9.26 -16.66
C VAL A 166 20.26 10.44 -16.11
N HIS A 167 18.93 10.36 -16.19
CA HIS A 167 18.07 11.43 -15.69
C HIS A 167 18.20 11.56 -14.17
N LEU A 168 18.48 10.44 -13.51
CA LEU A 168 18.64 10.43 -12.06
C LEU A 168 20.07 10.80 -11.67
N ALA A 169 21.03 10.22 -12.39
CA ALA A 169 22.44 10.48 -12.12
C ALA A 169 22.78 11.96 -12.28
N GLU A 170 22.14 12.61 -13.24
CA GLU A 170 22.38 14.02 -13.49
C GLU A 170 21.88 14.88 -12.33
N LYS A 171 21.01 14.31 -11.51
CA LYS A 171 20.47 15.03 -10.36
C LYS A 171 21.46 15.01 -9.21
N GLY A 172 22.23 13.94 -9.14
CA GLY A 172 23.21 13.78 -8.09
C GLY A 172 22.93 12.57 -7.22
N ASP A 173 23.64 12.48 -6.11
CA ASP A 173 23.47 11.36 -5.19
C ASP A 173 22.32 11.64 -4.22
N GLY A 174 21.56 10.60 -3.91
CA GLY A 174 20.44 10.75 -3.00
C GLY A 174 19.37 11.66 -3.55
N ALA A 175 19.15 11.59 -4.86
CA ALA A 175 18.15 12.41 -5.51
C ALA A 175 16.94 11.58 -5.89
N GLU A 176 15.83 12.25 -6.18
CA GLU A 176 14.59 11.56 -6.53
C GLU A 176 14.06 12.08 -7.87
N LEU A 177 13.45 11.19 -8.64
CA LEU A 177 12.86 11.54 -9.92
C LEU A 177 11.35 11.52 -9.82
N ILE A 178 10.72 12.66 -10.02
CA ILE A 178 9.27 12.75 -9.95
C ILE A 178 8.66 12.25 -11.26
N TRP A 179 7.68 11.36 -11.16
CA TRP A 179 7.02 10.81 -12.33
C TRP A 179 6.01 11.80 -12.88
N ASP A 180 6.09 12.04 -14.19
CA ASP A 180 5.18 12.95 -14.86
C ASP A 180 4.71 12.34 -16.16
N LYS A 181 3.39 12.29 -16.34
CA LYS A 181 2.78 11.73 -17.55
C LYS A 181 3.13 12.57 -18.78
N ASP A 182 3.69 13.75 -18.54
CA ASP A 182 4.08 14.65 -19.61
C ASP A 182 5.46 14.25 -20.16
N ASP A 183 6.25 13.60 -19.31
CA ASP A 183 7.60 13.18 -19.69
C ASP A 183 7.54 11.88 -20.49
N PRO A 184 8.05 11.90 -21.74
CA PRO A 184 8.04 10.72 -22.62
C PRO A 184 8.74 9.51 -22.01
N SER A 185 9.93 9.73 -21.46
CA SER A 185 10.72 8.66 -20.86
C SER A 185 9.97 8.00 -19.70
N ALA A 186 9.45 8.83 -18.80
CA ALA A 186 8.70 8.34 -17.63
C ALA A 186 7.43 7.62 -18.07
N MET A 187 6.82 8.11 -19.15
CA MET A 187 5.60 7.51 -19.67
C MET A 187 5.89 6.14 -20.28
N ASP A 188 6.98 6.05 -21.03
CA ASP A 188 7.37 4.79 -21.66
C ASP A 188 7.59 3.70 -20.61
N PHE A 189 8.14 4.11 -19.47
CA PHE A 189 8.41 3.19 -18.37
C PHE A 189 7.11 2.55 -17.86
N VAL A 190 6.18 3.39 -17.42
CA VAL A 190 4.91 2.91 -16.88
C VAL A 190 4.13 2.12 -17.94
N THR A 191 4.23 2.55 -19.19
CA THR A 191 3.52 1.89 -20.28
C THR A 191 4.02 0.46 -20.47
N SER A 192 5.34 0.31 -20.56
CA SER A 192 5.95 -0.99 -20.76
C SER A 192 5.76 -1.89 -19.54
N ALA A 193 6.02 -1.34 -18.35
CA ALA A 193 5.90 -2.09 -17.12
C ALA A 193 4.48 -2.64 -16.92
N ALA A 194 3.49 -1.79 -17.13
CA ALA A 194 2.09 -2.21 -16.98
C ALA A 194 1.71 -3.25 -18.03
N ASN A 195 2.11 -3.00 -19.27
CA ASN A 195 1.82 -3.90 -20.37
C ASN A 195 2.41 -5.28 -20.14
N LEU A 196 3.65 -5.32 -19.67
CA LEU A 196 4.31 -6.58 -19.40
C LEU A 196 3.60 -7.31 -18.28
N ARG A 197 3.19 -6.57 -17.26
CA ARG A 197 2.49 -7.12 -16.11
C ARG A 197 1.17 -7.78 -16.53
N MET A 198 0.36 -7.06 -17.29
CA MET A 198 -0.94 -7.57 -17.73
C MET A 198 -0.77 -8.72 -18.73
N HIS A 199 0.26 -8.67 -19.55
CA HIS A 199 0.51 -9.73 -20.54
C HIS A 199 0.81 -11.05 -19.83
N ILE A 200 1.56 -10.95 -18.74
CA ILE A 200 1.94 -12.12 -17.94
C ILE A 200 0.72 -12.75 -17.28
N PHE A 201 -0.27 -11.92 -16.95
CA PHE A 201 -1.49 -12.40 -16.31
C PHE A 201 -2.55 -12.82 -17.34
N SER A 202 -2.08 -13.05 -18.57
CA SER A 202 -2.96 -13.48 -19.66
C SER A 202 -4.06 -12.46 -19.97
N MET A 203 -3.71 -11.19 -19.89
CA MET A 203 -4.65 -10.11 -20.17
C MET A 203 -4.21 -9.36 -21.43
N ASN A 204 -5.16 -8.79 -22.16
CA ASN A 204 -4.85 -8.04 -23.37
C ASN A 204 -4.05 -6.79 -23.04
N MET A 205 -3.10 -6.47 -23.91
CA MET A 205 -2.24 -5.31 -23.71
C MET A 205 -2.95 -4.01 -24.11
N LYS A 206 -2.35 -2.89 -23.74
CA LYS A 206 -2.92 -1.58 -24.04
C LYS A 206 -1.90 -0.70 -24.76
N SER A 207 -2.39 0.32 -25.44
CA SER A 207 -1.52 1.23 -26.15
C SER A 207 -0.96 2.29 -25.20
N ARG A 208 0.07 3.01 -25.62
CA ARG A 208 0.67 4.03 -24.78
C ARG A 208 -0.31 5.18 -24.55
N PHE A 209 -1.07 5.53 -25.58
CA PHE A 209 -2.05 6.60 -25.49
C PHE A 209 -3.13 6.24 -24.47
N ASP A 210 -3.58 5.00 -24.53
CA ASP A 210 -4.61 4.52 -23.62
C ASP A 210 -4.12 4.54 -22.18
N ILE A 211 -2.94 3.99 -21.97
CA ILE A 211 -2.34 3.95 -20.64
C ILE A 211 -2.11 5.37 -20.11
N LYS A 212 -1.60 6.24 -20.97
CA LYS A 212 -1.33 7.63 -20.60
C LYS A 212 -2.61 8.32 -20.11
N SER A 213 -3.73 7.95 -20.70
CA SER A 213 -5.02 8.53 -20.37
C SER A 213 -5.48 8.15 -18.95
N MET A 214 -4.94 7.06 -18.42
CA MET A 214 -5.33 6.63 -17.07
C MET A 214 -4.16 6.70 -16.09
N ALA A 215 -2.94 6.60 -16.60
CA ALA A 215 -1.75 6.67 -15.76
C ALA A 215 -1.62 8.05 -15.14
N GLY A 216 -1.85 9.08 -15.95
CA GLY A 216 -1.77 10.43 -15.46
C GLY A 216 -3.10 10.90 -14.88
N ASN A 217 -4.18 10.36 -15.45
CA ASN A 217 -5.56 10.68 -15.05
C ASN A 217 -5.74 12.15 -14.67
N MET B 1 13.14 10.86 22.78
CA MET B 1 13.39 11.62 24.02
C MET B 1 12.38 12.75 24.16
N SER B 2 12.28 13.31 25.35
CA SER B 2 11.35 14.40 25.62
C SER B 2 11.71 15.63 24.78
N GLY B 3 10.78 16.57 24.68
CA GLY B 3 11.02 17.76 23.90
C GLY B 3 10.77 17.55 22.43
N ILE B 4 11.54 16.64 21.83
CA ILE B 4 11.42 16.31 20.42
C ILE B 4 9.97 15.97 20.04
N ALA B 5 9.36 15.11 20.83
CA ALA B 5 7.98 14.70 20.60
C ALA B 5 7.02 15.88 20.72
N LEU B 6 7.23 16.70 21.74
CA LEU B 6 6.37 17.86 21.98
C LEU B 6 6.36 18.82 20.80
N SER B 7 7.53 19.04 20.21
CA SER B 7 7.64 19.94 19.07
C SER B 7 6.77 19.47 17.90
N ARG B 8 6.76 18.15 17.67
CA ARG B 8 5.97 17.59 16.59
C ARG B 8 4.49 17.52 16.98
N LEU B 9 4.21 17.20 18.23
CA LEU B 9 2.84 17.12 18.72
C LEU B 9 2.15 18.47 18.61
N ALA B 10 2.90 19.53 18.87
CA ALA B 10 2.37 20.89 18.77
C ALA B 10 2.04 21.19 17.31
N GLN B 11 2.88 20.68 16.43
CA GLN B 11 2.70 20.87 14.99
C GLN B 11 1.44 20.16 14.53
N GLU B 12 1.25 18.93 14.99
CA GLU B 12 0.08 18.14 14.65
C GLU B 12 -1.20 18.86 15.06
N ARG B 13 -1.15 19.49 16.23
CA ARG B 13 -2.29 20.24 16.74
C ARG B 13 -2.63 21.39 15.81
N LYS B 14 -1.58 22.06 15.31
CA LYS B 14 -1.75 23.19 14.40
C LYS B 14 -2.33 22.70 13.07
N ALA B 15 -1.83 21.57 12.61
CA ALA B 15 -2.28 20.99 11.35
C ALA B 15 -3.73 20.54 11.45
N TRP B 16 -4.06 19.82 12.52
CA TRP B 16 -5.42 19.33 12.75
C TRP B 16 -6.39 20.50 12.88
N ARG B 17 -5.95 21.54 13.58
CA ARG B 17 -6.77 22.73 13.79
C ARG B 17 -7.11 23.37 12.45
N LYS B 18 -6.15 23.31 11.54
CA LYS B 18 -6.33 23.89 10.21
C LYS B 18 -7.20 23.00 9.32
N ASP B 19 -6.78 21.75 9.14
CA ASP B 19 -7.52 20.83 8.29
C ASP B 19 -7.77 19.50 8.98
N HIS B 20 -9.02 19.08 8.97
CA HIS B 20 -9.42 17.81 9.57
C HIS B 20 -10.73 17.34 8.96
N PRO B 21 -10.95 16.02 8.85
CA PRO B 21 -12.18 15.46 8.27
C PRO B 21 -13.41 15.89 9.05
N PHE B 22 -14.47 16.24 8.32
CA PHE B 22 -15.71 16.68 8.93
C PHE B 22 -16.34 15.56 9.75
N GLY B 23 -16.49 15.80 11.04
CA GLY B 23 -17.07 14.81 11.92
C GLY B 23 -16.05 14.23 12.89
N PHE B 24 -14.78 14.36 12.52
CA PHE B 24 -13.70 13.84 13.35
C PHE B 24 -13.30 14.87 14.40
N VAL B 25 -13.05 14.40 15.61
CA VAL B 25 -12.64 15.27 16.71
C VAL B 25 -11.36 14.75 17.35
N ALA B 26 -10.45 15.66 17.66
CA ALA B 26 -9.19 15.30 18.30
C ALA B 26 -8.68 16.48 19.12
N VAL B 27 -8.40 16.24 20.39
CA VAL B 27 -7.91 17.29 21.26
C VAL B 27 -7.07 16.71 22.40
N PRO B 28 -5.90 17.31 22.67
CA PRO B 28 -5.02 16.87 23.76
C PRO B 28 -5.68 17.03 25.13
N THR B 29 -5.32 16.15 26.05
CA THR B 29 -5.87 16.19 27.40
C THR B 29 -5.47 17.45 28.15
N LYS B 30 -6.43 18.08 28.81
CA LYS B 30 -6.18 19.29 29.58
C LYS B 30 -5.51 18.94 30.89
N ASN B 31 -4.70 19.85 31.39
CA ASN B 31 -3.99 19.65 32.64
C ASN B 31 -4.35 20.77 33.61
N PRO B 32 -4.41 20.47 34.93
CA PRO B 32 -4.74 21.46 35.96
C PRO B 32 -3.98 22.77 35.80
N ASP B 33 -4.56 23.87 36.32
CA ASP B 33 -3.98 25.21 36.23
C ASP B 33 -4.28 25.85 34.88
N GLY B 34 -4.30 25.03 33.84
CA GLY B 34 -4.58 25.52 32.51
C GLY B 34 -3.54 25.07 31.51
N THR B 35 -2.81 24.02 31.86
CA THR B 35 -1.78 23.48 30.98
C THR B 35 -2.38 22.41 30.07
N MET B 36 -1.56 21.75 29.27
CA MET B 36 -2.06 20.73 28.38
C MET B 36 -1.04 19.64 28.14
N ASN B 37 -1.49 18.40 28.17
CA ASN B 37 -0.62 17.26 27.94
C ASN B 37 -0.75 16.82 26.49
N LEU B 38 0.31 17.05 25.72
CA LEU B 38 0.31 16.70 24.30
C LEU B 38 0.61 15.22 24.10
N MET B 39 1.00 14.54 25.17
CA MET B 39 1.32 13.11 25.09
C MET B 39 0.08 12.24 25.26
N ASN B 40 -1.10 12.86 25.28
CA ASN B 40 -2.35 12.13 25.43
C ASN B 40 -3.49 12.93 24.80
N TRP B 41 -4.20 12.32 23.86
CA TRP B 41 -5.30 12.98 23.18
C TRP B 41 -6.59 12.20 23.33
N GLU B 42 -7.70 12.91 23.38
CA GLU B 42 -9.01 12.30 23.48
C GLU B 42 -9.74 12.55 22.16
N CYS B 43 -9.57 11.62 21.24
CA CYS B 43 -10.16 11.75 19.91
C CYS B 43 -11.47 11.00 19.78
N ALA B 44 -12.24 11.37 18.77
CA ALA B 44 -13.52 10.75 18.48
C ALA B 44 -13.67 10.49 16.99
N ILE B 45 -14.11 9.30 16.64
CA ILE B 45 -14.29 8.91 15.24
C ILE B 45 -15.73 8.48 14.98
N PRO B 46 -16.41 9.15 14.03
CA PRO B 46 -17.78 8.82 13.67
C PRO B 46 -17.85 7.64 12.70
N GLY B 47 -18.97 6.94 12.70
CA GLY B 47 -19.13 5.80 11.81
C GLY B 47 -19.08 6.20 10.35
N LYS B 48 -18.41 5.39 9.54
CA LYS B 48 -18.27 5.66 8.12
C LYS B 48 -19.62 5.61 7.42
N LYS B 49 -19.86 6.56 6.53
CA LYS B 49 -21.12 6.66 5.80
C LYS B 49 -21.39 5.37 5.01
N GLY B 50 -22.60 4.85 5.14
CA GLY B 50 -22.97 3.64 4.42
C GLY B 50 -22.72 2.38 5.22
N THR B 51 -21.91 2.48 6.26
CA THR B 51 -21.60 1.32 7.09
C THR B 51 -22.53 1.24 8.28
N PRO B 52 -22.66 0.05 8.91
CA PRO B 52 -23.52 -0.13 10.08
C PRO B 52 -23.03 0.67 11.29
N TRP B 53 -21.80 1.18 11.21
CA TRP B 53 -21.22 1.98 12.29
C TRP B 53 -21.67 3.43 12.18
N GLU B 54 -22.15 3.79 10.99
CA GLU B 54 -22.62 5.14 10.71
C GLU B 54 -23.70 5.58 11.69
N GLY B 55 -23.50 6.76 12.27
CA GLY B 55 -24.46 7.29 13.20
C GLY B 55 -23.91 7.37 14.61
N GLY B 56 -22.89 6.58 14.90
CA GLY B 56 -22.30 6.56 16.22
C GLY B 56 -20.97 7.25 16.28
N LEU B 57 -20.69 7.89 17.40
CA LEU B 57 -19.43 8.60 17.63
C LEU B 57 -18.61 7.84 18.65
N PHE B 58 -17.55 7.20 18.20
CA PHE B 58 -16.69 6.41 19.07
C PHE B 58 -15.54 7.27 19.58
N LYS B 59 -15.10 6.98 20.80
CA LYS B 59 -14.02 7.74 21.40
C LYS B 59 -12.83 6.84 21.71
N LEU B 60 -11.64 7.32 21.42
CA LEU B 60 -10.43 6.56 21.68
C LEU B 60 -9.37 7.45 22.32
N ARG B 61 -8.55 6.85 23.17
CA ARG B 61 -7.49 7.56 23.86
C ARG B 61 -6.17 7.35 23.14
N MET B 62 -5.58 8.44 22.70
CA MET B 62 -4.30 8.37 21.99
C MET B 62 -3.15 8.62 22.95
N LEU B 63 -2.36 7.59 23.19
CA LEU B 63 -1.23 7.69 24.10
C LEU B 63 0.08 7.82 23.33
N PHE B 64 0.77 8.92 23.54
CA PHE B 64 2.03 9.18 22.87
C PHE B 64 3.19 8.94 23.83
N LYS B 65 4.29 8.44 23.30
CA LYS B 65 5.47 8.15 24.11
C LYS B 65 6.55 9.20 23.86
N ASP B 66 7.60 9.16 24.67
CA ASP B 66 8.71 10.10 24.55
C ASP B 66 9.54 9.80 23.30
N ASP B 67 9.36 8.61 22.76
CA ASP B 67 10.10 8.18 21.57
C ASP B 67 9.42 8.66 20.29
N TYR B 68 8.26 9.30 20.43
CA TYR B 68 7.51 9.82 19.29
C TYR B 68 8.38 10.81 18.51
N PRO B 69 8.30 10.83 17.16
CA PRO B 69 7.41 9.96 16.38
C PRO B 69 8.04 8.63 15.96
N SER B 70 9.16 8.28 16.57
CA SER B 70 9.82 7.02 16.26
C SER B 70 8.93 5.86 16.72
N SER B 71 8.29 6.06 17.87
CA SER B 71 7.39 5.06 18.42
C SER B 71 5.95 5.41 18.02
N PRO B 72 5.20 4.45 17.48
CA PRO B 72 3.81 4.68 17.07
C PRO B 72 2.90 4.96 18.27
N PRO B 73 1.92 5.87 18.09
CA PRO B 73 0.98 6.22 19.15
C PRO B 73 0.00 5.08 19.44
N LYS B 74 -0.14 4.73 20.71
CA LYS B 74 -1.03 3.66 21.10
C LYS B 74 -2.45 4.19 21.22
N CYS B 75 -3.39 3.52 20.57
CA CYS B 75 -4.78 3.94 20.58
C CYS B 75 -5.65 2.91 21.29
N LYS B 76 -6.38 3.37 22.30
CA LYS B 76 -7.27 2.51 23.07
C LYS B 76 -8.68 3.09 23.09
N PHE B 77 -9.65 2.30 22.66
CA PHE B 77 -11.04 2.74 22.65
C PHE B 77 -11.57 2.90 24.07
N GLU B 78 -12.38 3.93 24.28
CA GLU B 78 -12.95 4.21 25.59
C GLU B 78 -14.48 4.27 25.51
N PRO B 79 -15.18 3.16 25.77
CA PRO B 79 -14.60 1.87 26.11
C PRO B 79 -14.34 1.01 24.88
N PRO B 80 -13.70 -0.18 25.06
CA PRO B 80 -13.43 -1.10 23.95
C PRO B 80 -14.67 -1.39 23.12
N LEU B 81 -14.47 -1.57 21.81
CA LEU B 81 -15.59 -1.81 20.91
C LEU B 81 -15.60 -3.24 20.38
N PHE B 82 -16.75 -3.64 19.85
CA PHE B 82 -16.93 -4.95 19.26
C PHE B 82 -16.32 -4.96 17.87
N HIS B 83 -15.04 -5.33 17.80
CA HIS B 83 -14.32 -5.36 16.55
C HIS B 83 -13.20 -6.40 16.64
N PRO B 84 -13.08 -7.29 15.65
CA PRO B 84 -12.06 -8.35 15.65
C PRO B 84 -10.62 -7.83 15.70
N ASN B 85 -10.43 -6.57 15.35
CA ASN B 85 -9.09 -5.98 15.34
C ASN B 85 -8.85 -5.12 16.58
N VAL B 86 -9.75 -5.25 17.55
CA VAL B 86 -9.63 -4.49 18.79
C VAL B 86 -9.58 -5.45 19.97
N TYR B 87 -8.56 -5.30 20.80
CA TYR B 87 -8.39 -6.15 21.97
C TYR B 87 -9.41 -5.77 23.04
N PRO B 88 -9.82 -6.75 23.87
CA PRO B 88 -10.80 -6.52 24.95
C PRO B 88 -10.34 -5.44 25.94
N SER B 89 -9.05 -5.16 25.95
CA SER B 89 -8.49 -4.14 26.81
C SER B 89 -8.77 -2.75 26.24
N GLY B 90 -8.99 -2.69 24.94
CA GLY B 90 -9.26 -1.43 24.28
C GLY B 90 -8.22 -1.10 23.23
N THR B 91 -7.10 -1.79 23.29
CA THR B 91 -5.99 -1.59 22.37
C THR B 91 -6.39 -1.93 20.92
N VAL B 92 -6.10 -1.01 20.00
CA VAL B 92 -6.41 -1.20 18.59
C VAL B 92 -5.15 -1.63 17.85
N CYS B 93 -5.30 -2.60 16.96
CA CYS B 93 -4.17 -3.09 16.18
C CYS B 93 -4.32 -2.67 14.72
N LEU B 94 -3.26 -2.10 14.16
CA LEU B 94 -3.27 -1.65 12.77
C LEU B 94 -1.83 -1.55 12.27
N SER B 95 -1.65 -1.71 10.97
CA SER B 95 -0.32 -1.65 10.36
C SER B 95 0.42 -0.36 10.71
N ILE B 96 -0.26 0.78 10.55
CA ILE B 96 0.35 2.08 10.83
C ILE B 96 0.43 2.36 12.33
N LEU B 97 0.03 1.41 13.15
CA LEU B 97 0.08 1.57 14.59
C LEU B 97 1.21 0.73 15.16
N GLU B 98 1.92 0.04 14.29
CA GLU B 98 3.02 -0.81 14.68
C GLU B 98 4.24 -0.55 13.79
N GLU B 99 5.35 -0.18 14.41
CA GLU B 99 6.58 0.14 13.70
C GLU B 99 7.12 -1.06 12.93
N ASP B 100 6.96 -2.23 13.51
CA ASP B 100 7.43 -3.47 12.89
C ASP B 100 6.57 -3.85 11.70
N LYS B 101 5.38 -3.28 11.61
CA LYS B 101 4.48 -3.56 10.50
C LYS B 101 4.68 -2.52 9.40
N ASP B 102 4.12 -1.33 9.62
CA ASP B 102 4.22 -0.25 8.63
C ASP B 102 3.90 1.10 9.27
N TRP B 103 4.91 1.76 9.78
CA TRP B 103 4.72 3.06 10.41
C TRP B 103 5.83 4.02 9.99
N ARG B 104 5.43 5.14 9.41
CA ARG B 104 6.37 6.15 8.99
C ARG B 104 6.19 7.39 9.87
N PRO B 105 7.25 7.88 10.51
CA PRO B 105 7.19 9.06 11.39
C PRO B 105 6.63 10.30 10.69
N ALA B 106 6.55 10.27 9.36
CA ALA B 106 6.04 11.38 8.59
C ALA B 106 4.51 11.37 8.52
N ILE B 107 3.90 10.29 9.00
CA ILE B 107 2.45 10.17 8.98
C ILE B 107 1.80 11.14 9.95
N THR B 108 0.77 11.83 9.49
CA THR B 108 0.05 12.80 10.32
C THR B 108 -1.04 12.10 11.12
N ILE B 109 -1.37 12.67 12.28
CA ILE B 109 -2.43 12.13 13.14
C ILE B 109 -3.74 11.96 12.35
N LYS B 110 -3.96 12.87 11.41
CA LYS B 110 -5.15 12.84 10.57
C LYS B 110 -5.25 11.53 9.80
N GLN B 111 -4.12 11.08 9.26
CA GLN B 111 -4.08 9.85 8.48
C GLN B 111 -4.38 8.64 9.37
N ILE B 112 -3.88 8.69 10.59
CA ILE B 112 -4.09 7.61 11.55
C ILE B 112 -5.58 7.46 11.87
N LEU B 113 -6.22 8.56 12.22
CA LEU B 113 -7.64 8.55 12.55
C LEU B 113 -8.48 8.06 11.37
N LEU B 114 -8.13 8.52 10.17
CA LEU B 114 -8.84 8.11 8.97
C LEU B 114 -8.72 6.61 8.74
N GLY B 115 -7.54 6.07 9.03
CA GLY B 115 -7.29 4.65 8.87
C GLY B 115 -8.07 3.81 9.86
N ILE B 116 -8.20 4.31 11.08
CA ILE B 116 -8.94 3.61 12.13
C ILE B 116 -10.41 3.47 11.73
N GLN B 117 -10.97 4.53 11.16
CA GLN B 117 -12.35 4.52 10.73
C GLN B 117 -12.53 3.51 9.61
N GLU B 118 -11.53 3.43 8.74
CA GLU B 118 -11.54 2.50 7.62
C GLU B 118 -11.51 1.06 8.14
N LEU B 119 -10.75 0.86 9.21
CA LEU B 119 -10.62 -0.45 9.84
C LEU B 119 -11.97 -0.94 10.35
N LEU B 120 -12.80 -0.02 10.81
CA LEU B 120 -14.12 -0.35 11.31
C LEU B 120 -14.98 -0.91 10.18
N ASN B 121 -14.90 -0.25 9.03
CA ASN B 121 -15.66 -0.66 7.85
C ASN B 121 -15.16 -1.99 7.32
N GLU B 122 -13.85 -2.10 7.14
CA GLU B 122 -13.25 -3.32 6.62
C GLU B 122 -12.28 -3.94 7.63
N PRO B 123 -12.77 -4.87 8.47
CA PRO B 123 -11.94 -5.56 9.46
C PRO B 123 -10.87 -6.42 8.80
N ASN B 124 -9.70 -6.49 9.44
CA ASN B 124 -8.59 -7.28 8.93
C ASN B 124 -8.67 -8.70 9.48
N ILE B 125 -8.82 -9.67 8.58
CA ILE B 125 -8.92 -11.08 8.97
C ILE B 125 -7.54 -11.61 9.38
N GLN B 126 -6.50 -10.85 9.04
CA GLN B 126 -5.13 -11.21 9.35
C GLN B 126 -4.79 -10.91 10.82
N ASP B 127 -5.50 -9.97 11.42
CA ASP B 127 -5.26 -9.58 12.81
C ASP B 127 -6.43 -10.00 13.70
N PRO B 128 -6.44 -11.25 14.19
CA PRO B 128 -7.50 -11.74 15.06
C PRO B 128 -7.26 -11.39 16.52
N ALA B 129 -7.62 -10.17 16.90
CA ALA B 129 -7.45 -9.70 18.27
C ALA B 129 -8.60 -10.15 19.15
N GLN B 130 -9.82 -9.94 18.68
CA GLN B 130 -11.01 -10.32 19.43
C GLN B 130 -11.59 -11.61 18.84
N ALA B 131 -11.29 -12.72 19.51
CA ALA B 131 -11.74 -14.05 19.09
C ALA B 131 -13.24 -14.12 18.79
N GLU B 132 -14.05 -13.64 19.71
CA GLU B 132 -15.51 -13.68 19.55
C GLU B 132 -15.94 -12.99 18.25
N ALA B 133 -15.57 -11.74 18.09
CA ALA B 133 -15.92 -10.97 16.91
C ALA B 133 -15.36 -11.63 15.65
N TYR B 134 -14.14 -12.14 15.74
CA TYR B 134 -13.48 -12.81 14.64
C TYR B 134 -14.26 -14.04 14.19
N THR B 135 -14.80 -14.76 15.16
CA THR B 135 -15.57 -15.97 14.88
C THR B 135 -16.92 -15.62 14.24
N ILE B 136 -17.67 -14.74 14.90
CA ILE B 136 -18.97 -14.33 14.41
C ILE B 136 -18.88 -13.74 13.01
N TYR B 137 -17.86 -12.92 12.78
CA TYR B 137 -17.65 -12.27 11.48
C TYR B 137 -17.36 -13.30 10.38
N CYS B 138 -16.95 -14.49 10.77
CA CYS B 138 -16.61 -15.53 9.81
C CYS B 138 -17.71 -16.59 9.69
N GLN B 139 -18.60 -16.68 10.68
CA GLN B 139 -19.64 -17.70 10.64
C GLN B 139 -21.04 -17.12 10.43
N ASN B 140 -21.26 -15.88 10.83
CA ASN B 140 -22.56 -15.24 10.67
C ASN B 140 -22.44 -13.73 10.56
N ARG B 141 -22.52 -13.22 9.35
CA ARG B 141 -22.40 -11.79 9.10
C ARG B 141 -23.62 -11.05 9.63
N VAL B 142 -24.78 -11.69 9.55
CA VAL B 142 -26.03 -11.10 10.01
C VAL B 142 -25.96 -10.79 11.51
N GLU B 143 -25.53 -11.78 12.29
CA GLU B 143 -25.39 -11.61 13.73
C GLU B 143 -24.37 -10.53 14.05
N TYR B 144 -23.32 -10.46 13.23
CA TYR B 144 -22.28 -9.47 13.41
C TYR B 144 -22.84 -8.06 13.20
N GLU B 145 -23.56 -7.88 12.09
CA GLU B 145 -24.15 -6.59 11.75
C GLU B 145 -25.13 -6.13 12.83
N LYS B 146 -25.89 -7.08 13.38
CA LYS B 146 -26.87 -6.78 14.42
C LYS B 146 -26.19 -6.11 15.62
N ARG B 147 -25.07 -6.67 16.03
CA ARG B 147 -24.32 -6.14 17.17
C ARG B 147 -23.74 -4.77 16.84
N VAL B 148 -23.20 -4.63 15.63
CA VAL B 148 -22.61 -3.38 15.20
C VAL B 148 -23.65 -2.27 15.11
N ARG B 149 -24.83 -2.60 14.58
CA ARG B 149 -25.90 -1.63 14.45
C ARG B 149 -26.32 -1.10 15.81
N ALA B 150 -26.51 -2.01 16.76
CA ALA B 150 -26.90 -1.63 18.11
C ALA B 150 -25.78 -0.84 18.78
N GLN B 151 -24.54 -1.17 18.42
CA GLN B 151 -23.37 -0.50 18.97
C GLN B 151 -23.33 0.95 18.49
N ALA B 152 -23.63 1.14 17.21
CA ALA B 152 -23.66 2.47 16.63
C ALA B 152 -24.70 3.34 17.31
N LYS B 153 -25.85 2.73 17.59
CA LYS B 153 -26.94 3.43 18.26
C LYS B 153 -26.55 3.77 19.70
N LYS B 154 -25.73 2.89 20.28
CA LYS B 154 -25.27 3.07 21.65
C LYS B 154 -24.30 4.25 21.76
N PHE B 155 -23.57 4.50 20.68
CA PHE B 155 -22.60 5.58 20.67
C PHE B 155 -23.14 6.76 19.87
N ALA B 156 -24.43 6.72 19.57
CA ALA B 156 -25.06 7.79 18.82
C ALA B 156 -25.22 9.02 19.70
N PRO B 157 -24.82 10.20 19.19
CA PRO B 157 -24.91 11.46 19.93
C PRO B 157 -26.35 11.76 20.34
N SER B 158 -26.58 11.82 21.64
CA SER B 158 -27.90 12.09 22.16
C SER B 158 -27.87 13.34 23.04
N THR A 1 -14.49 10.08 -3.68
CA THR A 1 -13.03 10.20 -3.48
C THR A 1 -12.29 9.17 -4.33
N GLN A 2 -11.01 9.42 -4.61
CA GLN A 2 -10.21 8.49 -5.39
C GLN A 2 -10.02 7.20 -4.60
N ARG A 3 -10.26 6.07 -5.25
CA ARG A 3 -10.14 4.78 -4.59
C ARG A 3 -8.67 4.36 -4.48
N THR A 4 -8.27 4.01 -3.27
CA THR A 4 -6.91 3.57 -3.01
C THR A 4 -6.77 2.09 -3.34
N PHE A 5 -5.54 1.63 -3.49
CA PHE A 5 -5.28 0.23 -3.79
C PHE A 5 -4.30 -0.37 -2.80
N PRO A 6 -4.77 -1.34 -1.99
CA PRO A 6 -3.93 -2.00 -0.99
C PRO A 6 -2.66 -2.59 -1.58
N GLY A 7 -1.55 -2.45 -0.85
CA GLY A 7 -0.28 -2.96 -1.31
C GLY A 7 -0.30 -4.46 -1.57
N CYS A 8 -1.25 -5.14 -0.95
CA CYS A 8 -1.41 -6.58 -1.13
C CYS A 8 -1.86 -6.91 -2.55
N THR A 9 -3.05 -6.44 -2.92
CA THR A 9 -3.61 -6.70 -4.23
C THR A 9 -2.75 -6.09 -5.35
N ILE A 10 -1.87 -5.16 -4.99
CA ILE A 10 -0.99 -4.54 -5.96
C ILE A 10 0.16 -5.47 -6.33
N ARG A 11 0.71 -6.14 -5.33
CA ARG A 11 1.83 -7.04 -5.55
C ARG A 11 1.39 -8.49 -5.68
N ASN A 12 0.27 -8.83 -5.09
CA ASN A 12 -0.23 -10.20 -5.15
C ASN A 12 -1.09 -10.45 -6.39
N THR A 13 -2.37 -10.11 -6.31
CA THR A 13 -3.28 -10.35 -7.41
C THR A 13 -3.80 -9.05 -8.04
N PRO A 14 -3.18 -8.61 -9.15
CA PRO A 14 -3.59 -7.40 -9.85
C PRO A 14 -4.73 -7.70 -10.83
N SER A 15 -5.96 -7.64 -10.31
CA SER A 15 -7.15 -7.90 -11.12
C SER A 15 -7.33 -6.88 -12.24
N GLU A 16 -7.86 -5.72 -11.89
CA GLU A 16 -8.09 -4.65 -12.86
C GLU A 16 -6.76 -4.10 -13.39
N PRO A 17 -6.73 -3.72 -14.68
CA PRO A 17 -5.53 -3.16 -15.33
C PRO A 17 -4.89 -2.03 -14.52
N ILE A 18 -5.73 -1.23 -13.87
CA ILE A 18 -5.26 -0.11 -13.06
C ILE A 18 -4.31 -0.59 -11.95
N HIS A 19 -4.47 -1.83 -11.52
CA HIS A 19 -3.62 -2.38 -10.47
C HIS A 19 -2.18 -2.53 -10.98
N CYS A 20 -2.04 -2.89 -12.25
CA CYS A 20 -0.72 -3.04 -12.85
C CYS A 20 -0.09 -1.69 -13.09
N ILE A 21 -0.91 -0.70 -13.40
CA ILE A 21 -0.44 0.66 -13.64
C ILE A 21 0.14 1.25 -12.37
N VAL A 22 -0.60 1.10 -11.27
CA VAL A 22 -0.16 1.61 -9.97
C VAL A 22 1.12 0.86 -9.53
N TRP A 23 1.15 -0.43 -9.84
CA TRP A 23 2.31 -1.26 -9.52
C TRP A 23 3.55 -0.72 -10.22
N ALA A 24 3.37 -0.31 -11.46
CA ALA A 24 4.46 0.25 -12.26
C ALA A 24 4.91 1.59 -11.69
N LYS A 25 3.96 2.35 -11.14
CA LYS A 25 4.27 3.64 -10.54
C LYS A 25 5.12 3.43 -9.30
N TYR A 26 4.83 2.34 -8.59
CA TYR A 26 5.59 1.98 -7.40
C TYR A 26 7.00 1.55 -7.81
N LEU A 27 7.05 0.79 -8.90
CA LEU A 27 8.30 0.30 -9.46
C LEU A 27 9.27 1.46 -9.73
N PHE A 28 8.78 2.49 -10.38
CA PHE A 28 9.59 3.66 -10.71
C PHE A 28 10.14 4.31 -9.44
N ASN A 29 9.27 4.50 -8.47
CA ASN A 29 9.66 5.13 -7.21
C ASN A 29 10.65 4.27 -6.43
N GLN A 30 10.43 2.97 -6.43
CA GLN A 30 11.29 2.05 -5.69
C GLN A 30 12.57 1.72 -6.45
N LEU A 31 12.77 2.36 -7.59
CA LEU A 31 13.97 2.13 -8.38
C LEU A 31 14.77 3.42 -8.56
N PHE A 32 14.08 4.52 -8.79
CA PHE A 32 14.75 5.79 -9.01
C PHE A 32 14.21 6.93 -8.13
N GLY A 33 13.23 6.64 -7.27
CA GLY A 33 12.66 7.70 -6.45
C GLY A 33 12.64 7.41 -4.96
N GLU A 34 11.51 7.71 -4.34
CA GLU A 34 11.32 7.54 -2.90
C GLU A 34 10.91 6.11 -2.56
N GLU A 35 11.53 5.57 -1.53
CA GLU A 35 11.24 4.21 -1.08
C GLU A 35 10.18 4.20 0.01
N ASP A 36 9.28 3.24 -0.05
CA ASP A 36 8.20 3.11 0.93
C ASP A 36 8.27 1.73 1.61
N ALA A 37 7.51 1.54 2.67
CA ALA A 37 7.49 0.28 3.40
C ALA A 37 6.35 -0.63 2.95
N ASP A 38 5.29 -0.03 2.43
CA ASP A 38 4.12 -0.79 1.97
C ASP A 38 4.04 -0.76 0.45
N GLN A 39 4.34 0.40 -0.12
CA GLN A 39 4.28 0.58 -1.57
C GLN A 39 5.50 -0.02 -2.26
N GLU A 40 5.75 -1.30 -2.01
CA GLU A 40 6.87 -2.00 -2.62
C GLU A 40 6.46 -2.52 -3.98
N VAL A 41 7.41 -3.04 -4.73
CA VAL A 41 7.14 -3.56 -6.06
C VAL A 41 7.37 -5.06 -6.09
N SER A 42 8.26 -5.54 -5.24
CA SER A 42 8.58 -6.95 -5.16
C SER A 42 7.55 -7.70 -4.33
N PRO A 43 7.31 -8.99 -4.64
CA PRO A 43 6.36 -9.81 -3.90
C PRO A 43 6.78 -9.96 -2.44
N ASP A 44 5.88 -9.57 -1.54
CA ASP A 44 6.16 -9.65 -0.12
C ASP A 44 6.40 -11.07 0.34
N ARG A 45 7.37 -11.24 1.22
CA ARG A 45 7.71 -12.54 1.75
C ARG A 45 6.92 -12.80 3.02
N ALA A 46 6.34 -11.73 3.57
CA ALA A 46 5.56 -11.83 4.79
C ALA A 46 4.09 -12.14 4.47
N ASP A 47 3.86 -12.59 3.25
CA ASP A 47 2.51 -12.93 2.79
C ASP A 47 1.94 -14.10 3.60
N PRO A 48 0.63 -14.06 3.90
CA PRO A 48 -0.05 -15.12 4.66
C PRO A 48 0.17 -16.52 4.10
N GLU A 49 0.38 -16.62 2.79
CA GLU A 49 0.58 -17.92 2.16
C GLU A 49 2.05 -18.32 2.18
N ALA A 50 2.90 -17.38 2.56
CA ALA A 50 4.33 -17.65 2.61
C ALA A 50 4.70 -18.30 3.94
N ALA A 51 4.51 -17.56 5.04
CA ALA A 51 4.82 -18.07 6.38
C ALA A 51 4.30 -17.14 7.47
N TRP A 52 4.49 -15.84 7.28
CA TRP A 52 4.04 -14.85 8.25
C TRP A 52 2.56 -14.55 8.07
N GLU A 53 1.96 -13.91 9.07
CA GLU A 53 0.55 -13.54 8.98
C GLU A 53 0.36 -12.37 8.01
N PRO A 54 1.08 -11.25 8.16
CA PRO A 54 2.04 -11.00 9.24
C PRO A 54 1.44 -10.20 10.40
N THR A 55 1.84 -10.52 11.62
CA THR A 55 1.34 -9.83 12.80
C THR A 55 2.39 -9.84 13.91
N GLU A 56 2.01 -9.45 15.12
CA GLU A 56 2.96 -9.44 16.24
C GLU A 56 3.26 -10.87 16.69
N ALA A 57 4.42 -11.03 17.32
CA ALA A 57 4.87 -12.34 17.83
C ALA A 57 5.03 -13.35 16.70
N GLU A 58 5.89 -13.03 15.75
CA GLU A 58 6.16 -13.92 14.62
C GLU A 58 7.44 -14.69 14.88
N ALA A 59 8.35 -14.07 15.63
CA ALA A 59 9.61 -14.70 15.98
C ALA A 59 9.37 -15.87 16.92
N ARG A 60 9.65 -17.07 16.43
CA ARG A 60 9.47 -18.28 17.24
C ARG A 60 10.65 -18.49 18.17
N ALA A 61 11.60 -17.57 18.11
CA ALA A 61 12.80 -17.63 18.94
C ALA A 61 12.53 -17.03 20.31
N ARG A 62 13.57 -16.89 21.11
CA ARG A 62 13.45 -16.32 22.45
C ARG A 62 13.24 -14.82 22.41
N ALA A 63 13.63 -14.18 21.31
CA ALA A 63 13.48 -12.75 21.17
C ALA A 63 12.91 -12.38 19.81
N SER A 64 12.26 -11.22 19.76
CA SER A 64 11.66 -10.72 18.53
C SER A 64 12.73 -10.17 17.59
N ASN A 65 13.56 -11.07 17.09
CA ASN A 65 14.64 -10.69 16.19
C ASN A 65 14.16 -10.64 14.75
N GLU A 66 13.00 -11.24 14.50
CA GLU A 66 12.45 -11.27 13.16
C GLU A 66 10.92 -11.43 13.21
N ASP A 67 10.22 -10.35 12.92
CA ASP A 67 8.76 -10.35 12.91
C ASP A 67 8.27 -9.58 11.70
N GLY A 68 8.92 -9.82 10.58
CA GLY A 68 8.58 -9.12 9.36
C GLY A 68 9.72 -8.23 8.93
N ASP A 69 10.94 -8.71 9.16
CA ASP A 69 12.16 -7.97 8.83
C ASP A 69 12.37 -7.88 7.32
N ILE A 70 11.53 -8.58 6.57
CA ILE A 70 11.61 -8.60 5.11
C ILE A 70 11.37 -7.20 4.54
N LYS A 71 10.63 -6.39 5.28
CA LYS A 71 10.34 -5.02 4.84
C LYS A 71 11.60 -4.15 4.90
N ARG A 72 12.65 -4.67 5.50
CA ARG A 72 13.91 -3.96 5.61
C ARG A 72 14.79 -4.24 4.38
N ILE A 73 14.19 -4.84 3.37
CA ILE A 73 14.90 -5.15 2.13
C ILE A 73 14.58 -4.08 1.09
N SER A 74 15.61 -3.40 0.60
CA SER A 74 15.43 -2.35 -0.38
C SER A 74 15.73 -2.83 -1.80
N THR A 75 14.70 -2.88 -2.63
CA THR A 75 14.85 -3.31 -4.02
C THR A 75 15.71 -2.31 -4.79
N LYS A 76 15.60 -1.03 -4.41
CA LYS A 76 16.36 0.05 -5.04
C LYS A 76 17.86 -0.26 -4.99
N GLU A 77 18.29 -0.83 -3.87
CA GLU A 77 19.70 -1.17 -3.66
C GLU A 77 20.18 -2.19 -4.70
N TRP A 78 19.43 -3.30 -4.83
CA TRP A 78 19.79 -4.35 -5.78
C TRP A 78 19.86 -3.80 -7.20
N ALA A 79 18.87 -3.00 -7.57
CA ALA A 79 18.80 -2.42 -8.90
C ALA A 79 19.97 -1.48 -9.16
N LYS A 80 20.36 -0.71 -8.17
CA LYS A 80 21.47 0.23 -8.31
C LYS A 80 22.80 -0.52 -8.40
N SER A 81 22.94 -1.54 -7.58
CA SER A 81 24.17 -2.34 -7.55
C SER A 81 24.37 -3.11 -8.85
N THR A 82 23.29 -3.46 -9.53
CA THR A 82 23.37 -4.19 -10.79
C THR A 82 23.56 -3.22 -11.96
N GLY A 83 23.50 -1.93 -11.67
CA GLY A 83 23.67 -0.93 -12.71
C GLY A 83 22.40 -0.74 -13.51
N TYR A 84 21.27 -1.06 -12.89
CA TYR A 84 19.95 -0.94 -13.53
C TYR A 84 19.94 -1.63 -14.89
N ASP A 85 20.35 -2.89 -14.92
CA ASP A 85 20.37 -3.66 -16.15
C ASP A 85 18.97 -4.18 -16.47
N PRO A 86 18.41 -3.80 -17.62
CA PRO A 86 17.07 -4.21 -18.04
C PRO A 86 16.89 -5.72 -18.05
N VAL A 87 17.93 -6.43 -18.47
CA VAL A 87 17.87 -7.88 -18.54
C VAL A 87 17.69 -8.50 -17.15
N LYS A 88 18.48 -8.02 -16.19
CA LYS A 88 18.40 -8.54 -14.82
C LYS A 88 17.07 -8.18 -14.18
N LEU A 89 16.62 -6.96 -14.42
CA LEU A 89 15.37 -6.47 -13.87
C LEU A 89 14.18 -7.23 -14.46
N PHE A 90 14.21 -7.44 -15.78
CA PHE A 90 13.14 -8.14 -16.47
C PHE A 90 13.01 -9.58 -15.99
N THR A 91 14.14 -10.28 -15.90
CA THR A 91 14.14 -11.67 -15.47
C THR A 91 13.78 -11.81 -14.00
N LYS A 92 13.73 -10.70 -13.29
CA LYS A 92 13.38 -10.70 -11.89
C LYS A 92 11.91 -10.34 -11.71
N LEU A 93 11.56 -9.10 -12.04
CA LEU A 93 10.21 -8.59 -11.88
C LEU A 93 9.17 -9.31 -12.73
N PHE A 94 9.55 -9.79 -13.90
CA PHE A 94 8.60 -10.44 -14.79
C PHE A 94 8.90 -11.92 -14.99
N LYS A 95 9.72 -12.51 -14.11
CA LYS A 95 10.05 -13.91 -14.25
C LYS A 95 10.29 -14.60 -12.91
N ASP A 96 11.45 -14.35 -12.30
CA ASP A 96 11.82 -14.98 -11.04
C ASP A 96 10.86 -14.63 -9.90
N ASP A 97 10.55 -13.35 -9.75
CA ASP A 97 9.66 -12.91 -8.68
C ASP A 97 8.25 -13.45 -8.89
N ILE A 98 7.83 -13.51 -10.15
CA ILE A 98 6.50 -14.03 -10.48
C ILE A 98 6.44 -15.52 -10.17
N ARG A 99 7.52 -16.22 -10.46
CA ARG A 99 7.63 -17.64 -10.18
C ARG A 99 7.48 -17.86 -8.68
N TYR A 100 8.10 -16.98 -7.89
CA TYR A 100 8.03 -17.05 -6.44
C TYR A 100 6.58 -16.82 -5.99
N LEU A 101 5.91 -15.92 -6.68
CA LEU A 101 4.51 -15.59 -6.37
C LEU A 101 3.60 -16.80 -6.67
N LEU A 102 4.08 -17.69 -7.53
CA LEU A 102 3.32 -18.88 -7.91
C LEU A 102 3.41 -19.95 -6.82
N THR A 103 4.30 -19.76 -5.86
CA THR A 103 4.47 -20.71 -4.77
C THR A 103 3.22 -20.72 -3.89
N MET A 104 2.51 -19.60 -3.88
CA MET A 104 1.28 -19.47 -3.10
C MET A 104 0.19 -20.27 -3.78
N ASP A 105 -0.02 -21.48 -3.31
CA ASP A 105 -1.00 -22.38 -3.91
C ASP A 105 -2.43 -21.95 -3.62
N LYS A 106 -2.69 -21.51 -2.40
CA LYS A 106 -4.03 -21.09 -2.02
C LYS A 106 -4.39 -19.75 -2.63
N LEU A 107 -3.43 -19.12 -3.30
CA LEU A 107 -3.66 -17.83 -3.93
C LEU A 107 -4.15 -18.02 -5.37
N TRP A 108 -3.57 -18.99 -6.06
CA TRP A 108 -3.95 -19.27 -7.44
C TRP A 108 -4.81 -20.52 -7.52
N ARG A 109 -6.11 -20.32 -7.37
CA ARG A 109 -7.06 -21.43 -7.41
C ARG A 109 -8.20 -21.11 -8.38
N LYS A 110 -8.88 -20.01 -8.12
CA LYS A 110 -10.01 -19.58 -8.95
C LYS A 110 -9.53 -18.76 -10.13
N ARG A 111 -8.58 -17.86 -9.86
CA ARG A 111 -8.01 -17.01 -10.89
C ARG A 111 -6.84 -17.70 -11.57
N LYS A 112 -6.71 -17.53 -12.88
CA LYS A 112 -5.62 -18.13 -13.63
C LYS A 112 -4.27 -17.58 -13.18
N PRO A 113 -3.32 -18.45 -12.85
CA PRO A 113 -1.98 -18.05 -12.41
C PRO A 113 -1.20 -17.37 -13.54
N PRO A 114 -0.37 -16.38 -13.20
CA PRO A 114 0.44 -15.64 -14.18
C PRO A 114 1.51 -16.51 -14.84
N VAL A 115 1.87 -16.17 -16.06
CA VAL A 115 2.88 -16.91 -16.80
C VAL A 115 4.16 -16.09 -16.92
N PRO A 116 5.20 -16.45 -16.14
CA PRO A 116 6.49 -15.74 -16.15
C PRO A 116 7.08 -15.69 -17.56
N LEU A 117 7.57 -14.50 -17.94
CA LEU A 117 8.16 -14.32 -19.25
C LEU A 117 9.67 -14.20 -19.15
N ASP A 118 10.37 -14.73 -20.14
CA ASP A 118 11.81 -14.68 -20.17
C ASP A 118 12.26 -13.64 -21.19
N TRP A 119 13.33 -12.92 -20.87
CA TRP A 119 13.86 -11.89 -21.76
C TRP A 119 14.24 -12.47 -23.12
N ALA A 120 14.74 -13.69 -23.11
CA ALA A 120 15.14 -14.35 -24.34
C ALA A 120 13.93 -14.83 -25.12
N GLU A 121 12.97 -15.38 -24.40
CA GLU A 121 11.75 -15.89 -25.02
C GLU A 121 10.92 -14.78 -25.64
N VAL A 122 10.90 -13.62 -24.99
CA VAL A 122 10.13 -12.48 -25.49
C VAL A 122 10.77 -11.87 -26.74
N GLN A 123 12.08 -11.96 -26.86
CA GLN A 123 12.77 -11.42 -28.04
C GLN A 123 12.65 -12.40 -29.18
N SER A 124 12.67 -13.68 -28.86
CA SER A 124 12.53 -14.73 -29.83
C SER A 124 11.17 -15.39 -29.67
N GLN A 125 10.12 -14.60 -29.90
CA GLN A 125 8.76 -15.06 -29.77
C GLN A 125 8.41 -16.05 -30.87
N GLY A 126 7.57 -17.03 -30.54
CA GLY A 126 7.17 -18.03 -31.52
C GLY A 126 5.97 -17.59 -32.32
N GLU A 127 5.08 -16.87 -31.66
CA GLU A 127 3.86 -16.37 -32.29
C GLU A 127 4.16 -15.11 -33.12
N GLU A 128 5.01 -15.29 -34.12
CA GLU A 128 5.40 -14.20 -35.01
C GLU A 128 6.35 -14.73 -36.09
N THR A 129 6.96 -13.81 -36.83
CA THR A 129 7.90 -14.19 -37.88
C THR A 129 9.25 -13.52 -37.66
N ASN A 130 10.14 -13.61 -38.64
CA ASN A 130 11.47 -13.01 -38.52
C ASN A 130 11.46 -11.57 -39.03
N ALA A 131 10.27 -11.03 -39.27
CA ALA A 131 10.15 -9.66 -39.76
C ALA A 131 9.08 -8.89 -38.99
N SER A 132 8.67 -9.44 -37.85
CA SER A 132 7.66 -8.79 -37.02
C SER A 132 8.29 -8.07 -35.85
N ASP A 133 9.60 -7.92 -35.91
CA ASP A 133 10.35 -7.25 -34.86
C ASP A 133 10.58 -5.79 -35.22
N GLN A 134 11.11 -5.55 -36.41
CA GLN A 134 11.38 -4.19 -36.86
C GLN A 134 10.09 -3.52 -37.36
N GLN A 135 9.08 -4.33 -37.60
CA GLN A 135 7.79 -3.83 -38.07
C GLN A 135 6.68 -4.28 -37.13
N ASN A 136 5.83 -3.35 -36.74
CA ASN A 136 4.72 -3.67 -35.84
C ASN A 136 3.44 -3.88 -36.64
N GLU A 137 2.32 -4.02 -35.95
CA GLU A 137 1.03 -4.21 -36.61
C GLU A 137 0.55 -2.91 -37.25
N PRO A 138 0.36 -2.90 -38.57
CA PRO A 138 -0.11 -1.72 -39.30
C PRO A 138 -1.54 -1.35 -38.92
N GLN A 139 -1.70 -0.24 -38.20
CA GLN A 139 -3.02 0.21 -37.78
C GLN A 139 -3.20 1.69 -38.12
N LEU A 140 -4.43 2.14 -38.14
CA LEU A 140 -4.73 3.53 -38.46
C LEU A 140 -5.13 4.29 -37.19
N GLY A 141 -4.89 5.59 -37.18
CA GLY A 141 -5.24 6.41 -36.04
C GLY A 141 -4.04 6.93 -35.30
N LEU A 142 -4.27 7.48 -34.11
CA LEU A 142 -3.20 8.04 -33.28
C LEU A 142 -2.17 6.95 -32.95
N LYS A 143 -0.91 7.26 -33.24
CA LYS A 143 0.20 6.31 -33.02
C LYS A 143 0.37 5.95 -31.55
N ASP A 144 0.08 6.89 -30.66
CA ASP A 144 0.23 6.64 -29.22
C ASP A 144 -0.98 5.90 -28.67
N GLN A 145 -2.02 5.79 -29.48
CA GLN A 145 -3.25 5.13 -29.07
C GLN A 145 -3.28 3.69 -29.57
N GLN A 146 -2.23 3.28 -30.29
CA GLN A 146 -2.16 1.92 -30.81
C GLN A 146 -1.55 0.99 -29.76
N VAL A 147 -2.14 -0.19 -29.61
CA VAL A 147 -1.65 -1.16 -28.65
C VAL A 147 -0.51 -1.98 -29.27
N LEU A 148 0.67 -1.86 -28.69
CA LEU A 148 1.83 -2.58 -29.18
C LEU A 148 1.82 -4.00 -28.66
N ASP A 149 2.81 -4.79 -29.05
CA ASP A 149 2.91 -6.17 -28.62
C ASP A 149 3.83 -6.29 -27.42
N VAL A 150 3.86 -7.46 -26.81
CA VAL A 150 4.69 -7.72 -25.64
C VAL A 150 6.18 -7.49 -25.95
N LYS A 151 6.58 -7.77 -27.19
CA LYS A 151 7.97 -7.59 -27.59
C LYS A 151 8.34 -6.12 -27.54
N SER A 152 7.49 -5.31 -28.13
CA SER A 152 7.69 -3.87 -28.19
C SER A 152 7.76 -3.25 -26.80
N TYR A 153 6.84 -3.64 -25.92
CA TYR A 153 6.81 -3.12 -24.57
C TYR A 153 8.03 -3.58 -23.78
N ALA A 154 8.50 -4.79 -24.08
CA ALA A 154 9.66 -5.34 -23.41
C ALA A 154 10.93 -4.55 -23.77
N ARG A 155 11.10 -4.29 -25.06
CA ARG A 155 12.26 -3.54 -25.53
C ARG A 155 12.13 -2.06 -25.15
N LEU A 156 10.90 -1.57 -25.07
CA LEU A 156 10.66 -0.18 -24.70
C LEU A 156 11.00 -0.01 -23.22
N PHE A 157 10.67 -1.02 -22.43
CA PHE A 157 10.95 -1.01 -21.01
C PHE A 157 12.45 -0.85 -20.78
N SER A 158 13.22 -1.59 -21.57
CA SER A 158 14.67 -1.52 -21.49
C SER A 158 15.18 -0.14 -21.86
N LYS A 159 14.67 0.39 -22.98
CA LYS A 159 15.07 1.70 -23.46
C LYS A 159 14.76 2.77 -22.40
N SER A 160 13.61 2.63 -21.76
CA SER A 160 13.19 3.54 -20.72
C SER A 160 14.16 3.50 -19.55
N ILE A 161 14.60 2.30 -19.18
CA ILE A 161 15.55 2.13 -18.08
C ILE A 161 16.88 2.78 -18.44
N GLU A 162 17.34 2.54 -19.66
CA GLU A 162 18.60 3.10 -20.14
C GLU A 162 18.66 4.62 -19.95
N THR A 163 17.65 5.30 -20.46
CA THR A 163 17.60 6.74 -20.37
C THR A 163 17.36 7.21 -18.93
N LEU A 164 16.71 6.39 -18.12
CA LEU A 164 16.45 6.75 -16.74
C LEU A 164 17.72 6.65 -15.90
N ARG A 165 18.60 5.71 -16.28
CA ARG A 165 19.86 5.51 -15.57
C ARG A 165 20.70 6.79 -15.61
N VAL A 166 20.94 7.28 -16.81
CA VAL A 166 21.73 8.49 -16.99
C VAL A 166 21.00 9.71 -16.42
N HIS A 167 19.67 9.68 -16.45
CA HIS A 167 18.88 10.78 -15.91
C HIS A 167 19.13 10.93 -14.42
N LEU A 168 19.19 9.80 -13.72
CA LEU A 168 19.43 9.78 -12.28
C LEU A 168 20.89 10.11 -12.00
N ALA A 169 21.79 9.53 -12.79
CA ALA A 169 23.22 9.74 -12.62
C ALA A 169 23.61 11.20 -12.82
N GLU A 170 22.94 11.86 -13.77
CA GLU A 170 23.21 13.26 -14.06
C GLU A 170 22.78 14.16 -12.91
N LYS A 171 21.89 13.67 -12.06
CA LYS A 171 21.41 14.44 -10.92
C LYS A 171 22.42 14.39 -9.77
N GLY A 172 23.29 13.39 -9.80
CA GLY A 172 24.29 13.25 -8.76
C GLY A 172 24.06 12.01 -7.93
N ASP A 173 24.77 11.91 -6.81
CA ASP A 173 24.63 10.77 -5.92
C ASP A 173 23.55 11.03 -4.87
N GLY A 174 22.77 10.00 -4.58
CA GLY A 174 21.71 10.14 -3.60
C GLY A 174 20.56 10.99 -4.10
N ALA A 175 20.24 10.83 -5.38
CA ALA A 175 19.18 11.59 -6.00
C ALA A 175 17.91 10.76 -6.15
N GLU A 176 16.78 11.43 -6.18
CA GLU A 176 15.49 10.78 -6.33
C GLU A 176 14.72 11.45 -7.47
N LEU A 177 14.37 10.65 -8.47
CA LEU A 177 13.64 11.17 -9.61
C LEU A 177 12.15 11.17 -9.33
N ILE A 178 11.48 12.25 -9.71
CA ILE A 178 10.04 12.36 -9.50
C ILE A 178 9.31 11.96 -10.77
N TRP A 179 8.42 10.98 -10.66
CA TRP A 179 7.66 10.51 -11.81
C TRP A 179 6.74 11.61 -12.33
N ASP A 180 6.52 11.61 -13.63
CA ASP A 180 5.65 12.59 -14.26
C ASP A 180 4.99 11.99 -15.49
N LYS A 181 3.85 12.55 -15.86
CA LYS A 181 3.12 12.09 -17.03
C LYS A 181 3.53 12.90 -18.24
N ASP A 182 4.24 14.00 -17.99
CA ASP A 182 4.70 14.88 -19.04
C ASP A 182 6.09 14.44 -19.54
N ASP A 183 6.76 13.62 -18.75
CA ASP A 183 8.09 13.13 -19.10
C ASP A 183 7.97 11.86 -19.93
N PRO A 184 8.56 11.86 -21.15
CA PRO A 184 8.51 10.70 -22.06
C PRO A 184 9.11 9.43 -21.45
N SER A 185 10.29 9.55 -20.87
CA SER A 185 10.99 8.41 -20.27
C SER A 185 10.17 7.77 -19.16
N ALA A 186 9.74 8.57 -18.20
CA ALA A 186 8.94 8.08 -17.07
C ALA A 186 7.61 7.50 -17.55
N MET A 187 7.03 8.11 -18.58
CA MET A 187 5.76 7.67 -19.12
C MET A 187 5.91 6.32 -19.84
N ASP A 188 6.95 6.21 -20.65
CA ASP A 188 7.20 4.97 -21.38
C ASP A 188 7.47 3.82 -20.41
N PHE A 189 8.22 4.15 -19.36
CA PHE A 189 8.57 3.18 -18.33
C PHE A 189 7.34 2.57 -17.67
N VAL A 190 6.47 3.43 -17.14
CA VAL A 190 5.26 2.98 -16.46
C VAL A 190 4.34 2.20 -17.39
N THR A 191 4.26 2.63 -18.64
CA THR A 191 3.40 1.95 -19.61
C THR A 191 3.92 0.55 -19.94
N SER A 192 5.21 0.46 -20.20
CA SER A 192 5.83 -0.81 -20.55
C SER A 192 5.76 -1.80 -19.39
N ALA A 193 6.09 -1.33 -18.19
CA ALA A 193 6.06 -2.17 -17.00
C ALA A 193 4.66 -2.73 -16.73
N ALA A 194 3.66 -1.86 -16.80
CA ALA A 194 2.29 -2.26 -16.56
C ALA A 194 1.81 -3.26 -17.61
N ASN A 195 2.11 -2.95 -18.87
CA ASN A 195 1.69 -3.80 -19.99
C ASN A 195 2.30 -5.19 -19.91
N LEU A 196 3.57 -5.25 -19.54
CA LEU A 196 4.27 -6.53 -19.42
C LEU A 196 3.62 -7.42 -18.36
N ARG A 197 3.41 -6.88 -17.16
CA ARG A 197 2.82 -7.66 -16.08
C ARG A 197 1.36 -8.00 -16.37
N MET A 198 0.61 -7.05 -16.93
CA MET A 198 -0.80 -7.28 -17.24
C MET A 198 -0.93 -8.39 -18.26
N HIS A 199 0.01 -8.47 -19.19
CA HIS A 199 0.01 -9.50 -20.21
C HIS A 199 0.29 -10.85 -19.60
N ILE A 200 1.18 -10.85 -18.62
CA ILE A 200 1.58 -12.07 -17.91
C ILE A 200 0.39 -12.64 -17.11
N PHE A 201 -0.52 -11.77 -16.71
CA PHE A 201 -1.67 -12.18 -15.93
C PHE A 201 -2.90 -12.44 -16.83
N SER A 202 -2.66 -12.54 -18.14
CA SER A 202 -3.72 -12.79 -19.12
C SER A 202 -4.77 -11.68 -19.08
N MET A 203 -4.29 -10.46 -18.95
CA MET A 203 -5.17 -9.29 -18.89
C MET A 203 -5.04 -8.48 -20.17
N ASN A 204 -6.15 -7.86 -20.59
CA ASN A 204 -6.16 -7.04 -21.80
C ASN A 204 -5.12 -5.93 -21.72
N MET A 205 -4.31 -5.82 -22.77
CA MET A 205 -3.27 -4.81 -22.84
C MET A 205 -3.83 -3.47 -23.27
N LYS A 206 -3.21 -2.39 -22.84
CA LYS A 206 -3.66 -1.05 -23.18
C LYS A 206 -2.57 -0.28 -23.91
N SER A 207 -2.98 0.78 -24.60
CA SER A 207 -2.06 1.62 -25.34
C SER A 207 -1.36 2.61 -24.40
N ARG A 208 -0.34 3.28 -24.90
CA ARG A 208 0.41 4.25 -24.10
C ARG A 208 -0.47 5.44 -23.72
N PHE A 209 -1.25 5.93 -24.67
CA PHE A 209 -2.12 7.08 -24.43
C PHE A 209 -3.25 6.72 -23.45
N ASP A 210 -3.69 5.47 -23.47
CA ASP A 210 -4.75 5.03 -22.58
C ASP A 210 -4.26 4.98 -21.14
N ILE A 211 -3.12 4.33 -20.95
CA ILE A 211 -2.52 4.21 -19.62
C ILE A 211 -2.08 5.58 -19.10
N LYS A 212 -1.64 6.44 -20.01
CA LYS A 212 -1.19 7.78 -19.66
C LYS A 212 -2.25 8.54 -18.84
N SER A 213 -3.49 8.52 -19.31
CA SER A 213 -4.58 9.21 -18.64
C SER A 213 -4.85 8.61 -17.25
N MET A 214 -4.60 7.31 -17.11
CA MET A 214 -4.84 6.63 -15.84
C MET A 214 -3.67 6.82 -14.88
N ALA A 215 -2.45 6.72 -15.40
CA ALA A 215 -1.24 6.85 -14.61
C ALA A 215 -1.03 8.29 -14.14
N GLY A 216 -1.28 9.23 -15.05
CA GLY A 216 -1.10 10.63 -14.72
C GLY A 216 -2.24 11.18 -13.88
N ASN A 217 -3.46 10.82 -14.26
CA ASN A 217 -4.70 11.26 -13.58
C ASN A 217 -4.62 12.72 -13.14
N MET B 1 12.70 11.75 22.59
CA MET B 1 12.82 12.43 23.90
C MET B 1 11.84 13.60 23.97
N SER B 2 11.74 14.20 25.15
CA SER B 2 10.84 15.33 25.36
C SER B 2 11.27 16.51 24.49
N GLY B 3 10.38 17.49 24.34
CA GLY B 3 10.69 18.65 23.53
C GLY B 3 10.31 18.43 22.08
N ILE B 4 10.99 17.51 21.42
CA ILE B 4 10.72 17.20 20.02
C ILE B 4 9.28 16.71 19.86
N ALA B 5 8.92 15.75 20.68
CA ALA B 5 7.56 15.20 20.65
C ALA B 5 6.53 16.29 20.89
N LEU B 6 6.80 17.12 21.89
CA LEU B 6 5.90 18.22 22.26
C LEU B 6 5.70 19.18 21.09
N SER B 7 6.78 19.49 20.39
CA SER B 7 6.73 20.40 19.25
C SER B 7 5.90 19.79 18.11
N ARG B 8 6.09 18.49 17.89
CA ARG B 8 5.37 17.77 16.84
C ARG B 8 3.89 17.68 17.18
N LEU B 9 3.58 17.40 18.44
CA LEU B 9 2.19 17.29 18.89
C LEU B 9 1.47 18.62 18.73
N ALA B 10 2.14 19.70 19.10
CA ALA B 10 1.57 21.04 18.96
C ALA B 10 1.31 21.36 17.49
N GLN B 11 2.22 20.89 16.64
CA GLN B 11 2.12 21.10 15.20
C GLN B 11 0.86 20.44 14.65
N GLU B 12 0.60 19.21 15.10
CA GLU B 12 -0.58 18.46 14.66
C GLU B 12 -1.85 19.17 15.08
N ARG B 13 -1.86 19.69 16.30
CA ARG B 13 -3.02 20.39 16.83
C ARG B 13 -3.39 21.58 15.96
N LYS B 14 -2.38 22.27 15.45
CA LYS B 14 -2.60 23.43 14.60
C LYS B 14 -3.16 23.01 13.23
N ALA B 15 -2.59 21.94 12.68
CA ALA B 15 -3.03 21.42 11.39
C ALA B 15 -4.47 20.91 11.46
N TRP B 16 -4.75 20.15 12.51
CA TRP B 16 -6.09 19.60 12.72
C TRP B 16 -7.12 20.71 12.84
N ARG B 17 -6.75 21.77 13.56
CA ARG B 17 -7.64 22.91 13.75
C ARG B 17 -7.91 23.59 12.42
N LYS B 18 -6.88 23.65 11.57
CA LYS B 18 -6.99 24.29 10.27
C LYS B 18 -7.87 23.49 9.33
N ASP B 19 -7.58 22.20 9.19
CA ASP B 19 -8.35 21.35 8.29
C ASP B 19 -8.52 19.94 8.86
N HIS B 20 -9.76 19.60 9.17
CA HIS B 20 -10.08 18.29 9.73
C HIS B 20 -11.35 17.75 9.09
N PRO B 21 -11.45 16.43 8.92
CA PRO B 21 -12.65 15.80 8.34
C PRO B 21 -13.90 16.13 9.15
N PHE B 22 -14.97 16.45 8.45
CA PHE B 22 -16.23 16.79 9.10
C PHE B 22 -16.76 15.62 9.92
N GLY B 23 -16.98 15.86 11.20
CA GLY B 23 -17.49 14.82 12.07
C GLY B 23 -16.41 14.24 12.95
N PHE B 24 -15.17 14.42 12.55
CA PHE B 24 -14.03 13.90 13.30
C PHE B 24 -13.66 14.84 14.43
N VAL B 25 -13.34 14.25 15.58
CA VAL B 25 -12.95 15.01 16.76
C VAL B 25 -11.60 14.54 17.27
N ALA B 26 -10.75 15.48 17.65
CA ALA B 26 -9.43 15.18 18.18
C ALA B 26 -8.91 16.38 18.96
N VAL B 27 -9.01 16.33 20.27
CA VAL B 27 -8.56 17.43 21.11
C VAL B 27 -7.79 16.91 22.33
N PRO B 28 -6.63 17.53 22.64
CA PRO B 28 -5.81 17.14 23.78
C PRO B 28 -6.56 17.31 25.10
N THR B 29 -6.14 16.57 26.12
CA THR B 29 -6.78 16.63 27.42
C THR B 29 -6.38 17.90 28.17
N LYS B 30 -7.36 18.55 28.78
CA LYS B 30 -7.09 19.76 29.54
C LYS B 30 -6.49 19.38 30.90
N ASN B 31 -5.26 19.80 31.11
CA ASN B 31 -4.56 19.50 32.34
C ASN B 31 -4.93 20.53 33.41
N PRO B 32 -5.26 20.07 34.63
CA PRO B 32 -5.63 20.96 35.74
C PRO B 32 -4.66 22.14 35.88
N ASP B 33 -5.19 23.28 36.32
CA ASP B 33 -4.45 24.54 36.50
C ASP B 33 -4.55 25.42 35.26
N GLY B 34 -5.00 24.82 34.16
CA GLY B 34 -5.16 25.57 32.93
C GLY B 34 -4.18 25.16 31.85
N THR B 35 -3.48 24.06 32.08
CA THR B 35 -2.51 23.57 31.11
C THR B 35 -3.17 22.58 30.15
N MET B 36 -2.39 22.05 29.22
CA MET B 36 -2.92 21.10 28.25
C MET B 36 -1.93 19.98 28.02
N ASN B 37 -2.38 18.74 28.16
CA ASN B 37 -1.51 17.59 27.94
C ASN B 37 -1.61 17.15 26.49
N LEU B 38 -0.52 17.38 25.76
CA LEU B 38 -0.47 17.03 24.35
C LEU B 38 -0.10 15.57 24.16
N MET B 39 0.25 14.88 25.24
CA MET B 39 0.63 13.48 25.17
C MET B 39 -0.58 12.57 25.33
N ASN B 40 -1.77 13.17 25.42
CA ASN B 40 -3.00 12.41 25.57
C ASN B 40 -4.17 13.18 24.97
N TRP B 41 -4.67 12.68 23.84
CA TRP B 41 -5.79 13.33 23.16
C TRP B 41 -7.04 12.48 23.23
N GLU B 42 -8.19 13.15 23.19
CA GLU B 42 -9.48 12.48 23.19
C GLU B 42 -10.08 12.64 21.80
N CYS B 43 -10.05 11.58 21.02
CA CYS B 43 -10.55 11.64 19.67
C CYS B 43 -11.87 10.89 19.53
N ALA B 44 -12.64 11.28 18.53
CA ALA B 44 -13.92 10.67 18.25
C ALA B 44 -14.10 10.50 16.75
N ILE B 45 -14.52 9.31 16.34
CA ILE B 45 -14.71 9.01 14.93
C ILE B 45 -16.10 8.43 14.67
N PRO B 46 -16.87 9.05 13.77
CA PRO B 46 -18.20 8.56 13.41
C PRO B 46 -18.12 7.44 12.38
N GLY B 47 -19.16 6.63 12.31
CA GLY B 47 -19.18 5.55 11.35
C GLY B 47 -19.22 6.03 9.92
N LYS B 48 -18.69 5.24 8.99
CA LYS B 48 -18.66 5.61 7.58
C LYS B 48 -20.08 5.66 7.02
N LYS B 49 -20.33 6.63 6.16
CA LYS B 49 -21.65 6.79 5.56
C LYS B 49 -21.96 5.63 4.61
N GLY B 50 -23.12 5.03 4.78
CA GLY B 50 -23.52 3.92 3.94
C GLY B 50 -23.14 2.58 4.54
N THR B 51 -22.58 2.62 5.74
CA THR B 51 -22.17 1.40 6.44
C THR B 51 -22.98 1.25 7.72
N PRO B 52 -23.09 0.03 8.27
CA PRO B 52 -23.85 -0.23 9.50
C PRO B 52 -23.24 0.47 10.71
N TRP B 53 -22.09 1.10 10.53
CA TRP B 53 -21.40 1.82 11.59
C TRP B 53 -21.85 3.28 11.63
N GLU B 54 -22.49 3.72 10.55
CA GLU B 54 -22.96 5.09 10.44
C GLU B 54 -23.99 5.41 11.51
N GLY B 55 -23.94 6.64 12.01
CA GLY B 55 -24.88 7.07 13.02
C GLY B 55 -24.27 7.11 14.40
N GLY B 56 -23.24 6.30 14.61
CA GLY B 56 -22.60 6.25 15.91
C GLY B 56 -21.28 7.00 15.95
N LEU B 57 -21.04 7.69 17.06
CA LEU B 57 -19.81 8.43 17.26
C LEU B 57 -18.97 7.68 18.28
N PHE B 58 -17.88 7.09 17.81
CA PHE B 58 -17.00 6.30 18.67
C PHE B 58 -15.86 7.14 19.22
N LYS B 59 -15.63 7.04 20.51
CA LYS B 59 -14.56 7.80 21.16
C LYS B 59 -13.40 6.90 21.53
N LEU B 60 -12.20 7.35 21.23
CA LEU B 60 -10.99 6.59 21.54
C LEU B 60 -9.96 7.50 22.19
N ARG B 61 -9.11 6.91 23.01
CA ARG B 61 -8.07 7.65 23.70
C ARG B 61 -6.75 7.50 22.96
N MET B 62 -6.17 8.63 22.59
CA MET B 62 -4.90 8.64 21.87
C MET B 62 -3.75 8.94 22.83
N LEU B 63 -2.92 7.95 23.07
CA LEU B 63 -1.78 8.10 23.98
C LEU B 63 -0.50 8.30 23.19
N PHE B 64 0.26 9.32 23.54
CA PHE B 64 1.51 9.61 22.86
C PHE B 64 2.69 9.38 23.80
N LYS B 65 3.85 9.08 23.22
CA LYS B 65 5.04 8.82 24.00
C LYS B 65 6.11 9.86 23.73
N ASP B 66 7.19 9.82 24.51
CA ASP B 66 8.30 10.75 24.37
C ASP B 66 9.14 10.42 23.15
N ASP B 67 8.90 9.26 22.57
CA ASP B 67 9.63 8.80 21.41
C ASP B 67 8.98 9.26 20.11
N TYR B 68 8.00 10.15 20.23
CA TYR B 68 7.30 10.67 19.06
C TYR B 68 8.24 11.57 18.25
N PRO B 69 8.14 11.55 16.91
CA PRO B 69 7.20 10.73 16.16
C PRO B 69 7.78 9.39 15.71
N SER B 70 8.87 8.98 16.32
CA SER B 70 9.49 7.70 15.99
C SER B 70 8.60 6.55 16.44
N SER B 71 7.98 6.72 17.60
CA SER B 71 7.07 5.71 18.14
C SER B 71 5.64 6.02 17.72
N PRO B 72 4.84 4.99 17.44
CA PRO B 72 3.45 5.16 17.04
C PRO B 72 2.54 5.46 18.24
N PRO B 73 1.45 6.20 18.02
CA PRO B 73 0.50 6.53 19.08
C PRO B 73 -0.40 5.35 19.44
N LYS B 74 -0.65 5.18 20.72
CA LYS B 74 -1.50 4.10 21.19
C LYS B 74 -2.95 4.55 21.23
N CYS B 75 -3.76 4.00 20.34
CA CYS B 75 -5.18 4.36 20.28
C CYS B 75 -6.02 3.27 20.92
N LYS B 76 -6.67 3.60 22.03
CA LYS B 76 -7.52 2.66 22.73
C LYS B 76 -8.93 3.20 22.86
N PHE B 77 -9.89 2.49 22.29
CA PHE B 77 -11.29 2.90 22.34
C PHE B 77 -11.84 2.88 23.75
N GLU B 78 -12.65 3.87 24.08
CA GLU B 78 -13.24 3.98 25.41
C GLU B 78 -14.74 4.24 25.29
N PRO B 79 -15.59 3.22 25.50
CA PRO B 79 -15.17 1.86 25.85
C PRO B 79 -14.75 1.04 24.64
N PRO B 80 -14.12 -0.14 24.86
CA PRO B 80 -13.68 -1.03 23.78
C PRO B 80 -14.82 -1.43 22.85
N LEU B 81 -14.56 -1.36 21.55
CA LEU B 81 -15.58 -1.70 20.56
C LEU B 81 -15.50 -3.16 20.13
N PHE B 82 -16.61 -3.66 19.64
CA PHE B 82 -16.70 -5.02 19.15
C PHE B 82 -16.16 -5.06 17.73
N HIS B 83 -14.88 -5.37 17.60
CA HIS B 83 -14.23 -5.42 16.31
C HIS B 83 -13.04 -6.37 16.37
N PRO B 84 -12.89 -7.26 15.37
CA PRO B 84 -11.81 -8.26 15.34
C PRO B 84 -10.41 -7.67 15.44
N ASN B 85 -10.25 -6.39 15.10
CA ASN B 85 -8.94 -5.76 15.14
C ASN B 85 -8.76 -4.90 16.38
N VAL B 86 -9.68 -5.04 17.32
CA VAL B 86 -9.61 -4.27 18.56
C VAL B 86 -9.46 -5.21 19.74
N TYR B 87 -8.39 -5.02 20.51
CA TYR B 87 -8.13 -5.84 21.68
C TYR B 87 -9.19 -5.58 22.74
N PRO B 88 -9.42 -6.54 23.66
CA PRO B 88 -10.42 -6.38 24.73
C PRO B 88 -10.18 -5.14 25.60
N SER B 89 -8.96 -4.63 25.55
CA SER B 89 -8.59 -3.44 26.31
C SER B 89 -8.97 -2.17 25.55
N GLY B 90 -9.24 -2.32 24.26
CA GLY B 90 -9.61 -1.18 23.44
C GLY B 90 -8.53 -0.82 22.44
N THR B 91 -7.37 -1.45 22.58
CA THR B 91 -6.24 -1.20 21.68
C THR B 91 -6.56 -1.63 20.26
N VAL B 92 -6.42 -0.71 19.32
CA VAL B 92 -6.68 -0.99 17.92
C VAL B 92 -5.40 -1.42 17.21
N CYS B 93 -5.45 -2.54 16.51
CA CYS B 93 -4.30 -3.02 15.78
C CYS B 93 -4.36 -2.58 14.33
N LEU B 94 -3.32 -1.90 13.88
CA LEU B 94 -3.25 -1.41 12.52
C LEU B 94 -1.79 -1.43 12.04
N SER B 95 -1.59 -1.64 10.75
CA SER B 95 -0.27 -1.70 10.16
C SER B 95 0.53 -0.43 10.42
N ILE B 96 -0.04 0.71 10.04
CA ILE B 96 0.63 2.00 10.22
C ILE B 96 0.58 2.48 11.66
N LEU B 97 0.07 1.65 12.56
CA LEU B 97 -0.02 2.01 13.96
C LEU B 97 1.01 1.22 14.77
N GLU B 98 1.82 0.44 14.07
CA GLU B 98 2.85 -0.36 14.71
C GLU B 98 4.20 0.05 14.15
N GLU B 99 5.14 0.33 15.04
CA GLU B 99 6.48 0.79 14.68
C GLU B 99 7.20 -0.17 13.73
N ASP B 100 7.12 -1.47 14.00
CA ASP B 100 7.80 -2.46 13.17
C ASP B 100 6.93 -2.99 12.04
N LYS B 101 5.72 -2.46 11.90
CA LYS B 101 4.83 -2.92 10.83
C LYS B 101 4.85 -1.96 9.64
N ASP B 102 4.22 -0.81 9.78
CA ASP B 102 4.18 0.16 8.67
C ASP B 102 4.09 1.60 9.16
N TRP B 103 4.46 1.85 10.40
CA TRP B 103 4.41 3.20 10.95
C TRP B 103 5.61 4.02 10.46
N ARG B 104 5.33 5.21 9.96
CA ARG B 104 6.36 6.11 9.48
C ARG B 104 6.19 7.47 10.15
N PRO B 105 7.28 8.09 10.63
CA PRO B 105 7.23 9.39 11.30
C PRO B 105 6.55 10.48 10.48
N ALA B 106 6.52 10.28 9.17
CA ALA B 106 5.91 11.24 8.26
C ALA B 106 4.38 11.19 8.29
N ILE B 107 3.81 10.16 8.92
CA ILE B 107 2.37 10.02 9.00
C ILE B 107 1.77 11.06 9.94
N THR B 108 0.74 11.74 9.47
CA THR B 108 0.05 12.76 10.25
C THR B 108 -1.12 12.14 11.01
N ILE B 109 -1.48 12.74 12.14
CA ILE B 109 -2.59 12.26 12.96
C ILE B 109 -3.88 12.16 12.14
N LYS B 110 -4.03 13.09 11.21
CA LYS B 110 -5.20 13.13 10.32
C LYS B 110 -5.38 11.80 9.60
N GLN B 111 -4.29 11.23 9.09
CA GLN B 111 -4.33 9.97 8.36
C GLN B 111 -4.66 8.81 9.30
N ILE B 112 -4.12 8.87 10.51
CA ILE B 112 -4.33 7.82 11.50
C ILE B 112 -5.81 7.64 11.82
N LEU B 113 -6.49 8.76 12.11
CA LEU B 113 -7.90 8.71 12.45
C LEU B 113 -8.73 8.18 11.27
N LEU B 114 -8.38 8.61 10.06
CA LEU B 114 -9.09 8.17 8.87
C LEU B 114 -8.86 6.68 8.63
N GLY B 115 -7.67 6.21 8.97
CA GLY B 115 -7.36 4.80 8.81
C GLY B 115 -8.18 3.93 9.74
N ILE B 116 -8.40 4.43 10.95
CA ILE B 116 -9.18 3.70 11.94
C ILE B 116 -10.63 3.58 11.48
N GLN B 117 -11.16 4.66 10.92
CA GLN B 117 -12.53 4.67 10.43
C GLN B 117 -12.71 3.64 9.32
N GLU B 118 -11.71 3.56 8.45
CA GLU B 118 -11.73 2.60 7.35
C GLU B 118 -11.73 1.18 7.90
N LEU B 119 -10.88 0.95 8.90
CA LEU B 119 -10.75 -0.36 9.53
C LEU B 119 -12.06 -0.80 10.17
N LEU B 120 -12.86 0.16 10.62
CA LEU B 120 -14.13 -0.14 11.26
C LEU B 120 -15.02 -0.96 10.33
N ASN B 121 -15.28 -0.45 9.14
CA ASN B 121 -16.12 -1.15 8.17
C ASN B 121 -15.35 -2.28 7.50
N GLU B 122 -14.08 -2.04 7.19
CA GLU B 122 -13.25 -3.04 6.53
C GLU B 122 -12.27 -3.64 7.55
N PRO B 123 -12.64 -4.78 8.17
CA PRO B 123 -11.80 -5.43 9.16
C PRO B 123 -10.69 -6.26 8.54
N ASN B 124 -9.52 -6.22 9.18
CA ASN B 124 -8.37 -6.96 8.71
C ASN B 124 -8.38 -8.36 9.33
N ILE B 125 -8.75 -9.35 8.53
CA ILE B 125 -8.82 -10.74 9.00
C ILE B 125 -7.42 -11.29 9.30
N GLN B 126 -6.41 -10.49 8.96
CA GLN B 126 -5.03 -10.85 9.16
C GLN B 126 -4.62 -10.73 10.62
N ASP B 127 -5.08 -9.67 11.28
CA ASP B 127 -4.73 -9.44 12.69
C ASP B 127 -5.93 -9.73 13.60
N PRO B 128 -5.99 -10.93 14.20
CA PRO B 128 -7.08 -11.32 15.08
C PRO B 128 -6.85 -10.88 16.53
N ALA B 129 -7.26 -9.67 16.85
CA ALA B 129 -7.10 -9.12 18.18
C ALA B 129 -8.26 -9.56 19.08
N GLN B 130 -9.48 -9.42 18.58
CA GLN B 130 -10.67 -9.80 19.32
C GLN B 130 -11.19 -11.14 18.78
N ALA B 131 -10.91 -12.21 19.53
CA ALA B 131 -11.30 -13.56 19.15
C ALA B 131 -12.81 -13.69 18.92
N GLU B 132 -13.60 -13.17 19.86
CA GLU B 132 -15.06 -13.25 19.76
C GLU B 132 -15.57 -12.72 18.44
N ALA B 133 -15.20 -11.47 18.12
CA ALA B 133 -15.62 -10.84 16.88
C ALA B 133 -15.05 -11.56 15.67
N TYR B 134 -13.84 -12.08 15.82
CA TYR B 134 -13.17 -12.79 14.73
C TYR B 134 -13.93 -14.06 14.35
N THR B 135 -14.29 -14.86 15.36
CA THR B 135 -15.02 -16.10 15.12
C THR B 135 -16.42 -15.82 14.59
N ILE B 136 -17.14 -14.91 15.24
CA ILE B 136 -18.49 -14.58 14.83
C ILE B 136 -18.54 -14.05 13.40
N TYR B 137 -17.59 -13.18 13.05
CA TYR B 137 -17.52 -12.59 11.72
C TYR B 137 -17.37 -13.67 10.63
N CYS B 138 -16.60 -14.70 10.93
CA CYS B 138 -16.36 -15.76 9.95
C CYS B 138 -17.49 -16.79 9.94
N GLN B 139 -18.00 -17.16 11.12
CA GLN B 139 -19.04 -18.16 11.19
C GLN B 139 -20.41 -17.63 10.77
N ASN B 140 -20.72 -16.38 11.11
CA ASN B 140 -22.01 -15.81 10.76
C ASN B 140 -21.91 -14.29 10.60
N ARG B 141 -21.94 -13.84 9.35
CA ARG B 141 -21.86 -12.42 9.03
C ARG B 141 -23.04 -11.65 9.59
N VAL B 142 -24.23 -12.25 9.52
CA VAL B 142 -25.44 -11.62 10.00
C VAL B 142 -25.37 -11.37 11.50
N GLU B 143 -24.90 -12.37 12.24
CA GLU B 143 -24.76 -12.27 13.69
C GLU B 143 -23.78 -11.15 14.06
N TYR B 144 -22.87 -10.88 13.14
CA TYR B 144 -21.89 -9.82 13.35
C TYR B 144 -22.53 -8.46 13.05
N GLU B 145 -23.29 -8.41 11.95
CA GLU B 145 -23.96 -7.18 11.52
C GLU B 145 -24.93 -6.67 12.58
N LYS B 146 -25.70 -7.59 13.16
CA LYS B 146 -26.67 -7.24 14.19
C LYS B 146 -25.98 -6.54 15.36
N ARG B 147 -24.82 -7.05 15.74
CA ARG B 147 -24.06 -6.47 16.84
C ARG B 147 -23.52 -5.10 16.46
N VAL B 148 -23.08 -4.96 15.21
CA VAL B 148 -22.55 -3.70 14.72
C VAL B 148 -23.63 -2.62 14.70
N ARG B 149 -24.81 -2.99 14.20
CA ARG B 149 -25.93 -2.06 14.14
C ARG B 149 -26.32 -1.58 15.52
N ALA B 150 -26.39 -2.51 16.47
CA ALA B 150 -26.75 -2.17 17.85
C ALA B 150 -25.68 -1.27 18.48
N GLN B 151 -24.42 -1.58 18.21
CA GLN B 151 -23.30 -0.81 18.75
C GLN B 151 -23.32 0.61 18.21
N ALA B 152 -23.64 0.75 16.92
CA ALA B 152 -23.70 2.07 16.29
C ALA B 152 -24.76 2.95 16.96
N LYS B 153 -25.92 2.36 17.22
CA LYS B 153 -27.02 3.08 17.85
C LYS B 153 -26.67 3.43 19.30
N LYS B 154 -25.84 2.60 19.91
CA LYS B 154 -25.41 2.80 21.28
C LYS B 154 -24.58 4.08 21.41
N PHE B 155 -23.80 4.39 20.38
CA PHE B 155 -22.96 5.57 20.38
C PHE B 155 -23.55 6.69 19.53
N ALA B 156 -24.83 6.56 19.19
CA ALA B 156 -25.51 7.58 18.40
C ALA B 156 -25.70 8.85 19.22
N PRO B 157 -25.14 9.98 18.74
CA PRO B 157 -25.24 11.27 19.42
C PRO B 157 -26.69 11.63 19.79
N SER B 158 -26.98 11.60 21.06
CA SER B 158 -28.32 11.92 21.54
C SER B 158 -28.24 12.84 22.75
N THR A 1 -15.15 10.03 -4.42
CA THR A 1 -13.68 9.99 -4.26
C THR A 1 -13.13 8.68 -4.79
N GLN A 2 -11.95 8.74 -5.40
CA GLN A 2 -11.31 7.55 -5.96
C GLN A 2 -11.11 6.49 -4.89
N ARG A 3 -11.28 5.24 -5.29
CA ARG A 3 -11.13 4.12 -4.38
C ARG A 3 -9.65 3.80 -4.14
N THR A 4 -9.31 3.55 -2.89
CA THR A 4 -7.94 3.22 -2.53
C THR A 4 -7.62 1.78 -2.94
N PHE A 5 -6.45 1.58 -3.51
CA PHE A 5 -6.04 0.25 -3.94
C PHE A 5 -5.11 -0.40 -2.91
N PRO A 6 -5.62 -1.40 -2.17
CA PRO A 6 -4.83 -2.11 -1.16
C PRO A 6 -3.66 -2.88 -1.76
N GLY A 7 -2.55 -2.91 -1.05
CA GLY A 7 -1.36 -3.59 -1.52
C GLY A 7 -1.59 -5.06 -1.81
N CYS A 8 -2.48 -5.69 -1.06
CA CYS A 8 -2.79 -7.11 -1.23
C CYS A 8 -3.30 -7.41 -2.64
N THR A 9 -3.93 -6.43 -3.27
CA THR A 9 -4.46 -6.63 -4.62
C THR A 9 -3.63 -5.85 -5.64
N ILE A 10 -2.52 -5.29 -5.18
CA ILE A 10 -1.62 -4.54 -6.05
C ILE A 10 -0.36 -5.35 -6.30
N ARG A 11 0.25 -5.83 -5.23
CA ARG A 11 1.48 -6.60 -5.34
C ARG A 11 1.19 -8.07 -5.61
N ASN A 12 0.05 -8.55 -5.13
CA ASN A 12 -0.30 -9.95 -5.31
C ASN A 12 -1.20 -10.19 -6.51
N THR A 13 -2.50 -10.06 -6.34
CA THR A 13 -3.45 -10.31 -7.42
C THR A 13 -4.08 -9.05 -7.99
N PRO A 14 -3.58 -8.58 -9.16
CA PRO A 14 -4.11 -7.41 -9.85
C PRO A 14 -5.11 -7.85 -10.93
N SER A 15 -6.39 -7.88 -10.58
CA SER A 15 -7.43 -8.31 -11.50
C SER A 15 -8.02 -7.15 -12.31
N GLU A 16 -7.40 -5.98 -12.22
CA GLU A 16 -7.89 -4.82 -12.96
C GLU A 16 -6.73 -4.11 -13.65
N PRO A 17 -6.94 -3.65 -14.90
CA PRO A 17 -5.91 -2.96 -15.68
C PRO A 17 -5.26 -1.80 -14.92
N ILE A 18 -6.08 -0.97 -14.29
CA ILE A 18 -5.57 0.18 -13.54
C ILE A 18 -4.68 -0.28 -12.37
N HIS A 19 -4.91 -1.49 -11.88
CA HIS A 19 -4.13 -2.02 -10.77
C HIS A 19 -2.70 -2.31 -11.23
N CYS A 20 -2.56 -2.71 -12.49
CA CYS A 20 -1.25 -3.00 -13.05
C CYS A 20 -0.48 -1.70 -13.28
N ILE A 21 -1.23 -0.65 -13.58
CA ILE A 21 -0.65 0.67 -13.81
C ILE A 21 -0.20 1.27 -12.49
N VAL A 22 -1.04 1.17 -11.47
CA VAL A 22 -0.73 1.69 -10.14
C VAL A 22 0.53 1.00 -9.61
N TRP A 23 0.64 -0.29 -9.89
CA TRP A 23 1.78 -1.09 -9.47
C TRP A 23 3.05 -0.54 -10.12
N ALA A 24 2.94 -0.20 -11.40
CA ALA A 24 4.06 0.34 -12.16
C ALA A 24 4.44 1.72 -11.64
N LYS A 25 3.44 2.48 -11.20
CA LYS A 25 3.67 3.82 -10.66
C LYS A 25 4.51 3.71 -9.39
N TYR A 26 4.23 2.69 -8.58
CA TYR A 26 4.97 2.47 -7.36
C TYR A 26 6.37 1.98 -7.69
N LEU A 27 6.47 1.17 -8.75
CA LEU A 27 7.74 0.64 -9.21
C LEU A 27 8.73 1.77 -9.48
N PHE A 28 8.25 2.81 -10.15
CA PHE A 28 9.08 3.97 -10.46
C PHE A 28 9.56 4.64 -9.18
N ASN A 29 8.64 4.78 -8.23
CA ASN A 29 8.95 5.41 -6.95
C ASN A 29 9.95 4.58 -6.15
N GLN A 30 9.81 3.27 -6.23
CA GLN A 30 10.69 2.37 -5.49
C GLN A 30 12.00 2.11 -6.23
N LEU A 31 12.20 2.82 -7.33
CA LEU A 31 13.43 2.67 -8.10
C LEU A 31 14.17 4.00 -8.20
N PHE A 32 13.44 5.07 -8.48
CA PHE A 32 14.05 6.39 -8.62
C PHE A 32 13.49 7.40 -7.61
N GLY A 33 12.32 7.11 -7.06
CA GLY A 33 11.71 8.05 -6.12
C GLY A 33 11.94 7.67 -4.67
N GLU A 34 11.01 8.08 -3.81
CA GLU A 34 11.08 7.80 -2.38
C GLU A 34 10.49 6.42 -2.08
N GLU A 35 11.07 5.75 -1.09
CA GLU A 35 10.63 4.41 -0.71
C GLU A 35 9.42 4.47 0.22
N ASP A 36 8.69 3.37 0.30
CA ASP A 36 7.52 3.28 1.16
C ASP A 36 7.59 2.00 1.99
N ALA A 37 6.79 1.93 3.05
CA ALA A 37 6.77 0.77 3.92
C ALA A 37 5.85 -0.33 3.39
N ASP A 38 4.85 0.04 2.59
CA ASP A 38 3.92 -0.94 2.05
C ASP A 38 3.85 -0.87 0.54
N GLN A 39 3.90 0.33 -0.01
CA GLN A 39 3.80 0.52 -1.46
C GLN A 39 5.07 0.09 -2.20
N GLU A 40 5.52 -1.13 -1.94
CA GLU A 40 6.70 -1.69 -2.60
C GLU A 40 6.27 -2.25 -3.94
N VAL A 41 7.20 -2.87 -4.64
CA VAL A 41 6.89 -3.43 -5.94
C VAL A 41 7.12 -4.94 -5.97
N SER A 42 7.99 -5.42 -5.08
CA SER A 42 8.30 -6.83 -5.00
C SER A 42 7.32 -7.57 -4.09
N PRO A 43 7.09 -8.87 -4.35
CA PRO A 43 6.20 -9.69 -3.53
C PRO A 43 6.63 -9.71 -2.07
N ASP A 44 5.66 -9.71 -1.17
CA ASP A 44 5.94 -9.69 0.25
C ASP A 44 6.17 -11.09 0.80
N ARG A 45 6.75 -11.15 1.99
CA ARG A 45 7.03 -12.40 2.65
C ARG A 45 6.07 -12.55 3.82
N ALA A 46 5.31 -11.49 4.08
CA ALA A 46 4.34 -11.47 5.17
C ALA A 46 3.06 -12.18 4.77
N ASP A 47 3.03 -12.70 3.55
CA ASP A 47 1.87 -13.41 3.04
C ASP A 47 1.60 -14.64 3.91
N PRO A 48 0.31 -14.90 4.23
CA PRO A 48 -0.10 -16.05 5.05
C PRO A 48 0.46 -17.40 4.57
N GLU A 49 0.91 -17.46 3.31
CA GLU A 49 1.45 -18.69 2.77
C GLU A 49 2.97 -18.73 2.87
N ALA A 50 3.55 -17.69 3.48
CA ALA A 50 4.99 -17.60 3.65
C ALA A 50 5.35 -17.26 5.10
N ALA A 51 4.44 -16.58 5.78
CA ALA A 51 4.66 -16.20 7.17
C ALA A 51 3.84 -17.08 8.11
N TRP A 52 3.93 -16.80 9.40
CA TRP A 52 3.20 -17.58 10.39
C TRP A 52 1.97 -16.84 10.88
N GLU A 53 2.11 -15.54 11.13
CA GLU A 53 0.97 -14.74 11.59
C GLU A 53 0.51 -13.74 10.53
N PRO A 54 1.32 -12.72 10.12
CA PRO A 54 2.67 -12.45 10.65
C PRO A 54 2.65 -11.37 11.74
N THR A 55 3.67 -11.36 12.59
CA THR A 55 3.76 -10.39 13.67
C THR A 55 5.01 -10.64 14.51
N GLU A 56 5.28 -9.76 15.46
CA GLU A 56 6.43 -9.88 16.33
C GLU A 56 6.45 -11.22 17.05
N ALA A 57 7.54 -11.97 16.86
CA ALA A 57 7.72 -13.28 17.48
C ALA A 57 6.61 -14.25 17.08
N GLU A 58 6.37 -14.34 15.78
CA GLU A 58 5.34 -15.22 15.25
C GLU A 58 5.81 -16.67 15.21
N ALA A 59 7.11 -16.86 15.03
CA ALA A 59 7.67 -18.20 14.97
C ALA A 59 8.26 -18.58 16.32
N ARG A 60 9.01 -17.63 16.90
CA ARG A 60 9.61 -17.84 18.20
C ARG A 60 8.89 -16.98 19.23
N ALA A 61 7.74 -17.45 19.70
CA ALA A 61 6.93 -16.72 20.66
C ALA A 61 7.50 -16.78 22.07
N ARG A 62 8.82 -16.81 22.17
CA ARG A 62 9.49 -16.86 23.46
C ARG A 62 9.51 -15.46 24.09
N ALA A 63 9.58 -14.45 23.22
CA ALA A 63 9.59 -13.05 23.64
C ALA A 63 9.64 -12.14 22.42
N SER A 64 10.78 -12.18 21.72
CA SER A 64 10.98 -11.38 20.53
C SER A 64 11.92 -12.12 19.59
N ASN A 65 11.75 -11.92 18.30
CA ASN A 65 12.59 -12.55 17.28
C ASN A 65 12.21 -12.03 15.90
N GLU A 66 11.08 -12.51 15.39
CA GLU A 66 10.59 -12.06 14.10
C GLU A 66 9.79 -10.79 14.29
N ASP A 67 10.47 -9.72 14.65
CA ASP A 67 9.82 -8.44 14.88
C ASP A 67 9.75 -7.62 13.60
N GLY A 68 8.73 -7.89 12.79
CA GLY A 68 8.54 -7.17 11.56
C GLY A 68 9.56 -7.53 10.49
N ASP A 69 10.28 -8.62 10.70
CA ASP A 69 11.29 -9.05 9.73
C ASP A 69 10.63 -9.84 8.60
N ILE A 70 9.58 -9.26 8.06
CA ILE A 70 8.83 -9.88 6.98
C ILE A 70 9.14 -9.20 5.65
N LYS A 71 9.15 -7.87 5.66
CA LYS A 71 9.43 -7.11 4.46
C LYS A 71 10.57 -6.13 4.71
N ARG A 72 11.60 -6.59 5.40
CA ARG A 72 12.77 -5.76 5.69
C ARG A 72 13.73 -5.78 4.51
N ILE A 73 13.22 -5.34 3.36
CA ILE A 73 13.98 -5.30 2.13
C ILE A 73 13.75 -3.99 1.40
N SER A 74 14.51 -3.73 0.34
CA SER A 74 14.37 -2.51 -0.44
C SER A 74 14.82 -2.73 -1.88
N THR A 75 13.90 -2.56 -2.82
CA THR A 75 14.21 -2.73 -4.23
C THR A 75 15.18 -1.65 -4.72
N LYS A 76 15.13 -0.48 -4.07
CA LYS A 76 16.00 0.64 -4.42
C LYS A 76 17.47 0.22 -4.37
N GLU A 77 17.87 -0.37 -3.25
CA GLU A 77 19.24 -0.82 -3.06
C GLU A 77 19.62 -1.89 -4.07
N TRP A 78 18.72 -2.84 -4.30
CA TRP A 78 18.97 -3.93 -5.24
C TRP A 78 19.23 -3.40 -6.64
N ALA A 79 18.39 -2.48 -7.08
CA ALA A 79 18.53 -1.89 -8.42
C ALA A 79 19.78 -1.03 -8.52
N LYS A 80 20.07 -0.28 -7.47
CA LYS A 80 21.25 0.59 -7.46
C LYS A 80 22.54 -0.22 -7.46
N SER A 81 22.48 -1.41 -6.90
CA SER A 81 23.65 -2.29 -6.84
C SER A 81 23.87 -3.01 -8.17
N THR A 82 22.87 -3.02 -9.02
CA THR A 82 22.97 -3.66 -10.32
C THR A 82 23.07 -2.63 -11.43
N GLY A 83 23.17 -1.36 -11.02
CA GLY A 83 23.26 -0.27 -11.98
C GLY A 83 22.00 -0.10 -12.80
N TYR A 84 20.86 -0.44 -12.19
CA TYR A 84 19.56 -0.36 -12.83
C TYR A 84 19.59 -1.04 -14.20
N ASP A 85 20.08 -2.28 -14.22
CA ASP A 85 20.17 -3.05 -15.45
C ASP A 85 18.79 -3.54 -15.85
N PRO A 86 18.37 -3.23 -17.09
CA PRO A 86 17.05 -3.64 -17.60
C PRO A 86 16.79 -5.13 -17.50
N VAL A 87 17.77 -5.93 -17.90
CA VAL A 87 17.63 -7.39 -17.86
C VAL A 87 17.43 -7.87 -16.43
N LYS A 88 18.23 -7.33 -15.51
CA LYS A 88 18.14 -7.70 -14.09
C LYS A 88 16.75 -7.41 -13.54
N LEU A 89 16.27 -6.19 -13.77
CA LEU A 89 14.96 -5.78 -13.28
C LEU A 89 13.84 -6.55 -13.98
N PHE A 90 14.01 -6.81 -15.27
CA PHE A 90 13.02 -7.52 -16.06
C PHE A 90 12.86 -8.96 -15.56
N THR A 91 13.97 -9.68 -15.45
CA THR A 91 13.95 -11.06 -15.00
C THR A 91 13.54 -11.17 -13.53
N LYS A 92 13.55 -10.04 -12.85
CA LYS A 92 13.17 -10.03 -11.45
C LYS A 92 11.66 -9.99 -11.31
N LEU A 93 11.08 -8.83 -11.61
CA LEU A 93 9.64 -8.60 -11.46
C LEU A 93 8.79 -9.41 -12.45
N PHE A 94 9.28 -9.61 -13.66
CA PHE A 94 8.50 -10.32 -14.66
C PHE A 94 8.92 -11.78 -14.84
N LYS A 95 9.67 -12.33 -13.90
CA LYS A 95 10.10 -13.72 -14.03
C LYS A 95 10.25 -14.40 -12.67
N ASP A 96 11.29 -14.05 -11.93
CA ASP A 96 11.58 -14.68 -10.65
C ASP A 96 10.59 -14.28 -9.55
N ASP A 97 10.19 -13.03 -9.52
CA ASP A 97 9.26 -12.54 -8.51
C ASP A 97 7.91 -13.25 -8.60
N ILE A 98 7.35 -13.30 -9.80
CA ILE A 98 6.06 -13.96 -9.99
C ILE A 98 6.20 -15.47 -9.79
N ARG A 99 7.36 -16.01 -10.13
CA ARG A 99 7.63 -17.43 -9.93
C ARG A 99 7.56 -17.74 -8.44
N TYR A 100 8.03 -16.78 -7.64
CA TYR A 100 7.99 -16.91 -6.18
C TYR A 100 6.55 -16.80 -5.69
N LEU A 101 5.80 -15.89 -6.31
CA LEU A 101 4.40 -15.68 -5.95
C LEU A 101 3.57 -16.91 -6.31
N LEU A 102 4.07 -17.70 -7.26
CA LEU A 102 3.38 -18.91 -7.70
C LEU A 102 3.38 -19.96 -6.60
N THR A 103 4.26 -19.79 -5.62
CA THR A 103 4.36 -20.71 -4.50
C THR A 103 3.11 -20.64 -3.62
N MET A 104 2.37 -19.54 -3.72
CA MET A 104 1.15 -19.37 -2.96
C MET A 104 0.03 -20.18 -3.62
N ASP A 105 0.01 -21.46 -3.34
CA ASP A 105 -0.98 -22.38 -3.91
C ASP A 105 -2.40 -21.97 -3.53
N LYS A 106 -2.56 -21.41 -2.36
CA LYS A 106 -3.88 -20.99 -1.88
C LYS A 106 -4.30 -19.65 -2.49
N LEU A 107 -3.60 -19.22 -3.52
CA LEU A 107 -3.93 -17.97 -4.18
C LEU A 107 -4.42 -18.23 -5.61
N TRP A 108 -4.01 -19.34 -6.18
CA TRP A 108 -4.39 -19.69 -7.55
C TRP A 108 -5.35 -20.87 -7.57
N ARG A 109 -6.64 -20.56 -7.67
CA ARG A 109 -7.68 -21.58 -7.72
C ARG A 109 -8.84 -21.12 -8.60
N LYS A 110 -9.32 -19.91 -8.33
CA LYS A 110 -10.44 -19.34 -9.07
C LYS A 110 -9.94 -18.56 -10.28
N ARG A 111 -8.71 -18.07 -10.21
CA ARG A 111 -8.13 -17.30 -11.29
C ARG A 111 -6.85 -17.96 -11.79
N LYS A 112 -6.59 -17.77 -13.09
CA LYS A 112 -5.40 -18.32 -13.73
C LYS A 112 -4.11 -17.75 -13.13
N PRO A 113 -3.15 -18.62 -12.80
CA PRO A 113 -1.87 -18.20 -12.22
C PRO A 113 -1.00 -17.46 -13.25
N PRO A 114 -0.25 -16.43 -12.81
CA PRO A 114 0.61 -15.62 -13.67
C PRO A 114 1.66 -16.46 -14.41
N VAL A 115 1.91 -16.09 -15.67
CA VAL A 115 2.88 -16.80 -16.50
C VAL A 115 4.13 -15.94 -16.69
N PRO A 116 5.29 -16.40 -16.17
CA PRO A 116 6.57 -15.68 -16.26
C PRO A 116 7.00 -15.36 -17.69
N LEU A 117 7.69 -14.24 -17.81
CA LEU A 117 8.19 -13.77 -19.10
C LEU A 117 9.71 -13.59 -19.03
N ASP A 118 10.44 -14.47 -19.68
CA ASP A 118 11.89 -14.38 -19.69
C ASP A 118 12.35 -13.38 -20.75
N TRP A 119 13.35 -12.57 -20.39
CA TRP A 119 13.89 -11.55 -21.28
C TRP A 119 14.36 -12.15 -22.62
N ALA A 120 14.96 -13.32 -22.57
CA ALA A 120 15.46 -13.96 -23.78
C ALA A 120 14.32 -14.57 -24.59
N GLU A 121 13.33 -15.11 -23.90
CA GLU A 121 12.19 -15.74 -24.55
C GLU A 121 11.26 -14.70 -25.17
N VAL A 122 11.20 -13.51 -24.57
CA VAL A 122 10.35 -12.45 -25.09
C VAL A 122 10.94 -11.87 -26.37
N GLN A 123 12.27 -11.85 -26.44
CA GLN A 123 12.95 -11.35 -27.63
C GLN A 123 12.74 -12.34 -28.77
N SER A 124 12.77 -13.61 -28.42
CA SER A 124 12.58 -14.68 -29.38
C SER A 124 11.14 -15.21 -29.30
N GLN A 125 10.19 -14.28 -29.30
CA GLN A 125 8.77 -14.60 -29.21
C GLN A 125 8.32 -15.35 -30.47
N GLY A 126 8.44 -16.67 -30.45
CA GLY A 126 8.05 -17.49 -31.57
C GLY A 126 6.56 -17.56 -31.75
N GLU A 127 5.82 -17.29 -30.68
CA GLU A 127 4.37 -17.30 -30.71
C GLU A 127 3.84 -16.09 -31.47
N GLU A 128 4.73 -15.12 -31.70
CA GLU A 128 4.38 -13.92 -32.41
C GLU A 128 5.46 -13.63 -33.45
N THR A 129 5.77 -12.36 -33.65
CA THR A 129 6.79 -11.97 -34.60
C THR A 129 8.18 -12.10 -33.99
N ASN A 130 8.80 -13.25 -34.24
CA ASN A 130 10.13 -13.53 -33.71
C ASN A 130 11.20 -12.74 -34.44
N ALA A 131 11.19 -12.78 -35.76
CA ALA A 131 12.19 -12.08 -36.55
C ALA A 131 11.60 -10.89 -37.32
N SER A 132 10.46 -11.10 -37.94
CA SER A 132 9.81 -10.06 -38.71
C SER A 132 8.92 -9.16 -37.86
N ASP A 133 9.41 -8.77 -36.68
CA ASP A 133 8.65 -7.90 -35.79
C ASP A 133 8.84 -6.43 -36.17
N GLN A 134 9.82 -6.20 -37.04
CA GLN A 134 10.12 -4.85 -37.49
C GLN A 134 8.93 -4.21 -38.20
N GLN A 135 8.20 -5.02 -38.94
CA GLN A 135 7.03 -4.53 -39.67
C GLN A 135 5.80 -5.38 -39.36
N ASN A 136 5.23 -5.17 -38.18
CA ASN A 136 4.03 -5.91 -37.78
C ASN A 136 2.80 -5.36 -38.47
N GLU A 137 1.64 -5.92 -38.13
CA GLU A 137 0.36 -5.50 -38.70
C GLU A 137 0.15 -3.99 -38.54
N PRO A 138 0.00 -3.28 -39.67
CA PRO A 138 -0.21 -1.82 -39.66
C PRO A 138 -1.51 -1.42 -38.98
N GLN A 139 -1.40 -0.58 -37.97
CA GLN A 139 -2.57 -0.10 -37.24
C GLN A 139 -2.83 1.37 -37.57
N LEU A 140 -3.99 1.64 -38.14
CA LEU A 140 -4.35 3.00 -38.50
C LEU A 140 -4.85 3.76 -37.28
N GLY A 141 -4.53 5.05 -37.24
CA GLY A 141 -4.93 5.88 -36.12
C GLY A 141 -3.74 6.50 -35.44
N LEU A 142 -3.96 7.16 -34.31
CA LEU A 142 -2.87 7.79 -33.57
C LEU A 142 -1.91 6.72 -33.05
N LYS A 143 -0.62 6.93 -33.24
CA LYS A 143 0.40 5.98 -32.81
C LYS A 143 0.31 5.69 -31.32
N ASP A 144 -0.01 6.72 -30.55
CA ASP A 144 -0.14 6.59 -29.10
C ASP A 144 -1.39 5.81 -28.72
N GLN A 145 -2.34 5.70 -29.64
CA GLN A 145 -3.59 5.00 -29.39
C GLN A 145 -3.54 3.56 -29.91
N GLN A 146 -2.37 3.14 -30.37
CA GLN A 146 -2.21 1.79 -30.89
C GLN A 146 -1.51 0.92 -29.87
N VAL A 147 -2.04 -0.28 -29.66
CA VAL A 147 -1.45 -1.20 -28.71
C VAL A 147 -0.32 -1.98 -29.37
N LEU A 148 0.84 -1.97 -28.74
CA LEU A 148 2.01 -2.66 -29.26
C LEU A 148 2.04 -4.10 -28.78
N ASP A 149 3.11 -4.81 -29.11
CA ASP A 149 3.26 -6.20 -28.71
C ASP A 149 4.12 -6.30 -27.47
N VAL A 150 4.20 -7.50 -26.90
CA VAL A 150 4.98 -7.75 -25.70
C VAL A 150 6.47 -7.45 -25.91
N LYS A 151 6.95 -7.69 -27.13
CA LYS A 151 8.36 -7.43 -27.45
C LYS A 151 8.63 -5.93 -27.39
N SER A 152 7.72 -5.18 -27.98
CA SER A 152 7.83 -3.73 -28.02
C SER A 152 7.84 -3.15 -26.62
N TYR A 153 6.92 -3.60 -25.78
CA TYR A 153 6.85 -3.11 -24.41
C TYR A 153 8.06 -3.55 -23.60
N ALA A 154 8.56 -4.74 -23.89
CA ALA A 154 9.72 -5.27 -23.19
C ALA A 154 10.96 -4.43 -23.50
N ARG A 155 11.18 -4.15 -24.78
CA ARG A 155 12.32 -3.35 -25.19
C ARG A 155 12.12 -1.88 -24.80
N LEU A 156 10.86 -1.44 -24.81
CA LEU A 156 10.54 -0.06 -24.45
C LEU A 156 10.80 0.16 -22.96
N PHE A 157 10.44 -0.84 -22.16
CA PHE A 157 10.66 -0.79 -20.72
C PHE A 157 12.15 -0.61 -20.44
N SER A 158 12.94 -1.43 -21.10
CA SER A 158 14.39 -1.38 -20.96
C SER A 158 14.94 -0.05 -21.47
N LYS A 159 14.38 0.44 -22.57
CA LYS A 159 14.79 1.70 -23.15
C LYS A 159 14.53 2.85 -22.19
N SER A 160 13.36 2.81 -21.55
CA SER A 160 12.98 3.83 -20.58
C SER A 160 13.94 3.83 -19.40
N ILE A 161 14.32 2.64 -18.95
CA ILE A 161 15.24 2.51 -17.82
C ILE A 161 16.58 3.18 -18.14
N GLU A 162 17.06 2.97 -19.36
CA GLU A 162 18.34 3.54 -19.80
C GLU A 162 18.34 5.06 -19.69
N THR A 163 17.29 5.71 -20.18
CA THR A 163 17.21 7.17 -20.11
C THR A 163 16.93 7.64 -18.69
N LEU A 164 16.19 6.85 -17.93
CA LEU A 164 15.87 7.22 -16.55
C LEU A 164 17.09 7.13 -15.64
N ARG A 165 18.00 6.20 -15.96
CA ARG A 165 19.22 6.03 -15.18
C ARG A 165 20.03 7.32 -15.15
N VAL A 166 20.31 7.85 -16.32
CA VAL A 166 21.08 9.08 -16.43
C VAL A 166 20.29 10.26 -15.87
N HIS A 167 18.96 10.19 -15.94
CA HIS A 167 18.10 11.25 -15.43
C HIS A 167 18.29 11.38 -13.92
N LEU A 168 18.53 10.26 -13.26
CA LEU A 168 18.76 10.23 -11.82
C LEU A 168 20.21 10.59 -11.52
N ALA A 169 21.12 10.04 -12.30
CA ALA A 169 22.55 10.29 -12.14
C ALA A 169 22.87 11.77 -12.29
N GLU A 170 22.16 12.44 -13.19
CA GLU A 170 22.37 13.86 -13.46
C GLU A 170 22.00 14.70 -12.23
N LYS A 171 21.16 14.15 -11.36
CA LYS A 171 20.75 14.86 -10.15
C LYS A 171 21.85 14.76 -9.10
N GLY A 172 22.41 13.58 -8.97
CA GLY A 172 23.47 13.36 -8.00
C GLY A 172 23.08 12.36 -6.94
N ASP A 173 23.95 12.14 -5.97
CA ASP A 173 23.67 11.18 -4.90
C ASP A 173 22.71 11.80 -3.89
N GLY A 174 21.91 10.94 -3.25
CA GLY A 174 20.96 11.41 -2.28
C GLY A 174 19.81 12.16 -2.91
N ALA A 175 19.56 11.89 -4.19
CA ALA A 175 18.49 12.54 -4.92
C ALA A 175 17.46 11.51 -5.39
N GLU A 176 16.33 11.99 -5.85
CA GLU A 176 15.26 11.12 -6.32
C GLU A 176 14.53 11.75 -7.50
N LEU A 177 13.79 10.94 -8.23
CA LEU A 177 13.03 11.40 -9.38
C LEU A 177 11.54 11.34 -9.08
N ILE A 178 10.83 12.38 -9.49
CA ILE A 178 9.40 12.46 -9.29
C ILE A 178 8.69 12.04 -10.57
N TRP A 179 7.89 10.99 -10.47
CA TRP A 179 7.13 10.49 -11.61
C TRP A 179 6.21 11.56 -12.16
N ASP A 180 6.33 11.84 -13.44
CA ASP A 180 5.50 12.84 -14.09
C ASP A 180 4.79 12.25 -15.28
N LYS A 181 3.50 12.54 -15.36
CA LYS A 181 2.67 12.06 -16.46
C LYS A 181 3.00 12.83 -17.74
N ASP A 182 3.68 13.97 -17.56
CA ASP A 182 4.08 14.81 -18.69
C ASP A 182 5.41 14.35 -19.25
N ASP A 183 6.22 13.73 -18.41
CA ASP A 183 7.55 13.26 -18.81
C ASP A 183 7.44 12.01 -19.67
N PRO A 184 7.92 12.08 -20.92
CA PRO A 184 7.88 10.95 -21.86
C PRO A 184 8.61 9.72 -21.34
N SER A 185 9.77 9.95 -20.72
CA SER A 185 10.57 8.86 -20.18
C SER A 185 9.80 8.09 -19.10
N ALA A 186 9.29 8.82 -18.12
CA ALA A 186 8.52 8.22 -17.03
C ALA A 186 7.23 7.57 -17.55
N MET A 187 6.65 8.18 -18.58
CA MET A 187 5.42 7.67 -19.17
C MET A 187 5.66 6.34 -19.87
N ASP A 188 6.74 6.26 -20.63
CA ASP A 188 7.07 5.03 -21.35
C ASP A 188 7.33 3.91 -20.36
N PHE A 189 7.89 4.27 -19.21
CA PHE A 189 8.20 3.32 -18.16
C PHE A 189 6.94 2.65 -17.63
N VAL A 190 6.00 3.46 -17.15
CA VAL A 190 4.75 2.95 -16.59
C VAL A 190 3.92 2.20 -17.65
N THR A 191 3.95 2.67 -18.89
CA THR A 191 3.21 2.05 -19.96
C THR A 191 3.70 0.62 -20.23
N SER A 192 5.01 0.46 -20.30
CA SER A 192 5.60 -0.84 -20.56
C SER A 192 5.46 -1.78 -19.36
N ALA A 193 5.77 -1.28 -18.17
CA ALA A 193 5.69 -2.08 -16.95
C ALA A 193 4.29 -2.63 -16.73
N ALA A 194 3.28 -1.78 -16.92
CA ALA A 194 1.89 -2.19 -16.74
C ALA A 194 1.47 -3.23 -17.78
N ASN A 195 1.79 -2.95 -19.04
CA ASN A 195 1.44 -3.85 -20.13
C ASN A 195 2.09 -5.22 -19.95
N LEU A 196 3.35 -5.22 -19.54
CA LEU A 196 4.09 -6.45 -19.33
C LEU A 196 3.44 -7.31 -18.27
N ARG A 197 3.12 -6.72 -17.12
CA ARG A 197 2.52 -7.45 -16.02
C ARG A 197 1.08 -7.87 -16.34
N MET A 198 0.34 -6.99 -17.00
CA MET A 198 -1.05 -7.30 -17.34
C MET A 198 -1.11 -8.50 -18.27
N HIS A 199 -0.12 -8.61 -19.15
CA HIS A 199 -0.06 -9.74 -20.08
C HIS A 199 0.23 -11.02 -19.33
N ILE A 200 1.06 -10.91 -18.30
CA ILE A 200 1.43 -12.04 -17.47
C ILE A 200 0.22 -12.66 -16.79
N PHE A 201 -0.80 -11.84 -16.55
CA PHE A 201 -2.03 -12.32 -15.91
C PHE A 201 -3.12 -12.56 -16.96
N SER A 202 -2.71 -12.65 -18.22
CA SER A 202 -3.62 -12.92 -19.34
C SER A 202 -4.66 -11.80 -19.51
N MET A 203 -4.26 -10.59 -19.19
CA MET A 203 -5.14 -9.43 -19.30
C MET A 203 -4.88 -8.71 -20.62
N ASN A 204 -5.92 -8.12 -21.18
CA ASN A 204 -5.81 -7.38 -22.44
C ASN A 204 -4.83 -6.23 -22.29
N MET A 205 -4.06 -5.98 -23.34
CA MET A 205 -3.08 -4.91 -23.34
C MET A 205 -3.73 -3.57 -23.68
N LYS A 206 -3.07 -2.49 -23.31
CA LYS A 206 -3.59 -1.15 -23.57
C LYS A 206 -2.52 -0.27 -24.21
N SER A 207 -2.98 0.71 -24.98
CA SER A 207 -2.07 1.63 -25.65
C SER A 207 -1.46 2.63 -24.65
N ARG A 208 -0.46 3.37 -25.10
CA ARG A 208 0.22 4.34 -24.24
C ARG A 208 -0.75 5.45 -23.82
N PHE A 209 -1.51 5.96 -24.78
CA PHE A 209 -2.47 7.02 -24.51
C PHE A 209 -3.52 6.54 -23.50
N ASP A 210 -3.93 5.29 -23.66
CA ASP A 210 -4.92 4.69 -22.77
C ASP A 210 -4.40 4.67 -21.34
N ILE A 211 -3.18 4.17 -21.18
CA ILE A 211 -2.56 4.10 -19.87
C ILE A 211 -2.31 5.49 -19.30
N LYS A 212 -1.84 6.40 -20.15
CA LYS A 212 -1.56 7.78 -19.75
C LYS A 212 -2.79 8.41 -19.10
N SER A 213 -3.95 8.15 -19.69
CA SER A 213 -5.21 8.71 -19.20
C SER A 213 -5.57 8.23 -17.80
N MET A 214 -5.07 7.06 -17.40
CA MET A 214 -5.36 6.53 -16.07
C MET A 214 -4.16 6.64 -15.13
N ALA A 215 -2.97 6.70 -15.71
CA ALA A 215 -1.75 6.82 -14.92
C ALA A 215 -1.68 8.18 -14.27
N GLY A 216 -1.83 9.22 -15.08
CA GLY A 216 -1.80 10.58 -14.58
C GLY A 216 -3.18 11.04 -14.17
N ASN A 217 -4.20 10.49 -14.84
CA ASN A 217 -5.61 10.80 -14.59
C ASN A 217 -5.84 12.28 -14.30
N MET B 1 12.66 11.07 22.52
CA MET B 1 13.15 11.83 23.68
C MET B 1 12.23 13.02 23.96
N SER B 2 12.11 13.39 25.23
CA SER B 2 11.25 14.51 25.62
C SER B 2 11.66 15.78 24.89
N GLY B 3 10.72 16.72 24.78
CA GLY B 3 11.00 17.95 24.07
C GLY B 3 10.71 17.83 22.59
N ILE B 4 11.39 16.88 21.95
CA ILE B 4 11.21 16.63 20.52
C ILE B 4 9.79 16.16 20.24
N ALA B 5 9.31 15.25 21.07
CA ALA B 5 7.97 14.71 20.93
C ALA B 5 6.92 15.82 20.96
N LEU B 6 7.05 16.72 21.93
CA LEU B 6 6.11 17.82 22.07
C LEU B 6 6.20 18.79 20.89
N SER B 7 7.41 18.97 20.36
CA SER B 7 7.62 19.84 19.22
C SER B 7 6.87 19.32 18.00
N ARG B 8 6.77 18.01 17.90
CA ARG B 8 6.05 17.38 16.79
C ARG B 8 4.55 17.39 17.06
N LEU B 9 4.16 17.08 18.30
CA LEU B 9 2.76 17.04 18.69
C LEU B 9 2.11 18.41 18.51
N ALA B 10 2.85 19.46 18.81
CA ALA B 10 2.35 20.83 18.66
C ALA B 10 2.04 21.11 17.20
N GLN B 11 2.88 20.58 16.32
CA GLN B 11 2.72 20.78 14.89
C GLN B 11 1.49 20.01 14.38
N GLU B 12 1.28 18.81 14.94
CA GLU B 12 0.15 17.99 14.56
C GLU B 12 -1.16 18.73 14.83
N ARG B 13 -1.20 19.42 15.97
CA ARG B 13 -2.37 20.19 16.36
C ARG B 13 -2.64 21.31 15.36
N LYS B 14 -1.57 21.94 14.89
CA LYS B 14 -1.69 23.04 13.93
C LYS B 14 -2.13 22.52 12.56
N ALA B 15 -1.63 21.36 12.19
CA ALA B 15 -1.98 20.74 10.92
C ALA B 15 -3.42 20.27 10.93
N TRP B 16 -3.81 19.62 12.02
CA TRP B 16 -5.17 19.12 12.18
C TRP B 16 -6.16 20.28 12.19
N ARG B 17 -5.81 21.34 12.92
CA ARG B 17 -6.65 22.52 13.02
C ARG B 17 -6.80 23.20 11.67
N LYS B 18 -5.80 23.03 10.81
CA LYS B 18 -5.82 23.62 9.50
C LYS B 18 -6.68 22.81 8.54
N ASP B 19 -6.36 21.53 8.40
CA ASP B 19 -7.11 20.66 7.49
C ASP B 19 -7.31 19.27 8.10
N HIS B 20 -8.56 18.86 8.20
CA HIS B 20 -8.91 17.55 8.74
C HIS B 20 -10.28 17.14 8.22
N PRO B 21 -10.51 15.82 8.05
CA PRO B 21 -11.79 15.30 7.55
C PRO B 21 -12.98 15.70 8.42
N PHE B 22 -14.06 16.09 7.77
CA PHE B 22 -15.28 16.49 8.46
C PHE B 22 -15.83 15.32 9.28
N GLY B 23 -16.29 15.62 10.49
CA GLY B 23 -16.83 14.59 11.36
C GLY B 23 -15.78 14.03 12.29
N PHE B 24 -14.52 14.12 11.88
CA PHE B 24 -13.41 13.62 12.68
C PHE B 24 -13.02 14.63 13.74
N VAL B 25 -12.83 14.17 14.97
CA VAL B 25 -12.46 15.03 16.07
C VAL B 25 -11.15 14.55 16.69
N ALA B 26 -10.29 15.51 17.04
CA ALA B 26 -9.02 15.20 17.67
C ALA B 26 -8.52 16.42 18.44
N VAL B 27 -8.52 16.32 19.76
CA VAL B 27 -8.08 17.42 20.61
C VAL B 27 -7.34 16.89 21.83
N PRO B 28 -6.19 17.48 22.19
CA PRO B 28 -5.41 17.06 23.35
C PRO B 28 -6.19 17.25 24.66
N THR B 29 -5.85 16.45 25.66
CA THR B 29 -6.52 16.52 26.94
C THR B 29 -6.17 17.81 27.66
N LYS B 30 -7.19 18.47 28.21
CA LYS B 30 -6.98 19.72 28.92
C LYS B 30 -6.54 19.45 30.36
N ASN B 31 -5.40 19.99 30.71
CA ASN B 31 -4.85 19.82 32.04
C ASN B 31 -5.28 20.98 32.92
N PRO B 32 -5.54 20.75 34.23
CA PRO B 32 -5.95 21.81 35.16
C PRO B 32 -5.01 23.02 35.13
N ASP B 33 -5.47 24.12 35.74
CA ASP B 33 -4.73 25.40 35.81
C ASP B 33 -4.55 26.06 34.44
N GLY B 34 -5.04 25.43 33.38
CA GLY B 34 -4.94 26.02 32.06
C GLY B 34 -3.96 25.33 31.14
N THR B 35 -3.25 24.33 31.63
CA THR B 35 -2.28 23.63 30.82
C THR B 35 -2.94 22.62 29.89
N MET B 36 -2.15 21.92 29.09
CA MET B 36 -2.68 20.93 28.17
C MET B 36 -1.68 19.79 27.95
N ASN B 37 -2.19 18.58 27.93
CA ASN B 37 -1.34 17.41 27.74
C ASN B 37 -1.34 16.99 26.28
N LEU B 38 -0.19 17.14 25.63
CA LEU B 38 -0.06 16.81 24.22
C LEU B 38 0.23 15.33 24.01
N MET B 39 0.48 14.60 25.10
CA MET B 39 0.77 13.18 24.99
C MET B 39 -0.48 12.32 25.13
N ASN B 40 -1.61 12.97 25.32
CA ASN B 40 -2.89 12.26 25.45
C ASN B 40 -3.97 13.05 24.74
N TRP B 41 -4.43 12.52 23.62
CA TRP B 41 -5.46 13.17 22.82
C TRP B 41 -6.79 12.42 22.90
N GLU B 42 -7.87 13.19 22.85
CA GLU B 42 -9.21 12.63 22.85
C GLU B 42 -9.79 12.78 21.46
N CYS B 43 -9.79 11.70 20.69
CA CYS B 43 -10.27 11.74 19.33
C CYS B 43 -11.60 11.01 19.18
N ALA B 44 -12.30 11.34 18.09
CA ALA B 44 -13.57 10.73 17.79
C ALA B 44 -13.66 10.43 16.30
N ILE B 45 -13.95 9.18 15.96
CA ILE B 45 -14.03 8.77 14.58
C ILE B 45 -15.46 8.32 14.24
N PRO B 46 -16.11 8.99 13.29
CA PRO B 46 -17.45 8.63 12.86
C PRO B 46 -17.42 7.44 11.90
N GLY B 47 -18.50 6.68 11.87
CA GLY B 47 -18.56 5.55 10.98
C GLY B 47 -18.46 5.97 9.53
N LYS B 48 -17.77 5.18 8.73
CA LYS B 48 -17.58 5.48 7.31
C LYS B 48 -18.92 5.47 6.58
N LYS B 49 -19.07 6.37 5.62
CA LYS B 49 -20.29 6.49 4.85
C LYS B 49 -20.52 5.23 4.02
N GLY B 50 -21.75 4.72 4.04
CA GLY B 50 -22.08 3.54 3.28
C GLY B 50 -21.73 2.25 4.00
N THR B 51 -21.37 2.35 5.26
CA THR B 51 -21.01 1.18 6.05
C THR B 51 -21.94 1.03 7.24
N PRO B 52 -22.02 -0.16 7.86
CA PRO B 52 -22.88 -0.39 9.02
C PRO B 52 -22.43 0.40 10.26
N TRP B 53 -21.30 1.08 10.14
CA TRP B 53 -20.76 1.87 11.24
C TRP B 53 -21.22 3.32 11.10
N GLU B 54 -21.77 3.65 9.94
CA GLU B 54 -22.23 5.00 9.64
C GLU B 54 -23.36 5.42 10.58
N GLY B 55 -23.27 6.63 11.10
CA GLY B 55 -24.28 7.15 11.98
C GLY B 55 -23.87 7.06 13.43
N GLY B 56 -22.61 6.75 13.69
CA GLY B 56 -22.13 6.65 15.05
C GLY B 56 -20.81 7.37 15.24
N LEU B 57 -20.61 7.90 16.44
CA LEU B 57 -19.39 8.59 16.79
C LEU B 57 -18.62 7.79 17.83
N PHE B 58 -17.53 7.18 17.40
CA PHE B 58 -16.71 6.36 18.28
C PHE B 58 -15.51 7.14 18.79
N LYS B 59 -15.42 7.26 20.12
CA LYS B 59 -14.33 7.98 20.75
C LYS B 59 -13.17 7.05 21.09
N LEU B 60 -11.95 7.54 20.87
CA LEU B 60 -10.76 6.77 21.18
C LEU B 60 -9.70 7.67 21.79
N ARG B 61 -8.86 7.10 22.62
CA ARG B 61 -7.80 7.84 23.29
C ARG B 61 -6.45 7.50 22.69
N MET B 62 -5.69 8.54 22.36
CA MET B 62 -4.36 8.36 21.78
C MET B 62 -3.27 8.61 22.81
N LEU B 63 -2.42 7.62 23.02
CA LEU B 63 -1.32 7.71 23.97
C LEU B 63 0.01 7.86 23.23
N PHE B 64 0.74 8.92 23.53
CA PHE B 64 2.02 9.17 22.88
C PHE B 64 3.17 9.03 23.86
N LYS B 65 4.26 8.41 23.41
CA LYS B 65 5.45 8.24 24.23
C LYS B 65 6.42 9.40 23.99
N ASP B 66 7.45 9.49 24.83
CA ASP B 66 8.45 10.55 24.68
C ASP B 66 9.29 10.25 23.45
N ASP B 67 9.24 9.01 23.01
CA ASP B 67 9.99 8.54 21.85
C ASP B 67 9.36 9.03 20.56
N TYR B 68 8.13 9.54 20.64
CA TYR B 68 7.41 10.04 19.48
C TYR B 68 8.23 11.10 18.75
N PRO B 69 8.21 11.11 17.40
CA PRO B 69 7.44 10.17 16.58
C PRO B 69 8.20 8.89 16.18
N SER B 70 9.27 8.59 16.90
CA SER B 70 10.06 7.40 16.60
C SER B 70 9.28 6.15 17.06
N SER B 71 8.40 6.34 18.02
CA SER B 71 7.57 5.27 18.55
C SER B 71 6.13 5.48 18.12
N PRO B 72 5.41 4.41 17.80
CA PRO B 72 4.01 4.50 17.38
C PRO B 72 3.07 4.78 18.55
N PRO B 73 2.02 5.57 18.32
CA PRO B 73 1.05 5.90 19.36
C PRO B 73 0.07 4.76 19.62
N LYS B 74 -0.40 4.65 20.84
CA LYS B 74 -1.35 3.61 21.20
C LYS B 74 -2.75 4.20 21.20
N CYS B 75 -3.62 3.63 20.39
CA CYS B 75 -4.99 4.10 20.28
C CYS B 75 -5.93 3.14 20.96
N LYS B 76 -6.59 3.60 22.01
CA LYS B 76 -7.53 2.78 22.75
C LYS B 76 -8.94 3.33 22.64
N PHE B 77 -9.84 2.55 22.09
CA PHE B 77 -11.23 2.97 21.96
C PHE B 77 -11.86 3.12 23.35
N GLU B 78 -12.66 4.17 23.51
CA GLU B 78 -13.31 4.44 24.77
C GLU B 78 -14.82 4.52 24.57
N PRO B 79 -15.57 3.44 24.84
CA PRO B 79 -15.01 2.16 25.32
C PRO B 79 -14.64 1.21 24.17
N PRO B 80 -14.01 0.06 24.48
CA PRO B 80 -13.63 -0.93 23.46
C PRO B 80 -14.80 -1.32 22.57
N LEU B 81 -14.59 -1.25 21.27
CA LEU B 81 -15.64 -1.57 20.32
C LEU B 81 -15.62 -3.04 19.92
N PHE B 82 -16.73 -3.47 19.34
CA PHE B 82 -16.87 -4.84 18.87
C PHE B 82 -16.21 -4.94 17.49
N HIS B 83 -14.92 -5.26 17.50
CA HIS B 83 -14.16 -5.35 16.27
C HIS B 83 -13.02 -6.36 16.45
N PRO B 84 -12.86 -7.31 15.52
CA PRO B 84 -11.82 -8.35 15.59
C PRO B 84 -10.40 -7.79 15.68
N ASN B 85 -10.17 -6.60 15.14
CA ASN B 85 -8.83 -6.00 15.17
C ASN B 85 -8.68 -5.04 16.34
N VAL B 86 -9.55 -5.17 17.32
CA VAL B 86 -9.51 -4.34 18.52
C VAL B 86 -9.44 -5.20 19.75
N TYR B 87 -8.42 -4.99 20.57
CA TYR B 87 -8.25 -5.77 21.80
C TYR B 87 -9.34 -5.42 22.81
N PRO B 88 -9.65 -6.33 23.76
CA PRO B 88 -10.68 -6.10 24.79
C PRO B 88 -10.38 -4.87 25.66
N SER B 89 -9.16 -4.39 25.60
CA SER B 89 -8.74 -3.23 26.36
C SER B 89 -9.05 -1.95 25.58
N GLY B 90 -9.41 -2.10 24.32
CA GLY B 90 -9.73 -0.96 23.48
C GLY B 90 -8.61 -0.65 22.50
N THR B 91 -7.44 -1.20 22.79
CA THR B 91 -6.27 -1.00 21.96
C THR B 91 -6.49 -1.51 20.54
N VAL B 92 -6.35 -0.62 19.56
CA VAL B 92 -6.54 -0.98 18.17
C VAL B 92 -5.23 -1.49 17.57
N CYS B 93 -5.32 -2.54 16.77
CA CYS B 93 -4.16 -3.12 16.12
C CYS B 93 -4.16 -2.77 14.64
N LEU B 94 -3.15 -2.01 14.22
CA LEU B 94 -3.04 -1.59 12.83
C LEU B 94 -1.57 -1.62 12.41
N SER B 95 -1.33 -1.90 11.13
CA SER B 95 0.02 -1.99 10.58
C SER B 95 0.84 -0.73 10.85
N ILE B 96 0.28 0.43 10.51
CA ILE B 96 0.98 1.71 10.70
C ILE B 96 1.00 2.14 12.17
N LEU B 97 0.48 1.30 13.04
CA LEU B 97 0.45 1.61 14.46
C LEU B 97 1.49 0.78 15.20
N GLU B 98 2.29 0.06 14.43
CA GLU B 98 3.35 -0.77 14.98
C GLU B 98 4.69 -0.36 14.37
N GLU B 99 5.66 -0.08 15.24
CA GLU B 99 7.00 0.36 14.83
C GLU B 99 7.69 -0.63 13.89
N ASP B 100 7.69 -1.89 14.26
CA ASP B 100 8.35 -2.93 13.48
C ASP B 100 7.56 -3.31 12.22
N LYS B 101 6.41 -2.67 12.01
CA LYS B 101 5.60 -3.01 10.84
C LYS B 101 5.56 -1.89 9.80
N ASP B 102 4.54 -1.03 9.88
CA ASP B 102 4.39 0.03 8.87
C ASP B 102 4.40 1.44 9.47
N TRP B 103 4.83 1.58 10.73
CA TRP B 103 4.87 2.90 11.34
C TRP B 103 6.08 3.69 10.87
N ARG B 104 5.82 4.84 10.29
CA ARG B 104 6.88 5.72 9.81
C ARG B 104 6.76 7.07 10.52
N PRO B 105 7.89 7.67 10.93
CA PRO B 105 7.89 8.96 11.63
C PRO B 105 7.26 10.09 10.81
N ALA B 106 7.11 9.87 9.51
CA ALA B 106 6.53 10.87 8.62
C ALA B 106 5.00 10.82 8.62
N ILE B 107 4.43 9.78 9.24
CA ILE B 107 2.99 9.62 9.27
C ILE B 107 2.37 10.68 10.20
N THR B 108 1.36 11.37 9.69
CA THR B 108 0.65 12.39 10.45
C THR B 108 -0.54 11.76 11.18
N ILE B 109 -0.90 12.34 12.33
CA ILE B 109 -2.03 11.85 13.13
C ILE B 109 -3.30 11.75 12.28
N LYS B 110 -3.44 12.70 11.36
CA LYS B 110 -4.60 12.76 10.46
C LYS B 110 -4.75 11.46 9.67
N GLN B 111 -3.63 10.88 9.26
CA GLN B 111 -3.64 9.65 8.47
C GLN B 111 -4.04 8.45 9.33
N ILE B 112 -3.58 8.45 10.58
CA ILE B 112 -3.87 7.36 11.50
C ILE B 112 -5.38 7.24 11.75
N LEU B 113 -6.02 8.38 12.01
CA LEU B 113 -7.45 8.39 12.26
C LEU B 113 -8.23 7.86 11.07
N LEU B 114 -7.81 8.26 9.87
CA LEU B 114 -8.46 7.81 8.65
C LEU B 114 -8.30 6.31 8.48
N GLY B 115 -7.12 5.80 8.82
CA GLY B 115 -6.86 4.38 8.69
C GLY B 115 -7.72 3.55 9.64
N ILE B 116 -7.96 4.07 10.83
CA ILE B 116 -8.78 3.38 11.83
C ILE B 116 -10.22 3.26 11.34
N GLN B 117 -10.74 4.31 10.72
CA GLN B 117 -12.11 4.30 10.19
C GLN B 117 -12.23 3.22 9.12
N GLU B 118 -11.21 3.12 8.28
CA GLU B 118 -11.20 2.13 7.21
C GLU B 118 -11.14 0.72 7.77
N LEU B 119 -10.35 0.55 8.83
CA LEU B 119 -10.20 -0.74 9.48
C LEU B 119 -11.54 -1.23 10.02
N LEU B 120 -12.37 -0.29 10.45
CA LEU B 120 -13.69 -0.62 10.98
C LEU B 120 -14.53 -1.33 9.91
N ASN B 121 -14.58 -0.73 8.73
CA ASN B 121 -15.35 -1.28 7.62
C ASN B 121 -14.74 -2.57 7.11
N GLU B 122 -13.43 -2.55 6.87
CA GLU B 122 -12.72 -3.72 6.37
C GLU B 122 -11.79 -4.31 7.44
N PRO B 123 -12.30 -5.24 8.25
CA PRO B 123 -11.52 -5.90 9.30
C PRO B 123 -10.60 -6.97 8.75
N ASN B 124 -9.31 -6.85 9.04
CA ASN B 124 -8.33 -7.81 8.58
C ASN B 124 -8.46 -9.11 9.35
N ILE B 125 -8.83 -10.18 8.64
CA ILE B 125 -9.00 -11.50 9.25
C ILE B 125 -7.66 -12.08 9.69
N GLN B 126 -6.58 -11.46 9.25
CA GLN B 126 -5.24 -11.91 9.58
C GLN B 126 -4.89 -11.62 11.05
N ASP B 127 -5.25 -10.43 11.52
CA ASP B 127 -4.94 -10.04 12.90
C ASP B 127 -6.15 -10.20 13.83
N PRO B 128 -6.18 -11.27 14.63
CA PRO B 128 -7.26 -11.51 15.57
C PRO B 128 -6.96 -10.99 16.97
N ALA B 129 -7.39 -9.77 17.25
CA ALA B 129 -7.18 -9.16 18.55
C ALA B 129 -8.31 -9.50 19.50
N GLN B 130 -9.52 -9.56 18.95
CA GLN B 130 -10.71 -9.89 19.72
C GLN B 130 -11.27 -11.23 19.24
N ALA B 131 -11.00 -12.28 20.01
CA ALA B 131 -11.43 -13.64 19.67
C ALA B 131 -12.94 -13.74 19.47
N GLU B 132 -13.71 -13.11 20.35
CA GLU B 132 -15.17 -13.14 20.25
C GLU B 132 -15.63 -12.61 18.90
N ALA B 133 -15.22 -11.39 18.57
CA ALA B 133 -15.58 -10.78 17.30
C ALA B 133 -15.01 -11.56 16.12
N TYR B 134 -13.79 -12.05 16.29
CA TYR B 134 -13.12 -12.83 15.24
C TYR B 134 -13.93 -14.06 14.88
N THR B 135 -14.36 -14.80 15.90
CA THR B 135 -15.15 -16.01 15.68
C THR B 135 -16.45 -15.70 14.94
N ILE B 136 -17.19 -14.72 15.44
CA ILE B 136 -18.45 -14.33 14.84
C ILE B 136 -18.26 -13.85 13.41
N TYR B 137 -17.26 -12.99 13.19
CA TYR B 137 -16.97 -12.45 11.87
C TYR B 137 -16.62 -13.54 10.85
N CYS B 138 -16.11 -14.67 11.34
CA CYS B 138 -15.71 -15.75 10.45
C CYS B 138 -16.80 -16.82 10.29
N GLN B 139 -17.63 -17.02 11.31
CA GLN B 139 -18.67 -18.05 11.24
C GLN B 139 -20.04 -17.50 10.83
N ASN B 140 -20.35 -16.26 11.19
CA ASN B 140 -21.65 -15.70 10.85
C ASN B 140 -21.57 -14.20 10.63
N ARG B 141 -21.53 -13.79 9.37
CA ARG B 141 -21.45 -12.38 9.02
C ARG B 141 -22.74 -11.64 9.36
N VAL B 142 -23.86 -12.37 9.30
CA VAL B 142 -25.17 -11.79 9.60
C VAL B 142 -25.22 -11.34 11.06
N GLU B 143 -24.82 -12.25 11.95
CA GLU B 143 -24.80 -11.96 13.38
C GLU B 143 -23.84 -10.84 13.68
N TYR B 144 -22.76 -10.78 12.90
CA TYR B 144 -21.75 -9.74 13.04
C TYR B 144 -22.35 -8.37 12.71
N GLU B 145 -23.05 -8.30 11.59
CA GLU B 145 -23.68 -7.07 11.13
C GLU B 145 -24.66 -6.51 12.16
N LYS B 146 -25.42 -7.41 12.79
CA LYS B 146 -26.41 -7.01 13.79
C LYS B 146 -25.76 -6.23 14.92
N ARG B 147 -24.73 -6.83 15.52
CA ARG B 147 -24.02 -6.20 16.64
C ARG B 147 -23.35 -4.90 16.21
N VAL B 148 -22.85 -4.87 14.98
CA VAL B 148 -22.20 -3.67 14.46
C VAL B 148 -23.22 -2.54 14.29
N ARG B 149 -24.38 -2.89 13.74
CA ARG B 149 -25.44 -1.91 13.52
C ARG B 149 -25.93 -1.35 14.85
N ALA B 150 -26.19 -2.24 15.80
CA ALA B 150 -26.65 -1.85 17.12
C ALA B 150 -25.63 -0.94 17.80
N GLN B 151 -24.35 -1.22 17.56
CA GLN B 151 -23.27 -0.44 18.13
C GLN B 151 -23.28 0.98 17.57
N ALA B 152 -23.47 1.09 16.26
CA ALA B 152 -23.51 2.40 15.61
C ALA B 152 -24.69 3.22 16.13
N LYS B 153 -25.79 2.55 16.42
CA LYS B 153 -26.98 3.22 16.94
C LYS B 153 -26.77 3.63 18.39
N LYS B 154 -25.91 2.89 19.08
CA LYS B 154 -25.61 3.17 20.49
C LYS B 154 -24.71 4.40 20.60
N PHE B 155 -23.82 4.57 19.64
CA PHE B 155 -22.89 5.69 19.63
C PHE B 155 -23.39 6.79 18.68
N ALA B 156 -24.65 6.67 18.29
CA ALA B 156 -25.26 7.64 17.38
C ALA B 156 -25.32 9.03 18.01
N PRO B 157 -24.91 10.07 17.26
CA PRO B 157 -24.93 11.45 17.74
C PRO B 157 -26.34 11.86 18.15
N SER B 158 -26.51 12.12 19.44
CA SER B 158 -27.80 12.53 19.97
C SER B 158 -27.64 13.77 20.82
#